data_9CWM
#
_entry.id   9CWM
#
_cell.length_a   1.00
_cell.length_b   1.00
_cell.length_c   1.00
_cell.angle_alpha   90.00
_cell.angle_beta   90.00
_cell.angle_gamma   90.00
#
_symmetry.space_group_name_H-M   'P 1'
#
loop_
_entity.id
_entity.type
_entity.pdbx_description
1 polymer 'Low-density lipoprotein receptor-related protein 2'
2 branched beta-D-mannopyranose-(1-4)-2-acetamido-2-deoxy-beta-D-glucopyranose-(1-4)-2-acetamido-2-deoxy-beta-D-glucopyranose
3 branched 2-acetamido-2-deoxy-beta-D-glucopyranose-(1-4)-2-acetamido-2-deoxy-beta-D-glucopyranose
4 non-polymer 2-acetamido-2-deoxy-beta-D-glucopyranose
#
_entity_poly.entity_id   1
_entity_poly.type   'polypeptide(L)'
_entity_poly.pdbx_seq_one_letter_code
;MDRGPAAVACTLLLALVACLAPASGQECDSAHFRCGSGHCIPADWRCDGTKDCSDDADEIGCAVVTCQQGYFKCQSEGQC
IPNSWVCDQDQDCDDGSDERQDCSQSTCSSHQITCSNGQCIPSEYRCDHVRDCPDGADENDCQYPTCEQLTCDNGACYNT
SQKCDWKVDCRDSSDEINCTEICLHNEFSCGNGECIPRAYVCDHDNDCQDGSDEHACNYPTCGGYQFTCPSGRCIYQNWV
CDGEDDCKDNGDEDGCESGPHDVHKCSPREWSCPESGRCISIYKVCDGILDCPGREDENNTSTGKYCSMTLCSALNCQYQ
CHETPYGGACFCPPGYIINHNDSRTCVEFDDCQIWGICDQKCESRPGRHLCHCEEGYILERGQYCKANDSFGEASIIFSN
GRDLLIGDIHGRSFRILVESQNRGVAVGVAFHYHLQRVFWTDTVQNKVFSVDINGLNIQEVLNVSVETPENLAVDWVNNK
IYLVETKVNRIDMVNLDGSYRVTLITENLGHPRGIAVDPTVGYLFFSDWESLSGEPKLERAFMDGSNRKDLVKTKLGWPA
GVTLDMISKRVYWVDSRFDYIETVTYDGIQRKTVVHGGSLIPHPFGVSLFEGQVFFTDWTKMAVLKANKFTETNPQVYYQ
ASLRPYGVTVYHSLRQPYATNPCKDNNGGCEQVCVLSHRTDNDGLGFRCKCTFGFQLDTDERHCIAVQNFLIFSSQVAIR
GIPFTLSTQEDVMVPVSGNPSFFVGIDFDAQDSTIFFSDMSKHMIFKQKIDGTGREILAANRVENVESLAFDWISKNLYW
TDSHYKSISVMRLADKTRRTVVQYLNNPRSVVVHPFAGYLFFTDWFRPAKIMRAWSDGSHLLPVINTTLGWPNGLAIDWA
ASRLYWVDAYFDKIEHSTFDGLDRRRLGHIEQMTHPFGLAIFGEHLFFTDWRLGAIIRVRKADGGEMTVIRSGIAYILHL
KSYDVNIQTGSNACNQPTHPNGDCSHFCFPVPNFQRVCGCPYGMRLASNHLTCEGDPTNEPPTEQCGLFSFPCKNGRCVP
NYYLCDGVDDCHDNSDEQLCGTLNNTCSSSAFTCGHGECIPAHWRCDKRNDCVDGSDEHNCPTHAPASCLDTQYTCDNHQ
CISKNWVCDTDNDCGDGSDEKNCNSTETCQPSQFNCPNHRCIDLSFVCDGDKDCVDGSDEVGCVLNCTASQFKCASGDKC
IGVTNRCDGVFDCSDNSDEAGCPTRPPGMCHSDEFQCQEDGICIPNFWECDGHPDCLYGSDEHNACVPKTCPSSYFHCDN
GNCIHRAWLCDRDNDCGDMSDEKDCPTQPFRCPSWQWQCLGHNICVNLSVVCDGIFDCPNGTDESPLCNGNSCSDFNGGC
THECVQEPFGAKCLCPLGFLLANDSKTCEDIDECDILGSCSQHCYNMRGSFRCSCDTGYMLESDGRTCKVTASESLLLLV
ASQNKIIADSVTSQVHNIYSLVENGSYIVAVDFDSISGRIFWSDATQGKTWSAFQNGTDRRVVFDSSIILTETIAIDWVG
RNLYWTDYALETIEVSKIDGSHRTVLISKNLTNPRGLALDPRMNEHLLFWSDWGHHPRIERASMDGSMRTVIVQDKIFWP
CGLTIDYPNRLLYFMDSYLDYMDFCDYNGHHRRQVIASDLIIRHPYALTLFEDSVYWTDRATRRVMRANKWHGGNQSVVM
YNIQWPLGIVAVHPSKQPNSVNPCAFSRCSHLCLLSSQGPHFYSCVCPSGWSLSPDLLNCLRDDQPFLITVRQHIIFGIS
LNPEVKSNDAMVPIAGIQNGLDVEFDDAEQYIYWVENPGEIHRVKTDGTNRTVFASISMVGPSMNLALDWISRNLYSTNP
RTQSIEVLTLHGDIRYRKTLIANDGTALGVGFPIGITVDPARGKLYWSDQGTDSGVPAKIASANMDGTSVKTLFTGNLEH
LECVTLDIEEQKLYWAVTGRGVIERGNVDGTDRMILVHQLSHPWGIAVHDSFLYYTDEQYEVIERVDKATGANKIVLRDN
VPNLRGLQVYHRRNAAESSNGCSNNMNACQQICLPVPGGLFSCACATGFKLNPDNRSCSPYNSFIVVSMLSAIRGFSLEL
SDHSETMVPVAGQGRNALHVDVDVSSGFIYWCDFSSSVASDNAIRRIKPDGSSLMNIVTHGIGENGVRGIAVDWVAGNLY
FTNAFVSETLIEVLRINTTYRRVLLKVTVDMPRHIVVDPKNRYLFWADYGQRPKIERSFLDCTNRTVLVSEGIVTPRGLA
VDRSDGYVYWVDDSLDIIARIRINGENSEVIRYGSRYPTPYGITVFENSIIWVDRNLKKIFQASKEPENTEPPTVIRDNI
NWLRDVTIFDKQVQPRSPAEVNNNPCLENNGGCSHLCFALPGLHTPKCDCAFGTLQSDGKNCAISTENFLIFALSNSLRS
LHLDPENHSPPFQTINVERTVMSLDYDSVSDRIYFTQNLASGVGQISYATLSSGIHTPTVIASGIGTADGIAFDWITRRI
YYSDYLNQMINSMAEDGSNRTVIARVPKPRAIVLDPCQGYLYWADWDTHAKIERATLGGNFRVPIVNSSLVMPSGLTLDY
EEDLLYWVDASLQRIERSTLTGVDREVIVNAAVHAFGLTLYGQYIYWTDLYTQRIYRANKYDGSGQIAMTTNLLSQPRGI
NTVVKNQKQQCNNPCEQFNGGCSHICAPGPNGAECQCPHEGNWYLANNRKHCIVDNGERCGASSFTCSNGRCISEEWKCD
NDNDCGDGSDEMESVCALHTCSPTAFTCANGRCVQYSYRCDYYNDCGDGSDEAGCLFRDCNATTEFMCNNRRCIPREFIC
NGVDNCHDNNTSDEKNCPDRTCQSGYTKCHNSNICIPRVYLCDGDNDCGDNSDENPTYCTTHTCSSSEFQCASGRCIPQH
WYCDQETDCFDASDEPASCGHSERTCLADEFKCDGGRCIPSEWICDGDNDCGDMSDEDKRHQCQNQNCSDSEFLCVNDRP
PDRRCIPQSWVCDGDVDCTDGYDENQNCTRRTCSENEFTCGYGLCIPKIFRCDRHNDCGDYSDERGCLYQTCQQNQFTCQ
NGRCISKTFVCDEDNDCGDGSDELMHLCHTPEPTCPPHEFKCDNGRCIEMMKLCNHLDDCLDNSDEKGCGINECHDPSIS
GCDHNCTDTLTSFYCSCRPGYKLMSDKRTCVDIDECTEMPFVCSQKCENVIGSYICKCAPGYLREPDGKTCRQNSNIEPY
LIFSNRYYLRNLTIDGYFYSLILEGLDNVVALDFDRVEKRLYWIDTQRQVIERMFLNKTNKETIINHRLPAAESLAVDWV
SRKLYWLDARLDGLFVSDLNGGHRRMLAQHCVDANNTFCFDNPRGLALHPQYGYLYWADWGHRAYIGRVGMDGTNKSVII
STKLEWPNGITIDYTNDLLYWADAHLGYIEYSDLEGHHRHTVYDGALPHPFAITIFEDTIYWTDWNTRTVEKGNKYDGSN
RQTLVNTTHRPFDIHVYHPYRQPIVSNPCGTNNGGCSHLCLIKPGGKGFTCECPDDFRTLQLSGSTYCMPMCSSTQFLCA
NNEKCIPIWWKCDGQKDCSDGSDELALCPQRFCRLGQFQCSDGNCTSPQTLCNAHQNCPDGSDEDRLLCENHHCDSNEWQ
CANKRCIPESWQCDTFNDCEDNSDEDSSHCASRTCRPGQFRCANGRCIPQAWKCDVDNDCGDHSDEPIEECMSSAHLCDN
FTEFSCKTNYRCIPKWAVCNGVDDCRDNSDEQGCEERTCHPVGDFRCKNHHCIPLRWQCDGQNDCGDNSDEENCAPRECT
ESEFRCVNQQCIPSRWICDHYNDCGDNSDERDCEMRTCHPEYFQCTSGHCVHSELKCDGSADCLDASDEADCPTRFPDGA
YCQATMFECKNHVCIPPYWKCDGDDDCGDGSDEELHLCLDVPCNSPNRFRCDNNRCIYSHEVCNGVDDCGDGTDETEEHC
RKPTPKPCTEYEYKCGNGHCIPHDNVCDDADDCGDWSDELGCNKGKERTCAENICEQNCTQLNEGGFICSCTAGFETNVF
DRTSCLDINECEQFGTCPQHCRNTKGSYECVCADGFTSMSDRPGKRCAAEGSSPLLLLPDNVRIRKYNLSSERFSEYLQD
EEYIQAVDYDWDPKDIGLSVVYYTVRGEGSRFGAIKRAYIPNFESGRNNLVQEVDLKLKYVMQPDGIAVDWVGRHIYWSD
VKNKRIEVAKLDGRYRKWLISTDLDQPAAIAVNPKLGLMFWTDWGKEPKIESAWMNGEDRNILVFEDLGWPTGLSIDYLN
NDRIYWSDFKEDVIETIKYDGTDRRVIAKEAMNPYSLDIFEDQLYWISKEKGEVWKQNKFGQGKKEKTLVVNPWLTQVRI
FHQLRYNKSVPNLCKQICSHLCLLRPGGYSCACPQGSSFIEGSTTECDAAIELPINLPPPCRCMHGGNCYFDETDLPKCK
CPSGYTGKYCEMAFSKGISPGTTAVAVLLTILLIVVIGALAIAGFFHYRRTGSLLPALPKLPSLSSLVKPSENGNGVTFR
SGADLNMDIGVSGFGPETAIDRSMAMSEDFVMEMGKQPIIFENPMYSARDSAVKVVQPIQVTVSENVDNKNYGSPINPSE
IVPETNPTSPAADGTQVTKWNLFKRKSKQTTNFENPIYAQMENEQKESVAATPPPSPSLPAKPKPPSRRDPTPTYSATED
TFKDTANLVKEDSEV
;
_entity_poly.pdbx_strand_id   A,B
#
# COMPACT_ATOMS: atom_id res chain seq x y z
N PRO A 220 -61.97 78.02 67.25
CA PRO A 220 -61.40 79.37 67.12
C PRO A 220 -60.82 79.63 65.74
N THR A 221 -60.72 80.91 65.36
CA THR A 221 -60.18 81.25 64.05
C THR A 221 -58.72 80.82 63.93
N CYS A 222 -57.93 81.06 64.97
CA CYS A 222 -56.54 80.65 64.96
C CYS A 222 -56.41 79.19 65.37
N GLY A 223 -55.61 78.45 64.61
CA GLY A 223 -55.45 77.04 64.88
C GLY A 223 -54.59 76.75 66.09
N GLY A 224 -54.71 75.52 66.59
CA GLY A 224 -53.95 75.14 67.76
C GLY A 224 -52.45 75.20 67.52
N TYR A 225 -51.99 74.72 66.37
CA TYR A 225 -50.59 74.76 66.01
C TYR A 225 -50.20 76.06 65.33
N GLN A 226 -50.97 77.12 65.54
CA GLN A 226 -50.71 78.41 64.94
C GLN A 226 -50.62 79.48 66.02
N PHE A 227 -49.84 80.52 65.70
CA PHE A 227 -49.70 81.68 66.61
C PHE A 227 -50.73 82.72 66.18
N THR A 228 -51.37 83.38 67.15
CA THR A 228 -52.40 84.37 66.86
C THR A 228 -51.78 85.75 66.74
N CYS A 229 -51.84 86.33 65.55
CA CYS A 229 -51.44 87.70 65.37
C CYS A 229 -52.36 88.62 66.16
N PRO A 230 -51.92 89.85 66.55
CA PRO A 230 -52.83 90.79 67.20
C PRO A 230 -54.01 91.06 66.26
N SER A 231 -53.77 91.06 64.94
CA SER A 231 -54.86 91.29 64.00
C SER A 231 -55.87 90.17 64.06
N GLY A 232 -55.43 88.97 64.36
CA GLY A 232 -56.31 87.83 64.40
C GLY A 232 -56.10 86.79 63.32
N ARG A 233 -54.94 86.81 62.68
CA ARG A 233 -54.62 85.85 61.64
C ARG A 233 -53.70 84.77 62.19
N CYS A 234 -53.90 83.54 61.75
CA CYS A 234 -53.05 82.44 62.21
C CYS A 234 -51.73 82.42 61.45
N ILE A 235 -50.66 82.09 62.17
CA ILE A 235 -49.31 82.03 61.63
C ILE A 235 -48.70 80.69 61.99
N TYR A 236 -47.91 80.14 61.09
CA TYR A 236 -47.27 78.84 61.32
C TYR A 236 -46.41 78.89 62.57
N GLN A 237 -46.43 77.79 63.34
CA GLN A 237 -45.84 77.80 64.68
C GLN A 237 -44.34 78.04 64.63
N ASN A 238 -43.65 77.49 63.63
CA ASN A 238 -42.20 77.72 63.54
C ASN A 238 -41.90 79.17 63.20
N TRP A 239 -42.90 79.93 62.76
CA TRP A 239 -42.67 81.32 62.39
C TRP A 239 -42.73 82.27 63.58
N VAL A 240 -43.09 81.78 64.77
CA VAL A 240 -43.28 82.65 65.93
C VAL A 240 -42.02 83.45 66.19
N CYS A 241 -40.88 82.78 66.21
CA CYS A 241 -39.59 83.44 66.30
C CYS A 241 -38.68 82.99 65.16
N ASP A 242 -39.23 83.00 63.94
CA ASP A 242 -38.47 82.54 62.78
C ASP A 242 -37.29 83.43 62.47
N GLY A 243 -37.40 84.73 62.75
CA GLY A 243 -36.41 85.70 62.33
C GLY A 243 -36.94 86.71 61.33
N GLU A 244 -38.15 86.52 60.83
CA GLU A 244 -38.79 87.44 59.90
C GLU A 244 -40.15 87.84 60.48
N ASP A 245 -40.47 89.12 60.39
CA ASP A 245 -41.75 89.58 60.89
C ASP A 245 -42.87 89.19 59.94
N ASP A 246 -43.24 87.90 59.95
CA ASP A 246 -44.35 87.44 59.11
C ASP A 246 -45.64 88.14 59.49
N CYS A 247 -45.75 88.50 60.77
CA CYS A 247 -46.94 89.25 61.23
C CYS A 247 -46.64 90.74 61.10
N LYS A 248 -47.36 91.45 60.24
CA LYS A 248 -47.13 92.86 60.06
C LYS A 248 -47.17 93.52 61.41
N ASP A 249 -48.09 93.07 62.27
CA ASP A 249 -48.24 93.69 63.61
C ASP A 249 -46.93 93.55 64.39
N ASN A 250 -45.94 92.85 63.81
CA ASN A 250 -44.65 92.62 64.50
C ASN A 250 -44.87 91.70 65.70
N GLY A 251 -46.08 91.10 65.81
CA GLY A 251 -46.31 90.12 66.89
C GLY A 251 -45.34 88.97 66.71
N ASP A 252 -45.11 88.58 65.46
CA ASP A 252 -44.09 87.53 65.19
C ASP A 252 -42.73 88.12 65.58
N GLU A 253 -41.87 87.30 66.20
CA GLU A 253 -40.54 87.79 66.65
C GLU A 253 -40.74 88.98 67.59
N ASP A 254 -41.56 88.81 68.63
CA ASP A 254 -41.84 89.91 69.58
C ASP A 254 -40.96 89.76 70.82
N GLY A 255 -39.68 90.14 70.73
CA GLY A 255 -38.81 90.10 71.90
C GLY A 255 -38.38 88.71 72.32
N CYS A 256 -37.92 87.90 71.36
CA CYS A 256 -37.43 86.57 71.72
C CYS A 256 -36.21 86.67 72.63
N GLU A 257 -35.34 87.64 72.38
CA GLU A 257 -34.12 87.76 73.15
C GLU A 257 -34.41 88.14 74.60
N SER A 258 -33.53 87.72 75.49
CA SER A 258 -33.69 87.96 76.92
C SER A 258 -33.10 89.29 77.38
N GLY A 259 -32.39 90.00 76.51
CA GLY A 259 -31.78 91.26 76.88
C GLY A 259 -32.62 92.47 76.48
N PRO A 334 -38.20 102.45 82.55
CA PRO A 334 -39.41 102.01 83.27
C PRO A 334 -39.92 103.06 84.25
N GLY A 335 -40.78 102.65 85.18
CA GLY A 335 -41.32 103.59 86.15
C GLY A 335 -42.50 104.36 85.61
N TYR A 336 -43.14 105.15 86.46
CA TYR A 336 -44.29 105.94 86.04
C TYR A 336 -44.10 107.42 86.32
N ILE A 337 -43.91 107.75 87.60
CA ILE A 337 -43.73 109.16 87.97
C ILE A 337 -42.47 109.73 87.34
N ILE A 338 -41.57 108.85 86.93
CA ILE A 338 -40.34 109.31 86.30
C ILE A 338 -40.69 110.10 85.06
N ASN A 339 -40.16 111.32 84.96
CA ASN A 339 -40.42 112.16 83.81
C ASN A 339 -39.21 112.19 82.89
N HIS A 340 -39.21 111.32 81.88
CA HIS A 340 -38.09 111.25 80.96
C HIS A 340 -37.87 112.58 80.26
N ASN A 341 -36.74 113.22 80.53
CA ASN A 341 -36.45 114.50 79.92
C ASN A 341 -37.59 115.48 80.16
N ASP A 342 -38.31 115.29 81.26
CA ASP A 342 -39.45 116.14 81.55
C ASP A 342 -39.35 116.74 82.94
N SER A 343 -39.83 117.98 83.09
CA SER A 343 -39.81 118.61 84.40
C SER A 343 -40.79 117.93 85.34
N ARG A 344 -42.01 117.71 84.88
CA ARG A 344 -43.02 117.08 85.71
C ARG A 344 -43.88 116.10 84.92
N THR A 345 -43.59 115.96 83.63
CA THR A 345 -44.39 115.08 82.79
C THR A 345 -43.98 113.63 83.00
N CYS A 346 -44.54 112.99 84.01
CA CYS A 346 -44.21 111.59 84.29
C CYS A 346 -44.49 110.72 83.08
N VAL A 347 -43.63 109.74 82.84
CA VAL A 347 -43.80 108.87 81.70
C VAL A 347 -45.13 108.13 81.78
N GLU A 348 -45.91 108.17 80.70
CA GLU A 348 -47.16 107.43 80.68
C GLU A 348 -46.95 105.94 80.77
N PHE A 349 -45.79 105.45 80.27
CA PHE A 349 -45.44 104.03 80.27
C PHE A 349 -46.59 103.28 79.59
N ASP A 350 -47.04 102.18 80.20
CA ASP A 350 -48.20 101.45 79.62
C ASP A 350 -48.88 100.63 80.72
N ASP A 351 -50.22 100.71 80.79
CA ASP A 351 -50.98 99.99 81.85
C ASP A 351 -50.80 98.48 81.69
N CYS A 352 -50.52 97.77 82.79
CA CYS A 352 -50.42 96.29 82.74
C CYS A 352 -49.43 95.83 81.66
N GLN A 353 -48.34 96.57 81.48
CA GLN A 353 -47.30 96.14 80.50
C GLN A 353 -45.97 96.04 81.25
N ILE A 354 -46.03 95.85 82.57
CA ILE A 354 -44.78 95.79 83.39
C ILE A 354 -44.55 94.34 83.83
N TRP A 355 -43.34 93.80 83.61
CA TRP A 355 -43.03 92.44 84.09
C TRP A 355 -43.17 92.39 85.60
N GLY A 356 -44.24 91.77 86.10
CA GLY A 356 -44.49 91.69 87.53
C GLY A 356 -45.51 92.66 88.05
N ILE A 357 -46.29 93.30 87.19
CA ILE A 357 -47.27 94.28 87.67
C ILE A 357 -48.39 93.58 88.43
N CYS A 358 -48.76 92.38 88.00
CA CYS A 358 -49.84 91.63 88.64
C CYS A 358 -49.52 90.15 88.59
N ASP A 359 -49.78 89.45 89.71
CA ASP A 359 -49.48 88.03 89.77
C ASP A 359 -50.32 87.24 88.76
N GLN A 360 -51.41 87.83 88.29
CA GLN A 360 -52.30 87.16 87.35
C GLN A 360 -52.79 88.15 86.30
N LYS A 361 -53.84 87.80 85.57
CA LYS A 361 -54.39 88.66 84.53
C LYS A 361 -54.59 90.08 85.06
N CYS A 362 -54.06 91.05 84.31
CA CYS A 362 -54.04 92.44 84.73
C CYS A 362 -55.03 93.23 83.88
N GLU A 363 -55.95 93.94 84.55
CA GLU A 363 -56.94 94.76 83.86
C GLU A 363 -56.33 96.14 83.62
N SER A 364 -56.16 96.49 82.35
CA SER A 364 -55.51 97.76 82.00
C SER A 364 -56.45 98.93 82.29
N ARG A 365 -55.98 99.87 83.12
CA ARG A 365 -56.72 101.08 83.45
C ARG A 365 -56.05 102.29 82.83
N PRO A 366 -56.82 103.33 82.48
CA PRO A 366 -56.25 104.47 81.72
C PRO A 366 -55.02 105.10 82.35
N GLY A 367 -55.04 105.28 83.67
CA GLY A 367 -53.89 105.83 84.36
C GLY A 367 -53.38 104.95 85.48
N ARG A 368 -53.97 103.77 85.61
CA ARG A 368 -53.60 102.87 86.70
C ARG A 368 -53.65 101.43 86.22
N HIS A 369 -53.67 100.47 87.14
CA HIS A 369 -53.77 99.07 86.78
C HIS A 369 -54.65 98.37 87.80
N LEU A 370 -55.27 97.27 87.37
CA LEU A 370 -56.11 96.45 88.24
C LEU A 370 -55.57 95.02 88.20
N CYS A 371 -55.09 94.53 89.34
CA CYS A 371 -54.54 93.18 89.43
C CYS A 371 -55.65 92.19 89.70
N HIS A 372 -56.36 91.83 88.64
CA HIS A 372 -57.47 90.89 88.74
C HIS A 372 -56.96 89.50 89.11
N CYS A 373 -57.72 88.81 89.96
CA CYS A 373 -57.42 87.46 90.38
C CYS A 373 -58.56 86.54 89.98
N GLU A 374 -58.23 85.35 89.50
CA GLU A 374 -59.24 84.42 89.01
C GLU A 374 -59.96 83.74 90.18
N GLU A 375 -60.82 82.80 89.83
CA GLU A 375 -61.57 82.05 90.84
C GLU A 375 -60.64 81.26 91.73
N GLY A 376 -60.95 81.22 93.03
CA GLY A 376 -60.11 80.48 93.98
C GLY A 376 -58.86 81.26 94.36
N TYR A 377 -58.76 82.50 93.89
CA TYR A 377 -57.57 83.33 94.18
C TYR A 377 -57.99 84.60 94.93
N ILE A 378 -57.57 84.74 96.19
CA ILE A 378 -57.94 85.93 97.00
C ILE A 378 -56.92 87.04 96.74
N LEU A 379 -57.37 88.19 96.26
CA LEU A 379 -56.45 89.32 95.97
C LEU A 379 -55.83 89.81 97.27
N GLU A 380 -54.54 90.16 97.25
CA GLU A 380 -53.87 90.68 98.43
C GLU A 380 -53.01 91.87 98.01
N ARG A 381 -53.10 92.95 98.78
CA ARG A 381 -52.32 94.17 98.56
C ARG A 381 -52.64 94.83 97.22
N GLY A 382 -53.67 94.35 96.52
CA GLY A 382 -53.97 94.87 95.20
C GLY A 382 -52.95 94.51 94.14
N GLN A 383 -51.99 93.66 94.49
CA GLN A 383 -50.95 93.23 93.55
C GLN A 383 -50.70 91.73 93.55
N TYR A 384 -51.11 91.00 94.58
CA TYR A 384 -50.85 89.57 94.70
C TYR A 384 -52.15 88.80 94.78
N CYS A 385 -52.16 87.60 94.18
CA CYS A 385 -53.38 86.76 94.16
C CYS A 385 -53.15 85.49 94.98
N LYS A 386 -53.16 85.59 96.31
CA LYS A 386 -52.96 84.41 97.19
C LYS A 386 -54.13 83.43 96.98
N ALA A 387 -53.92 82.15 97.32
CA ALA A 387 -54.96 81.12 97.10
C ALA A 387 -56.15 81.31 98.05
N ASN A 388 -57.27 80.66 97.75
CA ASN A 388 -58.46 80.74 98.65
C ASN A 388 -58.27 79.73 99.79
N ASP A 389 -58.44 80.17 101.03
CA ASP A 389 -58.21 79.27 102.20
C ASP A 389 -59.11 78.04 102.11
N SER A 390 -60.20 78.14 101.34
CA SER A 390 -61.11 76.97 101.16
C SER A 390 -60.28 75.75 100.78
N PHE A 391 -59.28 75.94 99.91
CA PHE A 391 -58.40 74.81 99.50
C PHE A 391 -57.31 74.64 100.57
N GLY A 392 -56.94 73.39 100.88
CA GLY A 392 -55.94 73.12 101.92
C GLY A 392 -54.59 73.74 101.60
N GLU A 393 -53.76 73.95 102.62
CA GLU A 393 -52.44 74.55 102.40
C GLU A 393 -51.66 73.74 101.38
N ALA A 394 -50.92 74.45 100.54
CA ALA A 394 -50.09 73.80 99.54
C ALA A 394 -48.95 73.03 100.21
N SER A 395 -48.53 71.94 99.57
CA SER A 395 -47.47 71.10 100.08
C SER A 395 -46.37 70.99 99.03
N ILE A 396 -45.12 71.20 99.45
CA ILE A 396 -43.98 71.17 98.55
C ILE A 396 -43.39 69.76 98.60
N ILE A 397 -43.77 68.93 97.65
CA ILE A 397 -43.30 67.55 97.58
C ILE A 397 -41.98 67.52 96.82
N PHE A 398 -40.92 67.14 97.51
CA PHE A 398 -39.59 67.11 96.93
C PHE A 398 -38.85 65.86 97.37
N SER A 399 -37.83 65.49 96.61
CA SER A 399 -36.96 64.36 96.92
C SER A 399 -35.62 64.90 97.41
N ASN A 400 -35.22 64.50 98.62
CA ASN A 400 -33.95 64.96 99.16
C ASN A 400 -32.78 64.39 98.37
N GLY A 401 -33.01 63.29 97.67
CA GLY A 401 -31.96 62.59 96.94
C GLY A 401 -32.15 61.09 97.05
N ARG A 402 -32.78 60.64 98.13
CA ARG A 402 -33.12 59.23 98.28
C ARG A 402 -34.61 59.04 98.54
N ASP A 403 -35.14 59.79 99.50
CA ASP A 403 -36.51 59.62 99.95
C ASP A 403 -37.39 60.77 99.47
N LEU A 404 -38.70 60.53 99.46
CA LEU A 404 -39.67 61.52 99.01
C LEU A 404 -40.26 62.22 100.22
N LEU A 405 -40.16 63.54 100.26
CA LEU A 405 -40.55 64.33 101.41
C LEU A 405 -41.69 65.28 101.04
N ILE A 406 -42.64 65.44 101.97
CA ILE A 406 -43.73 66.39 101.83
C ILE A 406 -43.67 67.36 102.99
N GLY A 407 -43.71 68.66 102.70
CA GLY A 407 -43.73 69.67 103.73
C GLY A 407 -44.71 70.76 103.39
N ASP A 408 -45.12 71.49 104.43
CA ASP A 408 -46.03 72.61 104.22
C ASP A 408 -45.32 73.70 103.42
N ILE A 409 -46.13 74.47 102.68
CA ILE A 409 -45.58 75.49 101.80
C ILE A 409 -44.85 76.56 102.62
N HIS A 410 -45.25 76.74 103.88
CA HIS A 410 -44.55 77.69 104.74
C HIS A 410 -43.21 77.13 105.22
N GLY A 411 -43.03 75.81 105.14
CA GLY A 411 -41.78 75.20 105.52
C GLY A 411 -41.61 74.88 106.98
N ARG A 412 -42.71 74.85 107.75
CA ARG A 412 -42.59 74.59 109.18
C ARG A 412 -42.11 73.16 109.45
N SER A 413 -42.66 72.18 108.76
CA SER A 413 -42.36 70.78 109.02
C SER A 413 -42.10 70.04 107.71
N PHE A 414 -41.35 68.94 107.83
CA PHE A 414 -40.99 68.12 106.67
C PHE A 414 -41.09 66.66 107.08
N ARG A 415 -42.22 66.03 106.77
CA ARG A 415 -42.35 64.60 106.96
C ARG A 415 -41.96 63.87 105.69
N ILE A 416 -41.66 62.58 105.82
CA ILE A 416 -41.23 61.76 104.71
C ILE A 416 -42.44 60.99 104.18
N LEU A 417 -42.84 61.31 102.96
CA LEU A 417 -44.00 60.63 102.36
C LEU A 417 -43.70 59.15 102.17
N VAL A 418 -42.51 58.83 101.67
CA VAL A 418 -42.14 57.44 101.41
C VAL A 418 -40.63 57.38 101.27
N GLU A 419 -40.03 56.32 101.83
CA GLU A 419 -38.59 56.08 101.73
C GLU A 419 -38.36 55.03 100.66
N SER A 420 -37.53 55.37 99.67
CA SER A 420 -37.17 54.39 98.66
C SER A 420 -36.38 53.26 99.30
N GLN A 421 -36.73 52.02 98.93
CA GLN A 421 -36.13 50.84 99.50
C GLN A 421 -35.21 50.19 98.49
N ASN A 422 -34.47 49.17 98.94
CA ASN A 422 -33.53 48.44 98.09
C ASN A 422 -32.52 49.40 97.45
N ARG A 423 -32.05 50.36 98.23
CA ARG A 423 -31.04 51.32 97.83
C ARG A 423 -31.51 52.26 96.72
N GLY A 424 -32.82 52.36 96.51
CA GLY A 424 -33.33 53.20 95.44
C GLY A 424 -33.33 54.66 95.81
N VAL A 425 -33.50 55.50 94.78
CA VAL A 425 -33.56 56.95 94.93
C VAL A 425 -34.71 57.49 94.10
N ALA A 426 -35.41 58.48 94.64
CA ALA A 426 -36.49 59.14 93.93
C ALA A 426 -35.95 60.33 93.14
N VAL A 427 -36.46 60.50 91.92
CA VAL A 427 -35.97 61.51 91.00
C VAL A 427 -37.06 62.51 90.64
N GLY A 428 -38.15 62.05 90.04
CA GLY A 428 -39.22 62.94 89.64
C GLY A 428 -40.49 62.72 90.42
N VAL A 429 -41.30 63.76 90.56
CA VAL A 429 -42.54 63.68 91.33
C VAL A 429 -43.68 64.26 90.52
N ALA A 430 -44.85 63.66 90.65
CA ALA A 430 -46.07 64.17 90.04
C ALA A 430 -47.25 63.63 90.83
N PHE A 431 -48.36 64.36 90.78
CA PHE A 431 -49.50 64.03 91.61
C PHE A 431 -50.80 64.25 90.84
N HIS A 432 -51.86 63.61 91.34
CA HIS A 432 -53.22 63.79 90.85
C HIS A 432 -54.06 64.15 92.07
N TYR A 433 -54.31 65.45 92.25
CA TYR A 433 -54.94 65.95 93.47
C TYR A 433 -56.31 65.34 93.69
N HIS A 434 -57.09 65.23 92.61
CA HIS A 434 -58.45 64.71 92.74
C HIS A 434 -58.46 63.30 93.33
N LEU A 435 -57.47 62.49 92.99
CA LEU A 435 -57.36 61.15 93.52
C LEU A 435 -56.42 61.05 94.71
N GLN A 436 -55.81 62.15 95.12
CA GLN A 436 -54.92 62.19 96.28
C GLN A 436 -53.81 61.15 96.16
N ARG A 437 -53.19 61.11 94.99
CA ARG A 437 -52.13 60.15 94.71
C ARG A 437 -50.88 60.89 94.29
N VAL A 438 -49.72 60.39 94.75
CA VAL A 438 -48.42 60.97 94.41
C VAL A 438 -47.61 59.91 93.69
N PHE A 439 -47.05 60.28 92.54
CA PHE A 439 -46.27 59.37 91.70
C PHE A 439 -44.82 59.79 91.74
N TRP A 440 -43.92 58.81 91.87
CA TRP A 440 -42.50 59.08 91.81
C TRP A 440 -41.77 57.90 91.18
N THR A 441 -40.66 58.21 90.53
CA THR A 441 -39.85 57.23 89.81
C THR A 441 -38.58 56.94 90.59
N ASP A 442 -38.06 55.73 90.41
CA ASP A 442 -36.84 55.30 91.09
C ASP A 442 -35.89 54.74 90.04
N THR A 443 -34.83 55.49 89.73
CA THR A 443 -33.90 55.05 88.70
C THR A 443 -33.10 53.84 89.14
N VAL A 444 -32.70 53.79 90.41
CA VAL A 444 -31.92 52.66 90.90
C VAL A 444 -32.73 51.37 90.86
N GLN A 445 -34.00 51.45 91.28
CA GLN A 445 -34.87 50.28 91.24
C GLN A 445 -35.49 50.04 89.87
N ASN A 446 -35.37 51.00 88.95
CA ASN A 446 -35.97 50.91 87.62
C ASN A 446 -37.46 50.64 87.71
N LYS A 447 -38.13 51.38 88.59
CA LYS A 447 -39.55 51.19 88.83
C LYS A 447 -40.22 52.54 89.02
N VAL A 448 -41.53 52.56 88.81
CA VAL A 448 -42.36 53.74 89.01
C VAL A 448 -43.43 53.41 90.03
N PHE A 449 -43.55 54.23 91.06
CA PHE A 449 -44.45 53.94 92.18
C PHE A 449 -45.48 55.04 92.36
N SER A 450 -46.64 54.65 92.87
CA SER A 450 -47.70 55.56 93.27
C SER A 450 -48.07 55.30 94.71
N VAL A 451 -48.50 56.35 95.40
CA VAL A 451 -48.82 56.25 96.82
C VAL A 451 -49.88 57.27 97.16
N ASP A 452 -50.61 57.01 98.25
CA ASP A 452 -51.59 57.96 98.75
C ASP A 452 -50.88 59.16 99.37
N ILE A 453 -51.61 60.26 99.50
CA ILE A 453 -51.03 61.49 100.05
C ILE A 453 -50.59 61.27 101.49
N ASN A 454 -51.33 60.45 102.24
CA ASN A 454 -50.95 60.17 103.63
C ASN A 454 -49.60 59.47 103.71
N GLY A 455 -49.35 58.52 102.81
CA GLY A 455 -48.13 57.74 102.86
C GLY A 455 -48.41 56.26 102.98
N LEU A 456 -49.57 55.82 102.49
CA LEU A 456 -49.99 54.44 102.59
C LEU A 456 -50.42 53.94 101.21
N ASN A 457 -50.60 52.62 101.12
CA ASN A 457 -51.06 51.97 99.90
C ASN A 457 -50.12 52.23 98.72
N ILE A 458 -48.84 52.00 98.94
CA ILE A 458 -47.87 52.19 97.87
C ILE A 458 -48.11 51.16 96.78
N GLN A 459 -48.29 51.64 95.55
CA GLN A 459 -48.57 50.76 94.41
C GLN A 459 -47.47 50.93 93.38
N GLU A 460 -47.20 49.84 92.66
CA GLU A 460 -46.16 49.81 91.64
C GLU A 460 -46.85 49.82 90.28
N VAL A 461 -46.67 50.90 89.52
CA VAL A 461 -47.38 51.02 88.26
C VAL A 461 -46.56 50.50 87.08
N LEU A 462 -45.26 50.79 87.05
CA LEU A 462 -44.41 50.34 85.95
C LEU A 462 -43.09 49.83 86.51
N ASN A 463 -42.70 48.64 86.08
CA ASN A 463 -41.43 48.08 86.52
C ASN A 463 -40.87 47.19 85.44
N VAL A 464 -41.46 47.23 84.26
CA VAL A 464 -41.04 46.33 83.19
C VAL A 464 -39.84 46.90 82.44
N SER A 465 -40.01 48.05 81.79
CA SER A 465 -38.97 48.59 80.92
C SER A 465 -38.56 50.02 81.27
N VAL A 466 -39.00 50.54 82.41
CA VAL A 466 -38.61 51.89 82.81
C VAL A 466 -37.31 51.81 83.61
N GLU A 467 -36.18 51.82 82.90
CA GLU A 467 -34.90 51.63 83.57
C GLU A 467 -34.42 52.91 84.25
N THR A 468 -34.58 54.05 83.58
CA THR A 468 -34.14 55.34 84.12
C THR A 468 -35.19 56.40 83.81
N PRO A 469 -36.32 56.38 84.51
CA PRO A 469 -37.31 57.44 84.32
C PRO A 469 -37.01 58.66 85.16
N GLU A 470 -36.73 59.80 84.53
CA GLU A 470 -36.33 61.00 85.27
C GLU A 470 -37.53 61.75 85.83
N ASN A 471 -38.41 62.23 84.96
CA ASN A 471 -39.51 63.09 85.38
C ASN A 471 -40.85 62.54 84.92
N LEU A 472 -41.91 63.07 85.52
CA LEU A 472 -43.27 62.66 85.23
C LEU A 472 -44.15 63.89 85.05
N ALA A 473 -45.24 63.70 84.32
CA ALA A 473 -46.30 64.69 84.19
C ALA A 473 -47.62 63.96 84.21
N VAL A 474 -48.57 64.42 85.03
CA VAL A 474 -49.83 63.74 85.23
C VAL A 474 -50.94 64.57 84.58
N ASP A 475 -51.64 63.96 83.64
CA ASP A 475 -52.83 64.56 83.04
C ASP A 475 -54.01 64.20 83.93
N TRP A 476 -54.35 65.09 84.86
CA TRP A 476 -55.45 64.81 85.78
C TRP A 476 -56.78 64.75 85.05
N VAL A 477 -56.91 65.50 83.94
CA VAL A 477 -58.18 65.55 83.22
C VAL A 477 -58.49 64.19 82.60
N ASN A 478 -57.50 63.56 81.97
CA ASN A 478 -57.69 62.29 81.30
C ASN A 478 -57.11 61.12 82.09
N ASN A 479 -56.64 61.36 83.31
CA ASN A 479 -56.07 60.32 84.17
C ASN A 479 -54.95 59.57 83.45
N LYS A 480 -54.06 60.34 82.81
CA LYS A 480 -52.91 59.79 82.13
C LYS A 480 -51.65 60.37 82.74
N ILE A 481 -50.63 59.35 82.78
CA ILE A 481 -49.31 59.69 83.27
C ILE A 481 -48.33 59.77 82.13
N TYR A 482 -47.63 61.00 82.05
CA TYR A 482 -46.63 61.10 81.00
C TYR A 482 -45.25 60.88 81.61
N LEU A 483 -44.52 59.90 81.07
CA LEU A 483 -43.25 59.48 81.63
C LEU A 483 -42.12 59.79 80.67
N VAL A 484 -41.00 60.23 81.22
CA VAL A 484 -39.78 60.50 80.45
C VAL A 484 -38.76 59.44 80.81
N GLU A 485 -38.38 58.62 79.84
CA GLU A 485 -37.41 57.55 80.04
C GLU A 485 -36.12 57.93 79.33
N THR A 486 -35.06 58.12 80.11
CA THR A 486 -33.77 58.52 79.54
C THR A 486 -32.86 57.34 79.26
N LYS A 487 -33.23 56.12 79.66
CA LYS A 487 -32.41 54.96 79.35
C LYS A 487 -32.34 54.74 77.85
N VAL A 488 -33.46 54.87 77.16
CA VAL A 488 -33.54 54.72 75.72
C VAL A 488 -34.00 56.02 75.06
N ASN A 489 -34.09 57.09 75.83
CA ASN A 489 -34.44 58.42 75.33
C ASN A 489 -35.78 58.39 74.60
N ARG A 490 -36.83 58.11 75.35
CA ARG A 490 -38.18 58.10 74.83
C ARG A 490 -39.13 58.68 75.87
N ILE A 491 -40.29 59.14 75.41
CA ILE A 491 -41.34 59.64 76.28
C ILE A 491 -42.55 58.76 76.10
N ASP A 492 -42.95 58.06 77.17
CA ASP A 492 -44.05 57.12 77.13
C ASP A 492 -45.20 57.61 78.01
N MET A 493 -46.41 57.30 77.58
CA MET A 493 -47.63 57.69 78.28
C MET A 493 -48.40 56.44 78.67
N VAL A 494 -48.77 56.35 79.94
CA VAL A 494 -49.50 55.20 80.47
C VAL A 494 -50.68 55.70 81.29
N ASN A 495 -51.62 54.79 81.53
CA ASN A 495 -52.70 55.09 82.46
C ASN A 495 -52.19 55.13 83.88
N LEU A 496 -53.05 55.56 84.80
CA LEU A 496 -52.66 55.61 86.20
C LEU A 496 -52.37 54.23 86.78
N ASP A 497 -52.91 53.18 86.16
CA ASP A 497 -52.63 51.82 86.58
C ASP A 497 -51.65 51.11 85.65
N GLY A 498 -51.10 51.81 84.67
CA GLY A 498 -50.23 51.18 83.71
C GLY A 498 -50.94 50.23 82.77
N SER A 499 -52.26 50.38 82.62
CA SER A 499 -53.03 49.43 81.83
C SER A 499 -52.59 49.41 80.37
N TYR A 500 -52.34 50.59 79.79
CA TYR A 500 -51.94 50.70 78.41
C TYR A 500 -50.72 51.60 78.33
N ARG A 501 -49.70 51.15 77.60
CA ARG A 501 -48.47 51.91 77.44
C ARG A 501 -48.30 52.28 75.98
N VAL A 502 -48.02 53.55 75.71
CA VAL A 502 -47.79 54.04 74.36
C VAL A 502 -46.60 55.00 74.39
N THR A 503 -45.70 54.83 73.44
CA THR A 503 -44.56 55.73 73.29
C THR A 503 -44.96 56.86 72.35
N LEU A 504 -44.77 58.10 72.80
CA LEU A 504 -45.34 59.25 72.11
C LEU A 504 -44.32 60.00 71.26
N ILE A 505 -43.25 60.49 71.87
CA ILE A 505 -42.26 61.30 71.16
C ILE A 505 -40.90 60.63 71.29
N THR A 506 -40.31 60.26 70.16
CA THR A 506 -38.98 59.67 70.17
C THR A 506 -38.27 59.97 68.86
N GLU A 507 -38.66 61.04 68.17
CA GLU A 507 -38.08 61.30 66.86
C GLU A 507 -36.60 61.64 66.97
N ASN A 508 -36.23 62.55 67.87
CA ASN A 508 -34.82 62.91 67.99
C ASN A 508 -34.37 63.12 69.44
N LEU A 509 -35.01 62.46 70.40
CA LEU A 509 -34.66 62.69 71.80
C LEU A 509 -33.25 62.20 72.08
N GLY A 510 -32.42 63.10 72.59
CA GLY A 510 -31.07 62.72 72.97
C GLY A 510 -30.88 62.61 74.47
N HIS A 511 -31.42 63.55 75.22
CA HIS A 511 -31.31 63.57 76.68
C HIS A 511 -32.47 64.33 77.30
N PRO A 512 -33.70 63.82 77.20
CA PRO A 512 -34.82 64.54 77.82
C PRO A 512 -34.64 64.64 79.32
N ARG A 513 -35.00 65.79 79.87
CA ARG A 513 -34.78 66.06 81.29
C ARG A 513 -36.03 66.58 82.00
N GLY A 514 -36.91 67.28 81.29
CA GLY A 514 -38.11 67.83 81.91
C GLY A 514 -39.33 67.54 81.06
N ILE A 515 -40.49 67.63 81.71
CA ILE A 515 -41.76 67.40 81.04
C ILE A 515 -42.85 68.16 81.78
N ALA A 516 -43.88 68.57 81.04
CA ALA A 516 -45.01 69.30 81.62
C ALA A 516 -46.17 69.22 80.65
N VAL A 517 -47.37 69.00 81.18
CA VAL A 517 -48.58 68.87 80.39
C VAL A 517 -49.60 69.90 80.87
N ASP A 518 -50.41 70.39 79.93
CA ASP A 518 -51.47 71.36 80.28
C ASP A 518 -52.79 70.81 79.75
N PRO A 519 -53.45 69.87 80.46
CA PRO A 519 -54.67 69.23 79.95
C PRO A 519 -55.71 70.25 79.47
N THR A 520 -55.85 71.37 80.19
CA THR A 520 -56.91 72.36 79.84
C THR A 520 -56.75 72.80 78.39
N VAL A 521 -55.52 73.01 77.93
CA VAL A 521 -55.30 73.53 76.54
C VAL A 521 -54.79 72.40 75.64
N GLY A 522 -54.49 71.24 76.22
CA GLY A 522 -54.01 70.09 75.43
C GLY A 522 -52.64 70.34 74.82
N TYR A 523 -51.67 70.74 75.64
CA TYR A 523 -50.28 70.96 75.14
C TYR A 523 -49.31 70.03 75.89
N LEU A 524 -48.10 69.88 75.36
CA LEU A 524 -47.06 69.03 76.03
C LEU A 524 -45.70 69.71 75.87
N PHE A 525 -45.06 70.08 76.99
CA PHE A 525 -43.79 70.77 76.95
C PHE A 525 -42.73 69.88 77.56
N PHE A 526 -41.59 69.75 76.87
CA PHE A 526 -40.47 68.98 77.38
C PHE A 526 -39.17 69.61 76.91
N SER A 527 -38.09 69.30 77.63
CA SER A 527 -36.80 69.89 77.37
C SER A 527 -35.75 68.79 77.18
N ASP A 528 -34.83 69.03 76.25
CA ASP A 528 -33.70 68.14 76.02
C ASP A 528 -32.44 68.98 76.14
N TRP A 529 -31.52 68.57 77.01
CA TRP A 529 -30.29 69.32 77.18
C TRP A 529 -29.19 68.89 76.22
N GLU A 530 -29.36 67.79 75.49
CA GLU A 530 -28.41 67.41 74.45
C GLU A 530 -29.17 66.50 73.47
N SER A 531 -29.57 67.07 72.34
CA SER A 531 -30.29 66.30 71.34
C SER A 531 -29.33 65.44 70.54
N LEU A 532 -29.87 64.73 69.56
CA LEU A 532 -29.03 63.96 68.66
C LEU A 532 -28.07 64.85 67.89
N SER A 533 -28.54 65.99 67.42
CA SER A 533 -27.71 66.95 66.71
C SER A 533 -26.89 67.83 67.66
N GLY A 534 -26.85 67.50 68.94
CA GLY A 534 -26.13 68.32 69.89
C GLY A 534 -26.72 69.71 70.06
N GLU A 535 -28.05 69.84 69.92
CA GLU A 535 -28.72 71.13 70.00
C GLU A 535 -29.84 71.03 71.03
N PRO A 536 -29.69 71.63 72.20
CA PRO A 536 -30.79 71.65 73.17
C PRO A 536 -32.03 72.27 72.57
N LYS A 537 -33.18 71.61 72.77
CA LYS A 537 -34.42 72.00 72.13
C LYS A 537 -35.59 71.90 73.13
N LEU A 538 -35.85 72.99 73.84
CA LEU A 538 -37.08 73.08 74.61
C LEU A 538 -38.25 73.21 73.64
N GLU A 539 -39.12 72.20 73.63
CA GLU A 539 -40.08 72.03 72.55
C GLU A 539 -41.49 71.95 73.09
N ARG A 540 -42.41 72.57 72.36
CA ARG A 540 -43.84 72.47 72.62
C ARG A 540 -44.46 71.53 71.59
N ALA A 541 -45.30 70.62 72.05
CA ALA A 541 -45.98 69.70 71.16
C ALA A 541 -47.36 69.40 71.72
N PHE A 542 -48.27 68.97 70.85
CA PHE A 542 -49.63 68.59 71.32
C PHE A 542 -49.50 67.40 72.27
N MET A 543 -50.50 67.17 73.11
CA MET A 543 -50.39 66.08 74.12
C MET A 543 -50.04 64.75 73.43
N ASP A 544 -50.51 64.55 72.20
CA ASP A 544 -50.17 63.34 71.48
C ASP A 544 -48.87 63.47 70.68
N GLY A 545 -48.16 64.58 70.84
CA GLY A 545 -46.91 64.78 70.13
C GLY A 545 -47.07 64.85 68.63
N SER A 546 -48.08 65.58 68.16
CA SER A 546 -48.37 65.65 66.74
C SER A 546 -47.57 66.74 66.06
N ASN A 547 -47.72 67.98 66.53
CA ASN A 547 -47.06 69.13 65.92
C ASN A 547 -45.89 69.58 66.80
N ARG A 548 -44.79 68.83 66.70
CA ARG A 548 -43.58 69.20 67.41
C ARG A 548 -43.06 70.53 66.90
N LYS A 549 -42.61 71.38 67.83
CA LYS A 549 -42.13 72.71 67.48
C LYS A 549 -41.19 73.21 68.56
N ASP A 550 -39.97 73.58 68.18
CA ASP A 550 -39.04 74.16 69.13
C ASP A 550 -39.60 75.46 69.68
N LEU A 551 -39.56 75.61 71.00
CA LEU A 551 -40.13 76.77 71.67
C LEU A 551 -39.10 77.85 71.92
N VAL A 552 -37.92 77.49 72.39
CA VAL A 552 -36.84 78.42 72.68
C VAL A 552 -35.63 78.01 71.86
N LYS A 553 -35.08 78.96 71.11
CA LYS A 553 -33.95 78.69 70.22
C LYS A 553 -32.86 79.72 70.41
N THR A 554 -32.63 80.12 71.66
CA THR A 554 -31.63 81.14 71.97
C THR A 554 -31.19 80.98 73.41
N LYS A 555 -29.88 80.98 73.63
CA LYS A 555 -29.30 80.92 74.97
C LYS A 555 -29.80 79.70 75.75
N LEU A 556 -29.98 78.57 75.05
CA LEU A 556 -30.51 77.37 75.68
C LEU A 556 -29.35 76.39 75.93
N GLY A 557 -28.70 76.59 77.08
CA GLY A 557 -27.57 75.73 77.42
C GLY A 557 -27.99 74.32 77.79
N TRP A 558 -28.53 74.15 78.99
CA TRP A 558 -28.97 72.85 79.46
C TRP A 558 -30.36 72.96 80.08
N PRO A 559 -31.41 72.94 79.25
CA PRO A 559 -32.77 73.05 79.81
C PRO A 559 -33.12 71.81 80.61
N ALA A 560 -33.13 71.96 81.94
CA ALA A 560 -33.32 70.82 82.82
C ALA A 560 -34.77 70.63 83.23
N GLY A 561 -35.36 71.63 83.88
CA GLY A 561 -36.71 71.49 84.36
C GLY A 561 -37.67 72.38 83.61
N VAL A 562 -38.94 71.97 83.57
CA VAL A 562 -39.99 72.73 82.91
C VAL A 562 -41.23 72.70 83.79
N THR A 563 -41.84 73.86 84.00
CA THR A 563 -43.13 73.97 84.66
C THR A 563 -43.99 75.00 83.94
N LEU A 564 -45.30 74.85 84.02
CA LEU A 564 -46.25 75.67 83.30
C LEU A 564 -47.10 76.46 84.29
N ASP A 565 -47.13 77.78 84.14
CA ASP A 565 -48.10 78.62 84.85
C ASP A 565 -49.34 78.70 83.98
N MET A 566 -50.34 77.88 84.31
CA MET A 566 -51.52 77.76 83.45
C MET A 566 -52.33 79.05 83.43
N ILE A 567 -52.34 79.79 84.54
CA ILE A 567 -53.14 81.01 84.61
C ILE A 567 -52.59 82.05 83.64
N SER A 568 -51.29 82.30 83.68
CA SER A 568 -50.66 83.28 82.82
C SER A 568 -50.17 82.71 81.49
N LYS A 569 -50.34 81.41 81.27
CA LYS A 569 -49.98 80.76 80.01
C LYS A 569 -48.51 81.00 79.67
N ARG A 570 -47.63 80.65 80.61
CA ARG A 570 -46.20 80.84 80.45
C ARG A 570 -45.46 79.56 80.76
N VAL A 571 -44.26 79.44 80.20
CA VAL A 571 -43.40 78.28 80.39
C VAL A 571 -42.17 78.72 81.16
N TYR A 572 -41.95 78.14 82.33
CA TYR A 572 -40.81 78.44 83.19
C TYR A 572 -39.85 77.27 83.11
N TRP A 573 -38.67 77.51 82.55
CA TRP A 573 -37.66 76.46 82.44
C TRP A 573 -36.35 76.94 83.06
N VAL A 574 -35.68 76.04 83.77
CA VAL A 574 -34.40 76.32 84.40
C VAL A 574 -33.30 75.72 83.55
N ASP A 575 -32.16 76.41 83.51
CA ASP A 575 -31.00 75.95 82.75
C ASP A 575 -29.87 75.67 83.74
N SER A 576 -29.41 74.42 83.75
CA SER A 576 -28.37 74.02 84.69
C SER A 576 -27.00 74.54 84.25
N ARG A 577 -26.75 74.56 82.94
CA ARG A 577 -25.47 75.02 82.44
C ARG A 577 -25.34 76.52 82.52
N PHE A 578 -26.21 77.25 81.83
CA PHE A 578 -26.13 78.71 81.79
C PHE A 578 -26.49 79.40 83.11
N ASP A 579 -27.11 78.67 84.02
CA ASP A 579 -27.45 79.24 85.33
C ASP A 579 -28.46 80.37 85.24
N TYR A 580 -29.66 80.07 84.76
CA TYR A 580 -30.71 81.07 84.67
C TYR A 580 -32.06 80.36 84.58
N ILE A 581 -33.07 80.93 85.21
CA ILE A 581 -34.45 80.45 85.08
C ILE A 581 -35.21 81.49 84.28
N GLU A 582 -35.64 81.11 83.08
CA GLU A 582 -36.29 82.02 82.15
C GLU A 582 -37.78 81.78 82.14
N THR A 583 -38.49 82.54 81.31
CA THR A 583 -39.94 82.42 81.21
C THR A 583 -40.41 82.98 79.88
N VAL A 584 -41.02 82.12 79.06
CA VAL A 584 -41.64 82.54 77.81
C VAL A 584 -43.09 82.09 77.83
N THR A 585 -43.89 82.68 76.95
CA THR A 585 -45.28 82.29 76.84
C THR A 585 -45.40 80.90 76.23
N TYR A 586 -46.63 80.40 76.13
CA TYR A 586 -46.84 79.10 75.51
C TYR A 586 -46.35 79.08 74.07
N ASP A 587 -46.29 80.23 73.41
CA ASP A 587 -45.75 80.33 72.07
C ASP A 587 -44.30 80.78 72.05
N GLY A 588 -43.68 80.95 73.22
CA GLY A 588 -42.30 81.38 73.29
C GLY A 588 -42.07 82.78 72.76
N ILE A 589 -42.91 83.73 73.17
CA ILE A 589 -42.81 85.07 72.54
C ILE A 589 -42.10 86.08 73.44
N GLN A 590 -42.58 86.26 74.68
CA GLN A 590 -42.05 87.33 75.51
C GLN A 590 -41.10 86.72 76.54
N ARG A 591 -39.84 86.60 76.16
CA ARG A 591 -38.85 85.98 77.03
C ARG A 591 -38.48 86.93 78.16
N LYS A 592 -38.57 86.43 79.39
CA LYS A 592 -38.24 87.20 80.58
C LYS A 592 -37.29 86.39 81.45
N THR A 593 -36.30 87.07 82.03
CA THR A 593 -35.32 86.43 82.90
C THR A 593 -35.75 86.65 84.34
N VAL A 594 -36.22 85.58 85.00
CA VAL A 594 -36.65 85.71 86.38
C VAL A 594 -35.45 85.85 87.31
N VAL A 595 -34.59 84.84 87.34
CA VAL A 595 -33.39 84.87 88.15
C VAL A 595 -32.21 84.44 87.30
N HIS A 596 -31.13 85.24 87.34
CA HIS A 596 -29.92 84.91 86.62
C HIS A 596 -28.73 85.17 87.54
N GLY A 597 -27.57 84.66 87.12
CA GLY A 597 -26.39 84.78 87.94
C GLY A 597 -25.90 83.45 88.45
N GLY A 598 -24.59 83.22 88.40
CA GLY A 598 -24.05 81.95 88.83
C GLY A 598 -24.26 81.67 90.30
N SER A 599 -24.02 82.66 91.14
CA SER A 599 -24.12 82.44 92.57
C SER A 599 -25.57 82.13 92.99
N LEU A 600 -26.52 82.88 92.44
CA LEU A 600 -27.90 82.76 92.88
C LEU A 600 -28.48 81.40 92.53
N ILE A 601 -28.35 80.98 91.27
CA ILE A 601 -28.93 79.73 90.81
C ILE A 601 -27.84 78.94 90.08
N PRO A 602 -26.93 78.29 90.81
CA PRO A 602 -25.78 77.66 90.15
C PRO A 602 -26.12 76.48 89.25
N HIS A 603 -26.91 75.53 89.74
CA HIS A 603 -27.18 74.29 88.99
C HIS A 603 -28.58 73.80 89.30
N PRO A 604 -29.60 74.47 88.77
CA PRO A 604 -30.96 74.01 88.98
C PRO A 604 -31.25 72.74 88.20
N PHE A 605 -32.13 71.91 88.76
CA PHE A 605 -32.56 70.71 88.05
C PHE A 605 -34.06 70.72 87.78
N GLY A 606 -34.86 70.93 88.81
CA GLY A 606 -36.31 70.91 88.68
C GLY A 606 -36.93 72.15 89.28
N VAL A 607 -38.01 72.61 88.67
CA VAL A 607 -38.69 73.83 89.08
C VAL A 607 -40.20 73.60 89.09
N SER A 608 -40.87 74.13 90.12
CA SER A 608 -42.31 74.10 90.21
C SER A 608 -42.81 75.48 90.61
N LEU A 609 -43.96 75.85 90.06
CA LEU A 609 -44.52 77.19 90.24
C LEU A 609 -45.84 77.10 91.01
N PHE A 610 -46.07 78.07 91.88
CA PHE A 610 -47.38 78.15 92.60
C PHE A 610 -47.55 79.58 93.10
N GLU A 611 -48.64 80.24 92.70
CA GLU A 611 -48.87 81.66 93.08
C GLU A 611 -47.67 82.50 92.61
N GLY A 612 -47.22 83.43 93.45
CA GLY A 612 -46.13 84.31 93.06
C GLY A 612 -44.77 83.73 93.36
N GLN A 613 -44.73 82.43 93.65
CA GLN A 613 -43.50 81.77 94.06
C GLN A 613 -43.20 80.60 93.13
N VAL A 614 -41.92 80.39 92.86
CA VAL A 614 -41.44 79.23 92.11
C VAL A 614 -40.43 78.50 92.96
N PHE A 615 -40.59 77.19 93.08
CA PHE A 615 -39.70 76.35 93.87
C PHE A 615 -38.81 75.54 92.94
N PHE A 616 -37.51 75.85 92.96
CA PHE A 616 -36.55 75.19 92.10
C PHE A 616 -35.46 74.55 92.94
N THR A 617 -35.13 73.31 92.62
CA THR A 617 -34.08 72.58 93.32
C THR A 617 -32.75 72.76 92.60
N ASP A 618 -31.69 72.96 93.37
CA ASP A 618 -30.37 73.22 92.82
C ASP A 618 -29.40 72.14 93.29
N TRP A 619 -28.67 71.54 92.35
CA TRP A 619 -27.73 70.48 92.69
C TRP A 619 -26.49 71.03 93.38
N THR A 620 -25.98 72.16 92.91
CA THR A 620 -24.74 72.70 93.49
C THR A 620 -24.93 73.05 94.95
N LYS A 621 -26.04 73.71 95.29
CA LYS A 621 -26.32 74.06 96.68
C LYS A 621 -27.06 72.95 97.43
N MET A 622 -27.51 71.91 96.73
CA MET A 622 -28.18 70.78 97.34
C MET A 622 -29.34 71.23 98.23
N ALA A 623 -30.11 72.19 97.73
CA ALA A 623 -31.19 72.77 98.50
C ALA A 623 -32.39 73.01 97.61
N VAL A 624 -33.57 72.95 98.21
CA VAL A 624 -34.81 73.26 97.50
C VAL A 624 -35.05 74.76 97.62
N LEU A 625 -34.43 75.53 96.73
CA LEU A 625 -34.50 76.97 96.83
C LEU A 625 -35.87 77.48 96.38
N LYS A 626 -36.17 78.71 96.77
CA LYS A 626 -37.45 79.34 96.50
C LYS A 626 -37.21 80.72 95.91
N ALA A 627 -38.03 81.09 94.93
CA ALA A 627 -37.84 82.35 94.23
C ALA A 627 -39.20 82.94 93.87
N ASN A 628 -39.19 84.25 93.62
CA ASN A 628 -40.39 84.94 93.18
C ASN A 628 -40.74 84.54 91.75
N LYS A 629 -42.04 84.57 91.44
CA LYS A 629 -42.49 84.17 90.11
C LYS A 629 -41.93 85.06 89.03
N PHE A 630 -41.90 86.38 89.27
CA PHE A 630 -41.51 87.33 88.22
C PHE A 630 -40.00 87.59 88.23
N THR A 631 -39.47 88.07 89.36
CA THR A 631 -38.05 88.37 89.45
C THR A 631 -37.64 88.31 90.91
N GLU A 632 -36.55 87.59 91.18
CA GLU A 632 -36.01 87.49 92.53
C GLU A 632 -34.53 87.75 92.50
N THR A 633 -34.08 88.66 93.36
CA THR A 633 -32.66 89.01 93.46
C THR A 633 -31.91 88.12 94.43
N ASN A 634 -32.61 87.28 95.19
CA ASN A 634 -31.96 86.40 96.17
C ASN A 634 -32.85 85.19 96.42
N PRO A 635 -32.44 84.01 95.98
CA PRO A 635 -33.26 82.81 96.23
C PRO A 635 -33.42 82.53 97.70
N GLN A 636 -34.59 82.00 98.06
CA GLN A 636 -34.91 81.67 99.45
C GLN A 636 -34.71 80.18 99.66
N VAL A 637 -34.02 79.83 100.75
CA VAL A 637 -33.72 78.44 101.05
C VAL A 637 -34.91 77.81 101.75
N TYR A 638 -35.84 77.25 100.98
CA TYR A 638 -37.00 76.59 101.57
C TYR A 638 -36.58 75.35 102.35
N TYR A 639 -35.64 74.58 101.81
CA TYR A 639 -35.14 73.40 102.50
C TYR A 639 -33.75 73.08 101.94
N GLN A 640 -32.95 72.42 102.78
CA GLN A 640 -31.61 72.00 102.41
C GLN A 640 -31.42 70.54 102.79
N ALA A 641 -30.77 69.79 101.92
CA ALA A 641 -30.54 68.37 102.14
C ALA A 641 -29.08 68.04 101.85
N SER A 642 -28.59 66.98 102.51
CA SER A 642 -27.23 66.53 102.27
C SER A 642 -27.06 66.02 100.84
N LEU A 643 -28.06 65.32 100.34
CA LEU A 643 -28.03 64.81 98.97
C LEU A 643 -28.61 65.85 98.01
N ARG A 644 -28.38 65.62 96.73
CA ARG A 644 -28.83 66.55 95.71
C ARG A 644 -30.32 66.33 95.41
N PRO A 645 -31.17 67.32 95.61
CA PRO A 645 -32.60 67.13 95.31
C PRO A 645 -32.85 67.07 93.82
N TYR A 646 -33.82 66.24 93.42
CA TYR A 646 -34.15 66.08 92.02
C TYR A 646 -35.57 66.57 91.81
N GLY A 647 -36.57 66.04 92.49
CA GLY A 647 -37.95 66.39 92.18
C GLY A 647 -38.45 67.54 93.05
N VAL A 648 -39.44 68.26 92.53
CA VAL A 648 -40.14 69.30 93.28
C VAL A 648 -41.48 69.56 92.61
N THR A 649 -42.54 69.61 93.41
CA THR A 649 -43.86 69.98 92.94
C THR A 649 -44.63 70.58 94.10
N VAL A 650 -45.65 71.37 93.76
CA VAL A 650 -46.51 72.01 94.74
C VAL A 650 -47.85 71.28 94.75
N TYR A 651 -48.15 70.63 95.87
CA TYR A 651 -49.38 69.84 95.99
C TYR A 651 -50.50 70.77 96.44
N HIS A 652 -51.36 71.14 95.50
CA HIS A 652 -52.49 72.06 95.83
C HIS A 652 -53.58 71.88 94.78
N SER A 653 -54.83 72.12 95.17
CA SER A 653 -55.96 71.92 94.26
C SER A 653 -55.89 72.87 93.07
N LEU A 654 -55.37 74.08 93.31
CA LEU A 654 -55.35 75.10 92.22
C LEU A 654 -54.36 74.67 91.13
N ARG A 655 -53.33 73.89 91.49
CA ARG A 655 -52.32 73.50 90.52
C ARG A 655 -52.92 72.68 89.39
N GLN A 656 -54.08 72.06 89.62
CA GLN A 656 -54.73 71.20 88.63
C GLN A 656 -56.19 71.66 88.48
N PRO A 657 -56.42 72.75 87.75
CA PRO A 657 -57.80 73.23 87.56
C PRO A 657 -58.64 72.19 86.83
N TYR A 658 -59.91 72.11 87.22
CA TYR A 658 -60.83 71.17 86.59
C TYR A 658 -61.13 71.58 85.16
N ALA A 659 -61.30 70.58 84.30
CA ALA A 659 -61.66 70.79 82.91
C ALA A 659 -62.36 69.54 82.39
N THR A 660 -63.09 69.71 81.29
CA THR A 660 -63.80 68.60 80.70
C THR A 660 -62.83 67.64 80.03
N ASN A 661 -63.12 66.34 80.12
CA ASN A 661 -62.30 65.34 79.48
C ASN A 661 -63.05 64.80 78.26
N PRO A 662 -62.61 65.13 77.04
CA PRO A 662 -63.30 64.61 75.85
C PRO A 662 -63.33 63.08 75.79
N CYS A 663 -62.33 62.43 76.39
CA CYS A 663 -62.31 60.96 76.38
C CYS A 663 -63.41 60.35 77.22
N LYS A 664 -64.14 61.15 78.00
CA LYS A 664 -65.25 60.61 78.78
C LYS A 664 -66.34 60.05 77.88
N ASP A 665 -66.40 60.49 76.63
CA ASP A 665 -67.42 60.05 75.69
C ASP A 665 -67.08 58.65 75.19
N ASN A 666 -67.29 57.67 76.06
CA ASN A 666 -67.06 56.25 75.74
C ASN A 666 -65.65 56.03 75.21
N ASN A 667 -64.68 56.37 76.04
CA ASN A 667 -63.26 56.26 75.68
C ASN A 667 -62.95 57.01 74.39
N GLY A 668 -63.70 58.10 74.14
CA GLY A 668 -63.56 58.82 72.89
C GLY A 668 -63.84 57.99 71.67
N GLY A 669 -64.61 56.91 71.80
CA GLY A 669 -64.85 56.00 70.71
C GLY A 669 -63.64 55.19 70.29
N CYS A 670 -62.54 55.27 71.02
CA CYS A 670 -61.33 54.54 70.65
C CYS A 670 -61.41 53.10 71.14
N GLU A 671 -60.87 52.19 70.33
CA GLU A 671 -60.77 50.80 70.76
C GLU A 671 -59.74 50.65 71.88
N GLN A 672 -58.79 51.59 71.96
CA GLN A 672 -57.66 51.48 72.88
C GLN A 672 -57.42 52.86 73.47
N VAL A 673 -56.21 53.10 73.95
CA VAL A 673 -55.88 54.38 74.59
C VAL A 673 -56.50 55.61 73.96
N CYS A 674 -57.26 56.38 74.77
CA CYS A 674 -57.77 57.64 74.24
C CYS A 674 -56.87 58.76 74.74
N VAL A 675 -56.08 59.33 73.84
CA VAL A 675 -55.10 60.35 74.17
C VAL A 675 -55.68 61.71 73.81
N LEU A 676 -55.67 62.63 74.77
CA LEU A 676 -56.09 64.00 74.50
C LEU A 676 -55.08 64.70 73.61
N SER A 677 -55.56 65.67 72.82
CA SER A 677 -54.65 66.48 71.98
C SER A 677 -55.00 67.96 72.18
N HIS A 678 -54.58 68.84 71.28
CA HIS A 678 -54.97 70.27 71.38
C HIS A 678 -56.49 70.37 71.21
N ARG A 679 -57.14 71.27 71.96
CA ARG A 679 -58.60 71.38 71.87
C ARG A 679 -59.06 71.55 70.43
N THR A 680 -58.30 72.29 69.63
CA THR A 680 -58.67 72.49 68.24
C THR A 680 -58.40 71.26 67.39
N ASP A 681 -57.50 70.38 67.82
CA ASP A 681 -57.09 69.27 66.98
C ASP A 681 -58.22 68.25 66.83
N ASN A 682 -58.12 67.47 65.74
CA ASN A 682 -59.07 66.40 65.43
C ASN A 682 -60.49 66.94 65.32
N ASP A 683 -60.66 67.89 64.39
CA ASP A 683 -61.94 68.53 64.12
C ASP A 683 -62.50 69.19 65.38
N GLY A 684 -61.62 69.63 66.27
CA GLY A 684 -62.04 70.20 67.53
C GLY A 684 -62.39 69.21 68.61
N LEU A 685 -62.33 67.91 68.32
CA LEU A 685 -62.65 66.91 69.34
C LEU A 685 -61.61 66.90 70.45
N GLY A 686 -60.36 67.22 70.13
CA GLY A 686 -59.33 67.32 71.14
C GLY A 686 -58.73 66.02 71.59
N PHE A 687 -59.14 64.90 71.02
CA PHE A 687 -58.60 63.60 71.40
C PHE A 687 -58.23 62.80 70.16
N ARG A 688 -57.29 61.88 70.34
CA ARG A 688 -56.88 60.97 69.28
C ARG A 688 -56.89 59.56 69.83
N CYS A 689 -57.00 58.59 68.92
CA CYS A 689 -56.94 57.18 69.27
C CYS A 689 -55.55 56.65 68.95
N LYS A 690 -54.92 56.03 69.94
CA LYS A 690 -53.61 55.41 69.76
C LYS A 690 -53.65 54.00 70.31
N CYS A 691 -52.92 53.10 69.67
CA CYS A 691 -52.94 51.68 69.99
C CYS A 691 -51.71 51.32 70.82
N THR A 692 -51.90 50.39 71.76
CA THR A 692 -50.81 49.95 72.61
C THR A 692 -49.77 49.21 71.77
N PHE A 693 -48.69 48.79 72.43
CA PHE A 693 -47.66 48.01 71.76
C PHE A 693 -48.24 46.69 71.28
N GLY A 694 -47.92 46.33 70.03
CA GLY A 694 -48.46 45.14 69.42
C GLY A 694 -49.72 45.36 68.63
N PHE A 695 -50.23 46.58 68.55
CA PHE A 695 -51.43 46.89 67.78
C PHE A 695 -51.17 48.13 66.93
N GLN A 696 -51.88 48.20 65.81
CA GLN A 696 -51.72 49.27 64.84
C GLN A 696 -53.08 49.90 64.54
N LEU A 697 -53.10 51.23 64.43
CA LEU A 697 -54.32 51.94 64.11
C LEU A 697 -54.92 51.44 62.81
N ASP A 698 -56.23 51.19 62.84
CA ASP A 698 -56.94 50.76 61.64
C ASP A 698 -57.24 51.97 60.75
N THR A 699 -57.81 51.67 59.57
CA THR A 699 -58.13 52.74 58.63
C THR A 699 -59.12 53.73 59.22
N ASP A 700 -60.03 53.25 60.06
CA ASP A 700 -60.99 54.14 60.71
C ASP A 700 -60.31 55.06 61.71
N GLU A 701 -59.05 54.79 62.05
CA GLU A 701 -58.24 55.53 63.01
C GLU A 701 -58.76 55.43 64.44
N ARG A 702 -59.86 54.70 64.67
CA ARG A 702 -60.35 54.43 66.00
C ARG A 702 -60.16 52.99 66.44
N HIS A 703 -59.99 52.07 65.51
CA HIS A 703 -59.75 50.68 65.82
C HIS A 703 -58.27 50.36 65.80
N CYS A 704 -57.92 49.17 66.31
CA CYS A 704 -56.54 48.74 66.43
C CYS A 704 -56.42 47.32 65.91
N ILE A 705 -55.75 47.15 64.78
CA ILE A 705 -55.44 45.84 64.25
C ILE A 705 -54.06 45.43 64.77
N ALA A 706 -53.75 44.14 64.67
CA ALA A 706 -52.44 43.66 65.07
C ALA A 706 -51.37 44.21 64.15
N VAL A 707 -50.18 44.45 64.71
CA VAL A 707 -49.08 44.99 63.93
C VAL A 707 -48.63 43.96 62.89
N GLN A 708 -48.06 44.44 61.80
CA GLN A 708 -47.62 43.58 60.71
C GLN A 708 -46.10 43.58 60.54
N ASN A 709 -45.49 44.75 60.39
CA ASN A 709 -44.09 44.84 60.00
C ASN A 709 -43.40 45.94 60.80
N PHE A 710 -42.31 45.58 61.46
CA PHE A 710 -41.42 46.57 62.07
C PHE A 710 -40.02 45.97 62.18
N LEU A 711 -39.01 46.82 62.01
CA LEU A 711 -37.63 46.37 61.96
C LEU A 711 -37.07 46.30 63.38
N ILE A 712 -36.90 45.09 63.89
CA ILE A 712 -36.31 44.89 65.22
C ILE A 712 -34.80 45.00 65.10
N PHE A 713 -34.19 45.87 65.90
CA PHE A 713 -32.74 45.98 65.93
C PHE A 713 -32.26 45.83 67.36
N SER A 714 -31.31 44.91 67.52
CA SER A 714 -30.72 44.68 68.86
C SER A 714 -29.48 45.54 69.01
N SER A 715 -29.36 46.24 70.12
CA SER A 715 -28.19 47.06 70.41
C SER A 715 -27.70 46.76 71.82
N GLN A 716 -26.56 47.35 72.16
CA GLN A 716 -26.02 47.18 73.51
C GLN A 716 -26.99 47.72 74.56
N VAL A 717 -27.52 48.93 74.33
CA VAL A 717 -28.34 49.56 75.34
C VAL A 717 -29.68 48.85 75.49
N ALA A 718 -30.33 48.52 74.37
CA ALA A 718 -31.67 47.96 74.42
C ALA A 718 -32.00 47.34 73.07
N ILE A 719 -33.17 46.72 73.00
CA ILE A 719 -33.70 46.12 71.79
C ILE A 719 -35.02 46.80 71.48
N ARG A 720 -35.12 47.42 70.32
CA ARG A 720 -36.28 48.22 69.95
C ARG A 720 -36.81 47.76 68.61
N GLY A 721 -38.08 48.08 68.36
CA GLY A 721 -38.67 47.83 67.06
C GLY A 721 -39.21 49.10 66.45
N ILE A 722 -38.60 49.54 65.34
CA ILE A 722 -39.06 50.76 64.67
C ILE A 722 -39.92 50.37 63.47
N PRO A 723 -40.97 51.14 63.16
CA PRO A 723 -41.73 50.86 61.94
C PRO A 723 -40.90 51.16 60.71
N PHE A 724 -41.21 50.46 59.62
CA PHE A 724 -40.43 50.61 58.41
C PHE A 724 -40.64 51.98 57.77
N THR A 725 -41.82 52.56 57.95
CA THR A 725 -42.08 53.90 57.41
C THR A 725 -41.13 54.92 58.02
N LEU A 726 -40.57 55.79 57.17
CA LEU A 726 -39.59 56.76 57.65
C LEU A 726 -40.23 57.83 58.52
N SER A 727 -41.44 58.25 58.18
CA SER A 727 -42.07 59.37 58.89
C SER A 727 -42.32 59.01 60.36
N THR A 728 -42.97 57.89 60.60
CA THR A 728 -43.27 57.47 61.96
C THR A 728 -42.04 56.81 62.58
N GLN A 729 -41.71 57.22 63.81
CA GLN A 729 -40.52 56.70 64.47
C GLN A 729 -40.79 56.27 65.91
N GLU A 730 -42.03 55.93 66.24
CA GLU A 730 -42.39 55.49 67.58
C GLU A 730 -42.22 53.97 67.66
N ASP A 731 -41.62 53.51 68.75
CA ASP A 731 -41.34 52.09 68.90
C ASP A 731 -42.63 51.27 68.87
N VAL A 732 -42.63 50.21 68.07
CA VAL A 732 -43.81 49.37 67.95
C VAL A 732 -43.91 48.38 69.11
N MET A 733 -42.77 47.91 69.61
CA MET A 733 -42.71 46.98 70.73
C MET A 733 -42.08 47.68 71.93
N VAL A 734 -42.35 47.11 73.10
CA VAL A 734 -41.78 47.64 74.34
C VAL A 734 -40.27 47.44 74.29
N PRO A 735 -39.47 48.49 74.40
CA PRO A 735 -38.02 48.33 74.35
C PRO A 735 -37.52 47.50 75.52
N VAL A 736 -36.84 46.41 75.19
CA VAL A 736 -36.28 45.51 76.20
C VAL A 736 -34.91 46.06 76.58
N SER A 737 -34.81 46.56 77.80
CA SER A 737 -33.59 47.20 78.28
C SER A 737 -33.26 46.72 79.68
N GLY A 738 -32.02 46.98 80.08
CA GLY A 738 -31.57 46.64 81.42
C GLY A 738 -30.22 47.24 81.68
N ASN A 739 -29.77 47.11 82.93
CA ASN A 739 -28.48 47.63 83.34
C ASN A 739 -27.80 46.60 84.23
N PRO A 740 -26.66 46.04 83.80
CA PRO A 740 -25.98 46.24 82.51
C PRO A 740 -26.66 45.44 81.42
N SER A 741 -26.36 45.71 80.14
CA SER A 741 -26.97 44.97 79.05
C SER A 741 -26.06 44.99 77.84
N PHE A 742 -25.95 43.84 77.19
CA PHE A 742 -25.20 43.69 75.95
C PHE A 742 -26.01 42.82 74.98
N PHE A 743 -27.28 43.19 74.80
CA PHE A 743 -28.19 42.38 73.94
C PHE A 743 -27.54 42.07 72.59
N VAL A 744 -27.41 40.78 72.25
CA VAL A 744 -26.85 40.38 70.93
C VAL A 744 -27.75 39.31 70.31
N GLY A 745 -28.30 39.57 69.13
CA GLY A 745 -29.13 38.60 68.46
C GLY A 745 -30.61 38.71 68.80
N ILE A 746 -31.47 38.51 67.81
CA ILE A 746 -32.90 38.66 67.97
C ILE A 746 -33.63 37.77 66.99
N ASP A 747 -34.80 37.28 67.40
CA ASP A 747 -35.70 36.59 66.48
C ASP A 747 -37.12 36.72 67.02
N PHE A 748 -38.08 36.47 66.14
CA PHE A 748 -39.48 36.79 66.42
C PHE A 748 -40.37 35.56 66.20
N ASP A 749 -41.52 35.59 66.85
CA ASP A 749 -42.56 34.57 66.67
C ASP A 749 -43.87 35.30 66.48
N ALA A 750 -44.31 35.42 65.23
CA ALA A 750 -45.48 36.24 64.92
C ALA A 750 -46.75 35.66 65.54
N GLN A 751 -46.91 34.33 65.51
CA GLN A 751 -48.15 33.72 65.97
C GLN A 751 -48.40 34.01 67.44
N ASP A 752 -47.36 33.95 68.26
CA ASP A 752 -47.47 34.27 69.67
C ASP A 752 -47.18 35.73 69.96
N SER A 753 -46.85 36.52 68.94
CA SER A 753 -46.48 37.93 69.11
C SER A 753 -45.33 38.08 70.11
N THR A 754 -44.39 37.14 70.04
CA THR A 754 -43.30 37.04 71.00
C THR A 754 -41.97 37.14 70.26
N ILE A 755 -40.99 37.80 70.90
CA ILE A 755 -39.65 37.89 70.35
C ILE A 755 -38.71 37.10 71.25
N PHE A 756 -37.60 36.66 70.66
CA PHE A 756 -36.56 35.96 71.39
C PHE A 756 -35.27 36.77 71.28
N PHE A 757 -34.61 36.98 72.42
CA PHE A 757 -33.40 37.78 72.44
C PHE A 757 -32.39 37.15 73.38
N SER A 758 -31.11 37.32 73.04
CA SER A 758 -30.01 36.83 73.84
C SER A 758 -29.30 38.00 74.49
N ASP A 759 -29.04 37.89 75.78
CA ASP A 759 -28.36 38.93 76.54
C ASP A 759 -27.02 38.39 76.99
N MET A 760 -25.94 38.93 76.43
CA MET A 760 -24.61 38.47 76.81
C MET A 760 -24.30 38.84 78.26
N SER A 761 -24.83 39.96 78.74
CA SER A 761 -24.54 40.38 80.10
C SER A 761 -25.05 39.38 81.12
N LYS A 762 -26.25 38.85 80.91
CA LYS A 762 -26.82 37.86 81.80
C LYS A 762 -26.51 36.42 81.39
N HIS A 763 -25.86 36.23 80.24
CA HIS A 763 -25.45 34.91 79.78
C HIS A 763 -26.65 33.97 79.66
N MET A 764 -27.79 34.51 79.26
CA MET A 764 -29.02 33.74 79.22
C MET A 764 -29.86 34.19 78.03
N ILE A 765 -30.71 33.28 77.56
CA ILE A 765 -31.62 33.55 76.45
C ILE A 765 -33.02 33.72 77.01
N PHE A 766 -33.66 34.84 76.68
CA PHE A 766 -34.99 35.15 77.19
C PHE A 766 -35.97 35.25 76.03
N LYS A 767 -37.25 35.18 76.36
CA LYS A 767 -38.34 35.45 75.43
C LYS A 767 -39.25 36.49 76.04
N GLN A 768 -39.89 37.30 75.18
CA GLN A 768 -40.76 38.36 75.66
C GLN A 768 -41.74 38.74 74.57
N LYS A 769 -43.02 38.89 74.95
CA LYS A 769 -44.01 39.35 74.01
C LYS A 769 -43.72 40.80 73.62
N ILE A 770 -44.25 41.20 72.45
CA ILE A 770 -43.96 42.54 71.95
C ILE A 770 -44.52 43.61 72.89
N ASP A 771 -45.66 43.34 73.52
CA ASP A 771 -46.22 44.30 74.46
C ASP A 771 -45.59 44.21 75.83
N GLY A 772 -44.64 43.29 76.04
CA GLY A 772 -43.95 43.21 77.31
C GLY A 772 -44.72 42.58 78.44
N THR A 773 -45.74 41.78 78.15
CA THR A 773 -46.53 41.16 79.21
C THR A 773 -45.70 40.18 80.01
N GLY A 774 -44.95 39.31 79.33
CA GLY A 774 -44.19 38.30 80.02
C GLY A 774 -42.76 38.17 79.53
N ARG A 775 -41.85 37.84 80.45
CA ARG A 775 -40.43 37.70 80.12
C ARG A 775 -39.93 36.40 80.76
N GLU A 776 -39.76 35.36 79.93
CA GLU A 776 -39.43 34.03 80.40
C GLU A 776 -38.02 33.66 79.97
N ILE A 777 -37.30 32.98 80.86
CA ILE A 777 -35.95 32.51 80.55
C ILE A 777 -36.06 31.24 79.72
N LEU A 778 -35.28 31.17 78.64
CA LEU A 778 -35.32 30.01 77.76
C LEU A 778 -34.20 29.01 78.04
N ALA A 779 -32.99 29.48 78.30
CA ALA A 779 -31.89 28.58 78.60
C ALA A 779 -30.80 29.34 79.34
N ALA A 780 -30.28 28.72 80.40
CA ALA A 780 -29.21 29.32 81.18
C ALA A 780 -27.97 28.43 81.19
N ASN A 781 -28.18 27.11 81.31
CA ASN A 781 -27.07 26.17 81.38
C ASN A 781 -26.31 26.13 80.06
N ARG A 782 -24.98 26.11 80.16
CA ARG A 782 -24.10 25.98 79.00
C ARG A 782 -24.40 27.04 77.94
N VAL A 783 -24.66 28.27 78.40
CA VAL A 783 -24.92 29.39 77.51
C VAL A 783 -24.02 30.55 77.90
N GLU A 784 -22.96 30.78 77.12
CA GLU A 784 -22.02 31.83 77.45
C GLU A 784 -22.13 33.04 76.52
N ASN A 785 -22.03 32.82 75.20
CA ASN A 785 -22.08 33.91 74.23
C ASN A 785 -22.93 33.46 73.04
N VAL A 786 -24.22 33.76 73.10
CA VAL A 786 -25.12 33.46 72.00
C VAL A 786 -25.12 34.64 71.04
N GLU A 787 -24.72 34.39 69.80
CA GLU A 787 -24.53 35.46 68.82
C GLU A 787 -25.59 35.47 67.73
N SER A 788 -26.61 34.63 67.82
CA SER A 788 -27.69 34.65 66.84
C SER A 788 -28.87 33.86 67.36
N LEU A 789 -30.01 34.03 66.72
CA LEU A 789 -31.22 33.29 67.05
C LEU A 789 -31.99 33.01 65.76
N ALA A 790 -32.23 31.74 65.47
CA ALA A 790 -33.04 31.33 64.34
C ALA A 790 -34.17 30.47 64.86
N PHE A 791 -35.40 30.82 64.50
CA PHE A 791 -36.59 30.18 65.06
C PHE A 791 -37.44 29.61 63.93
N ASP A 792 -37.68 28.30 63.99
CA ASP A 792 -38.55 27.64 63.03
C ASP A 792 -39.98 27.73 63.54
N TRP A 793 -40.78 28.58 62.89
CA TRP A 793 -42.16 28.78 63.35
C TRP A 793 -43.03 27.55 63.11
N ILE A 794 -42.70 26.75 62.09
CA ILE A 794 -43.50 25.57 61.81
C ILE A 794 -43.37 24.55 62.93
N SER A 795 -42.14 24.26 63.33
CA SER A 795 -41.88 23.24 64.34
C SER A 795 -41.69 23.82 65.73
N LYS A 796 -41.73 25.15 65.88
CA LYS A 796 -41.52 25.80 67.16
C LYS A 796 -40.18 25.42 67.78
N ASN A 797 -39.13 25.41 66.96
CA ASN A 797 -37.79 25.10 67.40
C ASN A 797 -36.91 26.33 67.25
N LEU A 798 -36.15 26.65 68.29
CA LEU A 798 -35.26 27.80 68.29
C LEU A 798 -33.82 27.34 68.19
N TYR A 799 -33.07 27.97 67.27
CA TYR A 799 -31.65 27.61 67.07
C TYR A 799 -30.77 28.80 67.43
N TRP A 800 -29.72 28.57 68.22
CA TRP A 800 -28.79 29.61 68.62
C TRP A 800 -27.36 29.14 68.42
N THR A 801 -26.47 30.11 68.20
CA THR A 801 -25.05 29.84 68.01
C THR A 801 -24.28 30.38 69.21
N ASP A 802 -23.50 29.52 69.84
CA ASP A 802 -22.71 29.91 71.00
C ASP A 802 -21.24 29.94 70.59
N SER A 803 -20.62 31.12 70.71
CA SER A 803 -19.24 31.27 70.28
C SER A 803 -18.27 30.62 71.24
N HIS A 804 -18.57 30.68 72.55
CA HIS A 804 -17.67 30.10 73.54
C HIS A 804 -17.55 28.59 73.36
N TYR A 805 -18.69 27.91 73.24
CA TYR A 805 -18.69 26.47 73.02
C TYR A 805 -18.52 26.10 71.54
N LYS A 806 -18.50 27.12 70.68
CA LYS A 806 -18.31 26.89 69.22
C LYS A 806 -19.31 25.83 68.76
N SER A 807 -20.58 26.01 69.11
CA SER A 807 -21.58 24.96 68.76
C SER A 807 -22.98 25.58 68.54
N ILE A 808 -23.75 25.02 67.62
CA ILE A 808 -25.14 25.50 67.37
C ILE A 808 -26.08 24.52 68.10
N SER A 809 -27.06 25.04 68.84
CA SER A 809 -27.95 24.16 69.63
C SER A 809 -29.41 24.47 69.30
N VAL A 810 -30.29 23.46 69.40
CA VAL A 810 -31.72 23.65 69.06
C VAL A 810 -32.59 23.27 70.26
N MET A 811 -33.52 24.14 70.63
CA MET A 811 -34.44 23.86 71.72
C MET A 811 -35.87 23.88 71.21
N ARG A 812 -36.68 22.93 71.64
CA ARG A 812 -38.09 22.88 71.29
C ARG A 812 -38.88 23.71 72.29
N LEU A 813 -39.51 24.78 71.83
CA LEU A 813 -40.20 25.70 72.74
C LEU A 813 -41.38 25.05 73.43
N ALA A 814 -41.90 23.95 72.88
CA ALA A 814 -43.06 23.32 73.49
C ALA A 814 -42.75 22.79 74.89
N ASP A 815 -41.57 22.20 75.07
CA ASP A 815 -41.21 21.61 76.35
C ASP A 815 -39.78 21.93 76.80
N LYS A 816 -39.14 22.92 76.19
CA LYS A 816 -37.76 23.30 76.52
C LYS A 816 -36.79 22.14 76.40
N THR A 817 -36.97 21.30 75.39
CA THR A 817 -36.08 20.17 75.15
C THR A 817 -34.89 20.62 74.31
N ARG A 818 -33.69 20.48 74.86
CA ARG A 818 -32.49 21.05 74.25
C ARG A 818 -31.68 19.98 73.53
N ARG A 819 -31.06 20.39 72.41
CA ARG A 819 -30.21 19.45 71.63
C ARG A 819 -29.14 20.25 70.89
N THR A 820 -27.86 19.74 70.90
CA THR A 820 -26.80 20.42 70.13
C THR A 820 -26.73 19.84 68.72
N VAL A 821 -26.91 20.67 67.69
CA VAL A 821 -26.82 20.20 66.28
C VAL A 821 -25.39 20.43 65.79
N VAL A 822 -25.21 21.29 64.78
CA VAL A 822 -23.85 21.57 64.24
C VAL A 822 -22.94 21.95 65.41
N GLN A 823 -21.78 21.30 65.52
CA GLN A 823 -20.88 21.56 66.68
C GLN A 823 -19.42 21.52 66.24
N TYR A 824 -18.49 21.53 67.20
CA TYR A 824 -17.04 21.49 66.88
C TYR A 824 -16.74 22.49 65.76
N LEU A 825 -17.27 23.71 65.91
CA LEU A 825 -17.05 24.76 64.87
C LEU A 825 -15.81 25.58 65.24
N ASN A 826 -15.55 26.67 64.51
CA ASN A 826 -14.39 27.51 64.78
C ASN A 826 -14.80 28.82 65.43
N ASN A 827 -15.62 29.62 64.74
CA ASN A 827 -16.13 30.89 65.26
C ASN A 827 -17.48 31.18 64.63
N PRO A 828 -18.50 30.40 64.95
CA PRO A 828 -19.83 30.67 64.40
C PRO A 828 -20.33 32.03 64.85
N ARG A 829 -20.99 32.73 63.93
CA ARG A 829 -21.49 34.07 64.21
C ARG A 829 -23.00 34.18 64.10
N SER A 830 -23.55 33.74 62.96
CA SER A 830 -25.01 33.88 62.74
C SER A 830 -25.62 32.53 62.36
N VAL A 831 -26.95 32.43 62.40
CA VAL A 831 -27.65 31.17 62.01
C VAL A 831 -29.02 31.55 61.44
N VAL A 832 -29.46 30.87 60.39
CA VAL A 832 -30.83 31.13 59.84
C VAL A 832 -31.42 29.78 59.43
N VAL A 833 -32.72 29.59 59.65
CA VAL A 833 -33.36 28.32 59.34
C VAL A 833 -34.49 28.58 58.35
N HIS A 834 -34.49 27.83 57.24
CA HIS A 834 -35.57 27.98 56.23
C HIS A 834 -36.46 26.74 56.30
N PRO A 835 -37.67 26.83 56.90
CA PRO A 835 -38.54 25.65 57.05
C PRO A 835 -38.92 25.01 55.74
N PHE A 836 -39.27 25.80 54.73
CA PHE A 836 -39.71 25.22 53.46
C PHE A 836 -38.57 24.47 52.77
N ALA A 837 -37.40 25.07 52.69
CA ALA A 837 -36.26 24.44 52.06
C ALA A 837 -35.54 23.45 52.98
N GLY A 838 -35.85 23.47 54.26
CA GLY A 838 -35.24 22.53 55.19
C GLY A 838 -33.74 22.67 55.29
N TYR A 839 -33.25 23.91 55.33
CA TYR A 839 -31.79 24.15 55.37
C TYR A 839 -31.43 25.12 56.48
N LEU A 840 -30.35 24.86 57.21
CA LEU A 840 -29.86 25.79 58.26
C LEU A 840 -28.59 26.47 57.73
N PHE A 841 -28.70 27.74 57.35
CA PHE A 841 -27.51 28.48 56.85
C PHE A 841 -26.88 29.22 58.03
N PHE A 842 -25.62 28.90 58.35
CA PHE A 842 -24.93 29.57 59.48
C PHE A 842 -23.59 30.13 58.98
N THR A 843 -23.03 31.11 59.70
CA THR A 843 -21.77 31.70 59.29
C THR A 843 -20.58 31.39 60.18
N ASP A 844 -19.37 31.14 59.49
CA ASP A 844 -18.18 30.96 60.32
C ASP A 844 -17.10 31.88 59.76
N TRP A 845 -16.91 33.03 60.38
CA TRP A 845 -15.98 34.03 59.88
C TRP A 845 -14.53 33.70 60.20
N PHE A 846 -14.28 32.62 60.92
CA PHE A 846 -12.90 32.22 61.21
C PHE A 846 -12.14 31.96 59.93
N ARG A 847 -11.01 32.64 59.76
CA ARG A 847 -10.24 32.52 58.53
C ARG A 847 -9.70 31.11 58.37
N PRO A 848 -9.88 30.47 57.21
CA PRO A 848 -10.59 30.96 56.00
C PRO A 848 -12.09 31.03 56.23
N ALA A 849 -12.66 32.22 56.19
CA ALA A 849 -14.08 32.38 56.48
C ALA A 849 -14.91 31.64 55.45
N LYS A 850 -16.03 31.08 55.90
CA LYS A 850 -16.86 30.26 55.04
C LYS A 850 -18.30 30.34 55.50
N ILE A 851 -19.22 30.30 54.54
CA ILE A 851 -20.65 30.24 54.81
C ILE A 851 -21.11 28.84 54.47
N MET A 852 -21.57 28.10 55.50
CA MET A 852 -21.91 26.67 55.26
C MET A 852 -23.41 26.46 55.33
N ARG A 853 -23.87 25.28 54.91
CA ARG A 853 -25.32 24.97 54.92
C ARG A 853 -25.52 23.52 55.32
N ALA A 854 -26.57 23.24 56.11
CA ALA A 854 -26.88 21.88 56.53
C ALA A 854 -28.38 21.77 56.71
N TRP A 855 -28.85 20.54 56.80
CA TRP A 855 -30.26 20.31 57.10
C TRP A 855 -30.57 20.77 58.52
N SER A 856 -31.86 20.88 58.83
CA SER A 856 -32.26 21.36 60.18
C SER A 856 -31.61 20.49 61.25
N ASP A 857 -31.36 19.22 60.95
CA ASP A 857 -30.77 18.29 61.94
C ASP A 857 -29.24 18.37 61.85
N GLY A 858 -28.72 19.20 60.95
CA GLY A 858 -27.26 19.32 60.77
C GLY A 858 -26.67 18.04 60.21
N SER A 859 -27.49 17.23 59.54
CA SER A 859 -27.02 15.96 59.00
C SER A 859 -25.87 16.17 58.03
N HIS A 860 -26.11 16.91 56.94
CA HIS A 860 -25.16 17.05 55.86
C HIS A 860 -24.63 18.49 55.86
N LEU A 861 -23.49 18.70 56.49
CA LEU A 861 -22.88 20.01 56.57
C LEU A 861 -22.11 20.28 55.28
N LEU A 862 -22.45 21.37 54.61
CA LEU A 862 -21.87 21.67 53.31
C LEU A 862 -21.49 23.15 53.23
N PRO A 863 -20.23 23.45 52.97
CA PRO A 863 -19.82 24.84 52.80
C PRO A 863 -20.26 25.41 51.46
N VAL A 864 -21.50 25.90 51.40
CA VAL A 864 -22.06 26.36 50.12
C VAL A 864 -21.22 27.50 49.54
N ILE A 865 -20.77 28.42 50.39
CA ILE A 865 -19.94 29.53 49.94
C ILE A 865 -18.62 29.47 50.69
N ASN A 866 -17.51 29.30 49.97
CA ASN A 866 -16.19 29.25 50.60
C ASN A 866 -15.16 29.97 49.75
N THR A 867 -15.60 30.93 48.95
CA THR A 867 -14.71 31.70 48.11
C THR A 867 -14.89 33.20 48.37
N THR A 868 -13.78 33.88 48.62
CA THR A 868 -13.75 35.33 48.80
C THR A 868 -14.71 35.77 49.91
N LEU A 869 -14.41 35.33 51.12
CA LEU A 869 -15.16 35.72 52.31
C LEU A 869 -14.18 36.16 53.38
N GLY A 870 -14.27 37.42 53.77
CA GLY A 870 -13.41 37.91 54.83
C GLY A 870 -14.04 37.84 56.20
N TRP A 871 -15.22 38.43 56.36
CA TRP A 871 -15.90 38.53 57.65
C TRP A 871 -17.40 38.50 57.44
N PRO A 872 -17.97 37.32 57.18
CA PRO A 872 -19.43 37.22 57.06
C PRO A 872 -20.09 37.37 58.43
N ASN A 873 -21.04 38.31 58.52
CA ASN A 873 -21.65 38.67 59.79
C ASN A 873 -23.13 38.30 59.84
N GLY A 874 -23.93 38.75 58.89
CA GLY A 874 -25.36 38.53 58.92
C GLY A 874 -25.84 37.71 57.74
N LEU A 875 -26.89 36.92 57.99
CA LEU A 875 -27.50 36.07 56.93
C LEU A 875 -28.99 36.38 56.88
N ALA A 876 -29.51 36.82 55.73
CA ALA A 876 -30.91 37.16 55.56
C ALA A 876 -31.49 36.28 54.45
N ILE A 877 -32.64 35.67 54.75
CA ILE A 877 -33.29 34.74 53.77
C ILE A 877 -34.45 35.45 53.07
N ASP A 878 -34.34 35.64 51.77
CA ASP A 878 -35.39 36.26 50.96
C ASP A 878 -36.41 35.19 50.60
N TRP A 879 -37.48 35.12 51.39
CA TRP A 879 -38.49 34.09 51.18
C TRP A 879 -39.19 34.25 49.84
N ALA A 880 -39.19 35.47 49.28
CA ALA A 880 -39.86 35.69 48.01
C ALA A 880 -39.07 35.08 46.85
N ALA A 881 -37.75 35.29 46.84
CA ALA A 881 -36.91 34.86 45.72
C ALA A 881 -36.00 33.69 46.08
N SER A 882 -36.08 33.18 47.31
CA SER A 882 -35.31 32.00 47.74
C SER A 882 -33.81 32.21 47.55
N ARG A 883 -33.33 33.39 47.93
CA ARG A 883 -31.91 33.73 47.85
C ARG A 883 -31.40 34.18 49.19
N LEU A 884 -30.19 33.71 49.53
CA LEU A 884 -29.58 34.03 50.86
C LEU A 884 -28.70 35.28 50.74
N TYR A 885 -29.22 36.42 51.19
CA TYR A 885 -28.46 37.65 51.22
C TYR A 885 -27.58 37.67 52.46
N TRP A 886 -26.28 37.91 52.28
CA TRP A 886 -25.37 37.97 53.40
C TRP A 886 -24.53 39.23 53.31
N VAL A 887 -23.71 39.43 54.34
CA VAL A 887 -22.92 40.65 54.51
C VAL A 887 -21.51 40.28 54.91
N ASP A 888 -20.53 40.92 54.27
CA ASP A 888 -19.12 40.75 54.62
C ASP A 888 -18.61 42.08 55.16
N ALA A 889 -17.96 42.05 56.32
CA ALA A 889 -17.45 43.28 56.90
C ALA A 889 -16.00 43.53 56.52
N TYR A 890 -15.25 42.48 56.17
CA TYR A 890 -13.84 42.65 55.84
C TYR A 890 -13.67 43.32 54.48
N PHE A 891 -14.42 42.89 53.49
CA PHE A 891 -14.37 43.48 52.17
C PHE A 891 -15.41 44.57 51.96
N ASP A 892 -16.19 44.88 53.00
CA ASP A 892 -17.21 45.92 52.94
C ASP A 892 -18.12 45.72 51.73
N LYS A 893 -18.63 44.49 51.61
CA LYS A 893 -19.42 44.10 50.45
C LYS A 893 -20.69 43.40 50.90
N ILE A 894 -21.74 43.57 50.12
CA ILE A 894 -23.01 42.88 50.32
C ILE A 894 -23.21 41.97 49.12
N GLU A 895 -23.35 40.67 49.37
CA GLU A 895 -23.51 39.69 48.32
C GLU A 895 -24.65 38.74 48.66
N HIS A 896 -25.30 38.23 47.62
CA HIS A 896 -26.39 37.28 47.76
C HIS A 896 -26.27 36.18 46.72
N SER A 897 -26.57 34.95 47.13
CA SER A 897 -26.48 33.80 46.24
C SER A 897 -27.70 32.92 46.45
N THR A 898 -27.76 31.84 45.67
CA THR A 898 -28.82 30.86 45.83
C THR A 898 -28.55 30.00 47.06
N PHE A 899 -29.55 29.22 47.45
CA PHE A 899 -29.40 28.32 48.62
C PHE A 899 -28.22 27.38 48.36
N ASP A 900 -28.05 26.96 47.10
CA ASP A 900 -26.90 26.13 46.75
C ASP A 900 -25.68 26.97 46.40
N GLY A 901 -25.79 28.29 46.52
CA GLY A 901 -24.68 29.18 46.20
C GLY A 901 -24.27 29.14 44.74
N LEU A 902 -25.25 29.15 43.84
CA LEU A 902 -24.92 29.05 42.42
C LEU A 902 -24.78 30.43 41.80
N ASP A 903 -25.82 31.25 41.89
CA ASP A 903 -25.77 32.59 41.32
C ASP A 903 -25.29 33.60 42.36
N ARG A 904 -24.00 33.95 42.30
CA ARG A 904 -23.40 34.87 43.26
C ARG A 904 -23.29 36.24 42.58
N ARG A 905 -24.10 37.19 43.04
CA ARG A 905 -24.06 38.54 42.49
C ARG A 905 -23.95 39.57 43.60
N ARG A 906 -22.84 40.29 43.65
CA ARG A 906 -22.69 41.32 44.67
C ARG A 906 -23.54 42.55 44.36
N LEU A 907 -24.03 43.21 45.39
CA LEU A 907 -24.85 44.41 45.18
C LEU A 907 -24.00 45.64 44.91
N GLY A 908 -24.63 46.70 44.44
CA GLY A 908 -23.90 47.91 44.12
C GLY A 908 -23.11 48.48 45.27
N HIS A 909 -21.97 49.10 44.97
CA HIS A 909 -21.13 49.67 46.02
C HIS A 909 -21.91 50.53 46.98
N ILE A 910 -21.85 50.20 48.27
CA ILE A 910 -22.52 51.01 49.28
C ILE A 910 -21.71 52.27 49.53
N GLU A 911 -22.39 53.38 49.79
CA GLU A 911 -21.69 54.65 49.97
C GLU A 911 -20.55 54.65 50.98
N GLN A 912 -20.85 54.33 52.24
CA GLN A 912 -19.81 54.41 53.27
C GLN A 912 -19.73 53.17 54.14
N MET A 913 -20.24 52.06 53.64
CA MET A 913 -20.24 50.83 54.42
C MET A 913 -18.81 50.37 54.67
N THR A 914 -18.44 50.27 55.94
CA THR A 914 -17.10 49.85 56.35
C THR A 914 -17.06 48.58 57.17
N HIS A 915 -17.85 48.48 58.23
CA HIS A 915 -17.95 47.28 59.05
C HIS A 915 -19.42 46.93 59.26
N PRO A 916 -20.10 46.51 58.20
CA PRO A 916 -21.52 46.12 58.36
C PRO A 916 -21.64 44.86 59.22
N PHE A 917 -22.73 44.78 59.98
CA PHE A 917 -22.90 43.62 60.90
C PHE A 917 -24.30 43.04 60.76
N GLY A 918 -25.29 43.87 60.45
CA GLY A 918 -26.68 43.38 60.39
C GLY A 918 -27.27 43.43 58.99
N LEU A 919 -28.34 42.67 58.76
CA LEU A 919 -29.02 42.68 57.47
C LEU A 919 -30.49 42.36 57.67
N ALA A 920 -31.31 42.83 56.73
CA ALA A 920 -32.75 42.60 56.79
C ALA A 920 -33.34 42.88 55.41
N ILE A 921 -34.14 41.95 54.91
CA ILE A 921 -34.80 42.09 53.62
C ILE A 921 -36.26 42.39 53.88
N PHE A 922 -36.74 43.53 53.37
CA PHE A 922 -38.14 43.88 53.48
C PHE A 922 -38.55 44.66 52.23
N GLY A 923 -39.63 44.23 51.59
CA GLY A 923 -40.04 44.89 50.37
C GLY A 923 -38.90 44.86 49.39
N GLU A 924 -38.61 45.99 48.77
CA GLU A 924 -37.49 46.06 47.84
C GLU A 924 -36.32 46.74 48.50
N HIS A 925 -36.42 46.95 49.81
CA HIS A 925 -35.34 47.60 50.52
C HIS A 925 -34.51 46.59 51.30
N LEU A 926 -33.23 46.89 51.45
CA LEU A 926 -32.32 46.00 52.16
C LEU A 926 -31.70 46.76 53.33
N PHE A 927 -32.38 46.76 54.47
CA PHE A 927 -31.87 47.43 55.66
C PHE A 927 -30.62 46.72 56.16
N PHE A 928 -29.63 47.50 56.57
CA PHE A 928 -28.42 46.95 57.15
C PHE A 928 -27.83 47.94 58.15
N THR A 929 -26.97 47.39 59.01
CA THR A 929 -26.35 48.21 60.07
C THR A 929 -24.85 48.29 59.86
N ASP A 930 -24.23 49.38 60.30
CA ASP A 930 -22.80 49.61 60.21
C ASP A 930 -22.26 50.00 61.58
N TRP A 931 -21.21 49.33 62.02
CA TRP A 931 -20.63 49.62 63.36
C TRP A 931 -20.01 51.02 63.36
N ARG A 932 -19.15 51.31 62.38
CA ARG A 932 -18.44 52.60 62.39
C ARG A 932 -19.41 53.75 62.18
N LEU A 933 -20.38 53.57 61.28
CA LEU A 933 -21.41 54.59 61.11
C LEU A 933 -22.39 54.61 62.28
N GLY A 934 -22.66 53.47 62.90
CA GLY A 934 -23.63 53.43 63.99
C GLY A 934 -25.01 53.85 63.55
N ALA A 935 -25.47 53.36 62.40
CA ALA A 935 -26.72 53.83 61.82
C ALA A 935 -27.41 52.68 61.10
N ILE A 936 -28.72 52.85 60.91
CA ILE A 936 -29.50 51.87 60.14
C ILE A 936 -29.67 52.47 58.75
N ILE A 937 -28.83 52.02 57.83
CA ILE A 937 -28.91 52.52 56.46
C ILE A 937 -29.83 51.67 55.62
N ARG A 938 -30.66 52.31 54.80
CA ARG A 938 -31.58 51.57 53.96
C ARG A 938 -31.20 51.69 52.49
N VAL A 939 -30.98 50.56 51.84
CA VAL A 939 -30.64 50.57 50.43
C VAL A 939 -31.64 49.74 49.64
N ARG A 940 -31.62 49.87 48.32
CA ARG A 940 -32.52 49.09 47.49
C ARG A 940 -31.99 47.67 47.39
N LYS A 941 -32.78 46.70 47.85
CA LYS A 941 -32.32 45.32 47.82
C LYS A 941 -31.98 44.94 46.40
N ALA A 942 -32.68 45.52 45.44
CA ALA A 942 -32.43 45.21 44.04
C ALA A 942 -30.98 45.50 43.70
N ASP A 943 -30.51 46.66 44.13
CA ASP A 943 -29.13 47.05 43.89
C ASP A 943 -28.81 48.17 44.84
N GLY A 944 -27.61 48.19 45.39
CA GLY A 944 -27.28 49.20 46.37
C GLY A 944 -27.66 50.59 45.89
N GLY A 945 -28.45 51.32 46.67
CA GLY A 945 -28.84 52.65 46.30
C GLY A 945 -29.64 53.39 47.35
N GLU A 946 -29.95 54.66 47.09
CA GLU A 946 -30.77 55.45 48.02
C GLU A 946 -30.37 55.34 49.49
N MET A 947 -29.07 55.45 49.77
CA MET A 947 -28.64 55.42 51.16
C MET A 947 -29.62 56.22 52.01
N THR A 948 -30.20 55.59 53.02
CA THR A 948 -31.17 56.27 53.87
C THR A 948 -30.97 55.88 55.33
N VAL A 949 -30.49 56.81 56.14
CA VAL A 949 -30.23 56.51 57.55
C VAL A 949 -31.52 56.44 58.34
N ILE A 950 -32.03 55.24 58.56
CA ILE A 950 -33.27 55.06 59.31
C ILE A 950 -33.12 55.61 60.72
N ARG A 951 -32.05 55.22 61.41
CA ARG A 951 -31.72 55.77 62.71
C ARG A 951 -30.21 55.98 62.76
N SER A 952 -29.78 56.92 63.58
CA SER A 952 -28.37 57.26 63.66
C SER A 952 -27.96 57.42 65.11
N GLY A 953 -26.67 57.26 65.37
CA GLY A 953 -26.12 57.44 66.69
C GLY A 953 -26.26 56.25 67.62
N ILE A 954 -26.80 55.14 67.13
CA ILE A 954 -26.94 53.95 67.98
C ILE A 954 -25.56 53.46 68.37
N ALA A 955 -25.40 53.12 69.65
CA ALA A 955 -24.11 52.67 70.16
C ALA A 955 -24.02 51.15 70.07
N TYR A 956 -22.99 50.65 69.37
CA TYR A 956 -22.80 49.19 69.22
C TYR A 956 -24.10 48.54 68.72
N ILE A 957 -24.52 48.87 67.49
CA ILE A 957 -25.75 48.24 66.91
C ILE A 957 -25.38 46.82 66.44
N LEU A 958 -26.24 45.84 66.70
CA LEU A 958 -25.92 44.43 66.36
C LEU A 958 -27.14 43.73 65.75
N HIS A 959 -26.98 43.12 64.57
CA HIS A 959 -28.10 42.38 63.92
C HIS A 959 -29.21 43.34 63.52
N LEU A 960 -30.31 42.80 62.98
CA LEU A 960 -31.42 43.66 62.50
C LEU A 960 -32.60 42.76 62.11
N LYS A 961 -32.89 41.74 62.93
CA LYS A 961 -34.00 40.84 62.63
C LYS A 961 -35.23 41.59 62.14
N SER A 962 -35.82 41.11 61.05
CA SER A 962 -37.02 41.74 60.53
C SER A 962 -38.25 41.00 61.04
N TYR A 963 -39.29 41.74 61.38
CA TYR A 963 -40.53 41.18 61.88
C TYR A 963 -41.60 41.28 60.80
N ASP A 964 -42.28 40.17 60.53
CA ASP A 964 -43.35 40.15 59.55
C ASP A 964 -44.23 38.94 59.84
N VAL A 965 -45.55 39.15 59.88
CA VAL A 965 -46.47 38.04 60.03
C VAL A 965 -46.44 37.16 58.80
N ASN A 966 -46.25 37.76 57.62
CA ASN A 966 -46.28 36.99 56.38
C ASN A 966 -45.14 36.00 56.30
N ILE A 967 -44.02 36.30 56.97
CA ILE A 967 -42.88 35.39 56.96
C ILE A 967 -43.25 34.05 57.60
N GLN A 968 -43.83 34.11 58.80
CA GLN A 968 -44.15 32.90 59.56
C GLN A 968 -45.55 32.44 59.15
N THR A 969 -45.60 31.68 58.07
CA THR A 969 -46.86 31.18 57.53
C THR A 969 -46.55 30.00 56.63
N GLY A 970 -47.58 29.21 56.35
CA GLY A 970 -47.43 28.10 55.43
C GLY A 970 -47.36 26.75 56.10
N SER A 971 -47.42 25.68 55.32
CA SER A 971 -47.28 24.33 55.86
C SER A 971 -45.87 23.83 55.57
N ASN A 972 -45.58 22.60 56.02
CA ASN A 972 -44.24 22.04 55.92
C ASN A 972 -44.28 20.54 56.20
N ALA A 973 -43.12 19.93 56.40
CA ALA A 973 -43.09 18.54 56.84
C ALA A 973 -43.88 18.36 58.13
N CYS A 974 -43.74 19.31 59.06
CA CYS A 974 -44.52 19.33 60.28
C CYS A 974 -45.86 20.03 59.97
N ASN A 975 -46.63 20.34 61.01
CA ASN A 975 -47.88 21.10 60.86
C ASN A 975 -48.88 20.33 59.97
N GLN A 976 -49.34 19.19 60.48
CA GLN A 976 -50.46 18.45 59.88
C GLN A 976 -51.42 18.12 61.01
N PRO A 977 -52.72 17.97 60.72
CA PRO A 977 -53.72 17.88 61.80
C PRO A 977 -53.43 16.77 62.81
N THR A 978 -53.34 15.53 62.38
CA THR A 978 -52.85 14.48 63.26
C THR A 978 -51.53 13.87 62.77
N HIS A 979 -50.73 14.65 62.05
CA HIS A 979 -49.36 14.28 61.77
C HIS A 979 -48.48 15.47 62.16
N PRO A 980 -48.46 15.85 63.44
CA PRO A 980 -47.67 17.02 63.83
C PRO A 980 -46.23 16.62 64.10
N ASN A 981 -45.31 17.53 63.76
CA ASN A 981 -43.87 17.29 63.88
C ASN A 981 -43.45 16.07 63.09
N GLY A 982 -44.24 15.71 62.07
CA GLY A 982 -44.00 14.48 61.34
C GLY A 982 -44.15 13.28 62.25
N ASP A 983 -45.05 13.39 63.23
CA ASP A 983 -45.32 12.31 64.19
C ASP A 983 -44.05 11.91 64.94
N CYS A 984 -43.09 12.82 65.01
CA CYS A 984 -41.87 12.61 65.77
C CYS A 984 -42.13 12.86 67.25
N SER A 985 -41.38 12.19 68.11
CA SER A 985 -41.59 12.36 69.54
C SER A 985 -41.28 13.78 69.98
N HIS A 986 -40.09 14.28 69.65
CA HIS A 986 -39.74 15.63 70.09
C HIS A 986 -39.54 16.58 68.92
N PHE A 987 -38.64 16.24 68.00
CA PHE A 987 -38.17 17.19 66.99
C PHE A 987 -38.67 16.80 65.61
N CYS A 988 -39.28 17.77 64.93
CA CYS A 988 -39.63 17.57 63.52
C CYS A 988 -38.40 17.62 62.62
N PHE A 989 -37.57 18.66 62.84
CA PHE A 989 -36.35 18.85 62.01
C PHE A 989 -36.74 18.72 60.52
N PRO A 990 -37.41 19.72 59.91
CA PRO A 990 -37.75 19.63 58.48
C PRO A 990 -36.50 19.63 57.61
N VAL A 991 -36.54 18.82 56.56
CA VAL A 991 -35.40 18.64 55.67
C VAL A 991 -35.90 18.80 54.24
N PRO A 992 -35.03 19.09 53.26
CA PRO A 992 -35.52 19.47 51.94
C PRO A 992 -36.36 18.38 51.28
N ASN A 993 -37.06 18.78 50.21
CA ASN A 993 -37.95 17.90 49.45
C ASN A 993 -39.16 17.48 50.28
N PHE A 994 -39.55 18.34 51.22
CA PHE A 994 -40.79 18.18 51.99
C PHE A 994 -40.82 16.84 52.74
N GLN A 995 -39.79 16.62 53.55
CA GLN A 995 -39.73 15.48 54.45
C GLN A 995 -39.16 15.92 55.79
N ARG A 996 -39.31 14.85 56.74
CA ARG A 996 -38.90 15.10 58.11
C ARG A 996 -37.93 14.09 58.68
N VAL A 997 -37.07 14.61 59.64
CA VAL A 997 -36.18 13.68 60.34
C VAL A 997 -36.46 13.84 61.83
N CYS A 998 -36.93 12.77 62.46
CA CYS A 998 -37.22 12.83 63.88
C CYS A 998 -35.95 13.03 64.69
N GLY A 999 -36.02 13.89 65.70
CA GLY A 999 -34.89 14.14 66.57
C GLY A 999 -35.28 13.94 68.01
N CYS A 1000 -34.27 13.77 68.84
CA CYS A 1000 -34.43 13.49 70.26
C CYS A 1000 -33.51 14.38 71.07
N PRO A 1001 -33.82 14.60 72.34
CA PRO A 1001 -32.94 15.40 73.20
C PRO A 1001 -31.56 14.76 73.34
N TYR A 1002 -30.68 15.48 74.05
CA TYR A 1002 -29.31 15.02 74.23
C TYR A 1002 -29.27 13.66 74.93
N GLY A 1003 -30.11 13.47 75.95
CA GLY A 1003 -30.09 12.23 76.70
C GLY A 1003 -30.79 11.08 76.03
N MET A 1004 -31.48 11.33 74.91
CA MET A 1004 -32.27 10.30 74.25
C MET A 1004 -31.78 10.09 72.83
N ARG A 1005 -32.21 8.97 72.25
CA ARG A 1005 -31.85 8.60 70.89
C ARG A 1005 -33.07 8.01 70.20
N LEU A 1006 -32.97 7.89 68.88
CA LEU A 1006 -34.05 7.29 68.11
C LEU A 1006 -34.19 5.83 68.47
N ALA A 1007 -35.45 5.35 68.48
CA ALA A 1007 -35.72 3.95 68.74
C ALA A 1007 -35.61 3.16 67.45
N SER A 1008 -35.94 1.86 67.53
CA SER A 1008 -36.00 1.03 66.33
C SER A 1008 -36.92 1.65 65.29
N ASN A 1009 -38.10 2.09 65.73
CA ASN A 1009 -38.90 3.02 64.94
C ASN A 1009 -38.35 4.42 65.18
N HIS A 1010 -37.91 5.08 64.12
CA HIS A 1010 -37.29 6.39 64.26
C HIS A 1010 -38.26 7.44 64.77
N LEU A 1011 -39.57 7.21 64.66
CA LEU A 1011 -40.54 8.18 65.16
C LEU A 1011 -40.40 8.38 66.66
N THR A 1012 -40.22 7.30 67.41
CA THR A 1012 -40.14 7.37 68.86
C THR A 1012 -38.73 7.75 69.30
N CYS A 1013 -38.65 8.32 70.50
CA CYS A 1013 -37.39 8.66 71.13
C CYS A 1013 -37.22 7.84 72.41
N GLU A 1014 -36.04 7.24 72.56
CA GLU A 1014 -35.73 6.43 73.73
C GLU A 1014 -34.44 6.94 74.37
N GLY A 1015 -34.40 6.98 75.69
CA GLY A 1015 -33.19 7.41 76.37
C GLY A 1015 -32.07 6.41 76.19
N ASP A 1016 -30.84 6.94 76.07
CA ASP A 1016 -29.65 6.12 75.90
C ASP A 1016 -28.58 6.57 76.89
N PRO A 1017 -28.75 6.25 78.17
CA PRO A 1017 -27.73 6.63 79.15
C PRO A 1017 -26.39 5.98 78.87
N THR A 1018 -26.39 4.81 78.23
CA THR A 1018 -25.14 4.13 77.94
C THR A 1018 -24.27 4.95 77.01
N ASN A 1019 -24.85 5.56 75.98
CA ASN A 1019 -24.12 6.42 75.07
C ASN A 1019 -24.26 7.90 75.39
N GLU A 1020 -25.33 8.29 76.06
CA GLU A 1020 -25.60 9.69 76.39
C GLU A 1020 -25.92 9.79 77.87
N PRO A 1021 -24.89 9.80 78.71
CA PRO A 1021 -25.13 9.95 80.15
C PRO A 1021 -25.73 11.30 80.46
N PRO A 1022 -26.48 11.42 81.56
CA PRO A 1022 -27.06 12.72 81.92
C PRO A 1022 -25.99 13.76 82.14
N THR A 1023 -26.24 14.98 81.66
CA THR A 1023 -25.30 16.08 81.76
C THR A 1023 -25.47 16.77 83.10
N GLU A 1024 -24.39 16.86 83.87
CA GLU A 1024 -24.44 17.56 85.14
C GLU A 1024 -24.74 19.03 84.92
N GLN A 1025 -25.45 19.63 85.88
CA GLN A 1025 -25.84 21.02 85.75
C GLN A 1025 -24.61 21.93 85.69
N CYS A 1026 -23.65 21.70 86.57
CA CYS A 1026 -22.47 22.55 86.68
C CYS A 1026 -21.26 21.69 87.00
N GLY A 1027 -20.10 22.35 87.11
CA GLY A 1027 -18.88 21.67 87.47
C GLY A 1027 -18.70 21.57 88.98
N LEU A 1028 -17.60 20.93 89.37
CA LEU A 1028 -17.32 20.75 90.79
C LEU A 1028 -17.17 22.08 91.51
N PHE A 1029 -16.47 23.02 90.89
CA PHE A 1029 -16.20 24.32 91.48
C PHE A 1029 -17.25 25.37 91.10
N SER A 1030 -18.30 24.95 90.41
CA SER A 1030 -19.36 25.85 89.98
C SER A 1030 -20.60 25.59 90.83
N PHE A 1031 -21.10 26.63 91.48
CA PHE A 1031 -22.28 26.50 92.30
C PHE A 1031 -23.53 26.46 91.43
N PRO A 1032 -24.31 25.40 91.46
CA PRO A 1032 -25.56 25.38 90.69
C PRO A 1032 -26.56 26.38 91.25
N CYS A 1033 -27.42 26.89 90.37
CA CYS A 1033 -28.40 27.90 90.75
C CYS A 1033 -29.79 27.44 90.33
N LYS A 1034 -30.81 28.05 90.95
CA LYS A 1034 -32.18 27.64 90.70
C LYS A 1034 -32.58 27.87 89.25
N ASN A 1035 -32.16 28.98 88.65
CA ASN A 1035 -32.48 29.24 87.25
C ASN A 1035 -31.78 28.29 86.30
N GLY A 1036 -30.80 27.53 86.78
CA GLY A 1036 -30.03 26.64 85.93
C GLY A 1036 -28.66 27.15 85.58
N ARG A 1037 -28.39 28.43 85.77
CA ARG A 1037 -27.07 28.97 85.47
C ARG A 1037 -26.06 28.49 86.50
N CYS A 1038 -24.79 28.56 86.13
CA CYS A 1038 -23.68 28.16 86.99
C CYS A 1038 -22.89 29.38 87.41
N VAL A 1039 -22.15 29.24 88.51
CA VAL A 1039 -21.37 30.33 89.06
C VAL A 1039 -20.23 29.76 89.91
N PRO A 1040 -19.03 30.33 89.83
CA PRO A 1040 -17.94 29.87 90.71
C PRO A 1040 -18.33 30.01 92.17
N ASN A 1041 -17.88 29.05 92.98
CA ASN A 1041 -18.27 29.01 94.38
C ASN A 1041 -17.76 30.21 95.16
N TYR A 1042 -16.79 30.94 94.60
CA TYR A 1042 -16.34 32.17 95.24
C TYR A 1042 -17.47 33.18 95.34
N TYR A 1043 -18.26 33.32 94.27
CA TYR A 1043 -19.36 34.27 94.28
C TYR A 1043 -20.49 33.82 95.21
N LEU A 1044 -20.49 32.55 95.60
CA LEU A 1044 -21.46 32.08 96.58
C LEU A 1044 -21.25 32.80 97.90
N CYS A 1045 -22.24 33.58 98.31
CA CYS A 1045 -22.22 34.40 99.52
C CYS A 1045 -21.16 35.49 99.48
N ASP A 1046 -20.68 35.87 98.29
CA ASP A 1046 -19.63 36.88 98.23
C ASP A 1046 -20.19 38.27 98.53
N GLY A 1047 -21.50 38.46 98.37
CA GLY A 1047 -22.12 39.74 98.62
C GLY A 1047 -22.98 40.21 97.48
N VAL A 1048 -22.68 39.75 96.26
CA VAL A 1048 -23.41 40.13 95.06
C VAL A 1048 -23.96 38.88 94.40
N ASP A 1049 -25.17 38.97 93.88
CA ASP A 1049 -25.83 37.82 93.26
C ASP A 1049 -25.29 37.65 91.84
N ASP A 1050 -24.15 36.97 91.75
CA ASP A 1050 -23.56 36.70 90.45
C ASP A 1050 -24.51 35.88 89.59
N CYS A 1051 -25.12 34.86 90.19
CA CYS A 1051 -26.26 34.21 89.54
C CYS A 1051 -27.43 35.17 89.53
N HIS A 1052 -28.06 35.32 88.38
CA HIS A 1052 -29.11 36.32 88.22
C HIS A 1052 -30.40 35.93 88.94
N ASP A 1053 -30.49 34.71 89.44
CA ASP A 1053 -31.63 34.30 90.25
C ASP A 1053 -31.44 34.57 91.73
N ASN A 1054 -30.35 35.23 92.11
CA ASN A 1054 -30.00 35.62 93.48
C ASN A 1054 -29.69 34.41 94.36
N SER A 1055 -29.69 33.20 93.80
CA SER A 1055 -29.54 32.00 94.62
C SER A 1055 -28.19 31.96 95.34
N ASP A 1056 -27.13 32.48 94.70
CA ASP A 1056 -25.82 32.44 95.31
C ASP A 1056 -25.79 33.23 96.61
N GLU A 1057 -26.52 34.35 96.66
CA GLU A 1057 -26.64 35.10 97.90
C GLU A 1057 -27.88 34.71 98.70
N GLN A 1058 -28.93 34.21 98.04
CA GLN A 1058 -30.12 33.77 98.74
C GLN A 1058 -29.82 32.52 99.57
N LEU A 1059 -30.51 32.41 100.70
CA LEU A 1059 -30.41 31.26 101.58
C LEU A 1059 -28.96 31.02 102.03
N CYS A 1060 -28.29 32.12 102.37
CA CYS A 1060 -26.94 32.05 102.89
C CYS A 1060 -26.90 32.75 104.25
N GLY A 1061 -25.70 32.82 104.83
CA GLY A 1061 -25.51 33.44 106.12
C GLY A 1061 -25.58 32.51 107.30
N THR A 1062 -25.86 31.22 107.09
CA THR A 1062 -25.95 30.28 108.19
C THR A 1062 -24.56 29.81 108.60
N LEU A 1063 -24.54 28.90 109.59
CA LEU A 1063 -23.27 28.35 110.06
C LEU A 1063 -22.55 27.61 108.94
N ASN A 1064 -23.27 26.77 108.21
CA ASN A 1064 -22.69 26.15 107.02
C ASN A 1064 -22.51 27.17 105.91
N ASN A 1065 -23.45 28.10 105.78
CA ASN A 1065 -23.40 29.13 104.73
C ASN A 1065 -22.55 30.31 105.19
N THR A 1066 -21.24 30.06 105.27
CA THR A 1066 -20.32 31.10 105.68
C THR A 1066 -20.20 32.17 104.61
N CYS A 1067 -20.61 33.40 104.95
CA CYS A 1067 -20.50 34.51 104.02
C CYS A 1067 -19.04 34.90 103.82
N SER A 1068 -18.75 35.39 102.62
CA SER A 1068 -17.38 35.76 102.27
C SER A 1068 -16.95 37.02 103.00
N SER A 1069 -15.64 37.28 102.96
CA SER A 1069 -15.11 38.51 103.56
C SER A 1069 -15.67 39.74 102.87
N SER A 1070 -15.84 39.68 101.55
CA SER A 1070 -16.43 40.79 100.82
C SER A 1070 -17.87 41.04 101.25
N ALA A 1071 -18.55 40.02 101.77
CA ALA A 1071 -19.93 40.16 102.22
C ALA A 1071 -19.93 40.55 103.69
N PHE A 1072 -20.18 41.83 103.96
CA PHE A 1072 -20.26 42.34 105.33
C PHE A 1072 -21.54 41.80 105.95
N THR A 1073 -21.40 40.87 106.90
CA THR A 1073 -22.57 40.30 107.56
C THR A 1073 -23.07 41.26 108.64
N CYS A 1074 -24.39 41.37 108.74
CA CYS A 1074 -25.03 42.13 109.81
C CYS A 1074 -25.56 41.18 110.88
N GLY A 1075 -26.28 41.74 111.85
CA GLY A 1075 -26.71 41.01 113.02
C GLY A 1075 -27.48 39.73 112.73
N HIS A 1076 -28.51 39.83 111.89
CA HIS A 1076 -29.33 38.66 111.58
C HIS A 1076 -28.79 37.95 110.35
N GLY A 1077 -27.50 37.66 110.33
CA GLY A 1077 -26.89 36.98 109.20
C GLY A 1077 -27.06 37.71 107.89
N GLU A 1078 -27.21 39.03 107.95
CA GLU A 1078 -27.47 39.85 106.78
C GLU A 1078 -26.15 40.30 106.14
N CYS A 1079 -25.77 39.58 105.09
CA CYS A 1079 -24.49 39.82 104.44
C CYS A 1079 -24.65 40.81 103.29
N ILE A 1080 -23.82 41.85 103.29
CA ILE A 1080 -23.90 42.92 102.29
C ILE A 1080 -22.51 43.17 101.74
N PRO A 1081 -22.42 43.70 100.51
CA PRO A 1081 -21.11 43.93 99.89
C PRO A 1081 -20.26 44.91 100.70
N ALA A 1082 -18.94 44.76 100.55
CA ALA A 1082 -18.00 45.59 101.30
C ALA A 1082 -18.13 47.07 100.92
N HIS A 1083 -18.62 47.35 99.71
CA HIS A 1083 -18.89 48.73 99.34
C HIS A 1083 -19.96 49.35 100.24
N TRP A 1084 -20.83 48.51 100.80
CA TRP A 1084 -21.88 48.97 101.71
C TRP A 1084 -21.43 48.94 103.16
N ARG A 1085 -20.12 49.00 103.42
CA ARG A 1085 -19.62 48.88 104.79
C ARG A 1085 -20.15 50.00 105.68
N CYS A 1086 -19.98 51.26 105.24
CA CYS A 1086 -20.49 52.38 106.00
C CYS A 1086 -21.04 53.48 105.11
N ASP A 1087 -21.69 53.12 104.00
CA ASP A 1087 -22.42 54.09 103.20
C ASP A 1087 -23.56 54.69 104.00
N LYS A 1088 -24.02 55.87 103.56
CA LYS A 1088 -25.12 56.53 104.25
C LYS A 1088 -26.38 55.67 104.25
N ARG A 1089 -26.51 54.79 103.25
CA ARG A 1089 -27.70 53.96 103.14
C ARG A 1089 -27.70 52.87 104.20
N ASN A 1090 -28.84 52.72 104.88
CA ASN A 1090 -29.04 51.64 105.84
C ASN A 1090 -29.33 50.35 105.08
N ASP A 1091 -28.24 49.71 104.64
CA ASP A 1091 -28.35 48.56 103.75
C ASP A 1091 -29.08 47.41 104.41
N CYS A 1092 -28.76 47.11 105.66
CA CYS A 1092 -29.35 45.98 106.37
C CYS A 1092 -30.21 46.47 107.52
N VAL A 1093 -31.29 45.73 107.81
CA VAL A 1093 -32.26 46.16 108.81
C VAL A 1093 -31.61 46.23 110.19
N ASP A 1094 -30.69 45.31 110.48
CA ASP A 1094 -29.99 45.34 111.77
C ASP A 1094 -29.19 46.62 111.94
N GLY A 1095 -28.82 47.28 110.84
CA GLY A 1095 -28.08 48.51 110.91
C GLY A 1095 -26.62 48.36 111.22
N SER A 1096 -26.07 47.15 111.15
CA SER A 1096 -24.66 46.95 111.44
C SER A 1096 -23.77 47.77 110.51
N ASP A 1097 -24.25 48.01 109.28
CA ASP A 1097 -23.55 48.92 108.38
C ASP A 1097 -23.47 50.32 108.96
N GLU A 1098 -24.48 50.72 109.72
CA GLU A 1098 -24.52 52.03 110.34
C GLU A 1098 -24.38 51.99 111.85
N HIS A 1099 -24.36 50.80 112.45
CA HIS A 1099 -24.18 50.68 113.89
C HIS A 1099 -22.84 51.23 114.34
N ASN A 1100 -21.77 50.87 113.65
CA ASN A 1100 -20.43 51.37 113.93
C ASN A 1100 -19.75 51.76 112.63
N CYS A 1101 -19.07 52.90 112.63
CA CYS A 1101 -18.34 53.34 111.47
C CYS A 1101 -17.03 54.00 111.87
N PRO A 1102 -15.95 53.69 111.17
CA PRO A 1102 -14.63 54.20 111.57
C PRO A 1102 -14.42 55.64 111.12
N THR A 1103 -13.32 56.20 111.59
CA THR A 1103 -12.92 57.54 111.18
C THR A 1103 -12.55 57.55 109.71
N HIS A 1104 -12.86 58.66 109.04
CA HIS A 1104 -12.55 58.79 107.63
C HIS A 1104 -11.04 58.93 107.42
N ALA A 1105 -10.65 59.09 106.15
CA ALA A 1105 -9.25 59.33 105.80
C ALA A 1105 -9.09 60.81 105.43
N PRO A 1106 -8.65 61.67 106.35
CA PRO A 1106 -8.51 63.09 105.99
C PRO A 1106 -7.43 63.33 104.95
N ALA A 1107 -6.23 62.79 105.16
CA ALA A 1107 -5.11 62.91 104.23
C ALA A 1107 -4.84 64.37 103.86
N SER A 1108 -4.50 64.62 102.60
CA SER A 1108 -4.20 65.96 102.12
C SER A 1108 -4.36 65.96 100.60
N CYS A 1109 -4.06 67.10 100.00
CA CYS A 1109 -4.17 67.26 98.55
C CYS A 1109 -3.05 68.16 98.05
N LEU A 1110 -2.80 68.10 96.75
CA LEU A 1110 -1.77 68.91 96.13
C LEU A 1110 -2.19 70.38 96.11
N ASP A 1111 -1.23 71.23 95.71
CA ASP A 1111 -1.52 72.66 95.61
C ASP A 1111 -2.60 72.94 94.58
N THR A 1112 -2.50 72.29 93.42
CA THR A 1112 -3.55 72.44 92.40
C THR A 1112 -4.87 71.87 92.91
N GLN A 1113 -4.81 70.76 93.62
CA GLN A 1113 -6.02 70.14 94.16
C GLN A 1113 -6.61 71.00 95.28
N TYR A 1114 -7.93 71.02 95.37
CA TYR A 1114 -8.64 71.72 96.42
C TYR A 1114 -9.33 70.70 97.31
N THR A 1115 -9.13 70.82 98.62
CA THR A 1115 -9.72 69.90 99.58
C THR A 1115 -11.16 70.29 99.83
N CYS A 1116 -12.10 69.46 99.38
CA CYS A 1116 -13.48 69.68 99.73
C CYS A 1116 -13.75 69.17 101.15
N ASP A 1117 -14.90 69.57 101.70
CA ASP A 1117 -15.20 69.25 103.09
C ASP A 1117 -15.26 67.75 103.33
N ASN A 1118 -15.57 66.97 102.29
CA ASN A 1118 -15.56 65.52 102.42
C ASN A 1118 -14.17 64.97 102.09
N HIS A 1119 -13.16 65.84 102.15
CA HIS A 1119 -11.76 65.45 101.95
C HIS A 1119 -11.56 64.83 100.57
N GLN A 1120 -12.00 65.56 99.54
CA GLN A 1120 -11.85 65.13 98.16
C GLN A 1120 -11.00 66.17 97.43
N CYS A 1121 -9.93 65.71 96.79
CA CYS A 1121 -9.05 66.61 96.05
C CYS A 1121 -9.71 67.03 94.74
N ILE A 1122 -9.76 68.34 94.50
CA ILE A 1122 -10.52 68.90 93.39
C ILE A 1122 -9.66 69.95 92.68
N SER A 1123 -9.68 69.92 91.35
CA SER A 1123 -8.91 70.88 90.57
C SER A 1123 -9.42 72.30 90.79
N LYS A 1124 -8.52 73.27 90.65
CA LYS A 1124 -8.89 74.67 90.88
C LYS A 1124 -9.96 75.12 89.90
N ASN A 1125 -9.88 74.70 88.64
CA ASN A 1125 -10.88 75.08 87.66
C ASN A 1125 -12.26 74.57 88.05
N TRP A 1126 -12.31 73.43 88.75
CA TRP A 1126 -13.58 72.91 89.23
C TRP A 1126 -14.09 73.68 90.44
N VAL A 1127 -13.27 74.57 91.01
CA VAL A 1127 -13.70 75.37 92.15
C VAL A 1127 -14.42 76.61 91.64
N CYS A 1128 -15.60 76.88 92.20
CA CYS A 1128 -16.42 78.03 91.83
C CYS A 1128 -16.77 77.99 90.34
N ASP A 1129 -17.55 76.99 89.95
CA ASP A 1129 -17.95 76.87 88.56
C ASP A 1129 -19.42 76.54 88.47
N THR A 1130 -20.18 76.91 89.50
CA THR A 1130 -21.62 76.59 89.55
C THR A 1130 -21.83 75.12 89.27
N ASP A 1131 -20.90 74.29 89.73
CA ASP A 1131 -21.01 72.85 89.51
C ASP A 1131 -20.73 72.09 90.80
N ASN A 1132 -21.65 71.21 91.20
CA ASN A 1132 -21.41 70.39 92.38
C ASN A 1132 -20.38 69.31 92.06
N ASP A 1133 -19.17 69.77 91.74
CA ASP A 1133 -18.13 68.86 91.27
C ASP A 1133 -17.74 67.86 92.35
N CYS A 1134 -17.64 68.30 93.59
CA CYS A 1134 -17.42 67.43 94.73
C CYS A 1134 -18.68 67.43 95.58
N GLY A 1135 -19.19 66.23 95.88
CA GLY A 1135 -20.50 66.01 96.47
C GLY A 1135 -20.95 67.01 97.51
N ASP A 1136 -20.08 67.33 98.47
CA ASP A 1136 -20.42 68.28 99.51
C ASP A 1136 -20.69 69.68 98.95
N GLY A 1137 -20.21 69.99 97.75
CA GLY A 1137 -20.45 71.28 97.14
C GLY A 1137 -19.56 72.40 97.63
N SER A 1138 -18.58 72.11 98.50
CA SER A 1138 -17.72 73.17 99.01
C SER A 1138 -16.84 73.76 97.93
N ASP A 1139 -16.68 73.06 96.79
CA ASP A 1139 -15.97 73.63 95.67
C ASP A 1139 -16.65 74.91 95.18
N GLU A 1140 -17.96 75.00 95.38
CA GLU A 1140 -18.72 76.18 95.00
C GLU A 1140 -19.27 76.95 96.19
N LYS A 1141 -18.90 76.56 97.42
CA LYS A 1141 -19.38 77.27 98.59
C LYS A 1141 -18.67 78.60 98.73
N ASN A 1142 -19.46 79.67 98.91
CA ASN A 1142 -18.94 81.02 99.15
C ASN A 1142 -18.02 81.47 98.02
N CYS A 1143 -18.62 81.60 96.84
CA CYS A 1143 -17.91 82.08 95.67
C CYS A 1143 -18.32 83.48 95.22
N ASN A 1144 -19.48 83.96 95.66
CA ASN A 1144 -19.95 85.27 95.23
C ASN A 1144 -19.16 86.41 95.85
N SER A 1145 -18.34 86.11 96.87
CA SER A 1145 -17.57 87.17 97.53
C SER A 1145 -16.64 87.88 96.57
N THR A 1146 -16.24 87.21 95.50
CA THR A 1146 -15.36 87.78 94.48
C THR A 1146 -16.11 87.94 93.17
N GLU A 1147 -16.07 89.14 92.62
CA GLU A 1147 -16.73 89.43 91.34
C GLU A 1147 -15.82 89.23 90.14
N THR A 1148 -14.54 88.97 90.35
CA THR A 1148 -13.60 88.71 89.27
C THR A 1148 -13.53 87.20 89.02
N CYS A 1149 -12.48 86.80 88.32
CA CYS A 1149 -12.28 85.38 88.01
C CYS A 1149 -10.87 84.95 88.32
N GLN A 1150 -10.67 83.65 88.50
CA GLN A 1150 -9.36 83.12 88.84
C GLN A 1150 -8.42 83.23 87.64
N PRO A 1151 -7.11 83.28 87.89
CA PRO A 1151 -6.16 83.32 86.76
C PRO A 1151 -6.28 82.12 85.83
N SER A 1152 -6.57 80.94 86.37
CA SER A 1152 -6.72 79.76 85.55
C SER A 1152 -8.15 79.56 85.03
N GLN A 1153 -9.07 80.44 85.39
CA GLN A 1153 -10.46 80.32 84.99
C GLN A 1153 -10.85 81.48 84.09
N PHE A 1154 -11.42 81.18 82.94
CA PHE A 1154 -11.90 82.21 82.02
C PHE A 1154 -13.06 82.94 82.67
N ASN A 1155 -13.58 83.98 82.01
CA ASN A 1155 -14.64 84.76 82.64
C ASN A 1155 -15.89 84.96 81.80
N CYS A 1156 -17.04 84.58 82.35
CA CYS A 1156 -18.30 84.79 81.67
C CYS A 1156 -19.04 85.75 82.57
N PRO A 1157 -18.93 87.05 82.30
CA PRO A 1157 -19.53 88.03 83.21
C PRO A 1157 -20.94 87.66 83.63
N ASN A 1158 -21.81 87.41 82.66
CA ASN A 1158 -23.19 87.07 82.96
C ASN A 1158 -23.31 85.67 83.54
N HIS A 1159 -22.37 84.80 83.22
CA HIS A 1159 -22.46 83.41 83.67
C HIS A 1159 -21.56 83.10 84.86
N ARG A 1160 -20.29 82.80 84.60
CA ARG A 1160 -19.39 82.42 85.69
C ARG A 1160 -17.93 82.43 85.27
N CYS A 1161 -17.04 81.98 86.16
CA CYS A 1161 -15.64 81.92 85.83
C CYS A 1161 -15.28 80.54 85.33
N ILE A 1162 -15.74 80.21 84.13
CA ILE A 1162 -15.49 78.89 83.57
C ILE A 1162 -14.01 78.60 83.42
N ASP A 1163 -13.67 77.32 83.28
CA ASP A 1163 -12.28 76.94 83.10
C ASP A 1163 -11.73 77.53 81.80
N LEU A 1164 -10.43 77.86 81.83
CA LEU A 1164 -9.79 78.41 80.64
C LEU A 1164 -9.73 77.42 79.50
N SER A 1165 -9.89 76.12 79.79
CA SER A 1165 -9.92 75.13 78.71
C SER A 1165 -11.15 75.30 77.83
N PHE A 1166 -12.24 75.81 78.41
CA PHE A 1166 -13.48 75.97 77.65
C PHE A 1166 -13.41 77.10 76.65
N VAL A 1167 -12.35 77.90 76.66
CA VAL A 1167 -12.23 79.07 75.79
C VAL A 1167 -12.35 78.66 74.34
N CYS A 1168 -11.64 77.61 73.94
CA CYS A 1168 -11.62 77.19 72.55
C CYS A 1168 -11.80 75.69 72.42
N ASP A 1169 -12.62 75.11 73.30
CA ASP A 1169 -12.89 73.69 73.27
C ASP A 1169 -14.16 73.34 72.49
N GLY A 1170 -14.80 74.34 71.88
CA GLY A 1170 -16.06 74.14 71.21
C GLY A 1170 -17.28 74.16 72.12
N ASP A 1171 -17.09 74.36 73.42
CA ASP A 1171 -18.18 74.37 74.39
C ASP A 1171 -18.42 75.80 74.84
N LYS A 1172 -19.47 76.42 74.30
CA LYS A 1172 -19.83 77.80 74.64
C LYS A 1172 -20.42 77.82 76.06
N ASP A 1173 -19.54 77.68 77.03
CA ASP A 1173 -19.99 77.69 78.42
C ASP A 1173 -20.53 79.05 78.81
N CYS A 1174 -19.86 80.11 78.35
CA CYS A 1174 -20.31 81.46 78.67
C CYS A 1174 -21.67 81.73 78.06
N VAL A 1175 -22.59 82.24 78.86
CA VAL A 1175 -23.91 82.58 78.33
C VAL A 1175 -23.71 83.56 77.20
N ASP A 1176 -22.93 84.60 77.43
CA ASP A 1176 -22.65 85.58 76.39
C ASP A 1176 -21.87 84.99 75.23
N GLY A 1177 -21.46 83.72 75.34
CA GLY A 1177 -20.57 83.16 74.34
C GLY A 1177 -19.21 83.80 74.32
N SER A 1178 -18.72 84.24 75.49
CA SER A 1178 -17.39 84.83 75.55
C SER A 1178 -16.31 83.83 75.15
N ASP A 1179 -16.45 82.58 75.58
CA ASP A 1179 -15.59 81.52 75.08
C ASP A 1179 -16.00 81.16 73.66
N GLU A 1180 -15.14 80.38 73.00
CA GLU A 1180 -15.30 80.07 71.58
C GLU A 1180 -15.38 81.35 70.75
N VAL A 1181 -14.55 82.32 71.09
CA VAL A 1181 -14.43 83.58 70.38
C VAL A 1181 -13.00 83.73 69.89
N GLY A 1182 -12.84 84.00 68.61
CA GLY A 1182 -11.51 84.12 68.03
C GLY A 1182 -10.70 82.85 68.13
N CYS A 1183 -11.35 81.69 68.06
CA CYS A 1183 -10.68 80.40 68.21
C CYS A 1183 -10.28 79.88 66.82
N VAL A 1184 -9.30 80.56 66.24
CA VAL A 1184 -8.73 80.15 64.96
C VAL A 1184 -7.49 79.28 65.17
N LEU A 1185 -7.28 78.76 66.37
CA LEU A 1185 -6.10 77.97 66.66
C LEU A 1185 -6.14 76.65 65.88
N ASN A 1186 -4.94 76.13 65.58
CA ASN A 1186 -4.81 74.89 64.83
C ASN A 1186 -5.03 73.68 65.73
N CYS A 1187 -4.73 72.50 65.21
CA CYS A 1187 -4.85 71.26 65.98
C CYS A 1187 -3.62 70.41 65.70
N THR A 1188 -3.60 69.23 66.32
CA THR A 1188 -2.47 68.34 66.18
C THR A 1188 -2.38 67.79 64.77
N ALA A 1189 -1.18 67.32 64.40
CA ALA A 1189 -1.00 66.68 63.11
C ALA A 1189 -1.84 65.41 63.00
N SER A 1190 -1.98 64.68 64.11
CA SER A 1190 -2.83 63.50 64.11
C SER A 1190 -4.28 63.85 63.81
N GLN A 1191 -4.68 65.09 64.12
CA GLN A 1191 -6.02 65.57 63.79
C GLN A 1191 -5.97 66.26 62.44
N PHE A 1192 -6.44 65.54 61.41
CA PHE A 1192 -6.48 66.09 60.06
C PHE A 1192 -7.39 67.31 60.02
N LYS A 1193 -6.80 68.47 59.75
CA LYS A 1193 -7.55 69.71 59.66
C LYS A 1193 -8.34 69.70 58.35
N CYS A 1194 -9.66 69.58 58.45
CA CYS A 1194 -10.49 69.50 57.25
C CYS A 1194 -10.49 70.83 56.52
N ALA A 1195 -10.59 70.77 55.19
CA ALA A 1195 -10.56 71.97 54.37
C ALA A 1195 -11.69 72.93 54.75
N SER A 1196 -12.81 72.38 55.22
CA SER A 1196 -13.87 73.22 55.75
C SER A 1196 -13.40 73.97 57.00
N GLY A 1197 -12.58 73.32 57.82
CA GLY A 1197 -12.14 73.88 59.08
C GLY A 1197 -13.13 73.74 60.20
N ASP A 1198 -14.30 73.14 59.95
CA ASP A 1198 -15.31 73.01 60.99
C ASP A 1198 -14.89 72.01 62.06
N LYS A 1199 -14.43 70.84 61.65
CA LYS A 1199 -14.05 69.78 62.58
C LYS A 1199 -12.66 69.29 62.24
N CYS A 1200 -11.82 69.15 63.26
CA CYS A 1200 -10.45 68.67 63.07
C CYS A 1200 -10.37 67.18 63.39
N ILE A 1201 -10.96 66.38 62.50
CA ILE A 1201 -11.02 64.93 62.70
C ILE A 1201 -9.61 64.33 62.60
N GLY A 1202 -9.44 63.17 63.23
CA GLY A 1202 -8.15 62.52 63.21
C GLY A 1202 -7.82 61.96 61.84
N VAL A 1203 -6.52 61.83 61.56
CA VAL A 1203 -6.07 61.28 60.28
C VAL A 1203 -6.51 59.83 60.14
N THR A 1204 -6.70 59.13 61.25
CA THR A 1204 -7.21 57.76 61.19
C THR A 1204 -8.56 57.72 60.47
N ASN A 1205 -9.36 58.78 60.61
CA ASN A 1205 -10.60 58.90 59.86
C ASN A 1205 -10.42 59.64 58.54
N ARG A 1206 -9.18 60.02 58.20
CA ARG A 1206 -8.93 60.64 56.90
C ARG A 1206 -8.84 59.54 55.84
N CYS A 1207 -9.68 59.64 54.81
CA CYS A 1207 -9.87 58.57 53.84
C CYS A 1207 -10.12 57.24 54.54
N ASP A 1208 -11.16 57.19 55.36
CA ASP A 1208 -11.57 55.97 56.04
C ASP A 1208 -12.87 55.40 55.50
N GLY A 1209 -13.38 55.94 54.40
CA GLY A 1209 -14.66 55.56 53.87
C GLY A 1209 -15.85 56.22 54.54
N VAL A 1210 -15.61 57.08 55.52
CA VAL A 1210 -16.67 57.74 56.28
C VAL A 1210 -16.47 59.24 56.17
N PHE A 1211 -17.55 59.95 55.82
CA PHE A 1211 -17.52 61.41 55.72
C PHE A 1211 -17.58 62.00 57.13
N ASP A 1212 -16.42 62.01 57.79
CA ASP A 1212 -16.36 62.44 59.18
C ASP A 1212 -16.69 63.92 59.32
N CYS A 1213 -16.06 64.77 58.52
CA CYS A 1213 -16.30 66.21 58.58
C CYS A 1213 -16.97 66.70 57.31
N SER A 1214 -17.24 68.01 57.29
CA SER A 1214 -17.93 68.61 56.15
C SER A 1214 -17.05 68.58 54.91
N ASP A 1215 -17.71 68.60 53.75
CA ASP A 1215 -17.08 68.60 52.42
C ASP A 1215 -16.34 67.30 52.12
N ASN A 1216 -16.36 66.34 53.04
CA ASN A 1216 -15.73 65.03 52.84
C ASN A 1216 -14.25 65.17 52.48
N SER A 1217 -13.60 66.21 53.01
CA SER A 1217 -12.20 66.45 52.69
C SER A 1217 -11.33 65.29 53.16
N ASP A 1218 -11.75 64.60 54.21
CA ASP A 1218 -11.05 63.40 54.63
C ASP A 1218 -11.11 62.33 53.55
N GLU A 1219 -12.27 62.16 52.93
CA GLU A 1219 -12.46 61.12 51.92
C GLU A 1219 -12.28 61.64 50.50
N ALA A 1220 -12.20 62.95 50.31
CA ALA A 1220 -12.03 63.50 48.96
C ALA A 1220 -10.72 63.04 48.36
N GLY A 1221 -9.65 63.07 49.14
CA GLY A 1221 -8.35 62.64 48.67
C GLY A 1221 -8.09 61.17 48.93
N CYS A 1222 -8.94 60.30 48.38
CA CYS A 1222 -8.75 58.87 48.51
C CYS A 1222 -8.13 58.33 47.23
N PRO A 1223 -6.85 57.96 47.25
CA PRO A 1223 -6.20 57.46 46.02
C PRO A 1223 -6.44 55.98 45.79
N THR A 1224 -7.71 55.62 45.62
CA THR A 1224 -8.06 54.23 45.35
C THR A 1224 -7.46 53.77 44.02
N ARG A 1225 -7.62 54.58 42.97
CA ARG A 1225 -7.08 54.35 41.64
C ARG A 1225 -7.23 52.89 41.18
N PRO A 1226 -8.46 52.39 41.07
CA PRO A 1226 -8.68 51.07 40.49
C PRO A 1226 -9.01 51.14 39.01
N PRO A 1227 -8.02 51.36 38.13
CA PRO A 1227 -8.40 51.50 36.71
C PRO A 1227 -8.71 50.14 36.08
N GLY A 1228 -9.66 49.44 36.68
CA GLY A 1228 -9.92 48.06 36.32
C GLY A 1228 -8.91 47.08 36.85
N MET A 1229 -7.93 47.54 37.62
CA MET A 1229 -6.95 46.70 38.26
C MET A 1229 -6.94 47.02 39.75
N CYS A 1230 -6.81 45.99 40.56
CA CYS A 1230 -6.84 46.16 42.01
C CYS A 1230 -5.64 46.99 42.46
N HIS A 1231 -5.74 47.48 43.69
CA HIS A 1231 -4.64 48.26 44.28
C HIS A 1231 -3.40 47.38 44.44
N SER A 1232 -2.27 48.04 44.66
CA SER A 1232 -1.01 47.31 44.78
C SER A 1232 -1.04 46.33 45.93
N ASP A 1233 -1.58 46.75 47.08
CA ASP A 1233 -1.60 45.88 48.25
C ASP A 1233 -2.54 44.71 48.06
N GLU A 1234 -3.59 44.87 47.25
CA GLU A 1234 -4.60 43.84 47.09
C GLU A 1234 -4.32 43.02 45.85
N PHE A 1235 -4.15 41.71 46.02
CA PHE A 1235 -3.98 40.82 44.88
C PHE A 1235 -5.25 40.78 44.05
N GLN A 1236 -5.11 40.83 42.74
CA GLN A 1236 -6.22 40.70 41.82
C GLN A 1236 -6.33 39.26 41.37
N CYS A 1237 -7.49 38.65 41.57
CA CYS A 1237 -7.66 37.25 41.19
C CYS A 1237 -7.72 37.13 39.67
N GLN A 1238 -7.24 35.99 39.17
CA GLN A 1238 -7.10 35.83 37.73
C GLN A 1238 -8.47 35.68 37.06
N GLU A 1239 -9.33 34.83 37.59
CA GLU A 1239 -10.56 34.47 36.90
C GLU A 1239 -11.56 35.62 36.90
N ASP A 1240 -11.74 36.28 38.04
CA ASP A 1240 -12.76 37.30 38.17
C ASP A 1240 -12.22 38.69 38.46
N GLY A 1241 -10.98 38.81 38.93
CA GLY A 1241 -10.44 40.12 39.23
C GLY A 1241 -10.85 40.69 40.57
N ILE A 1242 -11.57 39.93 41.38
CA ILE A 1242 -12.01 40.41 42.70
C ILE A 1242 -10.79 40.61 43.58
N CYS A 1243 -10.69 41.77 44.21
CA CYS A 1243 -9.50 42.12 44.96
C CYS A 1243 -9.46 41.41 46.31
N ILE A 1244 -8.33 40.78 46.59
CA ILE A 1244 -8.07 40.17 47.89
C ILE A 1244 -6.70 40.61 48.39
N PRO A 1245 -6.52 40.64 49.70
CA PRO A 1245 -5.21 41.02 50.23
C PRO A 1245 -4.12 40.11 49.71
N ASN A 1246 -2.96 40.69 49.41
CA ASN A 1246 -1.88 39.93 48.79
C ASN A 1246 -1.40 38.80 49.69
N PHE A 1247 -1.61 38.92 51.01
CA PHE A 1247 -1.26 37.84 51.91
C PHE A 1247 -2.06 36.58 51.59
N TRP A 1248 -3.29 36.74 51.10
CA TRP A 1248 -4.11 35.59 50.75
C TRP A 1248 -3.57 34.83 49.55
N GLU A 1249 -2.64 35.42 48.80
CA GLU A 1249 -2.06 34.73 47.66
C GLU A 1249 -1.08 33.67 48.13
N CYS A 1250 -1.26 32.45 47.63
CA CYS A 1250 -0.43 31.31 48.00
C CYS A 1250 -0.39 31.11 49.51
N ASP A 1251 -1.55 31.31 50.16
CA ASP A 1251 -1.67 31.19 51.60
C ASP A 1251 -2.11 29.79 52.04
N GLY A 1252 -2.20 28.85 51.11
CA GLY A 1252 -2.70 27.53 51.45
C GLY A 1252 -4.20 27.40 51.50
N HIS A 1253 -4.93 28.43 51.06
CA HIS A 1253 -6.37 28.42 51.12
C HIS A 1253 -6.92 29.01 49.82
N PRO A 1254 -7.80 28.29 49.12
CA PRO A 1254 -8.31 28.78 47.83
C PRO A 1254 -9.25 29.95 47.99
N ASP A 1255 -8.71 31.12 48.30
CA ASP A 1255 -9.54 32.31 48.45
C ASP A 1255 -10.17 32.71 47.13
N CYS A 1256 -9.46 32.52 46.02
CA CYS A 1256 -9.98 32.84 44.71
C CYS A 1256 -11.16 31.94 44.35
N LEU A 1257 -11.84 32.30 43.27
CA LEU A 1257 -12.91 31.45 42.75
C LEU A 1257 -12.37 30.11 42.29
N TYR A 1258 -11.23 30.12 41.59
CA TYR A 1258 -10.60 28.90 41.12
C TYR A 1258 -9.25 28.66 41.80
N GLY A 1259 -9.04 29.34 42.94
CA GLY A 1259 -7.78 29.19 43.65
C GLY A 1259 -6.60 29.79 42.93
N SER A 1260 -6.83 30.79 42.07
CA SER A 1260 -5.72 31.43 41.38
C SER A 1260 -4.80 32.15 42.36
N ASP A 1261 -5.31 32.49 43.54
CA ASP A 1261 -4.43 32.99 44.59
C ASP A 1261 -3.41 31.95 44.99
N GLU A 1262 -3.83 30.69 45.05
CA GLU A 1262 -2.93 29.55 45.20
C GLU A 1262 -2.58 28.97 43.84
N HIS A 1263 -2.09 29.82 42.94
CA HIS A 1263 -1.79 29.37 41.59
C HIS A 1263 -0.61 28.40 41.59
N ASN A 1264 -0.64 27.46 40.65
CA ASN A 1264 0.40 26.44 40.58
C ASN A 1264 1.76 27.06 40.28
N ALA A 1265 1.77 28.20 39.58
CA ALA A 1265 3.03 28.85 39.28
C ALA A 1265 3.70 29.39 40.53
N CYS A 1266 2.95 29.57 41.61
CA CYS A 1266 3.52 30.12 42.84
C CYS A 1266 4.53 29.17 43.45
N VAL A 1267 4.15 27.91 43.60
CA VAL A 1267 4.94 26.90 44.31
C VAL A 1267 5.46 27.49 45.62
N PRO A 1268 4.59 27.98 46.51
CA PRO A 1268 5.08 28.60 47.74
C PRO A 1268 5.64 27.55 48.70
N LYS A 1269 6.67 27.93 49.45
CA LYS A 1269 7.20 27.05 50.48
C LYS A 1269 6.16 26.80 51.56
N THR A 1270 5.61 27.86 52.12
CA THR A 1270 4.54 27.82 53.13
C THR A 1270 4.85 26.78 54.22
N CYS A 1271 5.91 27.05 54.96
CA CYS A 1271 6.29 26.16 56.04
C CYS A 1271 5.26 26.24 57.16
N PRO A 1272 4.62 25.13 57.53
CA PRO A 1272 3.67 25.17 58.66
C PRO A 1272 4.32 25.57 59.97
N SER A 1273 5.59 25.24 60.15
CA SER A 1273 6.31 25.60 61.36
C SER A 1273 7.10 26.89 61.17
N LEU A 1347 1.06 -10.60 96.98
CA LEU A 1347 -0.23 -11.21 96.71
C LEU A 1347 -0.19 -12.71 97.00
N CYS A 1348 0.19 -13.49 96.00
CA CYS A 1348 0.21 -14.94 96.14
C CYS A 1348 1.27 -15.38 97.15
N ASN A 1349 2.50 -14.91 96.97
CA ASN A 1349 3.58 -15.30 97.85
C ASN A 1349 3.57 -14.46 99.12
N GLY A 1350 4.50 -14.72 100.03
CA GLY A 1350 4.57 -13.96 101.26
C GLY A 1350 5.32 -12.66 101.06
N ASN A 1351 5.77 -12.42 99.83
CA ASN A 1351 6.49 -11.19 99.53
C ASN A 1351 7.74 -11.10 100.39
N SER A 1352 8.25 -12.24 100.82
CA SER A 1352 9.41 -12.25 101.70
C SER A 1352 10.61 -11.56 101.06
N CYS A 1353 10.66 -11.56 99.73
CA CYS A 1353 11.75 -10.89 99.05
C CYS A 1353 11.89 -9.51 99.63
N SER A 1354 10.78 -8.77 99.67
CA SER A 1354 10.80 -7.45 100.26
C SER A 1354 10.91 -7.57 101.76
N ASP A 1355 10.32 -8.63 102.32
CA ASP A 1355 10.32 -8.80 103.76
C ASP A 1355 11.73 -8.99 104.32
N PHE A 1356 12.50 -9.90 103.74
CA PHE A 1356 13.84 -10.17 104.26
C PHE A 1356 14.72 -10.84 103.21
N ASN A 1357 14.91 -10.18 102.07
CA ASN A 1357 15.65 -10.82 100.98
C ASN A 1357 14.92 -12.09 100.60
N GLY A 1358 13.78 -12.33 101.23
CA GLY A 1358 12.98 -13.49 100.90
C GLY A 1358 13.71 -14.81 101.00
N GLY A 1359 14.73 -14.86 101.84
CA GLY A 1359 15.52 -16.07 101.94
C GLY A 1359 15.93 -16.52 100.56
N CYS A 1360 16.22 -15.56 99.69
CA CYS A 1360 16.65 -15.88 98.35
C CYS A 1360 18.17 -15.82 98.28
N THR A 1361 18.79 -16.92 97.87
CA THR A 1361 20.25 -16.95 97.80
C THR A 1361 20.73 -15.77 96.98
N HIS A 1362 20.15 -15.59 95.79
CA HIS A 1362 20.50 -14.46 94.96
C HIS A 1362 19.66 -13.26 95.37
N GLU A 1363 20.06 -12.07 94.93
CA GLU A 1363 19.29 -10.87 95.25
C GLU A 1363 17.80 -11.13 95.13
N CYS A 1364 17.07 -10.83 96.19
CA CYS A 1364 15.62 -11.02 96.17
C CYS A 1364 14.99 -10.06 95.18
N VAL A 1365 13.90 -10.50 94.56
CA VAL A 1365 13.19 -9.63 93.63
C VAL A 1365 11.73 -9.56 94.01
N GLN A 1366 11.41 -8.68 94.95
CA GLN A 1366 10.03 -8.56 95.40
C GLN A 1366 9.08 -8.35 94.22
N GLU A 1367 8.20 -9.32 94.00
CA GLU A 1367 7.25 -9.20 92.90
C GLU A 1367 5.90 -8.87 93.50
N PRO A 1368 5.01 -8.22 92.72
CA PRO A 1368 3.74 -7.92 93.38
C PRO A 1368 3.11 -9.12 94.06
N PHE A 1369 3.27 -10.31 93.48
CA PHE A 1369 2.76 -11.52 94.13
C PHE A 1369 3.50 -11.80 95.43
N GLY A 1370 4.81 -11.54 95.45
CA GLY A 1370 5.57 -11.75 96.66
C GLY A 1370 7.05 -11.93 96.46
N ALA A 1371 7.60 -13.01 97.00
CA ALA A 1371 9.03 -13.26 96.90
C ALA A 1371 9.37 -13.96 95.59
N LYS A 1372 9.96 -13.21 94.66
CA LYS A 1372 10.35 -13.80 93.38
C LYS A 1372 11.81 -14.20 93.37
N CYS A 1373 12.68 -13.35 93.89
CA CYS A 1373 14.11 -13.62 93.88
C CYS A 1373 14.59 -13.69 92.44
N LEU A 1374 15.81 -14.18 92.24
CA LEU A 1374 16.34 -14.33 90.88
C LEU A 1374 17.61 -15.15 90.90
N CYS A 1375 18.26 -15.29 89.75
CA CYS A 1375 19.52 -16.02 89.68
C CYS A 1375 20.34 -15.50 88.51
N PRO A 1376 21.63 -15.28 88.72
CA PRO A 1376 22.49 -14.86 87.60
C PRO A 1376 22.56 -15.94 86.54
N LEU A 1377 23.24 -15.59 85.44
CA LEU A 1377 23.43 -16.54 84.35
C LEU A 1377 24.21 -17.76 84.84
N GLY A 1378 23.76 -18.94 84.43
CA GLY A 1378 24.37 -20.17 84.89
C GLY A 1378 23.92 -20.63 86.25
N PHE A 1379 22.91 -19.98 86.83
CA PHE A 1379 22.36 -20.35 88.13
C PHE A 1379 20.87 -20.60 87.99
N LEU A 1380 20.36 -21.57 88.73
CA LEU A 1380 18.97 -21.98 88.65
C LEU A 1380 18.34 -21.94 90.04
N LEU A 1381 17.10 -21.46 90.10
CA LEU A 1381 16.40 -21.44 91.37
C LEU A 1381 16.02 -22.86 91.78
N ALA A 1382 16.00 -23.11 93.08
CA ALA A 1382 15.65 -24.42 93.61
C ALA A 1382 14.14 -24.58 93.62
N ASN A 1383 13.66 -25.62 94.30
CA ASN A 1383 12.21 -25.85 94.40
C ASN A 1383 11.51 -24.69 95.12
N ASP A 1384 12.21 -24.09 96.07
CA ASP A 1384 11.67 -22.94 96.78
C ASP A 1384 11.67 -21.73 95.87
N SER A 1385 12.41 -21.83 94.77
CA SER A 1385 12.51 -20.71 93.83
C SER A 1385 13.10 -19.48 94.52
N LYS A 1386 13.97 -19.69 95.49
CA LYS A 1386 14.61 -18.58 96.18
C LYS A 1386 16.11 -18.79 96.21
N THR A 1387 16.53 -20.02 96.44
CA THR A 1387 17.96 -20.33 96.48
C THR A 1387 18.46 -20.74 95.10
N CYS A 1388 19.56 -20.12 94.66
CA CYS A 1388 20.11 -20.45 93.35
C CYS A 1388 21.04 -21.65 93.44
N GLU A 1389 21.13 -22.39 92.34
CA GLU A 1389 22.01 -23.54 92.24
C GLU A 1389 23.04 -23.29 91.16
N ASP A 1390 23.92 -24.27 90.89
CA ASP A 1390 24.91 -24.14 89.84
C ASP A 1390 24.51 -25.02 88.68
N ILE A 1391 24.55 -24.45 87.47
CA ILE A 1391 24.21 -25.16 86.25
C ILE A 1391 25.47 -25.80 85.72
N ASP A 1392 25.45 -27.12 85.57
CA ASP A 1392 26.57 -27.87 84.99
C ASP A 1392 26.38 -27.87 83.48
N GLU A 1393 26.96 -26.88 82.81
CA GLU A 1393 26.85 -26.80 81.36
C GLU A 1393 27.52 -27.99 80.69
N CYS A 1394 28.56 -28.54 81.32
CA CYS A 1394 29.22 -29.73 80.78
C CYS A 1394 28.25 -30.89 80.65
N ASP A 1395 27.28 -30.99 81.56
CA ASP A 1395 26.28 -32.04 81.48
C ASP A 1395 25.47 -31.93 80.20
N ILE A 1396 25.19 -30.70 79.76
CA ILE A 1396 24.44 -30.48 78.54
C ILE A 1396 25.28 -30.91 77.34
N LEU A 1397 24.68 -31.71 76.46
CA LEU A 1397 25.38 -32.15 75.26
C LEU A 1397 25.69 -30.97 74.36
N GLY A 1398 26.84 -31.03 73.71
CA GLY A 1398 27.25 -29.94 72.83
C GLY A 1398 27.71 -28.70 73.55
N SER A 1399 28.07 -28.81 74.83
CA SER A 1399 28.62 -27.67 75.55
C SER A 1399 29.88 -27.16 74.87
N CYS A 1400 30.82 -28.06 74.59
CA CYS A 1400 32.00 -27.70 73.82
C CYS A 1400 32.55 -28.97 73.18
N SER A 1401 33.39 -28.76 72.17
CA SER A 1401 33.86 -29.87 71.35
C SER A 1401 34.71 -30.85 72.15
N GLN A 1402 35.33 -30.38 73.23
CA GLN A 1402 36.27 -31.21 73.97
C GLN A 1402 36.10 -31.03 75.48
N HIS A 1403 37.08 -31.52 76.26
CA HIS A 1403 36.97 -31.61 77.71
C HIS A 1403 36.41 -30.33 78.32
N CYS A 1404 35.52 -30.49 79.28
CA CYS A 1404 34.74 -29.40 79.84
C CYS A 1404 34.94 -29.33 81.35
N TYR A 1405 34.89 -28.11 81.88
CA TYR A 1405 35.06 -27.87 83.30
C TYR A 1405 33.90 -27.01 83.77
N ASN A 1406 33.06 -27.56 84.63
CA ASN A 1406 31.95 -26.78 85.18
C ASN A 1406 32.46 -25.68 86.09
N MET A 1407 31.82 -24.52 86.03
CA MET A 1407 32.17 -23.39 86.86
C MET A 1407 30.91 -22.74 87.41
N ARG A 1408 31.10 -21.83 88.35
CA ARG A 1408 29.98 -21.10 88.94
C ARG A 1408 29.37 -20.14 87.92
N GLY A 1409 28.22 -20.50 87.37
CA GLY A 1409 27.55 -19.65 86.41
C GLY A 1409 28.20 -19.62 85.05
N SER A 1410 29.15 -20.51 84.79
CA SER A 1410 29.85 -20.57 83.52
C SER A 1410 30.50 -21.94 83.43
N PHE A 1411 31.29 -22.14 82.38
CA PHE A 1411 31.93 -23.44 82.15
C PHE A 1411 33.22 -23.24 81.38
N ARG A 1412 34.28 -23.88 81.85
CA ARG A 1412 35.56 -23.84 81.16
C ARG A 1412 35.71 -25.08 80.28
N CYS A 1413 36.41 -24.90 79.16
CA CYS A 1413 36.62 -25.99 78.22
C CYS A 1413 38.07 -25.99 77.77
N SER A 1414 38.53 -27.18 77.39
CA SER A 1414 39.89 -27.37 76.88
C SER A 1414 39.81 -27.95 75.48
N CYS A 1415 40.99 -28.21 74.89
CA CYS A 1415 41.09 -28.80 73.57
C CYS A 1415 42.27 -29.76 73.54
N ASP A 1416 42.29 -30.57 72.48
CA ASP A 1416 43.39 -31.51 72.27
C ASP A 1416 44.67 -30.75 71.90
N THR A 1417 45.80 -31.45 72.06
CA THR A 1417 47.08 -30.87 71.68
C THR A 1417 47.09 -30.44 70.22
N GLY A 1418 46.39 -31.18 69.37
CA GLY A 1418 46.23 -30.81 67.98
C GLY A 1418 45.04 -29.94 67.67
N TYR A 1419 44.33 -29.47 68.70
CA TYR A 1419 43.13 -28.66 68.52
C TYR A 1419 43.32 -27.29 69.16
N MET A 1420 42.74 -26.28 68.53
CA MET A 1420 42.84 -24.90 68.98
C MET A 1420 41.47 -24.40 69.42
N LEU A 1421 41.41 -23.79 70.60
CA LEU A 1421 40.15 -23.26 71.09
C LEU A 1421 39.71 -22.06 70.28
N GLU A 1422 38.44 -22.04 69.88
CA GLU A 1422 37.92 -20.95 69.08
C GLU A 1422 37.73 -19.69 69.94
N SER A 1423 37.33 -18.60 69.28
CA SER A 1423 37.14 -17.34 69.98
C SER A 1423 36.03 -17.44 71.02
N ASP A 1424 34.96 -18.19 70.71
CA ASP A 1424 33.85 -18.30 71.65
C ASP A 1424 34.25 -19.04 72.91
N GLY A 1425 35.32 -19.83 72.86
CA GLY A 1425 35.74 -20.62 74.00
C GLY A 1425 34.97 -21.90 74.20
N ARG A 1426 34.03 -22.22 73.31
CA ARG A 1426 33.22 -23.42 73.41
C ARG A 1426 33.37 -24.32 72.19
N THR A 1427 34.45 -24.16 71.44
CA THR A 1427 34.67 -24.92 70.22
C THR A 1427 36.16 -25.09 69.99
N CYS A 1428 36.55 -26.30 69.58
CA CYS A 1428 37.93 -26.61 69.24
C CYS A 1428 38.03 -26.84 67.74
N LYS A 1429 39.12 -26.40 67.14
CA LYS A 1429 39.38 -26.59 65.72
C LYS A 1429 40.81 -27.11 65.56
N VAL A 1430 41.01 -27.90 64.49
CA VAL A 1430 42.29 -28.56 64.30
C VAL A 1430 43.39 -27.53 64.10
N THR A 1431 44.49 -27.68 64.84
CA THR A 1431 45.62 -26.78 64.68
C THR A 1431 46.24 -26.93 63.30
N ALA A 1432 46.37 -28.16 62.82
CA ALA A 1432 46.96 -28.40 61.51
C ALA A 1432 46.08 -27.80 60.42
N SER A 1433 46.73 -27.23 59.40
CA SER A 1433 46.02 -26.57 58.32
C SER A 1433 45.64 -27.52 57.19
N GLU A 1434 46.06 -28.78 57.26
CA GLU A 1434 45.74 -29.73 56.19
C GLU A 1434 44.25 -29.98 56.13
N SER A 1435 43.73 -30.12 54.91
CA SER A 1435 42.31 -30.39 54.74
C SER A 1435 41.97 -31.82 55.16
N LEU A 1436 40.68 -32.09 55.24
CA LEU A 1436 40.19 -33.43 55.54
C LEU A 1436 39.85 -34.13 54.24
N LEU A 1437 40.46 -35.29 54.00
CA LEU A 1437 40.19 -36.09 52.82
C LEU A 1437 39.13 -37.12 53.18
N LEU A 1438 37.88 -36.82 52.86
CA LEU A 1438 36.75 -37.67 53.21
C LEU A 1438 36.64 -38.81 52.20
N LEU A 1439 37.56 -39.77 52.33
CA LEU A 1439 37.57 -40.91 51.43
C LEU A 1439 36.32 -41.75 51.61
N VAL A 1440 35.67 -42.09 50.49
CA VAL A 1440 34.49 -42.95 50.49
C VAL A 1440 34.68 -44.00 49.41
N ALA A 1441 34.51 -45.26 49.78
CA ALA A 1441 34.63 -46.34 48.80
C ALA A 1441 33.46 -46.29 47.83
N SER A 1442 33.66 -46.92 46.68
CA SER A 1442 32.61 -47.02 45.67
C SER A 1442 32.55 -48.45 45.16
N GLN A 1443 31.70 -48.66 44.16
CA GLN A 1443 31.54 -50.00 43.61
C GLN A 1443 32.83 -50.51 43.01
N ASN A 1444 33.57 -49.63 42.32
CA ASN A 1444 34.82 -50.04 41.69
C ASN A 1444 35.94 -49.01 41.85
N LYS A 1445 35.81 -48.06 42.77
CA LYS A 1445 36.78 -46.98 42.87
C LYS A 1445 36.73 -46.41 44.29
N ILE A 1446 37.65 -45.49 44.56
CA ILE A 1446 37.70 -44.77 45.83
C ILE A 1446 37.42 -43.31 45.54
N ILE A 1447 36.40 -42.76 46.17
CA ILE A 1447 36.00 -41.37 45.95
C ILE A 1447 36.43 -40.55 47.14
N ALA A 1448 37.26 -39.53 46.90
CA ALA A 1448 37.79 -38.68 47.95
C ALA A 1448 37.40 -37.22 47.69
N ASP A 1449 37.08 -36.51 48.76
CA ASP A 1449 36.66 -35.11 48.67
C ASP A 1449 37.61 -34.25 49.48
N SER A 1450 38.12 -33.18 48.85
CA SER A 1450 38.96 -32.18 49.51
C SER A 1450 38.25 -30.84 49.37
N VAL A 1451 37.69 -30.35 50.48
CA VAL A 1451 36.88 -29.14 50.46
C VAL A 1451 37.70 -27.97 50.99
N THR A 1452 39.02 -28.08 50.90
CA THR A 1452 39.88 -26.98 51.32
C THR A 1452 39.60 -25.74 50.47
N SER A 1453 39.48 -24.60 51.15
CA SER A 1453 39.15 -23.33 50.51
C SER A 1453 37.86 -23.46 49.68
N GLN A 1454 36.87 -24.10 50.30
CA GLN A 1454 35.56 -24.39 49.69
C GLN A 1454 35.69 -24.77 48.21
N VAL A 1455 36.59 -25.70 47.94
CA VAL A 1455 36.79 -26.18 46.58
C VAL A 1455 35.88 -27.36 46.24
N HIS A 1456 35.62 -28.23 47.21
CA HIS A 1456 34.83 -29.45 47.00
C HIS A 1456 35.47 -30.32 45.92
N ASN A 1457 36.77 -30.55 46.05
CA ASN A 1457 37.53 -31.32 45.07
C ASN A 1457 37.17 -32.80 45.23
N ILE A 1458 36.21 -33.25 44.44
CA ILE A 1458 35.79 -34.65 44.46
C ILE A 1458 36.51 -35.36 43.32
N TYR A 1459 37.50 -36.18 43.66
CA TYR A 1459 38.30 -36.88 42.68
C TYR A 1459 38.46 -38.34 43.10
N SER A 1460 38.55 -39.22 42.12
CA SER A 1460 38.65 -40.65 42.35
C SER A 1460 40.14 -41.01 42.48
N LEU A 1461 40.57 -41.27 43.72
CA LEU A 1461 41.98 -41.53 43.98
C LEU A 1461 42.44 -42.82 43.29
N VAL A 1462 41.64 -43.88 43.38
CA VAL A 1462 41.92 -45.14 42.73
C VAL A 1462 40.67 -45.59 41.98
N GLU A 1463 40.84 -46.02 40.73
CA GLU A 1463 39.73 -46.46 39.91
C GLU A 1463 39.81 -47.91 39.45
N ASN A 1464 40.99 -48.54 39.52
CA ASN A 1464 41.14 -49.92 39.09
C ASN A 1464 40.89 -50.86 40.27
N GLY A 1465 39.61 -50.99 40.61
CA GLY A 1465 39.20 -51.86 41.70
C GLY A 1465 37.96 -52.67 41.38
N SER A 1466 37.86 -53.87 41.96
CA SER A 1466 36.69 -54.71 41.69
C SER A 1466 35.52 -54.33 42.58
N TYR A 1467 35.69 -54.46 43.90
CA TYR A 1467 34.65 -54.06 44.85
C TYR A 1467 35.27 -53.69 46.18
N ILE A 1468 35.48 -52.39 46.40
CA ILE A 1468 36.20 -51.94 47.59
C ILE A 1468 35.22 -51.67 48.72
N VAL A 1469 35.52 -52.18 49.90
CA VAL A 1469 34.63 -52.10 51.05
C VAL A 1469 35.20 -51.21 52.15
N ALA A 1470 36.36 -51.59 52.69
CA ALA A 1470 36.95 -50.89 53.82
C ALA A 1470 38.04 -49.94 53.34
N VAL A 1471 38.19 -48.82 54.05
CA VAL A 1471 39.19 -47.82 53.72
C VAL A 1471 39.81 -47.31 55.02
N ASP A 1472 41.11 -47.06 55.00
CA ASP A 1472 41.79 -46.49 56.14
C ASP A 1472 43.10 -45.88 55.67
N PHE A 1473 43.70 -45.04 56.53
CA PHE A 1473 44.92 -44.34 56.19
C PHE A 1473 45.92 -44.45 57.32
N ASP A 1474 47.20 -44.35 56.97
CA ASP A 1474 48.29 -44.33 57.94
C ASP A 1474 48.87 -42.91 57.98
N SER A 1475 48.84 -42.30 59.17
CA SER A 1475 49.34 -40.94 59.29
C SER A 1475 50.87 -40.89 59.19
N ILE A 1476 51.55 -41.88 59.76
CA ILE A 1476 53.01 -41.84 59.80
C ILE A 1476 53.60 -41.95 58.40
N SER A 1477 53.13 -42.93 57.63
CA SER A 1477 53.65 -43.16 56.28
C SER A 1477 52.88 -42.39 55.22
N GLY A 1478 51.79 -41.73 55.58
CA GLY A 1478 51.00 -41.00 54.60
C GLY A 1478 50.45 -41.91 53.51
N ARG A 1479 50.00 -43.10 53.92
CA ARG A 1479 49.52 -44.10 52.97
C ARG A 1479 48.05 -44.38 53.22
N ILE A 1480 47.39 -44.93 52.20
CA ILE A 1480 45.98 -45.25 52.22
C ILE A 1480 45.82 -46.76 52.05
N PHE A 1481 45.10 -47.38 52.97
CA PHE A 1481 44.85 -48.82 52.95
C PHE A 1481 43.38 -49.07 52.67
N TRP A 1482 43.10 -49.92 51.69
CA TRP A 1482 41.73 -50.31 51.39
C TRP A 1482 41.70 -51.78 50.98
N SER A 1483 40.53 -52.40 51.17
CA SER A 1483 40.35 -53.81 50.92
C SER A 1483 39.27 -54.02 49.87
N ASP A 1484 39.49 -55.00 49.00
CA ASP A 1484 38.55 -55.36 47.93
C ASP A 1484 37.98 -56.73 48.24
N ALA A 1485 36.65 -56.82 48.29
CA ALA A 1485 36.01 -58.09 48.60
C ALA A 1485 36.20 -59.10 47.47
N THR A 1486 35.92 -58.68 46.24
CA THR A 1486 36.04 -59.59 45.11
C THR A 1486 37.49 -60.00 44.88
N GLN A 1487 38.40 -59.02 44.92
CA GLN A 1487 39.82 -59.34 44.78
C GLN A 1487 40.36 -60.09 45.99
N GLY A 1488 39.71 -59.95 47.15
CA GLY A 1488 40.22 -60.60 48.35
C GLY A 1488 41.62 -60.17 48.72
N LYS A 1489 41.93 -58.90 48.53
CA LYS A 1489 43.26 -58.40 48.78
C LYS A 1489 43.18 -57.05 49.48
N THR A 1490 44.24 -56.72 50.22
CA THR A 1490 44.36 -55.45 50.92
C THR A 1490 45.39 -54.59 50.18
N TRP A 1491 44.92 -53.57 49.49
CA TRP A 1491 45.78 -52.70 48.69
C TRP A 1491 46.24 -51.52 49.51
N SER A 1492 47.46 -51.05 49.24
CA SER A 1492 48.04 -49.90 49.90
C SER A 1492 48.64 -48.97 48.88
N ALA A 1493 48.56 -47.68 49.15
CA ALA A 1493 49.08 -46.66 48.25
C ALA A 1493 49.25 -45.36 49.01
N PHE A 1494 50.02 -44.44 48.42
CA PHE A 1494 50.19 -43.12 49.00
C PHE A 1494 48.92 -42.29 48.81
N GLN A 1495 48.88 -41.14 49.50
CA GLN A 1495 47.76 -40.22 49.31
C GLN A 1495 47.74 -39.60 47.92
N ASN A 1496 48.82 -39.75 47.16
CA ASN A 1496 48.80 -39.25 45.79
C ASN A 1496 48.31 -40.32 44.82
N GLY A 1497 47.69 -41.38 45.35
CA GLY A 1497 47.15 -42.40 44.49
C GLY A 1497 48.18 -43.24 43.78
N THR A 1498 49.44 -43.15 44.20
CA THR A 1498 50.56 -43.85 43.57
C THR A 1498 51.09 -44.94 44.49
N ASP A 1499 52.02 -45.72 43.95
CA ASP A 1499 52.61 -46.86 44.66
C ASP A 1499 51.52 -47.83 45.14
N ARG A 1500 50.58 -48.12 44.25
CA ARG A 1500 49.53 -49.08 44.57
C ARG A 1500 50.12 -50.48 44.68
N ARG A 1501 50.03 -51.07 45.87
CA ARG A 1501 50.59 -52.38 46.13
C ARG A 1501 49.71 -53.11 47.13
N VAL A 1502 49.71 -54.43 47.05
CA VAL A 1502 48.86 -55.26 47.91
C VAL A 1502 49.66 -55.70 49.13
N VAL A 1503 49.07 -55.53 50.31
CA VAL A 1503 49.79 -55.81 51.56
C VAL A 1503 50.02 -57.31 51.71
N PHE A 1504 48.99 -58.12 51.48
CA PHE A 1504 49.05 -59.56 51.72
C PHE A 1504 49.04 -60.29 50.39
N ASP A 1505 50.07 -61.11 50.16
CA ASP A 1505 50.11 -61.92 48.94
C ASP A 1505 48.98 -62.94 48.92
N SER A 1506 48.68 -63.53 50.08
CA SER A 1506 47.58 -64.47 50.18
C SER A 1506 46.25 -63.75 50.03
N SER A 1507 45.23 -64.52 49.67
CA SER A 1507 43.90 -63.95 49.41
C SER A 1507 43.07 -63.97 50.69
N ILE A 1508 43.32 -62.96 51.54
CA ILE A 1508 42.48 -62.76 52.71
C ILE A 1508 41.17 -62.12 52.28
N ILE A 1509 40.06 -62.83 52.47
CA ILE A 1509 38.80 -62.45 51.87
C ILE A 1509 37.86 -61.92 52.95
N LEU A 1510 36.81 -61.24 52.47
CA LEU A 1510 35.72 -60.75 53.31
C LEU A 1510 36.24 -59.88 54.47
N THR A 1511 37.22 -59.05 54.16
CA THR A 1511 37.74 -58.09 55.13
C THR A 1511 36.78 -56.91 55.20
N GLU A 1512 35.79 -57.04 56.09
CA GLU A 1512 34.73 -56.04 56.17
C GLU A 1512 35.28 -54.69 56.60
N THR A 1513 36.18 -54.66 57.57
CA THR A 1513 36.72 -53.40 58.07
C THR A 1513 38.21 -53.55 58.33
N ILE A 1514 38.91 -52.41 58.29
CA ILE A 1514 40.34 -52.34 58.53
C ILE A 1514 40.61 -51.25 59.55
N ALA A 1515 41.39 -51.55 60.58
CA ALA A 1515 41.79 -50.58 61.58
C ALA A 1515 43.31 -50.61 61.71
N ILE A 1516 43.92 -49.43 61.69
CA ILE A 1516 45.38 -49.30 61.66
C ILE A 1516 45.84 -48.83 63.03
N ASP A 1517 46.69 -49.63 63.67
CA ASP A 1517 47.33 -49.26 64.93
C ASP A 1517 48.60 -48.49 64.58
N TRP A 1518 48.47 -47.17 64.43
CA TRP A 1518 49.62 -46.35 64.06
C TRP A 1518 50.66 -46.33 65.17
N VAL A 1519 50.23 -46.35 66.42
CA VAL A 1519 51.18 -46.35 67.53
C VAL A 1519 52.02 -47.62 67.52
N GLY A 1520 51.38 -48.77 67.38
CA GLY A 1520 52.07 -50.04 67.35
C GLY A 1520 52.52 -50.49 65.99
N ARG A 1521 52.22 -49.72 64.93
CA ARG A 1521 52.56 -50.08 63.56
C ARG A 1521 51.98 -51.43 63.16
N ASN A 1522 50.76 -51.70 63.61
CA ASN A 1522 50.08 -52.96 63.33
C ASN A 1522 48.77 -52.70 62.62
N LEU A 1523 48.28 -53.72 61.92
CA LEU A 1523 47.04 -53.66 61.17
C LEU A 1523 46.06 -54.65 61.76
N TYR A 1524 44.85 -54.18 62.07
CA TYR A 1524 43.78 -55.03 62.56
C TYR A 1524 42.67 -55.07 61.52
N TRP A 1525 42.11 -56.26 61.32
CA TRP A 1525 41.00 -56.42 60.38
C TRP A 1525 40.13 -57.57 60.82
N THR A 1526 38.89 -57.58 60.32
CA THR A 1526 37.92 -58.61 60.63
C THR A 1526 37.62 -59.39 59.37
N ASP A 1527 37.77 -60.72 59.45
CA ASP A 1527 37.53 -61.61 58.32
C ASP A 1527 36.14 -62.21 58.48
N TYR A 1528 35.21 -61.79 57.62
CA TYR A 1528 33.86 -62.30 57.73
C TYR A 1528 33.80 -63.78 57.37
N ALA A 1529 34.60 -64.22 56.40
CA ALA A 1529 34.59 -65.62 56.00
C ALA A 1529 35.02 -66.53 57.14
N LEU A 1530 36.06 -66.15 57.87
CA LEU A 1530 36.53 -66.92 59.00
C LEU A 1530 35.90 -66.51 60.32
N GLU A 1531 35.13 -65.42 60.33
CA GLU A 1531 34.45 -64.93 61.53
C GLU A 1531 35.44 -64.71 62.67
N THR A 1532 36.57 -64.08 62.34
CA THR A 1532 37.62 -63.85 63.32
C THR A 1532 38.18 -62.45 63.14
N ILE A 1533 38.71 -61.89 64.22
CA ILE A 1533 39.43 -60.63 64.19
C ILE A 1533 40.92 -60.96 64.13
N GLU A 1534 41.55 -60.63 63.00
CA GLU A 1534 42.94 -60.97 62.77
C GLU A 1534 43.79 -59.71 62.76
N VAL A 1535 45.00 -59.84 63.31
CA VAL A 1535 45.92 -58.72 63.46
C VAL A 1535 47.27 -59.11 62.88
N SER A 1536 47.91 -58.16 62.20
CA SER A 1536 49.23 -58.38 61.63
C SER A 1536 49.97 -57.05 61.59
N LYS A 1537 51.29 -57.13 61.41
CA LYS A 1537 52.08 -55.92 61.25
C LYS A 1537 51.66 -55.21 59.97
N ILE A 1538 51.97 -53.91 59.90
CA ILE A 1538 51.48 -53.08 58.81
C ILE A 1538 52.01 -53.58 57.46
N ASP A 1539 53.19 -54.18 57.46
CA ASP A 1539 53.69 -54.79 56.22
C ASP A 1539 53.00 -56.13 55.95
N GLY A 1540 52.67 -56.87 57.00
CA GLY A 1540 52.03 -58.15 56.88
C GLY A 1540 52.89 -59.35 57.24
N SER A 1541 53.85 -59.20 58.15
CA SER A 1541 54.79 -60.27 58.43
C SER A 1541 54.11 -61.45 59.12
N HIS A 1542 53.35 -61.18 60.19
CA HIS A 1542 52.76 -62.25 61.00
C HIS A 1542 51.28 -61.98 61.20
N ARG A 1543 50.43 -62.69 60.47
CA ARG A 1543 48.99 -62.59 60.65
C ARG A 1543 48.55 -63.61 61.70
N THR A 1544 47.74 -63.15 62.65
CA THR A 1544 47.30 -63.97 63.77
C THR A 1544 45.85 -63.69 64.09
N VAL A 1545 45.10 -64.74 64.37
CA VAL A 1545 43.71 -64.60 64.83
C VAL A 1545 43.76 -64.07 66.26
N LEU A 1546 43.14 -62.91 66.48
CA LEU A 1546 43.17 -62.32 67.82
C LEU A 1546 41.96 -62.77 68.64
N ILE A 1547 40.77 -62.66 68.08
CA ILE A 1547 39.54 -63.09 68.75
C ILE A 1547 38.79 -64.03 67.82
N SER A 1548 38.44 -65.20 68.34
CA SER A 1548 37.73 -66.19 67.52
C SER A 1548 36.45 -66.68 68.20
N LYS A 1549 36.49 -66.81 69.53
CA LYS A 1549 35.36 -67.42 70.24
C LYS A 1549 34.18 -66.45 70.30
N ASN A 1550 32.98 -67.02 70.32
CA ASN A 1550 31.78 -66.19 70.46
C ASN A 1550 31.78 -65.02 69.51
N LEU A 1551 32.07 -65.28 68.25
CA LEU A 1551 32.05 -64.22 67.25
C LEU A 1551 31.49 -64.79 65.96
N THR A 1552 30.43 -64.17 65.44
CA THR A 1552 29.73 -64.70 64.28
C THR A 1552 29.86 -63.80 63.05
N ASN A 1553 29.49 -62.52 63.15
CA ASN A 1553 29.52 -61.59 62.04
C ASN A 1553 30.21 -60.31 62.49
N PRO A 1554 31.53 -60.32 62.64
CA PRO A 1554 32.22 -59.11 63.09
C PRO A 1554 32.35 -58.06 62.00
N ARG A 1555 31.58 -56.98 62.12
CA ARG A 1555 31.65 -55.86 61.19
C ARG A 1555 31.83 -54.59 61.99
N GLY A 1556 32.82 -53.78 61.62
CA GLY A 1556 33.08 -52.56 62.34
C GLY A 1556 34.16 -52.73 63.38
N LEU A 1557 35.24 -51.98 63.24
CA LEU A 1557 36.39 -52.11 64.12
C LEU A 1557 36.88 -50.73 64.52
N ALA A 1558 37.55 -50.65 65.66
CA ALA A 1558 38.07 -49.38 66.15
C ALA A 1558 39.20 -49.63 67.13
N LEU A 1559 40.16 -48.71 67.16
CA LEU A 1559 41.32 -48.81 68.02
C LEU A 1559 41.54 -47.51 68.76
N ASP A 1560 42.05 -47.60 69.98
CA ASP A 1560 42.48 -46.45 70.76
C ASP A 1560 43.88 -46.75 71.29
N PRO A 1561 44.89 -46.64 70.45
CA PRO A 1561 46.24 -47.04 70.87
C PRO A 1561 46.93 -46.03 71.78
N ARG A 1562 46.24 -44.99 72.23
CA ARG A 1562 46.86 -44.04 73.13
C ARG A 1562 47.25 -44.73 74.44
N MET A 1563 48.35 -44.26 75.02
CA MET A 1563 49.05 -45.04 76.04
C MET A 1563 48.16 -45.41 77.21
N ASN A 1564 47.16 -44.58 77.51
CA ASN A 1564 46.31 -44.84 78.67
C ASN A 1564 45.17 -45.80 78.38
N GLU A 1565 44.88 -46.12 77.13
CA GLU A 1565 43.72 -46.96 76.81
C GLU A 1565 44.13 -48.29 76.20
N HIS A 1566 44.83 -48.30 75.07
CA HIS A 1566 45.23 -49.54 74.39
C HIS A 1566 44.05 -50.49 74.23
N LEU A 1567 42.92 -49.95 73.77
CA LEU A 1567 41.67 -50.69 73.72
C LEU A 1567 41.29 -51.01 72.27
N LEU A 1568 40.37 -51.98 72.14
CA LEU A 1568 39.88 -52.42 70.85
C LEU A 1568 38.37 -52.59 70.93
N PHE A 1569 37.66 -52.21 69.87
CA PHE A 1569 36.22 -52.33 69.82
C PHE A 1569 35.81 -52.99 68.51
N TRP A 1570 34.73 -53.78 68.59
CA TRP A 1570 34.15 -54.37 67.39
C TRP A 1570 32.68 -54.62 67.64
N SER A 1571 31.95 -54.71 66.52
CA SER A 1571 30.49 -54.91 66.59
C SER A 1571 30.09 -56.17 65.83
N ASP A 1572 29.29 -57.03 66.45
CA ASP A 1572 28.80 -58.24 65.81
C ASP A 1572 27.31 -58.10 65.57
N TRP A 1573 26.87 -58.39 64.35
CA TRP A 1573 25.46 -58.30 64.00
C TRP A 1573 24.82 -59.65 63.76
N GLY A 1574 25.40 -60.71 64.32
CA GLY A 1574 24.83 -62.03 64.18
C GLY A 1574 23.93 -62.38 65.34
N HIS A 1575 23.88 -63.66 65.70
CA HIS A 1575 23.09 -64.11 66.84
C HIS A 1575 23.50 -63.35 68.09
N HIS A 1576 22.50 -62.79 68.78
CA HIS A 1576 22.71 -61.91 69.93
C HIS A 1576 23.67 -60.78 69.57
N PRO A 1577 23.24 -59.81 68.77
CA PRO A 1577 24.15 -58.74 68.36
C PRO A 1577 24.62 -57.92 69.54
N ARG A 1578 25.84 -57.39 69.43
CA ARG A 1578 26.46 -56.67 70.54
C ARG A 1578 27.66 -55.91 70.03
N ILE A 1579 28.17 -55.02 70.88
CA ILE A 1579 29.45 -54.35 70.66
C ILE A 1579 30.34 -54.69 71.85
N GLU A 1580 31.51 -55.26 71.56
CA GLU A 1580 32.40 -55.74 72.61
C GLU A 1580 33.69 -54.94 72.62
N ARG A 1581 34.34 -54.93 73.78
CA ARG A 1581 35.64 -54.30 73.94
C ARG A 1581 36.62 -55.31 74.52
N ALA A 1582 37.84 -55.30 73.99
CA ALA A 1582 38.91 -56.13 74.53
C ALA A 1582 40.22 -55.38 74.36
N SER A 1583 41.18 -55.70 75.22
CA SER A 1583 42.49 -55.10 75.09
C SER A 1583 43.13 -55.52 73.78
N MET A 1584 43.94 -54.63 73.20
CA MET A 1584 44.49 -54.86 71.88
C MET A 1584 45.39 -56.10 71.81
N ASP A 1585 45.69 -56.72 72.95
CA ASP A 1585 46.35 -58.02 72.92
C ASP A 1585 45.37 -59.17 72.79
N GLY A 1586 44.07 -58.89 72.86
CA GLY A 1586 43.05 -59.92 72.78
C GLY A 1586 42.45 -60.33 74.11
N SER A 1587 42.93 -59.78 75.22
CA SER A 1587 42.44 -60.14 76.53
C SER A 1587 41.41 -59.12 77.01
N MET A 1588 40.83 -59.41 78.18
CA MET A 1588 39.85 -58.52 78.82
C MET A 1588 38.68 -58.24 77.89
N ARG A 1589 38.00 -59.31 77.49
CA ARG A 1589 36.90 -59.22 76.55
C ARG A 1589 35.59 -59.00 77.32
N THR A 1590 34.97 -57.85 77.09
CA THR A 1590 33.70 -57.51 77.73
C THR A 1590 32.73 -57.00 76.68
N VAL A 1591 31.43 -57.17 76.95
CA VAL A 1591 30.38 -56.69 76.06
C VAL A 1591 29.90 -55.36 76.63
N ILE A 1592 30.36 -54.26 76.02
CA ILE A 1592 30.02 -52.95 76.56
C ILE A 1592 28.57 -52.58 76.25
N VAL A 1593 28.11 -52.82 75.03
CA VAL A 1593 26.76 -52.47 74.61
C VAL A 1593 26.10 -53.71 74.04
N GLN A 1594 24.93 -54.06 74.56
CA GLN A 1594 24.20 -55.22 74.06
C GLN A 1594 22.70 -55.00 74.04
N ASP A 1595 22.22 -53.79 74.33
CA ASP A 1595 20.80 -53.50 74.36
C ASP A 1595 20.47 -52.46 73.29
N LYS A 1596 19.25 -52.56 72.76
CA LYS A 1596 18.78 -51.68 71.69
C LYS A 1596 19.73 -51.74 70.49
N ILE A 1597 20.19 -52.95 70.17
CA ILE A 1597 21.11 -53.19 69.07
C ILE A 1597 20.55 -54.28 68.19
N PHE A 1598 20.47 -54.02 66.89
CA PHE A 1598 20.05 -55.05 65.96
C PHE A 1598 21.15 -55.35 64.93
N TRP A 1599 21.60 -54.32 64.21
CA TRP A 1599 22.60 -54.45 63.16
C TRP A 1599 23.65 -53.36 63.35
N PRO A 1600 24.58 -53.55 64.27
CA PRO A 1600 25.59 -52.51 64.52
C PRO A 1600 26.62 -52.44 63.39
N CYS A 1601 26.24 -51.79 62.28
CA CYS A 1601 27.09 -51.81 61.09
C CYS A 1601 28.34 -50.96 61.28
N GLY A 1602 28.20 -49.77 61.85
CA GLY A 1602 29.29 -48.82 61.91
C GLY A 1602 29.80 -48.63 63.33
N LEU A 1603 31.03 -48.13 63.41
CA LEU A 1603 31.68 -47.92 64.70
C LEU A 1603 32.91 -47.04 64.51
N THR A 1604 33.03 -46.01 65.34
CA THR A 1604 34.17 -45.10 65.31
C THR A 1604 34.49 -44.64 66.73
N ILE A 1605 35.60 -43.92 66.87
CA ILE A 1605 36.10 -43.45 68.15
C ILE A 1605 36.41 -41.97 68.06
N ASP A 1606 36.03 -41.21 69.10
CA ASP A 1606 36.41 -39.82 69.25
C ASP A 1606 37.48 -39.76 70.33
N TYR A 1607 38.74 -39.78 69.90
CA TYR A 1607 39.87 -39.89 70.82
C TYR A 1607 39.93 -38.81 71.88
N PRO A 1608 39.69 -37.52 71.59
CA PRO A 1608 39.71 -36.53 72.68
C PRO A 1608 38.57 -36.71 73.67
N ASN A 1609 37.35 -36.89 73.18
CA ASN A 1609 36.18 -36.98 74.05
C ASN A 1609 36.06 -38.30 74.77
N ARG A 1610 36.71 -39.36 74.27
CA ARG A 1610 36.59 -40.72 74.81
C ARG A 1610 35.18 -41.27 74.61
N LEU A 1611 34.54 -40.88 73.51
CA LEU A 1611 33.23 -41.40 73.14
C LEU A 1611 33.33 -42.18 71.85
N LEU A 1612 32.71 -43.35 71.81
CA LEU A 1612 32.70 -44.18 70.61
C LEU A 1612 31.33 -44.10 69.96
N TYR A 1613 31.32 -43.82 68.66
CA TYR A 1613 30.08 -43.64 67.90
C TYR A 1613 29.78 -44.90 67.11
N PHE A 1614 28.53 -45.31 67.10
CA PHE A 1614 28.10 -46.49 66.37
C PHE A 1614 26.71 -46.27 65.79
N MET A 1615 26.38 -47.04 64.78
CA MET A 1615 25.10 -46.91 64.08
C MET A 1615 24.47 -48.28 63.91
N ASP A 1616 23.15 -48.28 63.77
CA ASP A 1616 22.37 -49.48 63.52
C ASP A 1616 21.67 -49.32 62.19
N SER A 1617 21.86 -50.29 61.29
CA SER A 1617 21.23 -50.21 59.98
C SER A 1617 19.80 -50.74 59.98
N TYR A 1618 19.32 -51.26 61.11
CA TYR A 1618 17.95 -51.75 61.21
C TYR A 1618 17.08 -50.86 62.08
N LEU A 1619 17.54 -50.55 63.29
CA LEU A 1619 16.82 -49.58 64.12
C LEU A 1619 17.01 -48.15 63.64
N ASP A 1620 17.97 -47.91 62.75
CA ASP A 1620 18.16 -46.63 62.09
C ASP A 1620 18.41 -45.51 63.10
N TYR A 1621 19.44 -45.71 63.92
CA TYR A 1621 19.88 -44.68 64.85
C TYR A 1621 21.39 -44.51 64.77
N MET A 1622 21.86 -43.42 65.36
CA MET A 1622 23.29 -43.12 65.46
C MET A 1622 23.57 -42.66 66.88
N ASP A 1623 23.95 -43.61 67.74
CA ASP A 1623 24.23 -43.30 69.13
C ASP A 1623 25.72 -43.38 69.41
N PHE A 1624 26.11 -42.78 70.54
CA PHE A 1624 27.47 -42.88 71.02
C PHE A 1624 27.45 -43.16 72.51
N CYS A 1625 28.50 -43.80 73.00
CA CYS A 1625 28.59 -44.17 74.39
C CYS A 1625 30.05 -44.14 74.85
N ASP A 1626 30.23 -44.06 76.16
CA ASP A 1626 31.56 -44.12 76.73
C ASP A 1626 32.17 -45.49 76.51
N TYR A 1627 33.45 -45.63 76.87
CA TYR A 1627 34.15 -46.88 76.62
C TYR A 1627 33.52 -48.02 77.39
N ASN A 1628 33.09 -47.77 78.63
CA ASN A 1628 32.40 -48.79 79.40
C ASN A 1628 30.93 -48.91 79.04
N GLY A 1629 30.41 -48.02 78.20
CA GLY A 1629 29.02 -48.07 77.80
C GLY A 1629 28.03 -47.51 78.79
N HIS A 1630 28.49 -46.89 79.88
CA HIS A 1630 27.57 -46.42 80.91
C HIS A 1630 26.71 -45.28 80.40
N HIS A 1631 27.32 -44.27 79.81
CA HIS A 1631 26.62 -43.08 79.34
C HIS A 1631 26.37 -43.23 77.86
N ARG A 1632 25.10 -43.23 77.47
CA ARG A 1632 24.71 -43.41 76.08
C ARG A 1632 23.77 -42.29 75.67
N ARG A 1633 24.03 -41.70 74.51
CA ARG A 1633 23.22 -40.62 73.98
C ARG A 1633 22.91 -40.90 72.51
N GLN A 1634 21.83 -40.31 72.04
CA GLN A 1634 21.37 -40.51 70.66
C GLN A 1634 21.62 -39.23 69.88
N VAL A 1635 22.33 -39.35 68.75
CA VAL A 1635 22.52 -38.21 67.87
C VAL A 1635 21.38 -38.10 66.89
N ILE A 1636 21.20 -39.12 66.04
CA ILE A 1636 20.11 -39.17 65.08
C ILE A 1636 19.27 -40.39 65.39
N ALA A 1637 17.98 -40.19 65.61
CA ALA A 1637 17.09 -41.31 65.89
C ALA A 1637 15.69 -40.95 65.41
N SER A 1638 14.96 -41.97 64.98
CA SER A 1638 13.61 -41.80 64.44
C SER A 1638 13.61 -40.77 63.32
N ASP A 1639 14.59 -40.86 62.43
CA ASP A 1639 14.73 -39.95 61.31
C ASP A 1639 14.90 -40.74 60.03
N LEU A 1640 14.25 -40.28 58.96
CA LEU A 1640 14.39 -40.95 57.67
C LEU A 1640 15.69 -40.62 56.96
N ILE A 1641 16.49 -39.71 57.52
CA ILE A 1641 17.83 -39.47 56.98
C ILE A 1641 18.65 -40.75 57.03
N ILE A 1642 18.58 -41.45 58.16
CA ILE A 1642 19.31 -42.70 58.34
C ILE A 1642 18.36 -43.85 57.96
N ARG A 1643 18.68 -44.52 56.86
CA ARG A 1643 17.91 -45.69 56.42
C ARG A 1643 18.73 -46.97 56.48
N HIS A 1644 19.90 -47.00 55.83
CA HIS A 1644 20.80 -48.15 55.90
C HIS A 1644 22.24 -47.65 56.01
N PRO A 1645 22.60 -47.07 57.16
CA PRO A 1645 23.97 -46.59 57.33
C PRO A 1645 24.96 -47.76 57.37
N TYR A 1646 26.16 -47.53 56.86
CA TYR A 1646 27.20 -48.54 56.92
C TYR A 1646 28.42 -48.10 57.72
N ALA A 1647 28.99 -46.95 57.41
CA ALA A 1647 30.24 -46.51 58.01
C ALA A 1647 30.09 -45.11 58.58
N LEU A 1648 31.03 -44.75 59.45
CA LEU A 1648 30.96 -43.51 60.20
C LEU A 1648 32.31 -42.82 60.15
N THR A 1649 32.28 -41.49 60.27
CA THR A 1649 33.49 -40.68 60.39
C THR A 1649 33.18 -39.46 61.25
N LEU A 1650 34.21 -38.99 61.95
CA LEU A 1650 34.06 -37.89 62.91
C LEU A 1650 35.26 -36.95 62.80
N PHE A 1651 35.09 -35.88 62.03
CA PHE A 1651 36.08 -34.81 61.96
C PHE A 1651 35.56 -33.60 62.72
N GLU A 1652 36.31 -33.19 63.75
CA GLU A 1652 35.91 -32.11 64.63
C GLU A 1652 34.50 -32.36 65.18
N ASP A 1653 33.60 -31.39 64.98
CA ASP A 1653 32.23 -31.49 65.48
C ASP A 1653 31.26 -31.96 64.41
N SER A 1654 31.74 -32.59 63.36
CA SER A 1654 30.90 -33.04 62.25
C SER A 1654 31.01 -34.55 62.13
N VAL A 1655 29.86 -35.22 61.96
CA VAL A 1655 29.80 -36.66 61.78
C VAL A 1655 29.37 -36.93 60.35
N TYR A 1656 30.15 -37.75 59.63
CA TYR A 1656 29.87 -38.13 58.26
C TYR A 1656 29.60 -39.62 58.23
N TRP A 1657 28.46 -40.01 57.67
CA TRP A 1657 28.08 -41.41 57.58
C TRP A 1657 27.63 -41.73 56.16
N THR A 1658 27.86 -42.97 55.75
CA THR A 1658 27.49 -43.43 54.41
C THR A 1658 26.25 -44.31 54.52
N ASP A 1659 25.22 -43.97 53.76
CA ASP A 1659 23.99 -44.74 53.72
C ASP A 1659 23.92 -45.47 52.39
N ARG A 1660 23.82 -46.79 52.45
CA ARG A 1660 23.80 -47.58 51.23
C ARG A 1660 22.45 -47.48 50.52
N ALA A 1661 21.37 -47.29 51.30
CA ALA A 1661 20.05 -47.21 50.70
C ALA A 1661 19.88 -45.92 49.92
N THR A 1662 20.29 -44.79 50.49
CA THR A 1662 20.11 -43.50 49.85
C THR A 1662 21.23 -43.16 48.88
N ARG A 1663 22.31 -43.93 48.87
CA ARG A 1663 23.44 -43.73 47.96
C ARG A 1663 24.05 -42.33 48.09
N ARG A 1664 24.02 -41.75 49.28
CA ARG A 1664 24.56 -40.42 49.47
C ARG A 1664 25.21 -40.30 50.84
N VAL A 1665 26.48 -39.88 50.85
CA VAL A 1665 27.15 -39.56 52.10
C VAL A 1665 26.54 -38.30 52.69
N MET A 1666 26.32 -38.30 54.00
CA MET A 1666 25.68 -37.18 54.66
C MET A 1666 26.49 -36.75 55.87
N ARG A 1667 26.38 -35.47 56.21
CA ARG A 1667 27.10 -34.87 57.31
C ARG A 1667 26.13 -34.15 58.23
N ALA A 1668 26.43 -34.18 59.53
CA ALA A 1668 25.62 -33.48 60.52
C ALA A 1668 26.48 -33.23 61.75
N ASN A 1669 25.88 -32.63 62.77
CA ASN A 1669 26.56 -32.38 64.02
C ASN A 1669 26.67 -33.65 64.85
N LYS A 1670 27.77 -33.77 65.59
CA LYS A 1670 28.04 -34.99 66.33
C LYS A 1670 27.48 -34.98 67.74
N TRP A 1671 26.67 -33.99 68.08
CA TRP A 1671 26.02 -33.95 69.39
C TRP A 1671 24.49 -33.94 69.29
N HIS A 1672 23.95 -33.37 68.23
CA HIS A 1672 22.51 -33.35 68.01
C HIS A 1672 22.09 -33.65 66.58
N GLY A 1673 23.03 -33.70 65.63
CA GLY A 1673 22.68 -33.99 64.26
C GLY A 1673 21.74 -32.99 63.63
N GLY A 1674 21.96 -31.69 63.88
CA GLY A 1674 21.07 -30.69 63.34
C GLY A 1674 21.46 -30.21 61.96
N ASN A 1675 22.73 -29.82 61.82
CA ASN A 1675 23.24 -29.30 60.56
C ASN A 1675 23.39 -30.39 59.52
N GLN A 1676 22.27 -30.95 59.10
CA GLN A 1676 22.30 -32.03 58.13
C GLN A 1676 22.76 -31.51 56.77
N SER A 1677 23.64 -32.27 56.11
CA SER A 1677 24.19 -31.87 54.83
C SER A 1677 24.38 -33.09 53.96
N VAL A 1678 24.52 -32.86 52.66
CA VAL A 1678 24.73 -33.95 51.71
C VAL A 1678 26.07 -33.74 51.04
N VAL A 1679 27.12 -34.39 51.56
CA VAL A 1679 28.46 -34.22 51.01
C VAL A 1679 28.53 -34.72 49.58
N MET A 1680 27.97 -35.89 49.33
CA MET A 1680 27.93 -36.46 47.98
C MET A 1680 26.52 -36.97 47.71
N TYR A 1681 26.12 -36.93 46.45
CA TYR A 1681 24.74 -37.23 46.09
C TYR A 1681 24.54 -38.63 45.54
N ASN A 1682 25.35 -39.06 44.58
CA ASN A 1682 25.20 -40.37 43.97
C ASN A 1682 26.50 -41.15 44.09
N ILE A 1683 26.50 -42.18 44.93
CA ILE A 1683 27.61 -43.11 45.04
C ILE A 1683 27.05 -44.51 44.82
N GLN A 1684 27.71 -45.30 43.97
CA GLN A 1684 27.21 -46.63 43.65
C GLN A 1684 27.14 -47.50 44.91
N TRP A 1685 28.22 -47.52 45.69
CA TRP A 1685 28.24 -48.24 46.96
C TRP A 1685 29.19 -47.52 47.89
N PRO A 1686 28.66 -46.64 48.75
CA PRO A 1686 29.56 -45.85 49.60
C PRO A 1686 30.37 -46.70 50.57
N LEU A 1687 29.71 -47.54 51.37
CA LEU A 1687 30.37 -48.47 52.29
C LEU A 1687 31.33 -47.69 53.18
N GLY A 1688 32.60 -48.09 53.28
CA GLY A 1688 33.48 -47.50 54.26
C GLY A 1688 33.80 -46.04 53.95
N ILE A 1689 34.03 -45.28 55.01
CA ILE A 1689 34.43 -43.88 54.92
C ILE A 1689 35.48 -43.60 55.98
N VAL A 1690 36.52 -42.88 55.61
CA VAL A 1690 37.61 -42.55 56.53
C VAL A 1690 38.00 -41.09 56.34
N ALA A 1691 38.22 -40.40 57.45
CA ALA A 1691 38.64 -39.00 57.45
C ALA A 1691 40.15 -38.96 57.58
N VAL A 1692 40.85 -38.63 56.49
CA VAL A 1692 42.30 -38.65 56.46
C VAL A 1692 42.79 -37.30 56.97
N HIS A 1693 43.27 -37.27 58.22
CA HIS A 1693 43.77 -36.06 58.82
C HIS A 1693 44.63 -36.44 60.01
N PRO A 1694 45.76 -35.76 60.23
CA PRO A 1694 46.64 -36.16 61.35
C PRO A 1694 45.97 -36.04 62.71
N SER A 1695 45.00 -35.13 62.85
CA SER A 1695 44.31 -34.98 64.13
C SER A 1695 43.50 -36.24 64.47
N LYS A 1696 43.09 -36.99 63.45
CA LYS A 1696 42.31 -38.20 63.70
C LYS A 1696 43.13 -39.26 64.44
N GLN A 1697 44.45 -39.22 64.29
CA GLN A 1697 45.32 -40.20 64.95
C GLN A 1697 46.22 -39.50 65.94
N PRO A 1698 45.88 -39.46 67.22
CA PRO A 1698 46.77 -38.86 68.23
C PRO A 1698 48.02 -39.71 68.41
N ASN A 1699 49.18 -39.07 68.30
CA ASN A 1699 50.43 -39.77 68.52
C ASN A 1699 50.63 -40.05 70.00
N SER A 1700 51.38 -41.11 70.30
CA SER A 1700 51.61 -41.52 71.68
C SER A 1700 52.87 -42.37 71.73
N VAL A 1701 53.33 -42.62 72.96
CA VAL A 1701 54.51 -43.45 73.16
C VAL A 1701 54.18 -44.89 72.79
N ASN A 1702 55.10 -45.53 72.07
CA ASN A 1702 54.89 -46.90 71.62
C ASN A 1702 55.73 -47.85 72.47
N PRO A 1703 55.12 -48.57 73.40
CA PRO A 1703 55.91 -49.56 74.18
C PRO A 1703 56.52 -50.64 73.32
N CYS A 1704 55.88 -51.00 72.21
CA CYS A 1704 56.40 -52.06 71.36
C CYS A 1704 57.66 -51.65 70.61
N ALA A 1705 58.01 -50.37 70.62
CA ALA A 1705 59.19 -49.92 69.89
C ALA A 1705 60.47 -50.55 70.45
N PHE A 1706 60.50 -50.82 71.76
CA PHE A 1706 61.67 -51.41 72.41
C PHE A 1706 61.38 -52.82 72.93
N SER A 1707 60.32 -53.45 72.45
CA SER A 1707 59.98 -54.78 72.91
C SER A 1707 60.90 -55.82 72.30
N ARG A 1708 61.00 -56.97 72.96
CA ARG A 1708 61.81 -58.09 72.51
C ARG A 1708 60.97 -59.21 71.90
N CYS A 1709 59.75 -58.90 71.45
CA CYS A 1709 58.90 -59.91 70.84
C CYS A 1709 59.53 -60.44 69.57
N SER A 1710 59.52 -61.76 69.41
CA SER A 1710 60.16 -62.39 68.26
C SER A 1710 59.35 -62.19 66.99
N HIS A 1711 58.03 -62.33 67.07
CA HIS A 1711 57.19 -62.32 65.88
C HIS A 1711 56.30 -61.10 65.89
N LEU A 1712 55.49 -60.89 66.93
CA LEU A 1712 54.52 -59.81 66.94
C LEU A 1712 54.44 -59.20 68.33
N CYS A 1713 54.35 -57.87 68.40
CA CYS A 1713 54.14 -57.15 69.63
C CYS A 1713 52.85 -56.35 69.52
N LEU A 1714 51.94 -56.55 70.48
CA LEU A 1714 50.66 -55.87 70.49
C LEU A 1714 50.48 -55.15 71.81
N LEU A 1715 49.93 -53.93 71.73
CA LEU A 1715 49.64 -53.16 72.93
C LEU A 1715 48.61 -53.88 73.79
N SER A 1716 48.79 -53.82 75.10
CA SER A 1716 47.89 -54.47 76.03
C SER A 1716 47.43 -53.46 77.07
N SER A 1717 46.15 -53.51 77.41
CA SER A 1717 45.65 -52.66 78.49
C SER A 1717 46.26 -53.05 79.82
N GLN A 1718 46.61 -54.32 79.98
CA GLN A 1718 47.24 -54.76 81.21
C GLN A 1718 48.69 -54.27 81.28
N GLY A 1719 49.05 -53.71 82.42
CA GLY A 1719 50.41 -53.26 82.65
C GLY A 1719 51.26 -54.37 83.23
N PRO A 1720 52.48 -54.02 83.66
CA PRO A 1720 53.09 -52.69 83.63
C PRO A 1720 53.73 -52.41 82.27
N HIS A 1721 53.98 -53.45 81.48
CA HIS A 1721 54.62 -53.25 80.18
C HIS A 1721 53.65 -52.66 79.16
N PHE A 1722 52.35 -52.91 79.33
CA PHE A 1722 51.32 -52.44 78.40
C PHE A 1722 51.52 -52.99 77.01
N TYR A 1723 52.17 -54.14 76.90
CA TYR A 1723 52.30 -54.84 75.62
C TYR A 1723 52.48 -56.32 75.90
N SER A 1724 52.23 -57.13 74.89
CA SER A 1724 52.43 -58.56 74.98
C SER A 1724 52.87 -59.10 73.63
N CYS A 1725 53.58 -60.22 73.67
CA CYS A 1725 53.98 -60.86 72.43
C CYS A 1725 52.94 -61.88 71.99
N VAL A 1726 52.79 -62.01 70.68
CA VAL A 1726 51.79 -62.89 70.09
C VAL A 1726 52.50 -63.86 69.15
N CYS A 1727 51.95 -65.07 69.05
CA CYS A 1727 52.50 -66.11 68.21
C CYS A 1727 51.66 -66.28 66.96
N PRO A 1728 52.29 -66.43 65.79
CA PRO A 1728 51.52 -66.79 64.60
C PRO A 1728 50.89 -68.16 64.75
N SER A 1729 49.88 -68.43 63.91
CA SER A 1729 49.19 -69.71 63.96
C SER A 1729 50.18 -70.86 63.77
N GLY A 1730 50.06 -71.88 64.61
CA GLY A 1730 50.99 -72.99 64.60
C GLY A 1730 52.23 -72.80 65.44
N TRP A 1731 52.26 -71.79 66.29
CA TRP A 1731 53.41 -71.49 67.13
C TRP A 1731 52.99 -71.38 68.59
N SER A 1732 53.92 -71.70 69.49
CA SER A 1732 53.66 -71.73 70.91
C SER A 1732 54.61 -70.76 71.62
N LEU A 1733 54.07 -69.98 72.55
CA LEU A 1733 54.87 -68.98 73.24
C LEU A 1733 55.68 -69.62 74.36
N SER A 1734 56.99 -69.33 74.38
CA SER A 1734 57.86 -69.81 75.43
C SER A 1734 57.52 -69.10 76.74
N PRO A 1735 57.80 -69.73 77.88
CA PRO A 1735 57.51 -69.09 79.17
C PRO A 1735 58.23 -67.76 79.36
N ASP A 1736 59.29 -67.49 78.60
CA ASP A 1736 59.95 -66.19 78.72
C ASP A 1736 59.03 -65.06 78.25
N LEU A 1737 57.96 -65.40 77.54
CA LEU A 1737 56.91 -64.51 77.05
C LEU A 1737 57.42 -63.52 76.01
N LEU A 1738 58.68 -63.60 75.60
CA LEU A 1738 59.21 -62.74 74.56
C LEU A 1738 59.64 -63.50 73.31
N ASN A 1739 59.84 -64.82 73.41
CA ASN A 1739 60.24 -65.64 72.29
C ASN A 1739 59.17 -66.69 72.04
N CYS A 1740 58.85 -66.93 70.78
CA CYS A 1740 57.86 -67.92 70.39
C CYS A 1740 58.55 -69.03 69.61
N LEU A 1741 58.35 -70.28 70.05
CA LEU A 1741 58.93 -71.44 69.39
C LEU A 1741 57.86 -72.14 68.56
N ARG A 1742 58.26 -72.67 67.41
CA ARG A 1742 57.30 -73.25 66.48
C ARG A 1742 56.76 -74.57 67.01
N ASP A 1743 55.44 -74.69 67.01
CA ASP A 1743 54.81 -75.95 67.37
C ASP A 1743 55.01 -76.97 66.25
N ASP A 1744 55.04 -78.25 66.62
CA ASP A 1744 55.25 -79.32 65.67
C ASP A 1744 54.24 -80.45 65.80
N GLN A 1745 53.20 -80.28 66.62
CA GLN A 1745 52.23 -81.34 66.80
C GLN A 1745 51.41 -81.53 65.51
N PRO A 1746 51.02 -82.76 65.21
CA PRO A 1746 50.16 -82.99 64.05
C PRO A 1746 48.75 -82.46 64.30
N PHE A 1747 48.07 -82.16 63.20
CA PHE A 1747 46.71 -81.63 63.28
C PHE A 1747 45.92 -82.10 62.08
N LEU A 1748 44.60 -82.12 62.22
CA LEU A 1748 43.72 -82.49 61.13
C LEU A 1748 43.61 -81.35 60.13
N ILE A 1749 43.86 -81.64 58.87
CA ILE A 1749 43.61 -80.67 57.81
C ILE A 1749 42.19 -80.88 57.31
N THR A 1750 41.23 -80.26 57.98
CA THR A 1750 39.84 -80.39 57.58
C THR A 1750 39.57 -79.55 56.35
N VAL A 1751 39.09 -80.19 55.29
CA VAL A 1751 38.78 -79.51 54.03
C VAL A 1751 37.28 -79.40 53.92
N ARG A 1752 36.80 -78.20 53.60
CA ARG A 1752 35.40 -77.94 53.35
C ARG A 1752 35.28 -77.22 52.02
N GLN A 1753 34.05 -77.05 51.56
CA GLN A 1753 33.85 -76.22 50.37
C GLN A 1753 34.09 -74.76 50.73
N HIS A 1754 34.89 -74.10 49.90
CA HIS A 1754 35.20 -72.66 50.00
C HIS A 1754 36.16 -72.32 51.14
N ILE A 1755 36.55 -73.30 51.96
CA ILE A 1755 37.53 -73.06 53.01
C ILE A 1755 38.23 -74.36 53.38
N ILE A 1756 39.48 -74.23 53.81
CA ILE A 1756 40.25 -75.32 54.39
C ILE A 1756 40.80 -74.84 55.72
N PHE A 1757 40.64 -75.65 56.76
CA PHE A 1757 41.01 -75.26 58.11
C PHE A 1757 42.04 -76.23 58.67
N GLY A 1758 42.73 -75.76 59.71
CA GLY A 1758 43.63 -76.61 60.47
C GLY A 1758 43.12 -76.81 61.88
N ILE A 1759 42.73 -78.04 62.20
CA ILE A 1759 42.09 -78.36 63.47
C ILE A 1759 43.06 -79.19 64.30
N SER A 1760 43.35 -78.74 65.52
CA SER A 1760 44.25 -79.46 66.39
C SER A 1760 43.65 -80.81 66.78
N LEU A 1761 44.50 -81.84 66.79
CA LEU A 1761 44.01 -83.19 67.06
C LEU A 1761 43.44 -83.34 68.46
N ASN A 1762 43.81 -82.47 69.38
CA ASN A 1762 43.26 -82.52 70.73
C ASN A 1762 41.81 -82.07 70.70
N PRO A 1763 40.85 -82.91 71.09
CA PRO A 1763 39.44 -82.49 71.03
C PRO A 1763 39.12 -81.35 71.97
N GLU A 1764 39.96 -81.10 72.99
CA GLU A 1764 39.68 -80.03 73.93
C GLU A 1764 39.77 -78.66 73.26
N VAL A 1765 40.73 -78.48 72.37
CA VAL A 1765 40.94 -77.18 71.73
C VAL A 1765 39.88 -77.01 70.64
N LYS A 1766 39.04 -76.00 70.79
CA LYS A 1766 37.98 -75.70 69.82
C LYS A 1766 38.31 -74.50 68.94
N SER A 1767 39.59 -74.23 68.72
CA SER A 1767 40.03 -73.11 67.90
C SER A 1767 40.59 -73.65 66.59
N ASN A 1768 40.05 -73.16 65.47
CA ASN A 1768 40.45 -73.62 64.14
C ASN A 1768 41.63 -72.77 63.65
N ASP A 1769 42.74 -72.88 64.38
CA ASP A 1769 43.91 -72.08 64.06
C ASP A 1769 45.20 -72.88 64.18
N ALA A 1770 45.17 -74.18 63.89
CA ALA A 1770 46.40 -74.96 63.88
C ALA A 1770 47.31 -74.53 62.74
N MET A 1771 46.77 -73.80 61.77
CA MET A 1771 47.54 -73.20 60.69
C MET A 1771 46.73 -72.07 60.10
N VAL A 1772 47.35 -71.31 59.20
CA VAL A 1772 46.62 -70.24 58.52
C VAL A 1772 45.60 -70.89 57.60
N PRO A 1773 44.31 -70.64 57.80
CA PRO A 1773 43.28 -71.33 57.00
C PRO A 1773 43.24 -70.79 55.59
N ILE A 1774 43.20 -71.71 54.61
CA ILE A 1774 43.04 -71.33 53.22
C ILE A 1774 41.60 -70.91 52.96
N ALA A 1775 41.43 -69.83 52.23
CA ALA A 1775 40.10 -69.31 51.94
C ALA A 1775 40.00 -68.96 50.47
N GLY A 1776 38.78 -68.84 49.99
CA GLY A 1776 38.53 -68.48 48.61
C GLY A 1776 38.60 -69.62 47.62
N ILE A 1777 38.77 -70.87 48.10
CA ILE A 1777 38.80 -71.99 47.18
C ILE A 1777 37.40 -72.26 46.65
N GLN A 1778 37.32 -73.09 45.62
CA GLN A 1778 36.03 -73.46 45.01
C GLN A 1778 35.95 -74.97 44.90
N ASN A 1779 34.98 -75.56 45.60
CA ASN A 1779 34.72 -77.00 45.56
C ASN A 1779 35.98 -77.79 45.90
N GLY A 1780 36.61 -77.43 47.02
CA GLY A 1780 37.71 -78.23 47.51
C GLY A 1780 37.25 -79.64 47.84
N LEU A 1781 38.02 -80.63 47.35
CA LEU A 1781 37.65 -82.02 47.54
C LEU A 1781 38.65 -82.74 48.44
N ASP A 1782 39.93 -82.72 48.12
CA ASP A 1782 40.96 -83.38 48.92
C ASP A 1782 42.17 -82.47 49.05
N VAL A 1783 43.09 -82.89 49.91
CA VAL A 1783 44.27 -82.08 50.24
C VAL A 1783 45.45 -83.00 50.46
N GLU A 1784 46.65 -82.47 50.19
CA GLU A 1784 47.90 -83.15 50.49
C GLU A 1784 48.90 -82.14 51.02
N PHE A 1785 49.86 -82.61 51.80
CA PHE A 1785 50.82 -81.73 52.45
C PHE A 1785 52.23 -82.19 52.18
N ASP A 1786 53.12 -81.24 51.93
CA ASP A 1786 54.55 -81.50 51.82
C ASP A 1786 55.18 -81.08 53.14
N ASP A 1787 55.45 -82.07 53.99
CA ASP A 1787 55.92 -81.78 55.35
C ASP A 1787 57.25 -81.06 55.34
N ALA A 1788 58.18 -81.48 54.48
CA ALA A 1788 59.53 -80.93 54.49
C ALA A 1788 59.52 -79.43 54.22
N GLU A 1789 58.75 -79.00 53.22
CA GLU A 1789 58.65 -77.59 52.89
C GLU A 1789 57.46 -76.91 53.54
N GLN A 1790 56.70 -77.63 54.38
CA GLN A 1790 55.54 -77.09 55.06
C GLN A 1790 54.51 -76.54 54.08
N TYR A 1791 54.33 -77.24 52.97
CA TYR A 1791 53.37 -76.83 51.95
C TYR A 1791 52.05 -77.59 52.11
N ILE A 1792 51.02 -77.03 51.48
CA ILE A 1792 49.69 -77.64 51.45
C ILE A 1792 49.20 -77.62 50.02
N TYR A 1793 48.91 -78.79 49.48
CA TYR A 1793 48.45 -78.94 48.10
C TYR A 1793 46.96 -79.28 48.09
N TRP A 1794 46.19 -78.56 47.29
CA TRP A 1794 44.78 -78.83 47.12
C TRP A 1794 44.39 -78.59 45.66
N VAL A 1795 43.27 -79.16 45.27
CA VAL A 1795 42.78 -79.09 43.89
C VAL A 1795 41.46 -78.37 43.87
N GLU A 1796 41.36 -77.34 43.03
CA GLU A 1796 40.14 -76.57 42.87
C GLU A 1796 39.81 -76.43 41.39
N ASN A 1797 38.55 -76.19 41.10
CA ASN A 1797 38.08 -76.18 39.72
C ASN A 1797 38.71 -75.03 38.94
N PRO A 1798 38.97 -75.20 37.64
CA PRO A 1798 38.81 -76.45 36.89
C PRO A 1798 40.04 -77.34 36.91
N GLY A 1799 39.95 -78.49 37.58
CA GLY A 1799 41.01 -79.49 37.62
C GLY A 1799 42.41 -78.95 37.83
N GLU A 1800 42.54 -77.95 38.69
CA GLU A 1800 43.81 -77.23 38.86
C GLU A 1800 44.29 -77.43 40.29
N ILE A 1801 45.60 -77.52 40.44
CA ILE A 1801 46.22 -77.81 41.74
C ILE A 1801 46.97 -76.56 42.21
N HIS A 1802 46.66 -76.12 43.42
CA HIS A 1802 47.31 -74.97 44.04
C HIS A 1802 48.05 -75.43 45.28
N ARG A 1803 49.04 -74.64 45.69
CA ARG A 1803 49.79 -74.92 46.90
C ARG A 1803 50.01 -73.64 47.69
N VAL A 1804 50.12 -73.79 49.01
CA VAL A 1804 50.43 -72.69 49.90
C VAL A 1804 51.11 -73.27 51.14
N LYS A 1805 51.98 -72.46 51.75
CA LYS A 1805 52.60 -72.89 52.99
C LYS A 1805 51.60 -72.81 54.14
N THR A 1806 51.95 -73.45 55.26
CA THR A 1806 51.06 -73.50 56.40
C THR A 1806 50.86 -72.14 57.05
N ASP A 1807 51.67 -71.15 56.71
CA ASP A 1807 51.53 -69.80 57.26
C ASP A 1807 50.92 -68.82 56.25
N GLY A 1808 50.21 -69.34 55.25
CA GLY A 1808 49.54 -68.48 54.28
C GLY A 1808 50.48 -67.65 53.44
N THR A 1809 51.54 -68.28 52.93
CA THR A 1809 52.55 -67.59 52.14
C THR A 1809 52.80 -68.37 50.86
N ASN A 1810 53.18 -67.66 49.80
CA ASN A 1810 53.50 -68.32 48.53
C ASN A 1810 52.32 -69.08 47.95
N ARG A 1811 51.11 -68.58 48.15
CA ARG A 1811 49.95 -69.23 47.55
C ARG A 1811 49.98 -68.99 46.05
N THR A 1812 50.27 -70.03 45.28
CA THR A 1812 50.40 -69.92 43.85
C THR A 1812 49.68 -71.08 43.19
N VAL A 1813 49.59 -71.02 41.86
CA VAL A 1813 49.06 -72.11 41.06
C VAL A 1813 50.24 -72.99 40.67
N PHE A 1814 50.45 -74.08 41.41
CA PHE A 1814 51.62 -74.91 41.19
C PHE A 1814 51.62 -75.52 39.81
N ALA A 1815 50.47 -76.04 39.36
CA ALA A 1815 50.37 -76.69 38.07
C ALA A 1815 48.99 -76.44 37.49
N SER A 1816 48.97 -76.00 36.25
CA SER A 1816 47.74 -75.63 35.56
C SER A 1816 47.34 -76.71 34.56
N ILE A 1817 46.08 -76.67 34.15
CA ILE A 1817 45.59 -77.61 33.14
C ILE A 1817 46.27 -77.35 31.80
N SER A 1818 46.76 -76.12 31.59
CA SER A 1818 47.41 -75.79 30.33
C SER A 1818 48.71 -76.57 30.15
N MET A 1819 49.47 -76.74 31.23
CA MET A 1819 50.75 -77.44 31.15
C MET A 1819 50.62 -78.87 31.65
N VAL A 1820 50.07 -79.03 32.87
CA VAL A 1820 50.02 -80.34 33.49
C VAL A 1820 48.77 -81.10 33.06
N GLY A 1821 47.64 -80.41 32.97
CA GLY A 1821 46.39 -81.07 32.65
C GLY A 1821 45.49 -81.20 33.86
N PRO A 1822 44.25 -81.62 33.63
CA PRO A 1822 43.28 -81.67 34.74
C PRO A 1822 43.67 -82.70 35.79
N SER A 1823 43.27 -82.43 37.03
CA SER A 1823 43.50 -83.34 38.15
C SER A 1823 42.40 -83.15 39.16
N MET A 1824 42.02 -84.25 39.81
CA MET A 1824 40.93 -84.19 40.79
C MET A 1824 41.40 -84.51 42.20
N ASN A 1825 41.99 -85.68 42.39
CA ASN A 1825 42.43 -86.07 43.72
C ASN A 1825 43.94 -86.28 43.74
N LEU A 1826 44.53 -86.07 44.92
CA LEU A 1826 45.98 -86.04 45.05
C LEU A 1826 46.46 -87.11 46.01
N ALA A 1827 47.71 -87.51 45.82
CA ALA A 1827 48.42 -88.38 46.74
C ALA A 1827 49.90 -88.17 46.51
N LEU A 1828 50.59 -87.62 47.51
CA LEU A 1828 51.94 -87.11 47.34
C LEU A 1828 52.96 -88.12 47.85
N ASP A 1829 53.96 -88.41 47.03
CA ASP A 1829 55.11 -89.22 47.43
C ASP A 1829 56.16 -88.27 47.98
N TRP A 1830 56.33 -88.28 49.29
CA TRP A 1830 57.27 -87.36 49.92
C TRP A 1830 58.70 -87.84 49.83
N ILE A 1831 58.93 -89.08 49.41
CA ILE A 1831 60.30 -89.58 49.30
C ILE A 1831 60.90 -89.24 47.94
N SER A 1832 60.21 -89.60 46.86
CA SER A 1832 60.72 -89.41 45.51
C SER A 1832 60.29 -88.10 44.89
N ARG A 1833 59.58 -87.26 45.63
CA ARG A 1833 59.14 -85.94 45.17
C ARG A 1833 58.23 -86.06 43.94
N ASN A 1834 57.33 -87.04 43.96
CA ASN A 1834 56.36 -87.24 42.89
C ASN A 1834 54.96 -87.08 43.46
N LEU A 1835 54.10 -86.37 42.74
CA LEU A 1835 52.73 -86.12 43.17
C LEU A 1835 51.79 -86.91 42.27
N TYR A 1836 51.11 -87.88 42.86
CA TYR A 1836 50.18 -88.72 42.11
C TYR A 1836 48.79 -88.10 42.11
N SER A 1837 48.18 -88.06 40.93
CA SER A 1837 46.90 -87.40 40.76
C SER A 1837 45.94 -88.34 40.07
N THR A 1838 44.66 -87.95 40.07
CA THR A 1838 43.61 -88.66 39.39
C THR A 1838 42.99 -87.74 38.36
N ASN A 1839 42.99 -88.17 37.11
CA ASN A 1839 42.44 -87.34 36.05
C ASN A 1839 40.96 -87.62 35.89
N PRO A 1840 40.10 -86.62 36.07
CA PRO A 1840 38.65 -86.84 35.94
C PRO A 1840 38.21 -87.04 34.50
N ARG A 1841 38.76 -86.21 33.60
CA ARG A 1841 38.34 -86.27 32.21
C ARG A 1841 38.81 -87.55 31.53
N THR A 1842 40.08 -87.91 31.73
CA THR A 1842 40.65 -89.09 31.09
C THR A 1842 40.37 -90.37 31.84
N GLN A 1843 39.88 -90.29 33.07
CA GLN A 1843 39.64 -91.46 33.91
C GLN A 1843 40.88 -92.34 34.01
N SER A 1844 41.94 -91.75 34.58
CA SER A 1844 43.23 -92.39 34.64
C SER A 1844 44.01 -91.84 35.82
N ILE A 1845 45.07 -92.54 36.19
CA ILE A 1845 45.93 -92.16 37.30
C ILE A 1845 47.26 -91.67 36.75
N GLU A 1846 47.68 -90.49 37.19
CA GLU A 1846 48.89 -89.86 36.68
C GLU A 1846 49.86 -89.59 37.82
N VAL A 1847 51.05 -89.13 37.46
CA VAL A 1847 52.09 -88.78 38.40
C VAL A 1847 52.77 -87.51 37.91
N LEU A 1848 53.07 -86.60 38.83
CA LEU A 1848 53.71 -85.33 38.52
C LEU A 1848 54.97 -85.17 39.35
N THR A 1849 56.02 -84.64 38.74
CA THR A 1849 57.33 -84.53 39.38
C THR A 1849 57.45 -83.16 40.04
N LEU A 1850 57.45 -83.15 41.37
CA LEU A 1850 57.65 -81.90 42.10
C LEU A 1850 59.10 -81.44 42.01
N HIS A 1851 60.05 -82.38 42.08
CA HIS A 1851 61.46 -82.03 42.06
C HIS A 1851 61.84 -81.41 40.73
N GLY A 1852 62.77 -80.47 40.79
CA GLY A 1852 63.19 -79.75 39.59
C GLY A 1852 62.23 -78.65 39.21
N ASP A 1853 62.56 -77.97 38.13
CA ASP A 1853 61.80 -76.83 37.66
C ASP A 1853 60.74 -77.20 36.62
N ILE A 1854 61.05 -78.13 35.73
CA ILE A 1854 60.11 -78.52 34.68
C ILE A 1854 59.14 -79.56 35.22
N ARG A 1855 57.86 -79.35 34.99
CA ARG A 1855 56.82 -80.27 35.44
C ARG A 1855 56.61 -81.34 34.37
N TYR A 1856 56.87 -82.59 34.72
CA TYR A 1856 56.65 -83.72 33.84
C TYR A 1856 55.50 -84.55 34.40
N ARG A 1857 54.52 -84.86 33.56
CA ARG A 1857 53.40 -85.68 33.98
C ARG A 1857 53.18 -86.78 32.95
N LYS A 1858 52.90 -87.99 33.45
CA LYS A 1858 52.60 -89.12 32.58
C LYS A 1858 51.44 -89.89 33.18
N THR A 1859 50.73 -90.61 32.33
CA THR A 1859 49.57 -91.40 32.74
C THR A 1859 50.06 -92.81 33.08
N LEU A 1860 49.88 -93.21 34.34
CA LEU A 1860 50.34 -94.52 34.76
C LEU A 1860 49.35 -95.61 34.39
N ILE A 1861 48.12 -95.51 34.91
CA ILE A 1861 47.10 -96.52 34.69
C ILE A 1861 45.92 -95.88 33.98
N ALA A 1862 45.46 -96.54 32.92
CA ALA A 1862 44.35 -96.03 32.12
C ALA A 1862 43.35 -97.15 31.90
N ASN A 1863 42.14 -96.78 31.52
CA ASN A 1863 41.07 -97.75 31.31
C ASN A 1863 41.36 -98.50 30.01
N ASP A 1864 41.96 -99.67 30.15
CA ASP A 1864 42.34 -100.48 28.99
C ASP A 1864 41.28 -101.50 28.62
N GLY A 1865 40.10 -101.45 29.23
CA GLY A 1865 39.01 -102.33 28.89
C GLY A 1865 38.93 -103.58 29.74
N THR A 1866 40.01 -103.95 30.41
CA THR A 1866 39.99 -105.10 31.30
C THR A 1866 39.45 -104.69 32.68
N ALA A 1867 39.25 -105.69 33.52
CA ALA A 1867 38.78 -105.45 34.89
C ALA A 1867 39.89 -105.00 35.82
N LEU A 1868 41.11 -104.79 35.31
CA LEU A 1868 42.24 -104.38 36.13
C LEU A 1868 42.65 -102.94 35.84
N GLY A 1869 41.89 -102.20 35.04
CA GLY A 1869 42.18 -100.82 34.74
C GLY A 1869 41.60 -99.88 35.79
N VAL A 1870 41.46 -98.63 35.39
CA VAL A 1870 40.85 -97.61 36.24
C VAL A 1870 39.55 -97.17 35.58
N GLY A 1871 38.42 -97.45 36.22
CA GLY A 1871 37.14 -97.05 35.69
C GLY A 1871 36.79 -95.62 36.07
N PHE A 1872 36.71 -95.35 37.36
CA PHE A 1872 36.39 -94.02 37.87
C PHE A 1872 37.04 -93.85 39.23
N PRO A 1873 38.34 -93.58 39.25
CA PRO A 1873 39.07 -93.49 40.52
C PRO A 1873 38.62 -92.30 41.35
N ILE A 1874 38.34 -92.53 42.63
CA ILE A 1874 37.92 -91.47 43.53
C ILE A 1874 38.99 -91.15 44.56
N GLY A 1875 39.57 -92.15 45.19
CA GLY A 1875 40.59 -91.93 46.20
C GLY A 1875 41.85 -92.71 45.87
N ILE A 1876 42.99 -92.05 46.06
CA ILE A 1876 44.29 -92.65 45.74
C ILE A 1876 45.24 -92.37 46.90
N THR A 1877 45.98 -93.40 47.31
CA THR A 1877 47.00 -93.26 48.34
C THR A 1877 48.25 -94.02 47.90
N VAL A 1878 49.40 -93.61 48.43
CA VAL A 1878 50.68 -94.15 48.01
C VAL A 1878 51.51 -94.55 49.21
N ASP A 1879 52.37 -95.56 49.03
CA ASP A 1879 53.35 -95.96 50.02
C ASP A 1879 54.73 -95.88 49.39
N PRO A 1880 55.43 -94.75 49.50
CA PRO A 1880 56.72 -94.61 48.79
C PRO A 1880 57.76 -95.63 49.20
N ALA A 1881 57.79 -96.03 50.47
CA ALA A 1881 58.82 -96.96 50.92
C ALA A 1881 58.70 -98.31 50.23
N ARG A 1882 57.51 -98.89 50.25
CA ARG A 1882 57.28 -100.19 49.65
C ARG A 1882 56.97 -100.11 48.17
N GLY A 1883 56.92 -98.91 47.62
CA GLY A 1883 56.67 -98.78 46.18
C GLY A 1883 55.34 -99.35 45.74
N LYS A 1884 54.30 -99.13 46.52
CA LYS A 1884 52.96 -99.63 46.21
C LYS A 1884 51.99 -98.47 46.15
N LEU A 1885 51.06 -98.53 45.19
CA LEU A 1885 50.04 -97.52 45.01
C LEU A 1885 48.67 -98.18 45.19
N TYR A 1886 47.87 -97.63 46.09
CA TYR A 1886 46.53 -98.13 46.36
C TYR A 1886 45.50 -97.06 46.02
N TRP A 1887 44.47 -97.44 45.28
CA TRP A 1887 43.42 -96.50 44.93
C TRP A 1887 42.07 -97.18 45.04
N SER A 1888 41.04 -96.34 45.10
CA SER A 1888 39.65 -96.80 45.16
C SER A 1888 38.95 -96.36 43.89
N ASP A 1889 38.26 -97.29 43.26
CA ASP A 1889 37.58 -97.03 42.00
C ASP A 1889 36.10 -97.36 42.16
N GLN A 1890 35.24 -96.43 41.77
CA GLN A 1890 33.81 -96.70 41.78
C GLN A 1890 33.39 -97.61 40.63
N GLY A 1891 34.27 -97.87 39.68
CA GLY A 1891 33.93 -98.73 38.57
C GLY A 1891 33.11 -98.03 37.52
N THR A 1892 32.87 -98.76 36.43
CA THR A 1892 32.06 -98.27 35.33
C THR A 1892 31.14 -99.38 34.85
N ASP A 1893 30.09 -99.00 34.12
CA ASP A 1893 29.21 -99.99 33.53
C ASP A 1893 29.87 -100.73 32.38
N SER A 1894 31.04 -100.26 31.93
CA SER A 1894 31.73 -100.92 30.82
C SER A 1894 32.28 -102.28 31.23
N GLY A 1895 32.41 -102.50 32.54
CA GLY A 1895 32.92 -103.78 33.01
C GLY A 1895 33.82 -103.68 34.22
N VAL A 1896 34.46 -102.53 34.42
CA VAL A 1896 35.32 -102.32 35.58
C VAL A 1896 34.46 -102.28 36.84
N PRO A 1897 34.72 -103.15 37.82
CA PRO A 1897 33.89 -103.17 39.03
C PRO A 1897 34.40 -102.22 40.10
N ALA A 1898 33.48 -101.78 40.96
CA ALA A 1898 33.85 -100.97 42.10
C ALA A 1898 34.81 -101.75 43.00
N LYS A 1899 36.03 -101.23 43.13
CA LYS A 1899 37.10 -102.03 43.69
C LYS A 1899 38.05 -101.14 44.48
N ILE A 1900 38.81 -101.78 45.36
CA ILE A 1900 39.97 -101.16 46.01
C ILE A 1900 41.20 -101.86 45.45
N ALA A 1901 41.79 -101.28 44.40
CA ALA A 1901 42.86 -101.96 43.69
C ALA A 1901 44.22 -101.47 44.15
N SER A 1902 45.26 -102.20 43.75
CA SER A 1902 46.63 -101.88 44.12
C SER A 1902 47.53 -102.03 42.89
N ALA A 1903 48.64 -101.32 42.92
CA ALA A 1903 49.63 -101.39 41.85
C ALA A 1903 50.95 -100.86 42.35
N ASN A 1904 52.01 -101.20 41.63
CA ASN A 1904 53.31 -100.60 41.91
C ASN A 1904 53.30 -99.14 41.48
N MET A 1905 54.16 -98.35 42.12
CA MET A 1905 54.14 -96.91 41.85
C MET A 1905 54.68 -96.54 40.49
N ASP A 1906 54.99 -97.52 39.64
CA ASP A 1906 55.32 -97.25 38.24
C ASP A 1906 54.18 -97.60 37.31
N GLY A 1907 53.05 -98.04 37.83
CA GLY A 1907 51.90 -98.36 37.00
C GLY A 1907 51.81 -99.78 36.54
N THR A 1908 52.59 -100.70 37.12
CA THR A 1908 52.62 -102.08 36.70
C THR A 1908 52.15 -102.99 37.83
N SER A 1909 51.78 -104.22 37.44
CA SER A 1909 51.35 -105.26 38.38
C SER A 1909 50.11 -104.84 39.16
N VAL A 1910 49.05 -104.48 38.43
CA VAL A 1910 47.80 -104.12 39.06
C VAL A 1910 47.08 -105.37 39.57
N LYS A 1911 46.27 -105.20 40.61
CA LYS A 1911 45.47 -106.28 41.14
C LYS A 1911 44.31 -105.71 41.95
N THR A 1912 43.25 -106.49 42.09
CA THR A 1912 42.04 -106.07 42.79
C THR A 1912 42.07 -106.63 44.21
N LEU A 1913 42.41 -105.79 45.18
CA LEU A 1913 42.49 -106.26 46.56
C LEU A 1913 41.12 -106.63 47.09
N PHE A 1914 40.14 -105.73 46.95
CA PHE A 1914 38.82 -105.95 47.50
C PHE A 1914 37.77 -105.57 46.47
N THR A 1915 36.60 -106.19 46.58
CA THR A 1915 35.49 -105.89 45.68
C THR A 1915 34.20 -106.34 46.34
N GLY A 1916 33.09 -105.84 45.81
CA GLY A 1916 31.79 -106.16 46.37
C GLY A 1916 31.46 -105.32 47.58
N ASN A 1917 30.19 -104.91 47.70
CA ASN A 1917 29.73 -104.06 48.80
C ASN A 1917 30.53 -102.76 48.89
N LEU A 1918 30.87 -102.20 47.74
CA LEU A 1918 31.58 -100.93 47.67
C LEU A 1918 30.78 -99.87 46.93
N GLU A 1919 29.47 -99.86 47.17
CA GLU A 1919 28.61 -98.88 46.52
C GLU A 1919 28.91 -97.47 47.02
N HIS A 1920 29.02 -96.53 46.09
CA HIS A 1920 29.37 -95.15 46.41
C HIS A 1920 30.67 -95.11 47.22
N LEU A 1921 31.69 -95.79 46.71
CA LEU A 1921 32.95 -95.89 47.43
C LEU A 1921 33.64 -94.53 47.49
N GLU A 1922 33.99 -94.10 48.71
CA GLU A 1922 34.65 -92.82 48.92
C GLU A 1922 36.16 -92.98 48.97
N CYS A 1923 36.86 -91.94 49.41
CA CYS A 1923 38.32 -91.94 49.44
C CYS A 1923 38.84 -93.04 50.36
N VAL A 1924 40.03 -93.52 50.04
CA VAL A 1924 40.71 -94.57 50.79
C VAL A 1924 42.03 -94.03 51.29
N THR A 1925 42.36 -94.31 52.55
CA THR A 1925 43.62 -93.92 53.14
C THR A 1925 44.38 -95.16 53.58
N LEU A 1926 45.70 -95.03 53.67
CA LEU A 1926 46.58 -96.14 54.01
C LEU A 1926 47.28 -95.85 55.33
N ASP A 1927 47.25 -96.83 56.23
CA ASP A 1927 48.01 -96.74 57.47
C ASP A 1927 49.33 -97.48 57.24
N ILE A 1928 50.40 -96.70 57.05
CA ILE A 1928 51.69 -97.27 56.69
C ILE A 1928 52.23 -98.15 57.82
N GLU A 1929 52.00 -97.73 59.06
CA GLU A 1929 52.57 -98.45 60.20
C GLU A 1929 52.05 -99.87 60.28
N GLU A 1930 50.76 -100.06 60.05
CA GLU A 1930 50.14 -101.38 60.13
C GLU A 1930 49.89 -102.01 58.78
N GLN A 1931 50.15 -101.30 57.69
CA GLN A 1931 49.90 -101.79 56.34
C GLN A 1931 48.45 -102.23 56.17
N LYS A 1932 47.53 -101.35 56.58
CA LYS A 1932 46.11 -101.59 56.46
C LYS A 1932 45.46 -100.44 55.69
N LEU A 1933 44.37 -100.76 55.00
CA LEU A 1933 43.64 -99.80 54.19
C LEU A 1933 42.31 -99.47 54.84
N TYR A 1934 41.99 -98.19 54.94
CA TYR A 1934 40.73 -97.71 55.49
C TYR A 1934 39.97 -97.00 54.37
N TRP A 1935 38.75 -97.45 54.11
CA TRP A 1935 37.91 -96.83 53.11
C TRP A 1935 36.48 -96.69 53.62
N ALA A 1936 35.77 -95.71 53.07
CA ALA A 1936 34.40 -95.40 53.48
C ALA A 1936 33.45 -95.78 52.36
N VAL A 1937 32.46 -96.60 52.68
CA VAL A 1937 31.44 -97.01 51.73
C VAL A 1937 30.17 -96.27 52.11
N THR A 1938 29.82 -95.24 51.34
CA THR A 1938 28.62 -94.48 51.63
C THR A 1938 27.37 -95.34 51.47
N GLY A 1939 27.33 -96.18 50.43
CA GLY A 1939 26.14 -96.98 50.20
C GLY A 1939 25.77 -97.85 51.37
N ARG A 1940 26.77 -98.49 51.99
CA ARG A 1940 26.56 -99.24 53.22
C ARG A 1940 26.67 -98.36 54.45
N GLY A 1941 27.15 -97.14 54.31
CA GLY A 1941 27.29 -96.23 55.43
C GLY A 1941 28.25 -96.75 56.49
N VAL A 1942 29.37 -97.30 56.06
CA VAL A 1942 30.35 -97.90 56.96
C VAL A 1942 31.75 -97.45 56.58
N ILE A 1943 32.68 -97.65 57.49
CA ILE A 1943 34.11 -97.42 57.24
C ILE A 1943 34.80 -98.76 57.44
N GLU A 1944 35.15 -99.42 56.33
CA GLU A 1944 35.74 -100.74 56.41
C GLU A 1944 37.25 -100.65 56.59
N ARG A 1945 37.86 -101.81 56.83
CA ARG A 1945 39.30 -101.90 56.98
C ARG A 1945 39.79 -103.22 56.40
N GLY A 1946 40.95 -103.17 55.78
CA GLY A 1946 41.55 -104.36 55.21
C GLY A 1946 43.05 -104.22 55.08
N ASN A 1947 43.72 -105.36 54.91
CA ASN A 1947 45.16 -105.36 54.75
C ASN A 1947 45.54 -105.01 53.31
N VAL A 1948 46.79 -104.62 53.14
CA VAL A 1948 47.29 -104.27 51.82
C VAL A 1948 47.40 -105.47 50.88
N ASP A 1949 47.24 -106.67 51.40
CA ASP A 1949 47.30 -107.88 50.59
C ASP A 1949 45.93 -108.45 50.26
N GLY A 1950 44.87 -107.67 50.44
CA GLY A 1950 43.53 -108.14 50.10
C GLY A 1950 42.96 -109.14 51.07
N THR A 1951 43.36 -109.09 52.33
CA THR A 1951 42.91 -110.05 53.34
C THR A 1951 42.43 -109.29 54.58
N ASP A 1952 41.60 -109.97 55.37
CA ASP A 1952 41.10 -109.47 56.64
C ASP A 1952 40.31 -108.17 56.45
N ARG A 1953 39.21 -108.30 55.72
CA ARG A 1953 38.28 -107.20 55.50
C ARG A 1953 37.27 -107.17 56.63
N MET A 1954 37.26 -106.08 57.39
CA MET A 1954 36.37 -105.92 58.54
C MET A 1954 35.69 -104.56 58.49
N ILE A 1955 34.52 -104.48 59.10
CA ILE A 1955 33.75 -103.24 59.20
C ILE A 1955 34.16 -102.58 60.51
N LEU A 1956 34.63 -101.34 60.43
CA LEU A 1956 35.16 -100.68 61.62
C LEU A 1956 34.13 -99.76 62.26
N VAL A 1957 33.38 -99.01 61.45
CA VAL A 1957 32.37 -98.09 61.96
C VAL A 1957 31.06 -98.36 61.25
N HIS A 1958 29.98 -98.38 62.02
CA HIS A 1958 28.64 -98.61 61.49
C HIS A 1958 27.83 -97.32 61.59
N GLN A 1959 26.69 -97.30 60.90
CA GLN A 1959 25.69 -96.23 61.03
C GLN A 1959 26.27 -94.87 60.69
N LEU A 1960 26.65 -94.70 59.43
CA LEU A 1960 27.10 -93.41 58.89
C LEU A 1960 26.21 -93.04 57.72
N SER A 1961 25.96 -91.74 57.56
CA SER A 1961 25.09 -91.28 56.47
C SER A 1961 25.88 -91.12 55.18
N HIS A 1962 26.85 -90.22 55.16
CA HIS A 1962 27.65 -89.95 53.97
C HIS A 1962 29.08 -89.63 54.40
N PRO A 1963 29.83 -90.63 54.86
CA PRO A 1963 31.22 -90.37 55.24
C PRO A 1963 32.04 -90.00 54.02
N TRP A 1964 32.85 -88.94 54.16
CA TRP A 1964 33.57 -88.40 53.02
C TRP A 1964 35.08 -88.56 53.16
N GLY A 1965 35.66 -88.11 54.27
CA GLY A 1965 37.10 -88.11 54.46
C GLY A 1965 37.50 -89.09 55.56
N ILE A 1966 38.67 -89.69 55.39
CA ILE A 1966 39.22 -90.63 56.34
C ILE A 1966 40.69 -90.32 56.54
N ALA A 1967 41.11 -90.19 57.79
CA ALA A 1967 42.51 -90.02 58.13
C ALA A 1967 42.82 -90.88 59.35
N VAL A 1968 43.94 -91.59 59.30
CA VAL A 1968 44.37 -92.47 60.38
C VAL A 1968 45.70 -91.94 60.90
N HIS A 1969 45.75 -91.66 62.20
CA HIS A 1969 46.97 -91.20 62.85
C HIS A 1969 47.09 -91.88 64.20
N ASP A 1970 48.31 -92.34 64.51
CA ASP A 1970 48.56 -93.06 65.76
C ASP A 1970 47.57 -94.20 65.93
N SER A 1971 46.75 -94.14 66.98
CA SER A 1971 45.76 -95.16 67.26
C SER A 1971 44.34 -94.64 67.05
N PHE A 1972 44.17 -93.57 66.30
CA PHE A 1972 42.87 -92.93 66.13
C PHE A 1972 42.50 -92.88 64.66
N LEU A 1973 41.20 -93.00 64.39
CA LEU A 1973 40.65 -92.89 63.05
C LEU A 1973 39.77 -91.66 63.00
N TYR A 1974 40.19 -90.65 62.23
CA TYR A 1974 39.43 -89.42 62.09
C TYR A 1974 38.65 -89.48 60.78
N TYR A 1975 37.34 -89.26 60.86
CA TYR A 1975 36.49 -89.25 59.69
C TYR A 1975 35.48 -88.12 59.80
N THR A 1976 34.90 -87.77 58.66
CA THR A 1976 33.93 -86.68 58.56
C THR A 1976 32.71 -87.17 57.80
N ASP A 1977 31.54 -86.84 58.31
CA ASP A 1977 30.27 -87.18 57.68
C ASP A 1977 29.59 -85.90 57.23
N GLU A 1978 29.31 -85.80 55.93
CA GLU A 1978 28.74 -84.57 55.39
C GLU A 1978 27.31 -84.35 55.89
N GLN A 1979 26.48 -85.38 55.81
CA GLN A 1979 25.09 -85.23 56.21
C GLN A 1979 24.98 -84.96 57.71
N TYR A 1980 25.77 -85.68 58.52
CA TYR A 1980 25.81 -85.39 59.94
C TYR A 1980 26.51 -84.09 60.26
N GLU A 1981 27.29 -83.54 59.34
CA GLU A 1981 28.04 -82.30 59.55
C GLU A 1981 28.91 -82.39 60.79
N VAL A 1982 29.66 -83.48 60.89
CA VAL A 1982 30.42 -83.78 62.10
C VAL A 1982 31.79 -84.31 61.71
N ILE A 1983 32.79 -84.03 62.54
CA ILE A 1983 34.12 -84.62 62.43
C ILE A 1983 34.35 -85.45 63.67
N GLU A 1984 34.43 -86.76 63.50
CA GLU A 1984 34.48 -87.68 64.63
C GLU A 1984 35.79 -88.47 64.62
N ARG A 1985 36.20 -88.87 65.82
CA ARG A 1985 37.43 -89.62 66.02
C ARG A 1985 37.11 -90.91 66.75
N VAL A 1986 37.61 -92.03 66.23
CA VAL A 1986 37.44 -93.33 66.86
C VAL A 1986 38.77 -94.05 66.87
N ASP A 1987 38.87 -95.05 67.75
CA ASP A 1987 40.07 -95.87 67.81
C ASP A 1987 40.19 -96.72 66.55
N LYS A 1988 41.35 -96.67 65.90
CA LYS A 1988 41.49 -97.37 64.63
C LYS A 1988 41.46 -98.88 64.81
N ALA A 1989 41.66 -99.36 66.03
CA ALA A 1989 41.63 -100.80 66.27
C ALA A 1989 40.21 -101.33 66.17
N THR A 1990 39.25 -100.67 66.82
CA THR A 1990 37.89 -101.16 66.90
C THR A 1990 36.81 -100.12 66.59
N GLY A 1991 37.13 -98.84 66.61
CA GLY A 1991 36.14 -97.82 66.37
C GLY A 1991 35.06 -97.78 67.44
N ALA A 1992 35.47 -97.70 68.71
CA ALA A 1992 34.54 -97.73 69.82
C ALA A 1992 34.36 -96.36 70.47
N ASN A 1993 35.45 -95.74 70.91
CA ASN A 1993 35.38 -94.47 71.62
C ASN A 1993 35.21 -93.35 70.60
N LYS A 1994 33.99 -92.85 70.46
CA LYS A 1994 33.66 -91.81 69.49
C LYS A 1994 33.71 -90.45 70.16
N ILE A 1995 34.47 -89.53 69.58
CA ILE A 1995 34.61 -88.17 70.08
C ILE A 1995 34.31 -87.21 68.94
N VAL A 1996 33.49 -86.20 69.21
CA VAL A 1996 33.09 -85.22 68.19
C VAL A 1996 34.10 -84.08 68.25
N LEU A 1997 34.97 -83.99 67.24
CA LEU A 1997 35.89 -82.87 67.16
C LEU A 1997 35.16 -81.58 66.81
N ARG A 1998 34.31 -81.62 65.79
CA ARG A 1998 33.53 -80.47 65.38
C ARG A 1998 32.13 -80.93 65.01
N ASP A 1999 31.17 -80.03 65.09
CA ASP A 1999 29.79 -80.33 64.76
C ASP A 1999 29.15 -79.14 64.06
N ASN A 2000 28.07 -79.42 63.35
CA ASN A 2000 27.35 -78.41 62.58
C ASN A 2000 28.28 -77.65 61.64
N VAL A 2001 29.15 -78.40 60.96
CA VAL A 2001 30.08 -77.83 59.98
C VAL A 2001 29.50 -78.09 58.59
N PRO A 2002 29.04 -77.08 57.88
CA PRO A 2002 28.43 -77.32 56.56
C PRO A 2002 29.47 -77.61 55.50
N ASN A 2003 29.07 -78.45 54.55
CA ASN A 2003 29.88 -78.77 53.37
C ASN A 2003 31.24 -79.34 53.76
N LEU A 2004 31.21 -80.38 54.60
CA LEU A 2004 32.46 -81.06 54.96
C LEU A 2004 32.97 -81.85 53.77
N ARG A 2005 34.29 -82.06 53.75
CA ARG A 2005 34.94 -82.83 52.70
C ARG A 2005 36.06 -83.67 53.30
N GLY A 2006 36.92 -84.24 52.47
CA GLY A 2006 37.96 -85.12 52.94
C GLY A 2006 39.00 -84.44 53.80
N LEU A 2007 39.77 -85.20 54.56
CA LEU A 2007 40.76 -84.63 55.47
C LEU A 2007 41.97 -85.54 55.56
N GLN A 2008 43.09 -84.98 55.99
CA GLN A 2008 44.33 -85.72 56.18
C GLN A 2008 45.08 -85.14 57.36
N VAL A 2009 45.62 -86.01 58.19
CA VAL A 2009 46.38 -85.57 59.36
C VAL A 2009 47.73 -85.05 58.91
N TYR A 2010 48.10 -83.86 59.41
CA TYR A 2010 49.38 -83.25 59.08
C TYR A 2010 50.44 -83.76 60.06
N HIS A 2011 50.78 -85.03 59.90
CA HIS A 2011 51.80 -85.60 60.78
C HIS A 2011 53.19 -85.38 60.20
N ARG A 2012 54.20 -85.53 61.05
CA ARG A 2012 55.58 -85.43 60.63
C ARG A 2012 55.98 -86.71 59.93
N ARG A 2013 56.49 -86.60 58.70
CA ARG A 2013 56.90 -87.77 57.95
C ARG A 2013 58.00 -88.52 58.69
N ASN A 2014 57.91 -89.85 58.66
CA ASN A 2014 58.89 -90.67 59.35
C ASN A 2014 60.26 -90.51 58.71
N ALA A 2015 61.18 -89.87 59.44
CA ALA A 2015 62.51 -89.61 58.88
C ALA A 2015 63.33 -90.88 58.78
N ALA A 2016 63.02 -91.88 59.62
CA ALA A 2016 63.77 -93.14 59.56
C ALA A 2016 63.53 -93.85 58.24
N GLU A 2017 62.28 -94.00 57.83
CA GLU A 2017 61.94 -94.67 56.58
C GLU A 2017 61.80 -93.62 55.47
N SER A 2018 62.92 -93.02 55.14
CA SER A 2018 62.96 -91.90 54.20
C SER A 2018 63.95 -92.17 53.07
N SER A 2019 63.89 -93.37 52.49
CA SER A 2019 64.78 -93.71 51.38
C SER A 2019 64.14 -94.84 50.56
N ASN A 2020 64.10 -94.63 49.25
CA ASN A 2020 63.68 -95.67 48.31
C ASN A 2020 64.61 -95.66 47.11
N GLY A 2021 64.19 -96.33 46.04
CA GLY A 2021 65.03 -96.42 44.86
C GLY A 2021 65.36 -95.07 44.27
N CYS A 2022 64.35 -94.21 44.13
CA CYS A 2022 64.57 -92.91 43.50
C CYS A 2022 65.38 -91.99 44.41
N SER A 2023 65.12 -92.04 45.72
CA SER A 2023 65.87 -91.21 46.64
C SER A 2023 67.35 -91.58 46.64
N ASN A 2024 67.65 -92.88 46.61
CA ASN A 2024 69.05 -93.31 46.59
C ASN A 2024 69.68 -93.09 45.22
N ASN A 2025 68.87 -92.94 44.18
CA ASN A 2025 69.39 -92.82 42.82
C ASN A 2025 68.84 -91.58 42.13
N MET A 2026 68.87 -90.44 42.82
CA MET A 2026 68.43 -89.20 42.20
C MET A 2026 69.30 -88.85 41.01
N ASN A 2027 68.70 -88.20 40.02
CA ASN A 2027 69.30 -87.80 38.75
C ASN A 2027 69.63 -88.97 37.85
N ALA A 2028 69.30 -90.20 38.24
CA ALA A 2028 69.52 -91.33 37.34
C ALA A 2028 68.59 -91.27 36.13
N CYS A 2029 67.31 -91.03 36.36
CA CYS A 2029 66.34 -90.94 35.28
C CYS A 2029 66.36 -89.54 34.68
N GLN A 2030 66.14 -89.46 33.37
CA GLN A 2030 66.20 -88.17 32.69
C GLN A 2030 65.04 -87.28 33.09
N GLN A 2031 63.82 -87.83 33.10
CA GLN A 2031 62.63 -87.02 33.39
C GLN A 2031 61.89 -87.48 34.64
N ILE A 2032 61.47 -88.74 34.71
CA ILE A 2032 60.62 -89.21 35.80
C ILE A 2032 61.22 -90.47 36.40
N CYS A 2033 61.34 -90.49 37.72
CA CYS A 2033 61.74 -91.68 38.47
C CYS A 2033 60.55 -92.16 39.29
N LEU A 2034 60.31 -93.46 39.30
CA LEU A 2034 59.22 -94.05 40.05
C LEU A 2034 59.73 -95.22 40.87
N PRO A 2035 59.62 -95.17 42.19
CA PRO A 2035 60.06 -96.31 43.01
C PRO A 2035 59.18 -97.54 42.76
N VAL A 2036 59.80 -98.71 42.90
CA VAL A 2036 59.12 -99.98 42.69
C VAL A 2036 59.43 -100.87 43.89
N PRO A 2037 58.61 -101.86 44.21
CA PRO A 2037 58.85 -102.65 45.43
C PRO A 2037 60.23 -103.30 45.43
N GLY A 2038 60.86 -103.33 46.60
CA GLY A 2038 62.18 -103.89 46.75
C GLY A 2038 63.31 -102.89 46.68
N GLY A 2039 63.03 -101.59 46.74
CA GLY A 2039 64.07 -100.59 46.64
C GLY A 2039 64.55 -100.31 45.25
N LEU A 2040 63.91 -100.88 44.23
CA LEU A 2040 64.28 -100.67 42.84
C LEU A 2040 63.51 -99.50 42.27
N PHE A 2041 64.20 -98.66 41.51
CA PHE A 2041 63.60 -97.49 40.89
C PHE A 2041 63.40 -97.74 39.41
N SER A 2042 62.21 -97.45 38.91
CA SER A 2042 61.88 -97.63 37.51
C SER A 2042 61.75 -96.27 36.84
N CYS A 2043 62.66 -95.98 35.91
CA CYS A 2043 62.56 -94.73 35.18
C CYS A 2043 61.37 -94.74 34.25
N ALA A 2044 60.66 -93.61 34.21
CA ALA A 2044 59.56 -93.40 33.29
C ALA A 2044 59.77 -92.06 32.59
N CYS A 2045 58.96 -91.79 31.58
CA CYS A 2045 59.10 -90.55 30.84
C CYS A 2045 57.72 -89.90 30.66
N ALA A 2046 57.74 -88.59 30.48
CA ALA A 2046 56.51 -87.80 30.49
C ALA A 2046 55.64 -88.08 29.28
N THR A 2047 54.52 -87.38 29.21
CA THR A 2047 53.60 -87.51 28.09
C THR A 2047 54.27 -87.07 26.79
N GLY A 2048 54.12 -87.88 25.76
CA GLY A 2048 54.66 -87.58 24.46
C GLY A 2048 56.07 -88.07 24.23
N PHE A 2049 56.71 -88.60 25.26
CA PHE A 2049 58.06 -89.15 25.17
C PHE A 2049 58.05 -90.60 25.60
N LYS A 2050 58.99 -91.37 25.07
CA LYS A 2050 59.08 -92.80 25.34
C LYS A 2050 60.44 -93.12 25.93
N LEU A 2051 60.46 -94.08 26.85
CA LEU A 2051 61.72 -94.49 27.46
C LEU A 2051 62.59 -95.22 26.45
N ASN A 2052 63.84 -94.81 26.34
CA ASN A 2052 64.78 -95.44 25.43
C ASN A 2052 65.19 -96.79 25.99
N PRO A 2053 65.76 -97.67 25.15
CA PRO A 2053 66.16 -99.00 25.64
C PRO A 2053 67.20 -98.96 26.75
N ASP A 2054 67.93 -97.85 26.88
CA ASP A 2054 68.92 -97.75 27.96
C ASP A 2054 68.28 -97.61 29.32
N ASN A 2055 66.95 -97.44 29.39
CA ASN A 2055 66.17 -97.31 30.62
C ASN A 2055 66.47 -96.04 31.38
N ARG A 2056 67.16 -95.09 30.77
CA ARG A 2056 67.46 -93.81 31.39
C ARG A 2056 67.11 -92.63 30.50
N SER A 2057 67.17 -92.80 29.18
CA SER A 2057 66.97 -91.70 28.26
C SER A 2057 65.50 -91.59 27.84
N CYS A 2058 65.16 -90.44 27.29
CA CYS A 2058 63.80 -90.14 26.83
C CYS A 2058 63.84 -89.77 25.36
N SER A 2059 62.90 -90.31 24.59
CA SER A 2059 62.76 -89.95 23.19
C SER A 2059 61.28 -89.84 22.85
N PRO A 2060 60.92 -88.96 21.91
CA PRO A 2060 59.50 -88.82 21.54
C PRO A 2060 58.98 -90.09 20.90
N TYR A 2061 57.67 -90.33 21.07
CA TYR A 2061 57.04 -91.48 20.46
C TYR A 2061 57.13 -91.39 18.94
N ASN A 2062 57.35 -92.53 18.30
CA ASN A 2062 57.43 -92.60 16.85
C ASN A 2062 56.32 -93.43 16.22
N SER A 2063 55.63 -94.27 16.99
CA SER A 2063 54.56 -95.10 16.46
C SER A 2063 53.41 -95.13 17.45
N PHE A 2064 52.29 -94.54 17.07
CA PHE A 2064 51.10 -94.50 17.91
C PHE A 2064 49.91 -94.13 17.05
N ILE A 2065 48.72 -94.38 17.59
CA ILE A 2065 47.47 -94.02 16.93
C ILE A 2065 46.96 -92.73 17.55
N VAL A 2066 46.48 -91.82 16.71
CA VAL A 2066 45.93 -90.55 17.18
C VAL A 2066 44.42 -90.65 17.05
N VAL A 2067 43.72 -90.63 18.17
CA VAL A 2067 42.27 -90.68 18.15
C VAL A 2067 41.72 -89.26 18.25
N SER A 2068 40.57 -89.04 17.62
CA SER A 2068 40.07 -87.71 17.33
C SER A 2068 38.66 -87.55 17.88
N MET A 2069 38.47 -87.94 19.14
CA MET A 2069 37.16 -87.76 19.76
C MET A 2069 36.83 -86.28 19.85
N LEU A 2070 35.57 -85.94 19.63
CA LEU A 2070 35.18 -84.58 19.29
C LEU A 2070 35.73 -83.53 20.25
N SER A 2071 35.70 -83.83 21.55
CA SER A 2071 36.16 -82.85 22.53
C SER A 2071 37.66 -82.59 22.41
N ALA A 2072 38.46 -83.65 22.26
CA ALA A 2072 39.90 -83.47 22.24
C ALA A 2072 40.59 -84.56 21.43
N ILE A 2073 41.77 -84.25 20.92
CA ILE A 2073 42.55 -85.17 20.12
C ILE A 2073 43.63 -85.75 21.01
N ARG A 2074 43.60 -87.06 21.21
CA ARG A 2074 44.54 -87.74 22.09
C ARG A 2074 45.17 -88.91 21.36
N GLY A 2075 46.39 -89.26 21.77
CA GLY A 2075 47.13 -90.36 21.19
C GLY A 2075 47.34 -91.48 22.20
N PHE A 2076 47.44 -92.70 21.69
CA PHE A 2076 47.64 -93.88 22.52
C PHE A 2076 48.69 -94.77 21.89
N SER A 2077 49.41 -95.50 22.73
CA SER A 2077 50.40 -96.45 22.25
C SER A 2077 49.73 -97.71 21.74
N LEU A 2078 50.36 -98.33 20.74
CA LEU A 2078 49.80 -99.57 20.20
C LEU A 2078 50.03 -100.74 21.14
N GLU A 2079 51.08 -100.68 21.96
CA GLU A 2079 51.30 -101.71 22.97
C GLU A 2079 50.26 -101.58 24.08
N LEU A 2080 49.49 -102.64 24.28
CA LEU A 2080 48.36 -102.57 25.21
C LEU A 2080 48.84 -102.37 26.64
N SER A 2081 49.99 -102.94 26.99
CA SER A 2081 50.48 -102.80 28.36
C SER A 2081 50.97 -101.39 28.65
N ASP A 2082 51.15 -100.56 27.62
CA ASP A 2082 51.56 -99.18 27.81
C ASP A 2082 50.33 -98.29 27.87
N HIS A 2083 50.22 -97.49 28.92
CA HIS A 2083 49.08 -96.60 29.12
C HIS A 2083 49.45 -95.13 29.03
N SER A 2084 50.68 -94.82 28.66
CA SER A 2084 51.11 -93.43 28.58
C SER A 2084 50.43 -92.73 27.41
N GLU A 2085 50.27 -91.41 27.55
CA GLU A 2085 49.75 -90.59 26.46
C GLU A 2085 50.88 -90.29 25.50
N THR A 2086 50.74 -90.72 24.26
CA THR A 2086 51.81 -90.60 23.28
C THR A 2086 51.92 -89.21 22.68
N MET A 2087 51.00 -88.31 23.01
CA MET A 2087 51.09 -86.94 22.51
C MET A 2087 50.36 -86.03 23.50
N VAL A 2088 50.70 -84.75 23.45
CA VAL A 2088 50.01 -83.77 24.27
C VAL A 2088 48.60 -83.62 23.72
N PRO A 2089 47.58 -83.89 24.51
CA PRO A 2089 46.21 -83.82 23.98
C PRO A 2089 45.88 -82.42 23.50
N VAL A 2090 45.15 -82.35 22.39
CA VAL A 2090 44.73 -81.08 21.81
C VAL A 2090 43.28 -80.84 22.23
N ALA A 2091 43.08 -79.88 23.13
CA ALA A 2091 41.75 -79.56 23.61
C ALA A 2091 41.63 -78.04 23.72
N GLY A 2092 40.44 -77.60 24.06
CA GLY A 2092 40.19 -76.18 24.22
C GLY A 2092 38.78 -75.84 23.79
N GLN A 2093 38.49 -74.54 23.81
CA GLN A 2093 37.17 -74.07 23.42
C GLN A 2093 36.95 -74.29 21.95
N GLY A 2094 35.75 -74.77 21.60
CA GLY A 2094 35.38 -74.94 20.21
C GLY A 2094 36.09 -76.06 19.49
N ARG A 2095 36.60 -77.05 20.22
CA ARG A 2095 37.28 -78.19 19.62
C ARG A 2095 36.22 -79.20 19.17
N ASN A 2096 36.06 -79.33 17.86
CA ASN A 2096 35.19 -80.34 17.27
C ASN A 2096 35.96 -80.95 16.09
N ALA A 2097 36.76 -81.96 16.38
CA ALA A 2097 37.65 -82.54 15.38
C ALA A 2097 36.92 -83.64 14.63
N LEU A 2098 36.53 -83.36 13.40
CA LEU A 2098 35.82 -84.36 12.61
C LEU A 2098 36.74 -85.47 12.14
N HIS A 2099 37.92 -85.11 11.63
CA HIS A 2099 38.85 -86.09 11.10
C HIS A 2099 40.27 -85.67 11.41
N VAL A 2100 41.18 -86.63 11.37
CA VAL A 2100 42.59 -86.39 11.67
C VAL A 2100 43.45 -87.12 10.65
N ASP A 2101 44.44 -86.41 10.10
CA ASP A 2101 45.47 -87.03 9.30
C ASP A 2101 46.82 -86.49 9.76
N VAL A 2102 47.86 -87.28 9.55
CA VAL A 2102 49.17 -87.01 10.12
C VAL A 2102 50.22 -86.99 9.02
N ASP A 2103 51.15 -86.05 9.13
CA ASP A 2103 52.32 -85.97 8.25
C ASP A 2103 53.52 -86.37 9.10
N VAL A 2104 53.93 -87.63 8.99
CA VAL A 2104 54.94 -88.17 9.90
C VAL A 2104 56.29 -87.50 9.66
N SER A 2105 56.64 -87.28 8.39
CA SER A 2105 57.96 -86.72 8.08
C SER A 2105 58.14 -85.34 8.70
N SER A 2106 57.15 -84.46 8.53
CA SER A 2106 57.22 -83.14 9.14
C SER A 2106 56.76 -83.14 10.59
N GLY A 2107 56.20 -84.25 11.07
CA GLY A 2107 55.77 -84.32 12.45
C GLY A 2107 54.63 -83.40 12.79
N PHE A 2108 53.55 -83.45 12.00
CA PHE A 2108 52.38 -82.61 12.23
C PHE A 2108 51.13 -83.48 12.26
N ILE A 2109 50.12 -83.00 12.96
CA ILE A 2109 48.83 -83.69 13.09
C ILE A 2109 47.73 -82.73 12.67
N TYR A 2110 47.14 -82.99 11.51
CA TYR A 2110 46.10 -82.13 10.96
C TYR A 2110 44.73 -82.60 11.43
N TRP A 2111 43.80 -81.65 11.54
CA TRP A 2111 42.42 -82.00 11.85
C TRP A 2111 41.51 -80.88 11.36
N CYS A 2112 40.26 -81.25 11.09
CA CYS A 2112 39.27 -80.32 10.58
C CYS A 2112 38.24 -80.05 11.66
N ASP A 2113 38.15 -78.80 12.10
CA ASP A 2113 37.18 -78.37 13.08
C ASP A 2113 35.92 -77.89 12.37
N PHE A 2114 34.77 -78.23 12.93
CA PHE A 2114 33.47 -77.83 12.38
C PHE A 2114 32.59 -77.32 13.50
N SER A 2115 31.86 -76.24 13.23
CA SER A 2115 30.94 -75.66 14.20
C SER A 2115 29.86 -74.90 13.44
N SER A 2116 28.63 -75.40 13.51
CA SER A 2116 27.52 -74.73 12.85
C SER A 2116 27.27 -73.36 13.46
N SER A 2117 27.34 -73.27 14.78
CA SER A 2117 27.00 -72.01 15.47
C SER A 2117 28.00 -70.91 15.14
N VAL A 2118 29.30 -71.21 15.23
CA VAL A 2118 30.35 -70.21 15.08
C VAL A 2118 31.11 -70.50 13.79
N ALA A 2119 31.17 -69.52 12.91
CA ALA A 2119 31.86 -69.71 11.63
C ALA A 2119 33.38 -69.68 11.81
N SER A 2120 33.86 -68.93 12.79
CA SER A 2120 35.30 -68.81 12.97
C SER A 2120 35.92 -70.10 13.49
N ASP A 2121 35.11 -71.00 14.05
CA ASP A 2121 35.66 -72.25 14.56
C ASP A 2121 35.96 -73.22 13.44
N ASN A 2122 35.25 -73.12 12.32
CA ASN A 2122 35.49 -74.00 11.18
C ASN A 2122 36.84 -73.71 10.59
N ALA A 2123 37.79 -74.64 10.75
CA ALA A 2123 39.14 -74.41 10.27
C ALA A 2123 39.83 -75.76 10.09
N ILE A 2124 40.91 -75.74 9.32
CA ILE A 2124 41.82 -76.87 9.22
C ILE A 2124 43.12 -76.45 9.90
N ARG A 2125 43.45 -77.14 10.99
CA ARG A 2125 44.58 -76.78 11.83
C ARG A 2125 45.61 -77.90 11.81
N ARG A 2126 46.76 -77.62 12.42
CA ARG A 2126 47.80 -78.62 12.58
C ARG A 2126 48.62 -78.29 13.81
N ILE A 2127 49.23 -79.32 14.41
CA ILE A 2127 50.05 -79.15 15.60
C ILE A 2127 51.02 -80.32 15.68
N LYS A 2128 52.19 -80.05 16.23
CA LYS A 2128 53.15 -81.13 16.41
C LYS A 2128 52.75 -81.99 17.60
N PRO A 2129 53.22 -83.24 17.65
CA PRO A 2129 52.84 -84.11 18.77
C PRO A 2129 53.16 -83.54 20.13
N ASP A 2130 54.24 -82.78 20.26
CA ASP A 2130 54.56 -82.18 21.56
C ASP A 2130 53.66 -81.00 21.90
N GLY A 2131 52.69 -80.68 21.05
CA GLY A 2131 51.79 -79.57 21.31
C GLY A 2131 52.48 -78.23 21.32
N SER A 2132 53.33 -77.98 20.33
CA SER A 2132 54.12 -76.75 20.31
C SER A 2132 53.70 -75.80 19.22
N SER A 2133 53.65 -76.28 17.97
CA SER A 2133 53.43 -75.42 16.82
C SER A 2133 52.01 -75.59 16.30
N LEU A 2134 51.12 -74.69 16.67
CA LEU A 2134 49.73 -74.71 16.21
C LEU A 2134 49.50 -73.53 15.27
N MET A 2135 49.02 -73.81 14.07
CA MET A 2135 48.75 -72.77 13.08
C MET A 2135 47.57 -73.19 12.23
N ASN A 2136 46.67 -72.25 11.95
CA ASN A 2136 45.48 -72.52 11.15
C ASN A 2136 45.87 -72.59 9.68
N ILE A 2137 45.83 -73.79 9.12
CA ILE A 2137 46.20 -73.97 7.72
C ILE A 2137 45.16 -73.34 6.81
N VAL A 2138 43.88 -73.64 7.05
CA VAL A 2138 42.79 -73.17 6.20
C VAL A 2138 41.71 -72.57 7.09
N THR A 2139 41.32 -71.33 6.78
CA THR A 2139 40.26 -70.67 7.53
C THR A 2139 39.26 -69.92 6.67
N HIS A 2140 39.56 -69.69 5.39
CA HIS A 2140 38.67 -68.93 4.51
C HIS A 2140 38.16 -69.83 3.40
N GLY A 2141 36.92 -69.60 2.98
CA GLY A 2141 36.30 -70.40 1.95
C GLY A 2141 35.63 -71.66 2.44
N ILE A 2142 35.66 -71.92 3.75
CA ILE A 2142 35.04 -73.13 4.27
C ILE A 2142 33.53 -73.01 4.17
N GLY A 2143 32.89 -74.04 3.63
CA GLY A 2143 31.47 -73.98 3.38
C GLY A 2143 30.64 -74.02 4.65
N GLU A 2144 29.32 -74.05 4.44
CA GLU A 2144 28.39 -74.03 5.56
C GLU A 2144 28.49 -75.31 6.38
N ASN A 2145 28.66 -76.46 5.71
CA ASN A 2145 28.78 -77.73 6.41
C ASN A 2145 30.19 -78.02 6.87
N GLY A 2146 31.16 -77.16 6.56
CA GLY A 2146 32.51 -77.29 7.08
C GLY A 2146 33.32 -78.34 6.35
N VAL A 2147 34.60 -78.40 6.71
CA VAL A 2147 35.49 -79.40 6.14
C VAL A 2147 35.10 -80.77 6.67
N ARG A 2148 34.90 -81.72 5.77
CA ARG A 2148 34.39 -83.03 6.15
C ARG A 2148 35.39 -84.16 5.92
N GLY A 2149 36.61 -83.84 5.51
CA GLY A 2149 37.61 -84.86 5.31
C GLY A 2149 38.97 -84.27 5.02
N ILE A 2150 40.03 -84.90 5.51
CA ILE A 2150 41.40 -84.42 5.32
C ILE A 2150 42.26 -85.59 4.87
N ALA A 2151 42.96 -85.41 3.76
CA ALA A 2151 43.95 -86.37 3.30
C ALA A 2151 45.25 -85.62 3.03
N VAL A 2152 46.35 -86.10 3.60
CA VAL A 2152 47.64 -85.44 3.51
C VAL A 2152 48.55 -86.28 2.62
N ASP A 2153 48.97 -85.71 1.50
CA ASP A 2153 49.92 -86.35 0.60
C ASP A 2153 51.32 -86.00 1.07
N TRP A 2154 51.89 -86.87 1.91
CA TRP A 2154 53.20 -86.57 2.48
C TRP A 2154 54.27 -86.51 1.41
N VAL A 2155 54.10 -87.24 0.30
CA VAL A 2155 55.11 -87.25 -0.74
C VAL A 2155 55.21 -85.91 -1.44
N ALA A 2156 54.07 -85.34 -1.81
CA ALA A 2156 54.05 -84.08 -2.54
C ALA A 2156 53.74 -82.89 -1.66
N GLY A 2157 53.45 -83.10 -0.38
CA GLY A 2157 53.11 -81.99 0.50
C GLY A 2157 51.84 -81.26 0.08
N ASN A 2158 50.83 -82.01 -0.35
CA ASN A 2158 49.54 -81.45 -0.76
C ASN A 2158 48.47 -81.92 0.21
N LEU A 2159 47.64 -80.99 0.67
CA LEU A 2159 46.56 -81.29 1.59
C LEU A 2159 45.24 -81.30 0.83
N TYR A 2160 44.62 -82.46 0.72
CA TYR A 2160 43.31 -82.60 0.09
C TYR A 2160 42.24 -82.54 1.16
N PHE A 2161 41.21 -81.75 0.91
CA PHE A 2161 40.08 -81.68 1.83
C PHE A 2161 38.80 -81.45 1.04
N THR A 2162 37.68 -81.90 1.61
CA THR A 2162 36.39 -81.83 0.95
C THR A 2162 35.58 -80.71 1.61
N ASN A 2163 35.66 -79.52 1.02
CA ASN A 2163 34.82 -78.42 1.47
C ASN A 2163 33.36 -78.73 1.15
N ALA A 2164 32.49 -78.56 2.15
CA ALA A 2164 31.08 -78.93 2.03
C ALA A 2164 30.21 -77.69 2.22
N PHE A 2165 29.32 -77.45 1.26
CA PHE A 2165 28.36 -76.35 1.31
C PHE A 2165 26.96 -76.91 1.55
N VAL A 2166 25.98 -76.01 1.48
CA VAL A 2166 24.59 -76.41 1.69
C VAL A 2166 24.16 -77.41 0.62
N SER A 2167 24.49 -77.12 -0.64
CA SER A 2167 24.01 -77.93 -1.74
C SER A 2167 25.12 -78.42 -2.67
N GLU A 2168 26.38 -78.19 -2.33
CA GLU A 2168 27.47 -78.62 -3.19
C GLU A 2168 28.73 -78.87 -2.37
N THR A 2169 29.64 -79.65 -2.94
CA THR A 2169 30.86 -80.07 -2.26
C THR A 2169 32.05 -79.82 -3.17
N LEU A 2170 33.14 -79.30 -2.61
CA LEU A 2170 34.37 -79.03 -3.34
C LEU A 2170 35.47 -79.92 -2.80
N ILE A 2171 36.14 -80.64 -3.68
CA ILE A 2171 37.30 -81.45 -3.31
C ILE A 2171 38.52 -80.59 -3.63
N GLU A 2172 38.94 -79.78 -2.65
CA GLU A 2172 40.02 -78.84 -2.84
C GLU A 2172 41.36 -79.45 -2.47
N VAL A 2173 42.43 -78.83 -2.96
CA VAL A 2173 43.80 -79.23 -2.64
C VAL A 2173 44.57 -77.98 -2.28
N LEU A 2174 45.41 -78.09 -1.24
CA LEU A 2174 46.25 -76.98 -0.80
C LEU A 2174 47.68 -77.47 -0.69
N ARG A 2175 48.61 -76.72 -1.26
CA ARG A 2175 50.03 -77.01 -1.13
C ARG A 2175 50.50 -76.46 0.21
N ILE A 2176 51.00 -77.34 1.08
CA ILE A 2176 51.32 -76.95 2.44
C ILE A 2176 52.45 -75.93 2.44
N ASN A 2177 52.43 -75.02 3.40
CA ASN A 2177 53.48 -74.00 3.52
C ASN A 2177 53.47 -73.01 2.37
N THR A 2178 52.35 -72.90 1.67
CA THR A 2178 52.22 -71.93 0.59
C THR A 2178 50.83 -71.33 0.64
N THR A 2179 50.47 -70.60 -0.41
CA THR A 2179 49.15 -70.00 -0.52
C THR A 2179 48.34 -70.57 -1.68
N TYR A 2180 48.94 -71.41 -2.53
CA TYR A 2180 48.21 -71.97 -3.65
C TYR A 2180 47.12 -72.91 -3.15
N ARG A 2181 45.93 -72.75 -3.70
CA ARG A 2181 44.77 -73.53 -3.27
C ARG A 2181 43.79 -73.62 -4.44
N ARG A 2182 43.54 -74.84 -4.89
CA ARG A 2182 42.77 -75.07 -6.11
C ARG A 2182 41.60 -76.00 -5.82
N VAL A 2183 40.45 -75.70 -6.42
CA VAL A 2183 39.27 -76.54 -6.30
C VAL A 2183 39.34 -77.58 -7.41
N LEU A 2184 39.79 -78.78 -7.07
CA LEU A 2184 39.93 -79.82 -8.09
C LEU A 2184 38.59 -80.22 -8.67
N LEU A 2185 37.57 -80.34 -7.83
CA LEU A 2185 36.27 -80.83 -8.26
C LEU A 2185 35.15 -80.06 -7.60
N LYS A 2186 34.09 -79.80 -8.35
CA LYS A 2186 32.88 -79.17 -7.85
C LYS A 2186 31.71 -80.03 -8.27
N VAL A 2187 31.04 -80.65 -7.30
CA VAL A 2187 29.97 -81.60 -7.58
C VAL A 2187 28.74 -81.22 -6.77
N THR A 2188 27.58 -81.58 -7.30
CA THR A 2188 26.30 -81.29 -6.66
C THR A 2188 25.50 -82.54 -6.35
N VAL A 2189 25.40 -83.46 -7.29
CA VAL A 2189 24.63 -84.69 -7.05
C VAL A 2189 25.37 -85.59 -6.07
N ASP A 2190 26.69 -85.68 -6.18
CA ASP A 2190 27.49 -86.52 -5.29
C ASP A 2190 27.89 -85.74 -4.05
N MET A 2191 28.21 -86.48 -3.00
CA MET A 2191 28.51 -85.90 -1.69
C MET A 2191 29.78 -86.52 -1.12
N PRO A 2192 30.94 -86.21 -1.69
CA PRO A 2192 32.19 -86.77 -1.15
C PRO A 2192 32.49 -86.16 0.21
N ARG A 2193 32.60 -87.02 1.22
CA ARG A 2193 32.78 -86.49 2.56
C ARG A 2193 34.14 -86.83 3.15
N HIS A 2194 34.48 -88.10 3.25
CA HIS A 2194 35.78 -88.47 3.80
C HIS A 2194 36.71 -88.90 2.69
N ILE A 2195 37.94 -88.42 2.75
CA ILE A 2195 38.89 -88.55 1.64
C ILE A 2195 40.20 -89.10 2.17
N VAL A 2196 40.82 -90.00 1.41
CA VAL A 2196 42.11 -90.57 1.74
C VAL A 2196 42.96 -90.63 0.48
N VAL A 2197 44.26 -90.37 0.62
CA VAL A 2197 45.17 -90.24 -0.51
C VAL A 2197 46.18 -91.37 -0.46
N ASP A 2198 46.52 -91.91 -1.63
CA ASP A 2198 47.50 -92.99 -1.78
C ASP A 2198 48.54 -92.54 -2.80
N PRO A 2199 49.52 -91.74 -2.39
CA PRO A 2199 50.52 -91.25 -3.35
C PRO A 2199 51.30 -92.34 -4.03
N LYS A 2200 51.53 -93.47 -3.35
CA LYS A 2200 52.31 -94.55 -3.94
C LYS A 2200 51.66 -95.08 -5.21
N ASN A 2201 50.34 -95.26 -5.18
CA ASN A 2201 49.59 -95.70 -6.35
C ASN A 2201 49.01 -94.54 -7.14
N ARG A 2202 49.25 -93.30 -6.70
CA ARG A 2202 48.77 -92.11 -7.39
C ARG A 2202 47.26 -92.14 -7.56
N TYR A 2203 46.58 -92.45 -6.47
CA TYR A 2203 45.12 -92.53 -6.45
C TYR A 2203 44.58 -91.72 -5.29
N LEU A 2204 43.30 -91.35 -5.39
CA LEU A 2204 42.64 -90.54 -4.37
C LEU A 2204 41.25 -91.12 -4.14
N PHE A 2205 41.05 -91.74 -2.98
CA PHE A 2205 39.80 -92.41 -2.65
C PHE A 2205 39.01 -91.56 -1.66
N TRP A 2206 37.72 -91.42 -1.92
CA TRP A 2206 36.84 -90.77 -0.96
C TRP A 2206 35.57 -91.59 -0.79
N ALA A 2207 34.80 -91.25 0.24
CA ALA A 2207 33.57 -91.93 0.55
C ALA A 2207 32.41 -90.96 0.46
N ASP A 2208 31.28 -91.47 -0.03
CA ASP A 2208 30.08 -90.67 -0.19
C ASP A 2208 28.95 -91.39 0.55
N TYR A 2209 28.31 -90.68 1.49
CA TYR A 2209 27.16 -91.25 2.19
C TYR A 2209 25.89 -90.45 1.96
N GLY A 2210 25.82 -89.69 0.87
CA GLY A 2210 24.61 -89.03 0.45
C GLY A 2210 23.72 -89.97 -0.35
N GLN A 2211 22.83 -89.37 -1.13
CA GLN A 2211 22.03 -90.15 -2.05
C GLN A 2211 22.95 -90.89 -3.02
N ARG A 2212 22.65 -92.16 -3.25
CA ARG A 2212 23.49 -93.05 -4.03
C ARG A 2212 24.89 -93.10 -3.43
N PRO A 2213 25.04 -93.67 -2.23
CA PRO A 2213 26.37 -93.71 -1.60
C PRO A 2213 27.32 -94.61 -2.36
N LYS A 2214 28.60 -94.29 -2.28
CA LYS A 2214 29.61 -95.02 -3.03
C LYS A 2214 30.99 -94.64 -2.52
N ILE A 2215 31.98 -95.40 -2.95
CA ILE A 2215 33.39 -95.11 -2.71
C ILE A 2215 34.05 -94.92 -4.07
N GLU A 2216 34.62 -93.74 -4.29
CA GLU A 2216 35.16 -93.38 -5.59
C GLU A 2216 36.68 -93.31 -5.55
N ARG A 2217 37.31 -93.74 -6.63
CA ARG A 2217 38.74 -93.62 -6.83
C ARG A 2217 39.00 -92.66 -7.99
N SER A 2218 39.95 -91.76 -7.81
CA SER A 2218 40.30 -90.82 -8.85
C SER A 2218 41.80 -90.55 -8.80
N PHE A 2219 42.32 -90.00 -9.89
CA PHE A 2219 43.71 -89.59 -9.90
C PHE A 2219 43.93 -88.45 -8.91
N LEU A 2220 45.20 -88.09 -8.70
CA LEU A 2220 45.52 -87.10 -7.70
C LEU A 2220 44.96 -85.72 -8.03
N ASP A 2221 44.50 -85.51 -9.26
CA ASP A 2221 43.84 -84.27 -9.65
C ASP A 2221 42.34 -84.45 -9.86
N CYS A 2222 41.78 -85.60 -9.45
CA CYS A 2222 40.35 -85.88 -9.54
C CYS A 2222 39.85 -85.81 -10.98
N THR A 2223 40.40 -86.70 -11.82
CA THR A 2223 40.01 -86.74 -13.23
C THR A 2223 39.34 -88.05 -13.60
N ASN A 2224 40.05 -89.15 -13.41
CA ASN A 2224 39.50 -90.46 -13.79
C ASN A 2224 38.70 -91.05 -12.66
N ARG A 2225 37.49 -90.56 -12.47
CA ARG A 2225 36.64 -91.03 -11.39
C ARG A 2225 36.05 -92.39 -11.73
N THR A 2226 36.26 -93.36 -10.84
CA THR A 2226 35.65 -94.67 -10.96
C THR A 2226 35.03 -95.03 -9.63
N VAL A 2227 33.91 -95.74 -9.67
CA VAL A 2227 33.18 -96.13 -8.46
C VAL A 2227 33.68 -97.51 -8.05
N LEU A 2228 34.48 -97.56 -6.99
CA LEU A 2228 34.99 -98.83 -6.51
C LEU A 2228 33.85 -99.69 -5.95
N VAL A 2229 33.05 -99.11 -5.06
CA VAL A 2229 31.93 -99.82 -4.43
C VAL A 2229 30.67 -98.99 -4.64
N SER A 2230 29.65 -99.62 -5.21
CA SER A 2230 28.36 -98.95 -5.42
C SER A 2230 27.19 -99.70 -4.81
N GLU A 2231 27.36 -100.95 -4.41
CA GLU A 2231 26.29 -101.74 -3.84
C GLU A 2231 26.71 -102.30 -2.49
N GLY A 2232 25.73 -102.51 -1.62
CA GLY A 2232 26.03 -102.99 -0.29
C GLY A 2232 26.70 -101.97 0.59
N ILE A 2233 26.54 -100.69 0.29
CA ILE A 2233 27.16 -99.61 1.04
C ILE A 2233 26.12 -98.52 1.21
N VAL A 2234 25.93 -98.05 2.44
CA VAL A 2234 24.91 -97.07 2.78
C VAL A 2234 25.52 -95.81 3.38
N THR A 2235 26.26 -95.96 4.47
CA THR A 2235 26.87 -94.82 5.16
C THR A 2235 28.34 -95.13 5.42
N PRO A 2236 29.19 -95.01 4.41
CA PRO A 2236 30.62 -95.28 4.60
C PRO A 2236 31.28 -94.19 5.43
N ARG A 2237 30.96 -94.19 6.71
CA ARG A 2237 31.47 -93.18 7.65
C ARG A 2237 32.88 -93.59 8.07
N GLY A 2238 33.87 -93.17 7.31
CA GLY A 2238 35.25 -93.52 7.60
C GLY A 2238 35.88 -94.37 6.54
N LEU A 2239 37.11 -94.03 6.16
CA LEU A 2239 37.80 -94.70 5.06
C LEU A 2239 39.29 -94.74 5.37
N ALA A 2240 39.94 -95.83 4.99
CA ALA A 2240 41.36 -96.00 5.23
C ALA A 2240 41.98 -96.81 4.11
N VAL A 2241 43.28 -96.62 3.91
CA VAL A 2241 44.02 -97.28 2.85
C VAL A 2241 45.17 -98.07 3.47
N ASP A 2242 45.28 -99.34 3.10
CA ASP A 2242 46.42 -100.16 3.50
C ASP A 2242 47.54 -99.89 2.51
N ARG A 2243 48.58 -99.19 2.95
CA ARG A 2243 49.65 -98.80 2.04
C ARG A 2243 50.39 -100.02 1.50
N SER A 2244 50.65 -101.01 2.36
CA SER A 2244 51.49 -102.13 1.96
C SER A 2244 50.83 -103.00 0.89
N ASP A 2245 49.59 -103.41 1.12
CA ASP A 2245 48.93 -104.39 0.27
C ASP A 2245 48.01 -103.77 -0.76
N GLY A 2246 47.91 -102.45 -0.83
CA GLY A 2246 47.05 -101.82 -1.81
C GLY A 2246 45.59 -102.16 -1.64
N TYR A 2247 45.10 -102.10 -0.41
CA TYR A 2247 43.70 -102.34 -0.09
C TYR A 2247 43.07 -101.05 0.45
N VAL A 2248 41.77 -100.90 0.22
CA VAL A 2248 41.03 -99.75 0.69
C VAL A 2248 39.98 -100.25 1.67
N TYR A 2249 40.28 -100.14 2.97
CA TYR A 2249 39.34 -100.55 4.00
C TYR A 2249 38.34 -99.44 4.28
N TRP A 2250 37.13 -99.83 4.68
CA TRP A 2250 36.12 -98.85 5.05
C TRP A 2250 35.17 -99.46 6.07
N VAL A 2251 34.49 -98.58 6.80
CA VAL A 2251 33.54 -98.98 7.83
C VAL A 2251 32.20 -98.31 7.52
N ASP A 2252 31.13 -99.06 7.64
CA ASP A 2252 29.78 -98.57 7.36
C ASP A 2252 28.93 -98.78 8.60
N ASP A 2253 28.65 -97.70 9.32
CA ASP A 2253 27.88 -97.81 10.55
C ASP A 2253 26.41 -98.09 10.29
N SER A 2254 25.94 -97.84 9.07
CA SER A 2254 24.54 -98.11 8.75
C SER A 2254 24.29 -99.59 8.54
N LEU A 2255 25.22 -100.30 7.91
CA LEU A 2255 25.10 -101.74 7.70
C LEU A 2255 25.90 -102.54 8.71
N ASP A 2256 26.57 -101.88 9.65
CA ASP A 2256 27.38 -102.54 10.67
C ASP A 2256 28.36 -103.52 10.04
N ILE A 2257 29.13 -103.00 9.07
CA ILE A 2257 30.04 -103.83 8.28
C ILE A 2257 31.39 -103.14 8.19
N ILE A 2258 32.45 -103.91 8.36
CA ILE A 2258 33.81 -103.48 8.10
C ILE A 2258 34.35 -104.32 6.96
N ALA A 2259 34.67 -103.67 5.84
CA ALA A 2259 35.01 -104.39 4.63
C ALA A 2259 36.23 -103.75 3.99
N ARG A 2260 36.84 -104.49 3.06
CA ARG A 2260 38.00 -104.00 2.32
C ARG A 2260 37.82 -104.33 0.86
N ILE A 2261 38.51 -103.58 0.01
CA ILE A 2261 38.51 -103.82 -1.43
C ILE A 2261 39.85 -103.35 -1.98
N ARG A 2262 40.39 -104.11 -2.93
CA ARG A 2262 41.65 -103.74 -3.53
C ARG A 2262 41.45 -102.45 -4.34
N ILE A 2263 42.56 -101.74 -4.57
CA ILE A 2263 42.47 -100.43 -5.21
C ILE A 2263 41.86 -100.53 -6.60
N ASN A 2264 42.16 -101.60 -7.33
CA ASN A 2264 41.59 -101.79 -8.65
C ASN A 2264 40.29 -102.60 -8.62
N GLY A 2265 39.33 -102.21 -7.80
CA GLY A 2265 38.08 -102.95 -7.72
C GLY A 2265 38.33 -104.37 -7.23
N GLU A 2266 37.93 -105.35 -8.03
CA GLU A 2266 38.29 -106.76 -7.83
C GLU A 2266 37.75 -107.22 -6.47
N ASN A 2267 38.58 -107.81 -5.61
CA ASN A 2267 38.09 -108.48 -4.42
C ASN A 2267 37.45 -107.50 -3.46
N SER A 2268 36.24 -107.84 -2.99
CA SER A 2268 35.53 -107.09 -1.98
C SER A 2268 35.06 -108.06 -0.92
N GLU A 2269 35.68 -108.00 0.25
CA GLU A 2269 35.42 -108.97 1.31
C GLU A 2269 35.14 -108.25 2.63
N VAL A 2270 34.34 -108.87 3.46
CA VAL A 2270 33.91 -108.31 4.72
C VAL A 2270 34.85 -108.79 5.81
N ILE A 2271 35.49 -107.85 6.52
CA ILE A 2271 36.37 -108.22 7.61
C ILE A 2271 35.56 -108.57 8.85
N ARG A 2272 34.68 -107.66 9.27
CA ARG A 2272 33.85 -107.87 10.44
C ARG A 2272 32.44 -107.40 10.13
N TYR A 2273 31.46 -107.98 10.82
CA TYR A 2273 30.06 -107.63 10.64
C TYR A 2273 29.25 -108.28 11.74
N GLY A 2274 27.96 -108.01 11.71
CA GLY A 2274 27.02 -108.70 12.56
C GLY A 2274 26.34 -107.74 13.51
N SER A 2275 25.71 -108.31 14.54
CA SER A 2275 25.05 -107.49 15.55
C SER A 2275 26.05 -106.63 16.27
N ARG A 2276 27.23 -107.17 16.58
CA ARG A 2276 28.30 -106.38 17.14
C ARG A 2276 28.78 -105.36 16.10
N TYR A 2277 29.72 -104.53 16.49
CA TYR A 2277 30.17 -103.40 15.69
C TYR A 2277 28.98 -102.52 15.27
N PRO A 2278 28.23 -101.98 16.23
CA PRO A 2278 27.01 -101.24 15.86
C PRO A 2278 27.28 -99.96 15.11
N THR A 2279 28.35 -99.24 15.46
CA THR A 2279 28.67 -97.96 14.84
C THR A 2279 30.18 -97.75 14.79
N PRO A 2280 30.85 -98.36 13.82
CA PRO A 2280 32.24 -97.99 13.55
C PRO A 2280 32.31 -96.67 12.80
N TYR A 2281 33.02 -95.70 13.38
CA TYR A 2281 33.04 -94.34 12.86
C TYR A 2281 34.35 -93.96 12.19
N GLY A 2282 35.41 -94.72 12.36
CA GLY A 2282 36.68 -94.39 11.74
C GLY A 2282 37.66 -95.54 11.84
N ILE A 2283 38.36 -95.83 10.76
CA ILE A 2283 39.22 -97.01 10.69
C ILE A 2283 40.59 -96.58 10.18
N THR A 2284 41.61 -97.34 10.55
CA THR A 2284 42.95 -97.17 10.03
C THR A 2284 43.63 -98.53 10.03
N VAL A 2285 44.55 -98.74 9.10
CA VAL A 2285 45.18 -100.04 8.91
C VAL A 2285 46.66 -99.90 9.21
N PHE A 2286 47.16 -100.73 10.12
CA PHE A 2286 48.57 -100.75 10.50
C PHE A 2286 49.05 -102.19 10.53
N GLU A 2287 50.16 -102.45 9.84
CA GLU A 2287 50.71 -103.80 9.74
C GLU A 2287 49.66 -104.79 9.28
N ASN A 2288 49.33 -105.76 10.13
CA ASN A 2288 48.34 -106.78 9.83
C ASN A 2288 47.08 -106.62 10.67
N SER A 2289 46.80 -105.41 11.14
CA SER A 2289 45.66 -105.15 12.00
C SER A 2289 44.95 -103.88 11.57
N ILE A 2290 43.65 -103.82 11.88
CA ILE A 2290 42.84 -102.63 11.65
C ILE A 2290 42.41 -102.09 13.01
N ILE A 2291 42.59 -100.79 13.21
CA ILE A 2291 42.18 -100.12 14.43
C ILE A 2291 40.98 -99.24 14.09
N TRP A 2292 39.84 -99.51 14.73
CA TRP A 2292 38.64 -98.73 14.47
C TRP A 2292 38.00 -98.30 15.77
N VAL A 2293 37.38 -97.14 15.74
CA VAL A 2293 36.69 -96.56 16.90
C VAL A 2293 35.21 -96.82 16.73
N ASP A 2294 34.55 -97.19 17.82
CA ASP A 2294 33.12 -97.46 17.82
C ASP A 2294 32.45 -96.43 18.73
N ARG A 2295 31.50 -95.67 18.17
CA ARG A 2295 30.89 -94.59 18.94
C ARG A 2295 30.02 -95.13 20.06
N ASN A 2296 29.15 -96.08 19.76
CA ASN A 2296 28.24 -96.61 20.77
C ASN A 2296 28.98 -97.37 21.84
N LEU A 2297 29.92 -98.22 21.44
CA LEU A 2297 30.62 -99.06 22.41
C LEU A 2297 31.70 -98.30 23.17
N LYS A 2298 32.05 -97.10 22.71
CA LYS A 2298 33.02 -96.26 23.40
C LYS A 2298 34.37 -96.97 23.57
N LYS A 2299 34.78 -97.72 22.55
CA LYS A 2299 36.01 -98.50 22.62
C LYS A 2299 36.81 -98.30 21.35
N ILE A 2300 38.12 -98.47 21.46
CA ILE A 2300 39.03 -98.42 20.31
C ILE A 2300 39.51 -99.84 20.09
N PHE A 2301 38.83 -100.56 19.21
CA PHE A 2301 39.13 -101.96 19.00
C PHE A 2301 40.37 -102.12 18.12
N GLN A 2302 40.83 -103.36 18.02
CA GLN A 2302 41.90 -103.73 17.11
C GLN A 2302 41.76 -105.21 16.79
N ALA A 2303 41.83 -105.56 15.51
CA ALA A 2303 41.67 -106.94 15.08
C ALA A 2303 42.51 -107.16 13.83
N SER A 2304 42.70 -108.43 13.48
CA SER A 2304 43.48 -108.76 12.30
C SER A 2304 42.81 -108.23 11.05
N LYS A 2305 43.60 -107.60 10.19
CA LYS A 2305 43.03 -106.97 9.00
C LYS A 2305 42.56 -107.99 7.98
N GLU A 2306 43.12 -109.19 8.00
CA GLU A 2306 42.73 -110.20 7.03
C GLU A 2306 41.32 -110.71 7.34
N PRO A 2307 40.54 -111.01 6.32
CA PRO A 2307 39.18 -111.50 6.56
C PRO A 2307 39.19 -112.94 7.07
N GLU A 2308 38.00 -113.42 7.39
CA GLU A 2308 37.69 -114.78 7.85
C GLU A 2308 38.27 -115.06 9.23
N ASN A 2309 38.95 -114.11 9.86
CA ASN A 2309 39.42 -114.30 11.23
C ASN A 2309 38.24 -114.20 12.18
N THR A 2310 38.33 -114.95 13.29
CA THR A 2310 37.27 -115.00 14.28
C THR A 2310 37.71 -114.64 15.69
N GLU A 2311 38.99 -114.34 15.90
CA GLU A 2311 39.45 -113.96 17.23
C GLU A 2311 38.78 -112.64 17.64
N PRO A 2312 38.34 -112.52 18.89
CA PRO A 2312 37.65 -111.31 19.32
C PRO A 2312 38.58 -110.10 19.26
N PRO A 2313 38.04 -108.91 19.00
CA PRO A 2313 38.88 -107.72 18.88
C PRO A 2313 39.57 -107.37 20.18
N THR A 2314 40.77 -106.82 20.07
CA THR A 2314 41.48 -106.31 21.23
C THR A 2314 41.08 -104.86 21.49
N VAL A 2315 40.83 -104.55 22.75
CA VAL A 2315 40.37 -103.23 23.16
C VAL A 2315 41.57 -102.43 23.62
N ILE A 2316 41.81 -101.29 22.97
CA ILE A 2316 42.95 -100.46 23.35
C ILE A 2316 42.56 -99.50 24.47
N ARG A 2317 41.39 -98.88 24.37
CA ARG A 2317 40.87 -98.01 25.40
C ARG A 2317 39.36 -98.20 25.48
N ASP A 2318 38.79 -97.79 26.61
CA ASP A 2318 37.37 -97.98 26.86
C ASP A 2318 36.80 -96.76 27.56
N ASN A 2319 35.49 -96.62 27.49
CA ASN A 2319 34.69 -95.59 28.14
C ASN A 2319 34.95 -94.21 27.55
N ILE A 2320 35.57 -94.12 26.37
CA ILE A 2320 35.81 -92.82 25.75
C ILE A 2320 34.57 -92.40 24.98
N ASN A 2321 34.11 -91.17 25.20
CA ASN A 2321 32.88 -90.68 24.59
C ASN A 2321 33.17 -89.90 23.32
N TRP A 2322 32.17 -89.90 22.43
CA TRP A 2322 32.19 -89.07 21.22
C TRP A 2322 33.39 -89.40 20.34
N LEU A 2323 33.65 -90.69 20.16
CA LEU A 2323 34.72 -91.12 19.26
C LEU A 2323 34.36 -90.80 17.81
N ARG A 2324 35.33 -90.26 17.08
CA ARG A 2324 35.09 -89.89 15.69
C ARG A 2324 35.97 -90.62 14.69
N ASP A 2325 37.29 -90.50 14.86
CA ASP A 2325 38.24 -90.97 13.86
C ASP A 2325 39.53 -91.39 14.54
N VAL A 2326 40.29 -92.23 13.83
CA VAL A 2326 41.58 -92.73 14.30
C VAL A 2326 42.52 -92.83 13.11
N THR A 2327 43.78 -92.48 13.34
CA THR A 2327 44.82 -92.65 12.33
C THR A 2327 46.11 -93.05 13.02
N ILE A 2328 47.00 -93.66 12.24
CA ILE A 2328 48.26 -94.19 12.76
C ILE A 2328 49.38 -93.22 12.43
N PHE A 2329 50.19 -92.88 13.42
CA PHE A 2329 51.32 -91.98 13.27
C PHE A 2329 52.59 -92.83 13.32
N ASP A 2330 53.08 -93.24 12.15
CA ASP A 2330 54.29 -94.03 12.08
C ASP A 2330 55.00 -93.75 10.77
N LYS A 2331 56.34 -93.85 10.79
CA LYS A 2331 57.10 -93.63 9.57
C LYS A 2331 56.88 -94.76 8.57
N GLN A 2332 56.48 -95.94 9.03
CA GLN A 2332 56.27 -97.06 8.12
C GLN A 2332 55.12 -96.78 7.16
N VAL A 2333 54.03 -96.20 7.65
CA VAL A 2333 52.84 -96.03 6.82
C VAL A 2333 52.98 -94.85 5.87
N GLN A 2334 54.03 -94.05 6.00
CA GLN A 2334 54.28 -92.93 5.11
C GLN A 2334 55.72 -92.97 4.63
N PRO A 2335 56.05 -93.90 3.74
CA PRO A 2335 57.41 -93.97 3.21
C PRO A 2335 57.73 -92.76 2.35
N ARG A 2336 59.01 -92.39 2.32
CA ARG A 2336 59.47 -91.26 1.52
C ARG A 2336 60.64 -91.60 0.62
N SER A 2337 61.16 -92.81 0.67
CA SER A 2337 62.25 -93.17 -0.22
C SER A 2337 61.74 -93.21 -1.66
N PRO A 2338 62.54 -92.78 -2.64
CA PRO A 2338 62.06 -92.75 -4.03
C PRO A 2338 61.61 -94.12 -4.54
N ALA A 2339 62.28 -95.18 -4.12
CA ALA A 2339 61.87 -96.52 -4.55
C ALA A 2339 60.54 -96.90 -3.92
N GLU A 2340 60.25 -96.38 -2.72
CA GLU A 2340 59.03 -96.77 -2.01
C GLU A 2340 57.79 -96.19 -2.67
N VAL A 2341 57.92 -95.03 -3.30
CA VAL A 2341 56.75 -94.34 -3.83
C VAL A 2341 56.68 -94.52 -5.35
N ASN A 2342 57.31 -95.58 -5.84
CA ASN A 2342 57.30 -95.91 -7.28
C ASN A 2342 57.79 -94.73 -8.11
N ASN A 2343 58.82 -94.05 -7.60
CA ASN A 2343 59.43 -92.92 -8.29
C ASN A 2343 58.40 -91.81 -8.55
N ASN A 2344 57.81 -91.32 -7.48
CA ASN A 2344 56.83 -90.25 -7.61
C ASN A 2344 57.53 -88.98 -8.09
N PRO A 2345 57.12 -88.41 -9.23
CA PRO A 2345 57.82 -87.22 -9.73
C PRO A 2345 57.74 -86.02 -8.81
N CYS A 2346 56.65 -85.86 -8.06
CA CYS A 2346 56.48 -84.70 -7.20
C CYS A 2346 57.26 -84.81 -5.90
N LEU A 2347 58.19 -85.76 -5.80
CA LEU A 2347 58.93 -85.94 -4.56
C LEU A 2347 59.90 -84.80 -4.30
N GLU A 2348 60.50 -84.24 -5.36
CA GLU A 2348 61.56 -83.26 -5.22
C GLU A 2348 61.16 -81.93 -5.84
N ASN A 2349 61.36 -80.85 -5.08
CA ASN A 2349 61.17 -79.48 -5.56
C ASN A 2349 59.76 -79.28 -6.13
N ASN A 2350 58.80 -80.00 -5.56
CA ASN A 2350 57.41 -79.98 -6.04
C ASN A 2350 57.37 -80.34 -7.53
N GLY A 2351 58.28 -81.20 -7.95
CA GLY A 2351 58.37 -81.57 -9.35
C GLY A 2351 58.70 -80.43 -10.27
N GLY A 2352 59.20 -79.32 -9.73
CA GLY A 2352 59.45 -78.14 -10.53
C GLY A 2352 58.22 -77.34 -10.87
N CYS A 2353 57.03 -77.79 -10.49
CA CYS A 2353 55.82 -77.04 -10.77
C CYS A 2353 55.80 -75.76 -9.95
N SER A 2354 55.34 -74.66 -10.57
CA SER A 2354 55.26 -73.39 -9.85
C SER A 2354 54.15 -73.42 -8.80
N HIS A 2355 52.96 -73.89 -9.17
CA HIS A 2355 51.82 -73.83 -8.27
C HIS A 2355 51.51 -75.18 -7.61
N LEU A 2356 51.22 -76.20 -8.41
CA LEU A 2356 50.78 -77.49 -7.88
C LEU A 2356 51.37 -78.62 -8.71
N CYS A 2357 51.74 -79.70 -8.02
CA CYS A 2357 52.30 -80.88 -8.66
C CYS A 2357 51.37 -82.06 -8.41
N PHE A 2358 50.98 -82.75 -9.48
CA PHE A 2358 50.16 -83.95 -9.40
C PHE A 2358 50.85 -85.06 -10.17
N ALA A 2359 50.98 -86.22 -9.55
CA ALA A 2359 51.59 -87.38 -10.18
C ALA A 2359 50.48 -88.27 -10.74
N LEU A 2360 50.37 -88.32 -12.05
CA LEU A 2360 49.35 -89.21 -12.57
C LEU A 2360 49.93 -90.60 -12.84
N PRO A 2361 49.11 -91.65 -12.77
CA PRO A 2361 49.62 -92.99 -13.10
C PRO A 2361 50.12 -93.06 -14.52
N GLY A 2362 51.20 -93.81 -14.72
CA GLY A 2362 51.79 -93.99 -16.04
C GLY A 2362 52.65 -92.83 -16.48
N LEU A 2363 52.18 -91.61 -16.29
CA LEU A 2363 52.89 -90.41 -16.73
C LEU A 2363 54.02 -90.14 -15.75
N HIS A 2364 55.26 -90.38 -16.19
CA HIS A 2364 56.41 -90.17 -15.32
C HIS A 2364 56.67 -88.68 -15.10
N THR A 2365 56.33 -87.85 -16.07
CA THR A 2365 56.53 -86.42 -15.93
C THR A 2365 55.50 -85.85 -14.95
N PRO A 2366 55.92 -84.95 -14.07
CA PRO A 2366 54.98 -84.38 -13.10
C PRO A 2366 54.03 -83.38 -13.74
N LYS A 2367 52.76 -83.76 -13.86
CA LYS A 2367 51.76 -82.83 -14.37
C LYS A 2367 51.60 -81.66 -13.41
N CYS A 2368 51.62 -80.44 -13.96
CA CYS A 2368 51.55 -79.23 -13.16
C CYS A 2368 50.24 -78.51 -13.44
N ASP A 2369 49.62 -78.00 -12.38
CA ASP A 2369 48.43 -77.18 -12.48
C ASP A 2369 48.69 -75.82 -11.85
N CYS A 2370 47.71 -74.93 -11.96
CA CYS A 2370 47.82 -73.58 -11.47
C CYS A 2370 46.67 -73.27 -10.53
N ALA A 2371 47.00 -72.73 -9.35
CA ALA A 2371 45.96 -72.25 -8.45
C ALA A 2371 45.23 -71.05 -9.04
N PHE A 2372 45.93 -70.26 -9.85
CA PHE A 2372 45.34 -69.14 -10.55
C PHE A 2372 46.08 -68.94 -11.86
N GLY A 2373 45.45 -68.24 -12.80
CA GLY A 2373 46.04 -68.07 -14.10
C GLY A 2373 45.96 -69.34 -14.93
N THR A 2374 46.91 -69.49 -15.85
CA THR A 2374 46.96 -70.66 -16.71
C THR A 2374 48.39 -71.16 -16.81
N LEU A 2375 48.52 -72.45 -17.10
CA LEU A 2375 49.84 -73.04 -17.27
C LEU A 2375 50.42 -72.62 -18.62
N GLN A 2376 51.67 -72.18 -18.61
CA GLN A 2376 52.32 -71.71 -19.83
C GLN A 2376 52.85 -72.89 -20.64
N SER A 2377 53.41 -72.57 -21.81
CA SER A 2377 53.93 -73.60 -22.69
C SER A 2377 55.09 -74.35 -22.06
N ASP A 2378 55.82 -73.71 -21.14
CA ASP A 2378 56.93 -74.40 -20.48
C ASP A 2378 56.45 -75.57 -19.64
N GLY A 2379 55.19 -75.55 -19.22
CA GLY A 2379 54.61 -76.63 -18.45
C GLY A 2379 54.90 -76.59 -16.98
N LYS A 2380 55.66 -75.59 -16.50
CA LYS A 2380 55.99 -75.50 -15.09
C LYS A 2380 55.82 -74.10 -14.51
N ASN A 2381 55.28 -73.16 -15.27
CA ASN A 2381 55.07 -71.79 -14.80
C ASN A 2381 53.65 -71.36 -15.13
N CYS A 2382 53.09 -70.52 -14.27
CA CYS A 2382 51.72 -70.04 -14.40
C CYS A 2382 51.73 -68.53 -14.61
N ALA A 2383 51.03 -68.08 -15.64
CA ALA A 2383 50.85 -66.65 -15.91
C ALA A 2383 49.37 -66.35 -16.06
N ILE A 2384 49.06 -65.06 -16.21
CA ILE A 2384 47.67 -64.63 -16.27
C ILE A 2384 47.02 -65.16 -17.53
N SER A 2385 45.75 -65.56 -17.41
CA SER A 2385 45.02 -66.09 -18.54
C SER A 2385 44.81 -65.02 -19.60
N THR A 2386 44.95 -65.42 -20.87
CA THR A 2386 44.83 -64.51 -21.99
C THR A 2386 43.43 -64.53 -22.61
N GLU A 2387 42.52 -65.32 -22.07
CA GLU A 2387 41.15 -65.40 -22.57
C GLU A 2387 40.27 -64.46 -21.76
N ASN A 2388 39.16 -64.05 -22.38
CA ASN A 2388 38.22 -63.16 -21.71
C ASN A 2388 37.57 -63.87 -20.53
N PHE A 2389 37.31 -63.12 -19.47
CA PHE A 2389 36.77 -63.68 -18.24
C PHE A 2389 36.00 -62.61 -17.47
N LEU A 2390 35.28 -63.05 -16.45
CA LEU A 2390 34.52 -62.14 -15.61
C LEU A 2390 35.40 -61.61 -14.47
N ILE A 2391 35.05 -60.42 -13.99
CA ILE A 2391 35.60 -59.89 -12.75
C ILE A 2391 34.45 -59.42 -11.89
N PHE A 2392 34.47 -59.82 -10.62
CA PHE A 2392 33.40 -59.53 -9.69
C PHE A 2392 33.98 -59.05 -8.37
N ALA A 2393 33.33 -58.07 -7.77
CA ALA A 2393 33.81 -57.41 -6.57
C ALA A 2393 33.03 -57.94 -5.37
N LEU A 2394 33.71 -58.69 -4.52
CA LEU A 2394 33.18 -59.04 -3.21
C LEU A 2394 33.44 -57.89 -2.25
N SER A 2395 32.81 -57.96 -1.08
CA SER A 2395 32.83 -56.85 -0.13
C SER A 2395 34.25 -56.43 0.22
N ASN A 2396 35.14 -57.39 0.46
CA ASN A 2396 36.49 -57.08 0.91
C ASN A 2396 37.55 -57.41 -0.13
N SER A 2397 37.17 -57.97 -1.28
CA SER A 2397 38.19 -58.38 -2.23
C SER A 2397 37.61 -58.33 -3.64
N LEU A 2398 38.52 -58.30 -4.61
CA LEU A 2398 38.18 -58.35 -6.02
C LEU A 2398 38.67 -59.66 -6.61
N ARG A 2399 37.78 -60.39 -7.24
CA ARG A 2399 38.08 -61.73 -7.74
C ARG A 2399 37.74 -61.83 -9.22
N SER A 2400 38.06 -62.98 -9.81
CA SER A 2400 37.84 -63.23 -11.22
C SER A 2400 37.30 -64.64 -11.40
N LEU A 2401 36.55 -64.86 -12.49
CA LEU A 2401 35.94 -66.14 -12.77
C LEU A 2401 35.97 -66.38 -14.28
N HIS A 2402 36.41 -67.56 -14.68
CA HIS A 2402 36.42 -67.92 -16.09
C HIS A 2402 34.99 -68.04 -16.62
N LEU A 2403 34.84 -67.83 -17.92
CA LEU A 2403 33.54 -68.02 -18.55
C LEU A 2403 33.14 -69.49 -18.53
N ASP A 2404 34.09 -70.38 -18.72
CA ASP A 2404 33.81 -71.81 -18.71
C ASP A 2404 33.53 -72.27 -17.29
N PRO A 2405 32.34 -72.79 -16.98
CA PRO A 2405 32.09 -73.26 -15.61
C PRO A 2405 33.01 -74.39 -15.18
N GLU A 2406 33.45 -75.22 -16.12
CA GLU A 2406 34.27 -76.38 -15.77
C GLU A 2406 35.62 -75.94 -15.19
N ASN A 2407 36.23 -74.93 -15.78
CA ASN A 2407 37.51 -74.44 -15.28
C ASN A 2407 37.29 -73.63 -14.02
N HIS A 2408 37.90 -74.07 -12.92
CA HIS A 2408 37.71 -73.45 -11.62
C HIS A 2408 38.88 -72.57 -11.21
N SER A 2409 40.01 -72.66 -11.90
CA SER A 2409 41.17 -71.83 -11.55
C SER A 2409 40.87 -70.38 -11.89
N PRO A 2410 40.92 -69.48 -10.92
CA PRO A 2410 40.65 -68.07 -11.20
C PRO A 2410 41.63 -67.51 -12.20
N PRO A 2411 41.19 -66.61 -13.08
CA PRO A 2411 42.12 -65.99 -14.02
C PRO A 2411 43.30 -65.30 -13.35
N PHE A 2412 43.06 -64.64 -12.22
CA PHE A 2412 44.14 -64.10 -11.41
C PHE A 2412 43.81 -64.28 -9.95
N GLN A 2413 44.85 -64.28 -9.11
CA GLN A 2413 44.67 -64.48 -7.69
C GLN A 2413 43.81 -63.37 -7.09
N THR A 2414 42.97 -63.74 -6.12
CA THR A 2414 42.10 -62.77 -5.47
C THR A 2414 42.91 -61.66 -4.81
N ILE A 2415 42.50 -60.43 -5.04
CA ILE A 2415 43.15 -59.25 -4.48
C ILE A 2415 42.23 -58.67 -3.41
N ASN A 2416 42.70 -58.67 -2.16
CA ASN A 2416 41.91 -58.14 -1.07
C ASN A 2416 41.97 -56.61 -1.07
N VAL A 2417 40.81 -55.99 -0.82
CA VAL A 2417 40.68 -54.54 -0.88
C VAL A 2417 40.00 -54.04 0.39
N GLU A 2418 39.64 -52.76 0.40
CA GLU A 2418 39.13 -52.10 1.60
C GLU A 2418 37.73 -52.61 1.93
N ARG A 2419 37.07 -51.95 2.88
CA ARG A 2419 35.89 -52.50 3.53
C ARG A 2419 34.78 -52.81 2.53
N THR A 2420 34.53 -51.92 1.57
CA THR A 2420 33.44 -52.14 0.64
C THR A 2420 33.79 -51.56 -0.72
N VAL A 2421 33.56 -52.34 -1.76
CA VAL A 2421 33.77 -51.93 -3.15
C VAL A 2421 32.53 -52.34 -3.95
N MET A 2422 32.05 -51.43 -4.80
CA MET A 2422 30.73 -51.61 -5.41
C MET A 2422 30.74 -51.59 -6.94
N SER A 2423 31.91 -51.56 -7.56
CA SER A 2423 31.95 -51.66 -9.02
C SER A 2423 33.34 -52.04 -9.48
N LEU A 2424 33.44 -52.56 -10.70
CA LEU A 2424 34.70 -52.96 -11.30
C LEU A 2424 34.72 -52.52 -12.76
N ASP A 2425 35.85 -51.97 -13.19
CA ASP A 2425 36.09 -51.68 -14.61
C ASP A 2425 37.57 -51.89 -14.88
N TYR A 2426 37.88 -52.65 -15.92
CA TYR A 2426 39.25 -53.06 -16.21
C TYR A 2426 39.77 -52.34 -17.44
N ASP A 2427 41.00 -51.83 -17.36
CA ASP A 2427 41.62 -51.17 -18.50
C ASP A 2427 42.78 -52.03 -18.94
N SER A 2428 42.58 -52.82 -19.99
CA SER A 2428 43.63 -53.73 -20.44
C SER A 2428 44.90 -52.96 -20.75
N VAL A 2429 44.77 -51.87 -21.48
CA VAL A 2429 45.92 -51.05 -21.83
C VAL A 2429 46.86 -50.94 -20.65
N SER A 2430 46.33 -50.48 -19.52
CA SER A 2430 47.15 -50.32 -18.33
C SER A 2430 47.09 -51.53 -17.41
N ASP A 2431 46.33 -52.57 -17.77
CA ASP A 2431 46.23 -53.80 -16.99
C ASP A 2431 45.82 -53.51 -15.55
N ARG A 2432 44.83 -52.64 -15.39
CA ARG A 2432 44.36 -52.26 -14.07
C ARG A 2432 42.84 -52.30 -14.03
N ILE A 2433 42.31 -52.59 -12.84
CA ILE A 2433 40.86 -52.69 -12.64
C ILE A 2433 40.44 -51.56 -11.71
N TYR A 2434 39.66 -50.62 -12.25
CA TYR A 2434 39.13 -49.54 -11.44
C TYR A 2434 38.00 -50.06 -10.56
N PHE A 2435 37.95 -49.57 -9.31
CA PHE A 2435 36.92 -49.99 -8.37
C PHE A 2435 36.62 -48.85 -7.40
N THR A 2436 35.33 -48.64 -7.15
CA THR A 2436 34.89 -47.56 -6.26
C THR A 2436 34.79 -48.09 -4.82
N GLN A 2437 35.96 -48.22 -4.21
CA GLN A 2437 36.02 -48.73 -2.84
C GLN A 2437 35.40 -47.72 -1.89
N ASN A 2438 34.21 -48.02 -1.40
CA ASN A 2438 33.52 -47.16 -0.43
C ASN A 2438 33.98 -47.55 0.97
N LEU A 2439 35.09 -46.93 1.38
CA LEU A 2439 35.76 -47.30 2.63
C LEU A 2439 34.82 -47.24 3.83
N ALA A 2440 34.07 -46.15 3.95
CA ALA A 2440 33.03 -46.01 4.96
C ALA A 2440 31.72 -45.66 4.29
N SER A 2441 30.70 -45.41 5.11
CA SER A 2441 29.41 -44.99 4.57
C SER A 2441 29.52 -43.69 3.81
N GLY A 2442 30.24 -42.72 4.37
CA GLY A 2442 30.42 -41.43 3.72
C GLY A 2442 31.73 -41.29 2.96
N VAL A 2443 32.69 -42.16 3.25
CA VAL A 2443 34.02 -42.05 2.65
C VAL A 2443 34.07 -42.85 1.36
N GLY A 2444 33.69 -42.23 0.25
CA GLY A 2444 33.83 -42.86 -1.04
C GLY A 2444 35.20 -42.63 -1.65
N GLN A 2445 35.59 -43.52 -2.56
CA GLN A 2445 36.91 -43.43 -3.18
C GLN A 2445 36.93 -44.25 -4.45
N ILE A 2446 37.54 -43.69 -5.49
CA ILE A 2446 37.81 -44.40 -6.73
C ILE A 2446 39.26 -44.90 -6.66
N SER A 2447 39.48 -46.14 -7.08
CA SER A 2447 40.81 -46.70 -7.05
C SER A 2447 40.94 -47.79 -8.11
N TYR A 2448 42.19 -48.08 -8.48
CA TYR A 2448 42.51 -49.18 -9.37
C TYR A 2448 43.71 -49.94 -8.83
N ALA A 2449 43.83 -51.21 -9.24
CA ALA A 2449 44.97 -52.03 -8.90
C ALA A 2449 45.44 -52.74 -10.16
N THR A 2450 46.74 -52.65 -10.45
CA THR A 2450 47.29 -53.34 -11.61
C THR A 2450 47.39 -54.84 -11.31
N LEU A 2451 46.92 -55.65 -12.27
CA LEU A 2451 46.88 -57.09 -12.05
C LEU A 2451 48.27 -57.67 -11.91
N SER A 2452 49.16 -57.39 -12.86
CA SER A 2452 50.51 -57.93 -12.84
C SER A 2452 51.47 -56.95 -12.16
N SER A 2453 51.21 -56.69 -10.88
CA SER A 2453 52.00 -55.75 -10.11
C SER A 2453 52.28 -56.30 -8.72
N GLY A 2454 52.20 -57.62 -8.55
CA GLY A 2454 52.39 -58.20 -7.24
C GLY A 2454 51.38 -57.67 -6.25
N ILE A 2455 51.87 -57.21 -5.10
CA ILE A 2455 51.02 -56.64 -4.07
C ILE A 2455 50.72 -55.18 -4.42
N HIS A 2456 49.63 -54.95 -5.13
CA HIS A 2456 49.30 -53.60 -5.56
C HIS A 2456 48.44 -52.89 -4.52
N THR A 2457 48.79 -51.64 -4.23
CA THR A 2457 48.03 -50.82 -3.31
C THR A 2457 47.05 -49.95 -4.07
N PRO A 2458 45.77 -49.91 -3.67
CA PRO A 2458 44.76 -49.13 -4.44
C PRO A 2458 45.18 -47.69 -4.69
N THR A 2459 45.21 -47.30 -5.96
CA THR A 2459 45.59 -45.94 -6.32
C THR A 2459 44.48 -44.97 -5.95
N VAL A 2460 44.75 -44.07 -5.00
CA VAL A 2460 43.76 -43.16 -4.47
C VAL A 2460 43.53 -42.05 -5.50
N ILE A 2461 42.37 -42.06 -6.14
CA ILE A 2461 41.97 -41.01 -7.08
C ILE A 2461 40.52 -40.65 -6.82
N ALA A 2462 40.22 -39.35 -6.87
CA ALA A 2462 38.85 -38.85 -6.67
C ALA A 2462 38.27 -39.33 -5.34
N SER A 2463 39.11 -39.32 -4.30
CA SER A 2463 38.67 -39.79 -3.00
C SER A 2463 37.72 -38.81 -2.31
N GLY A 2464 37.55 -37.61 -2.86
CA GLY A 2464 36.70 -36.63 -2.21
C GLY A 2464 35.22 -36.94 -2.33
N ILE A 2465 34.84 -37.81 -3.26
CA ILE A 2465 33.44 -38.13 -3.45
C ILE A 2465 32.91 -38.87 -2.23
N GLY A 2466 31.63 -38.70 -1.96
CA GLY A 2466 30.98 -39.41 -0.88
C GLY A 2466 30.45 -40.75 -1.33
N THR A 2467 29.20 -41.06 -1.00
CA THR A 2467 28.58 -42.29 -1.48
C THR A 2467 28.59 -42.32 -3.00
N ALA A 2468 29.08 -43.42 -3.56
CA ALA A 2468 29.16 -43.58 -5.01
C ALA A 2468 29.42 -45.04 -5.33
N ASP A 2469 28.69 -45.55 -6.32
CA ASP A 2469 28.84 -46.94 -6.74
C ASP A 2469 28.85 -47.07 -8.26
N GLY A 2470 29.56 -46.19 -8.95
CA GLY A 2470 29.59 -46.26 -10.38
C GLY A 2470 30.91 -45.87 -11.01
N ILE A 2471 31.46 -46.76 -11.85
CA ILE A 2471 32.70 -46.51 -12.56
C ILE A 2471 32.57 -47.06 -13.97
N ALA A 2472 33.08 -46.33 -14.95
CA ALA A 2472 33.20 -46.84 -16.30
C ALA A 2472 34.34 -46.12 -16.99
N PHE A 2473 35.22 -46.89 -17.64
CA PHE A 2473 36.41 -46.36 -18.28
C PHE A 2473 36.26 -46.52 -19.79
N ASP A 2474 36.39 -45.40 -20.52
CA ASP A 2474 36.32 -45.45 -21.97
C ASP A 2474 37.72 -45.53 -22.55
N TRP A 2475 38.06 -46.68 -23.14
CA TRP A 2475 39.36 -46.85 -23.73
C TRP A 2475 39.57 -45.90 -24.90
N ILE A 2476 38.56 -45.80 -25.76
CA ILE A 2476 38.68 -44.95 -26.94
C ILE A 2476 39.32 -43.60 -26.61
N THR A 2477 38.91 -43.00 -25.49
CA THR A 2477 39.45 -41.71 -25.11
C THR A 2477 40.33 -41.79 -23.87
N ARG A 2478 40.49 -42.97 -23.28
CA ARG A 2478 41.30 -43.16 -22.08
C ARG A 2478 40.84 -42.22 -20.96
N ARG A 2479 39.56 -42.26 -20.65
CA ARG A 2479 38.98 -41.37 -19.64
C ARG A 2479 38.04 -42.16 -18.73
N ILE A 2480 38.10 -41.82 -17.44
CA ILE A 2480 37.22 -42.44 -16.45
C ILE A 2480 35.93 -41.63 -16.35
N TYR A 2481 34.85 -42.30 -15.94
CA TYR A 2481 33.52 -41.70 -15.83
C TYR A 2481 32.96 -41.92 -14.43
N TYR A 2482 33.78 -41.64 -13.44
CA TYR A 2482 33.38 -41.80 -12.05
C TYR A 2482 32.15 -40.94 -11.73
N SER A 2483 31.20 -41.51 -11.01
CA SER A 2483 29.95 -40.83 -10.68
C SER A 2483 30.03 -40.33 -9.24
N ASP A 2484 29.78 -39.04 -9.04
CA ASP A 2484 29.76 -38.44 -7.70
C ASP A 2484 28.29 -38.33 -7.27
N TYR A 2485 27.79 -39.41 -6.68
CA TYR A 2485 26.40 -39.44 -6.25
C TYR A 2485 26.14 -38.46 -5.11
N LEU A 2486 27.13 -38.28 -4.22
CA LEU A 2486 26.94 -37.37 -3.09
C LEU A 2486 26.69 -35.94 -3.58
N ASN A 2487 27.46 -35.48 -4.57
CA ASN A 2487 27.30 -34.16 -5.13
C ASN A 2487 26.27 -34.14 -6.26
N GLN A 2488 25.65 -35.28 -6.55
CA GLN A 2488 24.59 -35.37 -7.55
C GLN A 2488 25.08 -34.87 -8.92
N MET A 2489 26.22 -35.40 -9.36
CA MET A 2489 26.78 -35.01 -10.65
C MET A 2489 27.60 -36.17 -11.21
N ILE A 2490 27.38 -36.47 -12.49
CA ILE A 2490 28.18 -37.47 -13.19
C ILE A 2490 29.37 -36.77 -13.83
N ASN A 2491 30.57 -37.11 -13.38
CA ASN A 2491 31.77 -36.42 -13.81
C ASN A 2491 32.63 -37.33 -14.68
N SER A 2492 33.46 -36.73 -15.52
CA SER A 2492 34.44 -37.44 -16.31
C SER A 2492 35.85 -37.06 -15.83
N MET A 2493 36.75 -38.03 -15.84
CA MET A 2493 38.09 -37.84 -15.33
C MET A 2493 39.09 -38.40 -16.33
N ALA A 2494 40.32 -37.90 -16.24
CA ALA A 2494 41.39 -38.37 -17.09
C ALA A 2494 41.78 -39.80 -16.73
N GLU A 2495 42.64 -40.40 -17.56
CA GLU A 2495 43.10 -41.75 -17.29
C GLU A 2495 43.80 -41.84 -15.95
N ASP A 2496 44.54 -40.81 -15.57
CA ASP A 2496 45.08 -40.68 -14.22
C ASP A 2496 44.18 -39.84 -13.32
N GLY A 2497 43.15 -39.18 -13.88
CA GLY A 2497 42.23 -38.42 -13.08
C GLY A 2497 42.53 -36.94 -12.96
N SER A 2498 43.42 -36.44 -13.82
CA SER A 2498 43.75 -34.99 -13.81
C SER A 2498 42.59 -34.18 -14.38
N ASN A 2499 42.21 -34.42 -15.64
CA ASN A 2499 41.14 -33.64 -16.31
C ASN A 2499 39.78 -33.96 -15.69
N ARG A 2500 39.39 -33.22 -14.65
CA ARG A 2500 38.08 -33.42 -14.05
C ARG A 2500 37.05 -32.52 -14.73
N THR A 2501 35.99 -33.13 -15.25
CA THR A 2501 34.88 -32.39 -15.86
C THR A 2501 33.58 -33.09 -15.50
N VAL A 2502 32.58 -32.30 -15.12
CA VAL A 2502 31.26 -32.84 -14.83
C VAL A 2502 30.43 -32.86 -16.11
N ILE A 2503 30.27 -34.03 -16.70
CA ILE A 2503 29.50 -34.14 -17.95
C ILE A 2503 28.04 -33.81 -17.70
N ALA A 2504 27.46 -34.37 -16.64
CA ALA A 2504 26.06 -34.15 -16.33
C ALA A 2504 25.86 -34.23 -14.83
N ARG A 2505 24.72 -33.71 -14.37
CA ARG A 2505 24.34 -33.76 -12.97
C ARG A 2505 23.05 -34.54 -12.84
N VAL A 2506 23.05 -35.56 -11.98
CA VAL A 2506 21.93 -36.48 -11.83
C VAL A 2506 21.59 -36.53 -10.34
N PRO A 2507 20.31 -36.50 -9.97
CA PRO A 2507 19.97 -36.54 -8.53
C PRO A 2507 20.51 -37.75 -7.80
N LYS A 2508 20.46 -38.93 -8.41
CA LYS A 2508 20.93 -40.17 -7.78
C LYS A 2508 21.56 -41.07 -8.84
N PRO A 2509 22.79 -40.77 -9.27
CA PRO A 2509 23.44 -41.60 -10.29
C PRO A 2509 24.20 -42.77 -9.71
N ARG A 2510 23.88 -43.99 -10.13
CA ARG A 2510 24.57 -45.16 -9.61
C ARG A 2510 25.27 -45.98 -10.70
N ALA A 2511 24.56 -46.29 -11.78
CA ALA A 2511 25.09 -47.16 -12.82
C ALA A 2511 25.47 -46.34 -14.05
N ILE A 2512 26.55 -46.74 -14.71
CA ILE A 2512 27.10 -46.04 -15.86
C ILE A 2512 27.43 -47.06 -16.94
N VAL A 2513 27.03 -46.76 -18.17
CA VAL A 2513 27.35 -47.59 -19.34
C VAL A 2513 27.93 -46.69 -20.42
N LEU A 2514 29.01 -47.14 -21.05
CA LEU A 2514 29.68 -46.39 -22.11
C LEU A 2514 29.49 -47.11 -23.44
N ASP A 2515 29.21 -46.33 -24.49
CA ASP A 2515 29.15 -46.82 -25.86
C ASP A 2515 30.04 -45.91 -26.70
N PRO A 2516 31.35 -46.09 -26.62
CA PRO A 2516 32.26 -45.14 -27.31
C PRO A 2516 32.05 -45.06 -28.80
N CYS A 2517 31.77 -46.18 -29.45
CA CYS A 2517 31.53 -46.15 -30.89
C CYS A 2517 30.35 -45.24 -31.17
N GLN A 2518 29.27 -45.42 -30.44
CA GLN A 2518 28.12 -44.53 -30.58
C GLN A 2518 28.28 -43.25 -29.78
N GLY A 2519 29.31 -43.15 -28.94
CA GLY A 2519 29.59 -41.93 -28.21
C GLY A 2519 28.51 -41.52 -27.25
N TYR A 2520 27.67 -42.45 -26.80
CA TYR A 2520 26.56 -42.15 -25.91
C TYR A 2520 26.88 -42.65 -24.51
N LEU A 2521 26.51 -41.86 -23.50
CA LEU A 2521 26.71 -42.21 -22.11
C LEU A 2521 25.36 -42.65 -21.53
N TYR A 2522 25.26 -43.92 -21.17
CA TYR A 2522 24.06 -44.47 -20.56
C TYR A 2522 24.24 -44.51 -19.05
N TRP A 2523 23.20 -44.11 -18.32
CA TRP A 2523 23.24 -44.16 -16.87
C TRP A 2523 21.81 -44.27 -16.36
N ALA A 2524 21.69 -44.50 -15.04
CA ALA A 2524 20.39 -44.66 -14.40
C ALA A 2524 20.33 -43.77 -13.17
N ASP A 2525 19.13 -43.29 -12.87
CA ASP A 2525 18.88 -42.40 -11.74
C ASP A 2525 18.08 -43.15 -10.69
N TRP A 2526 18.57 -43.15 -9.46
CA TRP A 2526 17.90 -43.81 -8.35
C TRP A 2526 16.87 -42.93 -7.67
N ASP A 2527 16.63 -41.73 -8.19
CA ASP A 2527 15.63 -40.84 -7.63
C ASP A 2527 14.23 -41.41 -7.88
N THR A 2528 13.23 -40.73 -7.32
CA THR A 2528 11.85 -41.15 -7.48
C THR A 2528 11.47 -41.16 -8.96
N HIS A 2529 10.62 -42.12 -9.34
CA HIS A 2529 10.35 -42.42 -10.75
C HIS A 2529 11.66 -42.66 -11.48
N ALA A 2530 12.34 -43.75 -11.12
CA ALA A 2530 13.68 -44.04 -11.62
C ALA A 2530 13.72 -44.06 -13.13
N LYS A 2531 14.73 -43.40 -13.69
CA LYS A 2531 14.87 -43.23 -15.13
C LYS A 2531 16.21 -43.77 -15.61
N ILE A 2532 16.20 -44.39 -16.78
CA ILE A 2532 17.43 -44.75 -17.47
C ILE A 2532 17.81 -43.59 -18.36
N GLU A 2533 18.51 -42.61 -17.78
CA GLU A 2533 18.81 -41.38 -18.51
C GLU A 2533 20.00 -41.59 -19.43
N ARG A 2534 19.82 -41.27 -20.71
CA ARG A 2534 20.83 -41.45 -21.73
C ARG A 2534 21.20 -40.12 -22.35
N ALA A 2535 22.48 -39.95 -22.64
CA ALA A 2535 22.97 -38.77 -23.32
C ALA A 2535 24.25 -39.14 -24.06
N THR A 2536 24.91 -38.15 -24.63
CA THR A 2536 26.18 -38.37 -25.31
C THR A 2536 27.32 -38.38 -24.29
N LEU A 2537 28.54 -38.59 -24.77
CA LEU A 2537 29.69 -38.48 -23.88
C LEU A 2537 29.85 -37.07 -23.34
N GLY A 2538 29.41 -36.07 -24.11
CA GLY A 2538 29.33 -34.70 -23.64
C GLY A 2538 28.01 -34.31 -23.01
N GLY A 2539 27.08 -35.26 -22.88
CA GLY A 2539 25.80 -34.96 -22.26
C GLY A 2539 24.95 -33.97 -23.02
N ASN A 2540 24.88 -34.12 -24.34
CA ASN A 2540 24.13 -33.16 -25.15
C ASN A 2540 22.63 -33.33 -24.97
N PHE A 2541 22.14 -34.57 -25.00
CA PHE A 2541 20.70 -34.85 -25.00
C PHE A 2541 20.38 -35.84 -23.89
N ARG A 2542 20.16 -35.31 -22.69
CA ARG A 2542 19.83 -36.14 -21.53
C ARG A 2542 18.36 -36.56 -21.62
N VAL A 2543 18.14 -37.68 -22.30
CA VAL A 2543 16.81 -38.21 -22.54
C VAL A 2543 16.67 -39.51 -21.75
N PRO A 2544 15.72 -39.61 -20.81
CA PRO A 2544 15.51 -40.88 -20.11
C PRO A 2544 14.96 -41.94 -21.05
N ILE A 2545 15.72 -43.02 -21.22
CA ILE A 2545 15.31 -44.08 -22.13
C ILE A 2545 14.08 -44.80 -21.59
N VAL A 2546 14.12 -45.19 -20.32
CA VAL A 2546 13.02 -45.88 -19.67
C VAL A 2546 12.81 -45.26 -18.30
N ASN A 2547 11.57 -44.86 -18.00
CA ASN A 2547 11.23 -44.27 -16.71
C ASN A 2547 10.12 -45.01 -15.97
N SER A 2548 9.33 -45.83 -16.65
CA SER A 2548 8.25 -46.55 -16.00
C SER A 2548 8.70 -47.95 -15.59
N SER A 2549 8.06 -48.49 -14.55
CA SER A 2549 8.33 -49.83 -14.05
C SER A 2549 9.81 -50.00 -13.70
N LEU A 2550 10.33 -49.08 -12.89
CA LEU A 2550 11.72 -49.13 -12.46
C LEU A 2550 11.81 -48.47 -11.09
N VAL A 2551 12.30 -49.22 -10.11
CA VAL A 2551 12.36 -48.73 -8.73
C VAL A 2551 13.79 -48.38 -8.36
N MET A 2552 14.70 -49.37 -8.42
CA MET A 2552 16.11 -49.18 -8.11
C MET A 2552 16.94 -49.82 -9.21
N PRO A 2553 17.14 -49.14 -10.34
CA PRO A 2553 17.96 -49.71 -11.41
C PRO A 2553 19.39 -49.90 -10.96
N SER A 2554 20.01 -50.96 -11.47
CA SER A 2554 21.40 -51.26 -11.15
C SER A 2554 21.94 -52.22 -12.20
N GLY A 2555 23.27 -52.29 -12.28
CA GLY A 2555 23.91 -53.22 -13.20
C GLY A 2555 23.55 -52.98 -14.65
N LEU A 2556 23.57 -51.73 -15.09
CA LEU A 2556 23.33 -51.44 -16.50
C LEU A 2556 24.41 -52.10 -17.35
N THR A 2557 23.97 -52.78 -18.41
CA THR A 2557 24.88 -53.39 -19.37
C THR A 2557 24.36 -53.15 -20.78
N LEU A 2558 25.28 -53.14 -21.74
CA LEU A 2558 24.96 -52.80 -23.12
C LEU A 2558 25.38 -53.95 -24.03
N ASP A 2559 24.43 -54.48 -24.79
CA ASP A 2559 24.71 -55.51 -25.79
C ASP A 2559 25.28 -54.81 -27.00
N TYR A 2560 26.61 -54.70 -27.05
CA TYR A 2560 27.23 -54.00 -28.16
C TYR A 2560 26.98 -54.68 -29.48
N GLU A 2561 27.04 -56.01 -29.51
CA GLU A 2561 26.88 -56.72 -30.77
C GLU A 2561 25.47 -56.60 -31.31
N GLU A 2562 24.48 -56.48 -30.42
CA GLU A 2562 23.07 -56.44 -30.82
C GLU A 2562 22.40 -55.10 -30.56
N ASP A 2563 23.13 -54.13 -30.01
CA ASP A 2563 22.61 -52.78 -29.75
C ASP A 2563 21.35 -52.84 -28.88
N LEU A 2564 21.51 -53.40 -27.69
CA LEU A 2564 20.42 -53.55 -26.74
C LEU A 2564 20.86 -53.10 -25.36
N LEU A 2565 19.88 -52.72 -24.54
CA LEU A 2565 20.12 -52.25 -23.18
C LEU A 2565 19.60 -53.27 -22.19
N TYR A 2566 20.48 -53.76 -21.32
CA TYR A 2566 20.13 -54.72 -20.28
C TYR A 2566 20.39 -54.10 -18.91
N TRP A 2567 19.52 -54.42 -17.95
CA TRP A 2567 19.66 -53.91 -16.59
C TRP A 2567 18.89 -54.81 -15.64
N VAL A 2568 19.17 -54.64 -14.35
CA VAL A 2568 18.48 -55.38 -13.29
C VAL A 2568 17.95 -54.39 -12.28
N ASP A 2569 16.99 -54.84 -11.48
CA ASP A 2569 16.40 -54.03 -10.43
C ASP A 2569 16.21 -54.90 -9.20
N ALA A 2570 16.89 -54.55 -8.10
CA ALA A 2570 16.86 -55.38 -6.90
C ALA A 2570 15.45 -55.47 -6.32
N SER A 2571 14.74 -54.33 -6.25
CA SER A 2571 13.38 -54.35 -5.74
C SER A 2571 12.46 -55.13 -6.66
N LEU A 2572 12.61 -54.97 -7.97
CA LEU A 2572 11.79 -55.70 -8.92
C LEU A 2572 12.20 -57.16 -9.04
N GLN A 2573 13.45 -57.49 -8.71
CA GLN A 2573 13.97 -58.85 -8.79
C GLN A 2573 13.75 -59.44 -10.18
N ARG A 2574 14.08 -58.66 -11.20
CA ARG A 2574 13.95 -59.12 -12.58
C ARG A 2574 15.00 -58.45 -13.44
N ILE A 2575 15.38 -59.14 -14.51
CA ILE A 2575 16.36 -58.65 -15.48
C ILE A 2575 15.61 -58.41 -16.78
N GLU A 2576 15.66 -57.17 -17.26
CA GLU A 2576 14.94 -56.77 -18.46
C GLU A 2576 15.90 -56.23 -19.51
N ARG A 2577 15.54 -56.42 -20.77
CA ARG A 2577 16.29 -55.87 -21.88
C ARG A 2577 15.41 -54.88 -22.64
N SER A 2578 16.07 -53.95 -23.33
CA SER A 2578 15.35 -52.92 -24.07
C SER A 2578 16.22 -52.42 -25.21
N THR A 2579 15.57 -51.81 -26.19
CA THR A 2579 16.30 -51.15 -27.26
C THR A 2579 17.03 -49.92 -26.73
N LEU A 2580 18.05 -49.49 -27.47
CA LEU A 2580 18.80 -48.31 -27.07
C LEU A 2580 17.89 -47.10 -26.91
N THR A 2581 16.86 -47.00 -27.75
CA THR A 2581 15.86 -45.94 -27.59
C THR A 2581 14.92 -46.25 -26.44
N GLY A 2582 14.59 -47.53 -26.23
CA GLY A 2582 13.68 -47.93 -25.18
C GLY A 2582 12.29 -48.31 -25.66
N VAL A 2583 12.08 -48.43 -26.97
CA VAL A 2583 10.76 -48.80 -27.48
C VAL A 2583 10.37 -50.19 -27.01
N ASP A 2584 11.25 -51.15 -27.19
CA ASP A 2584 11.00 -52.52 -26.76
C ASP A 2584 11.42 -52.70 -25.31
N ARG A 2585 10.79 -53.66 -24.64
CA ARG A 2585 11.11 -53.97 -23.25
C ARG A 2585 10.70 -55.40 -22.97
N GLU A 2586 11.69 -56.28 -22.82
CA GLU A 2586 11.45 -57.69 -22.53
C GLU A 2586 12.13 -58.07 -21.23
N VAL A 2587 11.41 -58.78 -20.37
CA VAL A 2587 11.95 -59.26 -19.10
C VAL A 2587 12.67 -60.59 -19.38
N ILE A 2588 14.00 -60.55 -19.43
CA ILE A 2588 14.76 -61.76 -19.72
C ILE A 2588 14.62 -62.77 -18.59
N VAL A 2589 14.80 -62.31 -17.35
CA VAL A 2589 14.76 -63.18 -16.17
C VAL A 2589 13.63 -62.69 -15.27
N ASN A 2590 12.71 -63.59 -14.95
CA ASN A 2590 11.56 -63.23 -14.11
C ASN A 2590 11.82 -63.49 -12.64
N ALA A 2591 12.49 -64.59 -12.31
CA ALA A 2591 12.74 -64.99 -10.93
C ALA A 2591 14.19 -64.67 -10.56
N ALA A 2592 14.37 -63.89 -9.50
CA ALA A 2592 15.69 -63.58 -8.98
C ALA A 2592 15.54 -63.17 -7.53
N VAL A 2593 16.67 -63.18 -6.81
CA VAL A 2593 16.70 -62.81 -5.41
C VAL A 2593 17.74 -61.71 -5.24
N HIS A 2594 17.26 -60.46 -5.21
CA HIS A 2594 18.12 -59.30 -4.98
C HIS A 2594 19.26 -59.24 -6.00
N ALA A 2595 18.92 -59.47 -7.26
CA ALA A 2595 19.91 -59.35 -8.33
C ALA A 2595 20.41 -57.91 -8.42
N PHE A 2596 21.70 -57.72 -8.20
CA PHE A 2596 22.28 -56.37 -8.13
C PHE A 2596 23.25 -56.11 -9.27
N GLY A 2597 24.27 -56.96 -9.44
CA GLY A 2597 25.19 -56.78 -10.54
C GLY A 2597 24.68 -57.37 -11.83
N LEU A 2598 25.40 -57.08 -12.92
CA LEU A 2598 25.05 -57.62 -14.23
C LEU A 2598 26.19 -57.40 -15.19
N THR A 2599 26.35 -58.33 -16.13
CA THR A 2599 27.27 -58.17 -17.24
C THR A 2599 26.83 -59.10 -18.36
N LEU A 2600 27.34 -58.84 -19.56
CA LEU A 2600 26.95 -59.59 -20.74
C LEU A 2600 28.18 -59.92 -21.56
N TYR A 2601 28.20 -61.13 -22.13
CA TYR A 2601 29.28 -61.54 -23.01
C TYR A 2601 28.84 -62.78 -23.77
N GLY A 2602 29.26 -62.87 -25.03
CA GLY A 2602 28.85 -63.97 -25.87
C GLY A 2602 27.34 -64.02 -26.00
N GLN A 2603 26.77 -65.21 -25.86
CA GLN A 2603 25.32 -65.39 -25.87
C GLN A 2603 24.75 -65.55 -24.46
N TYR A 2604 25.55 -65.24 -23.45
CA TYR A 2604 25.15 -65.43 -22.06
C TYR A 2604 25.17 -64.11 -21.32
N ILE A 2605 24.31 -64.02 -20.31
CA ILE A 2605 24.22 -62.83 -19.46
C ILE A 2605 24.49 -63.26 -18.02
N TYR A 2606 25.43 -62.58 -17.37
CA TYR A 2606 25.88 -62.95 -16.04
C TYR A 2606 25.45 -61.88 -15.04
N TRP A 2607 24.96 -62.32 -13.88
CA TRP A 2607 24.55 -61.41 -12.82
C TRP A 2607 24.86 -62.03 -11.46
N THR A 2608 24.79 -61.19 -10.44
CA THR A 2608 25.09 -61.59 -9.06
C THR A 2608 23.85 -61.39 -8.20
N ASP A 2609 23.69 -62.24 -7.20
CA ASP A 2609 22.57 -62.17 -6.26
C ASP A 2609 23.11 -61.83 -4.87
N LEU A 2610 22.49 -60.86 -4.22
CA LEU A 2610 22.90 -60.51 -2.87
C LEU A 2610 22.44 -61.54 -1.86
N TYR A 2611 21.31 -62.21 -2.14
CA TYR A 2611 20.75 -63.17 -1.20
C TYR A 2611 21.53 -64.48 -1.19
N THR A 2612 21.57 -65.17 -2.33
CA THR A 2612 22.28 -66.43 -2.42
C THR A 2612 23.80 -66.26 -2.43
N GLN A 2613 24.29 -65.04 -2.67
CA GLN A 2613 25.71 -64.74 -2.66
C GLN A 2613 26.47 -65.62 -3.65
N ARG A 2614 26.04 -65.58 -4.91
CA ARG A 2614 26.69 -66.34 -5.95
C ARG A 2614 26.43 -65.70 -7.30
N ILE A 2615 27.23 -66.10 -8.29
CA ILE A 2615 27.14 -65.59 -9.65
C ILE A 2615 26.39 -66.60 -10.49
N TYR A 2616 25.38 -66.14 -11.21
CA TYR A 2616 24.59 -66.99 -12.09
C TYR A 2616 24.97 -66.72 -13.54
N ARG A 2617 24.26 -67.41 -14.44
CA ARG A 2617 24.41 -67.21 -15.87
C ARG A 2617 23.11 -67.62 -16.55
N ALA A 2618 22.78 -66.92 -17.63
CA ALA A 2618 21.59 -67.24 -18.39
C ALA A 2618 21.82 -66.84 -19.84
N ASN A 2619 21.03 -67.44 -20.73
CA ASN A 2619 21.10 -67.07 -22.14
C ASN A 2619 20.60 -65.65 -22.33
N LYS A 2620 21.39 -64.84 -23.03
CA LYS A 2620 21.02 -63.43 -23.18
C LYS A 2620 19.76 -63.27 -24.00
N TYR A 2621 19.49 -64.20 -24.92
CA TYR A 2621 18.32 -64.09 -25.77
C TYR A 2621 17.04 -64.34 -24.99
N ASP A 2622 17.01 -65.40 -24.19
CA ASP A 2622 15.81 -65.73 -23.42
C ASP A 2622 16.07 -65.89 -21.93
N GLY A 2623 17.18 -66.49 -21.55
CA GLY A 2623 17.43 -66.85 -20.17
C GLY A 2623 17.12 -68.29 -19.83
N SER A 2624 17.21 -69.21 -20.78
CA SER A 2624 16.83 -70.59 -20.53
C SER A 2624 17.79 -71.26 -19.56
N GLY A 2625 19.09 -71.11 -19.77
CA GLY A 2625 20.06 -71.83 -18.97
C GLY A 2625 20.47 -71.12 -17.71
N GLN A 2626 19.51 -70.87 -16.81
CA GLN A 2626 19.82 -70.22 -15.55
C GLN A 2626 20.53 -71.19 -14.61
N ILE A 2627 21.86 -71.16 -14.60
CA ILE A 2627 22.65 -72.01 -13.74
C ILE A 2627 23.45 -71.12 -12.80
N ALA A 2628 24.17 -71.76 -11.88
CA ALA A 2628 25.03 -71.06 -10.94
C ALA A 2628 26.49 -71.26 -11.35
N MET A 2629 27.19 -70.14 -11.57
CA MET A 2629 28.58 -70.20 -11.97
C MET A 2629 29.53 -70.40 -10.81
N THR A 2630 29.12 -70.03 -9.59
CA THR A 2630 29.98 -70.13 -8.42
C THR A 2630 29.19 -70.67 -7.26
N THR A 2631 29.92 -71.11 -6.23
CA THR A 2631 29.33 -71.60 -5.00
C THR A 2631 28.84 -70.42 -4.16
N ASN A 2632 28.39 -70.71 -2.95
CA ASN A 2632 27.93 -69.65 -2.07
C ASN A 2632 29.10 -68.82 -1.57
N LEU A 2633 29.37 -67.71 -2.24
CA LEU A 2633 30.48 -66.84 -1.85
C LEU A 2633 30.27 -66.33 -0.42
N LEU A 2634 31.39 -66.14 0.28
CA LEU A 2634 31.31 -65.79 1.70
C LEU A 2634 30.60 -64.46 1.91
N SER A 2635 30.88 -63.46 1.07
CA SER A 2635 30.25 -62.17 1.17
C SER A 2635 29.36 -61.93 -0.05
N GLN A 2636 28.75 -60.76 -0.10
CA GLN A 2636 27.82 -60.44 -1.19
C GLN A 2636 28.59 -59.88 -2.38
N PRO A 2637 28.43 -60.48 -3.57
CA PRO A 2637 29.08 -59.93 -4.77
C PRO A 2637 28.36 -58.67 -5.23
N ARG A 2638 29.09 -57.55 -5.27
CA ARG A 2638 28.49 -56.26 -5.57
C ARG A 2638 28.35 -56.05 -7.08
N GLY A 2639 29.46 -56.04 -7.79
CA GLY A 2639 29.42 -55.75 -9.22
C GLY A 2639 30.23 -56.70 -10.07
N ILE A 2640 29.66 -57.15 -11.19
CA ILE A 2640 30.31 -58.09 -12.08
C ILE A 2640 30.53 -57.42 -13.43
N ASN A 2641 31.74 -57.54 -13.96
CA ASN A 2641 32.12 -56.96 -15.24
C ASN A 2641 32.89 -58.00 -16.04
N THR A 2642 32.97 -57.78 -17.35
CA THR A 2642 33.69 -58.67 -18.25
C THR A 2642 35.02 -58.04 -18.65
N VAL A 2643 36.09 -58.82 -18.57
CA VAL A 2643 37.38 -58.34 -18.98
C VAL A 2643 37.58 -58.75 -20.42
N VAL A 2644 37.38 -57.82 -21.35
CA VAL A 2644 37.55 -58.15 -22.76
C VAL A 2644 39.01 -58.00 -23.13
N LYS A 2645 39.82 -59.00 -22.79
CA LYS A 2645 41.22 -58.97 -23.14
C LYS A 2645 41.32 -58.89 -24.65
N ASN A 2646 40.36 -59.50 -25.33
CA ASN A 2646 40.34 -59.45 -26.78
C ASN A 2646 39.90 -58.08 -27.24
N GLN A 2647 39.89 -57.86 -28.55
CA GLN A 2647 39.49 -56.55 -29.07
C GLN A 2647 38.15 -56.14 -28.50
N LYS A 2648 38.09 -54.92 -27.96
CA LYS A 2648 36.85 -54.42 -27.40
C LYS A 2648 36.07 -53.66 -28.47
N GLN A 2649 35.29 -52.66 -28.05
CA GLN A 2649 34.55 -51.86 -29.01
C GLN A 2649 35.44 -50.76 -29.54
N GLN A 2650 36.28 -51.09 -30.51
CA GLN A 2650 37.20 -50.11 -31.06
C GLN A 2650 36.52 -49.17 -32.05
N CYS A 2651 36.81 -47.88 -31.94
CA CYS A 2651 36.22 -46.88 -32.84
C CYS A 2651 37.15 -45.69 -32.91
N ASN A 2652 37.54 -45.27 -34.11
CA ASN A 2652 38.51 -44.19 -34.22
C ASN A 2652 38.08 -43.00 -33.39
N ASN A 2653 39.01 -42.47 -32.60
CA ASN A 2653 38.70 -41.39 -31.68
C ASN A 2653 38.84 -40.05 -32.38
N PRO A 2654 37.76 -39.26 -32.52
CA PRO A 2654 37.92 -37.91 -33.07
C PRO A 2654 38.77 -37.01 -32.19
N CYS A 2655 38.84 -37.30 -30.89
CA CYS A 2655 39.63 -36.48 -29.98
C CYS A 2655 41.12 -36.65 -30.17
N GLU A 2656 41.55 -37.62 -30.98
CA GLU A 2656 42.97 -37.84 -31.19
C GLU A 2656 43.62 -36.65 -31.90
N GLN A 2657 42.91 -36.06 -32.86
CA GLN A 2657 43.47 -34.99 -33.69
C GLN A 2657 43.38 -33.66 -32.95
N PHE A 2658 44.50 -33.26 -32.35
CA PHE A 2658 44.61 -31.97 -31.65
C PHE A 2658 43.48 -31.79 -30.63
N ASN A 2659 43.29 -32.84 -29.82
CA ASN A 2659 42.21 -32.88 -28.83
C ASN A 2659 40.85 -32.71 -29.50
N GLY A 2660 40.73 -33.18 -30.73
CA GLY A 2660 39.46 -33.08 -31.44
C GLY A 2660 39.00 -31.66 -31.65
N GLY A 2661 39.93 -30.76 -31.97
CA GLY A 2661 39.57 -29.36 -32.13
C GLY A 2661 39.04 -28.73 -30.87
N CYS A 2662 39.55 -29.14 -29.71
CA CYS A 2662 39.12 -28.62 -28.43
C CYS A 2662 40.32 -28.04 -27.70
N SER A 2663 40.18 -26.80 -27.21
CA SER A 2663 41.22 -26.21 -26.38
C SER A 2663 41.28 -26.91 -25.02
N HIS A 2664 40.20 -27.59 -24.65
CA HIS A 2664 40.15 -28.23 -23.30
C HIS A 2664 39.85 -29.73 -23.45
N ILE A 2665 39.22 -30.31 -22.42
CA ILE A 2665 38.92 -31.76 -22.42
C ILE A 2665 38.05 -32.11 -23.63
N CYS A 2666 38.21 -33.31 -24.19
CA CYS A 2666 37.44 -33.72 -25.35
C CYS A 2666 36.70 -35.02 -25.05
N ALA A 2667 35.44 -35.10 -25.49
CA ALA A 2667 34.61 -36.28 -25.31
C ALA A 2667 34.12 -36.77 -26.67
N PRO A 2668 34.53 -37.95 -27.12
CA PRO A 2668 34.14 -38.44 -28.46
C PRO A 2668 32.71 -38.96 -28.52
N GLY A 2669 31.76 -38.04 -28.68
CA GLY A 2669 30.37 -38.38 -28.80
C GLY A 2669 30.00 -38.78 -30.21
N PRO A 2670 28.70 -38.96 -30.46
CA PRO A 2670 28.26 -39.34 -31.80
C PRO A 2670 28.51 -38.21 -32.81
N ASN A 2671 28.79 -38.62 -34.04
CA ASN A 2671 29.00 -37.69 -35.15
C ASN A 2671 30.05 -36.65 -34.82
N GLY A 2672 31.27 -37.12 -34.58
CA GLY A 2672 32.38 -36.24 -34.31
C GLY A 2672 32.58 -36.00 -32.82
N ALA A 2673 33.70 -35.35 -32.50
CA ALA A 2673 34.06 -35.11 -31.10
C ALA A 2673 33.14 -34.06 -30.48
N GLU A 2674 33.06 -34.11 -29.15
CA GLU A 2674 32.28 -33.16 -28.36
C GLU A 2674 33.18 -32.59 -27.29
N CYS A 2675 33.54 -31.32 -27.41
CA CYS A 2675 34.46 -30.70 -26.47
C CYS A 2675 33.85 -30.59 -25.08
N GLN A 2676 34.70 -30.68 -24.06
CA GLN A 2676 34.30 -30.55 -22.68
C GLN A 2676 35.12 -29.48 -21.99
N CYS A 2677 34.59 -28.95 -20.90
CA CYS A 2677 35.23 -27.87 -20.17
C CYS A 2677 35.30 -28.22 -18.69
N PRO A 2678 36.29 -27.68 -17.98
CA PRO A 2678 36.38 -27.94 -16.53
C PRO A 2678 35.13 -27.46 -15.80
N HIS A 2679 34.68 -28.26 -14.84
CA HIS A 2679 33.48 -27.91 -14.09
C HIS A 2679 33.77 -26.85 -13.04
N GLU A 2680 35.01 -26.80 -12.55
CA GLU A 2680 35.35 -25.84 -11.49
C GLU A 2680 35.20 -24.41 -11.97
N GLY A 2681 35.62 -24.12 -13.20
CA GLY A 2681 35.49 -22.80 -13.78
C GLY A 2681 34.25 -22.67 -14.64
N ASN A 2682 33.82 -21.43 -14.86
CA ASN A 2682 32.69 -21.15 -15.74
C ASN A 2682 33.19 -21.02 -17.17
N TRP A 2683 32.74 -21.89 -18.06
CA TRP A 2683 33.27 -21.94 -19.41
C TRP A 2683 32.15 -22.00 -20.44
N TYR A 2684 32.42 -21.41 -21.60
CA TYR A 2684 31.51 -21.44 -22.75
C TYR A 2684 32.33 -21.85 -23.98
N LEU A 2685 31.83 -22.82 -24.73
CA LEU A 2685 32.55 -23.31 -25.89
C LEU A 2685 32.47 -22.31 -27.04
N ALA A 2686 33.63 -22.03 -27.65
CA ALA A 2686 33.70 -21.10 -28.77
C ALA A 2686 33.64 -21.86 -30.09
N ASN A 2687 33.76 -21.12 -31.18
CA ASN A 2687 33.70 -21.65 -32.55
C ASN A 2687 32.40 -22.43 -32.69
N ASN A 2688 32.41 -23.61 -33.31
CA ASN A 2688 31.25 -24.50 -33.34
C ASN A 2688 31.23 -25.36 -32.07
N ARG A 2689 31.13 -24.65 -30.93
CA ARG A 2689 31.20 -25.28 -29.61
C ARG A 2689 32.50 -26.06 -29.44
N LYS A 2690 33.63 -25.34 -29.51
CA LYS A 2690 34.93 -25.98 -29.53
C LYS A 2690 35.89 -25.49 -28.44
N HIS A 2691 35.88 -24.21 -28.10
CA HIS A 2691 36.90 -23.66 -27.20
C HIS A 2691 36.24 -23.00 -26.00
N CYS A 2692 36.60 -23.49 -24.81
CA CYS A 2692 36.03 -22.97 -23.57
C CYS A 2692 36.56 -21.57 -23.31
N ILE A 2693 35.64 -20.65 -22.99
CA ILE A 2693 35.98 -19.26 -22.69
C ILE A 2693 35.53 -18.96 -21.27
N VAL A 2694 35.81 -17.74 -20.82
CA VAL A 2694 35.47 -17.31 -19.47
C VAL A 2694 33.96 -17.34 -19.25
N ASP A 2695 33.20 -17.41 -20.34
CA ASP A 2695 31.74 -17.46 -20.32
C ASP A 2695 31.12 -16.21 -19.70
N ASN A 2696 31.75 -15.06 -19.89
CA ASN A 2696 31.20 -13.80 -19.39
C ASN A 2696 30.23 -13.16 -20.38
N GLY A 2697 30.14 -13.68 -21.60
CA GLY A 2697 29.27 -13.13 -22.62
C GLY A 2697 29.99 -12.15 -23.52
N GLU A 2698 29.19 -11.42 -24.30
CA GLU A 2698 29.69 -10.41 -25.23
C GLU A 2698 30.70 -11.00 -26.22
N ARG A 2699 30.38 -12.19 -26.72
CA ARG A 2699 31.22 -12.85 -27.70
C ARG A 2699 30.74 -12.49 -29.10
N CYS A 2700 31.64 -11.94 -29.91
CA CYS A 2700 31.26 -11.51 -31.25
C CYS A 2700 30.98 -12.72 -32.13
N GLY A 2701 29.95 -12.61 -32.97
CA GLY A 2701 29.55 -13.67 -33.86
C GLY A 2701 29.97 -13.43 -35.29
N ALA A 2702 29.39 -14.21 -36.20
CA ALA A 2702 29.67 -14.16 -37.64
C ALA A 2702 31.16 -14.39 -37.87
N SER A 2703 31.75 -13.70 -38.84
CA SER A 2703 33.17 -13.86 -39.14
C SER A 2703 34.02 -13.01 -38.21
N SER A 2704 33.64 -12.99 -36.93
CA SER A 2704 34.45 -12.26 -35.91
C SER A 2704 34.54 -13.20 -34.71
N PHE A 2705 35.03 -14.42 -34.92
CA PHE A 2705 35.05 -15.44 -33.87
C PHE A 2705 35.89 -14.98 -32.69
N THR A 2706 35.39 -15.31 -31.50
CA THR A 2706 36.05 -14.91 -30.25
C THR A 2706 37.12 -15.93 -29.86
N CYS A 2707 38.27 -15.43 -29.46
CA CYS A 2707 39.34 -16.30 -29.00
C CYS A 2707 39.03 -16.86 -27.61
N SER A 2708 39.95 -17.69 -27.11
CA SER A 2708 39.75 -18.31 -25.81
C SER A 2708 39.77 -17.29 -24.67
N ASN A 2709 40.35 -16.11 -24.90
CA ASN A 2709 40.39 -15.08 -23.87
C ASN A 2709 39.04 -14.38 -23.70
N GLY A 2710 38.18 -14.46 -24.71
CA GLY A 2710 36.95 -13.70 -24.74
C GLY A 2710 36.94 -12.57 -25.73
N ARG A 2711 38.10 -11.95 -25.96
CA ARG A 2711 38.22 -10.93 -26.99
C ARG A 2711 38.04 -11.57 -28.37
N CYS A 2712 37.30 -10.88 -29.24
CA CYS A 2712 37.00 -11.40 -30.57
C CYS A 2712 37.74 -10.60 -31.63
N ILE A 2713 38.17 -11.28 -32.68
CA ILE A 2713 38.75 -10.66 -33.87
C ILE A 2713 38.10 -11.29 -35.09
N SER A 2714 38.21 -10.61 -36.22
CA SER A 2714 37.58 -11.08 -37.45
C SER A 2714 38.13 -12.45 -37.84
N GLU A 2715 37.25 -13.31 -38.34
CA GLU A 2715 37.67 -14.64 -38.78
C GLU A 2715 38.66 -14.55 -39.92
N GLU A 2716 38.52 -13.53 -40.78
CA GLU A 2716 39.56 -13.27 -41.77
C GLU A 2716 40.87 -12.90 -41.11
N TRP A 2717 40.81 -12.10 -40.04
CA TRP A 2717 42.01 -11.77 -39.29
C TRP A 2717 42.61 -13.01 -38.62
N LYS A 2718 41.76 -13.99 -38.30
CA LYS A 2718 42.25 -15.22 -37.68
C LYS A 2718 43.16 -15.97 -38.64
N CYS A 2719 44.16 -16.65 -38.07
CA CYS A 2719 45.16 -17.39 -38.84
C CYS A 2719 45.87 -16.50 -39.86
N ASP A 2720 46.25 -15.30 -39.42
CA ASP A 2720 47.01 -14.36 -40.24
C ASP A 2720 48.50 -14.38 -39.90
N ASN A 2721 48.97 -15.47 -39.29
CA ASN A 2721 50.36 -15.59 -38.86
C ASN A 2721 50.73 -14.51 -37.84
N ASP A 2722 49.77 -14.10 -37.02
CA ASP A 2722 49.98 -13.09 -36.00
C ASP A 2722 49.11 -13.43 -34.79
N ASN A 2723 49.10 -12.54 -33.81
CA ASN A 2723 48.31 -12.71 -32.58
C ASN A 2723 47.31 -11.56 -32.52
N ASP A 2724 46.14 -11.77 -33.15
CA ASP A 2724 45.11 -10.74 -33.18
C ASP A 2724 44.53 -10.51 -31.79
N CYS A 2725 44.21 -11.59 -31.09
CA CYS A 2725 43.69 -11.50 -29.73
C CYS A 2725 44.85 -11.41 -28.74
N GLY A 2726 44.51 -11.31 -27.46
CA GLY A 2726 45.56 -11.34 -26.46
C GLY A 2726 45.92 -12.81 -26.40
N ASP A 2727 45.06 -13.65 -26.97
CA ASP A 2727 45.33 -15.08 -27.03
C ASP A 2727 45.60 -15.49 -28.46
N GLY A 2728 46.49 -16.46 -28.64
CA GLY A 2728 46.83 -16.91 -29.98
C GLY A 2728 45.70 -17.67 -30.64
N SER A 2729 44.58 -17.81 -29.94
CA SER A 2729 43.45 -18.56 -30.49
C SER A 2729 43.09 -18.07 -31.88
N ASP A 2730 43.25 -16.77 -32.11
CA ASP A 2730 42.96 -16.23 -33.42
C ASP A 2730 43.70 -17.03 -34.48
N GLU A 2731 44.97 -17.31 -34.23
CA GLU A 2731 45.76 -18.10 -35.17
C GLU A 2731 46.26 -19.37 -34.51
N MET A 2732 45.44 -19.95 -33.63
CA MET A 2732 45.84 -21.17 -32.92
C MET A 2732 46.00 -22.35 -33.85
N GLU A 2733 46.84 -23.31 -33.47
CA GLU A 2733 47.07 -24.48 -34.31
C GLU A 2733 45.77 -25.14 -34.70
N SER A 2734 45.05 -25.68 -33.73
CA SER A 2734 43.77 -26.31 -34.01
C SER A 2734 42.96 -25.40 -34.91
N VAL A 2735 42.97 -24.11 -34.59
CA VAL A 2735 42.21 -23.15 -35.39
C VAL A 2735 42.72 -23.12 -36.82
N CYS A 2736 44.03 -23.19 -36.98
CA CYS A 2736 44.61 -23.20 -38.32
C CYS A 2736 45.12 -24.59 -38.61
N ALA A 2737 44.27 -25.60 -38.39
CA ALA A 2737 44.71 -26.98 -38.58
C ALA A 2737 45.07 -27.35 -40.02
N LEU A 2738 44.21 -27.03 -40.98
CA LEU A 2738 44.46 -27.44 -42.35
C LEU A 2738 44.27 -26.32 -43.37
N HIS A 2739 44.89 -26.48 -44.54
CA HIS A 2739 44.73 -25.49 -45.59
C HIS A 2739 43.46 -25.74 -46.38
N THR A 2740 42.42 -24.97 -46.09
CA THR A 2740 41.18 -25.09 -46.83
C THR A 2740 40.90 -23.72 -47.36
N CYS A 2741 41.93 -23.07 -47.89
CA CYS A 2741 41.77 -21.70 -48.35
C CYS A 2741 40.57 -21.50 -49.24
N SER A 2742 39.89 -20.37 -49.09
CA SER A 2742 38.71 -20.07 -49.94
C SER A 2742 39.15 -19.84 -51.38
N PRO A 2743 38.29 -20.12 -52.39
CA PRO A 2743 38.65 -19.88 -53.79
C PRO A 2743 39.10 -18.43 -53.98
N THR A 2744 38.49 -17.50 -53.25
CA THR A 2744 38.81 -16.06 -53.43
C THR A 2744 40.29 -15.80 -53.15
N ALA A 2745 40.86 -16.51 -52.17
CA ALA A 2745 42.22 -16.15 -51.66
C ALA A 2745 43.27 -17.13 -52.20
N PHE A 2746 44.40 -16.61 -52.66
CA PHE A 2746 45.48 -17.48 -53.24
C PHE A 2746 46.25 -18.17 -52.12
N THR A 2747 46.95 -19.26 -52.46
CA THR A 2747 47.78 -19.99 -51.46
C THR A 2747 49.00 -20.60 -52.15
N TYR A 2756 44.38 -13.39 -54.22
CA TYR A 2756 45.21 -12.70 -55.25
C TYR A 2756 45.19 -11.20 -55.00
N SER A 2757 44.74 -10.77 -53.82
CA SER A 2757 44.64 -9.32 -53.50
C SER A 2757 46.02 -8.65 -53.58
N TYR A 2758 47.01 -9.23 -52.89
CA TYR A 2758 48.37 -8.65 -52.89
C TYR A 2758 49.31 -9.64 -53.59
N ARG A 2759 48.73 -10.66 -54.23
CA ARG A 2759 49.53 -11.69 -54.88
C ARG A 2759 50.61 -11.10 -55.78
N CYS A 2760 51.81 -11.65 -55.69
CA CYS A 2760 52.90 -11.39 -56.64
C CYS A 2760 53.05 -9.90 -56.96
N ASP A 2761 52.76 -9.07 -55.95
CA ASP A 2761 52.81 -7.62 -56.11
C ASP A 2761 53.79 -6.97 -55.14
N TYR A 2762 54.88 -7.66 -54.81
CA TYR A 2762 55.90 -7.15 -53.89
C TYR A 2762 55.31 -6.83 -52.52
N TYR A 2763 54.25 -7.54 -52.14
CA TYR A 2763 53.55 -7.34 -50.88
C TYR A 2763 53.57 -8.64 -50.09
N ASN A 2764 53.85 -8.54 -48.79
CA ASN A 2764 53.85 -9.71 -47.90
C ASN A 2764 52.55 -9.85 -47.13
N ASP A 2765 51.45 -9.35 -47.69
CA ASP A 2765 50.14 -9.41 -47.04
C ASP A 2765 49.24 -10.49 -47.61
N CYS A 2766 49.62 -11.11 -48.73
CA CYS A 2766 48.84 -12.19 -49.35
C CYS A 2766 49.34 -13.54 -48.81
N GLY A 2767 48.97 -14.63 -49.48
CA GLY A 2767 49.46 -15.93 -49.09
C GLY A 2767 50.98 -15.99 -49.20
N ASP A 2768 51.58 -16.87 -48.39
CA ASP A 2768 53.04 -16.93 -48.31
C ASP A 2768 53.67 -17.31 -49.64
N GLY A 2769 52.95 -18.12 -50.44
CA GLY A 2769 53.48 -18.49 -51.75
C GLY A 2769 53.68 -17.29 -52.66
N SER A 2770 52.73 -16.35 -52.65
CA SER A 2770 52.80 -15.16 -53.47
C SER A 2770 53.29 -13.93 -52.71
N ASP A 2771 53.72 -14.10 -51.47
CA ASP A 2771 54.20 -12.98 -50.66
C ASP A 2771 55.50 -12.43 -51.25
N GLU A 2772 55.44 -11.26 -51.87
CA GLU A 2772 56.55 -10.54 -52.49
C GLU A 2772 57.18 -11.33 -53.63
N ALA A 2773 56.63 -12.46 -54.02
CA ALA A 2773 57.15 -13.25 -55.14
C ALA A 2773 56.54 -12.77 -56.45
N GLY A 2774 56.76 -11.50 -56.76
CA GLY A 2774 56.20 -10.90 -57.95
C GLY A 2774 56.98 -11.21 -59.20
N CYS A 2775 56.46 -12.12 -60.02
CA CYS A 2775 57.17 -12.53 -61.23
C CYS A 2775 57.09 -11.46 -62.30
N LEU A 2776 56.17 -10.50 -62.16
CA LEU A 2776 56.04 -9.44 -63.16
C LEU A 2776 57.17 -8.44 -63.05
N PHE A 2777 57.69 -8.22 -61.85
CA PHE A 2777 58.75 -7.25 -61.64
C PHE A 2777 60.06 -7.73 -62.27
N CYS A 3018 38.13 45.13 -22.69
CA CYS A 3018 39.23 46.05 -22.51
C CYS A 3018 39.77 46.00 -21.08
N GLY A 3019 40.58 46.99 -20.72
CA GLY A 3019 41.13 47.05 -19.38
C GLY A 3019 40.13 47.62 -18.38
N ASP A 3020 40.58 47.67 -17.12
CA ASP A 3020 39.73 48.19 -16.06
C ASP A 3020 39.58 49.71 -16.16
N TYR A 3021 40.51 50.39 -16.83
CA TYR A 3021 40.43 51.84 -16.96
C TYR A 3021 39.36 52.27 -17.96
N SER A 3022 38.77 51.33 -18.70
CA SER A 3022 37.73 51.68 -19.65
C SER A 3022 36.53 52.30 -18.95
N ASP A 3023 36.14 51.75 -17.80
CA ASP A 3023 35.07 52.30 -16.96
C ASP A 3023 33.74 52.40 -17.72
N GLU A 3024 33.50 51.46 -18.63
CA GLU A 3024 32.26 51.44 -19.39
C GLU A 3024 32.13 50.09 -20.07
N ARG A 3025 30.90 49.59 -20.14
CA ARG A 3025 30.61 48.31 -20.78
C ARG A 3025 29.26 48.38 -21.48
N GLY A 3026 29.19 47.78 -22.66
CA GLY A 3026 27.95 47.70 -23.41
C GLY A 3026 27.13 46.48 -23.03
N CYS A 3027 26.10 46.22 -23.83
CA CYS A 3027 25.22 45.09 -23.60
C CYS A 3027 25.95 43.80 -23.93
N LEU A 3028 26.34 43.04 -22.91
CA LEU A 3028 26.99 41.75 -23.14
C LEU A 3028 26.06 40.78 -23.86
N TYR A 3029 24.79 40.72 -23.44
CA TYR A 3029 23.79 39.85 -24.04
C TYR A 3029 24.26 38.39 -24.03
N GLN A 3030 24.41 37.85 -22.82
CA GLN A 3030 24.78 36.46 -22.66
C GLN A 3030 23.62 35.55 -23.08
N THR A 3031 23.92 34.58 -23.95
CA THR A 3031 22.84 33.81 -24.55
C THR A 3031 22.82 32.33 -24.16
N CYS A 3032 23.89 31.59 -24.48
CA CYS A 3032 23.83 30.14 -24.27
C CYS A 3032 24.87 29.66 -23.26
N GLN A 3033 26.15 29.92 -23.54
CA GLN A 3033 27.20 29.51 -22.62
C GLN A 3033 27.57 30.62 -21.67
N GLN A 3034 27.82 31.81 -22.22
CA GLN A 3034 27.98 33.01 -21.40
C GLN A 3034 26.71 33.24 -20.60
N ASN A 3035 26.88 33.56 -19.31
CA ASN A 3035 25.76 33.86 -18.44
C ASN A 3035 26.16 34.99 -17.49
N GLN A 3036 25.83 36.22 -17.87
CA GLN A 3036 26.14 37.38 -17.05
C GLN A 3036 25.49 37.27 -15.68
N PHE A 3037 26.33 37.17 -14.66
CA PHE A 3037 25.87 37.02 -13.28
C PHE A 3037 25.53 38.40 -12.72
N THR A 3038 25.30 38.48 -11.41
CA THR A 3038 24.94 39.76 -10.79
C THR A 3038 26.02 40.80 -11.01
N CYS A 3039 27.27 40.36 -11.23
CA CYS A 3039 28.36 41.26 -11.56
C CYS A 3039 28.66 41.30 -13.05
N GLN A 3040 27.75 40.80 -13.87
CA GLN A 3040 27.85 40.89 -15.33
C GLN A 3040 29.13 40.23 -15.84
N ASN A 3041 29.24 38.92 -15.61
CA ASN A 3041 30.40 38.15 -16.01
C ASN A 3041 29.93 37.03 -16.94
N GLY A 3042 30.40 37.07 -18.18
CA GLY A 3042 30.01 36.06 -19.16
C GLY A 3042 30.68 34.72 -18.95
N ARG A 3043 30.50 34.14 -17.76
CA ARG A 3043 31.10 32.86 -17.44
C ARG A 3043 30.39 31.73 -18.19
N CYS A 3044 31.08 30.59 -18.32
CA CYS A 3044 30.55 29.47 -19.09
C CYS A 3044 29.34 28.86 -18.38
N ILE A 3045 28.40 28.35 -19.18
CA ILE A 3045 27.22 27.70 -18.63
C ILE A 3045 27.59 26.40 -17.92
N SER A 3046 28.75 25.83 -18.24
CA SER A 3046 29.22 24.61 -17.59
C SER A 3046 29.61 24.83 -16.13
N LYS A 3047 29.69 26.08 -15.67
CA LYS A 3047 30.09 26.38 -14.32
C LYS A 3047 28.94 26.37 -13.33
N THR A 3048 27.75 25.98 -13.77
CA THR A 3048 26.56 25.99 -12.91
C THR A 3048 26.67 24.84 -11.92
N PHE A 3049 27.46 25.06 -10.87
CA PHE A 3049 27.61 24.13 -9.75
C PHE A 3049 28.21 22.80 -10.16
N VAL A 3050 28.66 22.67 -11.40
CA VAL A 3050 29.32 21.44 -11.82
C VAL A 3050 30.81 21.57 -11.51
N CYS A 3051 31.17 21.37 -10.25
CA CYS A 3051 32.57 21.36 -9.79
C CYS A 3051 33.31 22.63 -10.21
N ASP A 3052 32.57 23.69 -10.52
CA ASP A 3052 33.16 24.90 -11.10
C ASP A 3052 32.60 26.13 -10.39
N GLU A 3053 33.31 26.55 -9.34
CA GLU A 3053 33.13 27.90 -8.81
C GLU A 3053 34.10 28.88 -9.46
N ASP A 3054 34.14 28.92 -10.79
CA ASP A 3054 35.10 29.75 -11.49
C ASP A 3054 34.72 31.23 -11.39
N ASN A 3055 33.43 31.53 -11.47
CA ASN A 3055 32.96 32.91 -11.39
C ASN A 3055 32.82 33.31 -9.93
N ASP A 3056 33.97 33.68 -9.33
CA ASP A 3056 33.94 34.28 -8.00
C ASP A 3056 33.32 35.66 -8.04
N CYS A 3057 33.37 36.31 -9.20
CA CYS A 3057 32.86 37.67 -9.37
C CYS A 3057 31.38 37.76 -9.00
N GLY A 3058 30.52 37.06 -9.75
CA GLY A 3058 29.11 37.08 -9.45
C GLY A 3058 28.67 36.06 -8.43
N ASP A 3059 29.53 35.08 -8.13
CA ASP A 3059 29.32 34.00 -7.17
C ASP A 3059 28.12 33.13 -7.52
N GLY A 3060 27.48 33.34 -8.67
CA GLY A 3060 26.32 32.54 -9.02
C GLY A 3060 26.66 31.14 -9.48
N SER A 3061 27.92 30.92 -9.86
CA SER A 3061 28.33 29.59 -10.30
C SER A 3061 28.25 28.57 -9.16
N ASP A 3062 28.48 29.02 -7.93
CA ASP A 3062 28.41 28.15 -6.76
C ASP A 3062 27.43 28.74 -5.75
N GLU A 3063 26.38 27.99 -5.44
CA GLU A 3063 25.38 28.40 -4.47
C GLU A 3063 25.22 27.28 -3.45
N LEU A 3064 25.25 27.63 -2.17
CA LEU A 3064 25.22 26.62 -1.12
C LEU A 3064 23.91 25.85 -1.14
N MET A 3065 22.78 26.55 -1.17
CA MET A 3065 21.48 25.92 -1.18
C MET A 3065 20.62 26.31 -2.38
N HIS A 3066 20.86 27.47 -2.99
CA HIS A 3066 20.07 27.88 -4.14
C HIS A 3066 20.35 26.97 -5.34
N LEU A 3067 21.53 26.37 -5.40
CA LEU A 3067 21.89 25.47 -6.49
C LEU A 3067 21.88 24.01 -6.07
N CYS A 3068 21.70 23.70 -4.79
CA CYS A 3068 21.55 22.33 -4.33
C CYS A 3068 20.08 22.07 -4.04
N HIS A 3069 19.46 21.20 -4.85
CA HIS A 3069 18.02 21.00 -4.77
C HIS A 3069 17.68 19.60 -4.28
N THR A 3070 18.21 18.58 -4.94
CA THR A 3070 17.86 17.19 -4.70
C THR A 3070 16.34 16.99 -4.64
N PRO A 3071 15.62 17.33 -5.70
CA PRO A 3071 14.15 17.31 -5.66
C PRO A 3071 13.51 15.97 -6.02
N GLU A 3072 14.29 14.89 -6.04
CA GLU A 3072 13.74 13.58 -6.35
C GLU A 3072 12.62 13.12 -5.41
N PRO A 3073 12.68 13.30 -4.09
CA PRO A 3073 11.71 12.61 -3.20
C PRO A 3073 10.24 12.92 -3.48
N THR A 3074 9.91 14.10 -3.99
CA THR A 3074 8.51 14.44 -4.17
C THR A 3074 7.86 13.57 -5.24
N CYS A 3075 6.73 12.96 -4.89
CA CYS A 3075 5.96 12.12 -5.78
C CYS A 3075 4.57 11.95 -5.18
N PRO A 3076 3.57 11.56 -5.99
CA PRO A 3076 2.21 11.40 -5.47
C PRO A 3076 2.18 10.41 -4.33
N PRO A 3077 1.35 10.66 -3.31
CA PRO A 3077 1.31 9.74 -2.16
C PRO A 3077 0.90 8.32 -2.52
N HIS A 3078 0.11 8.15 -3.58
CA HIS A 3078 -0.21 6.82 -4.07
C HIS A 3078 0.98 6.16 -4.74
N GLU A 3079 2.14 6.80 -4.74
CA GLU A 3079 3.37 6.25 -5.29
C GLU A 3079 4.46 6.21 -4.22
N PHE A 3080 5.04 5.04 -4.03
CA PHE A 3080 6.16 4.84 -3.12
C PHE A 3080 7.44 5.02 -3.93
N LYS A 3081 8.21 6.05 -3.61
CA LYS A 3081 9.43 6.33 -4.35
C LYS A 3081 10.44 5.20 -4.17
N CYS A 3082 10.98 4.74 -5.30
CA CYS A 3082 11.98 3.68 -5.28
C CYS A 3082 13.35 4.25 -4.95
N ASP A 3083 14.22 3.38 -4.40
CA ASP A 3083 15.58 3.79 -4.09
C ASP A 3083 16.35 4.15 -5.36
N ASN A 3084 15.99 3.55 -6.49
CA ASN A 3084 16.58 3.92 -7.77
C ASN A 3084 16.10 5.28 -8.26
N GLY A 3085 15.04 5.82 -7.67
CA GLY A 3085 14.44 7.06 -8.11
C GLY A 3085 13.06 6.92 -8.70
N ARG A 3086 12.56 5.70 -8.87
CA ARG A 3086 11.22 5.50 -9.41
C ARG A 3086 10.19 5.79 -8.33
N CYS A 3087 8.90 5.70 -8.69
CA CYS A 3087 7.80 6.04 -7.79
C CYS A 3087 6.75 4.94 -7.85
N ILE A 3088 7.20 3.69 -7.65
CA ILE A 3088 6.34 2.50 -7.62
C ILE A 3088 5.08 2.77 -6.79
N GLU A 3089 3.93 2.32 -7.29
CA GLU A 3089 2.66 2.56 -6.64
C GLU A 3089 2.58 1.83 -5.30
N MET A 3090 1.80 2.40 -4.37
CA MET A 3090 1.54 1.73 -3.10
C MET A 3090 0.84 0.39 -3.31
N MET A 3091 -0.09 0.34 -4.27
CA MET A 3091 -0.67 -0.94 -4.67
C MET A 3091 0.42 -1.86 -5.21
N LYS A 3092 1.35 -1.31 -5.99
CA LYS A 3092 2.46 -2.08 -6.51
C LYS A 3092 3.55 -2.30 -5.46
N LEU A 3093 3.44 -1.69 -4.29
CA LEU A 3093 4.43 -1.91 -3.24
C LEU A 3093 4.30 -3.33 -2.71
N CYS A 3094 5.40 -4.07 -2.74
CA CYS A 3094 5.44 -5.47 -2.30
C CYS A 3094 4.37 -6.29 -3.00
N ASN A 3095 4.23 -6.06 -4.31
CA ASN A 3095 3.27 -6.78 -5.14
C ASN A 3095 3.83 -8.07 -5.70
N HIS A 3096 4.92 -8.58 -5.14
CA HIS A 3096 5.60 -9.79 -5.61
C HIS A 3096 6.04 -9.66 -7.06
N LEU A 3097 6.34 -8.44 -7.52
CA LEU A 3097 6.79 -8.19 -8.87
C LEU A 3097 7.97 -7.23 -8.83
N ASP A 3098 8.89 -7.40 -9.78
CA ASP A 3098 10.09 -6.57 -9.87
C ASP A 3098 9.75 -5.25 -10.57
N ASP A 3099 9.03 -4.39 -9.84
CA ASP A 3099 8.56 -3.14 -10.40
C ASP A 3099 9.66 -2.11 -10.58
N CYS A 3100 10.73 -2.18 -9.80
CA CYS A 3100 11.79 -1.18 -9.87
C CYS A 3100 13.14 -1.87 -10.05
N LEU A 3101 14.10 -1.11 -10.55
CA LEU A 3101 15.46 -1.64 -10.70
C LEU A 3101 16.03 -2.06 -9.35
N ASP A 3102 15.85 -1.22 -8.33
CA ASP A 3102 16.20 -1.59 -6.96
C ASP A 3102 15.15 -2.47 -6.32
N ASN A 3103 13.99 -2.64 -6.96
CA ASN A 3103 12.91 -3.49 -6.45
C ASN A 3103 12.50 -3.06 -5.04
N SER A 3104 12.46 -1.75 -4.80
CA SER A 3104 12.18 -1.21 -3.48
C SER A 3104 10.85 -1.70 -2.95
N ASP A 3105 9.89 -1.96 -3.84
CA ASP A 3105 8.62 -2.52 -3.43
C ASP A 3105 8.81 -3.87 -2.75
N GLU A 3106 9.59 -4.75 -3.40
CA GLU A 3106 9.81 -6.09 -2.84
C GLU A 3106 11.01 -6.07 -1.93
N LYS A 3107 12.12 -5.54 -2.42
CA LYS A 3107 13.31 -5.42 -1.61
C LYS A 3107 12.90 -4.78 -0.30
N GLY A 3108 11.99 -3.83 -0.37
CA GLY A 3108 11.51 -3.19 0.84
C GLY A 3108 10.10 -3.63 1.18
N CYS A 3109 9.97 -4.69 1.98
CA CYS A 3109 8.66 -5.11 2.43
C CYS A 3109 8.65 -5.06 3.94
N GLY A 3110 8.20 -3.94 4.50
CA GLY A 3110 8.20 -3.78 5.94
C GLY A 3110 7.12 -4.58 6.63
N ILE A 3111 7.52 -5.54 7.46
CA ILE A 3111 6.55 -6.35 8.18
C ILE A 3111 6.75 -6.30 9.69
N ASN A 3112 5.84 -5.66 10.40
CA ASN A 3112 5.88 -5.65 11.86
C ASN A 3112 7.27 -5.28 12.40
N GLU A 3113 7.92 -4.32 11.74
CA GLU A 3113 9.20 -3.83 12.25
C GLU A 3113 9.01 -3.19 13.62
N CYS A 3114 7.95 -2.40 13.77
CA CYS A 3114 7.65 -1.82 15.09
C CYS A 3114 7.24 -2.89 16.08
N HIS A 3115 6.52 -3.91 15.62
CA HIS A 3115 6.16 -5.01 16.51
C HIS A 3115 7.39 -5.74 17.01
N ASP A 3116 8.45 -5.77 16.21
CA ASP A 3116 9.72 -6.33 16.65
C ASP A 3116 10.35 -5.38 17.67
N PRO A 3117 10.60 -5.81 18.90
CA PRO A 3117 11.22 -4.89 19.86
C PRO A 3117 12.71 -4.70 19.64
N SER A 3118 13.37 -5.68 19.02
CA SER A 3118 14.81 -5.59 18.82
C SER A 3118 15.17 -4.40 17.94
N ILE A 3119 14.42 -4.19 16.86
CA ILE A 3119 14.65 -3.07 15.97
C ILE A 3119 13.53 -2.05 16.16
N SER A 3120 13.67 -0.87 15.56
CA SER A 3120 12.63 0.14 15.53
C SER A 3120 12.23 0.57 16.94
N GLY A 3121 13.19 0.56 17.86
CA GLY A 3121 12.94 1.02 19.21
C GLY A 3121 12.83 2.54 19.26
N CYS A 3122 11.61 3.04 19.46
CA CYS A 3122 11.37 4.47 19.47
C CYS A 3122 10.87 4.91 20.84
N ASP A 3123 10.88 6.23 21.04
CA ASP A 3123 10.59 6.77 22.36
C ASP A 3123 9.13 6.58 22.75
N HIS A 3124 8.19 6.94 21.86
CA HIS A 3124 6.80 7.03 22.24
C HIS A 3124 5.99 5.99 21.47
N ASN A 3125 5.94 6.15 20.15
CA ASN A 3125 5.11 5.27 19.33
C ASN A 3125 5.65 4.97 17.95
N CYS A 3126 6.18 3.77 17.75
CA CYS A 3126 6.63 3.36 16.43
C CYS A 3126 5.42 3.01 15.57
N THR A 3127 5.45 3.42 14.30
CA THR A 3127 4.37 3.15 13.36
C THR A 3127 4.91 2.43 12.14
N ASP A 3128 4.41 1.23 11.90
CA ASP A 3128 4.91 0.39 10.82
C ASP A 3128 4.40 0.87 9.46
N THR A 3129 5.04 0.40 8.41
CA THR A 3129 4.64 0.71 7.04
C THR A 3129 4.94 -0.49 6.16
N LEU A 3130 4.59 -0.35 4.88
CA LEU A 3130 4.79 -1.44 3.92
C LEU A 3130 6.27 -1.65 3.62
N THR A 3131 7.12 -0.67 3.94
CA THR A 3131 8.56 -0.79 3.75
C THR A 3131 9.26 -0.20 4.96
N SER A 3132 10.01 -1.04 5.67
CA SER A 3132 10.76 -0.63 6.87
C SER A 3132 9.76 -0.12 7.91
N PHE A 3133 10.03 1.01 8.56
CA PHE A 3133 9.18 1.50 9.63
C PHE A 3133 9.40 3.01 9.76
N TYR A 3134 8.64 3.61 10.66
CA TYR A 3134 8.87 4.98 11.10
C TYR A 3134 8.23 5.14 12.48
N CYS A 3135 8.36 6.33 13.05
CA CYS A 3135 7.92 6.55 14.41
C CYS A 3135 7.14 7.86 14.51
N SER A 3136 6.31 7.94 15.54
CA SER A 3136 5.56 9.14 15.87
C SER A 3136 5.74 9.44 17.35
N CYS A 3137 5.72 10.72 17.69
CA CYS A 3137 5.91 11.18 19.06
C CYS A 3137 4.60 11.69 19.63
N ARG A 3138 4.47 11.61 20.95
CA ARG A 3138 3.30 12.15 21.62
C ARG A 3138 3.28 13.68 21.45
N PRO A 3139 2.10 14.30 21.49
CA PRO A 3139 2.02 15.75 21.29
C PRO A 3139 2.86 16.50 22.32
N GLY A 3140 3.49 17.58 21.87
CA GLY A 3140 4.40 18.33 22.70
C GLY A 3140 5.81 17.79 22.75
N TYR A 3141 6.09 16.70 22.03
CA TYR A 3141 7.43 16.11 21.99
C TYR A 3141 7.91 16.11 20.55
N LYS A 3142 9.04 16.77 20.29
CA LYS A 3142 9.60 16.81 18.95
C LYS A 3142 10.51 15.61 18.73
N LEU A 3143 10.36 14.97 17.57
CA LEU A 3143 11.20 13.83 17.23
C LEU A 3143 12.62 14.31 16.93
N MET A 3144 13.60 13.62 17.52
CA MET A 3144 15.00 13.92 17.30
C MET A 3144 15.43 13.40 15.93
N SER A 3145 16.61 13.87 15.48
CA SER A 3145 17.13 13.45 14.18
C SER A 3145 17.41 11.95 14.14
N ASP A 3146 17.55 11.30 15.29
CA ASP A 3146 17.79 9.87 15.32
C ASP A 3146 16.57 9.07 14.86
N LYS A 3147 15.41 9.70 14.72
CA LYS A 3147 14.15 9.08 14.35
C LYS A 3147 13.68 8.07 15.39
N ARG A 3148 14.28 8.08 16.59
CA ARG A 3148 13.88 7.18 17.67
C ARG A 3148 13.73 7.87 19.01
N THR A 3149 14.13 9.15 19.12
CA THR A 3149 14.07 9.88 20.38
C THR A 3149 13.09 11.04 20.24
N CYS A 3150 12.19 11.17 21.21
CA CYS A 3150 11.23 12.27 21.26
C CYS A 3150 11.67 13.25 22.35
N VAL A 3151 11.78 14.52 21.98
CA VAL A 3151 12.22 15.57 22.88
C VAL A 3151 11.09 16.58 23.03
N ASP A 3152 10.81 16.96 24.28
CA ASP A 3152 9.69 17.87 24.55
C ASP A 3152 9.87 19.19 23.81
N ILE A 3153 8.77 19.68 23.27
CA ILE A 3153 8.75 20.95 22.55
C ILE A 3153 8.68 22.09 23.55
N ASP A 3154 9.49 23.13 23.33
CA ASP A 3154 9.38 24.37 24.10
C ASP A 3154 8.38 25.28 23.41
N GLU A 3155 7.10 24.96 23.62
CA GLU A 3155 6.03 25.66 22.91
C GLU A 3155 6.02 27.15 23.22
N CYS A 3156 6.50 27.52 24.40
CA CYS A 3156 6.48 28.93 24.79
C CYS A 3156 7.35 29.77 23.88
N THR A 3157 8.50 29.23 23.46
CA THR A 3157 9.40 29.97 22.59
C THR A 3157 9.30 29.52 21.15
N GLU A 3158 9.22 28.21 20.91
CA GLU A 3158 9.19 27.70 19.55
C GLU A 3158 7.92 28.13 18.82
N MET A 3159 6.77 28.01 19.47
CA MET A 3159 5.47 28.32 18.86
C MET A 3159 4.67 29.19 19.83
N PRO A 3160 5.06 30.46 19.97
CA PRO A 3160 4.39 31.31 20.97
C PRO A 3160 2.90 31.50 20.71
N PHE A 3161 2.42 31.21 19.51
CA PHE A 3161 1.01 31.42 19.19
C PHE A 3161 0.10 30.42 19.90
N VAL A 3162 0.67 29.39 20.54
CA VAL A 3162 -0.17 28.44 21.26
C VAL A 3162 -0.83 29.10 22.45
N CYS A 3163 -0.15 30.04 23.09
CA CYS A 3163 -0.65 30.72 24.29
C CYS A 3163 -0.89 32.18 23.98
N SER A 3164 -2.02 32.70 24.43
CA SER A 3164 -2.23 34.14 24.45
C SER A 3164 -1.47 34.73 25.63
N GLN A 3165 -0.84 35.87 25.40
CA GLN A 3165 -0.03 36.58 26.41
C GLN A 3165 1.10 35.64 26.82
N LYS A 3166 1.42 35.52 28.11
CA LYS A 3166 2.59 34.78 28.53
C LYS A 3166 2.36 33.28 28.44
N CYS A 3167 3.45 32.52 28.62
CA CYS A 3167 3.41 31.07 28.59
C CYS A 3167 4.50 30.51 29.49
N GLU A 3168 4.33 29.25 29.88
CA GLU A 3168 5.34 28.50 30.62
C GLU A 3168 5.52 27.14 29.95
N ASN A 3169 6.77 26.78 29.67
CA ASN A 3169 7.03 25.53 28.98
C ASN A 3169 6.75 24.34 29.91
N VAL A 3170 6.06 23.34 29.36
CA VAL A 3170 5.76 22.11 30.08
C VAL A 3170 6.21 20.95 29.21
N ILE A 3171 6.47 19.82 29.86
CA ILE A 3171 6.88 18.61 29.15
C ILE A 3171 5.67 18.06 28.41
N GLY A 3172 5.66 18.22 27.08
CA GLY A 3172 4.58 17.71 26.26
C GLY A 3172 3.39 18.63 26.12
N SER A 3173 3.36 19.76 26.82
CA SER A 3173 2.25 20.69 26.71
C SER A 3173 2.74 22.07 27.14
N TYR A 3174 1.79 22.97 27.37
CA TYR A 3174 2.07 24.34 27.74
C TYR A 3174 0.93 24.87 28.59
N ILE A 3175 1.25 25.74 29.53
CA ILE A 3175 0.24 26.37 30.38
C ILE A 3175 0.23 27.86 30.08
N CYS A 3176 -0.92 28.39 29.70
CA CYS A 3176 -1.07 29.79 29.37
C CYS A 3176 -1.60 30.56 30.57
N LYS A 3177 -1.15 31.81 30.69
CA LYS A 3177 -1.58 32.69 31.76
C LYS A 3177 -1.94 34.05 31.18
N CYS A 3178 -2.56 34.88 31.99
CA CYS A 3178 -2.95 36.23 31.60
C CYS A 3178 -2.35 37.23 32.57
N ALA A 3179 -1.84 38.34 32.04
CA ALA A 3179 -1.24 39.36 32.86
C ALA A 3179 -2.32 40.04 33.72
N PRO A 3180 -1.92 40.68 34.82
CA PRO A 3180 -2.90 41.38 35.66
C PRO A 3180 -3.69 42.39 34.85
N GLY A 3181 -4.98 42.48 35.13
CA GLY A 3181 -5.90 43.23 34.32
C GLY A 3181 -6.52 42.43 33.19
N TYR A 3182 -6.01 41.23 32.92
CA TYR A 3182 -6.55 40.36 31.89
C TYR A 3182 -7.16 39.14 32.58
N LEU A 3183 -8.47 39.03 32.52
CA LEU A 3183 -9.16 37.89 33.11
C LEU A 3183 -9.04 36.66 32.21
N ARG A 3184 -8.48 35.58 32.74
CA ARG A 3184 -8.33 34.37 31.97
C ARG A 3184 -9.69 33.74 31.69
N GLU A 3185 -9.92 33.39 30.43
CA GLU A 3185 -11.19 32.81 30.05
C GLU A 3185 -11.23 31.32 30.40
N PRO A 3186 -12.42 30.80 30.72
CA PRO A 3186 -12.52 29.36 31.02
C PRO A 3186 -12.11 28.47 29.87
N ASP A 3187 -12.24 28.94 28.63
CA ASP A 3187 -11.82 28.14 27.48
C ASP A 3187 -10.33 27.86 27.52
N GLY A 3188 -9.56 28.77 28.11
CA GLY A 3188 -8.12 28.61 28.17
C GLY A 3188 -7.44 29.17 26.95
N LYS A 3189 -6.15 29.48 27.10
CA LYS A 3189 -5.32 30.02 26.02
C LYS A 3189 -5.88 31.33 25.48
N THR A 3190 -6.72 32.00 26.26
CA THR A 3190 -7.31 33.27 25.88
C THR A 3190 -7.37 34.16 27.12
N CYS A 3191 -7.39 35.48 26.88
CA CYS A 3191 -7.46 36.46 27.96
C CYS A 3191 -8.47 37.53 27.60
N ARG A 3192 -9.05 38.14 28.63
CA ARG A 3192 -10.05 39.19 28.44
C ARG A 3192 -9.76 40.34 29.39
N GLN A 3193 -9.99 41.55 28.92
CA GLN A 3193 -9.64 42.74 29.70
C GLN A 3193 -10.53 42.85 30.92
N ASN A 3194 -10.00 43.53 31.94
CA ASN A 3194 -10.74 43.80 33.16
C ASN A 3194 -10.83 45.29 33.49
N SER A 3195 -10.34 46.16 32.62
CA SER A 3195 -10.33 47.59 32.92
C SER A 3195 -11.74 48.14 32.95
N ASN A 3196 -11.90 49.23 33.71
CA ASN A 3196 -13.17 49.94 33.72
C ASN A 3196 -13.49 50.52 32.35
N ILE A 3197 -12.49 51.06 31.68
CA ILE A 3197 -12.70 51.74 30.41
C ILE A 3197 -12.72 50.73 29.27
N GLU A 3198 -13.43 51.08 28.20
CA GLU A 3198 -13.43 50.29 26.98
C GLU A 3198 -12.52 50.92 25.94
N PRO A 3199 -11.57 50.15 25.40
CA PRO A 3199 -10.58 50.73 24.48
C PRO A 3199 -11.21 51.18 23.17
N TYR A 3200 -10.63 52.22 22.58
CA TYR A 3200 -11.06 52.73 21.29
C TYR A 3200 -9.83 53.17 20.49
N LEU A 3201 -9.85 52.91 19.19
CA LEU A 3201 -8.72 53.25 18.34
C LEU A 3201 -8.59 54.76 18.19
N ILE A 3202 -7.34 55.23 18.12
CA ILE A 3202 -7.02 56.63 17.87
C ILE A 3202 -6.02 56.67 16.73
N PHE A 3203 -6.41 57.27 15.60
CA PHE A 3203 -5.52 57.40 14.46
C PHE A 3203 -5.70 58.77 13.82
N SER A 3204 -4.69 59.17 13.06
CA SER A 3204 -4.60 60.52 12.52
C SER A 3204 -4.70 60.48 11.00
N ASN A 3205 -5.69 61.17 10.46
CA ASN A 3205 -5.77 61.34 9.01
C ASN A 3205 -4.85 62.48 8.59
N ARG A 3206 -4.99 62.92 7.34
CA ARG A 3206 -4.16 64.02 6.85
C ARG A 3206 -4.42 65.30 7.63
N TYR A 3207 -5.69 65.61 7.89
CA TYR A 3207 -6.06 66.81 8.62
C TYR A 3207 -6.80 66.54 9.90
N TYR A 3208 -7.13 65.29 10.22
CA TYR A 3208 -8.07 64.98 11.30
C TYR A 3208 -7.49 63.92 12.21
N LEU A 3209 -7.72 64.09 13.51
CA LEU A 3209 -7.53 63.00 14.47
C LEU A 3209 -8.87 62.31 14.69
N ARG A 3210 -8.93 61.02 14.42
CA ARG A 3210 -10.18 60.28 14.45
C ARG A 3210 -10.32 59.50 15.74
N ASN A 3211 -11.57 59.13 16.04
CA ASN A 3211 -11.86 58.31 17.20
C ASN A 3211 -12.73 57.18 16.68
N LEU A 3212 -12.22 55.97 16.64
CA LEU A 3212 -12.91 54.81 16.11
C LEU A 3212 -12.93 53.71 17.16
N THR A 3213 -14.10 53.14 17.39
CA THR A 3213 -14.21 52.03 18.32
C THR A 3213 -13.55 50.79 17.73
N ILE A 3214 -13.14 49.88 18.61
CA ILE A 3214 -12.38 48.70 18.17
C ILE A 3214 -13.23 47.86 17.21
N ASP A 3215 -14.49 47.63 17.55
CA ASP A 3215 -15.37 46.88 16.68
C ASP A 3215 -15.74 47.64 15.41
N GLY A 3216 -15.45 48.93 15.34
CA GLY A 3216 -15.76 49.71 14.17
C GLY A 3216 -17.19 50.19 14.07
N TYR A 3217 -17.97 50.07 15.15
CA TYR A 3217 -19.36 50.49 15.08
C TYR A 3217 -19.51 52.00 15.13
N PHE A 3218 -18.62 52.68 15.83
CA PHE A 3218 -18.74 54.12 16.05
C PHE A 3218 -17.54 54.84 15.46
N TYR A 3219 -17.80 55.93 14.76
CA TYR A 3219 -16.78 56.75 14.13
C TYR A 3219 -16.95 58.19 14.61
N SER A 3220 -15.84 58.90 14.73
CA SER A 3220 -15.88 60.26 15.27
C SER A 3220 -14.73 61.06 14.71
N LEU A 3221 -14.58 62.27 15.23
CA LEU A 3221 -13.51 63.19 14.84
C LEU A 3221 -13.01 63.89 16.10
N ILE A 3222 -11.82 63.52 16.55
CA ILE A 3222 -11.27 64.11 17.78
C ILE A 3222 -10.94 65.58 17.55
N LEU A 3223 -10.23 65.87 16.46
CA LEU A 3223 -9.78 67.23 16.20
C LEU A 3223 -9.48 67.39 14.72
N GLU A 3224 -9.89 68.52 14.16
CA GLU A 3224 -9.63 68.84 12.76
C GLU A 3224 -8.86 70.15 12.68
N GLY A 3225 -8.53 70.55 11.46
CA GLY A 3225 -7.80 71.78 11.25
C GLY A 3225 -6.31 71.68 11.37
N LEU A 3226 -5.74 70.50 11.20
CA LEU A 3226 -4.30 70.30 11.27
C LEU A 3226 -3.73 70.11 9.87
N ASP A 3227 -2.57 70.70 9.63
CA ASP A 3227 -1.97 70.68 8.30
C ASP A 3227 -1.69 69.26 7.82
N ASN A 3228 -0.85 68.52 8.54
CA ASN A 3228 -0.48 67.16 8.13
C ASN A 3228 0.04 66.42 9.36
N VAL A 3229 -0.82 65.61 9.97
CA VAL A 3229 -0.45 64.86 11.16
C VAL A 3229 -0.16 63.41 10.76
N VAL A 3230 1.02 62.94 11.11
CA VAL A 3230 1.48 61.61 10.75
C VAL A 3230 1.82 60.75 11.98
N ALA A 3231 1.75 61.33 13.17
CA ALA A 3231 2.11 60.59 14.37
C ALA A 3231 1.30 61.10 15.55
N LEU A 3232 0.96 60.20 16.46
CA LEU A 3232 0.28 60.57 17.69
C LEU A 3232 0.63 59.58 18.78
N ASP A 3233 0.51 60.02 20.03
CA ASP A 3233 0.68 59.14 21.18
C ASP A 3233 0.04 59.80 22.39
N PHE A 3234 -0.69 59.02 23.17
CA PHE A 3234 -1.42 59.52 24.32
C PHE A 3234 -0.57 59.45 25.58
N ASP A 3235 -1.16 59.93 26.68
CA ASP A 3235 -0.53 59.88 28.00
C ASP A 3235 -1.63 59.52 28.99
N ARG A 3236 -1.59 58.30 29.52
CA ARG A 3236 -2.64 57.83 30.41
C ARG A 3236 -2.72 58.67 31.68
N VAL A 3237 -1.56 59.10 32.20
CA VAL A 3237 -1.54 59.78 33.50
C VAL A 3237 -2.31 61.08 33.44
N GLU A 3238 -2.06 61.89 32.41
CA GLU A 3238 -2.68 63.20 32.29
C GLU A 3238 -3.80 63.25 31.26
N LYS A 3239 -4.11 62.11 30.63
CA LYS A 3239 -5.17 62.04 29.62
C LYS A 3239 -4.94 63.04 28.50
N ARG A 3240 -3.69 63.19 28.08
CA ARG A 3240 -3.31 64.05 26.98
C ARG A 3240 -3.19 63.24 25.70
N LEU A 3241 -3.01 63.95 24.59
CA LEU A 3241 -2.88 63.32 23.27
C LEU A 3241 -1.90 64.15 22.45
N TYR A 3242 -0.66 63.68 22.37
CA TYR A 3242 0.38 64.39 21.64
C TYR A 3242 0.36 63.98 20.18
N TRP A 3243 0.75 64.90 19.29
CA TRP A 3243 0.85 64.59 17.88
C TRP A 3243 1.94 65.44 17.24
N ILE A 3244 2.18 65.19 15.95
CA ILE A 3244 3.19 65.88 15.17
C ILE A 3244 2.56 66.34 13.87
N ASP A 3245 2.72 67.62 13.55
CA ASP A 3245 2.26 68.18 12.29
C ASP A 3245 3.49 68.44 11.43
N THR A 3246 3.84 67.49 10.58
CA THR A 3246 5.08 67.60 9.82
C THR A 3246 5.07 68.80 8.90
N GLN A 3247 3.94 69.06 8.24
CA GLN A 3247 3.86 70.21 7.35
C GLN A 3247 4.05 71.51 8.14
N ARG A 3248 3.43 71.61 9.31
CA ARG A 3248 3.57 72.77 10.17
C ARG A 3248 4.81 72.70 11.04
N GLN A 3249 5.44 71.53 11.15
CA GLN A 3249 6.66 71.34 11.94
C GLN A 3249 6.47 71.78 13.39
N VAL A 3250 5.44 71.23 14.03
CA VAL A 3250 5.17 71.48 15.44
C VAL A 3250 4.71 70.19 16.10
N ILE A 3251 5.06 70.04 17.37
CA ILE A 3251 4.62 68.93 18.20
C ILE A 3251 3.65 69.50 19.23
N GLU A 3252 2.38 69.16 19.10
CA GLU A 3252 1.32 69.76 19.90
C GLU A 3252 0.61 68.71 20.73
N ARG A 3253 0.09 69.12 21.88
CA ARG A 3253 -0.60 68.22 22.78
C ARG A 3253 -1.94 68.80 23.16
N MET A 3254 -2.88 67.93 23.53
CA MET A 3254 -4.24 68.33 23.84
C MET A 3254 -4.87 67.30 24.75
N PHE A 3255 -5.70 67.77 25.68
CA PHE A 3255 -6.45 66.87 26.54
C PHE A 3255 -7.47 66.10 25.72
N LEU A 3256 -7.82 64.90 26.20
CA LEU A 3256 -8.79 64.08 25.50
C LEU A 3256 -10.15 64.76 25.46
N ASN A 3257 -10.48 65.53 26.50
CA ASN A 3257 -11.74 66.29 26.52
C ASN A 3257 -11.64 67.54 25.68
N LYS A 3258 -10.50 67.74 25.03
CA LYS A 3258 -10.27 68.88 24.15
C LYS A 3258 -10.31 70.21 24.88
N THR A 3259 -10.08 70.20 26.19
CA THR A 3259 -10.14 71.44 26.96
C THR A 3259 -9.00 72.39 26.58
N ASN A 3260 -7.79 71.88 26.45
CA ASN A 3260 -6.63 72.72 26.21
C ASN A 3260 -5.80 72.15 25.07
N LYS A 3261 -5.26 73.05 24.25
CA LYS A 3261 -4.37 72.71 23.15
C LYS A 3261 -3.21 73.69 23.12
N GLU A 3262 -2.01 73.18 22.91
CA GLU A 3262 -0.83 74.03 22.92
C GLU A 3262 0.26 73.39 22.08
N THR A 3263 1.26 74.20 21.74
CA THR A 3263 2.40 73.76 20.95
C THR A 3263 3.58 73.55 21.88
N ILE A 3264 3.94 72.28 22.10
CA ILE A 3264 5.06 71.97 22.99
C ILE A 3264 6.39 72.34 22.33
N ILE A 3265 6.58 71.90 21.09
CA ILE A 3265 7.84 72.09 20.37
C ILE A 3265 7.53 72.67 19.00
N ASN A 3266 8.24 73.74 18.63
CA ASN A 3266 8.05 74.39 17.35
C ASN A 3266 9.37 74.75 16.68
N HIS A 3267 10.51 74.45 17.30
CA HIS A 3267 11.80 74.85 16.80
C HIS A 3267 12.67 73.63 16.53
N ARG A 3268 13.38 73.69 15.40
CA ARG A 3268 14.26 72.60 14.96
C ARG A 3268 13.50 71.29 14.83
N LEU A 3269 12.51 71.29 13.95
CA LEU A 3269 11.78 70.07 13.56
C LEU A 3269 11.69 69.99 12.05
N PRO A 3270 12.82 69.76 11.37
CA PRO A 3270 12.77 69.68 9.90
C PRO A 3270 11.85 68.60 9.39
N ALA A 3271 11.81 67.45 10.06
CA ALA A 3271 10.88 66.38 9.71
C ALA A 3271 10.80 65.43 10.89
N ALA A 3272 9.60 65.22 11.42
CA ALA A 3272 9.40 64.36 12.59
C ALA A 3272 8.45 63.24 12.19
N GLU A 3273 9.01 62.09 11.83
CA GLU A 3273 8.21 61.00 11.28
C GLU A 3273 7.33 60.36 12.35
N SER A 3274 7.89 60.04 13.51
CA SER A 3274 7.16 59.28 14.51
C SER A 3274 7.45 59.84 15.90
N LEU A 3275 6.52 59.56 16.80
CA LEU A 3275 6.59 60.03 18.18
C LEU A 3275 6.21 58.91 19.11
N ALA A 3276 6.75 58.93 20.33
CA ALA A 3276 6.41 57.95 21.35
C ALA A 3276 6.48 58.62 22.71
N VAL A 3277 5.34 58.74 23.37
CA VAL A 3277 5.24 59.41 24.67
C VAL A 3277 5.59 58.40 25.75
N ASP A 3278 6.58 58.73 26.57
CA ASP A 3278 6.89 57.92 27.74
C ASP A 3278 5.97 58.32 28.87
N TRP A 3279 5.37 57.32 29.53
CA TRP A 3279 4.45 57.55 30.63
C TRP A 3279 5.03 57.18 31.98
N VAL A 3280 6.36 57.07 32.07
CA VAL A 3280 6.99 56.64 33.32
C VAL A 3280 7.96 57.71 33.80
N SER A 3281 8.97 58.02 32.99
CA SER A 3281 9.89 59.09 33.28
C SER A 3281 9.35 60.44 32.85
N ARG A 3282 8.15 60.47 32.27
CA ARG A 3282 7.49 61.68 31.79
C ARG A 3282 8.37 62.40 30.77
N LYS A 3283 8.73 61.66 29.73
CA LYS A 3283 9.57 62.17 28.66
C LYS A 3283 8.87 62.00 27.32
N LEU A 3284 9.39 62.69 26.32
CA LEU A 3284 8.86 62.64 24.96
C LEU A 3284 10.00 62.30 24.00
N TYR A 3285 9.77 61.34 23.13
CA TYR A 3285 10.76 60.91 22.15
C TYR A 3285 10.17 61.04 20.75
N TRP A 3286 10.97 61.51 19.80
CA TRP A 3286 10.52 61.62 18.42
C TRP A 3286 11.72 61.47 17.48
N LEU A 3287 11.47 60.83 16.34
CA LEU A 3287 12.51 60.62 15.33
C LEU A 3287 12.55 61.80 14.38
N ASP A 3288 13.74 62.13 13.90
CA ASP A 3288 13.94 63.20 12.93
C ASP A 3288 14.63 62.59 11.71
N ALA A 3289 13.92 62.57 10.58
CA ALA A 3289 14.49 61.99 9.37
C ALA A 3289 15.56 62.89 8.77
N ARG A 3290 15.34 64.20 8.79
CA ARG A 3290 16.30 65.12 8.19
C ARG A 3290 17.58 65.19 9.01
N LEU A 3291 17.46 65.33 10.32
CA LEU A 3291 18.62 65.36 11.20
C LEU A 3291 19.18 63.98 11.48
N ASP A 3292 18.44 62.92 11.16
CA ASP A 3292 18.87 61.55 11.33
C ASP A 3292 19.31 61.30 12.78
N GLY A 3293 18.36 61.45 13.69
CA GLY A 3293 18.64 61.25 15.10
C GLY A 3293 17.37 61.18 15.91
N LEU A 3294 17.46 60.50 17.06
CA LEU A 3294 16.34 60.36 17.97
C LEU A 3294 16.52 61.32 19.15
N PHE A 3295 15.52 62.17 19.39
CA PHE A 3295 15.60 63.19 20.41
C PHE A 3295 14.78 62.81 21.63
N VAL A 3296 15.06 63.50 22.75
CA VAL A 3296 14.33 63.31 24.00
C VAL A 3296 14.02 64.68 24.58
N SER A 3297 12.84 64.80 25.16
CA SER A 3297 12.45 66.02 25.85
C SER A 3297 11.36 65.68 26.86
N ASP A 3298 11.21 66.55 27.85
CA ASP A 3298 10.12 66.41 28.81
C ASP A 3298 8.80 66.73 28.12
N LEU A 3299 7.70 66.38 28.80
CA LEU A 3299 6.38 66.57 28.22
C LEU A 3299 6.12 68.04 27.87
N ASN A 3300 6.82 68.96 28.53
CA ASN A 3300 6.74 70.37 28.18
C ASN A 3300 7.82 70.80 27.21
N GLY A 3301 8.72 69.90 26.82
CA GLY A 3301 9.79 70.26 25.91
C GLY A 3301 10.82 71.17 26.50
N GLY A 3302 10.97 71.18 27.84
CA GLY A 3302 11.89 72.11 28.47
C GLY A 3302 13.33 71.87 28.08
N HIS A 3303 13.77 70.61 28.12
CA HIS A 3303 15.15 70.26 27.81
C HIS A 3303 15.16 69.27 26.66
N ARG A 3304 16.00 69.52 25.66
CA ARG A 3304 16.11 68.66 24.49
C ARG A 3304 17.53 68.13 24.38
N ARG A 3305 17.66 66.87 23.95
CA ARG A 3305 18.97 66.26 23.79
C ARG A 3305 18.86 65.17 22.73
N MET A 3306 19.74 65.23 21.73
CA MET A 3306 19.81 64.15 20.76
C MET A 3306 20.42 62.91 21.41
N LEU A 3307 19.63 61.83 21.45
CA LEU A 3307 20.08 60.61 22.12
C LEU A 3307 20.94 59.72 21.23
N ALA A 3308 20.56 59.56 19.96
CA ALA A 3308 21.31 58.67 19.09
C ALA A 3308 21.52 59.35 17.75
N GLN A 3309 22.60 58.97 17.09
CA GLN A 3309 22.94 59.51 15.78
C GLN A 3309 23.97 58.60 15.14
N HIS A 3310 24.36 58.95 13.93
CA HIS A 3310 25.37 58.18 13.16
C HIS A 3310 24.80 56.76 12.95
N CYS A 3311 25.62 55.73 13.05
CA CYS A 3311 25.19 54.37 12.78
C CYS A 3311 24.91 53.63 14.07
N VAL A 3312 24.23 52.48 13.94
CA VAL A 3312 23.75 51.72 15.09
C VAL A 3312 24.33 50.32 15.16
N ASP A 3313 25.02 49.85 14.11
CA ASP A 3313 25.51 48.48 14.08
C ASP A 3313 26.95 48.36 14.54
N ALA A 3314 27.59 49.46 14.94
CA ALA A 3314 28.99 49.47 15.36
C ALA A 3314 29.92 49.07 14.22
N ASN A 3315 29.37 48.93 13.01
CA ASN A 3315 30.15 48.57 11.82
C ASN A 3315 29.83 49.52 10.68
N ASN A 3316 28.89 50.44 10.88
CA ASN A 3316 28.48 51.45 9.91
C ASN A 3316 27.60 50.90 8.80
N THR A 3317 27.18 49.64 8.87
CA THR A 3317 26.28 49.12 7.85
C THR A 3317 24.88 49.69 8.02
N PHE A 3318 24.44 49.88 9.26
CA PHE A 3318 23.09 50.34 9.56
C PHE A 3318 23.17 51.68 10.29
N CYS A 3319 22.60 52.72 9.67
CA CYS A 3319 22.69 54.07 10.18
C CYS A 3319 21.33 54.76 10.01
N PHE A 3320 21.13 55.84 10.76
CA PHE A 3320 19.89 56.59 10.64
C PHE A 3320 19.76 57.18 9.25
N ASP A 3321 18.87 56.61 8.44
CA ASP A 3321 18.66 57.14 7.11
C ASP A 3321 17.25 57.71 7.00
N ASN A 3322 16.24 56.89 7.31
CA ASN A 3322 14.84 57.33 7.30
C ASN A 3322 14.08 56.69 8.46
N PRO A 3323 14.39 57.05 9.70
CA PRO A 3323 13.69 56.43 10.84
C PRO A 3323 12.27 56.94 10.95
N ARG A 3324 11.30 56.03 10.91
CA ARG A 3324 9.90 56.43 10.95
C ARG A 3324 9.05 55.55 11.84
N GLY A 3325 9.62 55.00 12.91
CA GLY A 3325 8.83 54.21 13.83
C GLY A 3325 9.37 54.26 15.24
N LEU A 3326 8.49 54.28 16.23
CA LEU A 3326 8.92 54.37 17.61
C LEU A 3326 8.00 53.52 18.48
N ALA A 3327 8.56 52.90 19.52
CA ALA A 3327 7.80 52.06 20.43
C ALA A 3327 8.57 51.96 21.74
N LEU A 3328 8.00 52.47 22.82
CA LEU A 3328 8.66 52.48 24.11
C LEU A 3328 8.25 51.28 24.95
N HIS A 3329 9.23 50.70 25.64
CA HIS A 3329 9.00 49.61 26.59
C HIS A 3329 9.70 49.99 27.90
N PRO A 3330 9.06 50.83 28.72
CA PRO A 3330 9.73 51.32 29.92
C PRO A 3330 10.08 50.22 30.92
N GLN A 3331 9.41 49.08 30.85
CA GLN A 3331 9.72 47.99 31.80
C GLN A 3331 11.18 47.58 31.70
N TYR A 3332 11.74 47.64 30.50
CA TYR A 3332 13.16 47.34 30.30
C TYR A 3332 13.94 48.56 29.84
N GLY A 3333 13.28 49.71 29.68
CA GLY A 3333 13.96 50.92 29.29
C GLY A 3333 14.60 50.83 27.92
N TYR A 3334 13.92 50.20 26.97
CA TYR A 3334 14.41 50.08 25.60
C TYR A 3334 13.41 50.71 24.66
N LEU A 3335 13.90 51.57 23.76
CA LEU A 3335 13.07 52.28 22.80
C LEU A 3335 13.36 51.73 21.41
N TYR A 3336 12.51 50.80 20.96
CA TYR A 3336 12.69 50.21 19.65
C TYR A 3336 12.26 51.17 18.55
N TRP A 3337 12.98 51.16 17.44
CA TRP A 3337 12.66 52.00 16.30
C TRP A 3337 13.07 51.27 15.02
N ALA A 3338 12.56 51.77 13.89
CA ALA A 3338 12.80 51.14 12.61
C ALA A 3338 13.19 52.20 11.58
N ASP A 3339 13.89 51.75 10.54
CA ASP A 3339 14.37 52.62 9.48
C ASP A 3339 14.15 51.94 8.14
N TRP A 3340 13.59 52.68 7.18
CA TRP A 3340 13.35 52.14 5.84
C TRP A 3340 14.34 52.67 4.81
N GLY A 3341 15.57 52.92 5.22
CA GLY A 3341 16.61 53.33 4.29
C GLY A 3341 17.08 52.18 3.42
N HIS A 3342 18.29 52.33 2.89
CA HIS A 3342 18.87 51.28 2.07
C HIS A 3342 19.09 50.01 2.91
N ARG A 3343 19.62 50.17 4.12
CA ARG A 3343 19.86 49.03 5.01
C ARG A 3343 18.82 49.07 6.12
N ALA A 3344 17.66 48.47 5.85
CA ALA A 3344 16.56 48.50 6.79
C ALA A 3344 16.91 47.73 8.06
N TYR A 3345 16.62 48.33 9.21
CA TYR A 3345 16.90 47.71 10.50
C TYR A 3345 15.84 48.12 11.50
N ILE A 3346 15.71 47.32 12.56
CA ILE A 3346 14.72 47.56 13.61
C ILE A 3346 15.44 47.71 14.93
N GLY A 3347 16.65 48.27 14.91
CA GLY A 3347 17.47 48.31 16.10
C GLY A 3347 16.84 49.10 17.23
N ARG A 3348 17.32 48.81 18.44
CA ARG A 3348 16.78 49.38 19.67
C ARG A 3348 17.88 50.12 20.41
N VAL A 3349 17.47 50.98 21.34
CA VAL A 3349 18.40 51.73 22.18
C VAL A 3349 17.81 51.81 23.58
N GLY A 3350 18.69 51.80 24.58
CA GLY A 3350 18.24 52.06 25.93
C GLY A 3350 17.68 53.46 26.06
N MET A 3351 16.72 53.63 26.97
CA MET A 3351 16.09 54.93 27.13
C MET A 3351 17.05 55.98 27.67
N ASP A 3352 18.21 55.56 28.18
CA ASP A 3352 19.24 56.50 28.60
C ASP A 3352 20.18 56.89 27.48
N GLY A 3353 20.00 56.34 26.28
CA GLY A 3353 20.88 56.64 25.17
C GLY A 3353 22.08 55.73 25.04
N THR A 3354 22.07 54.57 25.68
CA THR A 3354 23.18 53.63 25.65
C THR A 3354 22.72 52.29 25.10
N ASN A 3355 23.65 51.35 25.00
CA ASN A 3355 23.33 50.01 24.47
C ASN A 3355 22.67 50.06 23.10
N LYS A 3356 23.07 51.02 22.28
CA LYS A 3356 22.54 51.09 20.93
C LYS A 3356 22.94 49.85 20.14
N SER A 3357 21.96 49.11 19.66
CA SER A 3357 22.25 47.85 18.98
C SER A 3357 21.13 47.51 18.02
N VAL A 3358 21.46 46.71 17.01
CA VAL A 3358 20.49 46.24 16.04
C VAL A 3358 19.73 45.05 16.61
N ILE A 3359 18.50 44.88 16.17
CA ILE A 3359 17.66 43.75 16.56
C ILE A 3359 17.37 42.83 15.38
N ILE A 3360 16.67 43.34 14.36
CA ILE A 3360 16.34 42.58 13.18
C ILE A 3360 16.88 43.33 11.98
N SER A 3361 17.62 42.64 11.12
CA SER A 3361 18.26 43.28 9.98
C SER A 3361 18.20 42.44 8.71
N THR A 3362 17.30 41.45 8.66
CA THR A 3362 17.19 40.57 7.50
C THR A 3362 15.73 40.48 7.08
N LYS A 3363 15.53 40.30 5.77
CA LYS A 3363 14.21 40.22 5.16
C LYS A 3363 13.36 41.43 5.59
N LEU A 3364 13.84 42.61 5.22
CA LEU A 3364 13.22 43.85 5.69
C LEU A 3364 13.55 44.95 4.70
N GLU A 3365 12.53 45.60 4.15
CA GLU A 3365 12.72 46.70 3.21
C GLU A 3365 12.21 48.03 3.77
N TRP A 3366 10.93 48.10 4.14
CA TRP A 3366 10.31 49.33 4.59
C TRP A 3366 9.58 49.09 5.90
N PRO A 3367 10.30 49.01 7.01
CA PRO A 3367 9.63 48.83 8.32
C PRO A 3367 9.00 50.13 8.81
N ASN A 3368 7.84 50.47 8.27
CA ASN A 3368 7.18 51.71 8.63
C ASN A 3368 6.65 51.66 10.06
N GLY A 3369 5.96 50.58 10.41
CA GLY A 3369 5.30 50.48 11.69
C GLY A 3369 6.07 49.59 12.66
N ILE A 3370 5.88 49.86 13.95
CA ILE A 3370 6.54 49.10 15.00
C ILE A 3370 5.76 49.28 16.29
N THR A 3371 5.67 48.22 17.07
CA THR A 3371 4.98 48.25 18.35
C THR A 3371 5.48 47.12 19.22
N ILE A 3372 5.19 47.22 20.52
CA ILE A 3372 5.60 46.23 21.50
C ILE A 3372 4.36 45.75 22.24
N ASP A 3373 4.13 44.44 22.24
CA ASP A 3373 3.00 43.85 22.94
C ASP A 3373 3.42 43.60 24.39
N TYR A 3374 2.96 44.47 25.29
CA TYR A 3374 3.40 44.39 26.68
C TYR A 3374 2.86 43.15 27.37
N THR A 3375 1.82 42.53 26.82
CA THR A 3375 1.24 41.35 27.45
C THR A 3375 2.22 40.18 27.45
N ASN A 3376 2.92 39.96 26.34
CA ASN A 3376 3.83 38.84 26.20
C ASN A 3376 5.24 39.24 25.79
N ASP A 3377 5.53 40.54 25.75
CA ASP A 3377 6.86 41.04 25.41
C ASP A 3377 7.31 40.54 24.04
N LEU A 3378 6.49 40.81 23.03
CA LEU A 3378 6.80 40.47 21.65
C LEU A 3378 6.83 41.73 20.81
N LEU A 3379 7.90 41.92 20.05
CA LEU A 3379 8.09 43.11 19.22
C LEU A 3379 7.43 42.86 17.87
N TYR A 3380 6.39 43.63 17.58
CA TYR A 3380 5.68 43.55 16.31
C TYR A 3380 6.14 44.68 15.40
N TRP A 3381 6.30 44.37 14.12
CA TRP A 3381 6.63 45.38 13.12
C TRP A 3381 5.96 45.03 11.80
N ALA A 3382 5.78 46.04 10.97
CA ALA A 3382 5.15 45.87 9.67
C ALA A 3382 6.04 46.47 8.59
N ASP A 3383 6.10 45.79 7.45
CA ASP A 3383 6.90 46.24 6.31
C ASP A 3383 5.96 46.69 5.21
N ALA A 3384 6.32 47.80 4.55
CA ALA A 3384 5.45 48.36 3.53
C ALA A 3384 5.61 47.63 2.20
N HIS A 3385 6.81 47.67 1.63
CA HIS A 3385 7.04 47.06 0.32
C HIS A 3385 6.82 45.55 0.37
N LEU A 3386 7.43 44.88 1.35
CA LEU A 3386 7.26 43.44 1.47
C LEU A 3386 5.85 43.10 1.92
N GLY A 3387 5.19 44.00 2.65
CA GLY A 3387 3.78 43.84 2.95
C GLY A 3387 3.44 42.86 4.03
N TYR A 3388 4.41 42.41 4.81
CA TYR A 3388 4.14 41.43 5.87
C TYR A 3388 4.08 42.13 7.23
N ILE A 3389 3.69 41.35 8.23
CA ILE A 3389 3.76 41.75 9.63
C ILE A 3389 4.36 40.58 10.41
N GLU A 3390 5.43 40.84 11.16
CA GLU A 3390 6.11 39.81 11.91
C GLU A 3390 6.16 40.18 13.39
N TYR A 3391 6.29 39.16 14.22
CA TYR A 3391 6.47 39.35 15.65
C TYR A 3391 7.61 38.45 16.12
N SER A 3392 8.38 38.92 17.08
CA SER A 3392 9.52 38.17 17.60
C SER A 3392 9.73 38.56 19.05
N ASP A 3393 10.65 37.85 19.70
CA ASP A 3393 11.04 38.21 21.04
C ASP A 3393 11.78 39.54 21.03
N LEU A 3394 11.84 40.18 22.20
CA LEU A 3394 12.43 41.51 22.29
C LEU A 3394 13.89 41.51 21.89
N GLU A 3395 14.55 40.36 21.88
CA GLU A 3395 15.90 40.25 21.36
C GLU A 3395 15.93 39.87 19.89
N GLY A 3396 14.77 39.71 19.27
CA GLY A 3396 14.69 39.45 17.84
C GLY A 3396 15.33 38.14 17.41
N HIS A 3397 15.02 37.06 18.11
CA HIS A 3397 15.59 35.77 17.78
C HIS A 3397 14.69 34.94 16.87
N HIS A 3398 13.46 34.68 17.28
CA HIS A 3398 12.54 33.81 16.54
C HIS A 3398 11.51 34.70 15.85
N ARG A 3399 11.60 34.80 14.53
CA ARG A 3399 10.71 35.63 13.73
C ARG A 3399 9.57 34.77 13.21
N HIS A 3400 8.35 35.18 13.50
CA HIS A 3400 7.14 34.52 13.01
C HIS A 3400 6.27 35.55 12.31
N THR A 3401 5.75 35.19 11.14
CA THR A 3401 5.01 36.12 10.30
C THR A 3401 3.54 36.06 10.67
N VAL A 3402 2.99 37.20 11.10
CA VAL A 3402 1.54 37.30 11.27
C VAL A 3402 0.85 37.18 9.93
N TYR A 3403 1.39 37.84 8.91
CA TYR A 3403 0.89 37.76 7.55
C TYR A 3403 2.04 37.45 6.60
N ASP A 3404 1.74 36.71 5.53
CA ASP A 3404 2.79 36.32 4.60
C ASP A 3404 3.32 37.53 3.84
N GLY A 3405 2.51 38.56 3.66
CA GLY A 3405 2.89 39.70 2.84
C GLY A 3405 1.76 40.18 1.97
N ALA A 3406 0.58 39.60 2.16
CA ALA A 3406 -0.57 39.94 1.33
C ALA A 3406 -1.06 41.37 1.58
N LEU A 3407 -0.66 41.97 2.69
CA LEU A 3407 -1.03 43.35 2.97
C LEU A 3407 -0.37 44.27 1.95
N PRO A 3408 -1.13 45.14 1.28
CA PRO A 3408 -0.54 45.97 0.22
C PRO A 3408 0.53 46.93 0.73
N HIS A 3409 0.21 47.74 1.73
CA HIS A 3409 1.13 48.78 2.20
C HIS A 3409 0.72 49.26 3.58
N PRO A 3410 1.00 48.48 4.62
CA PRO A 3410 0.69 48.93 5.98
C PRO A 3410 1.63 50.04 6.41
N PHE A 3411 1.13 50.91 7.28
CA PHE A 3411 1.95 51.99 7.81
C PHE A 3411 2.12 51.89 9.32
N ALA A 3412 1.01 51.80 10.05
CA ALA A 3412 1.03 51.79 11.50
C ALA A 3412 0.43 50.49 12.01
N ILE A 3413 0.76 50.13 13.24
CA ILE A 3413 0.35 48.85 13.80
C ILE A 3413 0.31 48.98 15.31
N THR A 3414 -0.79 48.52 15.92
CA THR A 3414 -0.93 48.46 17.36
C THR A 3414 -1.65 47.18 17.74
N ILE A 3415 -1.31 46.63 18.90
CA ILE A 3415 -1.81 45.34 19.36
C ILE A 3415 -2.50 45.53 20.69
N PHE A 3416 -3.70 44.99 20.81
CA PHE A 3416 -4.43 44.97 22.08
C PHE A 3416 -5.18 43.66 22.21
N GLU A 3417 -5.14 43.08 23.42
CA GLU A 3417 -5.73 41.78 23.72
C GLU A 3417 -5.13 40.76 22.74
N ASP A 3418 -5.92 40.13 21.89
CA ASP A 3418 -5.40 39.21 20.89
C ASP A 3418 -5.62 39.72 19.47
N THR A 3419 -5.81 41.02 19.31
CA THR A 3419 -6.13 41.61 18.03
C THR A 3419 -5.07 42.64 17.66
N ILE A 3420 -4.63 42.60 16.40
CA ILE A 3420 -3.66 43.55 15.86
C ILE A 3420 -4.38 44.50 14.93
N TYR A 3421 -4.20 45.80 15.15
CA TYR A 3421 -4.85 46.83 14.36
C TYR A 3421 -3.79 47.56 13.54
N TRP A 3422 -3.95 47.55 12.22
CA TRP A 3422 -3.01 48.19 11.33
C TRP A 3422 -3.74 49.06 10.32
N THR A 3423 -3.08 50.12 9.89
CA THR A 3423 -3.61 51.07 8.91
C THR A 3423 -2.80 50.95 7.64
N ASP A 3424 -3.49 50.75 6.52
CA ASP A 3424 -2.84 50.50 5.24
C ASP A 3424 -3.06 51.69 4.32
N TRP A 3425 -1.96 52.22 3.77
CA TRP A 3425 -2.06 53.39 2.91
C TRP A 3425 -2.76 53.07 1.59
N ASN A 3426 -2.36 51.99 0.93
CA ASN A 3426 -2.86 51.71 -0.41
C ASN A 3426 -4.37 51.52 -0.43
N THR A 3427 -4.91 50.82 0.57
CA THR A 3427 -6.34 50.67 0.69
C THR A 3427 -6.99 51.83 1.44
N ARG A 3428 -6.19 52.68 2.07
CA ARG A 3428 -6.69 53.84 2.81
C ARG A 3428 -7.77 53.45 3.80
N THR A 3429 -7.46 52.48 4.65
CA THR A 3429 -8.44 51.98 5.59
C THR A 3429 -7.73 51.41 6.82
N VAL A 3430 -8.52 51.21 7.88
CA VAL A 3430 -8.05 50.61 9.11
C VAL A 3430 -8.51 49.16 9.14
N GLU A 3431 -7.57 48.23 9.33
CA GLU A 3431 -7.87 46.81 9.30
C GLU A 3431 -7.35 46.15 10.57
N LYS A 3432 -8.05 45.11 11.01
CA LYS A 3432 -7.70 44.40 12.22
C LYS A 3432 -7.73 42.90 11.97
N GLY A 3433 -6.97 42.18 12.79
CA GLY A 3433 -6.90 40.73 12.69
C GLY A 3433 -6.31 40.15 13.96
N ASN A 3434 -6.19 38.83 13.99
CA ASN A 3434 -5.58 38.17 15.14
C ASN A 3434 -4.10 38.48 15.19
N LYS A 3435 -3.60 38.74 16.41
CA LYS A 3435 -2.22 39.19 16.55
C LYS A 3435 -1.21 38.09 16.24
N TYR A 3436 -1.62 36.83 16.25
CA TYR A 3436 -0.66 35.75 16.02
C TYR A 3436 -0.73 35.22 14.59
N ASP A 3437 -1.88 34.70 14.18
CA ASP A 3437 -2.00 34.09 12.86
C ASP A 3437 -2.66 35.00 11.84
N GLY A 3438 -3.04 36.21 12.23
CA GLY A 3438 -3.68 37.12 11.29
C GLY A 3438 -5.03 36.62 10.81
N SER A 3439 -5.78 35.96 11.67
CA SER A 3439 -7.10 35.47 11.30
C SER A 3439 -8.15 36.56 11.54
N ASN A 3440 -9.32 36.35 10.94
CA ASN A 3440 -10.45 37.29 11.06
C ASN A 3440 -10.06 38.68 10.60
N ARG A 3441 -9.39 38.77 9.45
CA ARG A 3441 -9.01 40.06 8.90
C ARG A 3441 -10.26 40.84 8.52
N GLN A 3442 -10.53 41.92 9.25
CA GLN A 3442 -11.74 42.72 9.06
C GLN A 3442 -11.35 44.15 8.75
N THR A 3443 -12.00 44.72 7.73
CA THR A 3443 -11.80 46.13 7.38
C THR A 3443 -12.81 46.97 8.15
N LEU A 3444 -12.31 47.79 9.08
CA LEU A 3444 -13.22 48.55 9.93
C LEU A 3444 -13.86 49.70 9.18
N VAL A 3445 -13.06 50.70 8.79
CA VAL A 3445 -13.56 51.88 8.08
C VAL A 3445 -12.52 52.30 7.07
N ASN A 3446 -13.00 52.88 5.97
CA ASN A 3446 -12.11 53.40 4.96
C ASN A 3446 -12.12 54.90 5.03
N THR A 3447 -10.98 55.51 4.81
CA THR A 3447 -10.84 56.96 4.89
C THR A 3447 -10.41 57.52 3.53
N THR A 3448 -10.87 58.73 3.24
CA THR A 3448 -10.50 59.37 1.99
C THR A 3448 -9.00 59.66 1.94
N HIS A 3449 -8.43 60.12 3.04
CA HIS A 3449 -7.01 60.40 3.12
C HIS A 3449 -6.25 59.20 3.69
N ARG A 3450 -4.93 59.32 3.72
CA ARG A 3450 -4.11 58.25 4.24
C ARG A 3450 -4.32 58.10 5.75
N PRO A 3451 -4.24 56.88 6.26
CA PRO A 3451 -4.61 56.66 7.67
C PRO A 3451 -3.50 57.01 8.66
N PHE A 3452 -2.25 56.96 8.24
CA PHE A 3452 -1.09 57.36 9.06
C PHE A 3452 -1.06 56.55 10.36
N ASP A 3453 -0.58 57.17 11.44
CA ASP A 3453 -0.34 56.46 12.69
C ASP A 3453 -1.66 56.06 13.35
N ILE A 3454 -1.59 54.98 14.13
CA ILE A 3454 -2.75 54.43 14.83
C ILE A 3454 -2.32 54.06 16.24
N HIS A 3455 -3.32 53.95 17.13
CA HIS A 3455 -3.06 53.54 18.50
C HIS A 3455 -4.35 53.00 19.11
N VAL A 3456 -4.20 52.28 20.23
CA VAL A 3456 -5.32 51.82 21.03
C VAL A 3456 -5.25 52.53 22.38
N TYR A 3457 -6.22 53.38 22.66
CA TYR A 3457 -6.25 54.09 23.93
C TYR A 3457 -6.92 53.19 24.96
N HIS A 3458 -6.16 52.82 26.00
CA HIS A 3458 -6.65 51.94 27.04
C HIS A 3458 -5.62 51.95 28.15
N PRO A 3459 -6.03 51.88 29.41
CA PRO A 3459 -5.04 51.90 30.50
C PRO A 3459 -4.06 50.76 30.45
N TYR A 3460 -4.44 49.62 29.86
CA TYR A 3460 -3.56 48.48 29.83
C TYR A 3460 -2.44 48.67 28.80
N ARG A 3461 -2.67 49.50 27.78
CA ARG A 3461 -1.64 49.72 26.77
C ARG A 3461 -0.42 50.42 27.36
N GLN A 3462 -0.57 51.08 28.51
CA GLN A 3462 0.54 51.68 29.22
C GLN A 3462 0.55 51.09 30.63
N PRO A 3463 1.15 49.92 30.82
CA PRO A 3463 1.10 49.27 32.14
C PRO A 3463 1.85 50.08 33.18
N ILE A 3464 1.40 49.95 34.43
CA ILE A 3464 1.95 50.72 35.52
C ILE A 3464 3.29 50.14 35.93
N VAL A 3465 4.32 50.98 35.98
CA VAL A 3465 5.66 50.56 36.37
C VAL A 3465 6.36 51.76 37.01
N SER A 3466 7.06 51.50 38.10
CA SER A 3466 7.65 52.54 38.92
C SER A 3466 8.75 53.29 38.17
N ASN A 3467 8.98 54.53 38.59
CA ASN A 3467 9.96 55.40 37.96
C ASN A 3467 11.26 55.35 38.75
N PRO A 3468 12.36 54.88 38.17
CA PRO A 3468 13.64 54.92 38.91
C PRO A 3468 14.05 56.32 39.31
N CYS A 3469 13.68 57.34 38.52
CA CYS A 3469 13.99 58.71 38.89
C CYS A 3469 13.32 59.10 40.19
N GLY A 3470 12.05 58.74 40.35
CA GLY A 3470 11.35 58.94 41.61
C GLY A 3470 11.00 60.38 41.90
N THR A 3471 12.01 61.20 42.18
CA THR A 3471 11.79 62.60 42.52
C THR A 3471 13.04 63.39 42.16
N ASN A 3472 12.85 64.69 41.89
CA ASN A 3472 13.94 65.61 41.59
C ASN A 3472 14.74 65.14 40.38
N ASN A 3473 14.07 64.46 39.45
CA ASN A 3473 14.72 63.82 38.31
C ASN A 3473 15.84 62.91 38.79
N GLY A 3474 15.59 62.20 39.89
CA GLY A 3474 16.64 61.38 40.47
C GLY A 3474 17.87 62.16 40.86
N GLY A 3475 17.67 63.41 41.29
CA GLY A 3475 18.80 64.28 41.60
C GLY A 3475 19.65 64.62 40.39
N CYS A 3476 19.04 64.74 39.22
CA CYS A 3476 19.72 65.18 38.02
C CYS A 3476 19.38 66.64 37.74
N SER A 3477 20.33 67.36 37.14
CA SER A 3477 20.10 68.78 36.91
C SER A 3477 19.00 69.02 35.88
N HIS A 3478 19.09 68.38 34.73
CA HIS A 3478 18.12 68.64 33.67
C HIS A 3478 17.28 67.42 33.31
N LEU A 3479 17.94 66.32 32.95
CA LEU A 3479 17.26 65.15 32.41
C LEU A 3479 17.55 63.91 33.25
N CYS A 3480 16.52 63.07 33.40
CA CYS A 3480 16.65 61.77 34.07
C CYS A 3480 16.03 60.72 33.15
N LEU A 3481 16.88 59.90 32.54
CA LEU A 3481 16.43 58.88 31.60
C LEU A 3481 16.64 57.51 32.21
N ILE A 3482 15.67 56.62 32.01
CA ILE A 3482 15.72 55.29 32.60
C ILE A 3482 16.84 54.48 31.94
N LYS A 3483 17.66 53.83 32.76
CA LYS A 3483 18.70 52.96 32.26
C LYS A 3483 18.09 51.72 31.61
N PRO A 3484 18.83 51.07 30.71
CA PRO A 3484 18.32 49.85 30.10
C PRO A 3484 18.10 48.76 31.14
N GLY A 3485 17.14 47.89 30.86
CA GLY A 3485 16.74 46.87 31.80
C GLY A 3485 15.68 47.30 32.79
N GLY A 3486 15.21 48.54 32.70
CA GLY A 3486 14.20 49.01 33.63
C GLY A 3486 14.66 49.12 35.06
N LYS A 3487 15.90 49.55 35.27
CA LYS A 3487 16.43 49.73 36.62
C LYS A 3487 17.51 50.80 36.58
N GLY A 3488 17.41 51.78 37.47
CA GLY A 3488 18.37 52.86 37.53
C GLY A 3488 18.09 53.93 36.49
N PHE A 3489 18.93 54.97 36.54
CA PHE A 3489 18.75 56.12 35.66
C PHE A 3489 20.10 56.78 35.42
N THR A 3490 20.18 57.54 34.33
CA THR A 3490 21.39 58.27 33.97
C THR A 3490 21.03 59.75 33.80
N CYS A 3491 21.77 60.61 34.48
CA CYS A 3491 21.57 62.04 34.30
C CYS A 3491 22.06 62.46 32.91
N GLU A 3492 21.38 63.45 32.33
CA GLU A 3492 21.75 63.97 31.03
C GLU A 3492 21.69 65.48 31.07
N CYS A 3493 22.11 66.09 29.97
CA CYS A 3493 22.16 67.53 29.81
C CYS A 3493 21.52 67.92 28.49
N PRO A 3494 21.00 69.15 28.38
CA PRO A 3494 20.45 69.61 27.11
C PRO A 3494 21.52 69.66 26.03
N ASP A 3495 21.05 69.80 24.79
CA ASP A 3495 21.95 69.72 23.64
C ASP A 3495 23.07 70.75 23.70
N ASP A 3496 22.78 71.94 24.21
CA ASP A 3496 23.78 73.00 24.30
C ASP A 3496 24.61 72.92 25.57
N PHE A 3497 24.64 71.76 26.22
CA PHE A 3497 25.40 71.57 27.45
C PHE A 3497 26.35 70.39 27.30
N ARG A 3498 27.59 70.58 27.70
CA ARG A 3498 28.55 69.47 27.71
C ARG A 3498 28.40 68.69 29.01
N THR A 3499 28.17 67.38 28.87
CA THR A 3499 27.86 66.52 30.02
C THR A 3499 29.15 66.01 30.64
N LEU A 3500 29.57 66.65 31.72
CA LEU A 3500 30.70 66.16 32.50
C LEU A 3500 30.21 65.24 33.61
N GLN A 3501 30.94 64.15 33.82
CA GLN A 3501 30.62 63.17 34.85
C GLN A 3501 31.46 63.48 36.08
N LEU A 3502 30.82 64.01 37.12
CA LEU A 3502 31.50 64.33 38.36
C LEU A 3502 31.71 63.08 39.20
N SER A 3503 32.15 63.27 40.43
CA SER A 3503 32.33 62.18 41.38
C SER A 3503 30.98 61.78 41.94
N GLY A 3504 30.40 60.71 41.40
CA GLY A 3504 29.08 60.27 41.87
C GLY A 3504 27.95 61.18 41.42
N SER A 3505 28.20 62.02 40.42
CA SER A 3505 27.20 62.93 39.90
C SER A 3505 27.62 63.45 38.53
N THR A 3506 26.87 64.41 37.99
CA THR A 3506 27.18 64.97 36.70
C THR A 3506 27.03 66.48 36.75
N TYR A 3507 27.82 67.17 35.94
CA TYR A 3507 27.75 68.62 35.79
C TYR A 3507 27.54 68.94 34.32
N CYS A 3508 26.56 69.81 34.05
CA CYS A 3508 26.27 70.22 32.68
C CYS A 3508 27.00 71.54 32.42
N MET A 3509 28.04 71.47 31.61
CA MET A 3509 28.76 72.68 31.24
C MET A 3509 27.84 73.59 30.43
N PRO A 3510 27.78 74.86 30.76
CA PRO A 3510 26.89 75.77 30.03
C PRO A 3510 27.48 76.22 28.70
N MET A 3511 28.50 75.50 28.21
CA MET A 3511 29.20 75.89 27.00
C MET A 3511 28.24 76.00 25.83
N CYS A 3512 28.01 77.23 25.37
CA CYS A 3512 27.04 77.50 24.32
C CYS A 3512 27.63 78.45 23.30
N SER A 3513 27.26 78.26 22.04
CA SER A 3513 27.75 79.13 20.99
C SER A 3513 27.17 80.54 21.16
N SER A 3514 27.80 81.49 20.47
CA SER A 3514 27.24 82.84 20.42
C SER A 3514 25.93 82.82 19.64
N THR A 3515 25.29 83.98 19.57
CA THR A 3515 23.93 84.09 19.02
C THR A 3515 22.98 83.16 19.77
N GLN A 3516 23.20 83.01 21.07
CA GLN A 3516 22.42 82.10 21.90
C GLN A 3516 22.57 82.53 23.35
N PHE A 3517 21.48 83.01 23.94
CA PHE A 3517 21.51 83.47 25.32
C PHE A 3517 21.47 82.30 26.29
N LEU A 3518 22.15 82.46 27.42
CA LEU A 3518 22.16 81.48 28.48
C LEU A 3518 21.43 82.05 29.69
N CYS A 3519 20.42 81.32 30.17
CA CYS A 3519 19.66 81.78 31.32
C CYS A 3519 20.56 81.85 32.55
N ALA A 3520 20.22 82.76 33.48
CA ALA A 3520 20.96 82.86 34.72
C ALA A 3520 20.87 81.58 35.52
N ASN A 3521 19.69 80.97 35.56
CA ASN A 3521 19.52 79.69 36.23
C ASN A 3521 20.14 78.54 35.44
N ASN A 3522 20.61 78.79 34.22
CA ASN A 3522 21.22 77.79 33.36
C ASN A 3522 20.26 76.66 33.01
N GLU A 3523 18.96 76.94 33.03
CA GLU A 3523 17.98 75.92 32.68
C GLU A 3523 18.09 75.53 31.20
N LYS A 3524 18.34 76.50 30.33
CA LYS A 3524 18.42 76.25 28.91
C LYS A 3524 19.20 77.37 28.24
N CYS A 3525 19.61 77.13 27.00
CA CYS A 3525 20.36 78.09 26.19
C CYS A 3525 19.47 78.49 25.02
N ILE A 3526 18.69 79.54 25.20
CA ILE A 3526 17.78 80.03 24.16
C ILE A 3526 18.56 80.87 23.16
N PRO A 3527 18.08 81.05 21.94
CA PRO A 3527 18.78 81.91 20.98
C PRO A 3527 18.81 83.36 21.45
N ILE A 3528 19.80 84.10 20.98
CA ILE A 3528 20.00 85.47 21.45
C ILE A 3528 18.83 86.35 21.02
N TRP A 3529 18.23 86.07 19.87
CA TRP A 3529 17.10 86.88 19.46
C TRP A 3529 15.84 86.58 20.26
N TRP A 3530 15.85 85.54 21.09
CA TRP A 3530 14.79 85.33 22.07
C TRP A 3530 15.11 86.00 23.40
N LYS A 3531 16.28 86.63 23.53
CA LYS A 3531 16.59 87.40 24.72
C LYS A 3531 16.00 88.80 24.59
N CYS A 3532 15.21 89.19 25.59
CA CYS A 3532 14.46 90.45 25.54
C CYS A 3532 13.63 90.53 24.25
N ASP A 3533 12.84 89.48 24.00
CA ASP A 3533 11.98 89.41 22.84
C ASP A 3533 10.52 89.71 23.17
N GLY A 3534 10.27 90.38 24.28
CA GLY A 3534 8.91 90.56 24.75
C GLY A 3534 8.34 89.36 25.48
N GLN A 3535 9.13 88.31 25.66
CA GLN A 3535 8.69 87.09 26.32
C GLN A 3535 9.77 86.63 27.27
N LYS A 3536 9.35 86.14 28.45
CA LYS A 3536 10.28 85.55 29.42
C LYS A 3536 10.49 84.08 29.05
N ASP A 3537 11.35 83.87 28.04
CA ASP A 3537 11.63 82.52 27.57
C ASP A 3537 12.23 81.67 28.68
N CYS A 3538 13.20 82.22 29.41
CA CYS A 3538 13.75 81.52 30.56
C CYS A 3538 12.71 81.45 31.67
N SER A 3539 12.70 80.32 32.39
CA SER A 3539 11.85 80.22 33.57
C SER A 3539 12.25 81.27 34.60
N ASP A 3540 13.55 81.55 34.71
CA ASP A 3540 14.01 82.66 35.53
C ASP A 3540 13.54 83.99 34.94
N GLY A 3541 13.50 84.11 33.62
CA GLY A 3541 13.17 85.36 32.97
C GLY A 3541 14.34 86.28 32.74
N SER A 3542 15.57 85.79 32.88
CA SER A 3542 16.74 86.64 32.69
C SER A 3542 16.83 87.15 31.26
N ASP A 3543 16.22 86.44 30.31
CA ASP A 3543 16.26 86.88 28.92
C ASP A 3543 15.52 88.20 28.75
N GLU A 3544 14.38 88.36 29.43
CA GLU A 3544 13.58 89.57 29.31
C GLU A 3544 13.91 90.54 30.44
N LEU A 3545 15.16 91.01 30.42
CA LEU A 3545 15.62 91.96 31.43
C LEU A 3545 14.89 93.28 31.30
N ALA A 3546 14.64 93.93 32.44
CA ALA A 3546 14.06 95.26 32.42
C ALA A 3546 14.97 96.26 31.73
N LEU A 3547 16.28 96.17 31.99
CA LEU A 3547 17.26 97.04 31.36
C LEU A 3547 17.58 96.48 29.98
N CYS A 3548 16.76 96.89 29.00
CA CYS A 3548 16.90 96.45 27.62
C CYS A 3548 16.17 97.43 26.72
N PRO A 3549 16.74 97.77 25.57
CA PRO A 3549 16.06 98.70 24.65
C PRO A 3549 14.75 98.12 24.16
N GLN A 3550 13.78 99.00 23.90
CA GLN A 3550 12.50 98.59 23.36
C GLN A 3550 12.70 97.92 22.00
N ARG A 3551 12.33 96.64 21.92
CA ARG A 3551 12.54 95.86 20.71
C ARG A 3551 11.33 96.04 19.80
N PHE A 3552 11.48 96.91 18.80
CA PHE A 3552 10.40 97.14 17.86
C PHE A 3552 10.21 95.95 16.93
N CYS A 3553 11.26 95.16 16.71
CA CYS A 3553 11.18 94.03 15.80
C CYS A 3553 10.22 92.98 16.35
N ARG A 3554 9.56 92.27 15.44
CA ARG A 3554 8.61 91.23 15.83
C ARG A 3554 9.35 90.03 16.40
N LEU A 3555 8.59 89.18 17.10
CA LEU A 3555 9.16 87.96 17.67
C LEU A 3555 9.74 87.09 16.57
N GLY A 3556 10.90 86.50 16.85
CA GLY A 3556 11.59 85.70 15.85
C GLY A 3556 12.47 86.49 14.92
N GLN A 3557 12.85 87.71 15.29
CA GLN A 3557 13.70 88.55 14.47
C GLN A 3557 14.82 89.12 15.33
N PHE A 3558 15.98 89.31 14.71
CA PHE A 3558 17.12 89.90 15.38
C PHE A 3558 17.08 91.42 15.20
N GLN A 3559 17.15 92.14 16.31
CA GLN A 3559 17.13 93.60 16.29
C GLN A 3559 18.55 94.14 16.44
N CYS A 3560 19.00 94.87 15.44
CA CYS A 3560 20.32 95.51 15.50
C CYS A 3560 20.26 96.76 16.38
N SER A 3561 21.44 97.31 16.67
CA SER A 3561 21.52 98.49 17.52
C SER A 3561 20.82 99.68 16.87
N ASP A 3562 20.94 99.82 15.56
CA ASP A 3562 20.24 100.88 14.85
C ASP A 3562 18.73 100.76 14.99
N GLY A 3563 18.22 99.57 15.30
CA GLY A 3563 16.80 99.32 15.36
C GLY A 3563 16.25 98.57 14.17
N ASN A 3564 17.08 98.32 13.16
CA ASN A 3564 16.65 97.55 12.00
C ASN A 3564 16.44 96.09 12.40
N CYS A 3565 15.62 95.40 11.61
CA CYS A 3565 15.26 94.01 11.88
C CYS A 3565 15.79 93.13 10.76
N THR A 3566 16.48 92.06 11.12
CA THR A 3566 17.03 91.12 10.17
C THR A 3566 16.73 89.69 10.59
N SER A 3567 16.67 88.80 9.59
CA SER A 3567 16.35 87.41 9.86
C SER A 3567 17.47 86.75 10.66
N PRO A 3568 17.15 85.97 11.68
CA PRO A 3568 18.21 85.28 12.45
C PRO A 3568 19.05 84.36 11.59
N GLN A 3569 18.48 83.81 10.52
CA GLN A 3569 19.29 83.00 9.61
C GLN A 3569 20.36 83.84 8.94
N THR A 3570 20.10 85.14 8.76
CA THR A 3570 21.08 86.02 8.14
C THR A 3570 22.12 86.50 9.14
N LEU A 3571 21.96 86.15 10.41
CA LEU A 3571 22.93 86.57 11.42
C LEU A 3571 24.25 85.84 11.21
N CYS A 3572 25.33 86.62 11.11
CA CYS A 3572 26.67 86.08 10.90
C CYS A 3572 26.75 85.22 9.65
N ASN A 3573 26.07 85.66 8.59
CA ASN A 3573 26.06 84.95 7.32
C ASN A 3573 27.14 85.46 6.36
N ALA A 3574 28.23 86.02 6.89
CA ALA A 3574 29.33 86.57 6.11
C ALA A 3574 28.88 87.73 5.22
N HIS A 3575 27.74 88.33 5.52
CA HIS A 3575 27.25 89.48 4.76
C HIS A 3575 26.67 90.49 5.74
N GLN A 3576 27.11 91.74 5.63
CA GLN A 3576 26.66 92.79 6.55
C GLN A 3576 25.24 93.21 6.22
N ASN A 3577 24.28 92.34 6.54
CA ASN A 3577 22.89 92.62 6.19
C ASN A 3577 22.35 93.79 7.01
N CYS A 3578 22.58 93.78 8.31
CA CYS A 3578 22.11 94.87 9.16
C CYS A 3578 23.01 96.08 8.98
N PRO A 3579 22.45 97.27 8.70
CA PRO A 3579 23.29 98.45 8.50
C PRO A 3579 24.13 98.81 9.72
N ASP A 3580 23.62 98.57 10.93
CA ASP A 3580 24.39 98.87 12.13
C ASP A 3580 25.68 98.05 12.20
N GLY A 3581 25.69 96.87 11.59
CA GLY A 3581 26.87 96.04 11.54
C GLY A 3581 26.91 94.92 12.55
N SER A 3582 25.97 94.86 13.49
CA SER A 3582 25.97 93.77 14.46
C SER A 3582 25.62 92.44 13.82
N ASP A 3583 25.14 92.46 12.56
CA ASP A 3583 24.87 91.22 11.85
C ASP A 3583 26.13 90.38 11.72
N GLU A 3584 27.25 91.04 11.40
CA GLU A 3584 28.55 90.37 11.29
C GLU A 3584 29.51 90.81 12.38
N ASP A 3585 28.99 91.18 13.55
CA ASP A 3585 29.84 91.62 14.65
C ASP A 3585 30.80 90.51 15.07
N ARG A 3586 32.03 90.89 15.38
CA ARG A 3586 33.05 89.91 15.73
C ARG A 3586 32.65 89.14 16.98
N LEU A 3587 32.18 89.85 18.01
CA LEU A 3587 31.78 89.18 19.24
C LEU A 3587 30.57 88.27 19.01
N LEU A 3588 29.61 88.74 18.21
CA LEU A 3588 28.41 87.94 17.98
C LEU A 3588 28.70 86.72 17.13
N CYS A 3589 29.68 86.81 16.24
CA CYS A 3589 30.05 85.67 15.41
C CYS A 3589 31.20 84.86 15.99
N GLU A 3590 31.81 85.32 17.08
CA GLU A 3590 32.84 84.54 17.75
C GLU A 3590 32.24 83.31 18.40
N ASN A 3591 32.90 82.16 18.25
CA ASN A 3591 32.43 80.88 18.77
C ASN A 3591 31.05 80.53 18.24
N HIS A 3592 30.76 80.90 17.00
CA HIS A 3592 29.51 80.55 16.36
C HIS A 3592 29.54 79.08 15.93
N HIS A 3593 28.46 78.36 16.25
CA HIS A 3593 28.33 76.96 15.90
C HIS A 3593 27.12 76.80 14.98
N CYS A 3594 27.31 76.10 13.87
CA CYS A 3594 26.22 75.84 12.94
C CYS A 3594 25.39 74.65 13.41
N ASP A 3595 24.44 74.24 12.58
CA ASP A 3595 23.60 73.10 12.90
C ASP A 3595 24.40 71.80 12.77
N SER A 3596 23.80 70.72 13.28
CA SER A 3596 24.46 69.42 13.24
C SER A 3596 24.70 68.97 11.80
N ASN A 3597 23.71 69.16 10.94
CA ASN A 3597 23.84 68.81 9.53
C ASN A 3597 24.44 69.94 8.70
N GLU A 3598 24.73 71.09 9.31
CA GLU A 3598 25.28 72.24 8.59
C GLU A 3598 26.77 72.31 8.86
N TRP A 3599 27.58 72.21 7.80
CA TRP A 3599 29.02 72.29 7.93
C TRP A 3599 29.45 73.75 7.96
N GLN A 3600 30.15 74.15 9.01
CA GLN A 3600 30.58 75.53 9.17
C GLN A 3600 31.78 75.82 8.27
N CYS A 3601 31.81 77.05 7.74
CA CYS A 3601 32.91 77.54 6.93
C CYS A 3601 33.76 78.47 7.77
N ALA A 3602 34.93 78.83 7.23
CA ALA A 3602 35.85 79.70 7.97
C ALA A 3602 35.25 81.06 8.24
N ASN A 3603 34.48 81.59 7.30
CA ASN A 3603 33.81 82.87 7.48
C ASN A 3603 32.57 82.79 8.35
N LYS A 3604 32.39 81.68 9.06
CA LYS A 3604 31.25 81.38 9.94
C LYS A 3604 29.96 81.12 9.18
N ARG A 3605 29.97 81.19 7.85
CA ARG A 3605 28.79 80.86 7.07
C ARG A 3605 28.51 79.36 7.16
N CYS A 3606 27.24 79.01 7.29
CA CYS A 3606 26.82 77.62 7.46
C CYS A 3606 26.29 77.08 6.13
N ILE A 3607 26.76 75.91 5.74
CA ILE A 3607 26.26 75.20 4.57
C ILE A 3607 26.00 73.76 4.97
N PRO A 3608 25.10 73.05 4.28
CA PRO A 3608 24.84 71.65 4.64
C PRO A 3608 26.09 70.77 4.57
N GLU A 3609 26.18 69.80 5.48
CA GLU A 3609 27.36 68.95 5.56
C GLU A 3609 27.63 68.23 4.26
N SER A 3610 26.59 67.98 3.45
CA SER A 3610 26.79 67.37 2.14
C SER A 3610 27.63 68.26 1.24
N TRP A 3611 27.63 69.57 1.50
CA TRP A 3611 28.40 70.52 0.70
C TRP A 3611 29.81 70.76 1.25
N GLN A 3612 30.27 69.93 2.19
CA GLN A 3612 31.56 70.15 2.82
C GLN A 3612 32.70 70.07 1.80
N CYS A 3613 32.63 69.11 0.90
CA CYS A 3613 33.61 69.02 -0.17
C CYS A 3613 32.81 68.67 -1.39
N ASP A 3614 31.71 69.39 -1.61
CA ASP A 3614 30.81 69.10 -2.72
C ASP A 3614 31.43 69.43 -4.07
N THR A 3615 32.67 69.89 -4.07
CA THR A 3615 33.34 70.26 -5.32
C THR A 3615 32.70 71.50 -5.90
N PHE A 3616 31.96 72.23 -5.06
CA PHE A 3616 31.32 73.46 -5.51
C PHE A 3616 31.69 74.61 -4.59
N ASN A 3617 32.05 75.75 -5.16
CA ASN A 3617 32.40 76.91 -4.35
C ASN A 3617 31.13 77.59 -3.82
N ASP A 3618 30.39 76.84 -3.00
CA ASP A 3618 29.15 77.36 -2.45
C ASP A 3618 29.40 78.39 -1.37
N CYS A 3619 30.37 78.12 -0.49
CA CYS A 3619 30.68 79.07 0.57
C CYS A 3619 31.53 80.21 0.02
N GLU A 3620 31.28 81.42 0.54
CA GLU A 3620 31.98 82.60 0.05
C GLU A 3620 33.47 82.50 0.27
N ASP A 3621 33.89 82.02 1.44
CA ASP A 3621 35.30 81.87 1.74
C ASP A 3621 35.95 80.74 0.95
N ASN A 3622 35.16 79.92 0.26
CA ASN A 3622 35.64 78.80 -0.54
C ASN A 3622 36.31 77.73 0.30
N SER A 3623 36.07 77.72 1.62
CA SER A 3623 36.59 76.65 2.46
C SER A 3623 35.94 75.32 2.14
N ASP A 3624 34.75 75.35 1.52
CA ASP A 3624 34.12 74.12 1.08
C ASP A 3624 34.93 73.42 -0.02
N GLU A 3625 35.86 74.13 -0.64
CA GLU A 3625 36.75 73.53 -1.63
C GLU A 3625 38.22 73.64 -1.25
N ASP A 3626 38.51 73.75 0.05
CA ASP A 3626 39.88 73.70 0.52
C ASP A 3626 40.41 72.29 0.34
N SER A 3627 41.47 72.16 -0.46
CA SER A 3627 42.07 70.84 -0.67
C SER A 3627 42.64 70.29 0.63
N SER A 3628 43.22 71.15 1.46
CA SER A 3628 43.82 70.70 2.71
C SER A 3628 42.79 70.07 3.64
N HIS A 3629 41.65 70.75 3.83
CA HIS A 3629 40.63 70.22 4.72
C HIS A 3629 39.93 69.02 4.10
N CYS A 3630 39.71 69.05 2.78
CA CYS A 3630 39.04 67.93 2.12
C CYS A 3630 39.93 66.69 2.10
N ALA A 3631 41.24 66.88 2.00
CA ALA A 3631 42.15 65.75 2.14
C ALA A 3631 42.07 65.18 3.55
N SER A 3632 41.99 66.05 4.56
CA SER A 3632 41.91 65.63 5.95
C SER A 3632 40.48 65.60 6.47
N ARG A 3633 39.51 65.42 5.59
CA ARG A 3633 38.10 65.44 5.97
C ARG A 3633 37.73 64.11 6.62
N THR A 3634 37.41 64.15 7.91
CA THR A 3634 36.84 62.99 8.58
C THR A 3634 35.33 63.00 8.43
N CYS A 3635 34.79 61.92 7.88
CA CYS A 3635 33.39 61.84 7.53
C CYS A 3635 32.61 61.00 8.53
N ARG A 3636 31.34 61.35 8.70
CA ARG A 3636 30.49 60.63 9.64
C ARG A 3636 30.30 59.19 9.16
N PRO A 3637 30.12 58.24 10.07
CA PRO A 3637 29.91 56.85 9.66
C PRO A 3637 28.67 56.71 8.81
N GLY A 3638 28.72 55.79 7.84
CA GLY A 3638 27.61 55.50 6.97
C GLY A 3638 27.74 56.05 5.57
N GLN A 3639 28.70 56.94 5.32
CA GLN A 3639 28.92 57.50 4.00
C GLN A 3639 30.31 57.10 3.51
N PHE A 3640 30.41 56.81 2.22
CA PHE A 3640 31.67 56.35 1.65
C PHE A 3640 32.51 57.54 1.18
N ARG A 3641 33.81 57.49 1.46
CA ARG A 3641 34.74 58.53 1.04
C ARG A 3641 35.45 58.11 -0.24
N CYS A 3642 35.50 59.03 -1.21
CA CYS A 3642 36.17 58.80 -2.49
C CYS A 3642 37.42 59.67 -2.58
N ALA A 3643 38.05 59.63 -3.75
CA ALA A 3643 39.34 60.30 -3.93
C ALA A 3643 39.23 61.81 -3.74
N ASN A 3644 38.14 62.42 -4.23
CA ASN A 3644 37.99 63.86 -4.11
C ASN A 3644 37.85 64.33 -2.68
N GLY A 3645 37.58 63.43 -1.73
CA GLY A 3645 37.25 63.80 -0.39
C GLY A 3645 35.76 63.98 -0.15
N ARG A 3646 34.98 64.12 -1.22
CA ARG A 3646 33.53 64.13 -1.09
C ARG A 3646 33.06 62.79 -0.52
N CYS A 3647 32.07 62.83 0.36
CA CYS A 3647 31.60 61.64 1.05
C CYS A 3647 30.15 61.38 0.67
N ILE A 3648 29.96 60.60 -0.39
CA ILE A 3648 28.65 60.13 -0.81
C ILE A 3648 28.21 59.04 0.17
N PRO A 3649 26.91 58.76 0.29
CA PRO A 3649 26.48 57.68 1.19
C PRO A 3649 27.03 56.34 0.74
N GLN A 3650 27.20 55.44 1.72
CA GLN A 3650 27.74 54.12 1.43
C GLN A 3650 26.90 53.40 0.38
N ALA A 3651 25.59 53.67 0.34
CA ALA A 3651 24.76 53.08 -0.70
C ALA A 3651 25.16 53.56 -2.09
N TRP A 3652 25.82 54.71 -2.17
CA TRP A 3652 26.32 55.22 -3.45
C TRP A 3652 27.69 54.68 -3.80
N LYS A 3653 28.24 53.76 -3.01
CA LYS A 3653 29.52 53.15 -3.31
C LYS A 3653 29.32 51.86 -4.09
N CYS A 3654 30.21 51.63 -5.06
CA CYS A 3654 30.09 50.48 -5.97
C CYS A 3654 28.76 50.48 -6.69
N ASP A 3655 28.37 51.64 -7.18
CA ASP A 3655 27.21 51.79 -8.06
C ASP A 3655 27.68 52.05 -9.48
N VAL A 3656 26.83 51.71 -10.44
CA VAL A 3656 27.18 51.89 -11.85
C VAL A 3656 27.40 53.35 -12.17
N ASP A 3657 26.78 54.25 -11.43
CA ASP A 3657 26.92 55.68 -11.63
C ASP A 3657 27.99 56.23 -10.70
N ASN A 3658 29.00 56.90 -11.27
CA ASN A 3658 30.06 57.51 -10.48
C ASN A 3658 29.50 58.78 -9.83
N ASP A 3659 28.80 58.58 -8.71
CA ASP A 3659 28.18 59.71 -8.02
C ASP A 3659 29.22 60.70 -7.54
N CYS A 3660 30.36 60.20 -7.06
CA CYS A 3660 31.46 61.08 -6.70
C CYS A 3660 32.12 61.72 -7.92
N GLY A 3661 31.85 61.21 -9.11
CA GLY A 3661 32.49 61.73 -10.31
C GLY A 3661 33.72 60.94 -10.69
N ASP A 3662 34.73 60.98 -9.83
CA ASP A 3662 35.88 60.10 -10.01
C ASP A 3662 35.43 58.66 -9.84
N HIS A 3663 36.05 57.76 -10.59
CA HIS A 3663 35.71 56.35 -10.48
C HIS A 3663 36.23 55.72 -9.19
N SER A 3664 36.81 56.51 -8.29
CA SER A 3664 37.21 55.99 -6.99
C SER A 3664 36.00 55.50 -6.19
N ASP A 3665 34.84 56.12 -6.41
CA ASP A 3665 33.62 55.65 -5.75
C ASP A 3665 33.16 54.32 -6.31
N GLU A 3666 33.78 53.85 -7.40
CA GLU A 3666 33.45 52.57 -8.02
C GLU A 3666 34.68 51.68 -8.02
N PRO A 3667 34.98 50.98 -6.92
CA PRO A 3667 36.07 50.01 -6.95
C PRO A 3667 35.70 48.80 -7.78
N ILE A 3668 35.80 48.96 -9.12
CA ILE A 3668 35.25 47.97 -10.05
C ILE A 3668 35.78 46.58 -9.74
N GLU A 3669 36.99 46.49 -9.19
CA GLU A 3669 37.49 45.20 -8.71
C GLU A 3669 36.59 44.64 -7.62
N GLU A 3670 36.26 45.48 -6.62
CA GLU A 3670 35.35 45.03 -5.58
C GLU A 3670 33.91 45.05 -6.05
N CYS A 3671 33.55 46.01 -6.90
CA CYS A 3671 32.17 46.10 -7.37
C CYS A 3671 31.78 44.87 -8.18
N MET A 3672 32.71 44.33 -8.96
CA MET A 3672 32.48 43.09 -9.66
C MET A 3672 32.79 41.87 -8.80
N SER A 3673 33.33 42.05 -7.61
CA SER A 3673 33.68 40.92 -6.76
C SER A 3673 32.43 40.37 -6.08
N SER A 3674 32.64 39.33 -5.26
CA SER A 3674 31.55 38.69 -4.55
C SER A 3674 31.07 39.49 -3.34
N ALA A 3675 31.79 40.55 -2.95
CA ALA A 3675 31.37 41.34 -1.81
C ALA A 3675 30.06 42.06 -2.09
N HIS A 3676 29.91 42.62 -3.29
CA HIS A 3676 28.72 43.38 -3.66
C HIS A 3676 27.80 42.48 -4.47
N LEU A 3677 26.91 41.77 -3.77
CA LEU A 3677 25.87 40.98 -4.40
C LEU A 3677 24.52 41.52 -3.98
N CYS A 3678 23.63 41.69 -4.95
CA CYS A 3678 22.32 42.26 -4.67
C CYS A 3678 21.52 41.34 -3.76
N ASP A 3679 20.84 41.94 -2.77
CA ASP A 3679 20.05 41.16 -1.84
C ASP A 3679 18.90 40.47 -2.56
N ASN A 3680 18.72 39.18 -2.27
CA ASN A 3680 17.71 38.39 -2.97
C ASN A 3680 16.30 38.89 -2.66
N PHE A 3681 16.06 39.36 -1.43
CA PHE A 3681 14.71 39.77 -1.06
C PHE A 3681 14.27 41.00 -1.85
N THR A 3682 15.11 42.04 -1.88
CA THR A 3682 14.68 43.31 -2.46
C THR A 3682 15.53 43.72 -3.67
N GLU A 3683 16.84 43.74 -3.51
CA GLU A 3683 17.72 44.29 -4.53
C GLU A 3683 17.71 43.43 -5.78
N PHE A 3684 17.17 43.97 -6.87
CA PHE A 3684 17.11 43.28 -8.14
C PHE A 3684 18.36 43.57 -8.94
N SER A 3685 19.10 42.53 -9.31
CA SER A 3685 20.29 42.69 -10.13
C SER A 3685 19.90 42.90 -11.59
N CYS A 3686 20.56 43.84 -12.25
CA CYS A 3686 20.39 44.09 -13.67
C CYS A 3686 21.57 43.46 -14.40
N LYS A 3687 21.28 42.69 -15.45
CA LYS A 3687 22.28 41.79 -16.02
C LYS A 3687 23.48 42.52 -16.59
N THR A 3688 23.25 43.60 -17.34
CA THR A 3688 24.34 44.24 -18.07
C THR A 3688 25.38 44.84 -17.14
N ASN A 3689 24.94 45.40 -16.01
CA ASN A 3689 25.86 46.06 -15.10
C ASN A 3689 25.86 45.38 -13.75
N TYR A 3690 26.51 45.99 -12.75
CA TYR A 3690 26.54 45.46 -11.39
C TYR A 3690 25.56 46.22 -10.49
N ARG A 3691 24.47 46.72 -11.07
CA ARG A 3691 23.50 47.50 -10.32
C ARG A 3691 22.63 46.59 -9.45
N CYS A 3692 22.17 47.14 -8.33
CA CYS A 3692 21.39 46.39 -7.34
C CYS A 3692 20.14 47.18 -6.96
N ILE A 3693 19.40 47.64 -7.97
CA ILE A 3693 18.20 48.44 -7.69
C ILE A 3693 17.19 47.59 -6.94
N PRO A 3694 16.37 48.18 -6.06
CA PRO A 3694 15.43 47.37 -5.28
C PRO A 3694 14.31 46.81 -6.14
N LYS A 3695 13.53 45.91 -5.54
CA LYS A 3695 12.44 45.26 -6.25
C LYS A 3695 11.36 46.26 -6.66
N TRP A 3696 11.03 47.19 -5.75
CA TRP A 3696 10.02 48.19 -6.08
C TRP A 3696 10.54 49.17 -7.12
N ALA A 3697 11.86 49.22 -7.33
CA ALA A 3697 12.40 50.04 -8.39
C ALA A 3697 12.15 49.42 -9.77
N VAL A 3698 11.82 48.13 -9.80
CA VAL A 3698 11.56 47.47 -11.07
C VAL A 3698 10.20 47.89 -11.60
N CYS A 3699 10.14 48.20 -12.90
CA CYS A 3699 8.90 48.60 -13.57
C CYS A 3699 8.28 49.82 -12.91
N ASN A 3700 9.13 50.75 -12.48
CA ASN A 3700 8.68 52.02 -11.95
C ASN A 3700 8.51 53.07 -13.03
N GLY A 3701 8.63 52.68 -14.30
CA GLY A 3701 8.57 53.63 -15.39
C GLY A 3701 9.82 54.46 -15.55
N VAL A 3702 10.88 54.15 -14.80
CA VAL A 3702 12.11 54.90 -14.83
C VAL A 3702 13.27 53.93 -15.02
N ASP A 3703 14.24 54.34 -15.84
CA ASP A 3703 15.44 53.55 -16.09
C ASP A 3703 16.33 53.60 -14.85
N ASP A 3704 15.89 52.87 -13.82
CA ASP A 3704 16.61 52.88 -12.55
C ASP A 3704 18.01 52.28 -12.70
N CYS A 3705 18.12 51.22 -13.49
CA CYS A 3705 19.42 50.69 -13.88
C CYS A 3705 19.57 50.84 -15.39
N ARG A 3706 20.82 51.02 -15.82
CA ARG A 3706 21.09 51.54 -17.15
C ARG A 3706 20.58 50.62 -18.26
N ASP A 3707 20.65 49.30 -18.04
CA ASP A 3707 20.27 48.38 -19.10
C ASP A 3707 18.76 48.36 -19.34
N ASN A 3708 17.98 49.04 -18.51
CA ASN A 3708 16.52 49.10 -18.61
C ASN A 3708 15.88 47.74 -18.39
N SER A 3709 16.62 46.80 -17.80
CA SER A 3709 16.06 45.49 -17.50
C SER A 3709 14.91 45.60 -16.51
N ASP A 3710 14.90 46.65 -15.70
CA ASP A 3710 13.79 46.88 -14.79
C ASP A 3710 12.49 47.10 -15.56
N GLU A 3711 12.55 47.83 -16.66
CA GLU A 3711 11.36 48.15 -17.44
C GLU A 3711 11.08 47.17 -18.58
N GLN A 3712 11.88 46.12 -18.71
CA GLN A 3712 11.71 45.21 -19.83
C GLN A 3712 10.47 44.32 -19.66
N GLY A 3713 10.28 43.77 -18.47
CA GLY A 3713 9.25 42.76 -18.29
C GLY A 3713 7.97 43.24 -17.65
N CYS A 3714 7.66 44.53 -17.80
CA CYS A 3714 6.47 45.08 -17.15
C CYS A 3714 5.20 44.51 -17.75
N GLU A 3715 5.23 44.14 -19.04
CA GLU A 3715 4.09 43.45 -19.63
C GLU A 3715 3.84 42.12 -18.93
N GLU A 3716 4.92 41.38 -18.64
CA GLU A 3716 4.76 40.13 -17.89
C GLU A 3716 4.55 40.40 -16.41
N ARG A 3717 5.05 41.53 -15.90
CA ARG A 3717 4.92 41.83 -14.48
C ARG A 3717 3.47 42.03 -14.09
N THR A 3718 3.11 41.53 -12.91
CA THR A 3718 1.75 41.62 -12.39
C THR A 3718 1.67 42.69 -11.30
N CYS A 3719 0.46 42.97 -10.86
CA CYS A 3719 0.20 43.95 -9.82
C CYS A 3719 -0.38 43.26 -8.58
N HIS A 3720 -0.37 43.98 -7.47
CA HIS A 3720 -0.98 43.46 -6.26
C HIS A 3720 -2.48 43.34 -6.45
N PRO A 3721 -3.09 42.25 -5.97
CA PRO A 3721 -4.54 42.08 -6.18
C PRO A 3721 -5.39 43.20 -5.57
N VAL A 3722 -4.99 43.71 -4.41
CA VAL A 3722 -5.76 44.75 -3.73
C VAL A 3722 -4.81 45.91 -3.43
N GLY A 3723 -5.38 47.10 -3.42
CA GLY A 3723 -4.58 48.29 -3.16
C GLY A 3723 -3.62 48.66 -4.26
N ASP A 3724 -3.85 48.17 -5.48
CA ASP A 3724 -2.99 48.46 -6.61
C ASP A 3724 -3.86 48.67 -7.83
N PHE A 3725 -3.51 49.68 -8.64
CA PHE A 3725 -4.20 49.98 -9.88
C PHE A 3725 -3.28 49.72 -11.05
N ARG A 3726 -3.77 48.99 -12.04
CA ARG A 3726 -2.99 48.71 -13.24
C ARG A 3726 -3.38 49.67 -14.35
N CYS A 3727 -2.37 50.27 -14.98
CA CYS A 3727 -2.56 51.22 -16.06
C CYS A 3727 -2.33 50.54 -17.40
N LYS A 3728 -2.68 51.26 -18.47
CA LYS A 3728 -2.52 50.70 -19.81
C LYS A 3728 -1.06 50.44 -20.14
N ASN A 3729 -0.14 51.12 -19.46
CA ASN A 3729 1.29 50.89 -19.65
C ASN A 3729 1.80 49.72 -18.83
N HIS A 3730 0.92 48.84 -18.37
CA HIS A 3730 1.28 47.73 -17.50
C HIS A 3730 1.92 48.23 -16.20
N HIS A 3731 1.59 49.46 -15.80
CA HIS A 3731 2.17 50.10 -14.64
C HIS A 3731 1.28 49.82 -13.43
N CYS A 3732 1.88 49.30 -12.37
CA CYS A 3732 1.18 49.08 -11.12
C CYS A 3732 1.41 50.28 -10.21
N ILE A 3733 0.32 50.91 -9.77
CA ILE A 3733 0.40 52.05 -8.86
C ILE A 3733 -0.54 51.79 -7.70
N PRO A 3734 -0.26 52.37 -6.53
CA PRO A 3734 -1.13 52.19 -5.38
C PRO A 3734 -2.54 52.69 -5.67
N LEU A 3735 -3.54 51.98 -5.14
CA LEU A 3735 -4.93 52.33 -5.39
C LEU A 3735 -5.24 53.73 -4.90
N ARG A 3736 -4.54 54.18 -3.86
CA ARG A 3736 -4.76 55.52 -3.35
C ARG A 3736 -4.37 56.58 -4.39
N TRP A 3737 -3.30 56.32 -5.14
CA TRP A 3737 -2.85 57.30 -6.13
C TRP A 3737 -3.82 57.39 -7.29
N GLN A 3738 -4.63 56.36 -7.52
CA GLN A 3738 -5.62 56.41 -8.58
C GLN A 3738 -6.61 57.54 -8.32
N CYS A 3739 -6.91 58.31 -9.36
CA CYS A 3739 -7.87 59.40 -9.29
C CYS A 3739 -7.48 60.44 -8.25
N ASP A 3740 -6.18 60.68 -8.11
CA ASP A 3740 -5.67 61.72 -7.22
C ASP A 3740 -5.50 63.05 -7.92
N GLY A 3741 -5.87 63.14 -9.19
CA GLY A 3741 -5.60 64.32 -9.98
C GLY A 3741 -4.20 64.39 -10.52
N GLN A 3742 -3.39 63.34 -10.37
CA GLN A 3742 -2.03 63.31 -10.87
C GLN A 3742 -1.84 62.07 -11.72
N ASN A 3743 -1.10 62.22 -12.82
CA ASN A 3743 -0.79 61.11 -13.71
C ASN A 3743 0.38 60.33 -13.11
N ASP A 3744 0.05 59.45 -12.16
CA ASP A 3744 1.04 58.57 -11.59
C ASP A 3744 1.66 57.69 -12.66
N CYS A 3745 0.85 57.22 -13.59
CA CYS A 3745 1.32 56.50 -14.77
C CYS A 3745 1.11 57.38 -16.00
N GLY A 3746 2.09 57.37 -16.89
CA GLY A 3746 2.10 58.36 -17.98
C GLY A 3746 0.91 58.26 -18.91
N ASP A 3747 0.27 57.09 -18.96
CA ASP A 3747 -0.84 56.90 -19.88
C ASP A 3747 -2.14 57.55 -19.41
N ASN A 3748 -2.15 58.15 -18.21
CA ASN A 3748 -3.33 58.79 -17.64
C ASN A 3748 -4.47 57.82 -17.40
N SER A 3749 -4.17 56.52 -17.38
CA SER A 3749 -5.18 55.53 -17.05
C SER A 3749 -5.69 55.72 -15.63
N ASP A 3750 -4.82 56.20 -14.73
CA ASP A 3750 -5.24 56.48 -13.37
C ASP A 3750 -6.31 57.57 -13.33
N GLU A 3751 -6.14 58.60 -14.15
CA GLU A 3751 -7.07 59.72 -14.20
C GLU A 3751 -8.01 59.66 -15.39
N GLU A 3752 -8.08 58.51 -16.09
CA GLU A 3752 -8.93 58.40 -17.27
C GLU A 3752 -10.40 58.52 -16.91
N ASN A 3753 -10.85 57.73 -15.94
CA ASN A 3753 -12.24 57.76 -15.48
C ASN A 3753 -12.22 57.95 -13.97
N CYS A 3754 -12.65 59.11 -13.50
CA CYS A 3754 -12.56 59.45 -12.08
C CYS A 3754 -13.78 60.27 -11.68
N ALA A 3755 -14.74 59.62 -11.05
CA ALA A 3755 -15.82 60.34 -10.40
C ALA A 3755 -15.25 61.15 -9.23
N PRO A 3756 -15.65 62.41 -9.08
CA PRO A 3756 -15.12 63.23 -7.99
C PRO A 3756 -15.40 62.61 -6.63
N ARG A 3757 -14.42 62.69 -5.75
CA ARG A 3757 -14.54 62.09 -4.42
C ARG A 3757 -15.35 63.00 -3.50
N GLU A 3758 -15.86 62.40 -2.43
CA GLU A 3758 -16.60 63.14 -1.43
C GLU A 3758 -15.65 63.94 -0.54
N CYS A 3759 -16.01 65.19 -0.30
CA CYS A 3759 -15.18 66.05 0.56
C CYS A 3759 -15.41 65.71 2.03
N THR A 3760 -14.35 65.85 2.83
CA THR A 3760 -14.43 65.52 4.24
C THR A 3760 -15.01 66.70 5.03
N GLU A 3761 -14.91 66.60 6.36
CA GLU A 3761 -15.56 67.58 7.22
C GLU A 3761 -14.99 68.97 7.03
N SER A 3762 -13.66 69.07 6.95
CA SER A 3762 -13.00 70.37 6.81
C SER A 3762 -12.57 70.64 5.36
N GLU A 3763 -13.35 70.17 4.40
CA GLU A 3763 -13.06 70.40 2.98
C GLU A 3763 -14.26 71.05 2.33
N PHE A 3764 -14.03 72.16 1.64
CA PHE A 3764 -15.08 72.83 0.88
C PHE A 3764 -15.16 72.24 -0.52
N ARG A 3765 -16.38 72.04 -0.99
CA ARG A 3765 -16.61 71.48 -2.32
C ARG A 3765 -16.84 72.60 -3.32
N CYS A 3766 -15.97 72.72 -4.30
CA CYS A 3766 -16.14 73.70 -5.35
C CYS A 3766 -17.23 73.27 -6.32
N VAL A 3767 -17.70 74.22 -7.14
CA VAL A 3767 -18.66 73.88 -8.18
C VAL A 3767 -18.03 72.95 -9.21
N ASN A 3768 -16.70 72.92 -9.28
CA ASN A 3768 -15.98 71.97 -10.11
C ASN A 3768 -15.99 70.56 -9.53
N GLN A 3769 -16.73 70.35 -8.44
CA GLN A 3769 -16.77 69.07 -7.73
C GLN A 3769 -15.38 68.66 -7.24
N GLN A 3770 -14.53 69.63 -6.95
CA GLN A 3770 -13.21 69.39 -6.41
C GLN A 3770 -13.16 69.85 -4.96
N CYS A 3771 -12.54 69.03 -4.11
CA CYS A 3771 -12.47 69.32 -2.68
C CYS A 3771 -11.19 70.09 -2.37
N ILE A 3772 -11.34 71.18 -1.63
CA ILE A 3772 -10.19 71.98 -1.18
C ILE A 3772 -10.32 72.19 0.32
N PRO A 3773 -9.21 72.48 1.00
CA PRO A 3773 -9.27 72.73 2.43
C PRO A 3773 -10.23 73.87 2.76
N SER A 3774 -10.98 73.68 3.85
CA SER A 3774 -11.97 74.68 4.24
C SER A 3774 -11.32 76.02 4.55
N ARG A 3775 -10.04 76.01 4.91
CA ARG A 3775 -9.34 77.26 5.15
C ARG A 3775 -9.17 78.07 3.88
N TRP A 3776 -9.34 77.44 2.71
CA TRP A 3776 -9.07 78.12 1.45
C TRP A 3776 -10.27 78.85 0.89
N ILE A 3777 -11.42 78.82 1.56
CA ILE A 3777 -12.55 79.60 1.06
C ILE A 3777 -12.25 81.07 1.26
N CYS A 3778 -12.42 81.86 0.20
CA CYS A 3778 -12.00 83.26 0.18
C CYS A 3778 -10.52 83.39 0.56
N ASP A 3779 -9.71 82.49 0.01
CA ASP A 3779 -8.28 82.47 0.28
C ASP A 3779 -7.55 83.67 -0.29
N HIS A 3780 -8.20 84.46 -1.14
CA HIS A 3780 -7.61 85.57 -1.86
C HIS A 3780 -6.56 85.10 -2.86
N TYR A 3781 -6.60 83.83 -3.26
CA TYR A 3781 -5.72 83.31 -4.28
C TYR A 3781 -6.44 82.38 -5.27
N ASN A 3782 -7.77 82.28 -5.17
CA ASN A 3782 -8.60 81.43 -6.03
C ASN A 3782 -7.96 80.07 -6.28
N ASP A 3783 -7.78 79.32 -5.19
CA ASP A 3783 -7.10 78.04 -5.28
C ASP A 3783 -7.84 77.07 -6.18
N CYS A 3784 -9.17 77.03 -6.08
CA CYS A 3784 -9.95 76.21 -6.98
C CYS A 3784 -10.00 76.85 -8.36
N GLY A 3785 -10.00 76.01 -9.39
CA GLY A 3785 -9.95 76.51 -10.76
C GLY A 3785 -11.17 77.35 -11.12
N ASP A 3786 -12.35 76.90 -10.71
CA ASP A 3786 -13.58 77.60 -11.07
C ASP A 3786 -13.77 78.91 -10.30
N ASN A 3787 -12.89 79.21 -9.35
CA ASN A 3787 -12.95 80.42 -8.54
C ASN A 3787 -14.21 80.47 -7.69
N SER A 3788 -14.86 79.33 -7.47
CA SER A 3788 -16.06 79.31 -6.63
C SER A 3788 -15.71 79.47 -5.15
N ASP A 3789 -14.45 79.23 -4.79
CA ASP A 3789 -14.05 79.41 -3.39
C ASP A 3789 -14.14 80.87 -2.98
N GLU A 3790 -13.77 81.78 -3.86
CA GLU A 3790 -13.72 83.22 -3.55
C GLU A 3790 -15.07 83.86 -3.88
N ARG A 3791 -16.06 83.57 -3.05
CA ARG A 3791 -17.37 84.17 -3.21
C ARG A 3791 -18.01 84.38 -1.85
N ASP A 3792 -18.90 85.37 -1.78
CA ASP A 3792 -19.66 85.66 -0.57
C ASP A 3792 -18.76 85.88 0.64
N CYS A 3793 -17.62 86.53 0.40
CA CYS A 3793 -16.63 86.68 1.46
C CYS A 3793 -17.11 87.64 2.54
N GLU A 3794 -18.00 88.57 2.18
CA GLU A 3794 -18.56 89.47 3.19
C GLU A 3794 -19.54 88.75 4.10
N MET A 3795 -20.18 87.68 3.61
CA MET A 3795 -21.15 86.93 4.38
C MET A 3795 -20.58 85.67 4.98
N ARG A 3796 -19.28 85.44 4.84
CA ARG A 3796 -18.65 84.19 5.25
C ARG A 3796 -18.07 84.25 6.66
N THR A 3797 -18.07 85.42 7.30
CA THR A 3797 -17.31 85.66 8.54
C THR A 3797 -15.88 85.18 8.26
N CYS A 3798 -15.26 84.41 9.15
CA CYS A 3798 -14.00 83.74 8.85
C CYS A 3798 -13.73 82.71 9.93
N HIS A 3799 -12.64 81.98 9.76
CA HIS A 3799 -12.21 81.00 10.74
C HIS A 3799 -11.66 81.71 11.98
N PRO A 3800 -11.70 81.05 13.13
CA PRO A 3800 -11.25 81.71 14.37
C PRO A 3800 -9.79 82.13 14.35
N GLU A 3801 -8.94 81.46 13.60
CA GLU A 3801 -7.51 81.73 13.62
C GLU A 3801 -7.06 82.63 12.47
N TYR A 3802 -7.99 83.24 11.76
CA TYR A 3802 -7.67 84.13 10.65
C TYR A 3802 -8.33 85.49 10.86
N PHE A 3803 -7.69 86.53 10.34
CA PHE A 3803 -8.26 87.86 10.34
C PHE A 3803 -8.91 88.15 9.01
N GLN A 3804 -10.08 88.77 9.04
CA GLN A 3804 -10.87 89.02 7.84
C GLN A 3804 -10.59 90.44 7.34
N CYS A 3805 -10.18 90.56 6.09
CA CYS A 3805 -9.99 91.87 5.50
C CYS A 3805 -11.32 92.59 5.35
N THR A 3806 -11.25 93.91 5.18
CA THR A 3806 -12.47 94.68 4.94
C THR A 3806 -13.15 94.24 3.65
N SER A 3807 -12.38 93.75 2.68
CA SER A 3807 -12.98 93.23 1.46
C SER A 3807 -13.76 91.95 1.72
N GLY A 3808 -13.54 91.32 2.88
CA GLY A 3808 -14.23 90.11 3.26
C GLY A 3808 -13.38 88.87 3.21
N HIS A 3809 -12.18 88.95 2.63
CA HIS A 3809 -11.33 87.79 2.53
C HIS A 3809 -10.60 87.53 3.85
N CYS A 3810 -10.20 86.27 4.03
CA CYS A 3810 -9.50 85.82 5.22
C CYS A 3810 -8.00 85.96 5.02
N VAL A 3811 -7.28 86.20 6.12
CA VAL A 3811 -5.82 86.22 6.12
C VAL A 3811 -5.35 85.75 7.49
N HIS A 3812 -4.17 85.17 7.53
CA HIS A 3812 -3.59 84.69 8.79
C HIS A 3812 -3.48 85.84 9.78
N SER A 3813 -3.95 85.59 11.01
CA SER A 3813 -3.83 86.59 12.06
C SER A 3813 -2.37 86.92 12.34
N GLU A 3814 -1.47 85.97 12.09
CA GLU A 3814 -0.05 86.25 12.25
C GLU A 3814 0.41 87.32 11.28
N LEU A 3815 -0.08 87.29 10.05
CA LEU A 3815 0.32 88.27 9.05
C LEU A 3815 -0.36 89.63 9.23
N LYS A 3816 -1.04 89.84 10.35
CA LYS A 3816 -1.65 91.13 10.62
C LYS A 3816 -0.61 92.06 11.25
N CYS A 3817 -0.56 93.29 10.75
CA CYS A 3817 0.33 94.33 11.27
C CYS A 3817 1.80 93.89 11.17
N ASP A 3818 2.12 93.07 10.18
CA ASP A 3818 3.46 92.57 9.99
C ASP A 3818 4.27 93.42 9.01
N GLY A 3819 3.70 94.50 8.51
CA GLY A 3819 4.33 95.28 7.47
C GLY A 3819 4.11 94.75 6.07
N SER A 3820 3.37 93.64 5.93
CA SER A 3820 3.09 93.04 4.64
C SER A 3820 1.58 93.06 4.43
N ALA A 3821 1.13 93.80 3.42
CA ALA A 3821 -0.29 93.95 3.13
C ALA A 3821 -0.77 92.75 2.32
N ASP A 3822 -0.96 91.63 3.02
CA ASP A 3822 -1.47 90.44 2.36
C ASP A 3822 -2.88 90.67 1.84
N CYS A 3823 -3.71 91.36 2.63
CA CYS A 3823 -5.01 91.79 2.12
C CYS A 3823 -4.81 92.77 0.97
N LEU A 3824 -5.63 92.63 -0.07
CA LEU A 3824 -5.54 93.55 -1.19
C LEU A 3824 -5.84 94.98 -0.76
N ASP A 3825 -6.86 95.16 0.09
CA ASP A 3825 -7.20 96.48 0.60
C ASP A 3825 -6.22 96.96 1.67
N ALA A 3826 -5.23 96.16 2.03
CA ALA A 3826 -4.21 96.49 3.02
C ALA A 3826 -4.78 96.74 4.40
N SER A 3827 -6.01 96.29 4.65
CA SER A 3827 -6.60 96.46 5.98
C SER A 3827 -5.85 95.68 7.04
N ASP A 3828 -5.12 94.63 6.64
CA ASP A 3828 -4.37 93.82 7.59
C ASP A 3828 -3.26 94.62 8.27
N GLU A 3829 -2.85 95.74 7.69
CA GLU A 3829 -1.76 96.54 8.23
C GLU A 3829 -2.18 97.92 8.70
N ALA A 3830 -3.25 98.48 8.13
CA ALA A 3830 -3.65 99.85 8.43
C ALA A 3830 -4.51 99.95 9.69
N ASP A 3831 -4.93 98.84 10.27
CA ASP A 3831 -5.81 98.87 11.43
C ASP A 3831 -5.06 98.87 12.76
N CYS A 3832 -3.74 98.92 12.74
CA CYS A 3832 -2.93 98.86 13.95
C CYS A 3832 -2.08 100.13 14.08
N PRO A 3833 -1.70 100.51 15.29
CA PRO A 3833 -0.89 101.70 15.49
C PRO A 3833 0.53 101.49 14.98
N THR A 3834 1.38 102.49 15.22
CA THR A 3834 2.77 102.42 14.79
C THR A 3834 3.46 101.22 15.44
N ARG A 3835 4.37 100.61 14.69
CA ARG A 3835 5.09 99.44 15.20
C ARG A 3835 5.88 99.77 16.45
N PHE A 3836 6.19 101.04 16.67
CA PHE A 3836 6.84 101.50 17.89
C PHE A 3836 6.24 102.83 18.32
N PRO A 3837 6.19 103.10 19.63
CA PRO A 3837 5.60 104.37 20.09
C PRO A 3837 6.40 105.59 19.70
N ASP A 3838 7.57 105.42 19.08
CA ASP A 3838 8.38 106.57 18.70
C ASP A 3838 7.66 107.48 17.71
N GLY A 3839 6.78 106.92 16.89
CA GLY A 3839 6.01 107.69 15.94
C GLY A 3839 6.18 107.31 14.49
N ALA A 3840 6.53 106.07 14.18
CA ALA A 3840 6.67 105.63 12.80
C ALA A 3840 6.34 104.15 12.71
N TYR A 3841 6.01 103.71 11.50
CA TYR A 3841 5.65 102.32 11.27
C TYR A 3841 6.83 101.49 10.76
N CYS A 3842 7.81 102.12 10.13
CA CYS A 3842 8.93 101.41 9.53
C CYS A 3842 10.10 101.39 10.51
N GLN A 3843 10.46 100.19 10.99
CA GLN A 3843 11.55 100.07 11.94
C GLN A 3843 12.90 100.23 11.26
N ALA A 3844 13.12 99.54 10.15
CA ALA A 3844 14.42 99.53 9.49
C ALA A 3844 14.53 100.62 8.44
N THR A 3845 14.20 101.86 8.83
CA THR A 3845 14.31 103.03 7.96
C THR A 3845 13.58 102.81 6.64
N MET A 3846 12.53 101.98 6.68
CA MET A 3846 11.80 101.62 5.48
C MET A 3846 10.86 102.76 5.07
N PHE A 3847 10.17 102.55 3.95
CA PHE A 3847 9.20 103.53 3.45
C PHE A 3847 7.80 103.10 3.81
N GLU A 3848 7.05 103.99 4.47
CA GLU A 3848 5.66 103.74 4.83
C GLU A 3848 4.76 104.60 3.96
N CYS A 3849 4.00 103.95 3.07
CA CYS A 3849 3.04 104.67 2.25
C CYS A 3849 1.78 104.99 3.05
N LYS A 3850 0.79 105.54 2.36
CA LYS A 3850 -0.48 105.85 3.00
C LYS A 3850 -1.13 104.61 3.59
N ASN A 3851 -0.90 103.45 2.98
CA ASN A 3851 -1.45 102.20 3.49
C ASN A 3851 -0.65 101.63 4.65
N HIS A 3852 0.31 102.38 5.19
CA HIS A 3852 1.17 101.98 6.29
C HIS A 3852 2.00 100.75 5.97
N VAL A 3853 2.14 100.40 4.69
CA VAL A 3853 2.95 99.25 4.31
C VAL A 3853 4.43 99.62 4.46
N CYS A 3854 5.19 98.75 5.11
CA CYS A 3854 6.61 98.99 5.34
C CYS A 3854 7.44 98.51 4.14
N ILE A 3855 7.33 99.25 3.05
CA ILE A 3855 8.10 99.00 1.84
C ILE A 3855 9.57 99.20 2.18
N PRO A 3856 10.45 98.27 1.81
CA PRO A 3856 11.86 98.36 2.22
C PRO A 3856 12.50 99.64 1.74
N PRO A 3857 13.49 100.17 2.48
CA PRO A 3857 14.10 101.45 2.08
C PRO A 3857 14.70 101.42 0.68
N TYR A 3858 15.32 100.30 0.30
CA TYR A 3858 15.75 100.13 -1.09
C TYR A 3858 14.55 100.09 -2.03
N TRP A 3859 13.48 99.42 -1.61
CA TRP A 3859 12.28 99.30 -2.43
C TRP A 3859 11.47 100.60 -2.48
N LYS A 3860 11.87 101.62 -1.73
CA LYS A 3860 11.17 102.90 -1.77
C LYS A 3860 11.27 103.53 -3.15
N CYS A 3861 10.12 103.80 -3.76
CA CYS A 3861 10.04 104.37 -5.10
C CYS A 3861 10.84 103.53 -6.10
N ASP A 3862 10.72 102.21 -5.98
CA ASP A 3862 11.49 101.27 -6.78
C ASP A 3862 10.61 100.73 -7.90
N GLY A 3863 10.66 101.37 -9.07
CA GLY A 3863 9.95 100.85 -10.22
C GLY A 3863 8.45 100.88 -10.04
N ASP A 3864 7.84 99.69 -10.05
CA ASP A 3864 6.39 99.60 -9.95
C ASP A 3864 5.92 99.95 -8.55
N ASP A 3865 4.70 100.48 -8.47
CA ASP A 3865 4.10 100.91 -7.21
C ASP A 3865 3.57 99.68 -6.48
N ASP A 3866 4.42 99.08 -5.64
CA ASP A 3866 4.02 97.90 -4.89
C ASP A 3866 2.89 98.22 -3.92
N CYS A 3867 3.00 99.35 -3.21
CA CYS A 3867 1.95 99.75 -2.29
C CYS A 3867 0.71 100.20 -3.03
N GLY A 3868 -0.45 100.01 -2.40
CA GLY A 3868 -1.69 100.43 -3.01
C GLY A 3868 -1.79 101.92 -3.21
N ASP A 3869 -1.31 102.68 -2.24
CA ASP A 3869 -1.29 104.13 -2.37
C ASP A 3869 0.14 104.59 -2.17
N GLY A 3870 1.09 103.74 -2.53
CA GLY A 3870 2.49 104.09 -2.36
C GLY A 3870 3.06 104.75 -3.59
N SER A 3871 2.19 105.21 -4.47
CA SER A 3871 2.67 105.92 -5.65
C SER A 3871 3.56 107.05 -5.18
N ASP A 3872 4.75 107.16 -5.75
CA ASP A 3872 5.68 108.17 -5.30
C ASP A 3872 5.92 109.27 -6.33
N GLU A 3873 6.06 110.51 -5.86
CA GLU A 3873 6.34 111.61 -6.76
C GLU A 3873 7.84 111.81 -6.81
N GLU A 3874 8.59 110.79 -6.38
CA GLU A 3874 10.03 110.90 -6.35
C GLU A 3874 10.62 110.66 -7.72
N LEU A 3875 10.01 111.26 -8.74
CA LEU A 3875 10.53 111.12 -10.09
C LEU A 3875 11.90 111.75 -10.16
N HIS A 3876 12.15 112.73 -9.29
CA HIS A 3876 13.46 113.35 -9.24
C HIS A 3876 14.50 112.27 -8.98
N LEU A 3877 14.25 111.43 -7.99
CA LEU A 3877 15.17 110.33 -7.73
C LEU A 3877 15.13 109.37 -8.91
N CYS A 3878 13.93 109.09 -9.39
CA CYS A 3878 13.79 108.19 -10.53
C CYS A 3878 12.44 108.32 -11.21
N LEU A 3879 12.42 108.92 -12.41
CA LEU A 3879 11.19 109.03 -13.15
C LEU A 3879 10.73 107.65 -13.59
N ASP A 3880 9.44 107.40 -13.57
CA ASP A 3880 8.93 106.08 -13.94
C ASP A 3880 9.33 105.70 -15.35
N VAL A 3881 9.17 106.62 -16.29
CA VAL A 3881 9.52 106.33 -17.68
C VAL A 3881 11.01 106.02 -17.82
N PRO A 3882 11.86 106.83 -17.17
CA PRO A 3882 13.30 106.60 -17.24
C PRO A 3882 13.75 105.56 -16.23
N CYS A 3883 13.31 104.31 -16.41
CA CYS A 3883 13.68 103.26 -15.47
C CYS A 3883 14.16 102.01 -16.21
N ASN A 3884 15.26 101.43 -15.74
CA ASN A 3884 15.75 100.20 -16.35
C ASN A 3884 14.72 99.11 -16.20
N SER A 3885 14.10 99.05 -15.03
CA SER A 3885 13.07 98.04 -14.78
C SER A 3885 12.03 98.06 -15.89
N PRO A 3886 11.79 99.23 -16.49
CA PRO A 3886 10.77 99.34 -17.54
C PRO A 3886 11.25 98.75 -18.86
N ASN A 3887 11.44 97.44 -18.90
CA ASN A 3887 11.90 96.79 -20.13
C ASN A 3887 10.90 97.04 -21.24
N ARG A 3888 9.62 96.92 -20.94
CA ARG A 3888 8.59 97.18 -21.95
C ARG A 3888 7.93 98.52 -21.68
N PHE A 3889 7.92 99.40 -22.68
CA PHE A 3889 7.32 100.71 -22.51
C PHE A 3889 5.98 100.63 -21.79
N THR A 3992 31.92 93.93 -38.13
CA THR A 3992 32.53 94.67 -37.03
C THR A 3992 33.88 94.07 -36.66
N ALA A 3993 33.89 92.78 -36.35
CA ALA A 3993 35.13 92.12 -35.98
C ALA A 3993 35.43 90.98 -36.95
N GLY A 3994 36.63 91.00 -37.53
CA GLY A 3994 37.00 89.97 -38.49
C GLY A 3994 38.19 89.15 -38.05
N PHE A 3995 38.11 87.83 -38.21
CA PHE A 3995 39.21 86.97 -37.83
C PHE A 3995 40.45 87.32 -38.63
N GLU A 3996 40.28 87.58 -39.92
CA GLU A 3996 41.43 87.96 -40.76
C GLU A 3996 41.33 89.41 -41.20
N THR A 3997 42.45 90.12 -41.16
CA THR A 3997 42.46 91.53 -41.56
C THR A 3997 42.07 91.68 -43.02
N ASN A 3998 42.64 90.86 -43.88
CA ASN A 3998 42.30 90.93 -45.29
C ASN A 3998 40.81 90.70 -45.47
N VAL A 3999 40.13 91.63 -46.13
CA VAL A 3999 38.71 91.48 -46.37
C VAL A 3999 38.49 90.87 -47.75
N PHE A 4000 39.57 90.74 -48.51
CA PHE A 4000 39.45 90.22 -49.87
C PHE A 4000 39.79 88.74 -49.94
N ASP A 4001 39.66 88.03 -48.82
CA ASP A 4001 39.92 86.61 -48.81
C ASP A 4001 39.04 85.97 -49.86
N ARG A 4002 37.77 86.32 -49.86
CA ARG A 4002 36.83 85.78 -50.84
C ARG A 4002 35.57 86.62 -50.82
N THR A 4003 35.17 87.13 -51.99
CA THR A 4003 33.97 87.94 -52.08
C THR A 4003 33.92 89.02 -51.00
N SER A 4004 34.85 89.97 -51.07
CA SER A 4004 34.86 91.06 -50.11
C SER A 4004 33.59 91.88 -50.26
N CYS A 4005 33.34 92.79 -49.34
CA CYS A 4005 32.15 93.62 -49.41
C CYS A 4005 31.98 94.16 -50.82
N LEU A 4006 30.82 93.93 -51.41
CA LEU A 4006 30.57 94.38 -52.77
C LEU A 4006 29.09 94.39 -53.09
N ASP A 4007 28.74 94.48 -54.38
CA ASP A 4007 27.34 94.47 -54.77
C ASP A 4007 26.58 93.45 -53.96
N ILE A 4008 25.62 93.91 -53.17
CA ILE A 4008 24.87 93.01 -52.31
C ILE A 4008 23.42 92.92 -52.74
N ASN A 4009 22.99 91.73 -53.13
CA ASN A 4009 21.61 91.54 -53.53
C ASN A 4009 20.73 91.44 -52.30
N GLU A 4010 20.73 92.48 -51.46
CA GLU A 4010 19.94 92.44 -50.24
C GLU A 4010 18.55 91.91 -50.51
N CYS A 4011 18.08 92.04 -51.75
CA CYS A 4011 16.77 91.55 -52.10
C CYS A 4011 16.63 90.11 -51.69
N GLU A 4012 17.72 89.36 -51.77
CA GLU A 4012 17.69 87.95 -51.39
C GLU A 4012 17.23 87.80 -49.95
N GLN A 4013 17.77 88.62 -49.06
CA GLN A 4013 17.38 88.55 -47.65
C GLN A 4013 15.87 88.61 -47.52
N PHE A 4014 15.30 87.80 -46.63
CA PHE A 4014 13.85 87.76 -46.52
C PHE A 4014 13.32 89.09 -45.97
N GLY A 4015 12.25 89.58 -46.59
CA GLY A 4015 11.59 90.78 -46.11
C GLY A 4015 12.43 92.05 -46.21
N THR A 4016 13.39 92.08 -47.13
CA THR A 4016 14.18 93.30 -47.32
C THR A 4016 13.31 94.45 -47.80
N CYS A 4017 12.42 94.17 -48.74
CA CYS A 4017 11.50 95.17 -49.27
C CYS A 4017 10.10 94.57 -49.35
N PRO A 4018 9.07 95.35 -49.07
CA PRO A 4018 7.70 94.81 -49.10
C PRO A 4018 7.30 94.22 -50.46
N GLN A 4019 7.55 94.93 -51.55
CA GLN A 4019 7.09 94.49 -52.86
C GLN A 4019 8.22 94.17 -53.82
N HIS A 4020 9.06 95.16 -54.12
CA HIS A 4020 10.14 94.96 -55.09
C HIS A 4020 11.48 95.50 -54.63
N CYS A 4021 12.46 94.62 -54.51
CA CYS A 4021 13.79 95.01 -54.10
C CYS A 4021 14.75 94.82 -55.27
N ARG A 4022 15.60 95.81 -55.50
CA ARG A 4022 16.57 95.78 -56.59
C ARG A 4022 17.97 95.73 -56.02
N ASN A 4023 18.79 94.82 -56.54
CA ASN A 4023 20.14 94.65 -56.04
C ASN A 4023 20.96 95.91 -56.22
N THR A 4024 21.70 96.28 -55.17
CA THR A 4024 22.57 97.44 -55.25
C THR A 4024 23.90 97.07 -54.63
N LYS A 4025 24.99 97.58 -55.20
CA LYS A 4025 26.31 97.24 -54.68
C LYS A 4025 26.35 97.49 -53.20
N GLY A 4026 26.58 96.44 -52.42
CA GLY A 4026 26.62 96.57 -50.98
C GLY A 4026 25.39 97.30 -50.48
N SER A 4027 24.27 97.15 -51.18
CA SER A 4027 23.06 97.87 -50.81
C SER A 4027 21.82 97.26 -51.44
N TYR A 4028 20.76 98.05 -51.53
CA TYR A 4028 19.53 97.58 -52.14
C TYR A 4028 18.67 98.77 -52.54
N GLU A 4029 17.71 98.50 -53.43
CA GLU A 4029 16.77 99.53 -53.92
C GLU A 4029 15.35 99.02 -53.72
N CYS A 4030 14.73 99.44 -52.62
CA CYS A 4030 13.37 99.04 -52.32
C CYS A 4030 12.37 99.94 -53.05
N VAL A 4031 11.43 99.33 -53.77
CA VAL A 4031 10.47 100.07 -54.57
C VAL A 4031 9.15 99.32 -54.58
N CYS A 4032 8.05 100.07 -54.61
CA CYS A 4032 6.71 99.49 -54.70
C CYS A 4032 6.41 99.16 -56.17
N ALA A 4033 5.15 98.82 -56.43
CA ALA A 4033 4.75 98.49 -57.80
C ALA A 4033 3.63 99.39 -58.26
N ASP A 4034 3.03 99.05 -59.39
CA ASP A 4034 1.96 99.86 -59.95
C ASP A 4034 0.77 99.89 -59.00
N GLY A 4035 0.18 101.07 -58.86
CA GLY A 4035 -0.93 101.23 -57.94
C GLY A 4035 -0.54 101.26 -56.48
N PHE A 4036 0.75 101.31 -56.17
CA PHE A 4036 1.24 101.34 -54.80
C PHE A 4036 2.18 102.53 -54.63
N THR A 4037 1.92 103.34 -53.61
CA THR A 4037 2.72 104.52 -53.32
C THR A 4037 3.45 104.32 -52.00
N SER A 4038 4.55 105.05 -51.83
CA SER A 4038 5.37 104.91 -50.63
C SER A 4038 4.80 105.74 -49.50
N MET A 4039 4.56 105.10 -48.35
CA MET A 4039 4.19 105.86 -47.15
C MET A 4039 5.41 106.50 -46.50
N SER A 4040 6.60 105.93 -46.76
CA SER A 4040 7.80 106.36 -46.06
C SER A 4040 9.00 106.44 -47.01
N ASP A 4041 10.20 106.55 -46.43
CA ASP A 4041 11.42 106.68 -47.23
C ASP A 4041 11.61 105.46 -48.12
N ARG A 4042 12.43 105.65 -49.16
CA ARG A 4042 12.66 104.60 -50.13
C ARG A 4042 13.12 103.28 -49.53
N PRO A 4043 14.08 103.22 -48.60
CA PRO A 4043 14.45 101.92 -48.02
C PRO A 4043 13.31 101.35 -47.17
N GLY A 4044 12.87 100.15 -47.51
CA GLY A 4044 11.76 99.53 -46.80
C GLY A 4044 10.48 100.32 -46.91
N LYS A 4045 10.20 100.87 -48.09
CA LYS A 4045 9.03 101.73 -48.25
C LYS A 4045 7.75 100.91 -48.19
N ARG A 4046 6.86 101.28 -47.27
CA ARG A 4046 5.54 100.69 -47.23
C ARG A 4046 4.75 101.10 -48.46
N CYS A 4047 3.89 100.20 -48.93
CA CYS A 4047 3.13 100.41 -50.15
C CYS A 4047 1.64 100.43 -49.83
N ALA A 4048 0.94 101.43 -50.34
CA ALA A 4048 -0.49 101.59 -50.13
C ALA A 4048 -1.22 101.47 -51.46
N ALA A 4049 -2.32 100.72 -51.47
CA ALA A 4049 -3.10 100.54 -52.69
C ALA A 4049 -3.70 101.86 -53.13
N GLU A 4050 -3.42 102.25 -54.37
CA GLU A 4050 -3.94 103.49 -54.94
C GLU A 4050 -5.34 103.23 -55.52
N GLY A 4051 -6.28 102.96 -54.61
CA GLY A 4051 -7.66 102.65 -55.06
C GLY A 4051 -8.65 102.61 -53.91
N SER A 4052 -9.79 101.95 -54.11
CA SER A 4052 -10.85 101.89 -53.07
C SER A 4052 -10.37 101.05 -51.88
N SER A 4053 -10.98 101.26 -50.70
CA SER A 4053 -10.61 100.49 -49.49
C SER A 4053 -10.79 98.99 -49.74
N PRO A 4054 -9.83 98.13 -49.36
CA PRO A 4054 -9.99 96.68 -49.51
C PRO A 4054 -11.06 96.12 -48.56
N LEU A 4055 -11.78 95.08 -49.00
CA LEU A 4055 -12.81 94.44 -48.13
C LEU A 4055 -12.37 93.00 -47.84
N LEU A 4056 -12.89 92.42 -46.75
CA LEU A 4056 -12.56 91.01 -46.43
C LEU A 4056 -13.82 90.16 -46.58
N LEU A 4057 -13.99 89.47 -47.71
CA LEU A 4057 -15.14 88.59 -47.84
C LEU A 4057 -15.09 87.53 -46.74
N LEU A 4058 -16.15 87.44 -45.95
CA LEU A 4058 -16.20 86.49 -44.85
C LEU A 4058 -17.32 85.49 -45.08
N PRO A 4059 -17.03 84.32 -45.63
CA PRO A 4059 -18.09 83.35 -45.92
C PRO A 4059 -18.55 82.60 -44.68
N ASP A 4060 -19.49 83.18 -43.94
CA ASP A 4060 -20.12 82.46 -42.84
C ASP A 4060 -20.91 81.28 -43.39
N ASN A 4061 -21.49 80.48 -42.50
CA ASN A 4061 -22.17 79.26 -42.92
C ASN A 4061 -23.36 79.57 -43.82
N VAL A 4062 -24.11 80.62 -43.49
CA VAL A 4062 -25.35 80.93 -44.21
C VAL A 4062 -25.28 82.29 -44.91
N ARG A 4063 -24.20 83.05 -44.73
CA ARG A 4063 -24.10 84.37 -45.33
C ARG A 4063 -22.69 84.57 -45.85
N ILE A 4064 -22.56 85.46 -46.83
CA ILE A 4064 -21.26 85.90 -47.31
C ILE A 4064 -21.22 87.42 -47.18
N ARG A 4065 -20.73 87.91 -46.06
CA ARG A 4065 -20.71 89.35 -45.83
C ARG A 4065 -19.33 89.92 -46.10
N LYS A 4066 -19.31 91.15 -46.62
CA LYS A 4066 -18.03 91.82 -46.93
C LYS A 4066 -17.77 92.90 -45.87
N TYR A 4067 -16.52 93.01 -45.41
CA TYR A 4067 -16.17 94.01 -44.37
C TYR A 4067 -15.19 95.03 -44.94
N ASN A 4068 -15.65 96.27 -45.07
CA ASN A 4068 -14.78 97.36 -45.55
C ASN A 4068 -13.70 97.63 -44.50
N LEU A 4069 -12.43 97.28 -44.76
CA LEU A 4069 -11.41 97.42 -43.70
C LEU A 4069 -11.34 98.87 -43.24
N SER A 4070 -11.28 99.82 -44.18
CA SER A 4070 -11.12 101.25 -43.81
C SER A 4070 -12.37 101.75 -43.08
N SER A 4071 -13.55 101.46 -43.63
CA SER A 4071 -14.82 101.97 -43.02
C SER A 4071 -15.11 101.20 -41.73
N GLU A 4072 -14.44 100.06 -41.53
CA GLU A 4072 -14.64 99.25 -40.31
C GLU A 4072 -16.13 98.98 -40.12
N ARG A 4073 -16.80 98.46 -41.15
CA ARG A 4073 -18.26 98.21 -41.07
C ARG A 4073 -18.64 96.99 -41.90
N PHE A 4074 -19.63 96.22 -41.45
CA PHE A 4074 -20.09 95.05 -42.19
C PHE A 4074 -21.23 95.44 -43.11
N SER A 4075 -21.11 95.09 -44.39
CA SER A 4075 -22.17 95.26 -45.37
C SER A 4075 -22.59 93.90 -45.87
N GLU A 4076 -23.88 93.58 -45.72
CA GLU A 4076 -24.38 92.27 -46.09
C GLU A 4076 -24.48 92.14 -47.59
N TYR A 4077 -23.98 91.02 -48.12
CA TYR A 4077 -24.07 90.77 -49.56
C TYR A 4077 -25.00 89.60 -49.86
N LEU A 4078 -24.80 88.44 -49.24
CA LEU A 4078 -25.56 87.24 -49.54
C LEU A 4078 -26.17 86.68 -48.27
N GLN A 4079 -27.35 86.08 -48.40
CA GLN A 4079 -28.03 85.46 -47.28
C GLN A 4079 -28.97 84.39 -47.81
N ASP A 4080 -29.61 83.69 -46.87
CA ASP A 4080 -30.62 82.66 -47.10
C ASP A 4080 -30.04 81.39 -47.69
N GLU A 4081 -28.73 81.30 -47.91
CA GLU A 4081 -28.11 80.06 -48.36
C GLU A 4081 -27.59 79.29 -47.16
N GLU A 4082 -27.02 78.11 -47.41
CA GLU A 4082 -26.50 77.27 -46.35
C GLU A 4082 -25.27 76.52 -46.83
N TYR A 4083 -24.42 76.16 -45.88
CA TYR A 4083 -23.26 75.30 -46.10
C TYR A 4083 -22.27 75.91 -47.09
N ILE A 4084 -21.94 77.19 -46.91
CA ILE A 4084 -20.97 77.86 -47.76
C ILE A 4084 -19.57 77.62 -47.16
N GLN A 4085 -18.67 77.07 -47.97
CA GLN A 4085 -17.37 76.64 -47.47
C GLN A 4085 -16.22 77.55 -47.89
N ALA A 4086 -16.03 77.77 -49.19
CA ALA A 4086 -14.92 78.55 -49.69
C ALA A 4086 -15.38 79.56 -50.72
N VAL A 4087 -14.64 80.66 -50.86
CA VAL A 4087 -14.99 81.74 -51.76
C VAL A 4087 -13.75 82.19 -52.52
N ASP A 4088 -13.98 82.75 -53.71
CA ASP A 4088 -12.95 83.43 -54.48
C ASP A 4088 -13.63 84.24 -55.58
N TYR A 4089 -12.95 85.29 -56.05
CA TYR A 4089 -13.53 86.23 -56.98
C TYR A 4089 -12.63 86.43 -58.19
N ASP A 4090 -13.17 87.11 -59.19
CA ASP A 4090 -12.49 87.33 -60.47
C ASP A 4090 -12.31 88.81 -60.78
N TRP A 4091 -12.59 89.67 -59.79
CA TRP A 4091 -12.63 91.13 -59.95
C TRP A 4091 -13.55 91.46 -61.13
N ASP A 4092 -13.19 92.38 -62.01
CA ASP A 4092 -14.11 92.85 -63.04
C ASP A 4092 -14.00 91.98 -64.27
N PRO A 4093 -14.91 91.03 -64.48
CA PRO A 4093 -14.83 90.19 -65.68
C PRO A 4093 -15.28 90.92 -66.93
N LYS A 4094 -16.36 91.68 -66.84
CA LYS A 4094 -16.99 92.29 -67.99
C LYS A 4094 -16.91 93.81 -67.98
N ASP A 4095 -15.97 94.39 -67.23
CA ASP A 4095 -15.65 95.82 -67.15
C ASP A 4095 -16.75 96.62 -66.46
N ILE A 4096 -17.85 96.00 -66.07
CA ILE A 4096 -18.90 96.70 -65.32
C ILE A 4096 -18.43 96.88 -63.89
N GLY A 4097 -19.19 97.65 -63.11
CA GLY A 4097 -18.81 97.89 -61.73
C GLY A 4097 -18.79 96.62 -60.89
N LEU A 4098 -19.74 95.73 -61.14
CA LEU A 4098 -19.85 94.52 -60.32
C LEU A 4098 -18.72 93.54 -60.64
N SER A 4099 -18.56 92.57 -59.74
CA SER A 4099 -17.56 91.53 -59.88
C SER A 4099 -18.20 90.18 -59.56
N VAL A 4100 -17.73 89.14 -60.25
CA VAL A 4100 -18.25 87.80 -60.05
C VAL A 4100 -17.49 87.13 -58.91
N VAL A 4101 -18.24 86.54 -57.98
CA VAL A 4101 -17.66 85.83 -56.83
C VAL A 4101 -18.09 84.38 -56.90
N TYR A 4102 -17.12 83.48 -56.85
CA TYR A 4102 -17.37 82.05 -56.90
C TYR A 4102 -17.24 81.48 -55.50
N TYR A 4103 -18.32 80.92 -54.97
CA TYR A 4103 -18.31 80.27 -53.68
C TYR A 4103 -18.67 78.81 -53.83
N THR A 4104 -18.50 78.06 -52.75
CA THR A 4104 -18.69 76.62 -52.74
C THR A 4104 -19.72 76.24 -51.69
N VAL A 4105 -20.61 75.32 -52.04
CA VAL A 4105 -21.62 74.83 -51.11
C VAL A 4105 -21.38 73.34 -50.93
N ARG A 4106 -21.18 72.92 -49.68
CA ARG A 4106 -20.94 71.52 -49.39
C ARG A 4106 -22.25 70.81 -49.08
N GLY A 4107 -22.42 69.61 -49.65
CA GLY A 4107 -23.63 68.86 -49.41
C GLY A 4107 -23.62 68.15 -48.08
N GLU A 4108 -24.83 67.92 -47.55
CA GLU A 4108 -25.02 67.19 -46.31
C GLU A 4108 -25.94 66.01 -46.57
N GLY A 4109 -25.50 64.82 -46.19
CA GLY A 4109 -26.31 63.64 -46.40
C GLY A 4109 -26.56 63.38 -47.87
N SER A 4110 -27.80 63.05 -48.20
CA SER A 4110 -28.15 62.74 -49.59
C SER A 4110 -27.97 63.96 -50.50
N ARG A 4111 -28.35 65.14 -50.01
CA ARG A 4111 -28.29 66.34 -50.83
C ARG A 4111 -26.85 66.66 -51.20
N PHE A 4112 -26.55 66.57 -52.50
CA PHE A 4112 -25.23 66.90 -52.99
C PHE A 4112 -24.97 68.40 -52.91
N GLY A 4113 -23.71 68.77 -52.76
CA GLY A 4113 -23.31 70.16 -52.80
C GLY A 4113 -23.20 70.67 -54.22
N ALA A 4114 -22.82 71.93 -54.34
CA ALA A 4114 -22.69 72.55 -55.65
C ALA A 4114 -21.78 73.75 -55.54
N ILE A 4115 -21.31 74.21 -56.70
CA ILE A 4115 -20.48 75.41 -56.80
C ILE A 4115 -21.30 76.47 -57.52
N LYS A 4116 -21.42 77.65 -56.91
CA LYS A 4116 -22.28 78.70 -57.44
C LYS A 4116 -21.50 79.99 -57.56
N ARG A 4117 -21.99 80.87 -58.42
CA ARG A 4117 -21.38 82.17 -58.64
C ARG A 4117 -22.46 83.25 -58.68
N ALA A 4118 -22.06 84.47 -58.36
CA ALA A 4118 -22.95 85.61 -58.38
C ALA A 4118 -22.13 86.88 -58.46
N TYR A 4119 -22.81 88.00 -58.67
CA TYR A 4119 -22.16 89.29 -58.86
C TYR A 4119 -22.04 90.02 -57.53
N ILE A 4120 -20.81 90.29 -57.12
CA ILE A 4120 -20.54 91.19 -55.99
C ILE A 4120 -20.26 92.58 -56.56
N PRO A 4121 -21.00 93.64 -56.13
CA PRO A 4121 -20.72 95.00 -56.59
C PRO A 4121 -19.45 95.53 -55.91
N ASN A 4122 -18.49 95.99 -56.70
CA ASN A 4122 -17.25 96.58 -56.14
C ASN A 4122 -17.57 97.97 -55.57
N PHE A 4123 -18.86 98.32 -55.52
CA PHE A 4123 -19.28 99.63 -54.98
C PHE A 4123 -20.16 99.41 -53.74
N GLU A 4124 -20.11 100.35 -52.79
CA GLU A 4124 -20.89 100.17 -51.53
C GLU A 4124 -22.35 99.87 -51.88
N SER A 4125 -22.84 98.70 -51.49
CA SER A 4125 -24.25 98.31 -51.76
C SER A 4125 -24.61 97.06 -50.96
N GLY A 4126 -25.41 97.21 -49.90
CA GLY A 4126 -25.83 96.07 -49.12
C GLY A 4126 -26.97 95.29 -49.75
N ARG A 4127 -28.04 95.05 -48.98
CA ARG A 4127 -29.18 94.33 -49.51
C ARG A 4127 -30.01 95.16 -50.49
N ASN A 4128 -29.70 96.44 -50.63
CA ASN A 4128 -30.46 97.29 -51.56
C ASN A 4128 -30.43 96.73 -52.96
N ASN A 4129 -29.32 96.12 -53.37
CA ASN A 4129 -29.22 95.45 -54.65
C ASN A 4129 -29.47 93.96 -54.45
N LEU A 4130 -30.52 93.44 -55.05
CA LEU A 4130 -30.82 92.03 -54.97
C LEU A 4130 -29.70 91.23 -55.62
N VAL A 4131 -29.34 90.11 -55.01
CA VAL A 4131 -28.25 89.26 -55.48
C VAL A 4131 -28.86 87.95 -55.97
N GLN A 4132 -28.49 87.57 -57.19
CA GLN A 4132 -29.04 86.38 -57.83
C GLN A 4132 -27.95 85.33 -57.94
N GLU A 4133 -28.01 84.32 -57.09
CA GLU A 4133 -27.06 83.22 -57.17
C GLU A 4133 -27.36 82.36 -58.40
N VAL A 4134 -26.32 81.88 -59.04
CA VAL A 4134 -26.44 81.01 -60.20
C VAL A 4134 -25.56 79.80 -59.97
N ASP A 4135 -26.17 78.62 -59.97
CA ASP A 4135 -25.42 77.38 -59.80
C ASP A 4135 -24.66 77.05 -61.07
N LEU A 4136 -23.39 76.66 -60.93
CA LEU A 4136 -22.64 76.19 -62.08
C LEU A 4136 -23.14 74.84 -62.58
N LYS A 4137 -24.04 74.20 -61.84
CA LYS A 4137 -24.64 72.92 -62.21
C LYS A 4137 -23.62 71.81 -62.31
N LEU A 4138 -22.51 71.91 -61.59
CA LEU A 4138 -21.59 70.79 -61.48
C LEU A 4138 -22.20 69.70 -60.62
N LYS A 4139 -22.09 68.46 -61.08
CA LYS A 4139 -22.67 67.33 -60.39
C LYS A 4139 -21.63 66.65 -59.51
N TYR A 4140 -22.12 65.84 -58.57
CA TYR A 4140 -21.28 65.03 -57.69
C TYR A 4140 -20.29 65.90 -56.91
N VAL A 4141 -20.76 67.03 -56.42
CA VAL A 4141 -19.97 67.92 -55.58
C VAL A 4141 -20.24 67.52 -54.13
N MET A 4142 -19.25 66.92 -53.49
CA MET A 4142 -19.44 66.37 -52.15
C MET A 4142 -19.03 67.37 -51.07
N GLN A 4143 -17.77 67.79 -51.08
CA GLN A 4143 -17.25 68.72 -50.09
C GLN A 4143 -16.23 69.64 -50.75
N PRO A 4144 -16.70 70.70 -51.40
CA PRO A 4144 -15.77 71.66 -52.04
C PRO A 4144 -15.05 72.52 -51.02
N ASP A 4145 -14.01 71.95 -50.42
CA ASP A 4145 -13.29 72.62 -49.34
C ASP A 4145 -12.63 73.90 -49.82
N GLY A 4146 -12.00 73.88 -50.98
CA GLY A 4146 -11.27 75.03 -51.47
C GLY A 4146 -11.63 75.34 -52.90
N ILE A 4147 -11.28 76.55 -53.31
CA ILE A 4147 -11.59 77.03 -54.66
C ILE A 4147 -10.63 78.15 -55.02
N ALA A 4148 -10.29 78.23 -56.31
CA ALA A 4148 -9.46 79.30 -56.82
C ALA A 4148 -9.93 79.66 -58.22
N VAL A 4149 -9.65 80.89 -58.62
CA VAL A 4149 -10.10 81.41 -59.90
C VAL A 4149 -8.88 81.78 -60.73
N ASP A 4150 -8.79 81.23 -61.94
CA ASP A 4150 -7.73 81.55 -62.88
C ASP A 4150 -8.24 82.66 -63.77
N TRP A 4151 -7.93 83.91 -63.38
CA TRP A 4151 -8.41 85.09 -64.16
C TRP A 4151 -7.77 85.08 -65.54
N VAL A 4152 -6.51 84.67 -65.65
CA VAL A 4152 -5.83 84.68 -66.94
C VAL A 4152 -6.45 83.65 -67.88
N GLY A 4153 -6.62 82.43 -67.39
CA GLY A 4153 -7.15 81.36 -68.20
C GLY A 4153 -8.65 81.22 -68.21
N ARG A 4154 -9.37 82.04 -67.44
CA ARG A 4154 -10.83 81.96 -67.33
C ARG A 4154 -11.26 80.56 -66.89
N HIS A 4155 -10.53 79.99 -65.94
CA HIS A 4155 -10.82 78.66 -65.41
C HIS A 4155 -10.99 78.74 -63.90
N ILE A 4156 -11.80 77.84 -63.35
CA ILE A 4156 -12.04 77.76 -61.93
C ILE A 4156 -11.51 76.43 -61.41
N TYR A 4157 -10.61 76.49 -60.45
CA TYR A 4157 -9.99 75.30 -59.86
C TYR A 4157 -10.58 75.10 -58.48
N TRP A 4158 -11.07 73.89 -58.19
CA TRP A 4158 -11.60 73.57 -56.89
C TRP A 4158 -11.17 72.18 -56.46
N SER A 4159 -11.22 71.94 -55.16
CA SER A 4159 -10.82 70.67 -54.57
C SER A 4159 -11.97 70.12 -53.75
N ASP A 4160 -12.06 68.79 -53.68
CA ASP A 4160 -13.09 68.12 -52.91
C ASP A 4160 -12.43 67.13 -51.96
N VAL A 4161 -12.80 67.20 -50.68
CA VAL A 4161 -12.23 66.28 -49.70
C VAL A 4161 -12.68 64.86 -49.98
N LYS A 4162 -13.99 64.67 -50.18
CA LYS A 4162 -14.51 63.33 -50.40
C LYS A 4162 -14.06 62.76 -51.74
N ASN A 4163 -14.19 63.55 -52.80
CA ASN A 4163 -13.77 63.07 -54.11
C ASN A 4163 -12.27 62.87 -54.21
N LYS A 4164 -11.49 63.59 -53.38
CA LYS A 4164 -10.04 63.54 -53.44
C LYS A 4164 -9.54 63.89 -54.84
N ARG A 4165 -10.23 64.80 -55.51
CA ARG A 4165 -9.90 65.20 -56.87
C ARG A 4165 -9.85 66.71 -56.95
N ILE A 4166 -8.79 67.24 -57.55
CA ILE A 4166 -8.72 68.66 -57.87
C ILE A 4166 -9.26 68.87 -59.26
N GLU A 4167 -10.56 69.10 -59.37
CA GLU A 4167 -11.18 69.21 -60.68
C GLU A 4167 -11.15 70.66 -61.15
N VAL A 4168 -10.94 70.85 -62.45
CA VAL A 4168 -10.94 72.16 -63.08
C VAL A 4168 -12.05 72.17 -64.12
N ALA A 4169 -12.59 73.35 -64.36
CA ALA A 4169 -13.67 73.52 -65.33
C ALA A 4169 -13.63 74.94 -65.86
N LYS A 4170 -14.43 75.19 -66.89
CA LYS A 4170 -14.54 76.54 -67.41
C LYS A 4170 -15.26 77.42 -66.40
N LEU A 4171 -15.12 78.73 -66.58
CA LEU A 4171 -15.64 79.67 -65.60
C LEU A 4171 -17.13 79.47 -65.35
N ASP A 4172 -17.87 79.07 -66.38
CA ASP A 4172 -19.27 78.70 -66.19
C ASP A 4172 -19.47 77.20 -66.04
N GLY A 4173 -18.39 76.42 -65.99
CA GLY A 4173 -18.53 74.99 -65.80
C GLY A 4173 -18.92 74.21 -67.04
N ARG A 4174 -18.52 74.69 -68.22
CA ARG A 4174 -18.90 73.99 -69.45
C ARG A 4174 -18.20 72.65 -69.58
N TYR A 4175 -16.88 72.63 -69.37
CA TYR A 4175 -16.08 71.43 -69.59
C TYR A 4175 -15.25 71.17 -68.34
N ARG A 4176 -15.46 70.02 -67.72
CA ARG A 4176 -14.88 69.69 -66.43
C ARG A 4176 -13.82 68.60 -66.60
N LYS A 4177 -12.65 68.81 -66.00
CA LYS A 4177 -11.54 67.89 -66.13
C LYS A 4177 -10.93 67.60 -64.76
N TRP A 4178 -10.36 66.42 -64.62
CA TRP A 4178 -9.68 65.97 -63.40
C TRP A 4178 -8.18 66.05 -63.66
N LEU A 4179 -7.56 67.17 -63.29
CA LEU A 4179 -6.16 67.37 -63.64
C LEU A 4179 -5.24 66.55 -62.76
N ILE A 4180 -5.63 66.28 -61.51
CA ILE A 4180 -4.79 65.43 -60.67
C ILE A 4180 -5.50 64.14 -60.32
N SER A 4181 -6.57 64.24 -59.53
CA SER A 4181 -7.44 63.11 -59.20
C SER A 4181 -6.67 61.86 -58.79
N THR A 4182 -5.48 62.04 -58.22
CA THR A 4182 -4.69 60.88 -57.84
C THR A 4182 -3.73 61.24 -56.72
N ASP A 4183 -3.40 60.24 -55.91
CA ASP A 4183 -2.46 60.38 -54.81
C ASP A 4183 -2.84 61.56 -53.90
N LEU A 4184 -4.13 61.69 -53.63
CA LEU A 4184 -4.59 62.81 -52.80
C LEU A 4184 -5.43 62.34 -51.63
N ASP A 4185 -5.09 62.81 -50.43
CA ASP A 4185 -5.88 62.47 -49.27
C ASP A 4185 -6.31 63.75 -48.58
N GLN A 4186 -7.61 63.96 -48.46
CA GLN A 4186 -8.12 65.16 -47.83
C GLN A 4186 -7.45 66.40 -48.42
N PRO A 4187 -7.76 66.72 -49.68
CA PRO A 4187 -7.20 67.95 -50.24
C PRO A 4187 -7.73 69.18 -49.52
N ALA A 4188 -7.10 70.33 -49.71
CA ALA A 4188 -7.48 71.55 -49.01
C ALA A 4188 -7.30 72.76 -49.92
N ALA A 4189 -7.29 73.95 -49.34
CA ALA A 4189 -7.35 75.18 -50.12
C ALA A 4189 -6.27 75.23 -51.18
N ILE A 4190 -6.65 75.67 -52.37
CA ILE A 4190 -5.82 75.61 -53.56
C ILE A 4190 -5.67 77.01 -54.14
N ALA A 4191 -4.45 77.34 -54.59
CA ALA A 4191 -4.16 78.63 -55.18
C ALA A 4191 -3.49 78.40 -56.53
N VAL A 4192 -3.63 79.38 -57.42
CA VAL A 4192 -3.09 79.30 -58.77
C VAL A 4192 -2.26 80.55 -59.04
N ASN A 4193 -1.16 80.39 -59.78
CA ASN A 4193 -0.31 81.52 -60.10
C ASN A 4193 -0.05 81.58 -61.59
N PRO A 4194 -0.96 82.19 -62.35
CA PRO A 4194 -0.84 82.24 -63.81
C PRO A 4194 0.47 82.81 -64.30
N LYS A 4195 1.04 83.77 -63.58
CA LYS A 4195 2.34 84.30 -63.98
C LYS A 4195 3.31 83.15 -64.09
N LEU A 4196 3.47 82.40 -63.01
CA LEU A 4196 4.38 81.27 -63.00
C LEU A 4196 3.78 80.02 -63.62
N GLY A 4197 2.49 80.06 -63.97
CA GLY A 4197 1.87 78.87 -64.54
C GLY A 4197 1.87 77.68 -63.62
N LEU A 4198 1.74 77.92 -62.31
CA LEU A 4198 1.81 76.86 -61.32
C LEU A 4198 0.64 76.97 -60.37
N MET A 4199 0.05 75.82 -60.05
CA MET A 4199 -1.00 75.73 -59.05
C MET A 4199 -0.46 75.05 -57.80
N PHE A 4200 -0.96 75.48 -56.64
CA PHE A 4200 -0.48 74.96 -55.37
C PHE A 4200 -1.68 74.61 -54.50
N TRP A 4201 -1.66 73.41 -53.93
CA TRP A 4201 -2.68 72.98 -52.99
C TRP A 4201 -2.03 72.28 -51.81
N THR A 4202 -2.85 71.95 -50.82
CA THR A 4202 -2.33 71.28 -49.65
C THR A 4202 -3.27 70.17 -49.25
N ASP A 4203 -2.74 69.06 -48.74
CA ASP A 4203 -3.58 67.99 -48.25
C ASP A 4203 -3.34 67.79 -46.77
N TRP A 4204 -4.35 68.07 -45.96
CA TRP A 4204 -4.19 67.93 -44.52
C TRP A 4204 -4.47 66.50 -44.14
N GLY A 4205 -4.54 65.61 -45.12
CA GLY A 4205 -4.80 64.21 -44.85
C GLY A 4205 -3.66 63.53 -44.14
N LYS A 4206 -3.69 62.20 -44.10
CA LYS A 4206 -2.66 61.46 -43.38
C LYS A 4206 -1.26 61.86 -43.80
N GLU A 4207 -1.13 62.39 -45.01
CA GLU A 4207 0.18 62.81 -45.50
C GLU A 4207 0.22 64.32 -45.71
N PRO A 4208 0.32 65.08 -44.62
CA PRO A 4208 0.28 66.53 -44.81
C PRO A 4208 1.29 66.93 -45.86
N LYS A 4209 0.87 67.66 -46.88
CA LYS A 4209 1.78 67.99 -47.97
C LYS A 4209 1.36 69.25 -48.71
N ILE A 4210 2.30 69.87 -49.41
CA ILE A 4210 1.96 71.04 -50.22
C ILE A 4210 2.57 70.80 -51.59
N GLU A 4211 1.73 70.73 -52.62
CA GLU A 4211 2.20 70.44 -53.96
C GLU A 4211 2.29 71.71 -54.80
N SER A 4212 3.08 71.62 -55.87
CA SER A 4212 3.36 72.75 -56.75
C SER A 4212 3.22 72.32 -58.21
N ALA A 4213 2.13 71.62 -58.52
CA ALA A 4213 1.97 71.07 -59.84
C ALA A 4213 1.67 72.17 -60.86
N TRP A 4214 1.89 71.84 -62.14
CA TRP A 4214 1.59 72.77 -63.23
C TRP A 4214 0.10 73.05 -63.28
N MET A 4215 -0.24 74.22 -63.82
CA MET A 4215 -1.65 74.59 -63.91
C MET A 4215 -2.43 73.66 -64.83
N ASN A 4216 -1.75 72.99 -65.76
CA ASN A 4216 -2.41 71.95 -66.53
C ASN A 4216 -2.25 70.56 -65.92
N GLY A 4217 -1.47 70.43 -64.86
CA GLY A 4217 -1.30 69.16 -64.18
C GLY A 4217 -0.28 68.23 -64.79
N GLU A 4218 0.52 68.68 -65.76
CA GLU A 4218 1.48 67.81 -66.40
C GLU A 4218 2.55 67.36 -65.41
N ASP A 4219 3.17 68.30 -64.71
CA ASP A 4219 4.23 68.02 -63.74
C ASP A 4219 3.69 68.17 -62.33
N ARG A 4220 4.10 67.26 -61.45
CA ARG A 4220 3.67 67.27 -60.06
C ARG A 4220 4.87 67.02 -59.15
N ASN A 4221 4.93 67.76 -58.05
CA ASN A 4221 5.99 67.58 -57.07
C ASN A 4221 5.54 68.16 -55.74
N ILE A 4222 6.22 67.74 -54.67
CA ILE A 4222 5.86 68.13 -53.31
C ILE A 4222 6.85 69.20 -52.85
N LEU A 4223 6.33 70.34 -52.40
CA LEU A 4223 7.18 71.40 -51.89
C LEU A 4223 7.71 71.07 -50.51
N VAL A 4224 6.81 70.87 -49.55
CA VAL A 4224 7.17 70.51 -48.19
C VAL A 4224 6.31 69.36 -47.73
N PHE A 4225 6.92 68.45 -46.95
CA PHE A 4225 6.16 67.36 -46.37
C PHE A 4225 6.59 67.07 -44.93
N GLU A 4226 7.29 67.99 -44.28
CA GLU A 4226 7.85 67.76 -42.95
C GLU A 4226 7.18 68.70 -41.95
N ASP A 4227 6.62 68.12 -40.88
CA ASP A 4227 6.04 68.86 -39.77
C ASP A 4227 4.96 69.83 -40.25
N LEU A 4228 3.99 69.28 -41.00
CA LEU A 4228 2.96 70.10 -41.61
C LEU A 4228 1.61 69.98 -40.91
N GLY A 4229 1.43 69.00 -40.03
CA GLY A 4229 0.19 68.87 -39.28
C GLY A 4229 -1.05 68.83 -40.15
N TRP A 4230 -1.86 69.89 -40.08
CA TRP A 4230 -3.03 70.03 -40.93
C TRP A 4230 -2.91 71.31 -41.72
N PRO A 4231 -2.25 71.30 -42.88
CA PRO A 4231 -2.07 72.53 -43.66
C PRO A 4231 -3.31 72.94 -44.44
N THR A 4232 -4.22 73.63 -43.74
CA THR A 4232 -5.44 74.15 -44.35
C THR A 4232 -5.27 75.65 -44.57
N GLY A 4233 -5.53 76.11 -45.80
CA GLY A 4233 -5.37 77.50 -46.12
C GLY A 4233 -4.08 77.78 -46.85
N LEU A 4234 -4.13 78.58 -47.90
CA LEU A 4234 -2.95 78.86 -48.71
C LEU A 4234 -3.10 80.24 -49.32
N SER A 4235 -1.97 80.86 -49.65
CA SER A 4235 -1.97 82.19 -50.25
C SER A 4235 -0.64 82.40 -50.96
N ILE A 4236 -0.70 83.15 -52.06
CA ILE A 4236 0.47 83.45 -52.87
C ILE A 4236 0.68 84.95 -52.84
N ASP A 4237 1.89 85.36 -52.47
CA ASP A 4237 2.25 86.78 -52.47
C ASP A 4237 2.83 87.14 -53.84
N TYR A 4238 1.96 87.26 -54.84
CA TYR A 4238 2.43 87.53 -56.19
C TYR A 4238 3.31 88.77 -56.29
N LEU A 4239 2.98 89.80 -55.51
CA LEU A 4239 3.73 91.05 -55.60
C LEU A 4239 5.16 90.92 -55.08
N ASN A 4240 5.37 90.03 -54.13
CA ASN A 4240 6.70 89.87 -53.54
C ASN A 4240 7.19 88.45 -53.78
N ASN A 4241 7.87 88.25 -54.90
CA ASN A 4241 8.60 87.03 -55.25
C ASN A 4241 7.70 85.80 -55.36
N ASP A 4242 6.39 85.99 -55.40
CA ASP A 4242 5.45 84.87 -55.52
C ASP A 4242 5.71 83.84 -54.43
N ARG A 4243 5.97 84.29 -53.22
CA ARG A 4243 6.21 83.40 -52.10
C ARG A 4243 4.91 82.79 -51.61
N ILE A 4244 4.99 81.54 -51.15
CA ILE A 4244 3.84 80.76 -50.75
C ILE A 4244 3.74 80.75 -49.22
N TYR A 4245 2.53 80.95 -48.70
CA TYR A 4245 2.26 80.95 -47.28
C TYR A 4245 1.15 79.95 -46.98
N TRP A 4246 1.32 79.18 -45.91
CA TRP A 4246 0.33 78.20 -45.50
C TRP A 4246 0.15 78.25 -43.98
N SER A 4247 -1.00 77.76 -43.53
CA SER A 4247 -1.35 77.77 -42.11
C SER A 4247 -1.55 76.34 -41.65
N ASP A 4248 -1.00 76.02 -40.49
CA ASP A 4248 -1.08 74.68 -39.90
C ASP A 4248 -2.15 74.72 -38.81
N PHE A 4249 -3.32 74.18 -39.12
CA PHE A 4249 -4.40 74.16 -38.14
C PHE A 4249 -4.05 73.28 -36.94
N LYS A 4250 -3.43 72.13 -37.20
CA LYS A 4250 -3.18 71.17 -36.13
C LYS A 4250 -2.09 71.66 -35.19
N GLU A 4251 -0.98 72.15 -35.75
CA GLU A 4251 0.16 72.57 -34.95
C GLU A 4251 0.08 74.03 -34.53
N ASP A 4252 -0.95 74.76 -34.97
CA ASP A 4252 -1.16 76.14 -34.58
C ASP A 4252 0.06 77.00 -34.93
N VAL A 4253 0.40 77.03 -36.21
CA VAL A 4253 1.56 77.78 -36.68
C VAL A 4253 1.34 78.13 -38.14
N ILE A 4254 1.77 79.32 -38.54
CA ILE A 4254 1.67 79.80 -39.92
C ILE A 4254 3.07 80.06 -40.43
N GLU A 4255 3.41 79.44 -41.55
CA GLU A 4255 4.76 79.48 -42.10
C GLU A 4255 4.70 79.88 -43.57
N THR A 4256 5.88 79.90 -44.21
CA THR A 4256 5.99 80.28 -45.61
C THR A 4256 7.18 79.59 -46.26
N ILE A 4257 7.10 79.45 -47.58
CA ILE A 4257 8.17 78.87 -48.38
C ILE A 4257 8.23 79.57 -49.73
N LYS A 4258 9.38 79.46 -50.39
CA LYS A 4258 9.52 79.96 -51.74
C LYS A 4258 8.74 79.08 -52.72
N TYR A 4259 8.65 79.56 -53.96
CA TYR A 4259 7.88 78.83 -54.97
C TYR A 4259 8.43 77.43 -55.19
N ASP A 4260 9.74 77.26 -54.99
CA ASP A 4260 10.33 75.94 -55.06
C ASP A 4260 10.41 75.25 -53.70
N GLY A 4261 9.91 75.88 -52.64
CA GLY A 4261 9.91 75.26 -51.33
C GLY A 4261 11.26 75.21 -50.65
N THR A 4262 12.18 76.09 -51.00
CA THR A 4262 13.52 76.06 -50.42
C THR A 4262 13.54 76.79 -49.08
N ASP A 4263 13.36 78.10 -49.09
CA ASP A 4263 13.49 78.92 -47.88
C ASP A 4263 12.21 78.81 -47.07
N ARG A 4264 12.25 78.01 -46.01
CA ARG A 4264 11.10 77.79 -45.14
C ARG A 4264 11.28 78.62 -43.87
N ARG A 4265 10.32 79.49 -43.58
CA ARG A 4265 10.37 80.36 -42.42
C ARG A 4265 9.02 80.35 -41.72
N VAL A 4266 9.04 80.67 -40.43
CA VAL A 4266 7.83 80.74 -39.61
C VAL A 4266 7.48 82.22 -39.43
N ILE A 4267 6.41 82.66 -40.09
CA ILE A 4267 5.99 84.05 -39.96
C ILE A 4267 5.46 84.33 -38.57
N ALA A 4268 4.60 83.45 -38.06
CA ALA A 4268 4.05 83.62 -36.72
C ALA A 4268 3.76 82.27 -36.12
N LYS A 4269 3.70 82.23 -34.80
CA LYS A 4269 3.44 81.00 -34.06
C LYS A 4269 2.33 81.25 -33.07
N GLU A 4270 1.64 80.17 -32.70
CA GLU A 4270 0.51 80.22 -31.78
C GLU A 4270 -0.58 81.16 -32.29
N ALA A 4271 -1.00 80.90 -33.54
CA ALA A 4271 -2.05 81.68 -34.18
C ALA A 4271 -3.45 81.23 -33.79
N MET A 4272 -3.56 80.38 -32.77
CA MET A 4272 -4.84 79.91 -32.25
C MET A 4272 -5.63 79.17 -33.33
N ASN A 4273 -5.00 78.13 -33.89
CA ASN A 4273 -5.60 77.27 -34.89
C ASN A 4273 -6.04 78.06 -36.13
N PRO A 4274 -5.10 78.59 -36.91
CA PRO A 4274 -5.50 79.29 -38.13
C PRO A 4274 -6.11 78.32 -39.13
N TYR A 4275 -7.03 78.85 -39.94
CA TYR A 4275 -7.75 78.04 -40.91
C TYR A 4275 -7.65 78.54 -42.34
N SER A 4276 -7.42 79.83 -42.55
CA SER A 4276 -7.28 80.37 -43.90
C SER A 4276 -6.37 81.58 -43.85
N LEU A 4277 -5.81 81.94 -45.00
CA LEU A 4277 -4.87 83.04 -45.07
C LEU A 4277 -5.19 83.90 -46.28
N ASP A 4278 -4.63 85.12 -46.28
CA ASP A 4278 -4.67 86.02 -47.42
C ASP A 4278 -3.73 87.18 -47.13
N ILE A 4279 -3.02 87.65 -48.15
CA ILE A 4279 -1.98 88.65 -48.00
C ILE A 4279 -2.31 89.84 -48.88
N PHE A 4280 -2.33 91.02 -48.28
CA PHE A 4280 -2.50 92.28 -49.01
C PHE A 4280 -1.54 93.30 -48.45
N GLU A 4281 -0.83 93.99 -49.34
CA GLU A 4281 0.18 94.99 -48.97
C GLU A 4281 1.21 94.31 -48.07
N ASP A 4282 1.35 94.71 -46.81
CA ASP A 4282 2.37 94.15 -45.92
C ASP A 4282 1.76 93.34 -44.79
N GLN A 4283 0.51 92.92 -44.91
CA GLN A 4283 -0.20 92.28 -43.81
C GLN A 4283 -0.78 90.95 -44.25
N LEU A 4284 -0.87 90.02 -43.30
CA LEU A 4284 -1.46 88.71 -43.53
C LEU A 4284 -2.59 88.50 -42.52
N TYR A 4285 -3.75 88.07 -43.02
CA TYR A 4285 -4.93 87.86 -42.21
C TYR A 4285 -5.25 86.38 -42.13
N TRP A 4286 -5.56 85.89 -40.92
CA TRP A 4286 -5.94 84.50 -40.74
C TRP A 4286 -7.12 84.41 -39.77
N ILE A 4287 -7.82 83.29 -39.86
CA ILE A 4287 -9.04 83.05 -39.10
C ILE A 4287 -8.76 81.99 -38.05
N SER A 4288 -9.02 82.32 -36.79
CA SER A 4288 -9.00 81.34 -35.71
C SER A 4288 -10.38 80.72 -35.64
N LYS A 4289 -10.57 79.59 -36.31
CA LYS A 4289 -11.92 79.04 -36.48
C LYS A 4289 -12.53 78.59 -35.17
N GLU A 4290 -11.73 78.48 -34.09
CA GLU A 4290 -12.28 78.10 -32.80
C GLU A 4290 -13.31 79.11 -32.32
N LYS A 4291 -13.02 80.40 -32.49
CA LYS A 4291 -13.96 81.45 -32.12
C LYS A 4291 -14.12 82.49 -33.22
N GLY A 4292 -13.71 82.17 -34.45
CA GLY A 4292 -13.97 83.02 -35.59
C GLY A 4292 -13.41 84.43 -35.48
N GLU A 4293 -12.14 84.54 -35.08
CA GLU A 4293 -11.50 85.84 -34.94
C GLU A 4293 -10.51 86.06 -36.08
N VAL A 4294 -10.50 87.26 -36.61
CA VAL A 4294 -9.59 87.66 -37.69
C VAL A 4294 -8.36 88.29 -37.05
N TRP A 4295 -7.19 87.79 -37.41
CA TRP A 4295 -5.93 88.27 -36.87
C TRP A 4295 -5.04 88.76 -37.99
N LYS A 4296 -4.36 89.88 -37.76
CA LYS A 4296 -3.45 90.45 -38.75
C LYS A 4296 -2.07 90.64 -38.14
N GLN A 4297 -1.05 90.50 -38.98
CA GLN A 4297 0.32 90.68 -38.57
C GLN A 4297 1.15 91.00 -39.81
N ASN A 4298 2.33 91.57 -39.58
CA ASN A 4298 3.23 91.89 -40.68
C ASN A 4298 3.59 90.64 -41.46
N LYS A 4299 3.51 90.73 -42.78
CA LYS A 4299 3.64 89.55 -43.63
C LYS A 4299 5.05 88.96 -43.55
N PHE A 4300 6.03 89.74 -43.10
CA PHE A 4300 7.39 89.25 -42.96
C PHE A 4300 7.68 88.67 -41.58
N GLY A 4301 6.66 88.58 -40.72
CA GLY A 4301 6.84 88.06 -39.38
C GLY A 4301 7.19 89.08 -38.32
N GLN A 4302 7.38 90.33 -38.71
CA GLN A 4302 7.70 91.38 -37.74
C GLN A 4302 6.44 91.80 -36.99
N GLY A 4303 6.64 92.58 -35.94
CA GLY A 4303 5.50 93.07 -35.18
C GLY A 4303 4.82 91.98 -34.37
N LYS A 4304 3.54 92.20 -34.09
CA LYS A 4304 2.74 91.28 -33.30
C LYS A 4304 1.39 91.09 -33.95
N LYS A 4305 0.77 89.94 -33.68
CA LYS A 4305 -0.57 89.67 -34.19
C LYS A 4305 -1.57 90.62 -33.55
N GLU A 4306 -2.51 91.11 -34.36
CA GLU A 4306 -3.51 92.07 -33.92
C GLU A 4306 -4.89 91.56 -34.28
N LYS A 4307 -5.74 91.39 -33.27
CA LYS A 4307 -7.13 91.02 -33.52
C LYS A 4307 -7.86 92.18 -34.19
N THR A 4308 -8.68 91.84 -35.19
CA THR A 4308 -9.45 92.86 -35.91
C THR A 4308 -10.95 92.64 -35.82
N LEU A 4309 -11.42 91.42 -36.05
CA LEU A 4309 -12.85 91.15 -36.05
C LEU A 4309 -13.13 89.83 -35.36
N VAL A 4310 -14.36 89.70 -34.87
CA VAL A 4310 -14.86 88.46 -34.29
C VAL A 4310 -16.21 88.19 -34.92
N VAL A 4311 -16.26 87.23 -35.84
CA VAL A 4311 -17.53 86.86 -36.45
C VAL A 4311 -17.93 85.51 -35.89
N ASN A 4312 -19.05 84.97 -36.36
CA ASN A 4312 -19.54 83.69 -35.85
C ASN A 4312 -18.51 82.59 -36.05
N PRO A 4313 -18.50 81.60 -35.16
CA PRO A 4313 -17.58 80.48 -35.34
C PRO A 4313 -17.78 79.86 -36.69
N TRP A 4314 -18.95 80.08 -37.29
CA TRP A 4314 -19.26 79.52 -38.60
C TRP A 4314 -18.31 80.01 -39.68
N LEU A 4315 -17.55 81.07 -39.39
CA LEU A 4315 -16.63 81.61 -40.38
C LEU A 4315 -15.63 80.54 -40.82
N THR A 4316 -15.43 80.44 -42.15
CA THR A 4316 -14.59 79.39 -42.71
C THR A 4316 -13.41 79.91 -43.53
N GLN A 4317 -13.43 81.17 -43.95
CA GLN A 4317 -12.33 81.67 -44.77
C GLN A 4317 -12.28 83.20 -44.64
N VAL A 4318 -11.11 83.75 -44.95
CA VAL A 4318 -10.93 85.19 -45.09
C VAL A 4318 -10.32 85.42 -46.47
N ARG A 4319 -10.97 86.24 -47.27
CA ARG A 4319 -10.48 86.57 -48.61
C ARG A 4319 -10.43 88.08 -48.77
N ILE A 4320 -9.27 88.57 -49.19
CA ILE A 4320 -9.06 90.01 -49.35
C ILE A 4320 -9.58 90.42 -50.71
N PHE A 4321 -10.64 91.21 -50.72
CA PHE A 4321 -11.34 91.59 -51.95
C PHE A 4321 -10.82 92.95 -52.41
N HIS A 4322 -9.94 92.94 -53.41
CA HIS A 4322 -9.36 94.18 -53.90
C HIS A 4322 -8.88 93.96 -55.33
N GLN A 4323 -8.72 95.07 -56.05
CA GLN A 4323 -8.27 95.00 -57.44
C GLN A 4323 -6.83 94.49 -57.52
N LEU A 4324 -5.93 95.10 -56.75
CA LEU A 4324 -4.52 94.77 -56.87
C LEU A 4324 -4.17 93.44 -56.22
N ARG A 4325 -5.12 92.85 -55.50
CA ARG A 4325 -4.88 91.51 -54.87
C ARG A 4325 -4.60 90.51 -55.99
N TYR A 4326 -5.24 90.67 -57.15
CA TYR A 4326 -4.99 89.77 -58.30
C TYR A 4326 -4.42 90.58 -59.47
N ASN A 4327 -3.29 90.13 -59.99
CA ASN A 4327 -2.60 90.83 -61.09
C ASN A 4327 -3.30 90.54 -62.42
N LYS A 4328 -4.34 91.30 -62.77
CA LYS A 4328 -5.09 90.97 -64.00
C LYS A 4328 -4.25 91.29 -65.24
N SER A 4329 -3.14 92.00 -65.08
CA SER A 4329 -2.31 92.41 -66.23
C SER A 4329 -1.74 91.18 -66.95
N VAL A 4330 -1.34 90.15 -66.20
CA VAL A 4330 -0.71 88.93 -66.82
C VAL A 4330 -1.43 88.59 -68.12
N PRO A 4331 -0.72 88.52 -69.27
CA PRO A 4331 -1.35 88.21 -70.56
C PRO A 4331 -1.77 86.76 -70.66
N ASN A 4332 -2.68 86.50 -71.60
CA ASN A 4332 -3.19 85.15 -71.84
C ASN A 4332 -2.41 84.52 -72.98
N LEU A 4333 -1.73 83.41 -72.68
CA LEU A 4333 -0.94 82.73 -73.71
C LEU A 4333 -1.82 81.91 -74.64
N CYS A 4334 -3.02 81.54 -74.18
CA CYS A 4334 -3.94 80.81 -75.05
C CYS A 4334 -4.36 81.65 -76.24
N LYS A 4335 -4.43 81.01 -77.41
CA LYS A 4335 -4.73 81.70 -78.66
C LYS A 4335 -5.93 81.00 -79.32
N GLN A 4336 -6.95 80.71 -78.51
CA GLN A 4336 -8.18 80.03 -78.94
C GLN A 4336 -7.89 78.90 -79.92
N ILE A 4337 -6.87 78.13 -79.60
CA ILE A 4337 -6.48 76.97 -80.40
C ILE A 4337 -7.21 75.72 -79.95
N CYS A 4338 -7.26 75.48 -78.65
CA CYS A 4338 -7.90 74.28 -78.13
C CYS A 4338 -9.41 74.35 -78.36
N SER A 4339 -10.01 73.19 -78.58
CA SER A 4339 -11.44 73.13 -78.86
C SER A 4339 -12.26 73.49 -77.63
N HIS A 4340 -11.95 72.87 -76.48
CA HIS A 4340 -12.79 73.05 -75.30
C HIS A 4340 -12.06 73.77 -74.17
N LEU A 4341 -10.92 73.23 -73.75
CA LEU A 4341 -10.19 73.77 -72.60
C LEU A 4341 -8.75 74.06 -72.98
N CYS A 4342 -8.26 75.22 -72.54
CA CYS A 4342 -6.87 75.63 -72.74
C CYS A 4342 -6.25 75.90 -71.38
N LEU A 4343 -5.73 74.86 -70.74
CA LEU A 4343 -5.11 75.00 -69.43
C LEU A 4343 -3.74 75.65 -69.58
N LEU A 4344 -3.32 76.37 -68.55
CA LEU A 4344 -2.03 77.04 -68.58
C LEU A 4344 -0.92 76.12 -68.07
N ARG A 4345 0.31 76.45 -68.45
CA ARG A 4345 1.50 75.72 -68.02
C ARG A 4345 2.64 76.72 -67.95
N PRO A 4346 3.71 76.39 -67.20
CA PRO A 4346 4.82 77.34 -67.07
C PRO A 4346 5.41 77.78 -68.40
N GLY A 4347 5.33 79.07 -68.69
CA GLY A 4347 5.89 79.58 -69.93
C GLY A 4347 5.25 79.01 -71.18
N GLY A 4348 3.93 78.86 -71.17
CA GLY A 4348 3.26 78.33 -72.33
C GLY A 4348 1.82 77.99 -72.00
N TYR A 4349 1.17 77.35 -72.96
CA TYR A 4349 -0.20 76.88 -72.81
C TYR A 4349 -0.33 75.52 -73.47
N SER A 4350 -1.07 74.62 -72.85
CA SER A 4350 -1.33 73.30 -73.41
C SER A 4350 -2.83 73.06 -73.47
N CYS A 4351 -3.24 72.29 -74.48
CA CYS A 4351 -4.63 71.94 -74.65
C CYS A 4351 -4.97 70.70 -73.83
N ALA A 4352 -6.22 70.64 -73.38
CA ALA A 4352 -6.72 69.51 -72.62
C ALA A 4352 -8.12 69.18 -73.10
N CYS A 4353 -8.67 68.10 -72.56
CA CYS A 4353 -10.00 67.68 -72.95
C CYS A 4353 -10.87 67.45 -71.72
N PRO A 4354 -12.18 67.64 -71.85
CA PRO A 4354 -13.07 67.39 -70.71
C PRO A 4354 -13.05 65.92 -70.31
N GLN A 4355 -13.28 65.68 -69.02
CA GLN A 4355 -13.28 64.32 -68.50
C GLN A 4355 -14.30 63.47 -69.24
N GLY A 4356 -13.92 62.22 -69.53
CA GLY A 4356 -14.74 61.35 -70.33
C GLY A 4356 -14.59 61.51 -71.82
N SER A 4357 -13.68 62.36 -72.28
CA SER A 4357 -13.41 62.55 -73.69
C SER A 4357 -11.90 62.57 -73.91
N SER A 4358 -11.51 62.48 -75.18
CA SER A 4358 -10.11 62.50 -75.56
C SER A 4358 -9.91 63.34 -76.80
N PHE A 4359 -8.66 63.65 -77.10
CA PHE A 4359 -8.34 64.36 -78.33
C PHE A 4359 -8.69 63.49 -79.54
N ILE A 4360 -9.19 64.13 -80.59
CA ILE A 4360 -9.40 63.42 -81.84
C ILE A 4360 -8.05 62.93 -82.36
N GLU A 4361 -8.07 61.77 -83.01
CA GLU A 4361 -6.83 61.12 -83.42
C GLU A 4361 -6.01 62.00 -84.34
N GLY A 4362 -4.72 62.10 -84.04
CA GLY A 4362 -3.80 62.86 -84.87
C GLY A 4362 -3.75 64.34 -84.59
N SER A 4363 -4.58 64.85 -83.68
CA SER A 4363 -4.65 66.28 -83.38
C SER A 4363 -4.54 66.48 -81.88
N THR A 4364 -3.78 67.49 -81.48
CA THR A 4364 -3.68 67.89 -80.09
C THR A 4364 -4.48 69.15 -79.77
N THR A 4365 -5.35 69.58 -80.68
CA THR A 4365 -6.12 70.80 -80.50
C THR A 4365 -7.62 70.56 -80.35
N GLU A 4366 -8.14 69.49 -80.92
CA GLU A 4366 -9.56 69.20 -80.89
C GLU A 4366 -9.82 67.90 -80.12
N CYS A 4367 -10.84 67.93 -79.27
CA CYS A 4367 -11.24 66.77 -78.50
C CYS A 4367 -12.42 66.08 -79.20
N ASP A 4368 -13.01 65.08 -78.54
CA ASP A 4368 -14.13 64.35 -79.10
C ASP A 4368 -15.48 64.83 -78.63
N ALA A 4369 -15.56 65.45 -77.45
CA ALA A 4369 -16.85 65.88 -76.93
C ALA A 4369 -17.39 67.07 -77.72
N ALA A 4370 -18.68 67.31 -77.58
CA ALA A 4370 -19.33 68.42 -78.25
C ALA A 4370 -18.94 69.73 -77.59
N ILE A 4371 -19.25 70.83 -78.26
CA ILE A 4371 -18.96 72.17 -77.77
C ILE A 4371 -20.21 72.71 -77.09
N GLU A 4372 -20.11 72.98 -75.80
CA GLU A 4372 -21.23 73.55 -75.06
C GLU A 4372 -21.26 75.06 -75.21
N LEU A 4373 -22.46 75.60 -75.40
CA LEU A 4373 -22.61 77.04 -75.56
C LEU A 4373 -22.23 77.76 -74.27
N PRO A 4374 -21.61 78.93 -74.36
CA PRO A 4374 -21.30 79.70 -73.15
C PRO A 4374 -22.57 80.12 -72.43
N ILE A 4375 -22.47 80.19 -71.11
CA ILE A 4375 -23.57 80.63 -70.25
C ILE A 4375 -23.11 81.83 -69.46
N ASN A 4376 -23.89 82.91 -69.51
CA ASN A 4376 -23.56 84.15 -68.82
C ASN A 4376 -24.62 84.46 -67.78
N LEU A 4377 -24.22 85.18 -66.74
CA LEU A 4377 -25.14 85.53 -65.67
C LEU A 4377 -26.17 86.55 -66.15
N PRO A 4378 -27.35 86.54 -65.56
CA PRO A 4378 -28.35 87.57 -65.88
C PRO A 4378 -27.85 88.94 -65.48
N PRO A 4379 -28.39 90.00 -66.07
CA PRO A 4379 -27.92 91.35 -65.76
C PRO A 4379 -28.09 91.65 -64.28
N PRO A 4380 -27.03 92.08 -63.61
CA PRO A 4380 -27.09 92.25 -62.15
C PRO A 4380 -27.53 93.64 -61.73
N CYS A 4381 -28.08 93.75 -60.52
CA CYS A 4381 -28.41 95.05 -59.96
C CYS A 4381 -27.15 95.90 -59.80
N ARG A 4382 -27.24 97.16 -60.22
CA ARG A 4382 -26.07 98.04 -60.26
C ARG A 4382 -26.30 99.36 -59.55
N CYS A 4383 -27.39 99.51 -58.80
CA CYS A 4383 -27.65 100.78 -58.12
C CYS A 4383 -26.51 101.11 -57.18
N MET A 4384 -25.75 102.16 -57.51
CA MET A 4384 -24.48 102.40 -56.77
C MET A 4384 -24.65 103.00 -55.36
N HIS A 4385 -25.26 104.17 -55.23
CA HIS A 4385 -25.24 104.84 -53.93
C HIS A 4385 -26.52 104.53 -53.17
N GLY A 4386 -26.63 103.29 -52.72
CA GLY A 4386 -27.74 102.92 -51.86
C GLY A 4386 -29.06 102.77 -52.57
N GLY A 4387 -29.09 102.86 -53.89
CA GLY A 4387 -30.34 102.70 -54.61
C GLY A 4387 -30.88 101.29 -54.48
N ASN A 4388 -32.20 101.17 -54.47
CA ASN A 4388 -32.86 99.87 -54.40
C ASN A 4388 -33.24 99.43 -55.80
N CYS A 4389 -32.91 98.18 -56.13
CA CYS A 4389 -33.18 97.67 -57.47
C CYS A 4389 -34.47 96.86 -57.49
N TYR A 4390 -35.25 97.04 -58.55
CA TYR A 4390 -36.52 96.36 -58.73
C TYR A 4390 -36.59 95.84 -60.16
N PHE A 4391 -37.14 94.65 -60.33
CA PHE A 4391 -37.28 94.07 -61.65
C PHE A 4391 -38.54 94.58 -62.34
N ASP A 4392 -38.39 94.97 -63.61
CA ASP A 4392 -39.49 95.51 -64.38
C ASP A 4392 -40.37 94.37 -64.88
N GLU A 4393 -41.35 94.71 -65.72
CA GLU A 4393 -42.19 93.70 -66.35
C GLU A 4393 -41.36 92.79 -67.25
N THR A 4394 -40.25 93.29 -67.77
CA THR A 4394 -39.33 92.50 -68.57
C THR A 4394 -38.29 91.76 -67.72
N ASP A 4395 -38.46 91.76 -66.40
CA ASP A 4395 -37.52 91.14 -65.48
C ASP A 4395 -36.13 91.76 -65.58
N LEU A 4396 -36.08 93.02 -66.00
CA LEU A 4396 -34.82 93.74 -66.11
C LEU A 4396 -34.61 94.59 -64.86
N PRO A 4397 -33.43 94.51 -64.23
CA PRO A 4397 -33.23 95.27 -63.00
C PRO A 4397 -33.21 96.77 -63.24
N LYS A 4398 -34.10 97.48 -62.55
CA LYS A 4398 -34.16 98.93 -62.57
C LYS A 4398 -33.94 99.46 -61.16
N CYS A 4399 -33.51 100.71 -61.06
CA CYS A 4399 -33.06 101.28 -59.79
C CYS A 4399 -34.01 102.38 -59.34
N LYS A 4400 -34.46 102.28 -58.09
CA LYS A 4400 -35.17 103.37 -57.42
C LYS A 4400 -34.13 104.34 -56.86
N CYS A 4401 -33.58 105.17 -57.75
CA CYS A 4401 -32.46 106.01 -57.39
C CYS A 4401 -32.86 106.99 -56.29
N PRO A 4402 -32.01 107.18 -55.27
CA PRO A 4402 -32.35 108.12 -54.20
C PRO A 4402 -32.16 109.55 -54.65
N SER A 4403 -32.66 110.46 -53.81
CA SER A 4403 -32.54 111.89 -54.09
C SER A 4403 -31.08 112.35 -54.09
N GLY A 4404 -30.20 111.59 -53.43
CA GLY A 4404 -28.82 112.01 -53.33
C GLY A 4404 -28.07 112.00 -54.65
N TYR A 4405 -28.50 111.16 -55.59
CA TYR A 4405 -27.81 111.02 -56.86
C TYR A 4405 -28.84 110.86 -57.97
N THR A 4406 -28.35 110.53 -59.16
CA THR A 4406 -29.20 110.41 -60.34
C THR A 4406 -28.52 109.51 -61.35
N GLY A 4407 -29.22 109.25 -62.45
CA GLY A 4407 -28.73 108.39 -63.51
C GLY A 4407 -29.43 107.04 -63.53
N LYS A 4408 -29.05 106.24 -64.52
CA LYS A 4408 -29.62 104.91 -64.65
C LYS A 4408 -29.25 104.04 -63.45
N TYR A 4409 -28.00 104.14 -62.99
CA TYR A 4409 -27.54 103.38 -61.83
C TYR A 4409 -27.27 104.28 -60.64
N CYS A 4410 -27.94 105.43 -60.57
CA CYS A 4410 -27.82 106.37 -59.46
C CYS A 4410 -26.38 106.78 -59.23
N GLU A 4411 -25.67 107.05 -60.32
CA GLU A 4411 -24.27 107.43 -60.27
C GLU A 4411 -24.09 108.81 -59.63
N PRO B 220 33.83 26.94 -111.83
CA PRO B 220 32.85 27.68 -112.62
C PRO B 220 31.95 28.57 -111.78
N THR B 221 31.30 29.55 -112.41
CA THR B 221 30.38 30.46 -111.68
C THR B 221 29.29 29.61 -111.01
N CYS B 222 28.68 28.71 -111.77
CA CYS B 222 27.62 27.87 -111.22
C CYS B 222 28.23 26.64 -110.55
N GLY B 223 27.78 26.38 -109.32
CA GLY B 223 28.31 25.26 -108.57
C GLY B 223 27.80 23.92 -109.07
N GLY B 224 28.48 22.86 -108.62
CA GLY B 224 28.10 21.53 -109.04
C GLY B 224 26.68 21.16 -108.64
N TYR B 225 26.30 21.50 -107.41
CA TYR B 225 24.95 21.23 -106.92
C TYR B 225 23.99 22.35 -107.23
N GLN B 226 24.31 23.22 -108.20
CA GLN B 226 23.44 24.30 -108.61
C GLN B 226 23.12 24.17 -110.09
N PHE B 227 21.85 24.48 -110.40
CA PHE B 227 21.39 24.49 -111.80
C PHE B 227 21.81 25.81 -112.41
N THR B 228 22.23 25.79 -113.68
CA THR B 228 22.72 26.98 -114.36
C THR B 228 21.55 27.65 -115.07
N CYS B 229 21.19 28.85 -114.62
CA CYS B 229 20.13 29.63 -115.31
C CYS B 229 20.62 29.98 -116.70
N PRO B 230 19.74 30.12 -117.73
CA PRO B 230 20.19 30.58 -119.05
C PRO B 230 20.99 31.88 -118.86
N SER B 231 20.57 32.74 -117.93
CA SER B 231 21.34 33.97 -117.64
C SER B 231 22.72 33.61 -117.09
N GLY B 232 22.79 32.55 -116.28
CA GLY B 232 24.09 32.14 -115.68
C GLY B 232 24.03 32.20 -114.16
N ARG B 233 22.87 32.51 -113.60
CA ARG B 233 22.72 32.60 -112.12
C ARG B 233 22.70 31.19 -111.53
N CYS B 234 23.10 31.04 -110.27
CA CYS B 234 23.11 29.72 -109.60
C CYS B 234 21.77 29.50 -108.88
N ILE B 235 21.18 28.31 -109.03
CA ILE B 235 19.89 28.00 -108.41
C ILE B 235 20.02 26.68 -107.68
N TYR B 236 19.39 26.59 -106.51
CA TYR B 236 19.49 25.38 -105.69
C TYR B 236 18.95 24.18 -106.46
N GLN B 237 19.58 23.02 -106.22
CA GLN B 237 19.30 21.84 -107.03
C GLN B 237 17.85 21.38 -106.89
N ASN B 238 17.30 21.42 -105.67
CA ASN B 238 15.92 20.98 -105.49
C ASN B 238 14.94 21.93 -106.17
N TRP B 239 15.40 23.11 -106.58
CA TRP B 239 14.50 24.08 -107.20
C TRP B 239 14.33 23.83 -108.69
N VAL B 240 15.04 22.86 -109.28
CA VAL B 240 15.05 22.66 -110.73
C VAL B 240 13.63 22.46 -111.24
N CYS B 241 12.87 21.61 -110.58
CA CYS B 241 11.45 21.44 -110.86
C CYS B 241 10.63 21.60 -109.59
N ASP B 242 10.90 22.68 -108.84
CA ASP B 242 10.24 22.90 -107.56
C ASP B 242 8.75 23.19 -107.74
N GLY B 243 8.37 23.87 -108.82
CA GLY B 243 7.02 24.34 -109.00
C GLY B 243 6.91 25.84 -109.11
N GLU B 244 7.98 26.57 -108.85
CA GLU B 244 8.00 28.02 -108.95
C GLU B 244 9.17 28.42 -109.84
N ASP B 245 8.95 29.41 -110.70
CA ASP B 245 10.00 29.85 -111.60
C ASP B 245 11.04 30.67 -110.85
N ASP B 246 11.86 30.00 -110.04
CA ASP B 246 12.91 30.70 -109.33
C ASP B 246 13.89 31.37 -110.29
N CYS B 247 14.11 30.71 -111.42
CA CYS B 247 14.99 31.30 -112.46
C CYS B 247 14.14 32.25 -113.31
N LYS B 248 14.58 33.51 -113.42
CA LYS B 248 13.82 34.51 -114.15
C LYS B 248 13.52 34.03 -115.56
N ASP B 249 14.55 33.49 -116.23
CA ASP B 249 14.39 33.06 -117.65
C ASP B 249 13.41 31.89 -117.74
N ASN B 250 12.80 31.51 -116.61
CA ASN B 250 11.86 30.36 -116.59
C ASN B 250 12.61 29.06 -116.88
N GLY B 251 13.95 29.10 -116.89
CA GLY B 251 14.72 27.86 -117.06
C GLY B 251 14.35 26.94 -115.91
N ASP B 252 14.20 27.50 -114.72
CA ASP B 252 13.71 26.71 -113.56
C ASP B 252 12.31 26.21 -113.94
N GLU B 253 12.03 24.92 -113.73
CA GLU B 253 10.72 24.36 -114.15
C GLU B 253 10.54 24.57 -115.66
N ASP B 254 11.42 23.99 -116.48
CA ASP B 254 11.34 24.16 -117.95
C ASP B 254 10.95 22.83 -118.60
N GLY B 255 9.66 22.49 -118.62
CA GLY B 255 9.21 21.27 -119.27
C GLY B 255 9.50 20.00 -118.51
N CYS B 256 9.21 19.97 -117.21
CA CYS B 256 9.30 18.71 -116.48
C CYS B 256 8.32 17.70 -117.01
N GLU B 257 7.12 18.16 -117.39
CA GLU B 257 6.07 17.26 -117.84
C GLU B 257 6.46 16.59 -119.17
N SER B 258 5.99 15.35 -119.33
CA SER B 258 6.28 14.57 -120.52
C SER B 258 5.23 14.76 -121.62
N GLY B 259 4.16 15.49 -121.36
CA GLY B 259 3.11 15.68 -122.35
C GLY B 259 3.41 16.79 -123.35
N PRO B 334 4.97 20.80 -135.26
CA PRO B 334 6.36 20.61 -135.68
C PRO B 334 6.57 20.90 -137.16
N GLY B 335 7.69 20.42 -137.71
CA GLY B 335 7.99 20.64 -139.14
C GLY B 335 8.56 22.02 -139.40
N TYR B 336 9.05 22.26 -140.61
CA TYR B 336 9.60 23.60 -140.97
C TYR B 336 8.87 24.14 -142.20
N ILE B 337 8.87 23.37 -143.30
CA ILE B 337 8.22 23.84 -144.57
C ILE B 337 6.72 24.05 -144.33
N ILE B 338 6.15 23.37 -143.34
CA ILE B 338 4.70 23.55 -143.02
C ILE B 338 4.42 25.03 -142.80
N ASN B 339 3.43 25.57 -143.50
CA ASN B 339 3.06 27.01 -143.33
C ASN B 339 1.80 27.07 -142.45
N HIS B 340 1.96 27.34 -141.16
CA HIS B 340 0.80 27.34 -140.22
C HIS B 340 -0.04 28.59 -140.45
N ASN B 341 -1.32 28.41 -140.79
CA ASN B 341 -2.23 29.56 -141.06
C ASN B 341 -1.60 30.45 -142.14
N ASP B 342 -0.63 29.91 -142.88
CA ASP B 342 0.06 30.67 -143.91
C ASP B 342 -0.02 29.91 -145.23
N SER B 343 -0.13 30.67 -146.33
CA SER B 343 -0.13 30.04 -147.65
C SER B 343 1.24 29.47 -147.99
N ARG B 344 2.30 30.27 -147.81
CA ARG B 344 3.65 29.84 -148.13
C ARG B 344 4.66 30.17 -147.06
N THR B 345 4.31 30.97 -146.04
CA THR B 345 5.24 31.36 -145.00
C THR B 345 5.46 30.18 -144.07
N CYS B 346 6.45 29.36 -144.41
CA CYS B 346 6.75 28.20 -143.59
C CYS B 346 7.14 28.64 -142.18
N VAL B 347 6.77 27.84 -141.19
CA VAL B 347 7.10 28.19 -139.80
C VAL B 347 8.61 28.17 -139.60
N GLU B 348 9.13 29.21 -138.96
CA GLU B 348 10.56 29.27 -138.68
C GLU B 348 10.98 28.22 -137.66
N PHE B 349 10.10 27.89 -136.72
CA PHE B 349 10.37 26.94 -135.64
C PHE B 349 11.63 27.40 -134.93
N ASP B 350 12.60 26.52 -134.65
CA ASP B 350 13.84 26.92 -134.00
C ASP B 350 14.93 25.94 -134.37
N ASP B 351 16.11 26.46 -134.65
CA ASP B 351 17.22 25.61 -135.08
C ASP B 351 17.76 24.77 -133.93
N CYS B 352 17.94 23.48 -134.19
CA CYS B 352 18.50 22.55 -133.21
C CYS B 352 17.70 22.52 -131.92
N GLN B 353 16.37 22.69 -132.05
CA GLN B 353 15.50 22.70 -130.88
C GLN B 353 14.37 21.68 -131.01
N ILE B 354 14.56 20.73 -131.95
CA ILE B 354 13.59 19.67 -132.14
C ILE B 354 14.21 18.34 -131.74
N TRP B 355 13.48 17.55 -130.94
CA TRP B 355 14.03 16.29 -130.48
C TRP B 355 14.33 15.36 -131.65
N GLY B 356 15.53 14.78 -131.64
CA GLY B 356 15.94 13.89 -132.70
C GLY B 356 16.50 14.57 -133.94
N ILE B 357 16.76 15.87 -133.89
CA ILE B 357 17.31 16.55 -135.06
C ILE B 357 18.75 16.10 -135.31
N CYS B 358 19.52 15.89 -134.24
CA CYS B 358 20.92 15.52 -134.35
C CYS B 358 21.29 14.62 -133.19
N ASP B 359 22.05 13.56 -133.48
CA ASP B 359 22.42 12.60 -132.46
C ASP B 359 23.25 13.23 -131.36
N GLN B 360 24.09 14.20 -131.72
CA GLN B 360 24.98 14.83 -130.76
C GLN B 360 24.85 16.34 -130.84
N LYS B 361 25.79 17.07 -130.24
CA LYS B 361 25.75 18.52 -130.22
C LYS B 361 25.39 19.09 -131.59
N CYS B 362 24.29 19.83 -131.64
CA CYS B 362 23.73 20.36 -132.88
C CYS B 362 24.09 21.82 -133.00
N GLU B 363 24.84 22.18 -134.04
CA GLU B 363 25.23 23.57 -134.27
C GLU B 363 24.10 24.30 -134.95
N SER B 364 23.56 25.32 -134.29
CA SER B 364 22.37 26.00 -134.78
C SER B 364 22.73 26.97 -135.89
N ARG B 365 22.11 26.79 -137.06
CA ARG B 365 22.24 27.70 -138.18
C ARG B 365 21.01 28.58 -138.29
N PRO B 366 21.14 29.82 -138.81
CA PRO B 366 20.00 30.74 -138.84
C PRO B 366 18.76 30.16 -139.51
N GLY B 367 18.94 29.41 -140.59
CA GLY B 367 17.83 28.80 -141.27
C GLY B 367 17.95 27.30 -141.40
N ARG B 368 19.20 26.84 -140.94
CA ARG B 368 19.52 25.41 -141.04
C ARG B 368 20.00 24.81 -139.72
N HIS B 369 20.47 23.59 -139.71
CA HIS B 369 21.16 23.04 -138.56
C HIS B 369 22.42 22.36 -139.05
N LEU B 370 23.41 22.26 -138.15
CA LEU B 370 24.66 21.57 -138.43
C LEU B 370 24.86 20.50 -137.36
N CYS B 371 24.76 19.24 -137.76
CA CYS B 371 24.81 18.11 -136.83
C CYS B 371 26.27 17.74 -136.57
N HIS B 372 26.88 18.50 -135.66
CA HIS B 372 28.26 18.25 -135.29
C HIS B 372 28.39 16.95 -134.49
N CYS B 373 29.48 16.23 -134.73
CA CYS B 373 29.77 14.99 -134.02
C CYS B 373 31.09 15.15 -133.28
N GLU B 374 31.19 14.51 -132.11
CA GLU B 374 32.35 14.66 -131.27
C GLU B 374 33.54 13.89 -131.84
N GLU B 375 34.67 14.00 -131.14
CA GLU B 375 35.88 13.28 -131.54
C GLU B 375 35.64 11.78 -131.45
N GLY B 376 36.21 11.04 -132.40
CA GLY B 376 35.98 9.62 -132.48
C GLY B 376 34.65 9.23 -133.08
N TYR B 377 33.85 10.19 -133.50
CA TYR B 377 32.56 9.94 -134.12
C TYR B 377 32.60 10.45 -135.56
N ILE B 378 31.96 9.71 -136.45
CA ILE B 378 31.91 10.06 -137.87
C ILE B 378 30.47 10.36 -138.23
N LEU B 379 30.24 11.57 -138.75
CA LEU B 379 28.89 11.96 -139.14
C LEU B 379 28.44 11.19 -140.37
N GLU B 380 27.21 10.67 -140.31
CA GLU B 380 26.61 9.94 -141.42
C GLU B 380 25.27 10.56 -141.73
N ARG B 381 24.97 10.70 -143.02
CA ARG B 381 23.71 11.26 -143.51
C ARG B 381 23.50 12.70 -143.02
N GLY B 382 24.52 13.33 -142.46
CA GLY B 382 24.37 14.65 -141.89
C GLY B 382 23.46 14.68 -140.68
N GLN B 383 23.08 13.50 -140.16
CA GLN B 383 22.16 13.42 -139.03
C GLN B 383 22.59 12.45 -137.94
N TYR B 384 23.47 11.49 -138.23
CA TYR B 384 23.86 10.47 -137.27
C TYR B 384 25.37 10.51 -137.05
N CYS B 385 25.78 10.24 -135.82
CA CYS B 385 27.19 10.11 -135.47
C CYS B 385 27.48 8.65 -135.16
N LYS B 386 28.48 8.10 -135.85
CA LYS B 386 28.88 6.70 -135.67
C LYS B 386 30.33 6.66 -135.21
N ALA B 387 30.65 5.65 -134.41
CA ALA B 387 32.00 5.52 -133.86
C ALA B 387 33.02 5.35 -134.96
N ASN B 388 34.21 5.93 -134.75
CA ASN B 388 35.28 5.83 -135.73
C ASN B 388 35.74 4.40 -135.87
N ASP B 389 36.21 4.06 -137.05
CA ASP B 389 36.65 2.69 -137.31
C ASP B 389 37.93 2.34 -136.56
N SER B 390 38.62 3.34 -135.99
CA SER B 390 39.81 3.07 -135.22
C SER B 390 39.51 2.16 -134.04
N PHE B 391 38.41 2.42 -133.34
CA PHE B 391 38.00 1.59 -132.22
C PHE B 391 37.25 0.36 -132.72
N GLY B 392 37.34 -0.72 -131.96
CA GLY B 392 36.70 -1.96 -132.35
C GLY B 392 35.19 -1.89 -132.27
N GLU B 393 34.56 -2.93 -132.80
CA GLU B 393 33.11 -3.01 -132.79
C GLU B 393 32.59 -3.06 -131.36
N ALA B 394 31.50 -2.34 -131.10
CA ALA B 394 30.88 -2.36 -129.80
C ALA B 394 30.30 -3.74 -129.51
N SER B 395 30.33 -4.12 -128.23
CA SER B 395 29.87 -5.43 -127.80
C SER B 395 28.73 -5.26 -126.80
N ILE B 396 27.66 -6.03 -126.99
CA ILE B 396 26.50 -5.96 -126.10
C ILE B 396 26.61 -7.12 -125.12
N ILE B 397 27.01 -6.82 -123.88
CA ILE B 397 27.16 -7.83 -122.86
C ILE B 397 25.88 -7.90 -122.05
N PHE B 398 25.15 -9.01 -122.15
CA PHE B 398 23.89 -9.19 -121.46
C PHE B 398 23.84 -10.56 -120.81
N SER B 399 23.05 -10.65 -119.75
CA SER B 399 22.85 -11.91 -119.03
C SER B 399 21.58 -12.55 -119.57
N ASN B 400 21.71 -13.73 -120.14
CA ASN B 400 20.55 -14.39 -120.69
C ASN B 400 19.62 -14.64 -119.56
N GLY B 401 20.17 -14.83 -118.38
CA GLY B 401 19.36 -15.13 -117.22
C GLY B 401 20.25 -15.94 -116.32
N ARG B 402 20.92 -16.93 -116.90
CA ARG B 402 21.85 -17.74 -116.12
C ARG B 402 23.29 -17.34 -116.43
N ASP B 403 23.63 -17.23 -117.70
CA ASP B 403 25.01 -17.00 -118.11
C ASP B 403 25.18 -15.62 -118.72
N LEU B 404 26.43 -15.22 -118.87
CA LEU B 404 26.78 -13.91 -119.42
C LEU B 404 27.28 -14.08 -120.84
N LEU B 405 26.63 -13.42 -121.79
CA LEU B 405 26.92 -13.57 -123.20
C LEU B 405 27.45 -12.27 -123.78
N ILE B 406 28.43 -12.39 -124.67
CA ILE B 406 29.00 -11.25 -125.38
C ILE B 406 28.77 -11.45 -126.86
N GLY B 407 28.18 -10.45 -127.50
CA GLY B 407 27.92 -10.52 -128.92
C GLY B 407 28.23 -9.20 -129.60
N ASP B 408 28.37 -9.27 -130.92
CA ASP B 408 28.59 -8.06 -131.70
C ASP B 408 27.36 -7.16 -131.61
N ILE B 409 27.60 -5.85 -131.74
CA ILE B 409 26.51 -4.90 -131.65
C ILE B 409 25.48 -5.14 -132.75
N HIS B 410 25.91 -5.62 -133.91
CA HIS B 410 24.99 -5.91 -134.99
C HIS B 410 24.14 -7.14 -134.70
N GLY B 411 24.58 -8.00 -133.79
CA GLY B 411 23.81 -9.17 -133.41
C GLY B 411 24.04 -10.40 -134.26
N ARG B 412 25.14 -10.45 -135.02
CA ARG B 412 25.39 -11.61 -135.86
C ARG B 412 25.71 -12.85 -135.03
N SER B 413 26.57 -12.71 -134.03
CA SER B 413 27.04 -13.84 -133.25
C SER B 413 26.82 -13.58 -131.76
N PHE B 414 26.72 -14.66 -131.00
CA PHE B 414 26.49 -14.58 -129.55
C PHE B 414 27.30 -15.69 -128.89
N ARG B 415 28.48 -15.35 -128.40
CA ARG B 415 29.27 -16.30 -127.61
C ARG B 415 29.00 -16.08 -126.13
N ILE B 416 29.40 -17.05 -125.33
CA ILE B 416 29.15 -17.03 -123.89
C ILE B 416 30.45 -16.62 -123.20
N LEU B 417 30.42 -15.46 -122.54
CA LEU B 417 31.59 -14.99 -121.82
C LEU B 417 31.91 -15.89 -120.64
N VAL B 418 30.90 -16.22 -119.85
CA VAL B 418 31.09 -17.07 -118.67
C VAL B 418 29.74 -17.66 -118.30
N GLU B 419 29.74 -18.95 -117.96
CA GLU B 419 28.54 -19.64 -117.51
C GLU B 419 28.55 -19.69 -115.99
N SER B 420 27.50 -19.14 -115.37
CA SER B 420 27.42 -19.11 -113.92
C SER B 420 27.38 -20.54 -113.38
N GLN B 421 28.16 -20.78 -112.33
CA GLN B 421 28.31 -22.10 -111.74
C GLN B 421 27.51 -22.18 -110.44
N ASN B 422 27.38 -23.40 -109.93
CA ASN B 422 26.70 -23.66 -108.67
C ASN B 422 25.28 -23.10 -108.69
N ARG B 423 24.58 -23.31 -109.80
CA ARG B 423 23.19 -22.92 -109.98
C ARG B 423 23.00 -21.41 -109.93
N GLY B 424 24.08 -20.64 -110.01
CA GLY B 424 23.96 -19.19 -109.89
C GLY B 424 23.39 -18.55 -111.14
N VAL B 425 23.00 -17.29 -110.98
CA VAL B 425 22.46 -16.49 -112.08
C VAL B 425 23.10 -15.11 -112.02
N ALA B 426 23.41 -14.55 -113.20
CA ALA B 426 23.98 -13.22 -113.28
C ALA B 426 22.87 -12.18 -113.42
N VAL B 427 23.07 -11.02 -112.81
CA VAL B 427 22.07 -9.95 -112.78
C VAL B 427 22.60 -8.66 -113.39
N GLY B 428 23.66 -8.11 -112.80
CA GLY B 428 24.20 -6.85 -113.30
C GLY B 428 25.48 -7.04 -114.07
N VAL B 429 25.78 -6.12 -114.98
CA VAL B 429 26.99 -6.17 -115.79
C VAL B 429 27.65 -4.81 -115.80
N ALA B 430 28.98 -4.80 -115.69
CA ALA B 430 29.75 -3.58 -115.80
C ALA B 430 31.15 -3.95 -116.29
N PHE B 431 31.78 -3.01 -116.98
CA PHE B 431 33.07 -3.27 -117.60
C PHE B 431 34.00 -2.08 -117.41
N HIS B 432 35.29 -2.37 -117.47
CA HIS B 432 36.34 -1.34 -117.45
C HIS B 432 37.15 -1.56 -118.73
N TYR B 433 36.85 -0.75 -119.75
CA TYR B 433 37.40 -0.99 -121.08
C TYR B 433 38.92 -0.91 -121.09
N HIS B 434 39.48 0.02 -120.33
CA HIS B 434 40.94 0.17 -120.31
C HIS B 434 41.61 -1.08 -119.80
N LEU B 435 41.04 -1.72 -118.78
CA LEU B 435 41.61 -2.92 -118.20
C LEU B 435 41.07 -4.19 -118.85
N GLN B 436 40.17 -4.07 -119.82
CA GLN B 436 39.62 -5.22 -120.54
C GLN B 436 39.00 -6.23 -119.58
N ARG B 437 38.26 -5.71 -118.61
CA ARG B 437 37.64 -6.54 -117.57
C ARG B 437 36.14 -6.36 -117.60
N VAL B 438 35.41 -7.44 -117.31
CA VAL B 438 33.96 -7.43 -117.22
C VAL B 438 33.55 -7.88 -115.83
N PHE B 439 32.67 -7.13 -115.19
CA PHE B 439 32.21 -7.43 -113.84
C PHE B 439 30.74 -7.82 -113.89
N TRP B 440 30.37 -8.80 -113.08
CA TRP B 440 28.97 -9.18 -112.94
C TRP B 440 28.73 -9.75 -111.56
N THR B 441 27.47 -9.73 -111.15
CA THR B 441 27.06 -10.17 -109.82
C THR B 441 26.20 -11.42 -109.93
N ASP B 442 26.30 -12.29 -108.93
CA ASP B 442 25.54 -13.52 -108.89
C ASP B 442 24.74 -13.54 -107.59
N THR B 443 23.45 -13.25 -107.67
CA THR B 443 22.61 -13.19 -106.48
C THR B 443 22.47 -14.56 -105.83
N VAL B 444 22.33 -15.61 -106.64
CA VAL B 444 22.19 -16.95 -106.07
C VAL B 444 23.46 -17.36 -105.35
N GLN B 445 24.61 -17.07 -105.92
CA GLN B 445 25.88 -17.37 -105.27
C GLN B 445 26.28 -16.33 -104.24
N ASN B 446 25.57 -15.21 -104.16
CA ASN B 446 25.89 -14.12 -103.23
C ASN B 446 27.33 -13.66 -103.39
N LYS B 447 27.75 -13.51 -104.65
CA LYS B 447 29.13 -13.15 -104.94
C LYS B 447 29.16 -12.19 -106.13
N VAL B 448 30.26 -11.45 -106.22
CA VAL B 448 30.53 -10.57 -107.35
C VAL B 448 31.83 -11.02 -107.99
N PHE B 449 31.82 -11.22 -109.30
CA PHE B 449 32.96 -11.76 -110.01
C PHE B 449 33.50 -10.76 -111.03
N SER B 450 34.75 -10.98 -111.43
CA SER B 450 35.39 -10.25 -112.51
C SER B 450 35.97 -11.24 -113.50
N VAL B 451 36.13 -10.80 -114.75
CA VAL B 451 36.66 -11.66 -115.80
C VAL B 451 37.22 -10.79 -116.90
N ASP B 452 38.13 -11.37 -117.70
CA ASP B 452 38.62 -10.69 -118.89
C ASP B 452 37.60 -10.77 -120.01
N ILE B 453 37.76 -9.90 -121.00
CA ILE B 453 36.83 -9.89 -122.13
C ILE B 453 36.90 -11.20 -122.90
N ASN B 454 38.08 -11.83 -122.93
CA ASN B 454 38.23 -13.09 -123.66
C ASN B 454 37.40 -14.21 -123.04
N GLY B 455 37.29 -14.23 -121.71
CA GLY B 455 36.54 -15.27 -121.04
C GLY B 455 37.41 -16.14 -120.16
N LEU B 456 38.52 -15.59 -119.68
CA LEU B 456 39.47 -16.31 -118.85
C LEU B 456 39.82 -15.47 -117.63
N ASN B 457 40.59 -16.06 -116.72
CA ASN B 457 41.06 -15.40 -115.51
C ASN B 457 39.89 -14.86 -114.69
N ILE B 458 38.87 -15.71 -114.51
CA ILE B 458 37.73 -15.30 -113.71
C ILE B 458 38.15 -15.17 -112.25
N GLN B 459 37.80 -14.04 -111.65
CA GLN B 459 38.20 -13.72 -110.29
C GLN B 459 36.99 -13.38 -109.45
N GLU B 460 37.14 -13.51 -108.15
CA GLU B 460 36.08 -13.25 -107.18
C GLU B 460 36.48 -12.01 -106.38
N VAL B 461 35.70 -10.93 -106.50
CA VAL B 461 36.10 -9.68 -105.87
C VAL B 461 35.43 -9.48 -104.52
N LEU B 462 34.16 -9.86 -104.37
CA LEU B 462 33.47 -9.71 -103.11
C LEU B 462 32.59 -10.94 -102.88
N ASN B 463 32.68 -11.51 -101.69
CA ASN B 463 31.88 -12.67 -101.35
C ASN B 463 31.51 -12.67 -99.89
N VAL B 464 31.73 -11.55 -99.21
CA VAL B 464 31.49 -11.49 -97.77
C VAL B 464 30.02 -11.21 -97.47
N SER B 465 29.54 -10.03 -97.87
CA SER B 465 28.20 -9.58 -97.47
C SER B 465 27.32 -9.19 -98.63
N VAL B 466 27.75 -9.43 -99.87
CA VAL B 466 26.91 -9.11 -101.02
C VAL B 466 25.95 -10.26 -101.25
N GLU B 467 24.77 -10.19 -100.64
CA GLU B 467 23.82 -11.30 -100.74
C GLU B 467 22.98 -11.17 -102.01
N THR B 468 22.46 -9.98 -102.30
CA THR B 468 21.64 -9.74 -103.48
C THR B 468 22.14 -8.49 -104.19
N PRO B 469 23.27 -8.58 -104.88
CA PRO B 469 23.77 -7.43 -105.64
C PRO B 469 23.15 -7.35 -107.02
N GLU B 470 22.34 -6.32 -107.27
CA GLU B 470 21.59 -6.23 -108.53
C GLU B 470 22.44 -5.63 -109.66
N ASN B 471 22.89 -4.40 -109.48
CA ASN B 471 23.59 -3.69 -110.53
C ASN B 471 24.95 -3.19 -110.06
N LEU B 472 25.79 -2.84 -111.03
CA LEU B 472 27.13 -2.32 -110.77
C LEU B 472 27.35 -1.08 -111.61
N ALA B 473 28.30 -0.26 -111.18
CA ALA B 473 28.74 0.90 -111.94
C ALA B 473 30.25 1.04 -111.74
N VAL B 474 30.98 1.12 -112.84
CA VAL B 474 32.44 1.13 -112.80
C VAL B 474 32.93 2.54 -113.10
N ASP B 475 33.62 3.13 -112.13
CA ASP B 475 34.28 4.41 -112.31
C ASP B 475 35.62 4.13 -112.97
N TRP B 476 35.67 4.22 -114.30
CA TRP B 476 36.90 3.92 -115.01
C TRP B 476 37.99 4.94 -114.69
N VAL B 477 37.59 6.17 -114.35
CA VAL B 477 38.58 7.21 -114.06
C VAL B 477 39.33 6.91 -112.77
N ASN B 478 38.60 6.53 -111.72
CA ASN B 478 39.20 6.28 -110.41
C ASN B 478 39.38 4.80 -110.12
N ASN B 479 39.07 3.92 -111.09
CA ASN B 479 39.19 2.48 -110.92
C ASN B 479 38.37 2.00 -109.72
N LYS B 480 37.17 2.57 -109.58
CA LYS B 480 36.25 2.22 -108.50
C LYS B 480 35.00 1.58 -109.10
N ILE B 481 34.40 0.69 -108.24
CA ILE B 481 33.18 0.02 -108.64
C ILE B 481 32.06 0.33 -107.68
N TYR B 482 30.95 0.91 -108.23
CA TYR B 482 29.80 1.25 -107.41
C TYR B 482 28.80 0.10 -107.47
N LEU B 483 28.48 -0.46 -106.31
CA LEU B 483 27.65 -1.66 -106.21
C LEU B 483 26.32 -1.33 -105.57
N VAL B 484 25.28 -2.03 -105.99
CA VAL B 484 23.94 -1.90 -105.41
C VAL B 484 23.61 -3.23 -104.74
N GLU B 485 23.45 -3.20 -103.42
CA GLU B 485 23.10 -4.40 -102.65
C GLU B 485 21.68 -4.24 -102.13
N THR B 486 20.77 -5.05 -102.65
CA THR B 486 19.36 -4.92 -102.30
C THR B 486 18.94 -5.80 -101.13
N LYS B 487 19.84 -6.64 -100.61
CA LYS B 487 19.51 -7.43 -99.43
C LYS B 487 19.25 -6.53 -98.23
N VAL B 488 20.09 -5.51 -98.05
CA VAL B 488 19.96 -4.56 -96.97
C VAL B 488 19.78 -3.14 -97.51
N ASN B 489 19.63 -3.01 -98.83
CA ASN B 489 19.48 -1.69 -99.44
C ASN B 489 20.67 -0.79 -99.16
N ARG B 490 21.73 -0.93 -99.95
CA ARG B 490 22.91 -0.08 -99.77
C ARG B 490 23.71 0.10 -101.05
N ILE B 491 24.24 1.30 -101.26
CA ILE B 491 25.07 1.54 -102.44
C ILE B 491 26.52 1.62 -102.00
N ASP B 492 27.20 0.50 -101.97
CA ASP B 492 28.57 0.46 -101.51
C ASP B 492 29.54 0.58 -102.69
N MET B 493 30.66 1.24 -102.44
CA MET B 493 31.69 1.45 -103.45
C MET B 493 32.98 0.81 -102.97
N VAL B 494 33.56 -0.04 -103.82
CA VAL B 494 34.78 -0.77 -103.50
C VAL B 494 35.76 -0.58 -104.65
N ASN B 495 36.99 -1.07 -104.42
CA ASN B 495 37.98 -1.10 -105.49
C ASN B 495 37.72 -2.31 -106.39
N LEU B 496 38.35 -2.29 -107.57
CA LEU B 496 38.20 -3.41 -108.49
C LEU B 496 38.76 -4.70 -107.91
N ASP B 497 39.65 -4.61 -106.94
CA ASP B 497 40.13 -5.77 -106.20
C ASP B 497 39.37 -5.96 -104.89
N GLY B 498 38.39 -5.12 -104.61
CA GLY B 498 37.69 -5.18 -103.35
C GLY B 498 38.53 -4.82 -102.15
N SER B 499 39.61 -4.07 -102.36
CA SER B 499 40.55 -3.79 -101.28
C SER B 499 39.89 -3.02 -100.15
N TYR B 500 39.09 -2.02 -100.48
CA TYR B 500 38.47 -1.15 -99.49
C TYR B 500 36.98 -1.02 -99.80
N ARG B 501 36.15 -1.22 -98.79
CA ARG B 501 34.70 -1.15 -98.95
C ARG B 501 34.15 0.02 -98.16
N VAL B 502 33.34 0.85 -98.82
CA VAL B 502 32.72 2.00 -98.18
C VAL B 502 31.24 2.00 -98.54
N THR B 503 30.37 2.15 -97.55
CA THR B 503 28.95 2.24 -97.82
C THR B 503 28.61 3.69 -98.06
N LEU B 504 27.99 3.98 -99.19
CA LEU B 504 27.72 5.38 -99.54
C LEU B 504 26.29 5.82 -99.21
N ILE B 505 25.32 5.38 -99.98
CA ILE B 505 23.96 5.84 -99.78
C ILE B 505 23.02 4.77 -99.23
N THR B 506 22.51 5.00 -98.02
CA THR B 506 21.57 4.05 -97.41
C THR B 506 20.54 4.81 -96.60
N GLU B 507 20.35 6.08 -96.90
CA GLU B 507 19.44 6.90 -96.09
C GLU B 507 18.01 6.41 -96.08
N ASN B 508 17.44 6.13 -97.25
CA ASN B 508 16.03 5.74 -97.30
C ASN B 508 15.76 4.76 -98.42
N LEU B 509 16.80 4.15 -98.96
CA LEU B 509 16.61 3.24 -100.07
C LEU B 509 15.81 2.03 -99.64
N GLY B 510 14.64 1.82 -100.26
CA GLY B 510 13.84 0.67 -99.96
C GLY B 510 14.12 -0.49 -100.90
N HIS B 511 14.28 -0.18 -102.18
CA HIS B 511 14.59 -1.20 -103.19
C HIS B 511 15.40 -0.59 -104.32
N PRO B 512 16.68 -0.27 -104.11
CA PRO B 512 17.49 0.24 -105.22
C PRO B 512 17.56 -0.78 -106.35
N ARG B 513 17.42 -0.29 -107.57
CA ARG B 513 17.33 -1.17 -108.73
C ARG B 513 18.31 -0.81 -109.83
N GLY B 514 18.60 0.46 -110.04
CA GLY B 514 19.51 0.88 -111.08
C GLY B 514 20.59 1.79 -110.54
N ILE B 515 21.67 1.91 -111.31
CA ILE B 515 22.79 2.77 -110.94
C ILE B 515 23.57 3.13 -112.19
N ALA B 516 24.18 4.31 -112.17
CA ALA B 516 24.97 4.81 -113.28
C ALA B 516 25.88 5.92 -112.77
N VAL B 517 27.09 5.98 -113.33
CA VAL B 517 28.10 6.94 -112.89
C VAL B 517 28.57 7.75 -114.08
N ASP B 518 28.97 8.99 -113.83
CA ASP B 518 29.61 9.86 -114.83
C ASP B 518 30.85 10.45 -114.19
N PRO B 519 31.97 9.74 -114.24
CA PRO B 519 33.18 10.23 -113.55
C PRO B 519 33.67 11.59 -114.02
N THR B 520 33.41 11.93 -115.29
CA THR B 520 33.90 13.20 -115.81
C THR B 520 33.33 14.38 -115.04
N VAL B 521 32.03 14.34 -114.74
CA VAL B 521 31.38 15.44 -114.03
C VAL B 521 31.23 15.16 -112.54
N GLY B 522 31.59 13.96 -112.09
CA GLY B 522 31.45 13.61 -110.69
C GLY B 522 30.01 13.53 -110.21
N TYR B 523 29.17 12.86 -111.00
CA TYR B 523 27.76 12.67 -110.66
C TYR B 523 27.46 11.18 -110.58
N LEU B 524 26.58 10.81 -109.65
CA LEU B 524 26.11 9.44 -109.50
C LEU B 524 24.59 9.43 -109.57
N PHE B 525 24.04 8.53 -110.38
CA PHE B 525 22.61 8.42 -110.58
C PHE B 525 22.15 7.02 -110.22
N PHE B 526 21.00 6.93 -109.56
CA PHE B 526 20.43 5.63 -109.22
C PHE B 526 18.92 5.79 -109.07
N SER B 527 18.22 4.66 -109.15
CA SER B 527 16.77 4.66 -109.09
C SER B 527 16.29 3.65 -108.05
N ASP B 528 15.17 3.98 -107.40
CA ASP B 528 14.55 3.11 -106.42
C ASP B 528 13.07 3.05 -106.74
N TRP B 529 12.55 1.85 -107.00
CA TRP B 529 11.15 1.73 -107.37
C TRP B 529 10.22 1.71 -106.16
N GLU B 530 10.75 1.58 -104.95
CA GLU B 530 9.93 1.69 -103.75
C GLU B 530 10.86 2.10 -102.61
N SER B 531 10.83 3.38 -102.25
CA SER B 531 11.66 3.85 -101.15
C SER B 531 11.03 3.46 -99.81
N LEU B 532 11.67 3.91 -98.73
CA LEU B 532 11.11 3.67 -97.40
C LEU B 532 9.76 4.34 -97.25
N SER B 533 9.61 5.56 -97.76
CA SER B 533 8.34 6.26 -97.71
C SER B 533 7.34 5.73 -98.74
N GLY B 534 7.63 4.62 -99.39
CA GLY B 534 6.76 4.11 -100.44
C GLY B 534 6.67 5.02 -101.64
N GLU B 535 7.73 5.76 -101.93
CA GLU B 535 7.75 6.72 -103.03
C GLU B 535 8.91 6.39 -103.96
N PRO B 536 8.64 5.96 -105.19
CA PRO B 536 9.74 5.75 -106.15
C PRO B 536 10.52 7.04 -106.35
N LYS B 537 11.85 6.94 -106.31
CA LYS B 537 12.72 8.11 -106.29
C LYS B 537 13.93 7.90 -107.21
N LEU B 538 13.84 8.44 -108.41
CA LEU B 538 15.02 8.56 -109.25
C LEU B 538 15.81 9.79 -108.84
N GLU B 539 17.03 9.59 -108.37
CA GLU B 539 17.79 10.62 -107.68
C GLU B 539 19.15 10.83 -108.33
N ARG B 540 19.59 12.09 -108.34
CA ARG B 540 20.95 12.44 -108.69
C ARG B 540 21.71 12.78 -107.43
N ALA B 541 22.97 12.36 -107.34
CA ALA B 541 23.81 12.67 -106.21
C ALA B 541 25.27 12.70 -106.66
N PHE B 542 26.11 13.34 -105.85
CA PHE B 542 27.54 13.31 -106.13
C PHE B 542 28.05 11.89 -106.01
N MET B 543 29.22 11.64 -106.60
CA MET B 543 29.78 10.29 -106.60
C MET B 543 30.08 9.80 -105.19
N ASP B 544 30.20 10.70 -104.22
CA ASP B 544 30.31 10.30 -102.83
C ASP B 544 28.97 10.33 -102.10
N GLY B 545 27.89 10.58 -102.82
CA GLY B 545 26.57 10.63 -102.20
C GLY B 545 26.41 11.73 -101.19
N SER B 546 26.90 12.92 -101.51
CA SER B 546 26.86 14.03 -100.56
C SER B 546 25.59 14.85 -100.70
N ASN B 547 25.35 15.38 -101.89
CA ASN B 547 24.20 16.25 -102.13
C ASN B 547 23.13 15.50 -102.90
N ARG B 548 22.39 14.66 -102.18
CA ARG B 548 21.31 13.91 -102.78
C ARG B 548 20.19 14.86 -103.23
N LYS B 549 19.66 14.62 -104.44
CA LYS B 549 18.62 15.47 -105.00
C LYS B 549 17.75 14.62 -105.92
N ASP B 550 16.44 14.66 -105.70
CA ASP B 550 15.52 13.97 -106.59
C ASP B 550 15.59 14.60 -107.99
N LEU B 551 15.67 13.74 -109.00
CA LEU B 551 15.80 14.18 -110.38
C LEU B 551 14.46 14.27 -111.09
N VAL B 552 13.62 13.25 -110.95
CA VAL B 552 12.30 13.20 -111.55
C VAL B 552 11.28 12.96 -110.45
N LYS B 553 10.19 13.72 -110.47
CA LYS B 553 9.17 13.63 -109.45
C LYS B 553 7.78 13.61 -110.08
N THR B 554 7.66 12.91 -111.20
CA THR B 554 6.37 12.83 -111.89
C THR B 554 6.25 11.55 -112.70
N LYS B 555 5.11 10.86 -112.57
CA LYS B 555 4.88 9.64 -113.34
C LYS B 555 6.02 8.63 -113.19
N LEU B 556 6.56 8.51 -112.00
CA LEU B 556 7.63 7.55 -111.78
C LEU B 556 7.09 6.31 -111.10
N GLY B 557 6.58 5.37 -111.88
CA GLY B 557 6.00 4.16 -111.32
C GLY B 557 7.04 3.24 -110.71
N TRP B 558 7.81 2.55 -111.55
CA TRP B 558 8.84 1.63 -111.08
C TRP B 558 10.13 1.84 -111.87
N PRO B 559 10.93 2.84 -111.52
CA PRO B 559 12.20 3.05 -112.23
C PRO B 559 13.15 1.89 -112.00
N ALA B 560 13.47 1.18 -113.08
CA ALA B 560 14.28 -0.03 -112.95
C ALA B 560 15.75 0.21 -113.30
N GLY B 561 16.02 0.65 -114.52
CA GLY B 561 17.40 0.85 -114.93
C GLY B 561 17.68 2.29 -115.30
N VAL B 562 18.95 2.68 -115.16
CA VAL B 562 19.39 4.04 -115.47
C VAL B 562 20.70 3.95 -116.25
N THR B 563 20.79 4.69 -117.35
CA THR B 563 22.01 4.82 -118.13
C THR B 563 22.21 6.27 -118.53
N LEU B 564 23.47 6.66 -118.70
CA LEU B 564 23.84 8.06 -118.92
C LEU B 564 24.43 8.22 -120.33
N ASP B 565 23.86 9.13 -121.11
CA ASP B 565 24.44 9.54 -122.39
C ASP B 565 25.37 10.70 -122.11
N MET B 566 26.67 10.40 -122.02
CA MET B 566 27.63 11.39 -121.53
C MET B 566 27.78 12.55 -122.50
N ILE B 567 27.65 12.29 -123.80
CA ILE B 567 27.83 13.35 -124.80
C ILE B 567 26.72 14.38 -124.68
N SER B 568 25.48 13.94 -124.63
CA SER B 568 24.33 14.85 -124.57
C SER B 568 24.00 15.29 -123.16
N LYS B 569 24.72 14.78 -122.16
CA LYS B 569 24.46 15.10 -120.75
C LYS B 569 22.99 14.83 -120.40
N ARG B 570 22.56 13.61 -120.66
CA ARG B 570 21.18 13.21 -120.41
C ARG B 570 21.14 11.90 -119.61
N VAL B 571 20.02 11.67 -118.96
CA VAL B 571 19.79 10.47 -118.16
C VAL B 571 18.65 9.70 -118.81
N TYR B 572 18.86 8.42 -119.06
CA TYR B 572 17.86 7.55 -119.67
C TYR B 572 17.47 6.47 -118.67
N TRP B 573 16.20 6.43 -118.27
CA TRP B 573 15.72 5.46 -117.32
C TRP B 573 14.48 4.77 -117.87
N VAL B 574 14.25 3.54 -117.42
CA VAL B 574 13.11 2.73 -117.86
C VAL B 574 12.21 2.44 -116.66
N ASP B 575 10.92 2.27 -116.93
CA ASP B 575 9.93 1.99 -115.90
C ASP B 575 9.26 0.67 -116.22
N SER B 576 9.37 -0.30 -115.32
CA SER B 576 8.74 -1.59 -115.55
C SER B 576 7.26 -1.47 -115.32
N ARG B 577 6.86 -0.59 -114.40
CA ARG B 577 5.45 -0.45 -114.07
C ARG B 577 4.69 0.29 -115.15
N PHE B 578 5.16 1.49 -115.50
CA PHE B 578 4.46 2.29 -116.48
C PHE B 578 4.89 1.94 -117.90
N ASP B 579 5.82 1.00 -118.05
CA ASP B 579 6.23 0.56 -119.37
C ASP B 579 6.63 1.72 -120.26
N TYR B 580 7.55 2.55 -119.79
CA TYR B 580 8.00 3.67 -120.61
C TYR B 580 9.45 3.99 -120.34
N ILE B 581 10.23 4.24 -121.38
CA ILE B 581 11.62 4.64 -121.19
C ILE B 581 11.69 6.14 -121.47
N GLU B 582 12.04 6.92 -120.44
CA GLU B 582 12.03 8.36 -120.52
C GLU B 582 13.46 8.89 -120.59
N THR B 583 13.58 10.21 -120.72
CA THR B 583 14.88 10.85 -120.83
C THR B 583 14.80 12.25 -120.28
N VAL B 584 15.71 12.61 -119.37
CA VAL B 584 15.85 13.96 -118.86
C VAL B 584 17.31 14.36 -118.94
N THR B 585 17.56 15.65 -118.76
CA THR B 585 18.94 16.13 -118.70
C THR B 585 19.56 15.73 -117.35
N TYR B 586 20.86 15.99 -117.23
CA TYR B 586 21.55 15.69 -115.98
C TYR B 586 20.91 16.41 -114.80
N ASP B 587 20.32 17.57 -115.03
CA ASP B 587 19.57 18.28 -114.00
C ASP B 587 18.09 17.92 -114.03
N GLY B 588 17.67 17.06 -114.95
CA GLY B 588 16.29 16.67 -115.05
C GLY B 588 15.38 17.80 -115.51
N ILE B 589 15.68 18.38 -116.67
CA ILE B 589 14.90 19.59 -117.09
C ILE B 589 13.99 19.26 -118.27
N GLN B 590 14.53 18.74 -119.36
CA GLN B 590 13.74 18.55 -120.57
C GLN B 590 13.34 17.09 -120.68
N ARG B 591 12.24 16.72 -120.02
CA ARG B 591 11.81 15.34 -120.00
C ARG B 591 11.17 14.96 -121.33
N LYS B 592 11.68 13.89 -121.93
CA LYS B 592 11.21 13.42 -123.23
C LYS B 592 10.94 11.93 -123.16
N THR B 593 9.87 11.49 -123.84
CA THR B 593 9.48 10.08 -123.84
C THR B 593 10.01 9.43 -125.12
N VAL B 594 11.03 8.58 -124.96
CA VAL B 594 11.57 7.88 -126.12
C VAL B 594 10.57 6.86 -126.64
N VAL B 595 10.21 5.91 -125.79
CA VAL B 595 9.26 4.88 -126.19
C VAL B 595 8.27 4.64 -125.07
N HIS B 596 7.02 4.38 -125.43
CA HIS B 596 6.01 4.10 -124.43
C HIS B 596 5.09 3.01 -124.92
N GLY B 597 4.11 2.65 -124.11
CA GLY B 597 3.16 1.63 -124.50
C GLY B 597 3.52 0.27 -123.94
N GLY B 598 2.57 -0.36 -123.28
CA GLY B 598 2.82 -1.67 -122.72
C GLY B 598 3.21 -2.63 -123.82
N SER B 599 2.52 -2.54 -124.95
CA SER B 599 2.81 -3.43 -126.06
C SER B 599 4.27 -3.33 -126.47
N LEU B 600 4.79 -2.12 -126.62
CA LEU B 600 6.15 -1.97 -127.11
C LEU B 600 7.17 -2.37 -126.06
N ILE B 601 7.05 -1.84 -124.85
CA ILE B 601 8.04 -2.07 -123.81
C ILE B 601 7.32 -2.53 -122.55
N PRO B 602 6.80 -3.76 -122.53
CA PRO B 602 5.92 -4.17 -121.42
C PRO B 602 6.58 -4.16 -120.05
N HIS B 603 7.86 -4.52 -119.95
CA HIS B 603 8.50 -4.70 -118.65
C HIS B 603 10.01 -4.57 -118.78
N PRO B 604 10.51 -3.35 -118.90
CA PRO B 604 11.97 -3.16 -118.98
C PRO B 604 12.64 -3.26 -117.62
N PHE B 605 13.85 -3.82 -117.62
CA PHE B 605 14.61 -3.91 -116.38
C PHE B 605 15.93 -3.14 -116.46
N GLY B 606 16.72 -3.41 -117.48
CA GLY B 606 18.02 -2.77 -117.65
C GLY B 606 18.14 -2.15 -119.03
N VAL B 607 18.79 -0.99 -119.08
CA VAL B 607 18.93 -0.23 -120.33
C VAL B 607 20.36 0.27 -120.44
N SER B 608 20.91 0.22 -121.66
CA SER B 608 22.20 0.80 -121.98
C SER B 608 22.10 1.54 -123.30
N LEU B 609 22.88 2.60 -123.43
CA LEU B 609 22.80 3.50 -124.57
C LEU B 609 24.14 3.54 -125.31
N PHE B 610 24.08 3.56 -126.64
CA PHE B 610 25.25 3.75 -127.47
C PHE B 610 24.81 4.28 -128.82
N GLU B 611 25.47 5.35 -129.29
CA GLU B 611 25.12 6.02 -130.53
C GLU B 611 23.65 6.42 -130.52
N GLY B 612 22.94 6.10 -131.60
CA GLY B 612 21.53 6.41 -131.68
C GLY B 612 20.64 5.26 -131.27
N GLN B 613 21.22 4.29 -130.56
CA GLN B 613 20.51 3.07 -130.19
C GLN B 613 20.55 2.88 -128.68
N VAL B 614 19.43 2.45 -128.11
CA VAL B 614 19.34 2.08 -126.70
C VAL B 614 18.96 0.61 -126.62
N PHE B 615 19.70 -0.14 -125.82
CA PHE B 615 19.44 -1.57 -125.63
C PHE B 615 18.83 -1.77 -124.25
N PHE B 616 17.58 -2.21 -124.21
CA PHE B 616 16.86 -2.39 -122.97
C PHE B 616 16.34 -3.82 -122.88
N THR B 617 16.57 -4.46 -121.74
CA THR B 617 16.11 -5.82 -121.51
C THR B 617 14.70 -5.80 -120.95
N ASP B 618 13.83 -6.60 -121.55
CA ASP B 618 12.42 -6.65 -121.16
C ASP B 618 12.10 -8.03 -120.60
N TRP B 619 11.56 -8.08 -119.41
CA TRP B 619 11.28 -9.35 -118.82
C TRP B 619 10.06 -9.99 -119.45
N THR B 620 9.03 -9.22 -119.72
CA THR B 620 7.80 -9.80 -120.24
C THR B 620 8.05 -10.52 -121.56
N LYS B 621 8.81 -9.91 -122.46
CA LYS B 621 9.15 -10.54 -123.73
C LYS B 621 10.42 -11.38 -123.64
N MET B 622 11.08 -11.37 -122.50
CA MET B 622 12.27 -12.18 -122.32
C MET B 622 13.22 -11.99 -123.48
N ALA B 623 13.61 -10.76 -123.72
CA ALA B 623 14.50 -10.47 -124.83
C ALA B 623 15.24 -9.17 -124.57
N VAL B 624 16.39 -9.02 -125.22
CA VAL B 624 17.14 -7.77 -125.19
C VAL B 624 16.69 -6.94 -126.38
N LEU B 625 15.68 -6.10 -126.17
CA LEU B 625 15.11 -5.33 -127.25
C LEU B 625 15.98 -4.13 -127.59
N LYS B 626 15.76 -3.58 -128.77
CA LYS B 626 16.56 -2.48 -129.31
C LYS B 626 15.64 -1.38 -129.80
N ALA B 627 16.03 -0.14 -129.55
CA ALA B 627 15.21 1.01 -129.92
C ALA B 627 16.10 2.20 -130.22
N ASN B 628 15.55 3.14 -130.99
CA ASN B 628 16.27 4.35 -131.32
C ASN B 628 16.46 5.22 -130.09
N LYS B 629 17.56 5.97 -130.06
CA LYS B 629 17.86 6.79 -128.89
C LYS B 629 16.78 7.83 -128.65
N PHE B 630 16.32 8.50 -129.70
CA PHE B 630 15.37 9.60 -129.55
C PHE B 630 13.93 9.11 -129.51
N THR B 631 13.49 8.44 -130.57
CA THR B 631 12.11 7.98 -130.63
C THR B 631 12.05 6.72 -131.48
N GLU B 632 11.33 5.71 -130.97
CA GLU B 632 11.14 4.46 -131.68
C GLU B 632 9.71 3.98 -131.46
N THR B 633 9.00 3.72 -132.54
CA THR B 633 7.63 3.24 -132.47
C THR B 633 7.52 1.72 -132.49
N ASN B 634 8.64 1.01 -132.65
CA ASN B 634 8.61 -0.44 -132.69
C ASN B 634 9.95 -1.00 -132.25
N PRO B 635 10.03 -1.63 -131.07
CA PRO B 635 11.29 -2.19 -130.61
C PRO B 635 11.78 -3.31 -131.52
N GLN B 636 13.09 -3.45 -131.60
CA GLN B 636 13.73 -4.50 -132.39
C GLN B 636 14.32 -5.55 -131.45
N VAL B 637 14.07 -6.82 -131.74
CA VAL B 637 14.56 -7.92 -130.91
C VAL B 637 16.02 -8.18 -131.25
N TYR B 638 16.93 -7.54 -130.51
CA TYR B 638 18.35 -7.79 -130.74
C TYR B 638 18.72 -9.22 -130.40
N TYR B 639 18.14 -9.76 -129.32
CA TYR B 639 18.37 -11.14 -128.94
C TYR B 639 17.23 -11.57 -128.03
N GLN B 640 16.84 -12.83 -128.18
CA GLN B 640 15.77 -13.41 -127.37
C GLN B 640 16.30 -14.63 -126.63
N ALA B 641 15.91 -14.76 -125.37
CA ALA B 641 16.33 -15.88 -124.54
C ALA B 641 15.13 -16.44 -123.81
N SER B 642 15.17 -17.72 -123.46
CA SER B 642 14.07 -18.26 -122.71
C SER B 642 14.04 -17.61 -121.35
N LEU B 643 15.15 -17.72 -120.63
CA LEU B 643 15.22 -17.14 -119.30
C LEU B 643 14.99 -15.65 -119.32
N ARG B 644 14.45 -15.12 -118.23
CA ARG B 644 14.26 -13.69 -118.14
C ARG B 644 15.60 -13.04 -118.24
N PRO B 645 15.69 -11.97 -119.02
CA PRO B 645 16.97 -11.29 -119.20
C PRO B 645 17.26 -10.47 -117.97
N TYR B 646 18.40 -9.80 -117.95
CA TYR B 646 18.79 -9.00 -116.80
C TYR B 646 19.70 -7.87 -117.18
N GLY B 647 21.00 -8.09 -117.08
CA GLY B 647 21.95 -7.02 -117.34
C GLY B 647 22.11 -6.75 -118.83
N VAL B 648 22.60 -5.55 -119.15
CA VAL B 648 22.92 -5.18 -120.52
C VAL B 648 23.86 -3.98 -120.49
N THR B 649 24.86 -3.99 -121.36
CA THR B 649 25.78 -2.88 -121.50
C THR B 649 26.40 -2.93 -122.88
N VAL B 650 26.95 -1.79 -123.31
CA VAL B 650 27.63 -1.69 -124.59
C VAL B 650 29.12 -1.60 -124.31
N TYR B 651 29.85 -2.64 -124.72
CA TYR B 651 31.29 -2.71 -124.47
C TYR B 651 32.00 -1.98 -125.59
N HIS B 652 32.39 -0.73 -125.33
CA HIS B 652 33.10 0.05 -126.34
C HIS B 652 33.93 1.12 -125.64
N SER B 653 35.00 1.54 -126.31
CA SER B 653 35.91 2.52 -125.73
C SER B 653 35.22 3.87 -125.53
N LEU B 654 34.39 4.28 -126.49
CA LEU B 654 33.75 5.58 -126.39
C LEU B 654 32.76 5.65 -125.24
N ARG B 655 32.27 4.49 -124.79
CA ARG B 655 31.36 4.46 -123.64
C ARG B 655 32.05 4.90 -122.37
N GLN B 656 33.39 4.89 -122.34
CA GLN B 656 34.17 5.31 -121.19
C GLN B 656 35.22 6.32 -121.66
N PRO B 657 34.82 7.55 -121.92
CA PRO B 657 35.79 8.57 -122.34
C PRO B 657 36.83 8.83 -121.26
N TYR B 658 38.04 9.14 -121.68
CA TYR B 658 39.12 9.39 -120.74
C TYR B 658 38.92 10.70 -120.00
N ALA B 659 39.33 10.71 -118.73
CA ALA B 659 39.32 11.93 -117.93
C ALA B 659 40.41 11.79 -116.87
N THR B 660 40.86 12.94 -116.39
CA THR B 660 41.89 12.95 -115.35
C THR B 660 41.30 12.49 -114.02
N ASN B 661 42.12 11.80 -113.24
CA ASN B 661 41.68 11.29 -111.95
C ASN B 661 42.27 12.14 -110.84
N PRO B 662 41.45 12.88 -110.09
CA PRO B 662 42.01 13.72 -109.00
C PRO B 662 42.77 12.93 -107.95
N CYS B 663 42.42 11.66 -107.73
CA CYS B 663 43.14 10.85 -106.75
C CYS B 663 44.54 10.48 -107.21
N LYS B 664 44.90 10.78 -108.46
CA LYS B 664 46.26 10.50 -108.91
C LYS B 664 47.28 11.26 -108.06
N ASP B 665 46.86 12.32 -107.38
CA ASP B 665 47.72 13.06 -106.45
C ASP B 665 47.83 12.25 -105.16
N ASN B 666 48.40 11.06 -105.28
CA ASN B 666 48.72 10.20 -104.14
C ASN B 666 47.48 9.90 -103.30
N ASN B 667 46.55 9.15 -103.90
CA ASN B 667 45.32 8.75 -103.22
C ASN B 667 44.53 9.97 -102.75
N GLY B 668 44.59 11.04 -103.54
CA GLY B 668 44.03 12.31 -103.12
C GLY B 668 44.64 12.84 -101.84
N GLY B 669 45.89 12.45 -101.56
CA GLY B 669 46.48 12.77 -100.27
C GLY B 669 45.80 12.14 -99.08
N CYS B 670 44.93 11.16 -99.29
CA CYS B 670 44.15 10.58 -98.21
C CYS B 670 44.87 9.41 -97.56
N GLU B 671 44.48 9.09 -96.33
CA GLU B 671 44.98 7.88 -95.67
C GLU B 671 44.32 6.64 -96.24
N GLN B 672 43.07 6.74 -96.69
CA GLN B 672 42.28 5.59 -97.09
C GLN B 672 41.54 5.97 -98.37
N VAL B 673 40.49 5.24 -98.71
CA VAL B 673 39.76 5.46 -99.96
C VAL B 673 39.61 6.89 -100.42
N CYS B 674 40.04 7.19 -101.61
CA CYS B 674 39.84 8.51 -102.19
C CYS B 674 38.65 8.42 -103.13
N VAL B 675 37.51 8.95 -102.71
CA VAL B 675 36.26 8.85 -103.45
C VAL B 675 36.11 10.11 -104.27
N LEU B 676 35.87 9.96 -105.57
CA LEU B 676 35.63 11.10 -106.42
C LEU B 676 34.30 11.76 -106.08
N SER B 677 34.20 13.06 -106.31
CA SER B 677 32.96 13.81 -106.20
C SER B 677 32.81 14.68 -107.43
N HIS B 678 31.86 15.62 -107.35
CA HIS B 678 31.69 16.59 -108.42
C HIS B 678 32.95 17.43 -108.55
N ARG B 679 33.26 17.84 -109.79
CA ARG B 679 34.48 18.59 -110.04
C ARG B 679 34.55 19.86 -109.21
N THR B 680 33.41 20.52 -109.02
CA THR B 680 33.39 21.74 -108.22
C THR B 680 33.56 21.46 -106.73
N ASP B 681 33.19 20.27 -106.28
CA ASP B 681 33.15 19.98 -104.85
C ASP B 681 34.56 19.98 -104.25
N ASN B 682 34.62 20.30 -102.96
CA ASN B 682 35.86 20.34 -102.19
C ASN B 682 36.86 21.32 -102.80
N ASP B 683 36.44 22.58 -102.88
CA ASP B 683 37.28 23.67 -103.38
C ASP B 683 37.79 23.40 -104.79
N GLY B 684 36.99 22.72 -105.59
CA GLY B 684 37.38 22.39 -106.94
C GLY B 684 38.32 21.22 -107.07
N LEU B 685 38.74 20.62 -105.95
CA LEU B 685 39.60 19.44 -106.02
C LEU B 685 38.88 18.26 -106.64
N GLY B 686 37.60 18.09 -106.32
CA GLY B 686 36.81 17.02 -106.91
C GLY B 686 36.92 15.68 -106.24
N PHE B 687 37.63 15.57 -105.13
CA PHE B 687 37.76 14.30 -104.43
C PHE B 687 37.53 14.51 -102.94
N ARG B 688 37.09 13.45 -102.28
CA ARG B 688 36.92 13.42 -100.84
C ARG B 688 37.60 12.19 -100.27
N CYS B 689 38.07 12.32 -99.04
CA CYS B 689 38.72 11.21 -98.34
C CYS B 689 37.69 10.51 -97.48
N LYS B 690 37.61 9.19 -97.60
CA LYS B 690 36.72 8.38 -96.80
C LYS B 690 37.49 7.18 -96.25
N CYS B 691 36.99 6.65 -95.14
CA CYS B 691 37.66 5.57 -94.43
C CYS B 691 36.84 4.29 -94.55
N THR B 692 37.53 3.16 -94.69
CA THR B 692 36.86 1.88 -94.78
C THR B 692 36.18 1.54 -93.47
N PHE B 693 35.51 0.40 -93.45
CA PHE B 693 34.87 -0.08 -92.23
C PHE B 693 35.91 -0.31 -91.15
N GLY B 694 35.60 0.15 -89.94
CA GLY B 694 36.53 0.06 -88.83
C GLY B 694 37.41 1.28 -88.64
N PHE B 695 37.17 2.35 -89.38
CA PHE B 695 37.94 3.57 -89.22
C PHE B 695 37.02 4.78 -89.37
N GLN B 696 37.42 5.89 -88.77
CA GLN B 696 36.66 7.12 -88.79
C GLN B 696 37.54 8.26 -89.26
N LEU B 697 36.97 9.13 -90.11
CA LEU B 697 37.70 10.28 -90.62
C LEU B 697 38.19 11.16 -89.48
N ASP B 698 39.45 11.55 -89.56
CA ASP B 698 40.02 12.42 -88.54
C ASP B 698 39.56 13.86 -88.76
N THR B 699 39.99 14.74 -87.86
CA THR B 699 39.62 16.15 -87.96
C THR B 699 40.18 16.78 -89.24
N ASP B 700 41.38 16.35 -89.64
CA ASP B 700 41.96 16.87 -90.88
C ASP B 700 41.19 16.44 -92.11
N GLU B 701 40.27 15.49 -91.96
CA GLU B 701 39.44 14.92 -93.02
C GLU B 701 40.25 14.12 -94.04
N ARG B 702 41.55 13.94 -93.81
CA ARG B 702 42.36 13.09 -94.66
C ARG B 702 42.87 11.84 -93.96
N HIS B 703 42.84 11.82 -92.63
CA HIS B 703 43.31 10.67 -91.87
C HIS B 703 42.13 9.90 -91.29
N CYS B 704 42.41 8.66 -90.88
CA CYS B 704 41.38 7.73 -90.44
C CYS B 704 41.75 7.18 -89.07
N ILE B 705 41.06 7.66 -88.04
CA ILE B 705 41.23 7.13 -86.68
C ILE B 705 40.30 5.94 -86.52
N ALA B 706 40.54 5.14 -85.49
CA ALA B 706 39.69 3.98 -85.23
C ALA B 706 38.31 4.43 -84.78
N VAL B 707 37.30 3.61 -85.10
CA VAL B 707 35.93 3.94 -84.72
C VAL B 707 35.78 3.86 -83.21
N GLN B 708 34.83 4.63 -82.68
CA GLN B 708 34.58 4.66 -81.25
C GLN B 708 33.19 4.15 -80.88
N ASN B 709 32.13 4.72 -81.47
CA ASN B 709 30.76 4.44 -81.05
C ASN B 709 29.88 4.26 -82.27
N PHE B 710 29.16 3.14 -82.31
CA PHE B 710 28.09 2.95 -83.28
C PHE B 710 27.09 1.96 -82.72
N LEU B 711 25.81 2.24 -82.92
CA LEU B 711 24.75 1.44 -82.33
C LEU B 711 24.51 0.20 -83.18
N ILE B 712 24.79 -0.97 -82.61
CA ILE B 712 24.58 -2.23 -83.30
C ILE B 712 23.16 -2.71 -83.03
N PHE B 713 22.41 -2.98 -84.10
CA PHE B 713 21.06 -3.51 -83.96
C PHE B 713 20.94 -4.79 -84.77
N SER B 714 20.40 -5.83 -84.15
CA SER B 714 20.25 -7.11 -84.83
C SER B 714 18.83 -7.32 -85.30
N SER B 715 18.68 -7.69 -86.56
CA SER B 715 17.35 -7.97 -87.10
C SER B 715 17.37 -9.27 -87.87
N GLN B 716 16.19 -9.78 -88.20
CA GLN B 716 16.10 -11.04 -88.91
C GLN B 716 16.93 -11.00 -90.19
N VAL B 717 16.86 -9.88 -90.93
CA VAL B 717 17.53 -9.82 -92.22
C VAL B 717 19.04 -9.73 -92.06
N ALA B 718 19.52 -8.88 -91.14
CA ALA B 718 20.95 -8.65 -91.03
C ALA B 718 21.26 -7.94 -89.72
N ILE B 719 22.55 -7.76 -89.46
CA ILE B 719 23.06 -7.05 -88.29
C ILE B 719 23.88 -5.88 -88.80
N ARG B 720 23.52 -4.68 -88.35
CA ARG B 720 24.21 -3.50 -88.81
C ARG B 720 24.57 -2.56 -87.69
N GLY B 721 25.54 -1.69 -87.94
CA GLY B 721 25.95 -0.70 -86.96
C GLY B 721 25.79 0.71 -87.48
N ILE B 722 24.88 1.46 -86.89
CA ILE B 722 24.63 2.83 -87.35
C ILE B 722 25.35 3.82 -86.45
N PRO B 723 25.85 4.93 -86.98
CA PRO B 723 26.46 5.94 -86.10
C PRO B 723 25.42 6.62 -85.24
N PHE B 724 25.86 7.07 -84.06
CA PHE B 724 24.93 7.66 -83.11
C PHE B 724 24.41 9.02 -83.60
N THR B 725 25.21 9.73 -84.39
CA THR B 725 24.78 11.02 -84.91
C THR B 725 23.62 10.83 -85.89
N LEU B 726 22.63 11.71 -85.80
CA LEU B 726 21.46 11.60 -86.66
C LEU B 726 21.76 12.04 -88.08
N SER B 727 22.75 12.92 -88.25
CA SER B 727 23.06 13.45 -89.58
C SER B 727 23.51 12.35 -90.53
N THR B 728 24.48 11.54 -90.11
CA THR B 728 25.00 10.49 -90.96
C THR B 728 24.27 9.18 -90.71
N GLN B 729 23.95 8.47 -91.78
CA GLN B 729 23.26 7.19 -91.64
C GLN B 729 23.93 6.12 -92.47
N GLU B 730 25.24 5.96 -92.30
CA GLU B 730 25.99 4.97 -93.07
C GLU B 730 26.60 3.93 -92.16
N ASP B 731 26.36 2.65 -92.47
CA ASP B 731 26.89 1.58 -91.65
C ASP B 731 28.38 1.70 -91.43
N VAL B 732 28.79 1.73 -90.17
CA VAL B 732 30.22 1.81 -89.85
C VAL B 732 30.84 0.43 -89.89
N MET B 733 30.03 -0.62 -89.76
CA MET B 733 30.49 -2.00 -89.83
C MET B 733 29.88 -2.67 -91.05
N VAL B 734 30.57 -3.70 -91.55
CA VAL B 734 30.06 -4.47 -92.67
C VAL B 734 28.79 -5.18 -92.21
N PRO B 735 27.65 -4.96 -92.86
CA PRO B 735 26.43 -5.66 -92.46
C PRO B 735 26.62 -7.17 -92.57
N VAL B 736 26.17 -7.88 -91.54
CA VAL B 736 26.29 -9.33 -91.47
C VAL B 736 24.95 -9.92 -91.88
N SER B 737 24.88 -10.47 -93.08
CA SER B 737 23.64 -11.01 -93.62
C SER B 737 23.91 -12.36 -94.26
N GLY B 738 22.85 -13.16 -94.34
CA GLY B 738 22.92 -14.45 -95.00
C GLY B 738 21.53 -14.90 -95.35
N ASN B 739 21.45 -15.92 -96.21
CA ASN B 739 20.18 -16.43 -96.67
C ASN B 739 20.12 -17.93 -96.42
N PRO B 740 19.26 -18.39 -95.51
CA PRO B 740 18.35 -17.63 -94.65
C PRO B 740 19.06 -17.11 -93.41
N SER B 741 18.46 -16.21 -92.64
CA SER B 741 19.09 -15.71 -91.43
C SER B 741 18.02 -15.24 -90.45
N PHE B 742 18.27 -15.52 -89.16
CA PHE B 742 17.42 -15.05 -88.07
C PHE B 742 18.31 -14.55 -86.93
N PHE B 743 19.23 -13.66 -87.27
CA PHE B 743 20.17 -13.15 -86.26
C PHE B 743 19.51 -12.77 -84.96
N VAL B 744 20.02 -13.29 -83.86
CA VAL B 744 19.48 -12.96 -82.54
C VAL B 744 20.62 -12.91 -81.55
N GLY B 745 20.82 -11.76 -80.92
CA GLY B 745 21.86 -11.65 -79.92
C GLY B 745 23.19 -11.17 -80.47
N ILE B 746 23.76 -10.14 -79.86
CA ILE B 746 24.98 -9.51 -80.35
C ILE B 746 25.85 -9.11 -79.18
N ASP B 747 27.16 -9.00 -79.44
CA ASP B 747 28.11 -8.48 -78.48
C ASP B 747 29.35 -8.03 -79.24
N PHE B 748 30.18 -7.23 -78.58
CA PHE B 748 31.31 -6.60 -79.23
C PHE B 748 32.58 -6.83 -78.43
N ASP B 749 33.71 -6.59 -79.09
CA ASP B 749 35.04 -6.67 -78.46
C ASP B 749 35.86 -5.51 -79.00
N ALA B 750 35.98 -4.45 -78.20
CA ALA B 750 36.62 -3.22 -78.69
C ALA B 750 38.09 -3.43 -78.99
N GLN B 751 38.79 -4.20 -78.17
CA GLN B 751 40.23 -4.38 -78.37
C GLN B 751 40.52 -5.07 -79.70
N ASP B 752 39.73 -6.09 -80.04
CA ASP B 752 39.92 -6.84 -81.27
C ASP B 752 39.12 -6.27 -82.43
N SER B 753 38.31 -5.23 -82.19
CA SER B 753 37.42 -4.67 -83.22
C SER B 753 36.56 -5.77 -83.83
N THR B 754 36.07 -6.67 -82.99
CA THR B 754 35.36 -7.85 -83.41
C THR B 754 34.01 -7.92 -82.73
N ILE B 755 33.00 -8.39 -83.45
CA ILE B 755 31.67 -8.57 -82.88
C ILE B 755 31.39 -10.05 -82.76
N PHE B 756 30.49 -10.40 -81.85
CA PHE B 756 30.01 -11.75 -81.67
C PHE B 756 28.50 -11.76 -81.88
N PHE B 757 28.02 -12.68 -82.70
CA PHE B 757 26.60 -12.76 -83.02
C PHE B 757 26.17 -14.21 -83.11
N SER B 758 24.90 -14.45 -82.81
CA SER B 758 24.30 -15.78 -82.91
C SER B 758 23.27 -15.77 -84.03
N ASP B 759 23.32 -16.79 -84.88
CA ASP B 759 22.37 -16.94 -85.97
C ASP B 759 21.49 -18.15 -85.67
N MET B 760 20.25 -17.88 -85.27
CA MET B 760 19.33 -18.97 -84.95
C MET B 760 19.08 -19.84 -86.17
N SER B 761 19.13 -19.26 -87.37
CA SER B 761 18.93 -20.05 -88.58
C SER B 761 20.02 -21.10 -88.73
N LYS B 762 21.27 -20.73 -88.49
CA LYS B 762 22.38 -21.67 -88.57
C LYS B 762 22.63 -22.40 -87.27
N HIS B 763 21.92 -22.04 -86.19
CA HIS B 763 22.05 -22.72 -84.89
C HIS B 763 23.47 -22.68 -84.38
N MET B 764 24.19 -21.61 -84.68
CA MET B 764 25.59 -21.50 -84.31
C MET B 764 25.92 -20.07 -83.96
N ILE B 765 26.94 -19.90 -83.14
CA ILE B 765 27.45 -18.59 -82.73
C ILE B 765 28.72 -18.31 -83.49
N PHE B 766 28.82 -17.12 -84.08
CA PHE B 766 29.96 -16.74 -84.89
C PHE B 766 30.60 -15.48 -84.33
N LYS B 767 31.82 -15.22 -84.76
CA LYS B 767 32.53 -13.98 -84.48
C LYS B 767 32.98 -13.37 -85.80
N GLN B 768 32.99 -12.03 -85.86
CA GLN B 768 33.37 -11.34 -87.07
C GLN B 768 33.87 -9.96 -86.73
N LYS B 769 34.95 -9.54 -87.37
CA LYS B 769 35.45 -8.18 -87.16
C LYS B 769 34.52 -7.19 -87.83
N ILE B 770 34.58 -5.94 -87.36
CA ILE B 770 33.69 -4.91 -87.87
C ILE B 770 33.91 -4.68 -89.36
N ASP B 771 35.13 -4.88 -89.84
CA ASP B 771 35.40 -4.74 -91.27
C ASP B 771 35.10 -6.00 -92.06
N GLY B 772 34.61 -7.05 -91.41
CA GLY B 772 34.22 -8.26 -92.11
C GLY B 772 35.36 -9.11 -92.62
N THR B 773 36.56 -8.94 -92.06
CA THR B 773 37.72 -9.70 -92.55
C THR B 773 37.55 -11.19 -92.27
N GLY B 774 37.22 -11.55 -91.04
CA GLY B 774 37.16 -12.95 -90.68
C GLY B 774 35.88 -13.35 -89.98
N ARG B 775 35.28 -14.45 -90.41
CA ARG B 775 34.06 -14.97 -89.82
C ARG B 775 34.36 -16.37 -89.29
N GLU B 776 34.56 -16.47 -87.98
CA GLU B 776 34.98 -17.71 -87.34
C GLU B 776 33.83 -18.26 -86.49
N ILE B 777 33.62 -19.57 -86.58
CA ILE B 777 32.58 -20.22 -85.80
C ILE B 777 33.04 -20.33 -84.36
N LEU B 778 32.18 -19.94 -83.43
CA LEU B 778 32.51 -19.96 -82.02
C LEU B 778 32.02 -21.22 -81.31
N ALA B 779 30.79 -21.65 -81.61
CA ALA B 779 30.25 -22.85 -80.98
C ALA B 779 29.23 -23.48 -81.90
N ALA B 780 29.28 -24.80 -82.01
CA ALA B 780 28.35 -25.53 -82.86
C ALA B 780 27.51 -26.52 -82.05
N ASN B 781 28.17 -27.28 -81.18
CA ASN B 781 27.48 -28.33 -80.43
C ASN B 781 26.59 -27.74 -79.34
N ARG B 782 25.46 -28.40 -79.10
CA ARG B 782 24.59 -28.07 -77.97
C ARG B 782 24.11 -26.62 -78.02
N VAL B 783 23.91 -26.12 -79.23
CA VAL B 783 23.42 -24.76 -79.42
C VAL B 783 22.19 -24.80 -80.31
N GLU B 784 21.04 -24.39 -79.77
CA GLU B 784 19.81 -24.40 -80.55
C GLU B 784 19.21 -23.00 -80.69
N ASN B 785 18.98 -22.31 -79.58
CA ASN B 785 18.38 -20.97 -79.61
C ASN B 785 19.14 -20.08 -78.63
N VAL B 786 20.17 -19.40 -79.14
CA VAL B 786 20.90 -18.43 -78.33
C VAL B 786 20.21 -17.08 -78.47
N GLU B 787 19.81 -16.50 -77.35
CA GLU B 787 19.03 -15.27 -77.35
C GLU B 787 19.79 -14.05 -76.86
N SER B 788 21.03 -14.21 -76.41
CA SER B 788 21.82 -13.06 -75.99
C SER B 788 23.27 -13.46 -75.89
N LEU B 789 24.14 -12.45 -75.80
CA LEU B 789 25.57 -12.66 -75.69
C LEU B 789 26.14 -11.64 -74.72
N ALA B 790 26.85 -12.12 -73.69
CA ALA B 790 27.55 -11.27 -72.76
C ALA B 790 29.02 -11.62 -72.82
N PHE B 791 29.87 -10.62 -73.07
CA PHE B 791 31.30 -10.82 -73.24
C PHE B 791 32.06 -10.01 -72.21
N ASP B 792 32.81 -10.70 -71.36
CA ASP B 792 33.70 -10.07 -70.40
C ASP B 792 35.03 -9.79 -71.08
N TRP B 793 35.30 -8.53 -71.38
CA TRP B 793 36.52 -8.19 -72.11
C TRP B 793 37.77 -8.47 -71.29
N ILE B 794 37.68 -8.36 -69.97
CA ILE B 794 38.85 -8.60 -69.13
C ILE B 794 39.29 -10.05 -69.23
N SER B 795 38.36 -10.98 -69.04
CA SER B 795 38.67 -12.40 -69.02
C SER B 795 38.45 -13.07 -70.36
N LYS B 796 38.01 -12.34 -71.37
CA LYS B 796 37.77 -12.89 -72.71
C LYS B 796 36.83 -14.08 -72.66
N ASN B 797 35.76 -13.95 -71.86
CA ASN B 797 34.76 -14.99 -71.72
C ASN B 797 33.44 -14.50 -72.29
N LEU B 798 32.83 -15.32 -73.13
CA LEU B 798 31.54 -14.99 -73.73
C LEU B 798 30.44 -15.83 -73.10
N TYR B 799 29.37 -15.16 -72.68
CA TYR B 799 28.24 -15.80 -72.03
C TYR B 799 27.04 -15.75 -72.96
N TRP B 800 26.34 -16.87 -73.08
CA TRP B 800 25.15 -16.94 -73.90
C TRP B 800 24.06 -17.73 -73.20
N THR B 801 22.82 -17.44 -73.55
CA THR B 801 21.66 -18.12 -72.99
C THR B 801 21.02 -18.96 -74.07
N ASP B 802 20.96 -20.26 -73.86
CA ASP B 802 20.30 -21.18 -74.76
C ASP B 802 18.94 -21.51 -74.19
N SER B 803 17.89 -20.95 -74.79
CA SER B 803 16.54 -21.15 -74.27
C SER B 803 16.14 -22.62 -74.36
N HIS B 804 16.53 -23.30 -75.44
CA HIS B 804 16.12 -24.69 -75.63
C HIS B 804 16.64 -25.57 -74.51
N TYR B 805 17.88 -25.39 -74.12
CA TYR B 805 18.44 -26.11 -72.99
C TYR B 805 18.16 -25.43 -71.66
N LYS B 806 17.52 -24.25 -71.73
CA LYS B 806 17.16 -23.49 -70.50
C LYS B 806 18.41 -23.33 -69.64
N SER B 807 19.50 -22.83 -70.23
CA SER B 807 20.77 -22.75 -69.45
C SER B 807 21.67 -21.62 -69.96
N ILE B 808 22.57 -21.14 -69.10
CA ILE B 808 23.53 -20.12 -69.48
C ILE B 808 24.93 -20.74 -69.47
N SER B 809 25.65 -20.56 -70.57
CA SER B 809 26.96 -21.19 -70.72
C SER B 809 27.99 -20.11 -71.01
N VAL B 810 29.22 -20.37 -70.58
CA VAL B 810 30.33 -19.45 -70.77
C VAL B 810 31.44 -20.16 -71.51
N MET B 811 31.98 -19.50 -72.53
CA MET B 811 33.06 -20.05 -73.34
C MET B 811 34.32 -19.21 -73.18
N ARG B 812 35.42 -19.88 -72.88
CA ARG B 812 36.72 -19.21 -72.80
C ARG B 812 37.26 -19.03 -74.21
N LEU B 813 37.14 -17.81 -74.74
CA LEU B 813 37.47 -17.57 -76.14
C LEU B 813 38.94 -17.82 -76.44
N ALA B 814 39.80 -17.80 -75.41
CA ALA B 814 41.22 -18.01 -75.64
C ALA B 814 41.49 -19.39 -76.21
N ASP B 815 40.64 -20.37 -75.89
CA ASP B 815 40.82 -21.73 -76.38
C ASP B 815 39.50 -22.42 -76.72
N LYS B 816 38.40 -21.68 -76.78
CA LYS B 816 37.06 -22.23 -77.01
C LYS B 816 36.69 -23.28 -75.98
N THR B 817 37.23 -23.17 -74.77
CA THR B 817 36.83 -24.04 -73.67
C THR B 817 35.42 -23.66 -73.22
N ARG B 818 34.55 -24.65 -73.08
CA ARG B 818 33.14 -24.41 -72.85
C ARG B 818 32.73 -24.91 -71.47
N ARG B 819 31.82 -24.17 -70.82
CA ARG B 819 31.37 -24.50 -69.48
C ARG B 819 29.94 -24.00 -69.30
N THR B 820 29.10 -24.80 -68.64
CA THR B 820 27.70 -24.39 -68.37
C THR B 820 27.59 -23.87 -66.95
N VAL B 821 27.29 -22.57 -66.79
CA VAL B 821 27.17 -21.97 -65.43
C VAL B 821 25.71 -22.01 -65.00
N VAL B 822 25.08 -20.84 -64.84
CA VAL B 822 23.64 -20.79 -64.45
C VAL B 822 22.87 -21.75 -65.35
N GLN B 823 22.10 -22.67 -64.77
CA GLN B 823 21.39 -23.68 -65.59
C GLN B 823 20.06 -24.05 -64.93
N TYR B 824 19.35 -25.03 -65.49
CA TYR B 824 18.05 -25.46 -64.94
C TYR B 824 17.15 -24.23 -64.75
N LEU B 825 17.06 -23.40 -65.79
CA LEU B 825 16.19 -22.20 -65.73
C LEU B 825 14.84 -22.53 -66.36
N ASN B 826 14.03 -21.51 -66.67
CA ASN B 826 12.71 -21.74 -67.32
C ASN B 826 12.78 -21.19 -68.76
N ASN B 827 12.91 -19.88 -68.91
CA ASN B 827 12.96 -19.26 -70.23
C ASN B 827 13.84 -18.02 -70.18
N PRO B 828 15.14 -18.18 -70.01
CA PRO B 828 16.02 -17.00 -70.04
C PRO B 828 16.00 -16.33 -71.40
N ARG B 829 16.06 -15.00 -71.39
CA ARG B 829 16.00 -14.21 -72.61
C ARG B 829 17.24 -13.38 -72.86
N SER B 830 17.77 -12.71 -71.85
CA SER B 830 18.97 -11.91 -72.03
C SER B 830 19.96 -12.18 -70.89
N VAL B 831 21.18 -11.73 -71.10
CA VAL B 831 22.25 -11.85 -70.12
C VAL B 831 23.21 -10.69 -70.29
N VAL B 832 23.89 -10.33 -69.22
CA VAL B 832 24.90 -9.28 -69.25
C VAL B 832 25.83 -9.46 -68.06
N VAL B 833 27.12 -9.29 -68.30
CA VAL B 833 28.15 -9.53 -67.30
C VAL B 833 28.86 -8.22 -67.00
N HIS B 834 28.94 -7.87 -65.71
CA HIS B 834 29.64 -6.68 -65.28
C HIS B 834 30.99 -7.09 -64.72
N PRO B 835 32.10 -6.81 -65.40
CA PRO B 835 33.40 -7.28 -64.91
C PRO B 835 33.83 -6.64 -63.60
N PHE B 836 33.71 -5.32 -63.49
CA PHE B 836 34.18 -4.64 -62.29
C PHE B 836 33.36 -5.04 -61.07
N ALA B 837 32.05 -5.12 -61.21
CA ALA B 837 31.20 -5.54 -60.10
C ALA B 837 31.16 -7.05 -59.92
N GLY B 838 31.61 -7.82 -60.90
CA GLY B 838 31.58 -9.27 -60.79
C GLY B 838 30.18 -9.83 -60.65
N TYR B 839 29.24 -9.36 -61.49
CA TYR B 839 27.86 -9.79 -61.42
C TYR B 839 27.35 -10.13 -62.80
N LEU B 840 26.53 -11.17 -62.89
CA LEU B 840 25.89 -11.58 -64.13
C LEU B 840 24.38 -11.39 -63.95
N PHE B 841 23.80 -10.55 -64.79
CA PHE B 841 22.37 -10.27 -64.74
C PHE B 841 21.68 -10.96 -65.91
N PHE B 842 20.65 -11.65 -65.71
CA PHE B 842 19.92 -12.28 -66.79
C PHE B 842 18.45 -12.18 -66.44
N THR B 843 17.66 -12.27 -67.63
CA THR B 843 16.20 -12.15 -67.52
C THR B 843 15.40 -13.40 -67.84
N ASP B 844 14.47 -13.76 -66.85
CA ASP B 844 13.60 -14.91 -67.15
C ASP B 844 12.17 -14.38 -67.24
N TRP B 845 11.63 -14.33 -68.45
CA TRP B 845 10.28 -13.81 -68.65
C TRP B 845 9.21 -14.84 -68.36
N PHE B 846 9.58 -16.07 -68.02
CA PHE B 846 8.58 -17.07 -67.66
C PHE B 846 7.82 -16.63 -66.42
N ARG B 847 6.50 -16.53 -66.55
CA ARG B 847 5.67 -16.08 -65.44
C ARG B 847 5.70 -17.09 -64.30
N PRO B 848 5.93 -16.66 -63.05
CA PRO B 848 6.21 -15.29 -62.61
C PRO B 848 7.58 -14.81 -63.08
N ALA B 849 7.61 -13.79 -63.95
CA ALA B 849 8.86 -13.33 -64.52
C ALA B 849 9.74 -12.71 -63.44
N LYS B 850 11.05 -12.84 -63.61
CA LYS B 850 11.98 -12.37 -62.61
C LYS B 850 13.29 -11.96 -63.28
N ILE B 851 13.91 -10.91 -62.73
CA ILE B 851 15.24 -10.48 -63.12
C ILE B 851 16.20 -10.98 -62.06
N MET B 852 17.12 -11.84 -62.45
CA MET B 852 17.97 -12.53 -61.50
C MET B 852 19.43 -12.11 -61.68
N ARG B 853 20.17 -12.15 -60.59
CA ARG B 853 21.59 -11.85 -60.59
C ARG B 853 22.35 -13.04 -60.02
N ALA B 854 23.61 -13.18 -60.46
CA ALA B 854 24.49 -14.21 -59.95
C ALA B 854 25.92 -13.77 -60.19
N TRP B 855 26.84 -14.42 -59.48
CA TRP B 855 28.25 -14.16 -59.68
C TRP B 855 28.68 -14.64 -61.06
N SER B 856 29.86 -14.18 -61.48
CA SER B 856 30.34 -14.52 -62.83
C SER B 856 30.39 -16.02 -63.04
N ASP B 857 30.75 -16.78 -62.01
CA ASP B 857 30.74 -18.23 -62.12
C ASP B 857 29.36 -18.82 -61.87
N GLY B 858 28.35 -18.01 -61.61
CA GLY B 858 27.03 -18.54 -61.29
C GLY B 858 26.92 -19.09 -59.89
N SER B 859 27.74 -18.61 -58.96
CA SER B 859 27.74 -19.16 -57.61
C SER B 859 26.43 -18.85 -56.89
N HIS B 860 26.14 -17.57 -56.71
CA HIS B 860 25.06 -17.13 -55.84
C HIS B 860 23.95 -16.52 -56.70
N LEU B 861 22.95 -17.33 -57.03
CA LEU B 861 21.81 -16.88 -57.81
C LEU B 861 20.84 -16.17 -56.88
N LEU B 862 20.51 -14.92 -57.20
CA LEU B 862 19.71 -14.08 -56.33
C LEU B 862 18.73 -13.26 -57.14
N PRO B 863 17.42 -13.46 -56.95
CA PRO B 863 16.43 -12.68 -57.70
C PRO B 863 16.34 -11.25 -57.20
N VAL B 864 17.21 -10.38 -57.72
CA VAL B 864 17.26 -8.99 -57.25
C VAL B 864 15.92 -8.29 -57.45
N ILE B 865 15.27 -8.55 -58.57
CA ILE B 865 13.95 -7.98 -58.86
C ILE B 865 13.01 -9.12 -59.18
N ASN B 866 11.93 -9.26 -58.41
CA ASN B 866 10.94 -10.31 -58.69
C ASN B 866 9.52 -9.83 -58.47
N THR B 867 9.31 -8.52 -58.50
CA THR B 867 8.00 -7.93 -58.35
C THR B 867 7.68 -7.06 -59.54
N THR B 868 6.43 -7.16 -60.02
CA THR B 868 5.94 -6.33 -61.13
C THR B 868 6.83 -6.48 -62.36
N LEU B 869 6.89 -7.71 -62.87
CA LEU B 869 7.63 -8.00 -64.09
C LEU B 869 6.78 -8.91 -64.97
N GLY B 870 6.33 -8.39 -66.11
CA GLY B 870 5.55 -9.19 -67.02
C GLY B 870 6.37 -9.89 -68.09
N TRP B 871 7.18 -9.12 -68.81
CA TRP B 871 7.97 -9.63 -69.93
C TRP B 871 9.28 -8.87 -70.02
N PRO B 872 10.23 -9.17 -69.15
CA PRO B 872 11.55 -8.52 -69.25
C PRO B 872 12.33 -9.09 -70.44
N ASN B 873 12.76 -8.21 -71.34
CA ASN B 873 13.36 -8.64 -72.60
C ASN B 873 14.84 -8.31 -72.68
N GLY B 874 15.22 -7.05 -72.49
CA GLY B 874 16.61 -6.63 -72.64
C GLY B 874 17.13 -5.96 -71.39
N LEU B 875 18.42 -6.14 -71.13
CA LEU B 875 19.09 -5.53 -70.01
C LEU B 875 20.24 -4.69 -70.52
N ALA B 876 20.40 -3.49 -69.97
CA ALA B 876 21.49 -2.60 -70.33
C ALA B 876 22.14 -2.07 -69.05
N ILE B 877 23.47 -2.06 -69.04
CA ILE B 877 24.24 -1.66 -67.87
C ILE B 877 24.78 -0.27 -68.12
N ASP B 878 24.37 0.69 -67.28
CA ASP B 878 24.89 2.05 -67.34
C ASP B 878 26.19 2.08 -66.54
N TRP B 879 27.31 1.89 -67.25
CA TRP B 879 28.60 1.78 -66.58
C TRP B 879 28.97 3.07 -65.86
N ALA B 880 28.47 4.21 -66.32
CA ALA B 880 28.80 5.47 -65.67
C ALA B 880 28.11 5.61 -64.33
N ALA B 881 26.81 5.28 -64.27
CA ALA B 881 26.02 5.47 -63.07
C ALA B 881 25.79 4.18 -62.30
N SER B 882 26.23 3.05 -62.83
CA SER B 882 26.12 1.75 -62.14
C SER B 882 24.67 1.42 -61.80
N ARG B 883 23.79 1.52 -62.80
CA ARG B 883 22.39 1.17 -62.64
C ARG B 883 21.95 0.29 -63.79
N LEU B 884 21.19 -0.75 -63.48
CA LEU B 884 20.74 -1.72 -64.47
C LEU B 884 19.40 -1.27 -65.03
N TYR B 885 19.40 -0.88 -66.31
CA TYR B 885 18.17 -0.51 -67.00
C TYR B 885 17.63 -1.70 -67.77
N TRP B 886 16.34 -1.98 -67.60
CA TRP B 886 15.71 -3.10 -68.28
C TRP B 886 14.42 -2.63 -68.93
N VAL B 887 13.85 -3.52 -69.75
CA VAL B 887 12.67 -3.24 -70.54
C VAL B 887 11.67 -4.36 -70.34
N ASP B 888 10.41 -3.98 -70.09
CA ASP B 888 9.32 -4.95 -69.92
C ASP B 888 8.33 -4.74 -71.06
N ALA B 889 8.03 -5.82 -71.78
CA ALA B 889 7.12 -5.69 -72.91
C ALA B 889 5.67 -5.86 -72.49
N TYR B 890 5.41 -6.51 -71.36
CA TYR B 890 4.03 -6.75 -70.95
C TYR B 890 3.38 -5.47 -70.45
N PHE B 891 4.08 -4.71 -69.62
CA PHE B 891 3.55 -3.46 -69.08
C PHE B 891 4.01 -2.24 -69.86
N ASP B 892 4.84 -2.43 -70.89
CA ASP B 892 5.38 -1.35 -71.69
C ASP B 892 6.04 -0.29 -70.80
N LYS B 893 7.07 -0.72 -70.09
CA LYS B 893 7.77 0.15 -69.16
C LYS B 893 9.26 -0.07 -69.24
N ILE B 894 10.02 1.01 -69.10
CA ILE B 894 11.47 0.99 -69.02
C ILE B 894 11.85 1.41 -67.61
N GLU B 895 12.45 0.50 -66.86
CA GLU B 895 12.75 0.73 -65.46
C GLU B 895 14.23 0.49 -65.19
N HIS B 896 14.73 1.11 -64.13
CA HIS B 896 16.12 0.96 -63.73
C HIS B 896 16.23 0.85 -62.22
N SER B 897 17.13 -0.02 -61.77
CA SER B 897 17.38 -0.20 -60.35
C SER B 897 18.88 -0.35 -60.10
N THR B 898 19.25 -0.34 -58.83
CA THR B 898 20.64 -0.56 -58.47
C THR B 898 21.04 -1.99 -58.74
N PHE B 899 22.34 -2.25 -58.70
CA PHE B 899 22.83 -3.60 -58.89
C PHE B 899 22.29 -4.55 -57.84
N ASP B 900 21.91 -4.03 -56.67
CA ASP B 900 21.18 -4.79 -55.66
C ASP B 900 19.68 -4.67 -55.83
N GLY B 901 19.23 -3.95 -56.85
CA GLY B 901 17.81 -3.74 -57.06
C GLY B 901 17.14 -2.95 -55.96
N LEU B 902 17.79 -1.89 -55.49
CA LEU B 902 17.24 -1.12 -54.37
C LEU B 902 16.41 0.05 -54.88
N ASP B 903 17.02 0.92 -55.68
CA ASP B 903 16.35 2.11 -56.17
C ASP B 903 15.66 1.82 -57.50
N ARG B 904 14.40 1.38 -57.43
CA ARG B 904 13.63 1.03 -58.62
C ARG B 904 12.81 2.24 -59.04
N ARG B 905 13.30 2.94 -60.06
CA ARG B 905 12.62 4.11 -60.60
C ARG B 905 12.23 3.85 -62.05
N ARG B 906 10.97 4.15 -62.37
CA ARG B 906 10.44 3.96 -63.71
C ARG B 906 10.48 5.28 -64.47
N LEU B 907 10.92 5.21 -65.73
CA LEU B 907 10.96 6.40 -66.56
C LEU B 907 9.55 6.87 -66.91
N GLY B 908 9.48 8.09 -67.45
CA GLY B 908 8.20 8.59 -67.91
C GLY B 908 7.67 7.75 -69.07
N HIS B 909 6.35 7.78 -69.22
CA HIS B 909 5.71 6.92 -70.22
C HIS B 909 6.22 7.24 -71.62
N ILE B 910 6.66 6.20 -72.32
CA ILE B 910 7.08 6.36 -73.71
C ILE B 910 5.84 6.45 -74.60
N GLU B 911 5.87 7.38 -75.55
CA GLU B 911 4.70 7.77 -76.33
C GLU B 911 3.93 6.57 -76.91
N GLN B 912 4.58 5.78 -77.77
CA GLN B 912 3.88 4.70 -78.46
C GLN B 912 4.48 3.33 -78.18
N MET B 913 5.30 3.21 -77.13
CA MET B 913 5.97 1.95 -76.85
C MET B 913 4.95 0.88 -76.50
N THR B 914 4.92 -0.20 -77.28
CA THR B 914 4.00 -1.31 -77.07
C THR B 914 4.69 -2.63 -76.76
N HIS B 915 5.64 -3.04 -77.57
CA HIS B 915 6.40 -4.27 -77.33
C HIS B 915 7.89 -3.97 -77.46
N PRO B 916 8.45 -3.24 -76.49
CA PRO B 916 9.90 -3.02 -76.58
C PRO B 916 10.69 -4.29 -76.30
N PHE B 917 11.78 -4.50 -77.03
CA PHE B 917 12.59 -5.69 -76.83
C PHE B 917 14.03 -5.35 -76.50
N GLY B 918 14.57 -4.36 -77.20
CA GLY B 918 15.97 -4.01 -76.99
C GLY B 918 16.21 -2.76 -76.19
N LEU B 919 17.45 -2.55 -75.76
CA LEU B 919 17.79 -1.35 -75.02
C LEU B 919 19.28 -1.04 -75.16
N ALA B 920 19.64 0.23 -74.99
CA ALA B 920 21.04 0.64 -75.10
C ALA B 920 21.24 2.00 -74.48
N ILE B 921 22.23 2.12 -73.59
CA ILE B 921 22.45 3.37 -72.88
C ILE B 921 23.71 4.00 -73.46
N PHE B 922 23.57 5.16 -74.08
CA PHE B 922 24.71 5.91 -74.59
C PHE B 922 24.52 7.38 -74.28
N GLY B 923 25.55 7.99 -73.68
CA GLY B 923 25.45 9.40 -73.35
C GLY B 923 24.29 9.65 -72.42
N GLU B 924 23.42 10.58 -72.82
CA GLU B 924 22.20 10.88 -72.09
C GLU B 924 20.95 10.38 -72.79
N HIS B 925 21.12 9.51 -73.79
CA HIS B 925 20.00 8.96 -74.54
C HIS B 925 19.87 7.47 -74.29
N LEU B 926 18.66 6.97 -74.37
CA LEU B 926 18.34 5.57 -74.08
C LEU B 926 17.61 4.97 -75.28
N PHE B 927 18.37 4.42 -76.22
CA PHE B 927 17.80 3.81 -77.40
C PHE B 927 17.12 2.50 -77.04
N PHE B 928 16.02 2.18 -77.72
CA PHE B 928 15.33 0.92 -77.56
C PHE B 928 14.62 0.53 -78.84
N THR B 929 14.26 -0.76 -78.90
CA THR B 929 13.61 -1.28 -80.08
C THR B 929 12.24 -1.82 -79.76
N ASP B 930 11.27 -1.54 -80.60
CA ASP B 930 9.90 -2.00 -80.42
C ASP B 930 9.50 -2.82 -81.63
N TRP B 931 8.95 -4.00 -81.40
CA TRP B 931 8.59 -4.86 -82.51
C TRP B 931 7.42 -4.30 -83.32
N ARG B 932 6.37 -3.88 -82.63
CA ARG B 932 5.18 -3.41 -83.36
C ARG B 932 5.50 -2.14 -84.14
N LEU B 933 6.26 -1.22 -83.55
CA LEU B 933 6.68 -0.03 -84.28
C LEU B 933 7.72 -0.36 -85.33
N GLY B 934 8.58 -1.34 -85.09
CA GLY B 934 9.64 -1.64 -86.04
C GLY B 934 10.61 -0.49 -86.23
N ALA B 935 11.08 0.10 -85.13
CA ALA B 935 11.91 1.28 -85.22
C ALA B 935 12.90 1.31 -84.05
N ILE B 936 13.96 2.08 -84.21
CA ILE B 936 14.93 2.31 -83.13
C ILE B 936 14.59 3.67 -82.54
N ILE B 937 13.79 3.65 -81.50
CA ILE B 937 13.34 4.89 -80.86
C ILE B 937 14.36 5.32 -79.83
N ARG B 938 14.67 6.61 -79.80
CA ARG B 938 15.61 7.19 -78.85
C ARG B 938 14.84 8.06 -77.87
N VAL B 939 15.10 7.87 -76.57
CA VAL B 939 14.56 8.72 -75.53
C VAL B 939 15.69 9.08 -74.58
N ARG B 940 15.50 10.16 -73.83
CA ARG B 940 16.50 10.55 -72.84
C ARG B 940 16.52 9.54 -71.70
N LYS B 941 17.73 9.19 -71.25
CA LYS B 941 17.85 8.27 -70.14
C LYS B 941 17.44 8.90 -68.82
N ALA B 942 17.29 10.23 -68.78
CA ALA B 942 16.89 10.89 -67.54
C ALA B 942 15.47 10.50 -67.15
N ASP B 943 14.48 10.94 -67.93
CA ASP B 943 13.09 10.64 -67.67
C ASP B 943 12.41 10.16 -68.94
N GLY B 944 13.01 10.47 -70.08
CA GLY B 944 12.46 10.05 -71.34
C GLY B 944 12.17 11.23 -72.26
N GLY B 945 11.07 11.18 -72.98
CA GLY B 945 10.74 12.24 -73.90
C GLY B 945 11.71 12.30 -75.05
N GLU B 946 11.54 13.33 -75.88
CA GLU B 946 12.39 13.53 -77.07
C GLU B 946 12.39 12.28 -77.94
N MET B 947 11.23 11.64 -78.07
CA MET B 947 11.13 10.43 -78.88
C MET B 947 11.56 10.71 -80.31
N THR B 948 12.65 10.05 -80.72
CA THR B 948 13.19 10.23 -82.06
C THR B 948 13.40 8.87 -82.68
N VAL B 949 12.86 8.68 -83.88
CA VAL B 949 12.99 7.41 -84.60
C VAL B 949 14.32 7.44 -85.35
N ILE B 950 15.31 6.71 -84.83
CA ILE B 950 16.61 6.67 -85.49
C ILE B 950 16.51 5.97 -86.84
N ARG B 951 15.87 4.80 -86.87
CA ARG B 951 15.61 4.06 -88.10
C ARG B 951 14.20 3.49 -88.02
N SER B 952 13.60 3.26 -89.17
CA SER B 952 12.24 2.76 -89.23
C SER B 952 12.13 1.71 -90.32
N GLY B 953 11.06 0.91 -90.24
CA GLY B 953 10.79 -0.09 -91.24
C GLY B 953 11.58 -1.38 -91.10
N ILE B 954 12.40 -1.51 -90.06
CA ILE B 954 13.15 -2.74 -89.86
C ILE B 954 12.19 -3.87 -89.54
N ALA B 955 12.38 -5.01 -90.20
CA ALA B 955 11.51 -6.16 -90.01
C ALA B 955 12.04 -7.04 -88.88
N TYR B 956 11.20 -7.27 -87.86
CA TYR B 956 11.62 -8.09 -86.74
C TYR B 956 12.86 -7.52 -86.07
N ILE B 957 12.81 -6.25 -85.71
CA ILE B 957 13.94 -5.64 -85.01
C ILE B 957 14.11 -6.35 -83.68
N LEU B 958 15.35 -6.49 -83.23
CA LEU B 958 15.60 -7.24 -81.99
C LEU B 958 16.55 -6.52 -81.05
N HIS B 959 17.69 -7.12 -80.77
CA HIS B 959 18.62 -6.53 -79.81
C HIS B 959 19.25 -5.25 -80.32
N LEU B 960 19.81 -4.47 -79.40
CA LEU B 960 20.41 -3.20 -79.77
C LEU B 960 21.74 -3.00 -79.07
N LYS B 961 22.50 -4.09 -78.92
CA LYS B 961 23.78 -4.02 -78.24
C LYS B 961 24.58 -2.84 -78.75
N SER B 962 25.16 -2.09 -77.82
CA SER B 962 25.91 -0.90 -78.21
C SER B 962 27.38 -1.18 -78.37
N TYR B 963 28.11 -0.23 -78.92
CA TYR B 963 29.54 -0.36 -79.12
C TYR B 963 30.25 0.88 -78.59
N ASP B 964 31.32 0.67 -77.82
CA ASP B 964 32.14 1.78 -77.33
C ASP B 964 33.48 1.24 -76.88
N VAL B 965 34.55 1.94 -77.23
CA VAL B 965 35.88 1.55 -76.76
C VAL B 965 36.01 1.80 -75.27
N ASN B 966 35.42 2.90 -74.79
CA ASN B 966 35.62 3.29 -73.39
C ASN B 966 35.01 2.27 -72.43
N ILE B 967 33.97 1.56 -72.88
CA ILE B 967 33.32 0.58 -72.01
C ILE B 967 34.29 -0.54 -71.66
N GLN B 968 35.01 -1.05 -72.66
CA GLN B 968 35.92 -2.18 -72.48
C GLN B 968 37.31 -1.65 -72.17
N THR B 969 37.55 -1.34 -70.90
CA THR B 969 38.83 -0.84 -70.43
C THR B 969 38.89 -1.01 -68.92
N GLY B 970 40.09 -0.87 -68.37
CA GLY B 970 40.25 -0.91 -66.93
C GLY B 970 40.77 -2.24 -66.42
N SER B 971 41.16 -2.28 -65.15
CA SER B 971 41.67 -3.49 -64.55
C SER B 971 40.52 -4.26 -63.89
N ASN B 972 40.86 -5.40 -63.28
CA ASN B 972 39.87 -6.27 -62.65
C ASN B 972 40.59 -7.26 -61.77
N ALA B 973 39.87 -8.27 -61.27
CA ALA B 973 40.53 -9.40 -60.63
C ALA B 973 41.49 -10.08 -61.60
N CYS B 974 41.08 -10.24 -62.85
CA CYS B 974 41.96 -10.70 -63.90
C CYS B 974 42.79 -9.51 -64.39
N ASN B 975 43.48 -9.65 -65.52
CA ASN B 975 44.30 -8.57 -66.08
C ASN B 975 45.36 -8.13 -65.07
N GLN B 976 46.08 -9.10 -64.53
CA GLN B 976 47.24 -8.86 -63.67
C GLN B 976 48.46 -9.40 -64.41
N PRO B 977 49.57 -8.65 -64.41
CA PRO B 977 50.70 -8.99 -65.30
C PRO B 977 51.16 -10.43 -65.19
N THR B 978 51.45 -10.91 -63.98
CA THR B 978 51.80 -12.32 -63.83
C THR B 978 50.69 -13.14 -63.17
N HIS B 979 49.46 -12.66 -63.18
CA HIS B 979 48.34 -13.53 -62.88
C HIS B 979 47.28 -13.39 -63.95
N PRO B 980 47.55 -13.81 -65.18
CA PRO B 980 46.50 -13.81 -66.21
C PRO B 980 45.36 -14.71 -65.77
N ASN B 981 44.15 -14.15 -65.79
CA ASN B 981 42.96 -14.82 -65.28
C ASN B 981 43.14 -15.17 -63.80
N GLY B 982 44.00 -14.44 -63.11
CA GLY B 982 44.33 -14.75 -61.73
C GLY B 982 45.03 -16.09 -61.58
N ASP B 983 45.87 -16.42 -62.57
CA ASP B 983 46.62 -17.68 -62.58
C ASP B 983 45.68 -18.89 -62.60
N CYS B 984 44.42 -18.65 -62.96
CA CYS B 984 43.46 -19.72 -63.14
C CYS B 984 43.71 -20.35 -64.50
N SER B 985 43.61 -21.68 -64.57
CA SER B 985 43.93 -22.37 -65.81
C SER B 985 43.00 -21.95 -66.94
N HIS B 986 41.69 -21.94 -66.70
CA HIS B 986 40.78 -21.61 -67.77
C HIS B 986 39.99 -20.33 -67.50
N PHE B 987 39.28 -20.27 -66.38
CA PHE B 987 38.31 -19.21 -66.15
C PHE B 987 38.73 -18.32 -64.99
N CYS B 988 38.81 -17.01 -65.25
CA CYS B 988 39.02 -16.06 -64.17
C CYS B 988 37.75 -15.86 -63.35
N PHE B 989 36.62 -15.66 -64.01
CA PHE B 989 35.33 -15.41 -63.37
C PHE B 989 35.45 -14.35 -62.29
N PRO B 990 35.61 -13.07 -62.65
CA PRO B 990 35.74 -12.04 -61.62
C PRO B 990 34.48 -11.93 -60.78
N VAL B 991 34.68 -11.80 -59.47
CA VAL B 991 33.56 -11.77 -58.52
C VAL B 991 33.71 -10.52 -57.67
N PRO B 992 32.65 -10.02 -57.03
CA PRO B 992 32.71 -8.70 -56.40
C PRO B 992 33.80 -8.59 -55.35
N ASN B 993 34.12 -7.33 -55.00
CA ASN B 993 35.19 -7.00 -54.06
C ASN B 993 36.55 -7.37 -54.62
N PHE B 994 36.72 -7.22 -55.93
CA PHE B 994 38.00 -7.32 -56.60
C PHE B 994 38.69 -8.66 -56.31
N GLN B 995 37.92 -9.74 -56.45
CA GLN B 995 38.45 -11.07 -56.26
C GLN B 995 38.01 -11.94 -57.43
N ARG B 996 38.84 -13.13 -57.43
CA ARG B 996 38.64 -14.09 -58.51
C ARG B 996 38.30 -15.49 -58.05
N VAL B 997 37.47 -16.21 -58.92
CA VAL B 997 37.21 -17.61 -58.63
C VAL B 997 37.60 -18.41 -59.86
N CYS B 998 38.60 -19.28 -59.72
CA CYS B 998 39.04 -20.08 -60.86
C CYS B 998 37.94 -21.03 -61.30
N GLY B 999 37.87 -21.25 -62.62
CA GLY B 999 36.91 -22.18 -63.17
C GLY B 999 37.57 -23.13 -64.15
N CYS B 1000 36.88 -24.22 -64.44
CA CYS B 1000 37.38 -25.27 -65.32
C CYS B 1000 36.29 -25.65 -66.30
N PRO B 1001 36.67 -26.25 -67.44
CA PRO B 1001 35.67 -26.71 -68.40
C PRO B 1001 34.80 -27.81 -67.83
N TYR B 1002 33.88 -28.28 -68.66
CA TYR B 1002 32.96 -29.34 -68.25
C TYR B 1002 33.71 -30.60 -67.84
N GLY B 1003 34.74 -30.96 -68.59
CA GLY B 1003 35.46 -32.19 -68.31
C GLY B 1003 36.37 -32.13 -67.11
N MET B 1004 36.77 -30.94 -66.68
CA MET B 1004 37.74 -30.79 -65.61
C MET B 1004 37.08 -30.22 -64.36
N ARG B 1005 37.88 -30.16 -63.29
CA ARG B 1005 37.44 -29.58 -62.03
C ARG B 1005 38.62 -28.95 -61.34
N LEU B 1006 38.33 -28.11 -60.34
CA LEU B 1006 39.38 -27.48 -59.56
C LEU B 1006 40.15 -28.53 -58.77
N ALA B 1007 41.48 -28.38 -58.74
CA ALA B 1007 42.32 -29.30 -57.99
C ALA B 1007 42.28 -28.95 -56.50
N SER B 1008 43.14 -29.61 -55.74
CA SER B 1008 43.30 -29.26 -54.32
C SER B 1008 43.64 -27.78 -54.18
N ASN B 1009 44.64 -27.33 -54.92
CA ASN B 1009 44.86 -25.90 -55.11
C ASN B 1009 43.88 -25.43 -56.19
N HIS B 1010 43.04 -24.45 -55.84
CA HIS B 1010 41.99 -24.04 -56.75
C HIS B 1010 42.54 -23.35 -57.99
N LEU B 1011 43.82 -22.96 -58.00
CA LEU B 1011 44.37 -22.27 -59.15
C LEU B 1011 44.35 -23.14 -60.41
N THR B 1012 44.76 -24.40 -60.27
CA THR B 1012 44.88 -25.30 -61.41
C THR B 1012 43.58 -26.07 -61.62
N CYS B 1013 43.44 -26.64 -62.82
CA CYS B 1013 42.28 -27.44 -63.20
C CYS B 1013 42.73 -28.86 -63.49
N GLU B 1014 41.97 -29.84 -62.98
CA GLU B 1014 42.25 -31.25 -63.17
C GLU B 1014 41.01 -31.94 -63.69
N GLY B 1015 41.19 -32.90 -64.60
CA GLY B 1015 40.05 -33.61 -65.15
C GLY B 1015 39.38 -34.49 -64.10
N ASP B 1016 38.08 -34.65 -64.24
CA ASP B 1016 37.28 -35.48 -63.33
C ASP B 1016 36.41 -36.42 -64.14
N PRO B 1017 37.01 -37.41 -64.80
CA PRO B 1017 36.21 -38.36 -65.58
C PRO B 1017 35.22 -39.13 -64.72
N THR B 1018 35.56 -39.35 -63.45
CA THR B 1018 34.67 -40.08 -62.55
C THR B 1018 33.35 -39.33 -62.38
N ASN B 1019 33.40 -38.02 -62.23
CA ASN B 1019 32.20 -37.21 -62.11
C ASN B 1019 31.79 -36.54 -63.42
N GLU B 1020 32.73 -36.33 -64.33
CA GLU B 1020 32.46 -35.61 -65.57
C GLU B 1020 32.95 -36.44 -66.74
N PRO B 1021 32.16 -37.40 -67.18
CA PRO B 1021 32.52 -38.19 -68.37
C PRO B 1021 32.54 -37.31 -69.60
N PRO B 1022 33.34 -37.66 -70.60
CA PRO B 1022 33.42 -36.83 -71.82
C PRO B 1022 32.07 -36.73 -72.51
N THR B 1023 31.77 -35.54 -73.03
CA THR B 1023 30.51 -35.28 -73.71
C THR B 1023 30.60 -35.73 -75.16
N GLU B 1024 29.82 -36.74 -75.51
CA GLU B 1024 29.77 -37.19 -76.89
C GLU B 1024 29.21 -36.10 -77.79
N GLN B 1025 29.73 -36.04 -79.02
CA GLN B 1025 29.34 -34.97 -79.93
C GLN B 1025 27.85 -35.02 -80.24
N CYS B 1026 27.36 -36.20 -80.64
CA CYS B 1026 25.98 -36.33 -81.07
C CYS B 1026 25.42 -37.64 -80.53
N GLY B 1027 24.10 -37.80 -80.65
CA GLY B 1027 23.43 -39.00 -80.20
C GLY B 1027 23.54 -40.13 -81.20
N LEU B 1028 22.85 -41.22 -80.89
CA LEU B 1028 22.89 -42.41 -81.75
C LEU B 1028 22.33 -42.12 -83.14
N PHE B 1029 21.20 -41.41 -83.20
CA PHE B 1029 20.50 -41.16 -84.46
C PHE B 1029 20.91 -39.85 -85.10
N SER B 1030 21.92 -39.18 -84.54
CA SER B 1030 22.41 -37.92 -85.07
C SER B 1030 23.79 -38.14 -85.67
N PHE B 1031 23.91 -37.93 -86.97
CA PHE B 1031 25.21 -38.09 -87.62
C PHE B 1031 26.12 -36.93 -87.26
N PRO B 1032 27.28 -37.17 -86.66
CA PRO B 1032 28.17 -36.06 -86.31
C PRO B 1032 28.72 -35.39 -87.55
N CYS B 1033 28.93 -34.08 -87.45
CA CYS B 1033 29.44 -33.29 -88.56
C CYS B 1033 30.79 -32.68 -88.16
N LYS B 1034 31.60 -32.38 -89.19
CA LYS B 1034 32.96 -31.91 -88.94
C LYS B 1034 32.98 -30.61 -88.15
N ASN B 1035 31.96 -29.77 -88.32
CA ASN B 1035 31.88 -28.52 -87.57
C ASN B 1035 31.58 -28.75 -86.10
N GLY B 1036 31.17 -29.97 -85.73
CA GLY B 1036 30.71 -30.25 -84.38
C GLY B 1036 29.21 -30.27 -84.24
N ARG B 1037 28.47 -29.79 -85.23
CA ARG B 1037 27.02 -29.78 -85.15
C ARG B 1037 26.46 -31.18 -85.36
N CYS B 1038 25.20 -31.36 -84.99
CA CYS B 1038 24.51 -32.64 -85.11
C CYS B 1038 23.34 -32.53 -86.07
N VAL B 1039 23.08 -33.62 -86.78
CA VAL B 1039 22.01 -33.65 -87.76
C VAL B 1039 21.41 -35.05 -87.78
N PRO B 1040 20.09 -35.19 -87.91
CA PRO B 1040 19.50 -36.52 -88.02
C PRO B 1040 20.06 -37.27 -89.21
N ASN B 1041 20.18 -38.60 -89.06
CA ASN B 1041 20.76 -39.41 -90.12
C ASN B 1041 19.89 -39.41 -91.36
N TYR B 1042 18.64 -38.96 -91.25
CA TYR B 1042 17.80 -38.80 -92.43
C TYR B 1042 18.39 -37.78 -93.39
N TYR B 1043 18.88 -36.65 -92.85
CA TYR B 1043 19.45 -35.62 -93.71
C TYR B 1043 20.77 -36.04 -94.32
N LEU B 1044 21.38 -37.11 -93.81
CA LEU B 1044 22.61 -37.63 -94.39
C LEU B 1044 22.35 -38.10 -95.81
N CYS B 1045 23.03 -37.47 -96.77
CA CYS B 1045 22.90 -37.74 -98.20
C CYS B 1045 21.48 -37.51 -98.72
N ASP B 1046 20.68 -36.70 -98.04
CA ASP B 1046 19.31 -36.49 -98.50
C ASP B 1046 19.26 -35.57 -99.71
N GLY B 1047 20.34 -34.85 -99.99
CA GLY B 1047 20.40 -33.97 -101.13
C GLY B 1047 20.75 -32.55 -100.77
N VAL B 1048 20.40 -32.14 -99.55
CA VAL B 1048 20.64 -30.78 -99.08
C VAL B 1048 21.50 -30.85 -97.83
N ASP B 1049 22.44 -29.92 -97.71
CA ASP B 1049 23.38 -29.90 -96.59
C ASP B 1049 22.67 -29.28 -95.38
N ASP B 1050 21.93 -30.12 -94.66
CA ASP B 1050 21.31 -29.67 -93.42
C ASP B 1050 22.37 -29.25 -92.42
N CYS B 1051 23.43 -30.04 -92.29
CA CYS B 1051 24.59 -29.58 -91.55
C CYS B 1051 25.29 -28.47 -92.33
N HIS B 1052 25.56 -27.36 -91.66
CA HIS B 1052 26.07 -26.18 -92.33
C HIS B 1052 27.50 -26.36 -92.81
N ASP B 1053 28.16 -27.44 -92.40
CA ASP B 1053 29.50 -27.76 -92.90
C ASP B 1053 29.45 -28.67 -94.12
N ASN B 1054 28.26 -28.97 -94.65
CA ASN B 1054 28.04 -29.81 -95.82
C ASN B 1054 28.43 -31.27 -95.57
N SER B 1055 28.76 -31.64 -94.34
CA SER B 1055 29.30 -32.97 -94.06
C SER B 1055 28.29 -34.05 -94.41
N ASP B 1056 27.00 -33.79 -94.24
CA ASP B 1056 26.00 -34.81 -94.52
C ASP B 1056 26.00 -35.20 -95.99
N GLU B 1057 26.13 -34.23 -96.89
CA GLU B 1057 26.21 -34.51 -98.31
C GLU B 1057 27.63 -34.73 -98.79
N GLN B 1058 28.62 -34.20 -98.10
CA GLN B 1058 30.01 -34.41 -98.47
C GLN B 1058 30.42 -35.85 -98.19
N LEU B 1059 31.31 -36.36 -99.05
CA LEU B 1059 31.88 -37.70 -98.90
C LEU B 1059 30.78 -38.77 -98.87
N CYS B 1060 29.77 -38.59 -99.73
CA CYS B 1060 28.69 -39.55 -99.83
C CYS B 1060 28.57 -40.02 -101.26
N GLY B 1061 27.65 -40.96 -101.49
CA GLY B 1061 27.45 -41.56 -102.79
C GLY B 1061 28.12 -42.90 -102.99
N THR B 1062 28.86 -43.39 -102.00
CA THR B 1062 29.54 -44.67 -102.14
C THR B 1062 28.58 -45.82 -101.87
N LEU B 1063 29.11 -47.04 -101.94
CA LEU B 1063 28.31 -48.23 -101.68
C LEU B 1063 27.79 -48.22 -100.25
N ASN B 1064 28.64 -47.89 -99.29
CA ASN B 1064 28.19 -47.71 -97.92
C ASN B 1064 27.37 -46.43 -97.79
N ASN B 1065 27.74 -45.40 -98.54
CA ASN B 1065 27.06 -44.10 -98.48
C ASN B 1065 25.91 -44.05 -99.49
N THR B 1066 24.90 -44.86 -99.24
CA THR B 1066 23.71 -44.86 -100.10
C THR B 1066 22.95 -43.55 -99.92
N CYS B 1067 22.64 -42.91 -101.04
CA CYS B 1067 21.91 -41.64 -100.99
C CYS B 1067 20.42 -41.89 -100.79
N SER B 1068 19.75 -40.88 -100.23
CA SER B 1068 18.33 -40.98 -99.97
C SER B 1068 17.53 -40.95 -101.26
N SER B 1069 16.23 -41.24 -101.14
CA SER B 1069 15.34 -41.20 -102.30
C SER B 1069 15.24 -39.78 -102.85
N SER B 1070 15.24 -38.78 -101.97
CA SER B 1070 15.19 -37.40 -102.42
C SER B 1070 16.43 -37.03 -103.23
N ALA B 1071 17.60 -37.49 -102.81
CA ALA B 1071 18.85 -37.16 -103.50
C ALA B 1071 18.93 -37.92 -104.81
N PHE B 1072 18.72 -37.23 -105.91
CA PHE B 1072 18.82 -37.82 -107.24
C PHE B 1072 20.29 -38.06 -107.54
N THR B 1073 20.70 -39.32 -107.56
CA THR B 1073 22.10 -39.64 -107.83
C THR B 1073 22.35 -39.71 -109.33
N CYS B 1074 23.37 -38.99 -109.78
CA CYS B 1074 23.82 -39.03 -111.17
C CYS B 1074 24.85 -40.13 -111.35
N GLY B 1075 25.44 -40.18 -112.54
CA GLY B 1075 26.34 -41.25 -112.90
C GLY B 1075 27.53 -41.41 -111.96
N HIS B 1076 28.20 -40.32 -111.65
CA HIS B 1076 29.39 -40.38 -110.80
C HIS B 1076 29.03 -40.15 -109.34
N GLY B 1077 28.03 -40.88 -108.85
CA GLY B 1077 27.63 -40.80 -107.47
C GLY B 1077 27.26 -39.40 -107.00
N GLU B 1078 26.82 -38.57 -107.94
CA GLU B 1078 26.52 -37.17 -107.65
C GLU B 1078 25.03 -37.03 -107.30
N CYS B 1079 24.77 -37.01 -105.99
CA CYS B 1079 23.40 -36.95 -105.50
C CYS B 1079 22.94 -35.50 -105.36
N ILE B 1080 21.80 -35.19 -105.97
CA ILE B 1080 21.26 -33.83 -105.98
C ILE B 1080 19.81 -33.87 -105.54
N PRO B 1081 19.31 -32.75 -104.99
CA PRO B 1081 17.94 -32.73 -104.49
C PRO B 1081 16.93 -33.05 -105.58
N ALA B 1082 15.83 -33.69 -105.16
CA ALA B 1082 14.78 -34.10 -106.11
C ALA B 1082 14.21 -32.89 -106.85
N HIS B 1083 14.29 -31.70 -106.25
CA HIS B 1083 13.90 -30.49 -106.96
C HIS B 1083 14.75 -30.29 -108.21
N TRP B 1084 15.95 -30.85 -108.24
CA TRP B 1084 16.85 -30.73 -109.37
C TRP B 1084 16.79 -31.92 -110.32
N ARG B 1085 15.73 -32.73 -110.23
CA ARG B 1085 15.66 -33.95 -111.02
C ARG B 1085 15.69 -33.66 -112.52
N CYS B 1086 14.88 -32.70 -112.98
CA CYS B 1086 14.86 -32.36 -114.40
C CYS B 1086 14.67 -30.87 -114.64
N ASP B 1087 15.20 -30.02 -113.76
CA ASP B 1087 15.28 -28.60 -114.05
C ASP B 1087 16.16 -28.37 -115.27
N LYS B 1088 15.93 -27.24 -115.95
CA LYS B 1088 16.76 -26.91 -117.11
C LYS B 1088 18.23 -26.79 -116.73
N ARG B 1089 18.51 -26.54 -115.46
CA ARG B 1089 19.89 -26.40 -115.01
C ARG B 1089 20.59 -27.75 -114.99
N ASN B 1090 21.77 -27.81 -115.60
CA ASN B 1090 22.59 -29.02 -115.59
C ASN B 1090 23.35 -29.08 -114.26
N ASP B 1091 22.63 -29.57 -113.25
CA ASP B 1091 23.15 -29.54 -111.88
C ASP B 1091 24.41 -30.38 -111.74
N CYS B 1092 24.37 -31.62 -112.22
CA CYS B 1092 25.48 -32.54 -112.08
C CYS B 1092 26.24 -32.65 -113.40
N VAL B 1093 27.54 -32.90 -113.29
CA VAL B 1093 28.39 -32.96 -114.48
C VAL B 1093 28.00 -34.13 -115.36
N ASP B 1094 27.56 -35.24 -114.75
CA ASP B 1094 27.15 -36.41 -115.51
C ASP B 1094 26.00 -36.12 -116.46
N GLY B 1095 25.21 -35.09 -116.16
CA GLY B 1095 24.08 -34.74 -117.00
C GLY B 1095 22.88 -35.65 -116.85
N SER B 1096 22.86 -36.50 -115.83
CA SER B 1096 21.73 -37.40 -115.64
C SER B 1096 20.44 -36.62 -115.39
N ASP B 1097 20.54 -35.50 -114.67
CA ASP B 1097 19.38 -34.64 -114.48
C ASP B 1097 18.85 -34.11 -115.80
N GLU B 1098 19.69 -34.08 -116.84
CA GLU B 1098 19.29 -33.63 -118.16
C GLU B 1098 19.35 -34.73 -119.22
N HIS B 1099 19.90 -35.90 -118.87
CA HIS B 1099 20.01 -36.98 -119.85
C HIS B 1099 18.63 -37.47 -120.29
N ASN B 1100 17.75 -37.74 -119.33
CA ASN B 1100 16.39 -38.18 -119.63
C ASN B 1100 15.42 -37.41 -118.75
N CYS B 1101 14.32 -36.96 -119.34
CA CYS B 1101 13.28 -36.29 -118.59
C CYS B 1101 11.90 -36.73 -119.09
N PRO B 1102 10.95 -36.90 -118.19
CA PRO B 1102 9.63 -37.39 -118.58
C PRO B 1102 8.81 -36.31 -119.28
N THR B 1103 7.75 -36.76 -119.93
CA THR B 1103 6.81 -35.84 -120.55
C THR B 1103 6.09 -35.03 -119.48
N HIS B 1104 5.74 -33.79 -119.83
CA HIS B 1104 5.07 -32.90 -118.90
C HIS B 1104 3.65 -33.39 -118.61
N ALA B 1105 3.01 -32.73 -117.64
CA ALA B 1105 1.61 -32.98 -117.35
C ALA B 1105 0.79 -31.86 -117.96
N PRO B 1106 0.20 -32.06 -119.15
CA PRO B 1106 -0.58 -30.97 -119.77
C PRO B 1106 -1.73 -30.51 -118.91
N ALA B 1107 -2.41 -31.43 -118.22
CA ALA B 1107 -3.52 -31.13 -117.33
C ALA B 1107 -4.56 -30.24 -118.01
N SER B 1108 -5.15 -29.32 -117.25
CA SER B 1108 -6.13 -28.37 -117.77
C SER B 1108 -6.25 -27.24 -116.76
N CYS B 1109 -7.08 -26.25 -117.12
CA CYS B 1109 -7.32 -25.10 -116.27
C CYS B 1109 -8.79 -24.72 -116.33
N LEU B 1110 -9.23 -23.97 -115.31
CA LEU B 1110 -10.61 -23.52 -115.26
C LEU B 1110 -10.86 -22.47 -116.33
N ASP B 1111 -12.14 -22.10 -116.48
CA ASP B 1111 -12.51 -21.11 -117.49
C ASP B 1111 -11.85 -19.77 -117.20
N THR B 1112 -11.89 -19.33 -115.94
CA THR B 1112 -11.21 -18.09 -115.56
C THR B 1112 -9.70 -18.23 -115.74
N GLN B 1113 -9.16 -19.40 -115.41
CA GLN B 1113 -7.74 -19.62 -115.57
C GLN B 1113 -7.36 -19.67 -117.04
N TYR B 1114 -6.21 -19.09 -117.37
CA TYR B 1114 -5.69 -19.08 -118.74
C TYR B 1114 -4.50 -20.02 -118.81
N THR B 1115 -4.49 -20.89 -119.81
CA THR B 1115 -3.43 -21.89 -119.95
C THR B 1115 -2.24 -21.27 -120.68
N CYS B 1116 -1.16 -20.99 -119.94
CA CYS B 1116 0.06 -20.54 -120.58
C CYS B 1116 0.75 -21.72 -121.26
N ASP B 1117 1.69 -21.41 -122.15
CA ASP B 1117 2.32 -22.44 -122.98
C ASP B 1117 3.06 -23.47 -122.11
N ASN B 1118 3.55 -23.05 -120.95
CA ASN B 1118 4.24 -23.97 -120.06
C ASN B 1118 3.25 -24.64 -119.11
N HIS B 1119 1.97 -24.61 -119.46
CA HIS B 1119 0.91 -25.28 -118.71
C HIS B 1119 0.81 -24.75 -117.29
N GLN B 1120 0.54 -23.45 -117.18
CA GLN B 1120 0.35 -22.78 -115.90
C GLN B 1120 -0.99 -22.05 -115.95
N CYS B 1121 -1.87 -22.35 -114.99
CA CYS B 1121 -3.17 -21.70 -114.95
C CYS B 1121 -3.04 -20.27 -114.45
N ILE B 1122 -3.57 -19.33 -115.22
CA ILE B 1122 -3.35 -17.90 -115.00
C ILE B 1122 -4.69 -17.17 -115.08
N SER B 1123 -4.91 -16.23 -114.17
CA SER B 1123 -6.13 -15.44 -114.19
C SER B 1123 -6.21 -14.58 -115.44
N LYS B 1124 -7.43 -14.32 -115.90
CA LYS B 1124 -7.63 -13.49 -117.08
C LYS B 1124 -7.10 -12.08 -116.86
N ASN B 1125 -7.22 -11.58 -115.63
CA ASN B 1125 -6.70 -10.24 -115.32
C ASN B 1125 -5.19 -10.19 -115.51
N TRP B 1126 -4.49 -11.26 -115.12
CA TRP B 1126 -3.05 -11.33 -115.33
C TRP B 1126 -2.70 -11.47 -116.81
N VAL B 1127 -3.68 -11.77 -117.66
CA VAL B 1127 -3.44 -11.87 -119.09
C VAL B 1127 -3.42 -10.46 -119.70
N CYS B 1128 -2.40 -10.21 -120.50
CA CYS B 1128 -2.24 -8.90 -121.14
C CYS B 1128 -2.15 -7.81 -120.09
N ASP B 1129 -1.24 -7.99 -119.15
CA ASP B 1129 -1.04 -6.99 -118.10
C ASP B 1129 0.40 -6.54 -118.13
N THR B 1130 1.05 -6.65 -119.29
CA THR B 1130 2.45 -6.27 -119.40
C THR B 1130 3.27 -6.97 -118.34
N ASP B 1131 2.86 -8.18 -117.97
CA ASP B 1131 3.57 -8.92 -116.93
C ASP B 1131 3.89 -10.35 -117.34
N ASN B 1132 5.11 -10.78 -117.10
CA ASN B 1132 5.49 -12.15 -117.40
C ASN B 1132 4.92 -12.99 -116.30
N ASP B 1133 3.69 -12.70 -115.90
CA ASP B 1133 3.09 -13.37 -114.75
C ASP B 1133 3.34 -14.88 -114.79
N CYS B 1134 3.25 -15.48 -115.98
CA CYS B 1134 3.62 -16.87 -116.17
C CYS B 1134 4.90 -16.91 -116.99
N GLY B 1135 5.90 -17.60 -116.46
CA GLY B 1135 7.21 -17.64 -117.08
C GLY B 1135 7.32 -17.41 -118.55
N ASP B 1136 6.70 -18.30 -119.31
CA ASP B 1136 6.81 -18.18 -120.77
C ASP B 1136 6.37 -16.82 -121.28
N GLY B 1137 5.59 -16.08 -120.50
CA GLY B 1137 5.11 -14.78 -120.94
C GLY B 1137 3.94 -14.81 -121.89
N SER B 1138 3.38 -15.98 -122.16
CA SER B 1138 2.27 -16.09 -123.11
C SER B 1138 1.05 -15.32 -122.63
N ASP B 1139 0.93 -15.07 -121.32
CA ASP B 1139 -0.16 -14.24 -120.82
C ASP B 1139 -0.12 -12.85 -121.45
N GLU B 1140 1.06 -12.44 -121.90
CA GLU B 1140 1.17 -11.16 -122.58
C GLU B 1140 1.50 -11.40 -124.04
N LYS B 1141 1.29 -12.62 -124.50
CA LYS B 1141 1.64 -12.95 -125.89
C LYS B 1141 0.60 -12.46 -126.88
N ASN B 1142 1.06 -11.83 -127.96
CA ASN B 1142 0.14 -11.38 -128.99
C ASN B 1142 -1.12 -10.80 -128.38
N CYS B 1143 -0.98 -9.71 -127.64
CA CYS B 1143 -2.14 -9.13 -126.97
C CYS B 1143 -2.93 -8.17 -127.86
N ASN B 1144 -3.57 -8.71 -128.89
CA ASN B 1144 -4.42 -7.90 -129.77
C ASN B 1144 -3.76 -6.60 -130.19
N SER B 1145 -4.55 -5.55 -130.33
CA SER B 1145 -4.02 -4.27 -130.75
C SER B 1145 -3.72 -3.39 -129.54
N THR B 1146 -3.70 -4.00 -128.36
CA THR B 1146 -3.44 -3.25 -127.13
C THR B 1146 -4.44 -2.12 -127.02
N GLU B 1147 -5.69 -2.40 -127.38
CA GLU B 1147 -6.74 -1.37 -127.30
C GLU B 1147 -7.82 -1.77 -126.32
N THR B 1148 -8.66 -2.73 -126.71
CA THR B 1148 -9.75 -3.16 -125.84
C THR B 1148 -9.21 -3.81 -124.57
N CYS B 1149 -9.91 -3.61 -123.45
CA CYS B 1149 -9.49 -4.20 -122.20
C CYS B 1149 -10.54 -5.16 -121.66
N GLN B 1150 -10.12 -6.34 -121.26
CA GLN B 1150 -11.06 -7.35 -120.77
C GLN B 1150 -12.15 -6.75 -119.90
N PRO B 1151 -13.40 -7.19 -120.10
CA PRO B 1151 -14.47 -6.71 -119.22
C PRO B 1151 -14.08 -6.70 -117.74
N SER B 1152 -13.26 -7.66 -117.32
CA SER B 1152 -12.80 -7.71 -115.94
C SER B 1152 -11.54 -6.89 -115.70
N GLN B 1153 -11.03 -6.23 -116.73
CA GLN B 1153 -9.78 -5.50 -116.59
C GLN B 1153 -9.95 -4.01 -116.72
N PHE B 1154 -9.52 -3.25 -115.71
CA PHE B 1154 -9.57 -1.80 -115.81
C PHE B 1154 -8.65 -1.38 -116.94
N ASN B 1155 -8.97 -0.28 -117.59
CA ASN B 1155 -8.17 0.14 -118.74
C ASN B 1155 -7.22 1.29 -118.43
N CYS B 1156 -5.96 1.15 -118.83
CA CYS B 1156 -5.02 2.24 -118.67
C CYS B 1156 -4.80 2.86 -120.04
N PRO B 1157 -4.72 4.19 -120.09
CA PRO B 1157 -4.61 4.84 -121.40
C PRO B 1157 -3.52 4.21 -122.27
N ASN B 1158 -2.34 4.05 -121.72
CA ASN B 1158 -1.23 3.50 -122.49
C ASN B 1158 -0.53 2.41 -121.72
N HIS B 1159 -0.61 2.46 -120.40
CA HIS B 1159 0.08 1.48 -119.57
C HIS B 1159 -0.36 0.07 -119.93
N ARG B 1160 -1.66 -0.20 -119.87
CA ARG B 1160 -2.18 -1.53 -120.18
C ARG B 1160 -3.64 -1.68 -119.82
N CYS B 1161 -4.04 -2.89 -119.45
CA CYS B 1161 -5.41 -3.12 -119.02
C CYS B 1161 -5.34 -3.76 -117.65
N ILE B 1162 -4.94 -2.98 -116.65
CA ILE B 1162 -4.77 -3.51 -115.30
C ILE B 1162 -6.02 -4.19 -114.77
N ASP B 1163 -5.85 -5.02 -113.75
CA ASP B 1163 -6.99 -5.70 -113.14
C ASP B 1163 -7.94 -4.70 -112.52
N LEU B 1164 -9.23 -4.91 -112.74
CA LEU B 1164 -10.24 -4.03 -112.15
C LEU B 1164 -10.05 -3.83 -110.66
N SER B 1165 -9.27 -4.71 -110.02
CA SER B 1165 -8.99 -4.53 -108.59
C SER B 1165 -8.15 -3.29 -108.34
N PHE B 1166 -7.32 -2.91 -109.31
CA PHE B 1166 -6.43 -1.76 -109.12
C PHE B 1166 -7.17 -0.44 -109.16
N VAL B 1167 -8.46 -0.45 -109.51
CA VAL B 1167 -9.24 0.77 -109.66
C VAL B 1167 -9.21 1.59 -108.38
N CYS B 1168 -9.44 0.95 -107.25
CA CYS B 1168 -9.51 1.66 -105.97
C CYS B 1168 -8.71 0.92 -104.90
N ASP B 1169 -7.62 0.28 -105.29
CA ASP B 1169 -6.77 -0.43 -104.35
C ASP B 1169 -5.69 0.45 -103.76
N GLY B 1170 -5.66 1.73 -104.10
CA GLY B 1170 -4.60 2.61 -103.69
C GLY B 1170 -3.36 2.58 -104.55
N ASP B 1171 -3.34 1.72 -105.58
CA ASP B 1171 -2.19 1.59 -106.47
C ASP B 1171 -2.56 2.19 -107.82
N LYS B 1172 -2.09 3.41 -108.07
CA LYS B 1172 -2.36 4.04 -109.36
C LYS B 1172 -1.53 3.36 -110.42
N ASP B 1173 -1.91 2.15 -110.79
CA ASP B 1173 -1.14 1.39 -111.76
C ASP B 1173 -1.04 2.10 -113.11
N CYS B 1174 -2.13 2.73 -113.54
CA CYS B 1174 -2.11 3.44 -114.83
C CYS B 1174 -0.97 4.44 -114.90
N VAL B 1175 -0.42 4.65 -116.09
CA VAL B 1175 0.71 5.54 -116.23
C VAL B 1175 0.31 6.91 -115.73
N ASP B 1176 -0.92 7.30 -116.02
CA ASP B 1176 -1.42 8.59 -115.57
C ASP B 1176 -2.36 8.39 -114.40
N GLY B 1177 -2.38 7.19 -113.83
CA GLY B 1177 -3.23 6.90 -112.71
C GLY B 1177 -4.71 7.09 -112.98
N SER B 1178 -5.20 6.53 -114.08
CA SER B 1178 -6.62 6.59 -114.37
C SER B 1178 -7.36 5.91 -113.24
N ASP B 1179 -6.74 4.90 -112.65
CA ASP B 1179 -7.34 4.25 -111.49
C ASP B 1179 -7.21 5.17 -110.29
N GLU B 1180 -7.69 4.74 -109.14
CA GLU B 1180 -7.67 5.60 -107.94
C GLU B 1180 -8.26 6.97 -108.25
N VAL B 1181 -9.36 6.95 -109.00
CA VAL B 1181 -10.06 8.19 -109.31
C VAL B 1181 -11.48 8.02 -108.80
N GLY B 1182 -11.96 8.98 -108.02
CA GLY B 1182 -13.28 8.90 -107.42
C GLY B 1182 -13.45 7.72 -106.50
N CYS B 1183 -12.40 7.36 -105.76
CA CYS B 1183 -12.45 6.21 -104.86
C CYS B 1183 -12.83 6.68 -103.46
N VAL B 1184 -14.12 7.00 -103.31
CA VAL B 1184 -14.68 7.36 -102.02
C VAL B 1184 -15.37 6.16 -101.37
N LEU B 1185 -15.08 4.95 -101.82
CA LEU B 1185 -15.73 3.77 -101.28
C LEU B 1185 -15.32 3.53 -99.83
N ASN B 1186 -16.19 2.85 -99.10
CA ASN B 1186 -15.97 2.57 -97.69
C ASN B 1186 -15.11 1.32 -97.50
N CYS B 1187 -14.97 0.87 -96.26
CA CYS B 1187 -14.22 -0.33 -95.96
C CYS B 1187 -15.02 -1.16 -94.96
N THR B 1188 -14.47 -2.33 -94.63
CA THR B 1188 -15.14 -3.22 -93.70
C THR B 1188 -15.17 -2.62 -92.30
N ALA B 1189 -16.12 -3.07 -91.49
CA ALA B 1189 -16.20 -2.60 -90.11
C ALA B 1189 -14.94 -2.96 -89.33
N SER B 1190 -14.35 -4.12 -89.61
CA SER B 1190 -13.12 -4.51 -88.96
C SER B 1190 -11.98 -3.55 -89.30
N GLN B 1191 -12.12 -2.82 -90.41
CA GLN B 1191 -11.17 -1.77 -90.76
C GLN B 1191 -11.71 -0.45 -90.26
N PHE B 1192 -11.13 0.04 -89.17
CA PHE B 1192 -11.55 1.31 -88.58
C PHE B 1192 -11.30 2.45 -89.55
N LYS B 1193 -12.39 3.03 -90.04
CA LYS B 1193 -12.30 4.17 -90.96
C LYS B 1193 -11.82 5.38 -90.17
N CYS B 1194 -10.55 5.73 -90.38
CA CYS B 1194 -9.96 6.83 -89.61
C CYS B 1194 -10.61 8.15 -89.97
N ALA B 1195 -10.69 9.04 -88.98
CA ALA B 1195 -11.34 10.34 -89.19
C ALA B 1195 -10.65 11.12 -90.31
N SER B 1196 -9.35 10.90 -90.49
CA SER B 1196 -8.66 11.50 -91.62
C SER B 1196 -9.21 10.97 -92.93
N GLY B 1197 -9.54 9.67 -92.98
CA GLY B 1197 -9.95 9.03 -94.20
C GLY B 1197 -8.82 8.60 -95.10
N ASP B 1198 -7.57 8.88 -94.71
CA ASP B 1198 -6.43 8.50 -95.54
C ASP B 1198 -6.22 6.99 -95.53
N LYS B 1199 -6.24 6.37 -94.35
CA LYS B 1199 -5.99 4.95 -94.21
C LYS B 1199 -7.09 4.32 -93.37
N CYS B 1200 -7.60 3.19 -93.84
CA CYS B 1200 -8.63 2.44 -93.12
C CYS B 1200 -8.01 1.28 -92.35
N ILE B 1201 -7.32 1.64 -91.27
CA ILE B 1201 -6.62 0.64 -90.47
C ILE B 1201 -7.62 -0.25 -89.74
N GLY B 1202 -7.15 -1.44 -89.35
CA GLY B 1202 -8.04 -2.38 -88.68
C GLY B 1202 -8.34 -1.95 -87.25
N VAL B 1203 -9.44 -2.51 -86.72
CA VAL B 1203 -9.84 -2.17 -85.35
C VAL B 1203 -8.84 -2.70 -84.33
N THR B 1204 -8.15 -3.79 -84.65
CA THR B 1204 -7.11 -4.30 -83.77
C THR B 1204 -6.04 -3.23 -83.53
N ASN B 1205 -5.79 -2.38 -84.53
CA ASN B 1205 -4.92 -1.24 -84.38
C ASN B 1205 -5.66 0.00 -83.86
N ARG B 1206 -6.96 -0.08 -83.65
CA ARG B 1206 -7.71 1.04 -83.10
C ARG B 1206 -7.50 1.08 -81.59
N CYS B 1207 -6.98 2.20 -81.09
CA CYS B 1207 -6.53 2.32 -79.70
C CYS B 1207 -5.60 1.16 -79.33
N ASP B 1208 -4.51 1.02 -80.08
CA ASP B 1208 -3.51 0.00 -79.82
C ASP B 1208 -2.20 0.57 -79.32
N GLY B 1209 -2.17 1.87 -79.00
CA GLY B 1209 -0.94 2.52 -78.62
C GLY B 1209 -0.07 2.97 -79.76
N VAL B 1210 -0.49 2.73 -81.00
CA VAL B 1210 0.29 3.08 -82.18
C VAL B 1210 -0.56 3.99 -83.06
N PHE B 1211 0.01 5.11 -83.49
CA PHE B 1211 -0.66 6.04 -84.39
C PHE B 1211 -0.61 5.44 -85.81
N ASP B 1212 -1.48 4.46 -86.03
CA ASP B 1212 -1.47 3.73 -87.30
C ASP B 1212 -1.80 4.63 -88.47
N CYS B 1213 -2.80 5.50 -88.32
CA CYS B 1213 -3.22 6.40 -89.38
C CYS B 1213 -3.06 7.84 -88.97
N SER B 1214 -3.38 8.74 -89.90
CA SER B 1214 -3.24 10.17 -89.65
C SER B 1214 -4.22 10.63 -88.59
N ASP B 1215 -3.84 11.69 -87.88
CA ASP B 1215 -4.60 12.33 -86.81
C ASP B 1215 -4.79 11.43 -85.60
N ASN B 1216 -4.24 10.21 -85.63
CA ASN B 1216 -4.29 9.28 -84.50
C ASN B 1216 -5.73 9.02 -84.05
N SER B 1217 -6.67 9.03 -85.00
CA SER B 1217 -8.07 8.80 -84.67
C SER B 1217 -8.27 7.40 -84.09
N ASP B 1218 -7.41 6.46 -84.48
CA ASP B 1218 -7.44 5.14 -83.85
C ASP B 1218 -7.13 5.23 -82.37
N GLU B 1219 -6.14 6.05 -82.01
CA GLU B 1219 -5.77 6.21 -80.61
C GLU B 1219 -6.46 7.39 -79.94
N ALA B 1220 -7.19 8.21 -80.70
CA ALA B 1220 -7.84 9.38 -80.12
C ALA B 1220 -8.89 8.98 -79.10
N GLY B 1221 -9.67 7.95 -79.41
CA GLY B 1221 -10.70 7.49 -78.50
C GLY B 1221 -10.24 6.36 -77.60
N CYS B 1222 -9.18 6.60 -76.84
CA CYS B 1222 -8.68 5.61 -75.89
C CYS B 1222 -9.22 5.94 -74.51
N PRO B 1223 -10.15 5.15 -73.98
CA PRO B 1223 -10.68 5.44 -72.63
C PRO B 1223 -9.78 4.87 -71.53
N THR B 1224 -8.56 5.37 -71.46
CA THR B 1224 -7.64 4.95 -70.40
C THR B 1224 -8.17 5.37 -69.04
N ARG B 1225 -8.53 6.65 -68.90
CA ARG B 1225 -9.14 7.25 -67.72
C ARG B 1225 -8.59 6.64 -66.41
N PRO B 1226 -7.31 6.79 -66.14
CA PRO B 1226 -6.75 6.35 -64.85
C PRO B 1226 -6.69 7.51 -63.86
N PRO B 1227 -7.80 7.90 -63.23
CA PRO B 1227 -7.74 9.09 -62.36
C PRO B 1227 -6.96 8.83 -61.07
N GLY B 1228 -5.71 8.42 -61.23
CA GLY B 1228 -4.93 7.94 -60.12
C GLY B 1228 -5.33 6.56 -59.62
N MET B 1229 -6.31 5.94 -60.28
CA MET B 1229 -6.71 4.58 -59.98
C MET B 1229 -6.55 3.76 -61.25
N CYS B 1230 -6.19 2.49 -61.09
CA CYS B 1230 -5.92 1.65 -62.24
C CYS B 1230 -7.19 1.32 -63.01
N HIS B 1231 -7.00 0.84 -64.24
CA HIS B 1231 -8.13 0.49 -65.09
C HIS B 1231 -8.93 -0.65 -64.47
N SER B 1232 -10.21 -0.69 -64.79
CA SER B 1232 -11.12 -1.63 -64.16
C SER B 1232 -10.64 -3.07 -64.33
N ASP B 1233 -10.06 -3.38 -65.49
CA ASP B 1233 -9.53 -4.72 -65.71
C ASP B 1233 -8.25 -4.96 -64.94
N GLU B 1234 -7.53 -3.90 -64.58
CA GLU B 1234 -6.21 -4.02 -63.96
C GLU B 1234 -6.33 -3.84 -62.45
N PHE B 1235 -5.85 -4.81 -61.69
CA PHE B 1235 -5.78 -4.65 -60.24
C PHE B 1235 -4.76 -3.59 -59.88
N GLN B 1236 -5.09 -2.77 -58.89
CA GLN B 1236 -4.20 -1.73 -58.39
C GLN B 1236 -3.57 -2.19 -57.09
N CYS B 1237 -2.24 -2.13 -57.02
CA CYS B 1237 -1.55 -2.59 -55.83
C CYS B 1237 -1.76 -1.61 -54.67
N GLN B 1238 -1.80 -2.14 -53.45
CA GLN B 1238 -2.12 -1.31 -52.30
C GLN B 1238 -0.98 -0.38 -51.93
N GLU B 1239 0.25 -0.90 -51.89
CA GLU B 1239 1.36 -0.11 -51.37
C GLU B 1239 1.73 1.02 -52.32
N ASP B 1240 1.82 0.73 -53.62
CA ASP B 1240 2.32 1.70 -54.58
C ASP B 1240 1.34 2.05 -55.68
N GLY B 1241 0.22 1.35 -55.81
CA GLY B 1241 -0.75 1.69 -56.82
C GLY B 1241 -0.39 1.27 -58.22
N ILE B 1242 0.69 0.49 -58.39
CA ILE B 1242 1.12 0.05 -59.71
C ILE B 1242 0.11 -0.93 -60.26
N CYS B 1243 -0.33 -0.70 -61.50
CA CYS B 1243 -1.39 -1.51 -62.08
C CYS B 1243 -0.88 -2.87 -62.52
N ILE B 1244 -1.63 -3.91 -62.16
CA ILE B 1244 -1.36 -5.26 -62.64
C ILE B 1244 -2.66 -5.89 -63.11
N PRO B 1245 -2.58 -6.82 -64.05
CA PRO B 1245 -3.79 -7.52 -64.51
C PRO B 1245 -4.46 -8.24 -63.36
N ASN B 1246 -5.80 -8.20 -63.35
CA ASN B 1246 -6.56 -8.75 -62.23
C ASN B 1246 -6.33 -10.24 -62.06
N PHE B 1247 -5.92 -10.92 -63.13
CA PHE B 1247 -5.59 -12.34 -63.01
C PHE B 1247 -4.41 -12.53 -62.05
N TRP B 1248 -3.54 -11.53 -61.93
CA TRP B 1248 -2.39 -11.63 -61.04
C TRP B 1248 -2.77 -11.49 -59.58
N GLU B 1249 -3.94 -10.94 -59.28
CA GLU B 1249 -4.34 -10.75 -57.89
C GLU B 1249 -4.74 -12.09 -57.28
N CYS B 1250 -4.17 -12.39 -56.11
CA CYS B 1250 -4.42 -13.65 -55.41
C CYS B 1250 -4.14 -14.85 -56.30
N ASP B 1251 -3.07 -14.78 -57.09
CA ASP B 1251 -2.71 -15.83 -58.02
C ASP B 1251 -1.68 -16.80 -57.46
N GLY B 1252 -1.40 -16.73 -56.16
CA GLY B 1252 -0.37 -17.56 -55.57
C GLY B 1252 1.04 -17.06 -55.80
N HIS B 1253 1.21 -15.81 -56.24
CA HIS B 1253 2.53 -15.26 -56.51
C HIS B 1253 2.53 -13.78 -56.12
N PRO B 1254 3.44 -13.36 -55.26
CA PRO B 1254 3.47 -11.97 -54.82
C PRO B 1254 3.91 -11.01 -55.91
N ASP B 1255 3.03 -10.77 -56.89
CA ASP B 1255 3.36 -9.88 -57.99
C ASP B 1255 3.49 -8.44 -57.50
N CYS B 1256 2.72 -8.06 -56.49
CA CYS B 1256 2.84 -6.76 -55.85
C CYS B 1256 4.21 -6.61 -55.20
N LEU B 1257 4.48 -5.37 -54.76
CA LEU B 1257 5.71 -5.12 -54.02
C LEU B 1257 5.73 -5.87 -52.70
N TYR B 1258 4.61 -5.87 -51.98
CA TYR B 1258 4.50 -6.54 -50.69
C TYR B 1258 3.53 -7.72 -50.75
N GLY B 1259 3.19 -8.15 -51.96
CA GLY B 1259 2.22 -9.23 -52.11
C GLY B 1259 0.80 -8.81 -51.82
N SER B 1260 0.50 -7.51 -51.94
CA SER B 1260 -0.87 -7.06 -51.70
C SER B 1260 -1.83 -7.66 -52.72
N ASP B 1261 -1.31 -8.08 -53.87
CA ASP B 1261 -2.14 -8.83 -54.82
C ASP B 1261 -2.59 -10.14 -54.19
N GLU B 1262 -1.70 -10.81 -53.47
CA GLU B 1262 -2.06 -11.97 -52.65
C GLU B 1262 -2.35 -11.55 -51.22
N HIS B 1263 -3.24 -10.59 -51.04
CA HIS B 1263 -3.51 -10.05 -49.72
C HIS B 1263 -4.14 -11.11 -48.82
N ASN B 1264 -3.84 -11.01 -47.52
CA ASN B 1264 -4.30 -12.02 -46.57
C ASN B 1264 -5.82 -12.05 -46.49
N ALA B 1265 -6.47 -10.93 -46.78
CA ALA B 1265 -7.93 -10.90 -46.75
C ALA B 1265 -8.52 -11.66 -47.94
N CYS B 1266 -7.73 -11.88 -48.99
CA CYS B 1266 -8.25 -12.57 -50.17
C CYS B 1266 -8.61 -14.00 -49.86
N VAL B 1267 -7.69 -14.74 -49.23
CA VAL B 1267 -7.83 -16.17 -48.97
C VAL B 1267 -8.29 -16.89 -50.23
N PRO B 1268 -7.51 -16.88 -51.31
CA PRO B 1268 -7.94 -17.58 -52.53
C PRO B 1268 -7.75 -19.09 -52.39
N LYS B 1269 -8.77 -19.84 -52.81
CA LYS B 1269 -8.64 -21.29 -52.80
C LYS B 1269 -7.58 -21.75 -53.78
N THR B 1270 -7.69 -21.33 -55.05
CA THR B 1270 -6.69 -21.58 -56.08
C THR B 1270 -6.22 -23.03 -56.08
N CYS B 1271 -7.15 -23.92 -56.39
CA CYS B 1271 -6.84 -25.35 -56.38
C CYS B 1271 -5.79 -25.65 -57.45
N PRO B 1272 -4.66 -26.27 -57.09
CA PRO B 1272 -3.64 -26.56 -58.11
C PRO B 1272 -4.12 -27.49 -59.20
N SER B 1273 -5.05 -28.40 -58.87
CA SER B 1273 -5.60 -29.30 -59.87
C SER B 1273 -6.89 -28.73 -60.45
N LEU B 1347 20.94 -72.94 -61.52
CA LEU B 1347 22.29 -72.56 -61.15
C LEU B 1347 22.96 -73.67 -60.34
N CYS B 1348 22.74 -73.65 -59.02
CA CYS B 1348 23.37 -74.65 -58.16
C CYS B 1348 22.79 -76.03 -58.39
N ASN B 1349 21.46 -76.14 -58.40
CA ASN B 1349 20.81 -77.42 -58.63
C ASN B 1349 20.65 -77.66 -60.14
N GLY B 1350 20.16 -78.85 -60.48
CA GLY B 1350 20.03 -79.26 -61.86
C GLY B 1350 18.85 -78.70 -62.60
N ASN B 1351 18.02 -77.89 -61.95
CA ASN B 1351 16.85 -77.26 -62.56
C ASN B 1351 15.88 -78.30 -63.12
N SER B 1352 15.84 -79.45 -62.47
CA SER B 1352 14.96 -80.53 -62.92
C SER B 1352 13.49 -80.24 -62.61
N CYS B 1353 13.23 -79.38 -61.64
CA CYS B 1353 11.85 -79.03 -61.35
C CYS B 1353 11.19 -78.68 -62.65
N SER B 1354 11.88 -77.91 -63.49
CA SER B 1354 11.35 -77.59 -64.80
C SER B 1354 11.61 -78.75 -65.73
N ASP B 1355 12.81 -79.32 -65.64
CA ASP B 1355 13.17 -80.45 -66.49
C ASP B 1355 12.12 -81.55 -66.39
N PHE B 1356 11.98 -82.14 -65.21
CA PHE B 1356 11.02 -83.22 -65.04
C PHE B 1356 10.36 -83.19 -63.66
N ASN B 1357 9.69 -82.08 -63.33
CA ASN B 1357 9.11 -81.96 -62.01
C ASN B 1357 10.21 -82.07 -60.96
N GLY B 1358 11.44 -82.27 -61.41
CA GLY B 1358 12.55 -82.36 -60.50
C GLY B 1358 12.39 -83.47 -59.48
N GLY B 1359 11.65 -84.51 -59.84
CA GLY B 1359 11.43 -85.60 -58.91
C GLY B 1359 10.98 -85.07 -57.57
N CYS B 1360 10.06 -84.10 -57.59
CA CYS B 1360 9.56 -83.53 -56.35
C CYS B 1360 8.19 -84.10 -56.04
N THR B 1361 8.05 -84.72 -54.88
CA THR B 1361 6.76 -85.30 -54.50
C THR B 1361 5.68 -84.24 -54.57
N HIS B 1362 5.94 -83.09 -53.97
CA HIS B 1362 4.98 -82.00 -54.02
C HIS B 1362 5.33 -81.09 -55.18
N GLU B 1363 4.44 -80.14 -55.47
CA GLU B 1363 4.69 -79.21 -56.56
C GLU B 1363 6.15 -78.81 -56.59
N CYS B 1364 6.80 -79.03 -57.73
CA CYS B 1364 8.20 -78.68 -57.87
C CYS B 1364 8.33 -77.18 -58.06
N VAL B 1365 9.41 -76.60 -57.57
CA VAL B 1365 9.65 -75.18 -57.76
C VAL B 1365 10.94 -74.97 -58.53
N GLN B 1366 10.83 -74.43 -59.73
CA GLN B 1366 12.02 -74.20 -60.55
C GLN B 1366 12.74 -72.94 -60.10
N GLU B 1367 13.17 -72.90 -58.85
CA GLU B 1367 13.95 -71.77 -58.39
C GLU B 1367 15.11 -71.52 -59.35
N PRO B 1368 15.66 -70.30 -59.36
CA PRO B 1368 16.78 -70.02 -60.28
C PRO B 1368 17.96 -70.95 -60.07
N PHE B 1369 18.24 -71.34 -58.83
CA PHE B 1369 19.31 -72.31 -58.58
C PHE B 1369 18.98 -73.66 -59.19
N GLY B 1370 17.71 -74.06 -59.17
CA GLY B 1370 17.35 -75.30 -59.82
C GLY B 1370 16.09 -75.96 -59.29
N ALA B 1371 16.20 -77.24 -58.96
CA ALA B 1371 15.05 -77.96 -58.45
C ALA B 1371 14.81 -77.67 -56.98
N LYS B 1372 13.77 -76.90 -56.68
CA LYS B 1372 13.48 -76.54 -55.29
C LYS B 1372 12.33 -77.35 -54.71
N CYS B 1373 11.24 -77.47 -55.45
CA CYS B 1373 10.07 -78.20 -54.96
C CYS B 1373 9.48 -77.51 -53.75
N LEU B 1374 8.47 -78.11 -53.13
CA LEU B 1374 7.84 -77.52 -51.94
C LEU B 1374 7.08 -78.55 -51.15
N CYS B 1375 6.37 -78.13 -50.11
CA CYS B 1375 5.55 -79.04 -49.32
C CYS B 1375 4.41 -78.27 -48.67
N PRO B 1376 3.19 -78.83 -48.71
CA PRO B 1376 2.06 -78.17 -48.04
C PRO B 1376 2.27 -78.13 -46.54
N LEU B 1377 1.34 -77.47 -45.86
CA LEU B 1377 1.40 -77.38 -44.40
C LEU B 1377 1.30 -78.76 -43.79
N GLY B 1378 2.15 -79.01 -42.78
CA GLY B 1378 2.23 -80.32 -42.17
C GLY B 1378 3.03 -81.33 -42.94
N PHE B 1379 3.75 -80.92 -43.99
CA PHE B 1379 4.60 -81.78 -44.77
C PHE B 1379 6.01 -81.21 -44.79
N LEU B 1380 7.00 -82.08 -44.72
CA LEU B 1380 8.40 -81.70 -44.63
C LEU B 1380 9.19 -82.34 -45.74
N LEU B 1381 10.09 -81.58 -46.35
CA LEU B 1381 10.94 -82.14 -47.39
C LEU B 1381 11.95 -83.10 -46.79
N ALA B 1382 12.31 -84.12 -47.55
CA ALA B 1382 13.27 -85.11 -47.10
C ALA B 1382 14.69 -84.57 -47.28
N ASN B 1383 15.69 -85.45 -47.14
CA ASN B 1383 17.08 -85.02 -47.32
C ASN B 1383 17.33 -84.53 -48.74
N ASP B 1384 16.63 -85.12 -49.71
CA ASP B 1384 16.75 -84.67 -51.09
C ASP B 1384 16.08 -83.33 -51.26
N SER B 1385 15.25 -82.94 -50.30
CA SER B 1385 14.54 -81.67 -50.38
C SER B 1385 13.63 -81.63 -51.59
N LYS B 1386 13.12 -82.79 -51.99
CA LYS B 1386 12.21 -82.85 -53.13
C LYS B 1386 10.97 -83.66 -52.78
N THR B 1387 11.15 -84.65 -51.91
CA THR B 1387 10.03 -85.49 -51.50
C THR B 1387 9.50 -85.05 -50.15
N CYS B 1388 8.18 -84.90 -50.04
CA CYS B 1388 7.59 -84.45 -48.79
C CYS B 1388 7.28 -85.63 -47.88
N GLU B 1389 7.31 -85.36 -46.57
CA GLU B 1389 6.99 -86.37 -45.57
C GLU B 1389 5.77 -85.91 -44.78
N ASP B 1390 5.36 -86.67 -43.77
CA ASP B 1390 4.24 -86.28 -42.92
C ASP B 1390 4.78 -85.86 -41.56
N ILE B 1391 4.30 -84.71 -41.09
CA ILE B 1391 4.70 -84.17 -39.81
C ILE B 1391 3.75 -84.71 -38.75
N ASP B 1392 4.31 -85.39 -37.75
CA ASP B 1392 3.54 -85.90 -36.63
C ASP B 1392 3.44 -84.79 -35.59
N GLU B 1393 2.39 -83.99 -35.70
CA GLU B 1393 2.18 -82.91 -34.73
C GLU B 1393 1.98 -83.46 -33.33
N CYS B 1394 1.41 -84.66 -33.22
CA CYS B 1394 1.23 -85.28 -31.90
C CYS B 1394 2.57 -85.48 -31.21
N ASP B 1395 3.63 -85.76 -31.98
CA ASP B 1395 4.95 -85.91 -31.39
C ASP B 1395 5.40 -84.62 -30.72
N ILE B 1396 5.03 -83.48 -31.29
CA ILE B 1396 5.41 -82.20 -30.70
C ILE B 1396 4.63 -81.97 -29.42
N LEU B 1397 5.33 -81.59 -28.36
CA LEU B 1397 4.68 -81.31 -27.09
C LEU B 1397 3.76 -80.11 -27.22
N GLY B 1398 2.65 -80.16 -26.49
CA GLY B 1398 1.68 -79.08 -26.56
C GLY B 1398 0.85 -79.07 -27.81
N SER B 1399 0.80 -80.18 -28.55
CA SER B 1399 -0.05 -80.26 -29.72
C SER B 1399 -1.51 -80.02 -29.34
N CYS B 1400 -2.00 -80.76 -28.35
CA CYS B 1400 -3.33 -80.53 -27.81
C CYS B 1400 -3.39 -81.07 -26.40
N SER B 1401 -4.42 -80.63 -25.66
CA SER B 1401 -4.50 -80.94 -24.24
C SER B 1401 -4.70 -82.42 -24.00
N GLN B 1402 -5.25 -83.14 -24.98
CA GLN B 1402 -5.59 -84.54 -24.77
C GLN B 1402 -5.25 -85.39 -25.98
N HIS B 1403 -5.77 -86.63 -26.01
CA HIS B 1403 -5.38 -87.63 -27.01
C HIS B 1403 -5.32 -87.04 -28.41
N CYS B 1404 -4.27 -87.40 -29.15
CA CYS B 1404 -3.95 -86.80 -30.43
C CYS B 1404 -3.89 -87.87 -31.50
N TYR B 1405 -4.29 -87.47 -32.72
CA TYR B 1405 -4.30 -88.37 -33.87
C TYR B 1405 -3.56 -87.67 -35.00
N ASN B 1406 -2.42 -88.23 -35.41
CA ASN B 1406 -1.67 -87.66 -36.52
C ASN B 1406 -2.43 -87.86 -37.82
N MET B 1407 -2.38 -86.84 -38.68
CA MET B 1407 -3.02 -86.89 -39.99
C MET B 1407 -2.08 -86.35 -41.04
N ARG B 1408 -2.47 -86.50 -42.30
CA ARG B 1408 -1.67 -86.01 -43.41
C ARG B 1408 -1.70 -84.49 -43.46
N GLY B 1409 -0.60 -83.87 -43.02
CA GLY B 1409 -0.53 -82.42 -43.03
C GLY B 1409 -1.37 -81.73 -41.98
N SER B 1410 -1.89 -82.50 -41.02
CA SER B 1410 -2.72 -81.96 -39.95
C SER B 1410 -2.74 -82.99 -38.83
N PHE B 1411 -3.55 -82.73 -37.81
CA PHE B 1411 -3.60 -83.62 -36.66
C PHE B 1411 -4.97 -83.53 -36.01
N ARG B 1412 -5.54 -84.68 -35.67
CA ARG B 1412 -6.81 -84.72 -34.98
C ARG B 1412 -6.59 -84.92 -33.49
N CYS B 1413 -7.49 -84.35 -32.69
CA CYS B 1413 -7.37 -84.43 -31.24
C CYS B 1413 -8.73 -84.75 -30.65
N SER B 1414 -8.72 -85.42 -29.50
CA SER B 1414 -9.92 -85.77 -28.77
C SER B 1414 -9.86 -85.13 -27.38
N CYS B 1415 -10.89 -85.38 -26.58
CA CYS B 1415 -10.97 -84.88 -25.23
C CYS B 1415 -11.61 -85.92 -24.33
N ASP B 1416 -11.47 -85.71 -23.02
CA ASP B 1416 -12.08 -86.59 -22.03
C ASP B 1416 -13.60 -86.44 -22.05
N THR B 1417 -14.27 -87.43 -21.48
CA THR B 1417 -15.74 -87.38 -21.40
C THR B 1417 -16.20 -86.14 -20.65
N GLY B 1418 -15.43 -85.69 -19.66
CA GLY B 1418 -15.71 -84.47 -18.96
C GLY B 1418 -15.07 -83.23 -19.55
N TYR B 1419 -14.43 -83.35 -20.71
CA TYR B 1419 -13.74 -82.24 -21.35
C TYR B 1419 -14.37 -81.94 -22.70
N MET B 1420 -14.40 -80.65 -23.04
CA MET B 1420 -15.01 -80.18 -24.27
C MET B 1420 -13.93 -79.58 -25.18
N LEU B 1421 -13.92 -80.01 -26.44
CA LEU B 1421 -12.95 -79.49 -27.38
C LEU B 1421 -13.23 -78.03 -27.70
N GLU B 1422 -12.19 -77.22 -27.73
CA GLU B 1422 -12.34 -75.80 -27.98
C GLU B 1422 -12.56 -75.54 -29.48
N SER B 1423 -12.75 -74.28 -29.82
CA SER B 1423 -12.99 -73.90 -31.20
C SER B 1423 -11.79 -74.21 -32.09
N ASP B 1424 -10.58 -73.98 -31.56
CA ASP B 1424 -9.38 -74.23 -32.37
C ASP B 1424 -9.19 -75.71 -32.67
N GLY B 1425 -9.81 -76.58 -31.89
CA GLY B 1425 -9.65 -78.01 -32.06
C GLY B 1425 -8.39 -78.58 -31.46
N ARG B 1426 -7.57 -77.76 -30.81
CA ARG B 1426 -6.31 -78.20 -30.22
C ARG B 1426 -6.28 -77.96 -28.72
N THR B 1427 -7.44 -77.80 -28.10
CA THR B 1427 -7.53 -77.52 -26.67
C THR B 1427 -8.82 -78.10 -26.12
N CYS B 1428 -8.72 -78.72 -24.95
CA CYS B 1428 -9.88 -79.25 -24.25
C CYS B 1428 -10.14 -78.42 -23.00
N LYS B 1429 -11.41 -78.20 -22.70
CA LYS B 1429 -11.81 -77.46 -21.50
C LYS B 1429 -12.87 -78.27 -20.77
N VAL B 1430 -12.93 -78.08 -19.45
CA VAL B 1430 -13.82 -78.89 -18.61
C VAL B 1430 -15.27 -78.61 -18.98
N THR B 1431 -16.03 -79.68 -19.20
CA THR B 1431 -17.46 -79.52 -19.48
C THR B 1431 -18.19 -78.93 -18.29
N ALA B 1432 -17.86 -79.40 -17.08
CA ALA B 1432 -18.52 -78.90 -15.89
C ALA B 1432 -18.21 -77.43 -15.68
N SER B 1433 -19.21 -76.67 -15.23
CA SER B 1433 -19.07 -75.24 -15.04
C SER B 1433 -18.51 -74.87 -13.68
N GLU B 1434 -18.33 -75.84 -12.78
CA GLU B 1434 -17.82 -75.54 -11.45
C GLU B 1434 -16.39 -75.03 -11.54
N SER B 1435 -16.06 -74.06 -10.68
CA SER B 1435 -14.71 -73.52 -10.65
C SER B 1435 -13.75 -74.52 -10.03
N LEU B 1436 -12.46 -74.19 -10.08
CA LEU B 1436 -11.42 -74.99 -9.46
C LEU B 1436 -11.05 -74.36 -8.13
N LEU B 1437 -11.19 -75.12 -7.05
CA LEU B 1437 -10.82 -74.67 -5.71
C LEU B 1437 -9.38 -75.10 -5.47
N LEU B 1438 -8.45 -74.16 -5.69
CA LEU B 1438 -7.02 -74.45 -5.57
C LEU B 1438 -6.60 -74.37 -4.10
N LEU B 1439 -6.99 -75.41 -3.35
CA LEU B 1439 -6.66 -75.47 -1.94
C LEU B 1439 -5.15 -75.56 -1.73
N VAL B 1440 -4.64 -74.74 -0.83
CA VAL B 1440 -3.23 -74.75 -0.46
C VAL B 1440 -3.15 -74.74 1.07
N ALA B 1441 -2.39 -75.68 1.62
CA ALA B 1441 -2.20 -75.71 3.06
C ALA B 1441 -1.35 -74.52 3.51
N SER B 1442 -1.46 -74.19 4.79
CA SER B 1442 -0.67 -73.11 5.38
C SER B 1442 -0.09 -73.61 6.69
N GLN B 1443 0.57 -72.69 7.41
CA GLN B 1443 1.19 -73.05 8.67
C GLN B 1443 0.15 -73.52 9.68
N ASN B 1444 -1.00 -72.83 9.72
CA ASN B 1444 -2.03 -73.19 10.68
C ASN B 1444 -3.44 -73.13 10.08
N LYS B 1445 -3.57 -73.11 8.77
CA LYS B 1445 -4.89 -72.95 8.14
C LYS B 1445 -4.83 -73.53 6.73
N ILE B 1446 -5.98 -73.55 6.07
CA ILE B 1446 -6.12 -74.03 4.70
C ILE B 1446 -6.56 -72.85 3.85
N ILE B 1447 -5.78 -72.52 2.84
CA ILE B 1447 -6.04 -71.38 1.98
C ILE B 1447 -6.55 -71.89 0.63
N ALA B 1448 -7.78 -71.53 0.29
CA ALA B 1448 -8.41 -71.95 -0.95
C ALA B 1448 -8.72 -70.74 -1.81
N ASP B 1449 -8.54 -70.87 -3.12
CA ASP B 1449 -8.79 -69.80 -4.07
C ASP B 1449 -9.87 -70.23 -5.05
N SER B 1450 -10.89 -69.40 -5.19
CA SER B 1450 -11.96 -69.60 -6.17
C SER B 1450 -11.93 -68.41 -7.12
N VAL B 1451 -11.46 -68.65 -8.35
CA VAL B 1451 -11.27 -67.58 -9.31
C VAL B 1451 -12.39 -67.60 -10.34
N THR B 1452 -13.54 -68.16 -9.95
CA THR B 1452 -14.70 -68.14 -10.82
C THR B 1452 -15.11 -66.71 -11.12
N SER B 1453 -15.37 -66.44 -12.40
CA SER B 1453 -15.72 -65.10 -12.87
C SER B 1453 -14.67 -64.08 -12.44
N GLN B 1454 -13.40 -64.46 -12.61
CA GLN B 1454 -12.23 -63.67 -12.22
C GLN B 1454 -12.44 -62.94 -10.90
N VAL B 1455 -12.90 -63.70 -9.90
CA VAL B 1455 -13.11 -63.12 -8.57
C VAL B 1455 -11.86 -63.22 -7.70
N HIS B 1456 -11.09 -64.31 -7.83
CA HIS B 1456 -9.92 -64.55 -6.99
C HIS B 1456 -10.30 -64.60 -5.52
N ASN B 1457 -11.33 -65.39 -5.23
CA ASN B 1457 -11.85 -65.51 -3.87
C ASN B 1457 -10.88 -66.32 -3.04
N ILE B 1458 -9.97 -65.65 -2.36
CA ILE B 1458 -8.99 -66.29 -1.49
C ILE B 1458 -9.53 -66.26 -0.08
N TYR B 1459 -10.03 -67.40 0.40
CA TYR B 1459 -10.61 -67.50 1.72
C TYR B 1459 -10.05 -68.73 2.44
N SER B 1460 -9.91 -68.61 3.76
CA SER B 1460 -9.35 -69.66 4.59
C SER B 1460 -10.48 -70.60 5.00
N LEU B 1461 -10.54 -71.77 4.36
CA LEU B 1461 -11.63 -72.70 4.62
C LEU B 1461 -11.60 -73.21 6.06
N VAL B 1462 -10.42 -73.55 6.56
CA VAL B 1462 -10.24 -74.00 7.93
C VAL B 1462 -9.08 -73.22 8.54
N GLU B 1463 -9.26 -72.73 9.76
CA GLU B 1463 -8.23 -71.97 10.45
C GLU B 1463 -7.80 -72.56 11.78
N ASN B 1464 -8.60 -73.46 12.37
CA ASN B 1464 -8.24 -74.08 13.65
C ASN B 1464 -7.41 -75.34 13.40
N GLY B 1465 -6.17 -75.10 12.97
CA GLY B 1465 -5.25 -76.19 12.71
C GLY B 1465 -3.86 -75.91 13.23
N SER B 1466 -3.12 -76.96 13.61
CA SER B 1466 -1.78 -76.78 14.16
C SER B 1466 -0.76 -76.65 13.04
N TYR B 1467 -0.60 -77.70 12.23
CA TYR B 1467 0.34 -77.67 11.12
C TYR B 1467 -0.14 -78.62 10.02
N ILE B 1468 -0.86 -78.08 9.03
CA ILE B 1468 -1.44 -78.92 8.00
C ILE B 1468 -0.46 -79.09 6.85
N VAL B 1469 -0.31 -80.32 6.38
CA VAL B 1469 0.66 -80.66 5.35
C VAL B 1469 -0.03 -81.11 4.06
N ALA B 1470 -0.80 -82.18 4.12
CA ALA B 1470 -1.42 -82.77 2.94
C ALA B 1470 -2.88 -82.34 2.84
N VAL B 1471 -3.37 -82.25 1.61
CA VAL B 1471 -4.75 -81.87 1.35
C VAL B 1471 -5.28 -82.72 0.19
N ASP B 1472 -6.55 -83.10 0.27
CA ASP B 1472 -7.18 -83.84 -0.80
C ASP B 1472 -8.69 -83.70 -0.65
N PHE B 1473 -9.41 -84.06 -1.71
CA PHE B 1473 -10.86 -83.93 -1.73
C PHE B 1473 -11.50 -85.20 -2.26
N ASP B 1474 -12.74 -85.43 -1.84
CA ASP B 1474 -13.54 -86.54 -2.33
C ASP B 1474 -14.66 -85.98 -3.21
N SER B 1475 -14.69 -86.41 -4.47
CA SER B 1475 -15.70 -85.89 -5.39
C SER B 1475 -17.09 -86.44 -5.06
N ILE B 1476 -17.17 -87.72 -4.67
CA ILE B 1476 -18.47 -88.34 -4.46
C ILE B 1476 -19.18 -87.71 -3.26
N SER B 1477 -18.48 -87.58 -2.15
CA SER B 1477 -19.07 -87.02 -0.94
C SER B 1477 -18.93 -85.50 -0.86
N GLY B 1478 -18.18 -84.88 -1.77
CA GLY B 1478 -17.97 -83.45 -1.72
C GLY B 1478 -17.30 -83.02 -0.44
N ARG B 1479 -16.30 -83.79 0.00
CA ARG B 1479 -15.61 -83.53 1.25
C ARG B 1479 -14.13 -83.24 1.00
N ILE B 1480 -13.51 -82.58 1.96
CA ILE B 1480 -12.11 -82.20 1.89
C ILE B 1480 -11.37 -82.93 3.01
N PHE B 1481 -10.29 -83.61 2.66
CA PHE B 1481 -9.47 -84.35 3.61
C PHE B 1481 -8.11 -83.67 3.71
N TRP B 1482 -7.66 -83.40 4.93
CA TRP B 1482 -6.34 -82.85 5.16
C TRP B 1482 -5.77 -83.42 6.45
N SER B 1483 -4.44 -83.45 6.53
CA SER B 1483 -3.72 -84.04 7.65
C SER B 1483 -2.89 -82.98 8.35
N ASP B 1484 -2.79 -83.08 9.67
CA ASP B 1484 -2.01 -82.18 10.50
C ASP B 1484 -0.84 -82.95 11.08
N ALA B 1485 0.37 -82.43 10.87
CA ALA B 1485 1.57 -83.10 11.37
C ALA B 1485 1.63 -83.04 12.90
N THR B 1486 1.44 -81.85 13.47
CA THR B 1486 1.52 -81.70 14.92
C THR B 1486 0.38 -82.43 15.61
N GLN B 1487 -0.86 -82.24 15.12
CA GLN B 1487 -1.99 -82.95 15.69
C GLN B 1487 -1.92 -84.44 15.42
N GLY B 1488 -1.22 -84.86 14.37
CA GLY B 1488 -1.16 -86.28 14.05
C GLY B 1488 -2.52 -86.87 13.75
N LYS B 1489 -3.39 -86.09 13.10
CA LYS B 1489 -4.75 -86.52 12.83
C LYS B 1489 -5.14 -86.16 11.41
N THR B 1490 -6.07 -86.93 10.86
CA THR B 1490 -6.58 -86.71 9.51
C THR B 1490 -7.99 -86.14 9.62
N TRP B 1491 -8.12 -84.84 9.36
CA TRP B 1491 -9.39 -84.14 9.48
C TRP B 1491 -10.15 -84.20 8.17
N SER B 1492 -11.48 -84.28 8.27
CA SER B 1492 -12.37 -84.30 7.12
C SER B 1492 -13.49 -83.31 7.32
N ALA B 1493 -13.92 -82.68 6.24
CA ALA B 1493 -14.97 -81.68 6.29
C ALA B 1493 -15.55 -81.49 4.90
N PHE B 1494 -16.74 -80.87 4.85
CA PHE B 1494 -17.35 -80.55 3.58
C PHE B 1494 -16.62 -79.38 2.92
N GLN B 1495 -16.95 -79.14 1.65
CA GLN B 1495 -16.40 -78.00 0.94
C GLN B 1495 -16.88 -76.67 1.51
N ASN B 1496 -17.90 -76.69 2.34
CA ASN B 1496 -18.34 -75.45 2.98
C ASN B 1496 -17.63 -75.23 4.31
N GLY B 1497 -16.54 -75.97 4.54
CA GLY B 1497 -15.77 -75.77 5.75
C GLY B 1497 -16.45 -76.23 7.00
N THR B 1498 -17.52 -77.02 6.87
CA THR B 1498 -18.32 -77.48 8.00
C THR B 1498 -18.17 -78.99 8.17
N ASP B 1499 -18.77 -79.49 9.25
CA ASP B 1499 -18.66 -80.90 9.63
C ASP B 1499 -17.21 -81.34 9.75
N ARG B 1500 -16.40 -80.51 10.41
CA ARG B 1500 -15.00 -80.85 10.62
C ARG B 1500 -14.89 -82.00 11.60
N ARG B 1501 -14.38 -83.13 11.13
CA ARG B 1501 -14.27 -84.34 11.94
C ARG B 1501 -12.98 -85.07 11.56
N VAL B 1502 -12.42 -85.79 12.53
CA VAL B 1502 -11.17 -86.50 12.31
C VAL B 1502 -11.47 -87.94 11.90
N VAL B 1503 -10.80 -88.40 10.84
CA VAL B 1503 -11.11 -89.72 10.29
C VAL B 1503 -10.65 -90.83 11.23
N PHE B 1504 -9.44 -90.71 11.77
CA PHE B 1504 -8.86 -91.75 12.61
C PHE B 1504 -8.77 -91.27 14.05
N ASP B 1505 -9.37 -92.03 14.97
CA ASP B 1505 -9.28 -91.69 16.38
C ASP B 1505 -7.84 -91.81 16.89
N SER B 1506 -7.12 -92.82 16.42
CA SER B 1506 -5.72 -92.97 16.78
C SER B 1506 -4.88 -91.86 16.12
N SER B 1507 -3.73 -91.59 16.72
CA SER B 1507 -2.85 -90.52 16.24
C SER B 1507 -1.87 -91.07 15.20
N ILE B 1508 -2.36 -91.14 13.96
CA ILE B 1508 -1.48 -91.48 12.84
C ILE B 1508 -0.66 -90.26 12.47
N ILE B 1509 0.64 -90.33 12.69
CA ILE B 1509 1.51 -89.16 12.61
C ILE B 1509 2.29 -89.16 11.30
N LEU B 1510 2.83 -87.99 10.98
CA LEU B 1510 3.73 -87.79 9.83
C LEU B 1510 3.11 -88.30 8.54
N THR B 1511 1.83 -88.01 8.36
CA THR B 1511 1.13 -88.33 7.10
C THR B 1511 1.51 -87.27 6.08
N GLU B 1512 2.59 -87.54 5.35
CA GLU B 1512 3.13 -86.56 4.42
C GLU B 1512 2.16 -86.26 3.29
N THR B 1513 1.51 -87.28 2.75
CA THR B 1513 0.60 -87.10 1.62
C THR B 1513 -0.62 -87.98 1.81
N ILE B 1514 -1.72 -87.57 1.18
CA ILE B 1514 -2.98 -88.30 1.23
C ILE B 1514 -3.49 -88.45 -0.20
N ALA B 1515 -3.84 -89.68 -0.58
CA ALA B 1515 -4.43 -89.97 -1.88
C ALA B 1515 -5.74 -90.71 -1.66
N ILE B 1516 -6.80 -90.27 -2.34
CA ILE B 1516 -8.13 -90.80 -2.15
C ILE B 1516 -8.49 -91.65 -3.35
N ASP B 1517 -8.80 -92.92 -3.10
CA ASP B 1517 -9.30 -93.83 -4.13
C ASP B 1517 -10.81 -93.69 -4.18
N TRP B 1518 -11.29 -92.74 -4.99
CA TRP B 1518 -12.72 -92.49 -5.06
C TRP B 1518 -13.46 -93.67 -5.67
N VAL B 1519 -12.84 -94.37 -6.62
CA VAL B 1519 -13.49 -95.53 -7.22
C VAL B 1519 -13.69 -96.63 -6.19
N GLY B 1520 -12.65 -96.95 -5.44
CA GLY B 1520 -12.71 -97.97 -4.42
C GLY B 1520 -13.18 -97.48 -3.07
N ARG B 1521 -13.44 -96.19 -2.91
CA ARG B 1521 -13.85 -95.60 -1.64
C ARG B 1521 -12.82 -95.86 -0.54
N ASN B 1522 -11.55 -95.82 -0.90
CA ASN B 1522 -10.46 -96.08 0.03
C ASN B 1522 -9.53 -94.89 0.11
N LEU B 1523 -8.80 -94.80 1.22
CA LEU B 1523 -7.87 -93.72 1.47
C LEU B 1523 -6.47 -94.31 1.54
N TYR B 1524 -5.54 -93.73 0.79
CA TYR B 1524 -4.14 -94.11 0.81
C TYR B 1524 -3.31 -92.96 1.37
N TRP B 1525 -2.37 -93.29 2.24
CA TRP B 1525 -1.50 -92.28 2.82
C TRP B 1525 -0.15 -92.89 3.15
N THR B 1526 0.86 -92.03 3.27
CA THR B 1526 2.21 -92.45 3.58
C THR B 1526 2.60 -91.94 4.95
N ASP B 1527 3.00 -92.85 5.83
CA ASP B 1527 3.40 -92.51 7.19
C ASP B 1527 4.92 -92.39 7.22
N TYR B 1528 5.41 -91.17 7.43
CA TYR B 1528 6.86 -90.97 7.45
C TYR B 1528 7.48 -91.59 8.68
N ALA B 1529 6.79 -91.54 9.82
CA ALA B 1529 7.35 -92.11 11.04
C ALA B 1529 7.56 -93.61 10.91
N LEU B 1530 6.59 -94.32 10.33
CA LEU B 1530 6.71 -95.75 10.12
C LEU B 1530 7.33 -96.12 8.79
N GLU B 1531 7.55 -95.14 7.91
CA GLU B 1531 8.16 -95.37 6.60
C GLU B 1531 7.38 -96.43 5.81
N THR B 1532 6.06 -96.30 5.83
CA THR B 1532 5.20 -97.27 5.16
C THR B 1532 4.07 -96.55 4.44
N ILE B 1533 3.56 -97.18 3.40
CA ILE B 1533 2.38 -96.69 2.69
C ILE B 1533 1.19 -97.47 3.21
N GLU B 1534 0.30 -96.80 3.93
CA GLU B 1534 -0.84 -97.44 4.58
C GLU B 1534 -2.13 -97.05 3.89
N VAL B 1535 -3.04 -98.01 3.77
CA VAL B 1535 -4.30 -97.83 3.07
C VAL B 1535 -5.44 -98.24 4.01
N SER B 1536 -6.54 -97.49 3.95
CA SER B 1536 -7.72 -97.81 4.73
C SER B 1536 -8.95 -97.31 3.99
N LYS B 1537 -10.11 -97.79 4.42
CA LYS B 1537 -11.37 -97.29 3.87
C LYS B 1537 -11.54 -95.83 4.25
N ILE B 1538 -12.38 -95.13 3.47
CA ILE B 1538 -12.51 -93.69 3.63
C ILE B 1538 -13.00 -93.33 5.02
N ASP B 1539 -13.79 -94.20 5.64
CA ASP B 1539 -14.19 -93.95 7.02
C ASP B 1539 -13.06 -94.28 8.00
N GLY B 1540 -12.27 -95.29 7.69
CA GLY B 1540 -11.18 -95.72 8.54
C GLY B 1540 -11.37 -97.05 9.24
N SER B 1541 -12.13 -97.98 8.64
CA SER B 1541 -12.44 -99.22 9.34
C SER B 1541 -11.22 -100.10 9.52
N HIS B 1542 -10.45 -100.32 8.44
CA HIS B 1542 -9.32 -101.24 8.47
C HIS B 1542 -8.11 -100.56 7.87
N ARG B 1543 -7.16 -100.15 8.71
CA ARG B 1543 -5.90 -99.58 8.23
C ARG B 1543 -4.86 -100.69 8.11
N THR B 1544 -4.19 -100.73 6.95
CA THR B 1544 -3.24 -101.78 6.66
C THR B 1544 -2.01 -101.20 5.97
N VAL B 1545 -0.83 -101.69 6.37
CA VAL B 1545 0.41 -101.32 5.71
C VAL B 1545 0.42 -102.00 4.34
N LEU B 1546 0.49 -101.20 3.27
CA LEU B 1546 0.46 -101.77 1.94
C LEU B 1546 1.87 -102.08 1.44
N ILE B 1547 2.79 -101.13 1.54
CA ILE B 1547 4.17 -101.31 1.14
C ILE B 1547 5.07 -100.93 2.30
N SER B 1548 5.98 -101.83 2.68
CA SER B 1548 6.88 -101.57 3.79
C SER B 1548 8.34 -101.81 3.41
N LYS B 1549 8.60 -102.80 2.58
CA LYS B 1549 9.97 -103.17 2.27
C LYS B 1549 10.63 -102.15 1.36
N ASN B 1550 11.94 -101.98 1.51
CA ASN B 1550 12.69 -101.08 0.64
C ASN B 1550 12.03 -99.73 0.51
N LEU B 1551 11.67 -99.15 1.64
CA LEU B 1551 11.07 -97.83 1.61
C LEU B 1551 11.57 -97.05 2.82
N THR B 1552 12.14 -95.87 2.58
CA THR B 1552 12.77 -95.09 3.64
C THR B 1552 12.05 -93.78 3.92
N ASN B 1553 11.86 -92.93 2.91
CA ASN B 1553 11.21 -91.63 3.09
C ASN B 1553 10.13 -91.46 2.02
N PRO B 1554 9.00 -92.13 2.15
CA PRO B 1554 7.96 -92.00 1.13
C PRO B 1554 7.21 -90.68 1.23
N ARG B 1555 7.43 -89.81 0.24
CA ARG B 1555 6.73 -88.54 0.15
C ARG B 1555 6.16 -88.40 -1.24
N GLY B 1556 4.88 -88.06 -1.34
CA GLY B 1556 4.25 -87.93 -2.63
C GLY B 1556 3.56 -89.21 -3.06
N LEU B 1557 2.26 -89.13 -3.28
CA LEU B 1557 1.46 -90.30 -3.61
C LEU B 1557 0.52 -89.96 -4.76
N ALA B 1558 0.10 -90.97 -5.49
CA ALA B 1558 -0.80 -90.78 -6.62
C ALA B 1558 -1.53 -92.07 -6.93
N LEU B 1559 -2.76 -91.95 -7.38
CA LEU B 1559 -3.61 -93.08 -7.70
C LEU B 1559 -4.22 -92.89 -9.08
N ASP B 1560 -4.43 -94.01 -9.79
CA ASP B 1560 -5.16 -94.02 -11.04
C ASP B 1560 -6.18 -95.16 -10.97
N PRO B 1561 -7.28 -94.96 -10.25
CA PRO B 1561 -8.23 -96.04 -10.03
C PRO B 1561 -9.10 -96.37 -11.22
N ARG B 1562 -8.85 -95.78 -12.40
CA ARG B 1562 -9.63 -96.09 -13.57
C ARG B 1562 -9.45 -97.56 -13.94
N MET B 1563 -10.52 -98.15 -14.47
CA MET B 1563 -10.62 -99.61 -14.55
C MET B 1563 -9.45 -100.24 -15.30
N ASN B 1564 -8.88 -99.52 -16.26
CA ASN B 1564 -7.81 -100.09 -17.06
C ASN B 1564 -6.44 -99.99 -16.41
N GLU B 1565 -6.27 -99.18 -15.35
CA GLU B 1565 -4.95 -98.97 -14.77
C GLU B 1565 -4.86 -99.53 -13.35
N HIS B 1566 -5.69 -99.06 -12.42
CA HIS B 1566 -5.65 -99.51 -11.03
C HIS B 1566 -4.22 -99.47 -10.48
N LEU B 1567 -3.53 -98.36 -10.72
CA LEU B 1567 -2.11 -98.24 -10.40
C LEU B 1567 -1.90 -97.29 -9.23
N LEU B 1568 -0.70 -97.37 -8.66
CA LEU B 1568 -0.29 -96.55 -7.53
C LEU B 1568 1.14 -96.07 -7.76
N PHE B 1569 1.40 -94.82 -7.38
CA PHE B 1569 2.72 -94.23 -7.53
C PHE B 1569 3.15 -93.57 -6.22
N TRP B 1570 4.44 -93.63 -5.94
CA TRP B 1570 5.00 -92.92 -4.81
C TRP B 1570 6.46 -92.62 -5.09
N SER B 1571 6.95 -91.61 -4.36
CA SER B 1571 8.35 -91.16 -4.54
C SER B 1571 9.08 -91.22 -3.20
N ASP B 1572 10.29 -91.76 -3.20
CA ASP B 1572 11.12 -91.84 -2.01
C ASP B 1572 12.35 -90.96 -2.21
N TRP B 1573 12.65 -90.12 -1.22
CA TRP B 1573 13.80 -89.23 -1.29
C TRP B 1573 14.89 -89.63 -0.30
N GLY B 1574 14.93 -90.88 0.11
CA GLY B 1574 15.96 -91.35 1.00
C GLY B 1574 17.13 -91.95 0.25
N HIS B 1575 17.77 -92.96 0.85
CA HIS B 1575 18.87 -93.66 0.20
C HIS B 1575 18.40 -94.22 -1.14
N HIS B 1576 19.17 -93.92 -2.20
CA HIS B 1576 18.82 -94.26 -3.57
C HIS B 1576 17.42 -93.76 -3.91
N PRO B 1577 17.24 -92.44 -4.07
CA PRO B 1577 15.90 -91.91 -4.33
C PRO B 1577 15.35 -92.43 -5.64
N ARG B 1578 14.04 -92.56 -5.71
CA ARG B 1578 13.39 -93.14 -6.88
C ARG B 1578 11.90 -92.85 -6.82
N ILE B 1579 11.21 -93.16 -7.92
CA ILE B 1579 9.76 -93.16 -7.99
C ILE B 1579 9.33 -94.55 -8.43
N GLU B 1580 8.46 -95.17 -7.64
CA GLU B 1580 8.06 -96.55 -7.88
C GLU B 1580 6.58 -96.62 -8.19
N ARG B 1581 6.22 -97.66 -8.94
CA ARG B 1581 4.83 -97.95 -9.25
C ARG B 1581 4.49 -99.36 -8.79
N ALA B 1582 3.31 -99.53 -8.21
CA ALA B 1582 2.82 -100.84 -7.85
C ALA B 1582 1.30 -100.84 -7.98
N SER B 1583 0.74 -102.02 -8.20
CA SER B 1583 -0.71 -102.14 -8.26
C SER B 1583 -1.31 -101.75 -6.92
N MET B 1584 -2.54 -101.22 -6.96
CA MET B 1584 -3.15 -100.68 -5.76
C MET B 1584 -3.39 -101.75 -4.69
N ASP B 1585 -3.24 -103.03 -5.02
CA ASP B 1585 -3.26 -104.07 -4.01
C ASP B 1585 -1.91 -104.24 -3.33
N GLY B 1586 -0.87 -103.58 -3.82
CA GLY B 1586 0.46 -103.70 -3.26
C GLY B 1586 1.41 -104.58 -4.05
N SER B 1587 0.91 -105.28 -5.07
CA SER B 1587 1.74 -106.18 -5.86
C SER B 1587 2.32 -105.45 -7.07
N MET B 1588 3.17 -106.16 -7.82
CA MET B 1588 3.76 -105.64 -9.05
C MET B 1588 4.49 -104.33 -8.80
N ARG B 1589 5.48 -104.40 -7.91
CA ARG B 1589 6.25 -103.22 -7.51
C ARG B 1589 7.46 -103.07 -8.43
N THR B 1590 7.49 -101.96 -9.17
CA THR B 1590 8.60 -101.67 -10.06
C THR B 1590 9.04 -100.23 -9.86
N VAL B 1591 10.31 -99.97 -10.15
CA VAL B 1591 10.89 -98.63 -10.03
C VAL B 1591 10.86 -98.00 -11.42
N ILE B 1592 9.86 -97.15 -11.67
CA ILE B 1592 9.70 -96.59 -13.01
C ILE B 1592 10.78 -95.56 -13.30
N VAL B 1593 11.07 -94.68 -12.35
CA VAL B 1593 12.05 -93.60 -12.54
C VAL B 1593 13.05 -93.67 -11.40
N GLN B 1594 14.34 -93.75 -11.75
CA GLN B 1594 15.38 -93.79 -10.74
C GLN B 1594 16.61 -92.98 -11.14
N ASP B 1595 16.57 -92.27 -12.25
CA ASP B 1595 17.72 -91.51 -12.74
C ASP B 1595 17.38 -90.02 -12.75
N LYS B 1596 18.41 -89.20 -12.54
CA LYS B 1596 18.26 -87.75 -12.47
C LYS B 1596 17.23 -87.35 -11.42
N ILE B 1597 17.24 -88.06 -10.29
CA ILE B 1597 16.33 -87.80 -9.19
C ILE B 1597 17.15 -87.63 -7.92
N PHE B 1598 16.89 -86.54 -7.19
CA PHE B 1598 17.54 -86.35 -5.91
C PHE B 1598 16.51 -86.30 -4.78
N TRP B 1599 15.54 -85.39 -4.89
CA TRP B 1599 14.51 -85.17 -3.87
C TRP B 1599 13.14 -85.10 -4.54
N PRO B 1600 12.57 -86.24 -4.90
CA PRO B 1600 11.27 -86.21 -5.60
C PRO B 1600 10.13 -85.83 -4.66
N CYS B 1601 9.99 -84.54 -4.38
CA CYS B 1601 9.02 -84.11 -3.38
C CYS B 1601 7.58 -84.25 -3.86
N GLY B 1602 7.31 -83.85 -5.11
CA GLY B 1602 5.95 -83.80 -5.59
C GLY B 1602 5.67 -84.87 -6.62
N LEU B 1603 4.38 -85.14 -6.80
CA LEU B 1603 3.94 -86.17 -7.74
C LEU B 1603 2.45 -86.03 -7.97
N THR B 1604 2.04 -86.03 -9.24
CA THR B 1604 0.63 -85.94 -9.62
C THR B 1604 0.42 -86.75 -10.90
N ILE B 1605 -0.86 -86.96 -11.24
CA ILE B 1605 -1.25 -87.78 -12.38
C ILE B 1605 -2.18 -86.97 -13.26
N ASP B 1606 -1.96 -87.02 -14.57
CA ASP B 1606 -2.87 -86.47 -15.58
C ASP B 1606 -3.64 -87.64 -16.18
N TYR B 1607 -4.82 -87.89 -15.63
CA TYR B 1607 -5.61 -89.07 -16.00
C TYR B 1607 -5.92 -89.17 -17.49
N PRO B 1608 -6.31 -88.11 -18.20
CA PRO B 1608 -6.57 -88.28 -19.64
C PRO B 1608 -5.31 -88.58 -20.44
N ASN B 1609 -4.23 -87.84 -20.20
CA ASN B 1609 -3.03 -88.00 -21.00
C ASN B 1609 -2.20 -89.21 -20.62
N ARG B 1610 -2.41 -89.78 -19.43
CA ARG B 1610 -1.62 -90.89 -18.91
C ARG B 1610 -0.16 -90.47 -18.67
N LEU B 1611 0.03 -89.25 -18.18
CA LEU B 1611 1.34 -88.74 -17.82
C LEU B 1611 1.36 -88.37 -16.35
N LEU B 1612 2.42 -88.77 -15.64
CA LEU B 1612 2.57 -88.44 -14.24
C LEU B 1612 3.63 -87.35 -14.11
N TYR B 1613 3.28 -86.27 -13.40
CA TYR B 1613 4.16 -85.13 -13.22
C TYR B 1613 4.82 -85.21 -11.84
N PHE B 1614 6.11 -84.93 -11.79
CA PHE B 1614 6.86 -84.95 -10.55
C PHE B 1614 7.88 -83.83 -10.54
N MET B 1615 8.31 -83.46 -9.34
CA MET B 1615 9.25 -82.36 -9.17
C MET B 1615 10.37 -82.80 -8.24
N ASP B 1616 11.50 -82.10 -8.37
CA ASP B 1616 12.66 -82.33 -7.51
C ASP B 1616 12.98 -81.03 -6.80
N SER B 1617 13.07 -81.08 -5.47
CA SER B 1617 13.36 -79.89 -4.70
C SER B 1617 14.85 -79.59 -4.62
N TYR B 1618 15.70 -80.45 -5.15
CA TYR B 1618 17.14 -80.24 -5.13
C TYR B 1618 17.69 -79.94 -6.52
N LEU B 1619 17.41 -80.79 -7.50
CA LEU B 1619 17.78 -80.49 -8.88
C LEU B 1619 16.92 -79.39 -9.49
N ASP B 1620 15.81 -79.04 -8.85
CA ASP B 1620 14.96 -77.92 -9.25
C ASP B 1620 14.48 -78.08 -10.69
N TYR B 1621 13.74 -79.16 -10.93
CA TYR B 1621 13.10 -79.38 -12.22
C TYR B 1621 11.67 -79.84 -12.00
N MET B 1622 10.89 -79.80 -13.08
CA MET B 1622 9.52 -80.28 -13.10
C MET B 1622 9.32 -81.11 -14.36
N ASP B 1623 9.53 -82.41 -14.25
CA ASP B 1623 9.40 -83.30 -15.39
C ASP B 1623 8.14 -84.15 -15.28
N PHE B 1624 7.76 -84.75 -16.39
CA PHE B 1624 6.68 -85.72 -16.41
C PHE B 1624 7.08 -86.89 -17.29
N CYS B 1625 6.52 -88.05 -16.99
CA CYS B 1625 6.86 -89.27 -17.71
C CYS B 1625 5.62 -90.15 -17.78
N ASP B 1626 5.66 -91.09 -18.73
CA ASP B 1626 4.59 -92.06 -18.86
C ASP B 1626 4.59 -93.01 -17.66
N TYR B 1627 3.57 -93.85 -17.59
CA TYR B 1627 3.44 -94.74 -16.45
C TYR B 1627 4.61 -95.69 -16.34
N ASN B 1628 5.10 -96.20 -17.47
CA ASN B 1628 6.28 -97.06 -17.46
C ASN B 1628 7.58 -96.28 -17.39
N GLY B 1629 7.53 -94.96 -17.46
CA GLY B 1629 8.72 -94.14 -17.39
C GLY B 1629 9.55 -94.08 -18.66
N HIS B 1630 9.04 -94.64 -19.76
CA HIS B 1630 9.83 -94.68 -20.99
C HIS B 1630 10.05 -93.28 -21.56
N HIS B 1631 8.98 -92.52 -21.71
CA HIS B 1631 9.03 -91.20 -22.31
C HIS B 1631 9.06 -90.16 -21.19
N ARG B 1632 10.09 -89.32 -21.18
CA ARG B 1632 10.26 -88.32 -20.14
C ARG B 1632 10.56 -86.97 -20.79
N ARG B 1633 9.86 -85.94 -20.32
CA ARG B 1633 10.03 -84.59 -20.82
C ARG B 1633 10.16 -83.63 -19.64
N GLN B 1634 10.83 -82.51 -19.88
CA GLN B 1634 11.05 -81.50 -18.86
C GLN B 1634 10.15 -80.31 -19.14
N VAL B 1635 9.37 -79.91 -18.14
CA VAL B 1635 8.55 -78.71 -18.28
C VAL B 1635 9.34 -77.48 -17.86
N ILE B 1636 9.78 -77.43 -16.61
CA ILE B 1636 10.57 -76.33 -16.08
C ILE B 1636 11.90 -76.90 -15.61
N ALA B 1637 12.99 -76.37 -16.13
CA ALA B 1637 14.31 -76.84 -15.73
C ALA B 1637 15.30 -75.68 -15.87
N SER B 1638 16.30 -75.70 -15.00
CA SER B 1638 17.32 -74.65 -14.97
C SER B 1638 16.68 -73.27 -14.87
N ASP B 1639 15.69 -73.16 -13.99
CA ASP B 1639 14.97 -71.91 -13.79
C ASP B 1639 14.93 -71.59 -12.31
N LEU B 1640 15.11 -70.30 -11.98
CA LEU B 1640 15.07 -69.88 -10.59
C LEU B 1640 13.65 -69.78 -10.05
N ILE B 1641 12.64 -69.95 -10.90
CA ILE B 1641 11.26 -70.01 -10.41
C ILE B 1641 11.10 -71.18 -9.45
N ILE B 1642 11.65 -72.34 -9.81
CA ILE B 1642 11.60 -73.53 -8.98
C ILE B 1642 12.84 -73.53 -8.10
N ARG B 1643 12.64 -73.31 -6.79
CA ARG B 1643 13.72 -73.36 -5.82
C ARG B 1643 13.56 -74.53 -4.85
N HIS B 1644 12.41 -74.61 -4.18
CA HIS B 1644 12.10 -75.74 -3.28
C HIS B 1644 10.64 -76.12 -3.45
N PRO B 1645 10.27 -76.70 -4.59
CA PRO B 1645 8.88 -77.12 -4.78
C PRO B 1645 8.52 -78.26 -3.83
N TYR B 1646 7.26 -78.26 -3.39
CA TYR B 1646 6.78 -79.36 -2.56
C TYR B 1646 5.67 -80.16 -3.22
N ALA B 1647 4.61 -79.50 -3.66
CA ALA B 1647 3.43 -80.20 -4.17
C ALA B 1647 3.08 -79.67 -5.55
N LEU B 1648 2.25 -80.44 -6.25
CA LEU B 1648 1.93 -80.18 -7.64
C LEU B 1648 0.42 -80.31 -7.84
N THR B 1649 -0.09 -79.59 -8.84
CA THR B 1649 -1.48 -79.70 -9.25
C THR B 1649 -1.59 -79.42 -10.73
N LEU B 1650 -2.56 -80.07 -11.38
CA LEU B 1650 -2.72 -80.00 -12.83
C LEU B 1650 -4.20 -79.88 -13.18
N PHE B 1651 -4.66 -78.65 -13.39
CA PHE B 1651 -6.01 -78.40 -13.87
C PHE B 1651 -5.94 -77.99 -15.34
N GLU B 1652 -6.58 -78.77 -16.20
CA GLU B 1652 -6.53 -78.57 -17.64
C GLU B 1652 -5.08 -78.45 -18.12
N ASP B 1653 -4.73 -77.35 -18.78
CA ASP B 1653 -3.40 -77.15 -19.32
C ASP B 1653 -2.54 -76.26 -18.43
N SER B 1654 -2.87 -76.15 -17.15
CA SER B 1654 -2.14 -75.31 -16.22
C SER B 1654 -1.60 -76.18 -15.09
N VAL B 1655 -0.33 -75.96 -14.73
CA VAL B 1655 0.32 -76.67 -13.64
C VAL B 1655 0.56 -75.69 -12.51
N TYR B 1656 0.10 -76.03 -11.32
CA TYR B 1656 0.25 -75.21 -10.12
C TYR B 1656 1.13 -75.97 -9.14
N TRP B 1657 2.20 -75.32 -8.68
CA TRP B 1657 3.12 -75.93 -7.73
C TRP B 1657 3.41 -74.95 -6.60
N THR B 1658 3.61 -75.50 -5.41
CA THR B 1658 3.88 -74.71 -4.22
C THR B 1658 5.37 -74.79 -3.92
N ASP B 1659 6.01 -73.63 -3.78
CA ASP B 1659 7.43 -73.55 -3.44
C ASP B 1659 7.55 -73.07 -2.01
N ARG B 1660 8.20 -73.87 -1.17
CA ARG B 1660 8.35 -73.51 0.24
C ARG B 1660 9.38 -72.39 0.43
N ALA B 1661 10.37 -72.33 -0.47
CA ALA B 1661 11.42 -71.32 -0.33
C ALA B 1661 10.90 -69.94 -0.67
N THR B 1662 10.15 -69.83 -1.78
CA THR B 1662 9.65 -68.53 -2.21
C THR B 1662 8.33 -68.14 -1.55
N ARG B 1663 7.70 -69.07 -0.83
CA ARG B 1663 6.45 -68.81 -0.10
C ARG B 1663 5.34 -68.33 -1.03
N ARG B 1664 5.34 -68.79 -2.28
CA ARG B 1664 4.32 -68.35 -3.23
C ARG B 1664 3.93 -69.50 -4.14
N VAL B 1665 2.63 -69.73 -4.27
CA VAL B 1665 2.12 -70.67 -5.26
C VAL B 1665 2.26 -70.06 -6.64
N MET B 1666 2.65 -70.87 -7.62
CA MET B 1666 2.89 -70.39 -8.96
C MET B 1666 2.20 -71.31 -9.97
N ARG B 1667 1.85 -70.72 -11.12
CA ARG B 1667 1.14 -71.42 -12.17
C ARG B 1667 1.87 -71.21 -13.50
N ALA B 1668 1.82 -72.22 -14.35
CA ALA B 1668 2.42 -72.14 -15.68
C ALA B 1668 1.76 -73.19 -16.56
N ASN B 1669 2.26 -73.30 -17.79
CA ASN B 1669 1.75 -74.30 -18.73
C ASN B 1669 2.36 -75.66 -18.42
N LYS B 1670 1.56 -76.70 -18.66
CA LYS B 1670 1.97 -78.06 -18.32
C LYS B 1670 2.73 -78.77 -19.44
N TRP B 1671 3.07 -78.07 -20.52
CA TRP B 1671 3.87 -78.66 -21.59
C TRP B 1671 5.18 -77.93 -21.79
N HIS B 1672 5.24 -76.63 -21.53
CA HIS B 1672 6.46 -75.87 -21.66
C HIS B 1672 6.71 -74.90 -20.51
N GLY B 1673 5.73 -74.67 -19.64
CA GLY B 1673 5.92 -73.77 -18.52
C GLY B 1673 6.22 -72.34 -18.91
N GLY B 1674 5.51 -71.80 -19.90
CA GLY B 1674 5.80 -70.45 -20.35
C GLY B 1674 4.97 -69.41 -19.64
N ASN B 1675 3.67 -69.62 -19.57
CA ASN B 1675 2.77 -68.66 -18.95
C ASN B 1675 2.91 -68.66 -17.45
N GLN B 1676 4.05 -68.22 -16.96
CA GLN B 1676 4.30 -68.20 -15.54
C GLN B 1676 3.42 -67.16 -14.85
N SER B 1677 2.88 -67.53 -13.70
CA SER B 1677 1.98 -66.66 -12.96
C SER B 1677 2.16 -66.90 -11.48
N VAL B 1678 1.68 -65.95 -10.68
CA VAL B 1678 1.78 -66.05 -9.22
C VAL B 1678 0.37 -66.06 -8.64
N VAL B 1679 -0.15 -67.26 -8.36
CA VAL B 1679 -1.52 -67.37 -7.86
C VAL B 1679 -1.62 -66.75 -6.47
N MET B 1680 -0.66 -67.02 -5.60
CA MET B 1680 -0.63 -66.45 -4.26
C MET B 1680 0.77 -65.95 -3.99
N TYR B 1681 0.89 -64.90 -3.18
CA TYR B 1681 2.16 -64.25 -2.97
C TYR B 1681 2.84 -64.63 -1.66
N ASN B 1682 2.14 -64.56 -0.54
CA ASN B 1682 2.73 -64.86 0.76
C ASN B 1682 1.93 -65.96 1.45
N ILE B 1683 2.52 -67.14 1.54
CA ILE B 1683 1.97 -68.25 2.30
C ILE B 1683 3.03 -68.69 3.29
N GLN B 1684 2.64 -68.87 4.56
CA GLN B 1684 3.60 -69.24 5.58
C GLN B 1684 4.25 -70.57 5.27
N TRP B 1685 3.45 -71.58 4.92
CA TRP B 1685 3.96 -72.88 4.50
C TRP B 1685 2.97 -73.48 3.52
N PRO B 1686 3.22 -73.29 2.22
CA PRO B 1686 2.24 -73.79 1.22
C PRO B 1686 2.06 -75.30 1.26
N LEU B 1687 3.15 -76.06 1.16
CA LEU B 1687 3.13 -77.53 1.27
C LEU B 1687 2.11 -78.07 0.27
N GLY B 1688 1.18 -78.92 0.69
CA GLY B 1688 0.32 -79.60 -0.27
C GLY B 1688 -0.63 -78.65 -0.96
N ILE B 1689 -1.03 -79.04 -2.18
CA ILE B 1689 -1.99 -78.29 -2.98
C ILE B 1689 -2.84 -79.29 -3.76
N VAL B 1690 -4.15 -79.06 -3.79
CA VAL B 1690 -5.08 -79.94 -4.48
C VAL B 1690 -6.08 -79.10 -5.26
N ALA B 1691 -6.36 -79.53 -6.49
CA ALA B 1691 -7.34 -78.87 -7.35
C ALA B 1691 -8.66 -79.59 -7.22
N VAL B 1692 -9.62 -78.96 -6.55
CA VAL B 1692 -10.91 -79.57 -6.26
C VAL B 1692 -11.82 -79.32 -7.45
N HIS B 1693 -12.04 -80.36 -8.26
CA HIS B 1693 -12.90 -80.27 -9.42
C HIS B 1693 -13.28 -81.68 -9.86
N PRO B 1694 -14.54 -81.92 -10.25
CA PRO B 1694 -14.93 -83.29 -10.62
C PRO B 1694 -14.15 -83.85 -11.79
N SER B 1695 -13.65 -82.99 -12.67
CA SER B 1695 -12.86 -83.47 -13.80
C SER B 1695 -11.56 -84.12 -13.35
N LYS B 1696 -11.05 -83.70 -12.18
CA LYS B 1696 -9.79 -84.26 -11.69
C LYS B 1696 -9.94 -85.73 -11.35
N GLN B 1697 -11.15 -86.18 -11.03
CA GLN B 1697 -11.39 -87.57 -10.66
C GLN B 1697 -12.32 -88.22 -11.68
N PRO B 1698 -11.79 -88.92 -12.68
CA PRO B 1698 -12.66 -89.63 -13.64
C PRO B 1698 -13.38 -90.79 -12.95
N ASN B 1699 -14.69 -90.86 -13.14
CA ASN B 1699 -15.46 -91.96 -12.58
C ASN B 1699 -15.24 -93.23 -13.38
N SER B 1700 -15.40 -94.37 -12.72
CA SER B 1700 -15.18 -95.65 -13.36
C SER B 1700 -15.93 -96.72 -12.59
N VAL B 1701 -16.01 -97.91 -13.19
CA VAL B 1701 -16.67 -99.04 -12.56
C VAL B 1701 -15.83 -99.51 -11.38
N ASN B 1702 -16.49 -99.77 -10.25
CA ASN B 1702 -15.81 -100.19 -9.04
C ASN B 1702 -16.00 -101.68 -8.85
N PRO B 1703 -14.99 -102.51 -9.13
CA PRO B 1703 -15.15 -103.95 -8.88
C PRO B 1703 -15.40 -104.28 -7.42
N CYS B 1704 -14.86 -103.47 -6.50
CA CYS B 1704 -15.02 -103.75 -5.08
C CYS B 1704 -16.45 -103.54 -4.59
N ALA B 1705 -17.32 -102.94 -5.41
CA ALA B 1705 -18.70 -102.70 -4.99
C ALA B 1705 -19.43 -103.99 -4.73
N PHE B 1706 -19.11 -105.06 -5.46
CA PHE B 1706 -19.76 -106.34 -5.31
C PHE B 1706 -18.81 -107.42 -4.79
N SER B 1707 -17.67 -107.01 -4.22
CA SER B 1707 -16.72 -107.97 -3.69
C SER B 1707 -17.23 -108.58 -2.40
N ARG B 1708 -16.71 -109.76 -2.08
CA ARG B 1708 -17.03 -110.46 -0.85
C ARG B 1708 -15.93 -110.35 0.19
N CYS B 1709 -15.08 -109.33 0.09
CA CYS B 1709 -13.99 -109.16 1.05
C CYS B 1709 -14.55 -108.87 2.44
N SER B 1710 -13.98 -109.55 3.44
CA SER B 1710 -14.49 -109.41 4.80
C SER B 1710 -14.09 -108.07 5.42
N HIS B 1711 -12.85 -107.64 5.23
CA HIS B 1711 -12.34 -106.47 5.92
C HIS B 1711 -12.07 -105.37 4.91
N LEU B 1712 -11.27 -105.61 3.88
CA LEU B 1712 -10.88 -104.56 2.95
C LEU B 1712 -10.82 -105.12 1.54
N CYS B 1713 -11.28 -104.32 0.57
CA CYS B 1713 -11.15 -104.64 -0.84
C CYS B 1713 -10.37 -103.54 -1.52
N LEU B 1714 -9.31 -103.92 -2.24
CA LEU B 1714 -8.46 -102.98 -2.94
C LEU B 1714 -8.37 -103.36 -4.42
N LEU B 1715 -8.42 -102.34 -5.28
CA LEU B 1715 -8.27 -102.57 -6.71
C LEU B 1715 -6.90 -103.15 -7.00
N SER B 1716 -6.84 -104.09 -7.95
CA SER B 1716 -5.60 -104.72 -8.35
C SER B 1716 -5.45 -104.64 -9.86
N SER B 1717 -4.23 -104.35 -10.32
CA SER B 1717 -3.97 -104.37 -11.75
C SER B 1717 -4.13 -105.77 -12.31
N GLN B 1718 -3.87 -106.79 -11.50
CA GLN B 1718 -4.03 -108.16 -11.95
C GLN B 1718 -5.50 -108.52 -12.08
N GLY B 1719 -5.84 -109.14 -13.22
CA GLY B 1719 -7.18 -109.62 -13.44
C GLY B 1719 -7.37 -111.03 -12.93
N PRO B 1720 -8.53 -111.62 -13.24
CA PRO B 1720 -9.65 -111.07 -13.99
C PRO B 1720 -10.58 -110.25 -13.10
N HIS B 1721 -10.49 -110.44 -11.78
CA HIS B 1721 -11.37 -109.71 -10.87
C HIS B 1721 -10.95 -108.26 -10.74
N PHE B 1722 -9.66 -107.96 -10.92
CA PHE B 1722 -9.12 -106.61 -10.78
C PHE B 1722 -9.33 -106.06 -9.37
N TYR B 1723 -9.43 -106.95 -8.39
CA TYR B 1723 -9.47 -106.55 -6.99
C TYR B 1723 -8.93 -107.69 -6.14
N SER B 1724 -8.54 -107.35 -4.92
CA SER B 1724 -8.06 -108.36 -3.98
C SER B 1724 -8.46 -107.94 -2.57
N CYS B 1725 -8.65 -108.94 -1.71
CA CYS B 1725 -8.94 -108.66 -0.32
C CYS B 1725 -7.65 -108.52 0.48
N VAL B 1726 -7.69 -107.64 1.47
CA VAL B 1726 -6.53 -107.34 2.30
C VAL B 1726 -6.91 -107.57 3.76
N CYS B 1727 -5.93 -108.01 4.55
CA CYS B 1727 -6.12 -108.30 5.95
C CYS B 1727 -5.52 -107.20 6.80
N PRO B 1728 -6.20 -106.75 7.86
CA PRO B 1728 -5.58 -105.82 8.79
C PRO B 1728 -4.42 -106.49 9.52
N SER B 1729 -3.58 -105.67 10.13
CA SER B 1729 -2.42 -106.19 10.86
C SER B 1729 -2.86 -107.17 11.94
N GLY B 1730 -2.18 -108.31 12.00
CA GLY B 1730 -2.53 -109.36 12.92
C GLY B 1730 -3.58 -110.33 12.42
N TRP B 1731 -3.88 -110.31 11.12
CA TRP B 1731 -4.88 -111.18 10.52
C TRP B 1731 -4.28 -111.93 9.34
N SER B 1732 -4.81 -113.12 9.09
CA SER B 1732 -4.31 -114.00 8.04
C SER B 1732 -5.43 -114.31 7.07
N LEU B 1733 -5.13 -114.23 5.77
CA LEU B 1733 -6.14 -114.45 4.75
C LEU B 1733 -6.38 -115.95 4.55
N SER B 1734 -7.64 -116.35 4.59
CA SER B 1734 -8.02 -117.72 4.33
C SER B 1734 -7.78 -118.05 2.86
N PRO B 1735 -7.55 -119.32 2.53
CA PRO B 1735 -7.34 -119.69 1.12
C PRO B 1735 -8.51 -119.35 0.21
N ASP B 1736 -9.70 -119.12 0.77
CA ASP B 1736 -10.83 -118.70 -0.08
C ASP B 1736 -10.59 -117.33 -0.67
N LEU B 1737 -9.62 -116.59 -0.15
CA LEU B 1737 -9.15 -115.28 -0.61
C LEU B 1737 -10.20 -114.19 -0.44
N LEU B 1738 -11.37 -114.49 0.13
CA LEU B 1738 -12.38 -113.49 0.38
C LEU B 1738 -12.66 -113.28 1.87
N ASN B 1739 -12.26 -114.22 2.72
CA ASN B 1739 -12.47 -114.11 4.16
C ASN B 1739 -11.11 -114.12 4.85
N CYS B 1740 -10.95 -113.26 5.85
CA CYS B 1740 -9.72 -113.17 6.62
C CYS B 1740 -10.01 -113.58 8.06
N LEU B 1741 -9.22 -114.54 8.56
CA LEU B 1741 -9.36 -115.02 9.93
C LEU B 1741 -8.25 -114.41 10.79
N ARG B 1742 -8.60 -114.10 12.04
CA ARG B 1742 -7.65 -113.41 12.92
C ARG B 1742 -6.53 -114.35 13.34
N ASP B 1743 -5.29 -113.86 13.20
CA ASP B 1743 -4.15 -114.60 13.68
C ASP B 1743 -4.08 -114.55 15.19
N ASP B 1744 -3.56 -115.62 15.79
CA ASP B 1744 -3.47 -115.74 17.24
C ASP B 1744 -2.05 -116.01 17.73
N GLN B 1745 -1.06 -116.00 16.84
CA GLN B 1745 0.30 -116.30 17.25
C GLN B 1745 0.86 -115.20 18.13
N PRO B 1746 1.68 -115.54 19.11
CA PRO B 1746 2.34 -114.52 19.92
C PRO B 1746 3.40 -113.77 19.14
N PHE B 1747 3.71 -112.56 19.61
CA PHE B 1747 4.70 -111.73 18.96
C PHE B 1747 5.39 -110.86 19.99
N LEU B 1748 6.58 -110.38 19.65
CA LEU B 1748 7.32 -109.49 20.52
C LEU B 1748 6.75 -108.08 20.43
N ILE B 1749 6.43 -107.50 21.58
CA ILE B 1749 6.04 -106.10 21.62
C ILE B 1749 7.30 -105.28 21.85
N THR B 1750 8.02 -104.96 20.79
CA THR B 1750 9.25 -104.20 20.92
C THR B 1750 8.93 -102.73 21.14
N VAL B 1751 9.37 -102.21 22.29
CA VAL B 1751 9.13 -100.82 22.65
C VAL B 1751 10.41 -100.04 22.39
N ARG B 1752 10.28 -98.93 21.69
CA ARG B 1752 11.37 -98.00 21.44
C ARG B 1752 10.92 -96.62 21.87
N GLN B 1753 11.84 -95.66 21.85
CA GLN B 1753 11.45 -94.29 22.10
C GLN B 1753 10.69 -93.75 20.90
N HIS B 1754 9.54 -93.12 21.17
CA HIS B 1754 8.69 -92.47 20.20
C HIS B 1754 7.88 -93.44 19.34
N ILE B 1755 8.08 -94.75 19.50
CA ILE B 1755 7.30 -95.73 18.75
C ILE B 1755 7.32 -97.06 19.49
N ILE B 1756 6.23 -97.82 19.33
CA ILE B 1756 6.13 -99.19 19.80
C ILE B 1756 5.67 -100.06 18.63
N PHE B 1757 6.36 -101.17 18.41
CA PHE B 1757 6.11 -102.02 17.25
C PHE B 1757 5.70 -103.41 17.70
N GLY B 1758 5.10 -104.14 16.77
CA GLY B 1758 4.80 -105.54 16.97
C GLY B 1758 5.61 -106.41 16.01
N ILE B 1759 6.54 -107.19 16.53
CA ILE B 1759 7.47 -107.98 15.73
C ILE B 1759 7.12 -109.44 15.90
N SER B 1760 6.87 -110.12 14.78
CA SER B 1760 6.54 -111.54 14.81
C SER B 1760 7.72 -112.34 15.35
N LEU B 1761 7.41 -113.31 16.21
CA LEU B 1761 8.46 -114.09 16.85
C LEU B 1761 9.28 -114.89 15.86
N ASN B 1762 8.75 -115.18 14.68
CA ASN B 1762 9.51 -115.89 13.67
C ASN B 1762 10.59 -114.97 13.11
N PRO B 1763 11.86 -115.32 13.22
CA PRO B 1763 12.92 -114.43 12.71
C PRO B 1763 12.89 -114.26 11.20
N GLU B 1764 12.24 -115.17 10.48
CA GLU B 1764 12.19 -115.06 9.02
C GLU B 1764 11.41 -113.82 8.59
N VAL B 1765 10.30 -113.53 9.25
CA VAL B 1765 9.46 -112.40 8.87
C VAL B 1765 10.12 -111.12 9.35
N LYS B 1766 10.51 -110.26 8.41
CA LYS B 1766 11.13 -108.98 8.73
C LYS B 1766 10.17 -107.80 8.57
N SER B 1767 8.87 -108.03 8.79
CA SER B 1767 7.87 -107.00 8.67
C SER B 1767 7.36 -106.64 10.06
N ASN B 1768 7.43 -105.35 10.41
CA ASN B 1768 7.03 -104.88 11.74
C ASN B 1768 5.54 -104.55 11.74
N ASP B 1769 4.73 -105.58 11.49
CA ASP B 1769 3.29 -105.38 11.40
C ASP B 1769 2.50 -106.48 12.09
N ALA B 1770 3.04 -107.05 13.17
CA ALA B 1770 2.27 -108.02 13.93
C ALA B 1770 1.07 -107.38 14.60
N MET B 1771 1.08 -106.05 14.73
CA MET B 1771 -0.07 -105.30 15.22
C MET B 1771 0.05 -103.88 14.70
N VAL B 1772 -0.97 -103.08 14.95
CA VAL B 1772 -0.91 -101.67 14.57
C VAL B 1772 0.11 -100.99 15.47
N PRO B 1773 1.18 -100.43 14.92
CA PRO B 1773 2.24 -99.86 15.77
C PRO B 1773 1.80 -98.55 16.40
N ILE B 1774 2.03 -98.43 17.71
CA ILE B 1774 1.76 -97.19 18.42
C ILE B 1774 2.80 -96.16 18.05
N ALA B 1775 2.36 -94.93 17.81
CA ALA B 1775 3.26 -93.86 17.41
C ALA B 1775 2.94 -92.61 18.23
N GLY B 1776 3.90 -91.68 18.25
CA GLY B 1776 3.71 -90.43 18.93
C GLY B 1776 3.95 -90.47 20.42
N ILE B 1777 4.42 -91.59 20.97
CA ILE B 1777 4.69 -91.66 22.40
C ILE B 1777 5.97 -90.88 22.70
N GLN B 1778 6.21 -90.64 23.98
CA GLN B 1778 7.38 -89.91 24.44
C GLN B 1778 8.08 -90.70 25.54
N ASN B 1779 9.31 -91.11 25.27
CA ASN B 1779 10.13 -91.85 26.23
C ASN B 1779 9.42 -93.09 26.75
N GLY B 1780 8.94 -93.91 25.81
CA GLY B 1780 8.39 -95.20 26.20
C GLY B 1780 9.45 -96.06 26.86
N LEU B 1781 9.10 -96.64 28.01
CA LEU B 1781 10.06 -97.45 28.78
C LEU B 1781 9.64 -98.92 28.80
N ASP B 1782 8.43 -99.24 29.26
CA ASP B 1782 7.96 -100.61 29.31
C ASP B 1782 6.51 -100.66 28.81
N VAL B 1783 6.00 -101.88 28.69
CA VAL B 1783 4.69 -102.11 28.12
C VAL B 1783 4.06 -103.32 28.78
N GLU B 1784 2.73 -103.30 28.87
CA GLU B 1784 1.96 -104.45 29.32
C GLU B 1784 0.74 -104.60 28.43
N PHE B 1785 0.24 -105.83 28.33
CA PHE B 1785 -0.86 -106.14 27.44
C PHE B 1785 -1.97 -106.85 28.19
N ASP B 1786 -3.21 -106.50 27.86
CA ASP B 1786 -4.38 -107.19 28.37
C ASP B 1786 -4.86 -108.12 27.27
N ASP B 1787 -4.49 -109.40 27.39
CA ASP B 1787 -4.78 -110.36 26.33
C ASP B 1787 -6.27 -110.52 26.10
N ALA B 1788 -7.05 -110.57 27.18
CA ALA B 1788 -8.48 -110.84 27.04
C ALA B 1788 -9.17 -109.75 26.23
N GLU B 1789 -8.86 -108.49 26.50
CA GLU B 1789 -9.45 -107.38 25.78
C GLU B 1789 -8.59 -106.89 24.62
N GLN B 1790 -7.46 -107.57 24.36
CA GLN B 1790 -6.55 -107.19 23.28
C GLN B 1790 -6.07 -105.76 23.43
N TYR B 1791 -5.75 -105.36 24.65
CA TYR B 1791 -5.28 -104.01 24.94
C TYR B 1791 -3.77 -103.99 25.11
N ILE B 1792 -3.21 -102.79 24.98
CA ILE B 1792 -1.78 -102.55 25.17
C ILE B 1792 -1.62 -101.36 26.09
N TYR B 1793 -0.98 -101.57 27.24
CA TYR B 1793 -0.76 -100.52 28.23
C TYR B 1793 0.71 -100.10 28.19
N TRP B 1794 0.95 -98.80 28.10
CA TRP B 1794 2.30 -98.26 28.16
C TRP B 1794 2.28 -96.96 28.96
N VAL B 1795 3.46 -96.57 29.43
CA VAL B 1795 3.61 -95.38 30.28
C VAL B 1795 4.47 -94.37 29.55
N GLU B 1796 3.98 -93.14 29.45
CA GLU B 1796 4.70 -92.05 28.81
C GLU B 1796 4.68 -90.83 29.71
N ASN B 1797 5.65 -89.95 29.51
CA ASN B 1797 5.82 -88.81 30.40
C ASN B 1797 4.62 -87.87 30.29
N PRO B 1798 4.24 -87.20 31.38
CA PRO B 1798 4.77 -87.38 32.74
C PRO B 1798 4.04 -88.46 33.55
N GLY B 1799 4.72 -89.57 33.82
CA GLY B 1799 4.22 -90.62 34.69
C GLY B 1799 2.79 -91.06 34.44
N GLU B 1800 2.39 -91.09 33.17
CA GLU B 1800 1.01 -91.31 32.79
C GLU B 1800 0.91 -92.61 31.97
N ILE B 1801 -0.18 -93.33 32.18
CA ILE B 1801 -0.38 -94.62 31.55
C ILE B 1801 -1.49 -94.51 30.51
N HIS B 1802 -1.18 -94.91 29.28
CA HIS B 1802 -2.12 -94.91 28.17
C HIS B 1802 -2.38 -96.35 27.74
N ARG B 1803 -3.53 -96.57 27.10
CA ARG B 1803 -3.86 -97.88 26.58
C ARG B 1803 -4.46 -97.74 25.18
N VAL B 1804 -4.21 -98.75 24.34
CA VAL B 1804 -4.80 -98.84 23.01
C VAL B 1804 -4.93 -100.32 22.67
N LYS B 1805 -5.93 -100.63 21.85
CA LYS B 1805 -6.08 -102.00 21.38
C LYS B 1805 -5.02 -102.32 20.34
N THR B 1806 -4.86 -103.62 20.06
CA THR B 1806 -3.83 -104.06 19.12
C THR B 1806 -4.11 -103.62 17.70
N ASP B 1807 -5.32 -103.12 17.40
CA ASP B 1807 -5.66 -102.65 16.08
C ASP B 1807 -5.72 -101.12 16.00
N GLY B 1808 -5.07 -100.44 16.92
CA GLY B 1808 -5.02 -98.99 16.90
C GLY B 1808 -6.35 -98.32 17.09
N THR B 1809 -7.12 -98.77 18.08
CA THR B 1809 -8.44 -98.24 18.35
C THR B 1809 -8.58 -97.94 19.84
N ASN B 1810 -9.41 -96.95 20.15
CA ASN B 1810 -9.71 -96.57 21.53
C ASN B 1810 -8.45 -96.17 22.29
N ARG B 1811 -7.52 -95.51 21.60
CA ARG B 1811 -6.32 -95.00 22.26
C ARG B 1811 -6.72 -93.83 23.15
N THR B 1812 -6.69 -94.05 24.46
CA THR B 1812 -7.08 -93.04 25.42
C THR B 1812 -6.03 -92.95 26.52
N VAL B 1813 -6.29 -92.09 27.50
CA VAL B 1813 -5.48 -92.00 28.70
C VAL B 1813 -6.23 -92.76 29.79
N PHE B 1814 -5.82 -94.00 30.04
CA PHE B 1814 -6.54 -94.84 30.99
C PHE B 1814 -6.52 -94.25 32.39
N ALA B 1815 -5.37 -93.78 32.83
CA ALA B 1815 -5.22 -93.23 34.17
C ALA B 1815 -4.22 -92.10 34.16
N SER B 1816 -4.61 -90.97 34.73
CA SER B 1816 -3.79 -89.77 34.74
C SER B 1816 -3.15 -89.57 36.11
N ILE B 1817 -2.12 -88.73 36.13
CA ILE B 1817 -1.47 -88.40 37.40
C ILE B 1817 -2.41 -87.63 38.30
N SER B 1818 -3.42 -86.96 37.73
CA SER B 1818 -4.35 -86.19 38.53
C SER B 1818 -5.18 -87.09 39.44
N MET B 1819 -5.62 -88.24 38.93
CA MET B 1819 -6.45 -89.14 39.70
C MET B 1819 -5.63 -90.29 40.27
N VAL B 1820 -4.82 -90.93 39.42
CA VAL B 1820 -4.11 -92.13 39.85
C VAL B 1820 -2.74 -91.76 40.43
N GLY B 1821 -2.06 -90.79 39.83
CA GLY B 1821 -0.73 -90.43 40.26
C GLY B 1821 0.33 -90.95 39.32
N PRO B 1822 1.57 -90.52 39.52
CA PRO B 1822 2.65 -90.91 38.60
C PRO B 1822 2.93 -92.40 38.64
N SER B 1823 3.39 -92.92 37.51
CA SER B 1823 3.77 -94.32 37.40
C SER B 1823 4.85 -94.45 36.33
N MET B 1824 5.79 -95.35 36.55
CA MET B 1824 6.88 -95.51 35.60
C MET B 1824 6.87 -96.87 34.91
N ASN B 1825 6.88 -97.95 35.69
CA ASN B 1825 6.87 -99.28 35.09
C ASN B 1825 5.59 -100.03 35.48
N LEU B 1826 5.21 -100.98 34.64
CA LEU B 1826 3.94 -101.66 34.77
C LEU B 1826 4.14 -103.16 34.91
N ALA B 1827 3.17 -103.81 35.55
CA ALA B 1827 3.07 -105.25 35.61
C ALA B 1827 1.62 -105.60 35.89
N LEU B 1828 0.95 -106.20 34.90
CA LEU B 1828 -0.50 -106.35 34.93
C LEU B 1828 -0.86 -107.74 35.44
N ASP B 1829 -1.78 -107.77 36.40
CA ASP B 1829 -2.36 -109.00 36.90
C ASP B 1829 -3.60 -109.27 36.06
N TRP B 1830 -3.50 -110.24 35.15
CA TRP B 1830 -4.61 -110.53 34.25
C TRP B 1830 -5.69 -111.38 34.91
N ILE B 1831 -5.43 -111.93 36.09
CA ILE B 1831 -6.44 -112.74 36.75
C ILE B 1831 -7.37 -111.87 37.59
N SER B 1832 -6.80 -111.05 38.48
CA SER B 1832 -7.60 -110.24 39.40
C SER B 1832 -7.89 -108.85 38.87
N ARG B 1833 -7.47 -108.54 37.64
CA ARG B 1833 -7.74 -107.24 37.01
C ARG B 1833 -7.11 -106.09 37.78
N ASN B 1834 -5.90 -106.29 38.27
CA ASN B 1834 -5.16 -105.27 38.99
C ASN B 1834 -3.88 -104.97 38.23
N LEU B 1835 -3.53 -103.69 38.13
CA LEU B 1835 -2.36 -103.25 37.39
C LEU B 1835 -1.32 -102.72 38.36
N TYR B 1836 -0.24 -103.45 38.54
CA TYR B 1836 0.80 -103.07 39.47
C TYR B 1836 1.78 -102.13 38.78
N SER B 1837 2.11 -101.03 39.45
CA SER B 1837 2.95 -99.99 38.88
C SER B 1837 4.04 -99.62 39.88
N THR B 1838 5.05 -98.95 39.37
CA THR B 1838 6.17 -98.45 40.16
C THR B 1838 6.13 -96.93 40.12
N ASN B 1839 6.12 -96.32 41.30
CA ASN B 1839 6.06 -94.86 41.37
C ASN B 1839 7.46 -94.29 41.41
N PRO B 1840 7.83 -93.45 40.45
CA PRO B 1840 9.19 -92.89 40.45
C PRO B 1840 9.40 -91.83 41.51
N ARG B 1841 8.41 -90.95 41.68
CA ARG B 1841 8.55 -89.85 42.64
C ARG B 1841 8.54 -90.35 44.07
N THR B 1842 7.58 -91.20 44.42
CA THR B 1842 7.44 -91.68 45.79
C THR B 1842 8.37 -92.85 46.09
N GLN B 1843 8.98 -93.45 45.07
CA GLN B 1843 9.85 -94.61 45.23
C GLN B 1843 9.12 -95.72 45.98
N SER B 1844 8.05 -96.20 45.35
CA SER B 1844 7.18 -97.19 45.98
C SER B 1844 6.48 -97.99 44.91
N ILE B 1845 5.90 -99.11 45.31
CA ILE B 1845 5.19 -100.00 44.41
C ILE B 1845 3.70 -99.92 44.72
N GLU B 1846 2.90 -99.68 43.68
CA GLU B 1846 1.47 -99.45 43.84
C GLU B 1846 0.70 -100.48 43.02
N VAL B 1847 -0.62 -100.46 43.18
CA VAL B 1847 -1.53 -101.33 42.46
C VAL B 1847 -2.76 -100.52 42.06
N LEU B 1848 -3.24 -100.74 40.85
CA LEU B 1848 -4.40 -100.03 40.32
C LEU B 1848 -5.44 -101.04 39.83
N THR B 1849 -6.71 -100.77 40.14
CA THR B 1849 -7.79 -101.71 39.83
C THR B 1849 -8.36 -101.39 38.45
N LEU B 1850 -8.15 -102.30 37.51
CA LEU B 1850 -8.76 -102.16 36.19
C LEU B 1850 -10.25 -102.46 36.23
N HIS B 1851 -10.64 -103.47 36.98
CA HIS B 1851 -12.05 -103.86 37.05
C HIS B 1851 -12.89 -102.74 37.63
N GLY B 1852 -14.10 -102.60 37.11
CA GLY B 1852 -14.98 -101.55 37.54
C GLY B 1852 -14.67 -100.23 36.86
N ASP B 1853 -15.44 -99.21 37.23
CA ASP B 1853 -15.32 -97.89 36.64
C ASP B 1853 -14.42 -96.96 37.43
N ILE B 1854 -14.48 -96.99 38.75
CA ILE B 1854 -13.67 -96.10 39.58
C ILE B 1854 -12.28 -96.67 39.72
N ARG B 1855 -11.27 -95.83 39.52
CA ARG B 1855 -9.88 -96.25 39.64
C ARG B 1855 -9.42 -96.05 41.08
N TYR B 1856 -9.04 -97.15 41.73
CA TYR B 1856 -8.51 -97.13 43.08
C TYR B 1856 -7.04 -97.52 43.05
N ARG B 1857 -6.19 -96.72 43.66
CA ARG B 1857 -4.77 -97.02 43.73
C ARG B 1857 -4.29 -96.88 45.16
N LYS B 1858 -3.47 -97.83 45.59
CA LYS B 1858 -2.87 -97.79 46.91
C LYS B 1858 -1.40 -98.16 46.80
N THR B 1859 -0.62 -97.71 47.77
CA THR B 1859 0.82 -97.98 47.81
C THR B 1859 1.04 -99.26 48.60
N LEU B 1860 1.60 -100.27 47.96
CA LEU B 1860 1.83 -101.55 48.63
C LEU B 1860 3.11 -101.53 49.44
N ILE B 1861 4.24 -101.29 48.80
CA ILE B 1861 5.54 -101.32 49.45
C ILE B 1861 6.19 -99.95 49.30
N ALA B 1862 6.67 -99.42 50.42
CA ALA B 1862 7.30 -98.11 50.42
C ALA B 1862 8.63 -98.20 51.16
N ASN B 1863 9.45 -97.17 51.01
CA ASN B 1863 10.77 -97.14 51.63
C ASN B 1863 10.58 -96.87 53.13
N ASP B 1864 10.59 -97.93 53.91
CA ASP B 1864 10.41 -97.82 55.36
C ASP B 1864 11.73 -97.69 56.11
N GLY B 1865 12.85 -97.58 55.41
CA GLY B 1865 14.14 -97.40 56.04
C GLY B 1865 14.91 -98.69 56.27
N THR B 1866 14.22 -99.83 56.23
CA THR B 1866 14.89 -101.11 56.39
C THR B 1866 15.44 -101.58 55.04
N ALA B 1867 16.18 -102.69 55.08
CA ALA B 1867 16.73 -103.27 53.87
C ALA B 1867 15.71 -104.09 53.09
N LEU B 1868 14.49 -104.24 53.60
CA LEU B 1868 13.45 -105.02 52.94
C LEU B 1868 12.42 -104.14 52.23
N GLY B 1869 12.64 -102.83 52.17
CA GLY B 1869 11.74 -101.93 51.49
C GLY B 1869 12.09 -101.79 50.01
N VAL B 1870 11.58 -100.73 49.41
CA VAL B 1870 11.87 -100.40 48.02
C VAL B 1870 12.70 -99.12 48.01
N GLY B 1871 13.89 -99.19 47.43
CA GLY B 1871 14.74 -98.02 47.33
C GLY B 1871 14.55 -97.28 46.03
N PHE B 1872 14.65 -97.99 44.91
CA PHE B 1872 14.49 -97.40 43.57
C PHE B 1872 14.10 -98.51 42.61
N PRO B 1873 12.84 -98.92 42.63
CA PRO B 1873 12.43 -100.05 41.79
C PRO B 1873 12.47 -99.70 40.32
N ILE B 1874 13.00 -100.60 39.50
CA ILE B 1874 13.09 -100.40 38.06
C ILE B 1874 12.18 -101.37 37.30
N GLY B 1875 12.23 -102.65 37.63
CA GLY B 1875 11.41 -103.64 36.97
C GLY B 1875 10.57 -104.42 37.95
N ILE B 1876 9.32 -104.64 37.59
CA ILE B 1876 8.37 -105.33 38.45
C ILE B 1876 7.61 -106.35 37.62
N THR B 1877 7.46 -107.57 38.15
CA THR B 1877 6.69 -108.62 37.52
C THR B 1877 5.82 -109.30 38.58
N VAL B 1878 4.74 -109.93 38.12
CA VAL B 1878 3.74 -110.49 39.02
C VAL B 1878 3.42 -111.91 38.59
N ASP B 1879 3.03 -112.74 39.57
CA ASP B 1879 2.52 -114.09 39.32
C ASP B 1879 1.15 -114.22 39.97
N PRO B 1880 0.07 -113.90 39.28
CA PRO B 1880 -1.25 -113.88 39.94
C PRO B 1880 -1.67 -115.22 40.52
N ALA B 1881 -1.31 -116.33 39.88
CA ALA B 1881 -1.74 -117.64 40.36
C ALA B 1881 -1.17 -117.93 41.74
N ARG B 1882 0.14 -117.77 41.90
CA ARG B 1882 0.79 -118.05 43.17
C ARG B 1882 0.75 -116.88 44.13
N GLY B 1883 0.19 -115.74 43.71
CA GLY B 1883 0.10 -114.60 44.60
C GLY B 1883 1.44 -114.09 45.07
N LYS B 1884 2.42 -114.03 44.17
CA LYS B 1884 3.75 -113.53 44.48
C LYS B 1884 4.09 -112.38 43.55
N LEU B 1885 4.76 -111.37 44.09
CA LEU B 1885 5.19 -110.20 43.34
C LEU B 1885 6.71 -110.12 43.42
N TYR B 1886 7.36 -110.07 42.26
CA TYR B 1886 8.81 -109.98 42.18
C TYR B 1886 9.19 -108.68 41.49
N TRP B 1887 10.14 -107.96 42.09
CA TRP B 1887 10.60 -106.72 41.50
C TRP B 1887 12.11 -106.60 41.64
N SER B 1888 12.68 -105.71 40.84
CA SER B 1888 14.11 -105.44 40.86
C SER B 1888 14.33 -104.01 41.32
N ASP B 1889 15.23 -103.83 42.29
CA ASP B 1889 15.49 -102.52 42.87
C ASP B 1889 16.97 -102.22 42.71
N GLN B 1890 17.27 -101.02 42.22
CA GLN B 1890 18.66 -100.59 42.14
C GLN B 1890 19.22 -100.17 43.48
N GLY B 1891 18.38 -100.06 44.50
CA GLY B 1891 18.84 -99.68 45.82
C GLY B 1891 19.08 -98.20 45.95
N THR B 1892 19.44 -97.80 47.16
CA THR B 1892 19.74 -96.41 47.47
C THR B 1892 20.94 -96.37 48.40
N ASP B 1893 21.57 -95.19 48.47
CA ASP B 1893 22.68 -95.00 49.39
C ASP B 1893 22.20 -94.95 50.84
N SER B 1894 20.89 -94.88 51.06
CA SER B 1894 20.36 -94.79 52.42
C SER B 1894 20.51 -96.13 53.14
N GLY B 1895 20.74 -97.21 52.40
CA GLY B 1895 20.92 -98.50 53.02
C GLY B 1895 20.29 -99.65 52.26
N VAL B 1896 19.27 -99.36 51.45
CA VAL B 1896 18.62 -100.38 50.64
C VAL B 1896 19.58 -100.84 49.55
N PRO B 1897 19.91 -102.12 49.46
CA PRO B 1897 20.86 -102.59 48.45
C PRO B 1897 20.18 -102.97 47.15
N ALA B 1898 20.97 -102.92 46.08
CA ALA B 1898 20.50 -103.40 44.78
C ALA B 1898 20.14 -104.86 44.87
N LYS B 1899 18.88 -105.19 44.60
CA LYS B 1899 18.37 -106.50 44.95
C LYS B 1899 17.28 -106.91 43.96
N ILE B 1900 17.02 -108.20 43.93
CA ILE B 1900 15.84 -108.76 43.27
C ILE B 1900 14.94 -109.31 44.37
N ALA B 1901 14.00 -108.49 44.84
CA ALA B 1901 13.22 -108.88 46.00
C ALA B 1901 11.88 -109.47 45.58
N SER B 1902 11.21 -110.10 46.55
CA SER B 1902 9.92 -110.73 46.32
C SER B 1902 8.97 -110.37 47.45
N ALA B 1903 7.68 -110.42 47.15
CA ALA B 1903 6.66 -110.15 48.15
C ALA B 1903 5.34 -110.73 47.68
N ASN B 1904 4.43 -110.92 48.63
CA ASN B 1904 3.07 -111.29 48.28
C ASN B 1904 2.39 -110.12 47.59
N MET B 1905 1.40 -110.45 46.75
CA MET B 1905 0.76 -109.42 45.95
C MET B 1905 -0.12 -108.48 46.78
N ASP B 1906 -0.14 -108.62 48.10
CA ASP B 1906 -0.78 -107.64 48.96
C ASP B 1906 0.23 -106.71 49.65
N GLY B 1907 1.51 -106.85 49.34
CA GLY B 1907 2.53 -106.01 49.94
C GLY B 1907 3.12 -106.53 51.23
N THR B 1908 2.88 -107.78 51.58
CA THR B 1908 3.36 -108.36 52.83
C THR B 1908 4.38 -109.47 52.56
N SER B 1909 5.15 -109.78 53.59
CA SER B 1909 6.14 -110.86 53.55
C SER B 1909 7.20 -110.61 52.48
N VAL B 1910 7.85 -109.44 52.57
CA VAL B 1910 8.93 -109.11 51.66
C VAL B 1910 10.18 -109.90 52.01
N LYS B 1911 11.02 -110.16 51.01
CA LYS B 1911 12.29 -110.82 51.24
C LYS B 1911 13.21 -110.54 50.07
N THR B 1912 14.52 -110.66 50.31
CA THR B 1912 15.53 -110.37 49.29
C THR B 1912 16.00 -111.68 48.69
N LEU B 1913 15.54 -111.97 47.47
CA LEU B 1913 15.92 -113.23 46.82
C LEU B 1913 17.40 -113.21 46.45
N PHE B 1914 17.81 -112.23 45.66
CA PHE B 1914 19.18 -112.18 45.17
C PHE B 1914 19.77 -110.80 45.44
N THR B 1915 21.07 -110.75 45.63
CA THR B 1915 21.76 -109.49 45.88
C THR B 1915 23.23 -109.66 45.51
N GLY B 1916 23.91 -108.52 45.33
CA GLY B 1916 25.30 -108.54 44.95
C GLY B 1916 25.49 -108.71 43.46
N ASN B 1917 26.44 -107.98 42.88
CA ASN B 1917 26.71 -108.01 41.45
C ASN B 1917 25.48 -107.64 40.63
N LEU B 1918 24.67 -106.71 41.14
CA LEU B 1918 23.49 -106.22 40.45
C LEU B 1918 23.62 -104.74 40.10
N GLU B 1919 24.82 -104.32 39.71
CA GLU B 1919 25.05 -102.93 39.36
C GLU B 1919 24.28 -102.57 38.10
N HIS B 1920 23.62 -101.41 38.13
CA HIS B 1920 22.77 -100.95 37.02
C HIS B 1920 21.76 -102.03 36.65
N LEU B 1921 21.05 -102.52 37.65
CA LEU B 1921 20.09 -103.61 37.43
C LEU B 1921 18.92 -103.12 36.59
N GLU B 1922 18.64 -103.85 35.51
CA GLU B 1922 17.55 -103.51 34.61
C GLU B 1922 16.28 -104.26 34.96
N CYS B 1923 15.30 -104.26 34.06
CA CYS B 1923 14.02 -104.90 34.29
C CYS B 1923 14.19 -106.41 34.48
N VAL B 1924 13.28 -106.99 35.24
CA VAL B 1924 13.27 -108.42 35.55
C VAL B 1924 11.95 -109.01 35.06
N THR B 1925 12.03 -110.15 34.40
CA THR B 1925 10.85 -110.86 33.95
C THR B 1925 10.78 -112.22 34.62
N LEU B 1926 9.57 -112.78 34.68
CA LEU B 1926 9.31 -114.04 35.37
C LEU B 1926 8.81 -115.06 34.37
N ASP B 1927 9.39 -116.25 34.38
CA ASP B 1927 8.91 -117.37 33.58
C ASP B 1927 8.02 -118.22 34.48
N ILE B 1928 6.70 -118.10 34.28
CA ILE B 1928 5.75 -118.76 35.17
C ILE B 1928 5.87 -120.28 35.06
N GLU B 1929 6.15 -120.77 33.85
CA GLU B 1929 6.16 -122.21 33.62
C GLU B 1929 7.25 -122.89 34.45
N GLU B 1930 8.43 -122.28 34.52
CA GLU B 1930 9.55 -122.85 35.26
C GLU B 1930 9.79 -122.18 36.60
N GLN B 1931 9.04 -121.13 36.93
CA GLN B 1931 9.21 -120.40 38.18
C GLN B 1931 10.65 -119.91 38.33
N LYS B 1932 11.18 -119.31 37.26
CA LYS B 1932 12.52 -118.76 37.26
C LYS B 1932 12.48 -117.29 36.90
N LEU B 1933 13.42 -116.52 37.44
CA LEU B 1933 13.51 -115.09 37.22
C LEU B 1933 14.67 -114.78 36.31
N TYR B 1934 14.43 -113.96 35.30
CA TYR B 1934 15.45 -113.50 34.36
C TYR B 1934 15.61 -111.99 34.52
N TRP B 1935 16.83 -111.56 34.81
CA TRP B 1935 17.11 -110.13 34.95
C TRP B 1935 18.40 -109.79 34.22
N ALA B 1936 18.52 -108.52 33.83
CA ALA B 1936 19.66 -108.03 33.08
C ALA B 1936 20.47 -107.09 33.96
N VAL B 1937 21.75 -107.37 34.08
CA VAL B 1937 22.67 -106.54 34.85
C VAL B 1937 23.55 -105.81 33.83
N THR B 1938 23.30 -104.52 33.65
CA THR B 1938 24.09 -103.74 32.71
C THR B 1938 25.54 -103.63 33.16
N GLY B 1939 25.76 -103.43 34.47
CA GLY B 1939 27.11 -103.24 34.96
C GLY B 1939 28.02 -104.40 34.63
N ARG B 1940 27.53 -105.63 34.79
CA ARG B 1940 28.24 -106.82 34.38
C ARG B 1940 28.01 -107.17 32.93
N GLY B 1941 27.01 -106.55 32.30
CA GLY B 1941 26.69 -106.85 30.91
C GLY B 1941 26.25 -108.27 30.70
N VAL B 1942 25.42 -108.79 31.60
CA VAL B 1942 24.98 -110.18 31.54
C VAL B 1942 23.47 -110.23 31.76
N ILE B 1943 22.90 -111.38 31.44
CA ILE B 1943 21.49 -111.68 31.71
C ILE B 1943 21.49 -112.91 32.61
N GLU B 1944 21.20 -112.71 33.89
CA GLU B 1944 21.26 -113.80 34.84
C GLU B 1944 19.92 -114.51 34.95
N ARG B 1945 19.93 -115.66 35.61
CA ARG B 1945 18.73 -116.44 35.84
C ARG B 1945 18.75 -117.01 37.26
N GLY B 1946 17.58 -117.05 37.88
CA GLY B 1946 17.47 -117.62 39.22
C GLY B 1946 16.05 -118.07 39.49
N ASN B 1947 15.92 -118.95 40.47
CA ASN B 1947 14.62 -119.45 40.86
C ASN B 1947 13.90 -118.43 41.73
N VAL B 1948 12.57 -118.57 41.79
CA VAL B 1948 11.76 -117.66 42.59
C VAL B 1948 12.01 -117.80 44.09
N ASP B 1949 12.74 -118.83 44.51
CA ASP B 1949 13.05 -119.03 45.92
C ASP B 1949 14.46 -118.58 46.29
N GLY B 1950 15.11 -117.79 45.43
CA GLY B 1950 16.43 -117.30 45.75
C GLY B 1950 17.54 -118.31 45.64
N THR B 1951 17.39 -119.29 44.74
CA THR B 1951 18.37 -120.36 44.58
C THR B 1951 18.70 -120.53 43.10
N ASP B 1952 19.85 -121.14 42.85
CA ASP B 1952 20.32 -121.49 41.51
C ASP B 1952 20.43 -120.25 40.62
N ARG B 1953 21.34 -119.37 41.03
CA ARG B 1953 21.64 -118.16 40.28
C ARG B 1953 22.73 -118.47 39.26
N MET B 1954 22.42 -118.27 37.98
CA MET B 1954 23.35 -118.58 36.90
C MET B 1954 23.36 -117.43 35.90
N ILE B 1955 24.47 -117.31 35.18
CA ILE B 1955 24.66 -116.27 34.17
C ILE B 1955 24.27 -116.88 32.83
N LEU B 1956 23.10 -116.49 32.31
CA LEU B 1956 22.60 -117.10 31.09
C LEU B 1956 23.34 -116.58 29.86
N VAL B 1957 23.55 -115.27 29.78
CA VAL B 1957 24.15 -114.65 28.61
C VAL B 1957 25.29 -113.74 29.04
N HIS B 1958 26.40 -113.82 28.31
CA HIS B 1958 27.59 -113.01 28.59
C HIS B 1958 27.76 -111.97 27.48
N GLN B 1959 28.65 -111.01 27.74
CA GLN B 1959 29.11 -110.07 26.72
C GLN B 1959 27.95 -109.25 26.13
N LEU B 1960 27.34 -108.43 26.97
CA LEU B 1960 26.32 -107.49 26.54
C LEU B 1960 26.74 -106.08 26.93
N SER B 1961 26.38 -105.10 26.11
CA SER B 1961 26.78 -103.72 26.39
C SER B 1961 25.79 -103.06 27.34
N HIS B 1962 24.53 -102.94 26.93
CA HIS B 1962 23.50 -102.30 27.74
C HIS B 1962 22.17 -102.99 27.49
N PRO B 1963 22.00 -104.21 28.01
CA PRO B 1963 20.72 -104.89 27.83
C PRO B 1963 19.61 -104.16 28.56
N TRP B 1964 18.48 -104.00 27.90
CA TRP B 1964 17.39 -103.20 28.46
C TRP B 1964 16.14 -104.02 28.74
N GLY B 1965 15.65 -104.78 27.77
CA GLY B 1965 14.41 -105.51 27.89
C GLY B 1965 14.65 -107.01 27.85
N ILE B 1966 13.85 -107.75 28.59
CA ILE B 1966 13.92 -109.20 28.65
C ILE B 1966 12.52 -109.77 28.56
N ALA B 1967 12.34 -110.72 27.65
CA ALA B 1967 11.08 -111.45 27.54
C ALA B 1967 11.39 -112.92 27.33
N VAL B 1968 10.66 -113.78 28.03
CA VAL B 1968 10.84 -115.22 27.95
C VAL B 1968 9.54 -115.83 27.44
N HIS B 1969 9.62 -116.58 26.35
CA HIS B 1969 8.47 -117.27 25.80
C HIS B 1969 8.89 -118.64 25.32
N ASP B 1970 8.08 -119.65 25.63
CA ASP B 1970 8.39 -121.04 25.30
C ASP B 1970 9.79 -121.41 25.77
N SER B 1971 10.67 -121.76 24.83
CA SER B 1971 12.04 -122.13 25.15
C SER B 1971 13.04 -121.07 24.70
N PHE B 1972 12.59 -119.85 24.43
CA PHE B 1972 13.44 -118.80 23.90
C PHE B 1972 13.47 -117.61 24.84
N LEU B 1973 14.62 -116.96 24.91
CA LEU B 1973 14.81 -115.74 25.68
C LEU B 1973 15.05 -114.59 24.70
N TYR B 1974 14.12 -113.65 24.66
CA TYR B 1974 14.23 -112.49 23.79
C TYR B 1974 14.71 -111.30 24.60
N TYR B 1975 15.80 -110.68 24.16
CA TYR B 1975 16.35 -109.52 24.83
C TYR B 1975 16.78 -108.48 23.80
N THR B 1976 16.94 -107.25 24.27
CA THR B 1976 17.33 -106.14 23.43
C THR B 1976 18.48 -105.38 24.06
N ASP B 1977 19.49 -105.05 23.26
CA ASP B 1977 20.65 -104.30 23.71
C ASP B 1977 20.62 -102.94 23.04
N GLU B 1978 20.62 -101.88 23.85
CA GLU B 1978 20.49 -100.54 23.30
C GLU B 1978 21.74 -100.13 22.53
N GLN B 1979 22.91 -100.31 23.14
CA GLN B 1979 24.15 -99.89 22.49
C GLN B 1979 24.40 -100.69 21.22
N TYR B 1980 24.18 -102.01 21.28
CA TYR B 1980 24.28 -102.82 20.07
C TYR B 1980 23.17 -102.53 19.08
N GLU B 1981 22.06 -101.93 19.52
CA GLU B 1981 20.91 -101.65 18.67
C GLU B 1981 20.41 -102.93 18.00
N VAL B 1982 20.15 -103.95 18.81
CA VAL B 1982 19.84 -105.28 18.31
C VAL B 1982 18.78 -105.91 19.19
N ILE B 1983 17.94 -106.75 18.58
CA ILE B 1983 17.01 -107.61 19.31
C ILE B 1983 17.41 -109.05 19.03
N GLU B 1984 17.79 -109.78 20.07
CA GLU B 1984 18.36 -111.10 19.91
C GLU B 1984 17.55 -112.14 20.69
N ARG B 1985 17.53 -113.35 20.16
CA ARG B 1985 16.80 -114.46 20.74
C ARG B 1985 17.78 -115.59 21.06
N VAL B 1986 17.72 -116.10 22.28
CA VAL B 1986 18.56 -117.22 22.70
C VAL B 1986 17.68 -118.23 23.42
N ASP B 1987 18.18 -119.46 23.52
CA ASP B 1987 17.47 -120.49 24.26
C ASP B 1987 17.50 -120.18 25.75
N LYS B 1988 16.33 -120.20 26.38
CA LYS B 1988 16.26 -119.81 27.78
C LYS B 1988 16.98 -120.81 28.68
N ALA B 1989 17.21 -122.02 28.18
CA ALA B 1989 17.92 -123.02 28.99
C ALA B 1989 19.38 -122.66 29.16
N THR B 1990 20.06 -122.32 28.06
CA THR B 1990 21.50 -122.09 28.08
C THR B 1990 21.94 -120.81 27.40
N GLY B 1991 21.12 -120.19 26.57
CA GLY B 1991 21.53 -118.99 25.86
C GLY B 1991 22.65 -119.24 24.87
N ALA B 1992 22.49 -120.23 24.00
CA ALA B 1992 23.52 -120.62 23.05
C ALA B 1992 23.19 -120.18 21.63
N ASN B 1993 22.05 -120.61 21.11
CA ASN B 1993 21.69 -120.32 19.73
C ASN B 1993 21.17 -118.88 19.65
N LYS B 1994 22.03 -117.97 19.20
CA LYS B 1994 21.70 -116.56 19.12
C LYS B 1994 21.22 -116.21 17.73
N ILE B 1995 20.05 -115.58 17.64
CA ILE B 1995 19.46 -115.15 16.37
C ILE B 1995 19.10 -113.68 16.49
N VAL B 1996 19.49 -112.90 15.48
CA VAL B 1996 19.24 -111.46 15.47
C VAL B 1996 17.86 -111.24 14.82
N LEU B 1997 16.87 -110.86 15.64
CA LEU B 1997 15.56 -110.54 15.09
C LEU B 1997 15.59 -109.22 14.33
N ARG B 1998 16.17 -108.19 14.94
CA ARG B 1998 16.30 -106.88 14.31
C ARG B 1998 17.66 -106.31 14.64
N ASP B 1999 18.14 -105.41 13.78
CA ASP B 1999 19.44 -104.80 13.96
C ASP B 1999 19.37 -103.35 13.52
N ASN B 2000 20.32 -102.56 14.02
CA ASN B 2000 20.39 -101.13 13.73
C ASN B 2000 19.07 -100.43 14.04
N VAL B 2001 18.50 -100.77 15.18
CA VAL B 2001 17.26 -100.15 15.66
C VAL B 2001 17.62 -99.15 16.75
N PRO B 2002 17.51 -97.86 16.50
CA PRO B 2002 17.91 -96.87 17.51
C PRO B 2002 16.90 -96.75 18.64
N ASN B 2003 17.43 -96.43 19.82
CA ASN B 2003 16.62 -96.16 21.00
C ASN B 2003 15.72 -97.33 21.35
N LEU B 2004 16.30 -98.52 21.45
CA LEU B 2004 15.55 -99.69 21.88
C LEU B 2004 15.23 -99.58 23.37
N ARG B 2005 14.17 -100.27 23.77
CA ARG B 2005 13.74 -100.28 25.17
C ARG B 2005 13.22 -101.67 25.52
N GLY B 2006 12.54 -101.79 26.67
CA GLY B 2006 12.06 -103.08 27.12
C GLY B 2006 11.00 -103.68 26.23
N LEU B 2007 10.81 -105.00 26.31
CA LEU B 2007 9.85 -105.69 25.45
C LEU B 2007 9.17 -106.80 26.22
N GLN B 2008 8.01 -107.23 25.74
CA GLN B 2008 7.26 -108.33 26.33
C GLN B 2008 6.56 -109.10 25.24
N VAL B 2009 6.60 -110.43 25.34
CA VAL B 2009 5.96 -111.28 24.35
C VAL B 2009 4.45 -111.23 24.55
N TYR B 2010 3.70 -111.02 23.47
CA TYR B 2010 2.25 -110.98 23.51
C TYR B 2010 1.70 -112.39 23.37
N HIS B 2011 1.91 -113.19 24.41
CA HIS B 2011 1.42 -114.56 24.37
C HIS B 2011 0.00 -114.64 24.89
N ARG B 2012 -0.65 -115.75 24.59
CA ARG B 2012 -2.01 -116.00 25.06
C ARG B 2012 -1.95 -116.47 26.51
N ARG B 2013 -2.70 -115.80 27.38
CA ARG B 2013 -2.71 -116.17 28.79
C ARG B 2013 -3.21 -117.59 28.96
N ASN B 2014 -2.57 -118.32 29.87
CA ASN B 2014 -2.96 -119.70 30.13
C ASN B 2014 -4.35 -119.76 30.73
N ALA B 2015 -5.32 -120.24 29.94
CA ALA B 2015 -6.70 -120.28 30.40
C ALA B 2015 -6.89 -121.33 31.50
N ALA B 2016 -6.05 -122.36 31.52
CA ALA B 2016 -6.17 -123.39 32.55
C ALA B 2016 -5.89 -122.81 33.93
N GLU B 2017 -4.79 -122.08 34.07
CA GLU B 2017 -4.42 -121.47 35.35
C GLU B 2017 -4.93 -120.03 35.38
N SER B 2018 -6.25 -119.91 35.41
CA SER B 2018 -6.91 -118.61 35.32
C SER B 2018 -7.88 -118.41 36.48
N SER B 2019 -7.44 -118.71 37.69
CA SER B 2019 -8.28 -118.53 38.88
C SER B 2019 -7.40 -118.36 40.10
N ASN B 2020 -7.71 -117.37 40.93
CA ASN B 2020 -7.07 -117.18 42.22
C ASN B 2020 -8.12 -116.75 43.23
N GLY B 2021 -7.64 -116.24 44.36
CA GLY B 2021 -8.56 -115.83 45.42
C GLY B 2021 -9.53 -114.76 44.97
N CYS B 2022 -9.02 -113.72 44.30
CA CYS B 2022 -9.88 -112.62 43.89
C CYS B 2022 -10.83 -113.04 42.78
N SER B 2023 -10.34 -113.84 41.83
CA SER B 2023 -11.21 -114.30 40.75
C SER B 2023 -12.35 -115.16 41.28
N ASN B 2024 -12.05 -116.05 42.24
CA ASN B 2024 -13.09 -116.89 42.81
C ASN B 2024 -13.99 -116.11 43.75
N ASN B 2025 -13.53 -114.97 44.26
CA ASN B 2025 -14.29 -114.20 45.22
C ASN B 2025 -14.46 -112.76 44.78
N MET B 2026 -14.85 -112.54 43.53
CA MET B 2026 -15.08 -111.20 43.05
C MET B 2026 -16.21 -110.55 43.82
N ASN B 2027 -16.11 -109.23 43.98
CA ASN B 2027 -17.03 -108.37 44.72
C ASN B 2027 -16.99 -108.60 46.23
N ALA B 2028 -16.14 -109.49 46.72
CA ALA B 2028 -16.01 -109.66 48.16
C ALA B 2028 -15.43 -108.41 48.82
N CYS B 2029 -14.37 -107.85 48.23
CA CYS B 2029 -13.74 -106.65 48.74
C CYS B 2029 -14.48 -105.42 48.22
N GLN B 2030 -14.56 -104.39 49.06
CA GLN B 2030 -15.29 -103.18 48.68
C GLN B 2030 -14.57 -102.42 47.56
N GLN B 2031 -13.26 -102.22 47.71
CA GLN B 2031 -12.51 -101.42 46.73
C GLN B 2031 -11.43 -102.23 46.02
N ILE B 2032 -10.51 -102.85 46.75
CA ILE B 2032 -9.36 -103.51 46.14
C ILE B 2032 -9.25 -104.92 46.68
N CYS B 2033 -9.09 -105.89 45.78
CA CYS B 2033 -8.81 -107.27 46.12
C CYS B 2033 -7.40 -107.60 45.65
N LEU B 2034 -6.65 -108.30 46.50
CA LEU B 2034 -5.28 -108.68 46.17
C LEU B 2034 -5.08 -110.16 46.47
N PRO B 2035 -4.73 -110.99 45.49
CA PRO B 2035 -4.48 -112.40 45.77
C PRO B 2035 -3.24 -112.59 46.63
N VAL B 2036 -3.26 -113.64 47.43
CA VAL B 2036 -2.16 -113.98 48.34
C VAL B 2036 -1.84 -115.46 48.14
N PRO B 2037 -0.63 -115.92 48.43
CA PRO B 2037 -0.27 -117.31 48.16
C PRO B 2037 -1.22 -118.29 48.85
N GLY B 2038 -1.55 -119.37 48.15
CA GLY B 2038 -2.46 -120.36 48.65
C GLY B 2038 -3.91 -120.20 48.23
N GLY B 2039 -4.20 -119.34 47.25
CA GLY B 2039 -5.56 -119.12 46.83
C GLY B 2039 -6.37 -118.20 47.72
N LEU B 2040 -5.76 -117.61 48.73
CA LEU B 2040 -6.44 -116.70 49.64
C LEU B 2040 -6.34 -115.28 49.11
N PHE B 2041 -7.44 -114.55 49.17
CA PHE B 2041 -7.50 -113.18 48.69
C PHE B 2041 -7.50 -112.22 49.88
N SER B 2042 -6.66 -111.20 49.81
CA SER B 2042 -6.55 -110.20 50.88
C SER B 2042 -7.16 -108.90 50.39
N CYS B 2043 -8.22 -108.46 51.04
CA CYS B 2043 -8.82 -107.18 50.70
C CYS B 2043 -7.93 -106.04 51.15
N ALA B 2044 -7.82 -105.03 50.29
CA ALA B 2044 -7.11 -103.79 50.62
C ALA B 2044 -7.99 -102.63 50.22
N CYS B 2045 -7.59 -101.43 50.63
CA CYS B 2045 -8.37 -100.24 50.31
C CYS B 2045 -7.46 -99.16 49.76
N ALA B 2046 -8.06 -98.25 48.98
CA ALA B 2046 -7.30 -97.28 48.22
C ALA B 2046 -6.64 -96.25 49.12
N THR B 2047 -5.94 -95.31 48.49
CA THR B 2047 -5.27 -94.24 49.21
C THR B 2047 -6.29 -93.38 49.94
N GLY B 2048 -6.00 -93.08 51.21
CA GLY B 2048 -6.85 -92.26 52.03
C GLY B 2048 -7.92 -93.01 52.79
N PHE B 2049 -8.06 -94.30 52.55
CA PHE B 2049 -9.02 -95.13 53.26
C PHE B 2049 -8.30 -96.27 53.93
N LYS B 2050 -8.90 -96.80 55.00
CA LYS B 2050 -8.33 -97.88 55.78
C LYS B 2050 -9.30 -99.05 55.82
N LEU B 2051 -8.75 -100.26 55.84
CA LEU B 2051 -9.57 -101.45 55.92
C LEU B 2051 -10.20 -101.57 57.30
N ASN B 2052 -11.52 -101.78 57.32
CA ASN B 2052 -12.24 -101.96 58.57
C ASN B 2052 -11.92 -103.32 59.16
N PRO B 2053 -12.20 -103.53 60.46
CA PRO B 2053 -11.90 -104.83 61.07
C PRO B 2053 -12.63 -105.99 60.43
N ASP B 2054 -13.73 -105.75 59.73
CA ASP B 2054 -14.44 -106.82 59.06
C ASP B 2054 -13.68 -107.38 57.87
N ASN B 2055 -12.58 -106.74 57.48
CA ASN B 2055 -11.70 -107.16 56.38
C ASN B 2055 -12.37 -107.05 55.03
N ARG B 2056 -13.50 -106.38 54.94
CA ARG B 2056 -14.21 -106.18 53.69
C ARG B 2056 -14.58 -104.72 53.45
N SER B 2057 -14.78 -103.94 54.50
CA SER B 2057 -15.24 -102.57 54.36
C SER B 2057 -14.08 -101.59 54.30
N CYS B 2058 -14.39 -100.37 53.88
CA CYS B 2058 -13.41 -99.30 53.74
C CYS B 2058 -13.86 -98.10 54.54
N SER B 2059 -12.93 -97.51 55.29
CA SER B 2059 -13.22 -96.28 56.03
C SER B 2059 -12.01 -95.36 55.93
N PRO B 2060 -12.23 -94.04 55.92
CA PRO B 2060 -11.10 -93.12 55.82
C PRO B 2060 -10.21 -93.19 57.05
N TYR B 2061 -8.93 -92.89 56.83
CA TYR B 2061 -7.99 -92.88 57.95
C TYR B 2061 -8.37 -91.82 58.96
N ASN B 2062 -8.18 -92.15 60.24
CA ASN B 2062 -8.50 -91.23 61.32
C ASN B 2062 -7.28 -90.80 62.14
N SER B 2063 -6.18 -91.55 62.06
CA SER B 2063 -4.98 -91.22 62.81
C SER B 2063 -3.76 -91.42 61.94
N PHE B 2064 -3.10 -90.32 61.58
CA PHE B 2064 -1.91 -90.37 60.75
C PHE B 2064 -1.17 -89.06 60.87
N ILE B 2065 0.09 -89.06 60.46
CA ILE B 2065 0.92 -87.87 60.44
C ILE B 2065 0.91 -87.31 59.02
N VAL B 2066 0.84 -85.99 58.90
CA VAL B 2066 0.87 -85.32 57.61
C VAL B 2066 2.23 -84.63 57.50
N VAL B 2067 3.05 -85.10 56.58
CA VAL B 2067 4.35 -84.49 56.36
C VAL B 2067 4.24 -83.47 55.24
N SER B 2068 5.05 -82.43 55.30
CA SER B 2068 4.87 -81.23 54.51
C SER B 2068 6.16 -80.92 53.75
N MET B 2069 6.73 -81.93 53.10
CA MET B 2069 7.91 -81.70 52.27
C MET B 2069 7.58 -80.73 51.15
N LEU B 2070 8.52 -79.83 50.86
CA LEU B 2070 8.21 -78.62 50.09
C LEU B 2070 7.45 -78.89 48.81
N SER B 2071 7.83 -79.95 48.08
CA SER B 2071 7.18 -80.23 46.81
C SER B 2071 5.73 -80.63 46.99
N ALA B 2072 5.43 -81.50 47.97
CA ALA B 2072 4.08 -82.00 48.11
C ALA B 2072 3.80 -82.38 49.55
N ILE B 2073 2.52 -82.37 49.90
CA ILE B 2073 2.08 -82.70 51.26
C ILE B 2073 1.52 -84.11 51.23
N ARG B 2074 2.15 -85.02 51.97
CA ARG B 2074 1.77 -86.42 51.98
C ARG B 2074 1.56 -86.88 53.41
N GLY B 2075 0.71 -87.89 53.58
CA GLY B 2075 0.42 -88.46 54.89
C GLY B 2075 0.90 -89.90 54.97
N PHE B 2076 1.25 -90.33 56.17
CA PHE B 2076 1.72 -91.68 56.42
C PHE B 2076 1.07 -92.23 57.67
N SER B 2077 0.85 -93.55 57.67
CA SER B 2077 0.30 -94.21 58.84
C SER B 2077 1.35 -94.34 59.93
N LEU B 2078 0.90 -94.33 61.19
CA LEU B 2078 1.82 -94.47 62.29
C LEU B 2078 2.29 -95.91 62.45
N GLU B 2079 1.47 -96.87 62.03
CA GLU B 2079 1.89 -98.27 62.05
C GLU B 2079 2.96 -98.51 60.99
N LEU B 2080 4.14 -98.91 61.43
CA LEU B 2080 5.28 -99.01 60.51
C LEU B 2080 5.04 -100.08 59.46
N SER B 2081 4.31 -101.14 59.80
CA SER B 2081 4.06 -102.20 58.84
C SER B 2081 3.07 -101.76 57.76
N ASP B 2082 2.41 -100.62 57.95
CA ASP B 2082 1.49 -100.09 56.95
C ASP B 2082 2.20 -99.08 56.07
N HIS B 2083 2.17 -99.28 54.76
CA HIS B 2083 2.84 -98.40 53.81
C HIS B 2083 1.86 -97.62 52.95
N SER B 2084 0.58 -97.68 53.24
CA SER B 2084 -0.41 -96.98 52.43
C SER B 2084 -0.32 -95.48 52.65
N GLU B 2085 -0.75 -94.73 51.64
CA GLU B 2085 -0.84 -93.28 51.75
C GLU B 2085 -2.14 -92.91 52.44
N THR B 2086 -2.04 -92.30 53.62
CA THR B 2086 -3.23 -92.02 54.41
C THR B 2086 -4.03 -90.83 53.90
N MET B 2087 -3.52 -90.11 52.91
CA MET B 2087 -4.27 -89.00 52.34
C MET B 2087 -3.84 -88.84 50.90
N VAL B 2088 -4.69 -88.19 50.11
CA VAL B 2088 -4.36 -87.89 48.72
C VAL B 2088 -3.26 -86.83 48.76
N PRO B 2089 -2.09 -87.11 48.19
CA PRO B 2089 -1.00 -86.13 48.25
C PRO B 2089 -1.39 -84.82 47.59
N VAL B 2090 -0.98 -83.72 48.20
CA VAL B 2090 -1.26 -82.39 47.69
C VAL B 2090 -0.01 -81.88 46.96
N ALA B 2091 -0.06 -81.90 45.64
CA ALA B 2091 1.06 -81.45 44.83
C ALA B 2091 0.53 -80.56 43.72
N GLY B 2092 1.45 -79.99 42.96
CA GLY B 2092 1.08 -79.14 41.85
C GLY B 2092 2.13 -78.06 41.64
N GLN B 2093 1.85 -77.19 40.69
CA GLN B 2093 2.76 -76.10 40.38
C GLN B 2093 2.79 -75.11 41.53
N GLY B 2094 3.99 -74.64 41.86
CA GLY B 2094 4.14 -73.62 42.88
C GLY B 2094 3.87 -74.07 44.28
N ARG B 2095 3.94 -75.37 44.55
CA ARG B 2095 3.71 -75.91 45.88
C ARG B 2095 4.98 -75.74 46.70
N ASN B 2096 4.93 -74.90 47.72
CA ASN B 2096 6.02 -74.72 48.66
C ASN B 2096 5.39 -74.62 50.05
N ALA B 2097 5.20 -75.77 50.70
CA ALA B 2097 4.48 -75.83 51.96
C ALA B 2097 5.45 -75.65 53.11
N LEU B 2098 5.46 -74.47 53.72
CA LEU B 2098 6.37 -74.21 54.82
C LEU B 2098 5.93 -74.94 56.09
N HIS B 2099 4.65 -74.90 56.40
CA HIS B 2099 4.13 -75.51 57.62
C HIS B 2099 2.75 -76.07 57.36
N VAL B 2100 2.34 -77.01 58.21
CA VAL B 2100 1.04 -77.67 58.09
C VAL B 2100 0.41 -77.76 59.47
N ASP B 2101 -0.87 -77.40 59.55
CA ASP B 2101 -1.68 -77.65 60.74
C ASP B 2101 -3.00 -78.24 60.30
N VAL B 2102 -3.62 -79.00 61.18
CA VAL B 2102 -4.79 -79.81 60.85
C VAL B 2102 -5.93 -79.48 61.78
N ASP B 2103 -7.15 -79.44 61.23
CA ASP B 2103 -8.38 -79.27 61.99
C ASP B 2103 -9.12 -80.60 61.89
N VAL B 2104 -8.95 -81.45 62.91
CA VAL B 2104 -9.45 -82.82 62.84
C VAL B 2104 -10.97 -82.83 62.81
N SER B 2105 -11.60 -81.96 63.61
CA SER B 2105 -13.05 -81.97 63.72
C SER B 2105 -13.71 -81.69 62.37
N SER B 2106 -13.25 -80.66 61.66
CA SER B 2106 -13.80 -80.36 60.35
C SER B 2106 -13.09 -81.09 59.22
N GLY B 2107 -12.02 -81.83 59.52
CA GLY B 2107 -11.32 -82.60 58.51
C GLY B 2107 -10.67 -81.76 57.44
N PHE B 2108 -9.83 -80.80 57.83
CA PHE B 2108 -9.10 -79.95 56.90
C PHE B 2108 -7.63 -79.95 57.25
N ILE B 2109 -6.80 -79.75 56.24
CA ILE B 2109 -5.35 -79.71 56.39
C ILE B 2109 -4.85 -78.40 55.83
N TYR B 2110 -4.47 -77.49 56.71
CA TYR B 2110 -4.01 -76.17 56.31
C TYR B 2110 -2.51 -76.18 56.04
N TRP B 2111 -2.06 -75.29 55.16
CA TRP B 2111 -0.64 -75.11 54.93
C TRP B 2111 -0.39 -73.72 54.37
N CYS B 2112 0.82 -73.24 54.56
CA CYS B 2112 1.22 -71.90 54.13
C CYS B 2112 2.21 -72.01 52.98
N ASP B 2113 1.78 -71.59 51.79
CA ASP B 2113 2.64 -71.57 50.62
C ASP B 2113 3.41 -70.26 50.57
N PHE B 2114 4.68 -70.35 50.20
CA PHE B 2114 5.55 -69.18 50.10
C PHE B 2114 6.34 -69.27 48.80
N SER B 2115 6.51 -68.13 48.14
CA SER B 2115 7.27 -68.06 46.89
C SER B 2115 7.78 -66.64 46.73
N SER B 2116 9.09 -66.46 46.81
CA SER B 2116 9.67 -65.14 46.62
C SER B 2116 9.45 -64.64 45.21
N SER B 2117 9.58 -65.52 44.21
CA SER B 2117 9.49 -65.08 42.82
C SER B 2117 8.07 -64.65 42.47
N VAL B 2118 7.07 -65.44 42.84
CA VAL B 2118 5.68 -65.20 42.44
C VAL B 2118 4.89 -64.82 43.67
N ALA B 2119 4.25 -63.65 43.63
CA ALA B 2119 3.49 -63.17 44.77
C ALA B 2119 2.16 -63.91 44.91
N SER B 2120 1.60 -64.35 43.79
CA SER B 2120 0.29 -65.01 43.85
C SER B 2120 0.38 -66.39 44.49
N ASP B 2121 1.58 -66.97 44.57
CA ASP B 2121 1.72 -68.29 45.17
C ASP B 2121 1.65 -68.22 46.69
N ASN B 2122 2.03 -67.09 47.27
CA ASN B 2122 1.99 -66.94 48.72
C ASN B 2122 0.54 -66.92 49.19
N ALA B 2123 0.13 -67.98 49.87
CA ALA B 2123 -1.25 -68.09 50.32
C ALA B 2123 -1.32 -69.06 51.48
N ILE B 2124 -2.43 -68.99 52.20
CA ILE B 2124 -2.79 -69.99 53.20
C ILE B 2124 -3.98 -70.76 52.65
N ARG B 2125 -3.79 -72.05 52.43
CA ARG B 2125 -4.80 -72.88 51.79
C ARG B 2125 -5.23 -73.99 52.75
N ARG B 2126 -6.24 -74.74 52.33
CA ARG B 2126 -6.70 -75.89 53.10
C ARG B 2126 -7.34 -76.89 52.15
N ILE B 2127 -7.33 -78.15 52.54
CA ILE B 2127 -7.90 -79.22 51.73
C ILE B 2127 -8.28 -80.38 52.64
N LYS B 2128 -9.33 -81.09 52.28
CA LYS B 2128 -9.70 -82.25 53.07
C LYS B 2128 -8.76 -83.41 52.75
N PRO B 2129 -8.63 -84.39 53.65
CA PRO B 2129 -7.71 -85.50 53.40
C PRO B 2129 -7.99 -86.25 52.10
N ASP B 2130 -9.26 -86.32 51.68
CA ASP B 2130 -9.55 -86.99 50.42
C ASP B 2130 -9.20 -86.15 49.20
N GLY B 2131 -8.62 -84.97 49.39
CA GLY B 2131 -8.25 -84.12 48.29
C GLY B 2131 -9.43 -83.62 47.48
N SER B 2132 -10.48 -83.16 48.16
CA SER B 2132 -11.70 -82.77 47.48
C SER B 2132 -11.94 -81.26 47.52
N SER B 2133 -11.91 -80.68 48.71
CA SER B 2133 -12.29 -79.28 48.89
C SER B 2133 -11.04 -78.44 49.12
N LEU B 2134 -10.60 -77.73 48.09
CA LEU B 2134 -9.44 -76.84 48.19
C LEU B 2134 -9.91 -75.41 48.02
N MET B 2135 -9.56 -74.56 48.98
CA MET B 2135 -9.93 -73.15 48.94
C MET B 2135 -8.86 -72.32 49.62
N ASN B 2136 -8.56 -71.15 49.04
CA ASN B 2136 -7.52 -70.27 49.57
C ASN B 2136 -8.09 -69.47 50.73
N ILE B 2137 -7.65 -69.79 51.94
CA ILE B 2137 -8.16 -69.09 53.12
C ILE B 2137 -7.67 -67.65 53.15
N VAL B 2138 -6.37 -67.45 52.94
CA VAL B 2138 -5.75 -66.14 53.03
C VAL B 2138 -4.90 -65.93 51.79
N THR B 2139 -5.12 -64.81 51.09
CA THR B 2139 -4.34 -64.48 49.91
C THR B 2139 -3.91 -63.03 49.84
N HIS B 2140 -4.48 -62.13 50.64
CA HIS B 2140 -4.16 -60.72 50.58
C HIS B 2140 -3.52 -60.28 51.89
N GLY B 2141 -2.59 -59.32 51.80
CA GLY B 2141 -1.89 -58.82 52.95
C GLY B 2141 -0.68 -59.63 53.34
N ILE B 2142 -0.37 -60.70 52.61
CA ILE B 2142 0.79 -61.52 52.94
C ILE B 2142 2.05 -60.74 52.64
N GLY B 2143 2.97 -60.69 53.59
CA GLY B 2143 4.16 -59.89 53.47
C GLY B 2143 5.14 -60.44 52.45
N GLU B 2144 6.29 -59.77 52.37
CA GLU B 2144 7.31 -60.16 51.40
C GLU B 2144 7.90 -61.53 51.73
N ASN B 2145 8.11 -61.81 53.01
CA ASN B 2145 8.66 -63.09 53.42
C ASN B 2145 7.60 -64.18 53.55
N GLY B 2146 6.32 -63.85 53.39
CA GLY B 2146 5.27 -64.84 53.35
C GLY B 2146 4.88 -65.33 54.73
N VAL B 2147 3.84 -66.15 54.76
CA VAL B 2147 3.38 -66.74 56.01
C VAL B 2147 4.41 -67.76 56.47
N ARG B 2148 4.82 -67.64 57.73
CA ARG B 2148 5.90 -68.46 58.27
C ARG B 2148 5.44 -69.40 59.37
N GLY B 2149 4.15 -69.44 59.67
CA GLY B 2149 3.65 -70.34 60.69
C GLY B 2149 2.15 -70.35 60.75
N ILE B 2150 1.55 -71.52 60.98
CA ILE B 2150 0.10 -71.65 61.05
C ILE B 2150 -0.26 -72.42 62.31
N ALA B 2151 -1.14 -71.84 63.12
CA ALA B 2151 -1.69 -72.52 64.29
C ALA B 2151 -3.20 -72.44 64.21
N VAL B 2152 -3.87 -73.60 64.27
CA VAL B 2152 -5.31 -73.69 64.13
C VAL B 2152 -5.91 -73.98 65.48
N ASP B 2153 -6.75 -73.06 65.96
CA ASP B 2153 -7.47 -73.23 67.22
C ASP B 2153 -8.77 -73.96 66.90
N TRP B 2154 -8.75 -75.28 67.02
CA TRP B 2154 -9.93 -76.07 66.66
C TRP B 2154 -11.10 -75.76 67.59
N VAL B 2155 -10.81 -75.36 68.83
CA VAL B 2155 -11.88 -75.10 69.78
C VAL B 2155 -12.68 -73.87 69.39
N ALA B 2156 -12.00 -72.79 69.04
CA ALA B 2156 -12.65 -71.54 68.70
C ALA B 2156 -12.74 -71.28 67.20
N GLY B 2157 -12.13 -72.14 66.39
CA GLY B 2157 -12.15 -71.92 64.95
C GLY B 2157 -11.42 -70.67 64.52
N ASN B 2158 -10.28 -70.38 65.14
CA ASN B 2158 -9.46 -69.22 64.81
C ASN B 2158 -8.14 -69.70 64.24
N LEU B 2159 -7.72 -69.11 63.14
CA LEU B 2159 -6.46 -69.45 62.50
C LEU B 2159 -5.43 -68.37 62.81
N TYR B 2160 -4.40 -68.73 63.54
CA TYR B 2160 -3.30 -67.83 63.86
C TYR B 2160 -2.18 -68.06 62.86
N PHE B 2161 -1.64 -66.98 62.31
CA PHE B 2161 -0.51 -67.08 61.40
C PHE B 2161 0.39 -65.86 61.55
N THR B 2162 1.68 -66.07 61.37
CA THR B 2162 2.69 -65.02 61.52
C THR B 2162 3.03 -64.47 60.15
N ASN B 2163 2.34 -63.41 59.75
CA ASN B 2163 2.70 -62.70 58.53
C ASN B 2163 4.06 -62.04 58.70
N ALA B 2164 4.95 -62.24 57.73
CA ALA B 2164 6.32 -61.76 57.82
C ALA B 2164 6.59 -60.79 56.68
N PHE B 2165 7.17 -59.65 57.02
CA PHE B 2165 7.55 -58.62 56.07
C PHE B 2165 9.07 -58.51 56.01
N VAL B 2166 9.55 -57.52 55.26
CA VAL B 2166 10.99 -57.32 55.13
C VAL B 2166 11.61 -57.00 56.48
N SER B 2167 10.96 -56.13 57.25
CA SER B 2167 11.54 -55.68 58.52
C SER B 2167 10.58 -55.80 59.70
N GLU B 2168 9.43 -56.43 59.53
CA GLU B 2168 8.49 -56.55 60.64
C GLU B 2168 7.62 -57.78 60.44
N THR B 2169 7.05 -58.25 61.55
CA THR B 2169 6.25 -59.47 61.57
C THR B 2169 4.93 -59.20 62.27
N LEU B 2170 3.85 -59.73 61.71
CA LEU B 2170 2.52 -59.57 62.26
C LEU B 2170 1.98 -60.94 62.67
N ILE B 2171 1.56 -61.06 63.93
CA ILE B 2171 0.93 -62.28 64.42
C ILE B 2171 -0.57 -62.07 64.28
N GLU B 2172 -1.10 -62.43 63.11
CA GLU B 2172 -2.49 -62.18 62.79
C GLU B 2172 -3.36 -63.38 63.17
N VAL B 2173 -4.65 -63.12 63.33
CA VAL B 2173 -5.64 -64.15 63.62
C VAL B 2173 -6.80 -63.98 62.64
N LEU B 2174 -7.28 -65.09 62.11
CA LEU B 2174 -8.42 -65.10 61.21
C LEU B 2174 -9.45 -66.08 61.74
N ARG B 2175 -10.71 -65.66 61.75
CA ARG B 2175 -11.82 -66.53 62.13
C ARG B 2175 -12.23 -67.33 60.91
N ILE B 2176 -12.11 -68.66 61.00
CA ILE B 2176 -12.34 -69.50 59.84
C ILE B 2176 -13.78 -69.39 59.37
N ASN B 2177 -13.98 -69.51 58.06
CA ASN B 2177 -15.34 -69.45 57.49
C ASN B 2177 -15.98 -68.06 57.61
N THR B 2178 -15.16 -67.03 57.79
CA THR B 2178 -15.66 -65.67 57.85
C THR B 2178 -14.68 -64.76 57.15
N THR B 2179 -14.83 -63.45 57.37
CA THR B 2179 -13.93 -62.46 56.80
C THR B 2179 -13.18 -61.64 57.84
N TYR B 2180 -13.50 -61.79 59.12
CA TYR B 2180 -12.81 -61.04 60.15
C TYR B 2180 -11.35 -61.45 60.23
N ARG B 2181 -10.46 -60.47 60.30
CA ARG B 2181 -9.04 -60.72 60.31
C ARG B 2181 -8.35 -59.59 61.05
N ARG B 2182 -7.69 -59.90 62.15
CA ARG B 2182 -7.14 -58.89 63.05
C ARG B 2182 -5.66 -59.16 63.28
N VAL B 2183 -4.87 -58.09 63.30
CA VAL B 2183 -3.45 -58.17 63.57
C VAL B 2183 -3.28 -58.06 65.08
N LEU B 2184 -3.08 -59.21 65.74
CA LEU B 2184 -2.94 -59.21 67.19
C LEU B 2184 -1.69 -58.47 67.62
N LEU B 2185 -0.58 -58.65 66.90
CA LEU B 2185 0.69 -58.10 67.32
C LEU B 2185 1.48 -57.62 66.12
N LYS B 2186 2.19 -56.50 66.30
CA LYS B 2186 3.09 -55.96 65.29
C LYS B 2186 4.42 -55.68 65.97
N VAL B 2187 5.44 -56.43 65.58
CA VAL B 2187 6.75 -56.35 66.24
C VAL B 2187 7.81 -56.15 65.19
N THR B 2188 8.90 -55.50 65.58
CA THR B 2188 10.03 -55.23 64.70
C THR B 2188 11.32 -55.88 65.16
N VAL B 2189 11.65 -55.74 66.45
CA VAL B 2189 12.89 -56.33 66.96
C VAL B 2189 12.79 -57.84 67.01
N ASP B 2190 11.64 -58.38 67.38
CA ASP B 2190 11.45 -59.82 67.47
C ASP B 2190 10.98 -60.37 66.12
N MET B 2191 11.19 -61.67 65.94
CA MET B 2191 10.92 -62.34 64.67
C MET B 2191 10.15 -63.63 64.93
N PRO B 2192 8.87 -63.53 65.33
CA PRO B 2192 8.08 -64.75 65.54
C PRO B 2192 7.81 -65.44 64.22
N ARG B 2193 8.26 -66.69 64.12
CA ARG B 2193 8.14 -67.37 62.84
C ARG B 2193 7.18 -68.56 62.89
N HIS B 2194 7.44 -69.53 63.75
CA HIS B 2194 6.54 -70.68 63.84
C HIS B 2194 5.69 -70.59 65.09
N ILE B 2195 4.41 -70.87 64.95
CA ILE B 2195 3.43 -70.58 65.99
C ILE B 2195 2.59 -71.82 66.24
N VAL B 2196 2.25 -72.05 67.51
CA VAL B 2196 1.41 -73.18 67.91
C VAL B 2196 0.47 -72.70 69.01
N VAL B 2197 -0.75 -73.23 69.01
CA VAL B 2197 -1.81 -72.77 69.90
C VAL B 2197 -2.24 -73.91 70.81
N ASP B 2198 -2.51 -73.59 72.07
CA ASP B 2198 -2.94 -74.57 73.07
C ASP B 2198 -4.22 -74.04 73.71
N PRO B 2199 -5.38 -74.23 73.05
CA PRO B 2199 -6.63 -73.70 73.61
C PRO B 2199 -6.99 -74.26 74.97
N LYS B 2200 -6.57 -75.50 75.26
CA LYS B 2200 -6.90 -76.09 76.55
C LYS B 2200 -6.32 -75.29 77.69
N ASN B 2201 -5.07 -74.84 77.56
CA ASN B 2201 -4.44 -73.99 78.55
C ASN B 2201 -4.56 -72.52 78.21
N ARG B 2202 -5.22 -72.18 77.10
CA ARG B 2202 -5.44 -70.81 76.68
C ARG B 2202 -4.12 -70.05 76.54
N TYR B 2203 -3.20 -70.66 75.81
CA TYR B 2203 -1.87 -70.10 75.59
C TYR B 2203 -1.54 -70.16 74.11
N LEU B 2204 -0.59 -69.31 73.69
CA LEU B 2204 -0.16 -69.24 72.31
C LEU B 2204 1.36 -69.15 72.28
N PHE B 2205 2.02 -70.21 71.85
CA PHE B 2205 3.47 -70.29 71.83
C PHE B 2205 3.99 -70.11 70.41
N TRP B 2206 5.08 -69.37 70.27
CA TRP B 2206 5.74 -69.24 68.99
C TRP B 2206 7.25 -69.29 69.19
N ALA B 2207 7.96 -69.55 68.10
CA ALA B 2207 9.40 -69.64 68.11
C ALA B 2207 9.99 -68.49 67.31
N ASP B 2208 11.11 -67.96 67.79
CA ASP B 2208 11.80 -66.85 67.16
C ASP B 2208 13.23 -67.29 66.92
N TYR B 2209 13.68 -67.24 65.67
CA TYR B 2209 15.07 -67.55 65.33
C TYR B 2209 15.80 -66.37 64.73
N GLY B 2210 15.33 -65.15 64.97
CA GLY B 2210 16.06 -63.96 64.60
C GLY B 2210 17.10 -63.60 65.65
N GLN B 2211 17.51 -62.33 65.63
CA GLN B 2211 18.39 -61.84 66.68
C GLN B 2211 17.71 -62.02 68.03
N ARG B 2212 18.48 -62.50 69.00
CA ARG B 2212 17.96 -62.87 70.32
C ARG B 2212 16.85 -63.90 70.16
N PRO B 2213 17.18 -65.12 69.71
CA PRO B 2213 16.14 -66.14 69.53
C PRO B 2213 15.55 -66.58 70.86
N LYS B 2214 14.28 -66.97 70.82
CA LYS B 2214 13.56 -67.33 72.04
C LYS B 2214 12.26 -68.02 71.67
N ILE B 2215 11.63 -68.62 72.67
CA ILE B 2215 10.30 -69.19 72.56
C ILE B 2215 9.40 -68.43 73.51
N GLU B 2216 8.35 -67.82 72.98
CA GLU B 2216 7.48 -66.95 73.75
C GLU B 2216 6.11 -67.58 73.95
N ARG B 2217 5.54 -67.35 75.13
CA ARG B 2217 4.19 -67.75 75.45
C ARG B 2217 3.35 -66.51 75.70
N SER B 2218 2.16 -66.47 75.12
CA SER B 2218 1.26 -65.34 75.32
C SER B 2218 -0.18 -65.86 75.32
N PHE B 2219 -1.07 -65.03 75.83
CA PHE B 2219 -2.48 -65.37 75.81
C PHE B 2219 -2.98 -65.44 74.37
N LEU B 2220 -4.21 -65.92 74.21
CA LEU B 2220 -4.76 -66.13 72.87
C LEU B 2220 -4.89 -64.84 72.09
N ASP B 2221 -4.82 -63.68 72.73
CA ASP B 2221 -4.84 -62.39 72.06
C ASP B 2221 -3.47 -61.72 72.03
N CYS B 2222 -2.42 -62.46 72.41
CA CYS B 2222 -1.05 -61.96 72.39
C CYS B 2222 -0.89 -60.72 73.29
N THR B 2223 -1.08 -60.93 74.58
CA THR B 2223 -0.98 -59.86 75.56
C THR B 2223 0.12 -60.11 76.59
N ASN B 2224 -0.05 -61.16 77.39
CA ASN B 2224 0.91 -61.47 78.43
C ASN B 2224 2.07 -62.24 77.88
N ARG B 2225 2.99 -61.56 77.21
CA ARG B 2225 4.12 -62.23 76.60
C ARG B 2225 5.17 -62.57 77.64
N THR B 2226 5.58 -63.84 77.67
CA THR B 2226 6.65 -64.30 78.55
C THR B 2226 7.60 -65.15 77.72
N VAL B 2227 8.89 -65.05 78.03
CA VAL B 2227 9.92 -65.80 77.30
C VAL B 2227 10.14 -67.11 78.04
N LEU B 2228 9.63 -68.20 77.47
CA LEU B 2228 9.82 -69.50 78.09
C LEU B 2228 11.28 -69.92 78.06
N VAL B 2229 11.91 -69.85 76.90
CA VAL B 2229 13.30 -70.23 76.73
C VAL B 2229 14.03 -69.06 76.08
N SER B 2230 15.13 -68.63 76.71
CA SER B 2230 15.94 -67.56 76.19
C SER B 2230 17.41 -67.91 76.04
N GLU B 2231 17.87 -69.01 76.63
CA GLU B 2231 19.25 -69.41 76.59
C GLU B 2231 19.36 -70.82 76.05
N GLY B 2232 20.49 -71.12 75.40
CA GLY B 2232 20.67 -72.43 74.82
C GLY B 2232 19.78 -72.70 73.63
N ILE B 2233 19.32 -71.66 72.95
CA ILE B 2233 18.44 -71.78 71.79
C ILE B 2233 18.93 -70.80 70.74
N VAL B 2234 19.11 -71.28 69.52
CA VAL B 2234 19.66 -70.48 68.44
C VAL B 2234 18.70 -70.39 67.26
N THR B 2235 18.29 -71.53 66.71
CA THR B 2235 17.39 -71.57 65.57
C THR B 2235 16.25 -72.54 65.86
N PRO B 2236 15.28 -72.15 66.67
CA PRO B 2236 14.16 -73.04 66.97
C PRO B 2236 13.25 -73.23 65.76
N ARG B 2237 13.73 -74.02 64.80
CA ARG B 2237 13.02 -74.25 63.55
C ARG B 2237 12.03 -75.38 63.78
N GLY B 2238 10.82 -75.03 64.22
CA GLY B 2238 9.82 -76.03 64.51
C GLY B 2238 9.43 -76.06 65.96
N LEU B 2239 8.14 -76.20 66.24
CA LEU B 2239 7.61 -76.14 67.59
C LEU B 2239 6.37 -77.02 67.68
N ALA B 2240 6.18 -77.65 68.84
CA ALA B 2240 5.04 -78.53 69.04
C ALA B 2240 4.62 -78.49 70.50
N VAL B 2241 3.37 -78.86 70.74
CA VAL B 2241 2.79 -78.85 72.08
C VAL B 2241 2.25 -80.24 72.39
N ASP B 2242 2.62 -80.77 73.55
CA ASP B 2242 2.06 -82.02 74.04
C ASP B 2242 0.77 -81.70 74.78
N ARG B 2243 -0.36 -82.03 74.17
CA ARG B 2243 -1.65 -81.66 74.76
C ARG B 2243 -1.86 -82.34 76.10
N SER B 2244 -1.50 -83.63 76.20
CA SER B 2244 -1.82 -84.40 77.40
C SER B 2244 -1.05 -83.90 78.62
N ASP B 2245 0.27 -83.76 78.49
CA ASP B 2245 1.12 -83.47 79.63
C ASP B 2245 1.45 -81.99 79.78
N GLY B 2246 0.92 -81.15 78.91
CA GLY B 2246 1.19 -79.72 79.02
C GLY B 2246 2.66 -79.37 78.87
N TYR B 2247 3.34 -80.00 77.91
CA TYR B 2247 4.73 -79.70 77.61
C TYR B 2247 4.81 -79.03 76.24
N VAL B 2248 5.88 -78.28 76.03
CA VAL B 2248 6.13 -77.60 74.76
C VAL B 2248 7.43 -78.13 74.21
N TYR B 2249 7.36 -78.97 73.19
CA TYR B 2249 8.54 -79.53 72.57
C TYR B 2249 9.01 -78.63 71.41
N TRP B 2250 10.32 -78.60 71.20
CA TRP B 2250 10.87 -77.83 70.09
C TRP B 2250 12.14 -78.49 69.60
N VAL B 2251 12.51 -78.18 68.37
CA VAL B 2251 13.71 -78.70 67.73
C VAL B 2251 14.56 -77.53 67.26
N ASP B 2252 15.85 -77.59 67.54
CA ASP B 2252 16.79 -76.53 67.17
C ASP B 2252 17.85 -77.13 66.28
N ASP B 2253 17.77 -76.86 64.98
CA ASP B 2253 18.71 -77.47 64.03
C ASP B 2253 20.09 -76.84 64.14
N SER B 2254 20.19 -75.66 64.75
CA SER B 2254 21.50 -75.02 64.88
C SER B 2254 22.32 -75.66 65.99
N LEU B 2255 21.68 -76.05 67.08
CA LEU B 2255 22.37 -76.71 68.18
C LEU B 2255 22.17 -78.22 68.18
N ASP B 2256 21.46 -78.75 67.19
CA ASP B 2256 21.21 -80.18 67.05
C ASP B 2256 20.63 -80.75 68.34
N ILE B 2257 19.58 -80.10 68.82
CA ILE B 2257 18.98 -80.43 70.11
C ILE B 2257 17.47 -80.54 69.93
N ILE B 2258 16.88 -81.57 70.53
CA ILE B 2258 15.44 -81.71 70.65
C ILE B 2258 15.11 -81.66 72.13
N ALA B 2259 14.37 -80.63 72.54
CA ALA B 2259 14.16 -80.37 73.96
C ALA B 2259 12.68 -80.06 74.20
N ARG B 2260 12.27 -80.22 75.45
CA ARG B 2260 10.92 -79.90 75.87
C ARG B 2260 10.96 -79.01 77.09
N ILE B 2261 9.88 -78.29 77.32
CA ILE B 2261 9.72 -77.45 78.50
C ILE B 2261 8.24 -77.35 78.82
N ARG B 2262 7.92 -77.39 80.12
CA ARG B 2262 6.53 -77.27 80.51
C ARG B 2262 6.02 -75.87 80.21
N ILE B 2263 4.70 -75.74 80.08
CA ILE B 2263 4.11 -74.48 79.64
C ILE B 2263 4.46 -73.34 80.59
N ASN B 2264 4.50 -73.63 81.89
CA ASN B 2264 4.87 -72.62 82.88
C ASN B 2264 6.37 -72.61 83.17
N GLY B 2265 7.21 -72.52 82.14
CA GLY B 2265 8.65 -72.53 82.38
C GLY B 2265 9.08 -73.83 83.01
N GLU B 2266 9.70 -73.73 84.18
CA GLU B 2266 10.02 -74.88 85.05
C GLU B 2266 10.94 -75.83 84.28
N ASN B 2267 10.62 -77.12 84.21
CA ASN B 2267 11.57 -78.11 83.71
C ASN B 2267 11.89 -77.87 82.24
N SER B 2268 13.18 -77.91 81.92
CA SER B 2268 13.66 -77.81 80.55
C SER B 2268 14.69 -78.89 80.35
N GLU B 2269 14.32 -79.94 79.62
CA GLU B 2269 15.16 -81.12 79.46
C GLU B 2269 15.34 -81.44 78.00
N VAL B 2270 16.48 -82.04 77.68
CA VAL B 2270 16.87 -82.35 76.31
C VAL B 2270 16.44 -83.78 76.03
N ILE B 2271 15.52 -83.95 75.07
CA ILE B 2271 15.10 -85.30 74.70
C ILE B 2271 16.19 -86.00 73.90
N ARG B 2272 16.70 -85.35 72.87
CA ARG B 2272 17.74 -85.92 72.02
C ARG B 2272 18.73 -84.83 71.65
N TYR B 2273 19.97 -85.24 71.40
CA TYR B 2273 21.03 -84.31 71.04
C TYR B 2273 22.22 -85.10 70.51
N GLY B 2274 23.25 -84.38 70.13
CA GLY B 2274 24.52 -84.98 69.80
C GLY B 2274 24.88 -84.76 68.36
N SER B 2275 25.87 -85.52 67.90
CA SER B 2275 26.27 -85.44 66.49
C SER B 2275 25.14 -85.86 65.58
N ARG B 2276 24.40 -86.90 65.95
CA ARG B 2276 23.21 -87.27 65.22
C ARG B 2276 22.16 -86.17 65.38
N TYR B 2277 21.02 -86.34 64.72
CA TYR B 2277 20.00 -85.32 64.62
C TYR B 2277 20.61 -84.01 64.11
N PRO B 2278 21.19 -84.00 62.91
CA PRO B 2278 21.90 -82.78 62.47
C PRO B 2278 20.98 -81.63 62.15
N THR B 2279 19.85 -81.89 61.50
CA THR B 2279 18.91 -80.84 61.10
C THR B 2279 17.48 -81.29 61.29
N PRO B 2280 16.98 -81.30 62.53
CA PRO B 2280 15.54 -81.47 62.72
C PRO B 2280 14.81 -80.19 62.35
N TYR B 2281 13.79 -80.32 61.50
CA TYR B 2281 13.10 -79.17 60.95
C TYR B 2281 11.65 -79.03 61.38
N GLY B 2282 11.06 -80.06 61.99
CA GLY B 2282 9.68 -79.98 62.42
C GLY B 2282 9.31 -81.15 63.30
N ILE B 2283 8.64 -80.87 64.41
CA ILE B 2283 8.38 -81.89 65.42
C ILE B 2283 6.89 -81.86 65.75
N THR B 2284 6.36 -83.02 66.15
CA THR B 2284 5.01 -83.14 66.66
C THR B 2284 5.00 -84.23 67.71
N VAL B 2285 4.09 -84.12 68.68
CA VAL B 2285 4.05 -85.03 69.81
C VAL B 2285 2.73 -85.79 69.75
N PHE B 2286 2.81 -87.12 69.79
CA PHE B 2286 1.64 -87.98 69.77
C PHE B 2286 1.83 -89.08 70.81
N GLU B 2287 0.85 -89.24 71.70
CA GLU B 2287 0.92 -90.21 72.78
C GLU B 2287 2.21 -90.04 73.58
N ASN B 2288 3.05 -91.05 73.58
CA ASN B 2288 4.31 -91.03 74.32
C ASN B 2288 5.52 -90.95 73.38
N SER B 2289 5.31 -90.46 72.16
CA SER B 2289 6.37 -90.42 71.16
C SER B 2289 6.38 -89.06 70.48
N ILE B 2290 7.55 -88.67 69.98
CA ILE B 2290 7.72 -87.46 69.19
C ILE B 2290 8.13 -87.87 67.79
N ILE B 2291 7.46 -87.30 66.79
CA ILE B 2291 7.77 -87.56 65.39
C ILE B 2291 8.39 -86.30 64.81
N TRP B 2292 9.63 -86.40 64.35
CA TRP B 2292 10.32 -85.25 63.79
C TRP B 2292 10.94 -85.61 62.45
N VAL B 2293 10.98 -84.62 61.57
CA VAL B 2293 11.55 -84.78 60.23
C VAL B 2293 12.95 -84.19 60.26
N ASP B 2294 13.88 -84.88 59.62
CA ASP B 2294 15.26 -84.42 59.53
C ASP B 2294 15.59 -84.14 58.08
N ARG B 2295 16.01 -82.91 57.78
CA ARG B 2295 16.23 -82.53 56.40
C ARG B 2295 17.44 -83.24 55.80
N ASN B 2296 18.56 -83.25 56.51
CA ASN B 2296 19.78 -83.87 55.97
C ASN B 2296 19.62 -85.37 55.88
N LEU B 2297 19.08 -86.00 56.92
CA LEU B 2297 19.00 -87.45 56.93
C LEU B 2297 17.85 -87.97 56.07
N LYS B 2298 16.93 -87.10 55.65
CA LYS B 2298 15.84 -87.48 54.76
C LYS B 2298 14.99 -88.59 55.37
N LYS B 2299 14.78 -88.53 56.68
CA LYS B 2299 14.02 -89.57 57.37
C LYS B 2299 13.00 -88.92 58.29
N ILE B 2300 11.92 -89.64 58.54
CA ILE B 2300 10.88 -89.21 59.47
C ILE B 2300 11.02 -90.12 60.69
N PHE B 2301 11.77 -89.64 61.68
CA PHE B 2301 12.06 -90.46 62.84
C PHE B 2301 10.88 -90.47 63.80
N GLN B 2302 10.97 -91.37 64.79
CA GLN B 2302 10.02 -91.43 65.89
C GLN B 2302 10.71 -92.04 67.10
N ALA B 2303 10.56 -91.41 68.25
CA ALA B 2303 11.22 -91.87 69.46
C ALA B 2303 10.35 -91.50 70.65
N SER B 2304 10.65 -92.11 71.79
CA SER B 2304 9.89 -91.84 73.01
C SER B 2304 10.05 -90.38 73.42
N LYS B 2305 8.93 -89.76 73.77
CA LYS B 2305 8.96 -88.33 74.10
C LYS B 2305 9.63 -88.08 75.45
N GLU B 2306 9.63 -89.06 76.34
CA GLU B 2306 10.24 -88.87 77.64
C GLU B 2306 11.75 -88.76 77.49
N PRO B 2307 12.41 -87.90 78.25
CA PRO B 2307 13.87 -87.78 78.15
C PRO B 2307 14.57 -88.98 78.76
N GLU B 2308 15.89 -88.96 78.64
CA GLU B 2308 16.82 -89.96 79.17
C GLU B 2308 16.67 -91.31 78.49
N ASN B 2309 15.78 -91.46 77.51
CA ASN B 2309 15.69 -92.70 76.76
C ASN B 2309 16.87 -92.85 75.82
N THR B 2310 17.29 -94.08 75.60
CA THR B 2310 18.44 -94.37 74.75
C THR B 2310 18.13 -95.27 73.57
N GLU B 2311 16.90 -95.77 73.44
CA GLU B 2311 16.56 -96.61 72.31
C GLU B 2311 16.68 -95.81 71.01
N PRO B 2312 17.24 -96.39 69.95
CA PRO B 2312 17.41 -95.65 68.70
C PRO B 2312 16.07 -95.29 68.10
N PRO B 2313 16.00 -94.17 67.38
CA PRO B 2313 14.72 -93.73 66.82
C PRO B 2313 14.20 -94.69 65.77
N THR B 2314 12.87 -94.81 65.72
CA THR B 2314 12.23 -95.59 64.66
C THR B 2314 12.03 -94.73 63.43
N VAL B 2315 12.35 -95.29 62.27
CA VAL B 2315 12.28 -94.57 61.00
C VAL B 2315 10.95 -94.93 60.35
N ILE B 2316 10.13 -93.91 60.10
CA ILE B 2316 8.83 -94.15 59.45
C ILE B 2316 8.98 -94.18 57.94
N ARG B 2317 9.74 -93.25 57.38
CA ARG B 2317 10.02 -93.21 55.95
C ARG B 2317 11.44 -92.75 55.76
N ASP B 2318 11.98 -93.05 54.58
CA ASP B 2318 13.37 -92.74 54.28
C ASP B 2318 13.47 -92.24 52.85
N ASN B 2319 14.56 -91.53 52.56
CA ASN B 2319 14.95 -91.02 51.26
C ASN B 2319 14.02 -89.92 50.79
N ILE B 2320 13.22 -89.31 51.66
CA ILE B 2320 12.36 -88.22 51.24
C ILE B 2320 13.14 -86.92 51.28
N ASN B 2321 13.09 -86.17 50.18
CA ASN B 2321 13.86 -84.94 50.06
C ASN B 2321 13.04 -83.73 50.48
N TRP B 2322 13.75 -82.70 50.94
CA TRP B 2322 13.16 -81.41 51.25
C TRP B 2322 12.07 -81.52 52.32
N LEU B 2323 12.38 -82.25 53.39
CA LEU B 2323 11.45 -82.35 54.51
C LEU B 2323 11.35 -81.01 55.25
N ARG B 2324 10.13 -80.60 55.56
CA ARG B 2324 9.93 -79.33 56.24
C ARG B 2324 9.26 -79.45 57.60
N ASP B 2325 8.09 -80.07 57.65
CA ASP B 2325 7.28 -80.08 58.86
C ASP B 2325 6.41 -81.33 58.89
N VAL B 2326 5.97 -81.68 60.10
CA VAL B 2326 5.12 -82.83 60.34
C VAL B 2326 4.12 -82.47 61.43
N THR B 2327 2.88 -82.94 61.26
CA THR B 2327 1.86 -82.80 62.29
C THR B 2327 1.00 -84.06 62.31
N ILE B 2328 0.35 -84.28 63.44
CA ILE B 2328 -0.45 -85.48 63.66
C ILE B 2328 -1.92 -85.14 63.44
N PHE B 2329 -2.60 -85.98 62.68
CA PHE B 2329 -4.02 -85.81 62.38
C PHE B 2329 -4.77 -86.90 63.14
N ASP B 2330 -5.25 -86.55 64.33
CA ASP B 2330 -6.00 -87.50 65.14
C ASP B 2330 -6.98 -86.75 66.02
N LYS B 2331 -8.12 -87.37 66.30
CA LYS B 2331 -9.10 -86.74 67.18
C LYS B 2331 -8.61 -86.66 68.61
N GLN B 2332 -7.66 -87.52 68.99
CA GLN B 2332 -7.14 -87.50 70.35
C GLN B 2332 -6.42 -86.20 70.65
N VAL B 2333 -5.62 -85.71 69.70
CA VAL B 2333 -4.79 -84.54 69.96
C VAL B 2333 -5.57 -83.24 69.86
N GLN B 2334 -6.83 -83.29 69.42
CA GLN B 2334 -7.69 -82.11 69.34
C GLN B 2334 -9.03 -82.41 69.99
N PRO B 2335 -9.07 -82.51 71.32
CA PRO B 2335 -10.34 -82.76 71.99
C PRO B 2335 -11.31 -81.60 71.84
N ARG B 2336 -12.59 -81.90 71.84
CA ARG B 2336 -13.63 -80.88 71.75
C ARG B 2336 -14.68 -80.96 72.83
N SER B 2337 -14.64 -81.97 73.69
CA SER B 2337 -15.60 -82.06 74.77
C SER B 2337 -15.37 -80.90 75.75
N PRO B 2338 -16.43 -80.30 76.29
CA PRO B 2338 -16.24 -79.14 77.17
C PRO B 2338 -15.36 -79.42 78.37
N ALA B 2339 -15.45 -80.62 78.94
CA ALA B 2339 -14.58 -80.97 80.05
C ALA B 2339 -13.13 -81.06 79.60
N GLU B 2340 -12.90 -81.45 78.35
CA GLU B 2340 -11.54 -81.66 77.87
C GLU B 2340 -10.82 -80.34 77.67
N VAL B 2341 -11.55 -79.27 77.38
CA VAL B 2341 -10.94 -77.98 77.04
C VAL B 2341 -11.04 -77.04 78.24
N ASN B 2342 -11.20 -77.59 79.43
CA ASN B 2342 -11.27 -76.80 80.66
C ASN B 2342 -12.34 -75.74 80.58
N ASN B 2343 -13.47 -76.10 79.96
CA ASN B 2343 -14.62 -75.20 79.83
C ASN B 2343 -14.24 -73.93 79.08
N ASN B 2344 -13.76 -74.10 77.86
CA ASN B 2344 -13.40 -72.95 77.04
C ASN B 2344 -14.66 -72.18 76.67
N PRO B 2345 -14.75 -70.89 77.00
CA PRO B 2345 -15.97 -70.14 76.68
C PRO B 2345 -16.25 -70.02 75.20
N CYS B 2346 -15.22 -69.96 74.37
CA CYS B 2346 -15.41 -69.79 72.93
C CYS B 2346 -15.83 -71.08 72.22
N LEU B 2347 -16.21 -72.11 72.96
CA LEU B 2347 -16.55 -73.38 72.33
C LEU B 2347 -17.85 -73.29 71.54
N GLU B 2348 -18.83 -72.53 72.03
CA GLU B 2348 -20.17 -72.50 71.45
C GLU B 2348 -20.48 -71.11 70.91
N ASN B 2349 -20.97 -71.07 69.67
CA ASN B 2349 -21.46 -69.84 69.04
C ASN B 2349 -20.42 -68.74 69.07
N ASN B 2350 -19.15 -69.13 68.96
CA ASN B 2350 -18.02 -68.20 69.05
C ASN B 2350 -18.10 -67.39 70.35
N GLY B 2351 -18.62 -68.02 71.40
CA GLY B 2351 -18.76 -67.34 72.67
C GLY B 2351 -19.71 -66.17 72.65
N GLY B 2352 -20.51 -66.05 71.60
CA GLY B 2352 -21.39 -64.92 71.44
C GLY B 2352 -20.72 -63.66 70.92
N CYS B 2353 -19.41 -63.69 70.70
CA CYS B 2353 -18.71 -62.53 70.17
C CYS B 2353 -19.10 -62.31 68.72
N SER B 2354 -19.27 -61.04 68.34
CA SER B 2354 -19.59 -60.74 66.95
C SER B 2354 -18.42 -61.00 66.02
N HIS B 2355 -17.23 -60.52 66.38
CA HIS B 2355 -16.09 -60.63 65.49
C HIS B 2355 -15.12 -61.75 65.89
N LEU B 2356 -14.54 -61.65 67.08
CA LEU B 2356 -13.52 -62.60 67.51
C LEU B 2356 -13.71 -62.97 68.96
N CYS B 2357 -13.48 -64.24 69.28
CA CYS B 2357 -13.60 -64.75 70.64
C CYS B 2357 -12.23 -65.25 71.10
N PHE B 2358 -11.77 -64.73 72.24
CA PHE B 2358 -10.52 -65.16 72.84
C PHE B 2358 -10.79 -65.58 74.26
N ALA B 2359 -10.29 -66.76 74.63
CA ALA B 2359 -10.44 -67.27 76.00
C ALA B 2359 -9.18 -66.92 76.78
N LEU B 2360 -9.32 -66.06 77.77
CA LEU B 2360 -8.11 -65.78 78.53
C LEU B 2360 -8.04 -66.66 79.77
N PRO B 2361 -6.86 -66.99 80.25
CA PRO B 2361 -6.75 -67.81 81.47
C PRO B 2361 -7.39 -67.11 82.65
N GLY B 2362 -8.06 -67.89 83.49
CA GLY B 2362 -8.70 -67.39 84.70
C GLY B 2362 -10.05 -66.73 84.45
N LEU B 2363 -10.18 -66.03 83.33
CA LEU B 2363 -11.42 -65.32 82.99
C LEU B 2363 -12.38 -66.29 82.32
N HIS B 2364 -13.47 -66.60 83.01
CA HIS B 2364 -14.44 -67.55 82.46
C HIS B 2364 -15.27 -66.92 81.35
N THR B 2365 -15.45 -65.60 81.41
CA THR B 2365 -16.23 -64.93 80.38
C THR B 2365 -15.40 -64.80 79.10
N PRO B 2366 -16.01 -65.00 77.94
CA PRO B 2366 -15.27 -64.92 76.68
C PRO B 2366 -14.95 -63.48 76.27
N LYS B 2367 -13.68 -63.10 76.35
CA LYS B 2367 -13.28 -61.78 75.90
C LYS B 2367 -13.47 -61.66 74.39
N CYS B 2368 -14.11 -60.59 73.96
CA CYS B 2368 -14.42 -60.36 72.56
C CYS B 2368 -13.62 -59.19 72.03
N ASP B 2369 -13.07 -59.33 70.84
CA ASP B 2369 -12.39 -58.26 70.14
C ASP B 2369 -13.11 -57.98 68.83
N CYS B 2370 -12.61 -56.99 68.10
CA CYS B 2370 -13.23 -56.54 66.86
C CYS B 2370 -12.18 -56.50 65.76
N ALA B 2371 -12.50 -57.09 64.61
CA ALA B 2371 -11.64 -56.96 63.45
C ALA B 2371 -11.59 -55.53 62.96
N PHE B 2372 -12.70 -54.81 63.08
CA PHE B 2372 -12.77 -53.40 62.72
C PHE B 2372 -13.74 -52.71 63.66
N GLY B 2373 -13.63 -51.39 63.74
CA GLY B 2373 -14.47 -50.64 64.66
C GLY B 2373 -14.00 -50.80 66.10
N THR B 2374 -14.96 -50.75 67.01
CA THR B 2374 -14.67 -50.88 68.43
C THR B 2374 -15.74 -51.73 69.11
N LEU B 2375 -15.36 -52.35 70.23
CA LEU B 2375 -16.29 -53.14 71.00
C LEU B 2375 -17.21 -52.23 71.80
N GLN B 2376 -18.50 -52.51 71.74
CA GLN B 2376 -19.48 -51.68 72.43
C GLN B 2376 -19.59 -52.07 73.89
N SER B 2377 -20.46 -51.34 74.60
CA SER B 2377 -20.63 -51.59 76.03
C SER B 2377 -21.22 -52.98 76.30
N ASP B 2378 -21.98 -53.52 75.34
CA ASP B 2378 -22.53 -54.86 75.52
C ASP B 2378 -21.43 -55.91 75.61
N GLY B 2379 -20.26 -55.63 75.03
CA GLY B 2379 -19.15 -56.55 75.09
C GLY B 2379 -19.18 -57.66 74.07
N LYS B 2380 -20.20 -57.73 73.23
CA LYS B 2380 -20.30 -58.77 72.23
C LYS B 2380 -20.65 -58.27 70.83
N ASN B 2381 -20.70 -56.96 70.63
CA ASN B 2381 -21.00 -56.38 69.33
C ASN B 2381 -19.99 -55.29 69.01
N CYS B 2382 -19.71 -55.12 67.72
CA CYS B 2382 -18.73 -54.17 67.25
C CYS B 2382 -19.40 -53.12 66.37
N ALA B 2383 -19.13 -51.85 66.66
CA ALA B 2383 -19.65 -50.73 65.88
C ALA B 2383 -18.50 -49.81 65.49
N ILE B 2384 -18.82 -48.82 64.66
CA ILE B 2384 -17.79 -47.93 64.13
C ILE B 2384 -17.20 -47.09 65.26
N SER B 2385 -15.88 -46.92 65.23
CA SER B 2385 -15.21 -46.15 66.27
C SER B 2385 -15.64 -44.69 66.23
N THR B 2386 -15.81 -44.11 67.41
CA THR B 2386 -16.26 -42.73 67.54
C THR B 2386 -15.13 -41.74 67.73
N GLU B 2387 -13.88 -42.21 67.72
CA GLU B 2387 -12.73 -41.34 67.88
C GLU B 2387 -12.21 -40.93 66.51
N ASN B 2388 -11.48 -39.81 66.48
CA ASN B 2388 -10.91 -39.32 65.24
C ASN B 2388 -9.83 -40.28 64.74
N PHE B 2389 -9.75 -40.42 63.41
CA PHE B 2389 -8.82 -41.35 62.80
C PHE B 2389 -8.47 -40.87 61.40
N LEU B 2390 -7.41 -41.45 60.85
CA LEU B 2390 -7.00 -41.16 59.49
C LEU B 2390 -7.78 -42.00 58.50
N ILE B 2391 -7.88 -41.50 57.27
CA ILE B 2391 -8.37 -42.28 56.14
C ILE B 2391 -7.38 -42.11 54.99
N PHE B 2392 -6.99 -43.22 54.38
CA PHE B 2392 -6.01 -43.22 53.31
C PHE B 2392 -6.50 -44.10 52.17
N ALA B 2393 -6.24 -43.65 50.96
CA ALA B 2393 -6.74 -44.29 49.74
C ALA B 2393 -5.62 -45.08 49.10
N LEU B 2394 -5.74 -46.41 49.12
CA LEU B 2394 -4.87 -47.27 48.34
C LEU B 2394 -5.39 -47.33 46.90
N SER B 2395 -4.62 -47.95 46.02
CA SER B 2395 -5.01 -47.97 44.62
C SER B 2395 -6.44 -48.43 44.40
N ASN B 2396 -6.75 -49.64 44.82
CA ASN B 2396 -8.09 -50.18 44.56
C ASN B 2396 -9.04 -50.09 45.74
N SER B 2397 -8.63 -49.44 46.82
CA SER B 2397 -9.50 -49.43 48.00
C SER B 2397 -9.27 -48.24 48.92
N LEU B 2398 -10.23 -47.99 49.81
CA LEU B 2398 -10.09 -46.90 50.76
C LEU B 2398 -10.05 -47.51 52.14
N ARG B 2399 -9.08 -47.10 52.96
CA ARG B 2399 -8.93 -47.71 54.27
C ARG B 2399 -8.88 -46.68 55.39
N SER B 2400 -8.72 -47.15 56.62
CA SER B 2400 -8.64 -46.23 57.74
C SER B 2400 -7.61 -46.73 58.74
N LEU B 2401 -7.06 -45.81 59.54
CA LEU B 2401 -6.02 -46.13 60.51
C LEU B 2401 -6.22 -45.26 61.74
N HIS B 2402 -6.21 -45.89 62.92
CA HIS B 2402 -6.32 -45.13 64.15
C HIS B 2402 -5.08 -44.28 64.36
N LEU B 2403 -5.24 -43.21 65.14
CA LEU B 2403 -4.10 -42.36 65.47
C LEU B 2403 -3.11 -43.09 66.36
N ASP B 2404 -3.61 -43.92 67.27
CA ASP B 2404 -2.74 -44.65 68.17
C ASP B 2404 -2.06 -45.80 67.44
N PRO B 2405 -0.72 -45.82 67.35
CA PRO B 2405 -0.07 -46.94 66.67
C PRO B 2405 -0.33 -48.28 67.33
N GLU B 2406 -0.52 -48.30 68.65
CA GLU B 2406 -0.72 -49.56 69.36
C GLU B 2406 -2.00 -50.25 68.90
N ASN B 2407 -3.07 -49.51 68.73
CA ASN B 2407 -4.33 -50.10 68.26
C ASN B 2407 -4.26 -50.35 66.77
N HIS B 2408 -4.35 -51.62 66.37
CA HIS B 2408 -4.23 -52.02 64.99
C HIS B 2408 -5.56 -52.29 64.30
N SER B 2409 -6.65 -52.38 65.06
CA SER B 2409 -7.95 -52.63 64.47
C SER B 2409 -8.38 -51.41 63.66
N PRO B 2410 -8.66 -51.58 62.37
CA PRO B 2410 -9.07 -50.44 61.55
C PRO B 2410 -10.36 -49.82 62.07
N PRO B 2411 -10.50 -48.50 61.97
CA PRO B 2411 -11.76 -47.87 62.40
C PRO B 2411 -12.98 -48.41 61.69
N PHE B 2412 -12.87 -48.72 60.40
CA PHE B 2412 -13.92 -49.41 59.68
C PHE B 2412 -13.30 -50.35 58.66
N GLN B 2413 -14.08 -51.34 58.25
CA GLN B 2413 -13.58 -52.36 57.33
C GLN B 2413 -13.19 -51.73 56.00
N THR B 2414 -12.10 -52.19 55.41
CA THR B 2414 -11.63 -51.60 54.16
C THR B 2414 -12.69 -51.65 53.08
N ILE B 2415 -12.82 -50.56 52.33
CA ILE B 2415 -13.79 -50.52 51.24
C ILE B 2415 -13.07 -50.50 49.89
N ASN B 2416 -13.15 -51.62 49.18
CA ASN B 2416 -12.52 -51.69 47.87
C ASN B 2416 -13.28 -50.81 46.90
N VAL B 2417 -12.56 -50.00 46.13
CA VAL B 2417 -13.21 -49.08 45.20
C VAL B 2417 -12.78 -49.33 43.77
N GLU B 2418 -12.72 -48.27 42.97
CA GLU B 2418 -12.34 -48.41 41.57
C GLU B 2418 -10.87 -48.72 41.42
N ARG B 2419 -10.43 -48.97 40.19
CA ARG B 2419 -9.04 -49.32 39.95
C ARG B 2419 -8.09 -48.33 40.59
N THR B 2420 -8.40 -47.04 40.48
CA THR B 2420 -7.52 -46.02 41.03
C THR B 2420 -8.27 -44.87 41.68
N VAL B 2421 -7.82 -44.47 42.87
CA VAL B 2421 -8.43 -43.33 43.54
C VAL B 2421 -7.30 -42.42 43.97
N MET B 2422 -7.52 -41.11 43.97
CA MET B 2422 -6.42 -40.20 44.28
C MET B 2422 -6.69 -39.16 45.37
N SER B 2423 -7.76 -39.32 46.13
CA SER B 2423 -8.00 -38.40 47.23
C SER B 2423 -9.16 -38.91 48.07
N LEU B 2424 -9.23 -38.42 49.32
CA LEU B 2424 -10.28 -38.80 50.26
C LEU B 2424 -10.75 -37.56 51.00
N ASP B 2425 -12.06 -37.43 51.16
CA ASP B 2425 -12.66 -36.39 51.99
C ASP B 2425 -13.93 -36.95 52.61
N TYR B 2426 -14.03 -36.87 53.93
CA TYR B 2426 -15.13 -37.50 54.67
C TYR B 2426 -16.10 -36.45 55.17
N ASP B 2427 -17.39 -36.71 55.01
CA ASP B 2427 -18.41 -35.80 55.50
C ASP B 2427 -19.17 -36.50 56.60
N SER B 2428 -18.84 -36.19 57.84
CA SER B 2428 -19.50 -36.84 58.97
C SER B 2428 -20.99 -36.71 58.87
N VAL B 2429 -21.47 -35.49 58.65
CA VAL B 2429 -22.90 -35.24 58.57
C VAL B 2429 -23.58 -36.37 57.82
N SER B 2430 -23.05 -36.70 56.65
CA SER B 2430 -23.63 -37.76 55.84
C SER B 2430 -22.90 -39.09 55.99
N ASP B 2431 -21.85 -39.14 56.80
CA ASP B 2431 -21.10 -40.37 57.07
C ASP B 2431 -20.60 -41.01 55.76
N ARG B 2432 -20.06 -40.17 54.89
CA ARG B 2432 -19.58 -40.64 53.60
C ARG B 2432 -18.22 -40.02 53.30
N ILE B 2433 -17.40 -40.76 52.54
CA ILE B 2433 -16.05 -40.32 52.19
C ILE B 2433 -16.00 -40.09 50.70
N TYR B 2434 -15.86 -38.84 50.28
CA TYR B 2434 -15.75 -38.53 48.86
C TYR B 2434 -14.37 -38.92 48.36
N PHE B 2435 -14.32 -39.54 47.19
CA PHE B 2435 -13.05 -39.97 46.62
C PHE B 2435 -13.04 -39.79 45.11
N THR B 2436 -11.91 -39.34 44.58
CA THR B 2436 -11.80 -39.12 43.14
C THR B 2436 -11.31 -40.38 42.43
N GLN B 2437 -12.20 -41.33 42.22
CA GLN B 2437 -11.80 -42.58 41.59
C GLN B 2437 -11.49 -42.38 40.11
N ASN B 2438 -10.21 -42.35 39.79
CA ASN B 2438 -9.79 -42.22 38.40
C ASN B 2438 -9.78 -43.60 37.75
N LEU B 2439 -10.97 -44.03 37.32
CA LEU B 2439 -11.10 -45.37 36.76
C LEU B 2439 -9.97 -45.67 35.80
N ALA B 2440 -9.89 -44.89 34.73
CA ALA B 2440 -8.85 -45.10 33.75
C ALA B 2440 -7.90 -43.93 33.78
N SER B 2441 -6.97 -43.90 32.82
CA SER B 2441 -6.05 -42.78 32.71
C SER B 2441 -6.80 -41.49 32.41
N GLY B 2442 -7.76 -41.55 31.48
CA GLY B 2442 -8.52 -40.37 31.11
C GLY B 2442 -9.90 -40.31 31.74
N VAL B 2443 -10.39 -41.42 32.27
CA VAL B 2443 -11.74 -41.48 32.82
C VAL B 2443 -11.73 -41.12 34.29
N GLY B 2444 -11.84 -39.83 34.59
CA GLY B 2444 -11.96 -39.40 35.97
C GLY B 2444 -13.39 -39.46 36.47
N GLN B 2445 -13.52 -39.46 37.79
CA GLN B 2445 -14.84 -39.57 38.41
C GLN B 2445 -14.74 -39.21 39.88
N ILE B 2446 -15.72 -38.43 40.35
CA ILE B 2446 -15.88 -38.13 41.77
C ILE B 2446 -16.92 -39.08 42.33
N SER B 2447 -16.67 -39.60 43.52
CA SER B 2447 -17.61 -40.52 44.14
C SER B 2447 -17.43 -40.51 45.65
N TYR B 2448 -18.46 -40.97 46.35
CA TYR B 2448 -18.42 -41.15 47.79
C TYR B 2448 -19.06 -42.48 48.15
N ALA B 2449 -18.70 -42.98 49.34
CA ALA B 2449 -19.27 -44.21 49.88
C ALA B 2449 -19.61 -43.98 51.34
N THR B 2450 -20.83 -44.34 51.73
CA THR B 2450 -21.24 -44.22 53.12
C THR B 2450 -20.63 -45.34 53.96
N LEU B 2451 -20.04 -44.98 55.10
CA LEU B 2451 -19.34 -45.95 55.92
C LEU B 2451 -20.29 -47.02 56.46
N SER B 2452 -21.37 -46.59 57.10
CA SER B 2452 -22.33 -47.51 57.70
C SER B 2452 -23.50 -47.77 56.75
N SER B 2453 -23.18 -48.41 55.63
CA SER B 2453 -24.16 -48.69 54.59
C SER B 2453 -23.97 -50.10 54.03
N GLY B 2454 -23.35 -50.98 54.81
CA GLY B 2454 -23.07 -52.32 54.32
C GLY B 2454 -22.19 -52.27 53.09
N ILE B 2455 -22.60 -52.97 52.04
CA ILE B 2455 -21.86 -52.99 50.79
C ILE B 2455 -22.26 -51.76 49.98
N HIS B 2456 -21.52 -50.67 50.16
CA HIS B 2456 -21.85 -49.42 49.48
C HIS B 2456 -21.22 -49.37 48.10
N THR B 2457 -21.97 -48.87 47.12
CA THR B 2457 -21.46 -48.72 45.76
C THR B 2457 -21.13 -47.27 45.50
N PRO B 2458 -19.97 -46.97 44.89
CA PRO B 2458 -19.56 -45.57 44.70
C PRO B 2458 -20.61 -44.71 44.00
N THR B 2459 -21.02 -43.63 44.64
CA THR B 2459 -22.01 -42.75 44.06
C THR B 2459 -21.38 -41.90 42.96
N VAL B 2460 -21.81 -42.13 41.72
CA VAL B 2460 -21.20 -41.50 40.55
C VAL B 2460 -21.69 -40.06 40.48
N ILE B 2461 -20.78 -39.11 40.69
CA ILE B 2461 -21.07 -37.69 40.56
C ILE B 2461 -19.91 -37.03 39.83
N ALA B 2462 -20.23 -36.09 38.93
CA ALA B 2462 -19.23 -35.32 38.20
C ALA B 2462 -18.25 -36.24 37.48
N SER B 2463 -18.78 -37.30 36.87
CA SER B 2463 -17.93 -38.29 36.19
C SER B 2463 -17.37 -37.76 34.88
N GLY B 2464 -17.82 -36.59 34.42
CA GLY B 2464 -17.35 -36.08 33.15
C GLY B 2464 -15.91 -35.60 33.18
N ILE B 2465 -15.39 -35.31 34.37
CA ILE B 2465 -14.02 -34.79 34.46
C ILE B 2465 -13.03 -35.85 33.99
N GLY B 2466 -11.89 -35.39 33.49
CA GLY B 2466 -10.84 -36.29 33.08
C GLY B 2466 -9.86 -36.55 34.20
N THR B 2467 -8.57 -36.41 33.91
CA THR B 2467 -7.54 -36.54 34.96
C THR B 2467 -7.79 -35.52 36.05
N ALA B 2468 -7.90 -36.01 37.29
CA ALA B 2468 -8.16 -35.14 38.43
C ALA B 2468 -7.83 -35.90 39.71
N ASP B 2469 -7.15 -35.21 40.63
CA ASP B 2469 -6.77 -35.80 41.90
C ASP B 2469 -7.01 -34.85 43.05
N GLY B 2470 -8.15 -34.16 43.07
CA GLY B 2470 -8.41 -33.22 44.13
C GLY B 2470 -9.86 -33.13 44.54
N ILE B 2471 -10.14 -33.30 45.83
CA ILE B 2471 -11.48 -33.20 46.38
C ILE B 2471 -11.39 -32.51 47.74
N ALA B 2472 -12.32 -31.60 48.00
CA ALA B 2472 -12.46 -31.02 49.33
C ALA B 2472 -13.92 -30.66 49.56
N PHE B 2473 -14.45 -31.07 50.70
CA PHE B 2473 -15.85 -30.84 51.05
C PHE B 2473 -15.91 -29.86 52.22
N ASP B 2474 -16.63 -28.77 52.03
CA ASP B 2474 -16.78 -27.78 53.10
C ASP B 2474 -18.08 -28.01 53.85
N TRP B 2475 -17.97 -28.42 55.10
CA TRP B 2475 -19.15 -28.65 55.91
C TRP B 2475 -19.90 -27.35 56.15
N ILE B 2476 -19.16 -26.29 56.47
CA ILE B 2476 -19.80 -25.01 56.77
C ILE B 2476 -20.88 -24.68 55.76
N THR B 2477 -20.71 -25.10 54.52
CA THR B 2477 -21.69 -24.82 53.49
C THR B 2477 -22.21 -26.07 52.79
N ARG B 2478 -21.72 -27.25 53.16
CA ARG B 2478 -22.13 -28.51 52.56
C ARG B 2478 -21.96 -28.48 51.04
N ARG B 2479 -20.75 -28.15 50.60
CA ARG B 2479 -20.44 -28.05 49.19
C ARG B 2479 -19.13 -28.74 48.87
N ILE B 2480 -19.08 -29.43 47.74
CA ILE B 2480 -17.86 -30.07 47.29
C ILE B 2480 -17.06 -29.10 46.41
N TYR B 2481 -15.75 -29.30 46.39
CA TYR B 2481 -14.83 -28.42 45.66
C TYR B 2481 -13.97 -29.25 44.72
N TYR B 2482 -14.63 -30.14 43.97
CA TYR B 2482 -13.95 -31.01 43.03
C TYR B 2482 -13.18 -30.20 41.98
N SER B 2483 -11.94 -30.59 41.73
CA SER B 2483 -11.07 -29.89 40.80
C SER B 2483 -11.03 -30.65 39.47
N ASP B 2484 -11.34 -29.96 38.37
CA ASP B 2484 -11.27 -30.56 37.04
C ASP B 2484 -9.96 -30.14 36.38
N TYR B 2485 -8.94 -30.95 36.62
CA TYR B 2485 -7.63 -30.66 36.05
C TYR B 2485 -7.63 -30.77 34.54
N LEU B 2486 -8.44 -31.67 33.99
CA LEU B 2486 -8.48 -31.86 32.54
C LEU B 2486 -8.93 -30.58 31.84
N ASN B 2487 -9.97 -29.93 32.36
CA ASN B 2487 -10.49 -28.70 31.78
C ASN B 2487 -9.82 -27.46 32.36
N GLN B 2488 -8.85 -27.64 33.25
CA GLN B 2488 -8.09 -26.54 33.84
C GLN B 2488 -9.00 -25.53 34.52
N MET B 2489 -9.79 -26.02 35.47
CA MET B 2489 -10.70 -25.15 36.21
C MET B 2489 -11.03 -25.81 37.55
N ILE B 2490 -10.94 -25.02 38.62
CA ILE B 2490 -11.35 -25.49 39.95
C ILE B 2490 -12.82 -25.14 40.13
N ASN B 2491 -13.67 -26.16 40.23
CA ASN B 2491 -15.10 -25.98 40.27
C ASN B 2491 -15.62 -26.27 41.68
N SER B 2492 -16.82 -25.79 41.95
CA SER B 2492 -17.53 -26.08 43.19
C SER B 2492 -18.85 -26.75 42.87
N MET B 2493 -19.25 -27.67 43.74
CA MET B 2493 -20.45 -28.47 43.54
C MET B 2493 -21.23 -28.55 44.84
N ALA B 2494 -22.53 -28.85 44.72
CA ALA B 2494 -23.38 -28.98 45.89
C ALA B 2494 -23.03 -30.24 46.66
N GLU B 2495 -23.72 -30.44 47.79
CA GLU B 2495 -23.51 -31.64 48.59
C GLU B 2495 -23.82 -32.90 47.78
N ASP B 2496 -24.90 -32.86 46.99
CA ASP B 2496 -25.18 -33.91 46.03
C ASP B 2496 -24.58 -33.61 44.66
N GLY B 2497 -24.03 -32.41 44.47
CA GLY B 2497 -23.36 -32.06 43.23
C GLY B 2497 -24.24 -31.44 42.16
N SER B 2498 -25.43 -30.97 42.55
CA SER B 2498 -26.37 -30.37 41.58
C SER B 2498 -25.91 -28.96 41.17
N ASN B 2499 -25.52 -28.14 42.15
CA ASN B 2499 -25.11 -26.74 41.87
C ASN B 2499 -23.65 -26.71 41.40
N ARG B 2500 -23.43 -26.70 40.08
CA ARG B 2500 -22.07 -26.67 39.55
C ARG B 2500 -21.66 -25.24 39.25
N THR B 2501 -20.54 -24.81 39.83
CA THR B 2501 -19.96 -23.50 39.57
C THR B 2501 -18.45 -23.62 39.56
N VAL B 2502 -17.80 -22.91 38.64
CA VAL B 2502 -16.33 -22.90 38.59
C VAL B 2502 -15.83 -21.69 39.36
N ILE B 2503 -15.26 -21.93 40.54
CA ILE B 2503 -14.75 -20.84 41.37
C ILE B 2503 -13.57 -20.17 40.69
N ALA B 2504 -12.63 -20.96 40.16
CA ALA B 2504 -11.45 -20.43 39.51
C ALA B 2504 -10.96 -21.44 38.49
N ARG B 2505 -10.06 -20.97 37.62
CA ARG B 2505 -9.46 -21.82 36.59
C ARG B 2505 -7.96 -21.83 36.78
N VAL B 2506 -7.38 -23.01 36.86
CA VAL B 2506 -5.96 -23.21 37.15
C VAL B 2506 -5.38 -24.11 36.07
N PRO B 2507 -4.19 -23.80 35.54
CA PRO B 2507 -3.62 -24.67 34.49
C PRO B 2507 -3.45 -26.12 34.92
N LYS B 2508 -3.02 -26.38 36.14
CA LYS B 2508 -2.79 -27.74 36.63
C LYS B 2508 -3.15 -27.81 38.12
N PRO B 2509 -4.45 -27.86 38.44
CA PRO B 2509 -4.85 -27.93 39.85
C PRO B 2509 -4.93 -29.36 40.37
N ARG B 2510 -4.20 -29.67 41.44
CA ARG B 2510 -4.23 -31.02 42.00
C ARG B 2510 -4.69 -31.04 43.45
N ALA B 2511 -4.09 -30.21 44.29
CA ALA B 2511 -4.36 -30.23 45.73
C ALA B 2511 -5.27 -29.06 46.11
N ILE B 2512 -6.17 -29.31 47.05
CA ILE B 2512 -7.16 -28.31 47.48
C ILE B 2512 -7.23 -28.33 49.00
N VAL B 2513 -7.25 -27.14 49.61
CA VAL B 2513 -7.42 -26.98 51.05
C VAL B 2513 -8.49 -25.94 51.31
N LEU B 2514 -9.39 -26.24 52.24
CA LEU B 2514 -10.46 -25.33 52.62
C LEU B 2514 -10.22 -24.80 54.02
N ASP B 2515 -10.48 -23.50 54.21
CA ASP B 2515 -10.46 -22.85 55.52
C ASP B 2515 -11.78 -22.10 55.67
N PRO B 2516 -12.88 -22.82 55.93
CA PRO B 2516 -14.20 -22.16 55.92
C PRO B 2516 -14.32 -21.03 56.93
N CYS B 2517 -13.74 -21.17 58.10
CA CYS B 2517 -13.78 -20.10 59.07
C CYS B 2517 -13.20 -18.85 58.43
N GLN B 2518 -11.98 -18.97 57.90
CA GLN B 2518 -11.38 -17.85 57.18
C GLN B 2518 -11.94 -17.69 55.79
N GLY B 2519 -12.73 -18.65 55.30
CA GLY B 2519 -13.38 -18.52 54.01
C GLY B 2519 -12.45 -18.46 52.83
N TYR B 2520 -11.24 -19.00 52.95
CA TYR B 2520 -10.25 -18.95 51.89
C TYR B 2520 -10.09 -20.34 51.27
N LEU B 2521 -9.90 -20.38 49.96
CA LEU B 2521 -9.65 -21.62 49.23
C LEU B 2521 -8.18 -21.69 48.87
N TYR B 2522 -7.48 -22.66 49.45
CA TYR B 2522 -6.07 -22.88 49.17
C TYR B 2522 -5.93 -24.02 48.15
N TRP B 2523 -5.04 -23.82 47.19
CA TRP B 2523 -4.77 -24.87 46.20
C TRP B 2523 -3.37 -24.66 45.65
N ALA B 2524 -2.93 -25.62 44.84
CA ALA B 2524 -1.61 -25.60 44.24
C ALA B 2524 -1.71 -25.88 42.75
N ASP B 2525 -0.76 -25.33 42.00
CA ASP B 2525 -0.73 -25.48 40.55
C ASP B 2525 0.49 -26.31 40.17
N TRP B 2526 0.26 -27.37 39.41
CA TRP B 2526 1.34 -28.25 38.97
C TRP B 2526 2.01 -27.75 37.69
N ASP B 2527 1.63 -26.58 37.19
CA ASP B 2527 2.25 -26.02 36.00
C ASP B 2527 3.69 -25.60 36.31
N THR B 2528 4.38 -25.14 35.26
CA THR B 2528 5.76 -24.71 35.42
C THR B 2528 5.85 -23.56 36.41
N HIS B 2529 6.92 -23.54 37.19
CA HIS B 2529 7.05 -22.66 38.35
C HIS B 2529 5.85 -22.83 39.27
N ALA B 2530 5.76 -24.00 39.89
CA ALA B 2530 4.60 -24.39 40.68
C ALA B 2530 4.30 -23.37 41.78
N LYS B 2531 3.02 -23.01 41.88
CA LYS B 2531 2.58 -21.99 42.81
C LYS B 2531 1.51 -22.55 43.74
N ILE B 2532 1.59 -22.14 45.02
CA ILE B 2532 0.52 -22.43 45.96
C ILE B 2532 -0.46 -21.27 45.87
N GLU B 2533 -1.39 -21.35 44.93
CA GLU B 2533 -2.29 -20.24 44.67
C GLU B 2533 -3.42 -20.22 45.70
N ARG B 2534 -3.59 -19.08 46.34
CA ARG B 2534 -4.59 -18.91 47.39
C ARG B 2534 -5.60 -17.87 46.98
N ALA B 2535 -6.85 -18.09 47.38
CA ALA B 2535 -7.92 -17.13 47.14
C ALA B 2535 -9.01 -17.39 48.18
N THR B 2536 -10.14 -16.71 48.02
CA THR B 2536 -11.29 -16.94 48.89
C THR B 2536 -12.10 -18.13 48.36
N LEU B 2537 -13.16 -18.48 49.10
CA LEU B 2537 -14.04 -19.54 48.61
C LEU B 2537 -14.72 -19.12 47.31
N GLY B 2538 -14.89 -17.82 47.10
CA GLY B 2538 -15.35 -17.28 45.85
C GLY B 2538 -14.25 -16.93 44.87
N GLY B 2539 -12.99 -17.20 45.22
CA GLY B 2539 -11.88 -16.92 44.33
C GLY B 2539 -11.69 -15.45 44.01
N ASN B 2540 -11.80 -14.58 45.01
CA ASN B 2540 -11.69 -13.15 44.76
C ASN B 2540 -10.25 -12.73 44.46
N PHE B 2541 -9.29 -13.21 45.24
CA PHE B 2541 -7.91 -12.75 45.17
C PHE B 2541 -6.98 -13.95 44.97
N ARG B 2542 -6.77 -14.35 43.72
CA ARG B 2542 -5.91 -15.48 43.39
C ARG B 2542 -4.45 -15.02 43.49
N VAL B 2543 -3.90 -15.16 44.69
CA VAL B 2543 -2.52 -14.77 44.99
C VAL B 2543 -1.74 -16.03 45.33
N PRO B 2544 -0.66 -16.34 44.61
CA PRO B 2544 0.16 -17.51 44.97
C PRO B 2544 0.92 -17.26 46.26
N ILE B 2545 0.66 -18.11 47.26
CA ILE B 2545 1.35 -17.97 48.54
C ILE B 2545 2.83 -18.27 48.41
N VAL B 2546 3.16 -19.38 47.76
CA VAL B 2546 4.54 -19.80 47.55
C VAL B 2546 4.70 -20.23 46.10
N ASN B 2547 5.71 -19.69 45.42
CA ASN B 2547 6.00 -20.04 44.04
C ASN B 2547 7.43 -20.50 43.80
N SER B 2548 8.35 -20.21 44.72
CA SER B 2548 9.73 -20.63 44.55
C SER B 2548 9.99 -21.95 45.29
N SER B 2549 10.98 -22.70 44.78
CA SER B 2549 11.39 -23.97 45.37
C SER B 2549 10.21 -24.93 45.48
N LEU B 2550 9.50 -25.13 44.37
CA LEU B 2550 8.35 -26.02 44.33
C LEU B 2550 8.23 -26.58 42.93
N VAL B 2551 8.25 -27.91 42.81
CA VAL B 2551 8.23 -28.57 41.50
C VAL B 2551 6.87 -29.22 41.29
N MET B 2552 6.52 -30.18 42.14
CA MET B 2552 5.25 -30.90 42.06
C MET B 2552 4.59 -30.89 43.43
N PRO B 2553 3.92 -29.81 43.80
CA PRO B 2553 3.24 -29.76 45.10
C PRO B 2553 2.12 -30.78 45.17
N SER B 2554 1.92 -31.33 46.37
CA SER B 2554 0.85 -32.29 46.60
C SER B 2554 0.58 -32.34 48.09
N GLY B 2555 -0.60 -32.84 48.43
CA GLY B 2555 -0.95 -33.03 49.84
C GLY B 2555 -0.95 -31.76 50.64
N LEU B 2556 -1.58 -30.71 50.12
CA LEU B 2556 -1.72 -29.49 50.89
C LEU B 2556 -2.54 -29.75 52.15
N THR B 2557 -2.07 -29.24 53.29
CA THR B 2557 -2.79 -29.33 54.55
C THR B 2557 -2.68 -28.00 55.28
N LEU B 2558 -3.65 -27.73 56.13
CA LEU B 2558 -3.73 -26.47 56.84
C LEU B 2558 -3.81 -26.71 58.34
N ASP B 2559 -2.87 -26.15 59.08
CA ASP B 2559 -2.88 -26.22 60.54
C ASP B 2559 -3.89 -25.20 61.04
N TYR B 2560 -5.13 -25.66 61.21
CA TYR B 2560 -6.18 -24.74 61.64
C TYR B 2560 -5.86 -24.13 63.00
N GLU B 2561 -5.42 -24.94 63.94
CA GLU B 2561 -5.17 -24.43 65.29
C GLU B 2561 -4.08 -23.37 65.29
N GLU B 2562 -3.02 -23.56 64.49
CA GLU B 2562 -1.87 -22.68 64.50
C GLU B 2562 -1.82 -21.75 63.29
N ASP B 2563 -2.77 -21.86 62.37
CA ASP B 2563 -2.84 -21.00 61.18
C ASP B 2563 -1.55 -21.08 60.37
N LEU B 2564 -1.22 -22.29 59.92
CA LEU B 2564 -0.03 -22.53 59.12
C LEU B 2564 -0.37 -23.40 57.92
N LEU B 2565 0.50 -23.34 56.91
CA LEU B 2565 0.31 -24.08 55.67
C LEU B 2565 1.39 -25.15 55.57
N TYR B 2566 0.96 -26.41 55.39
CA TYR B 2566 1.87 -27.54 55.23
C TYR B 2566 1.62 -28.19 53.88
N TRP B 2567 2.69 -28.68 53.25
CA TRP B 2567 2.60 -29.36 51.97
C TRP B 2567 3.83 -30.21 51.76
N VAL B 2568 3.75 -31.11 50.78
CA VAL B 2568 4.85 -31.99 50.40
C VAL B 2568 5.09 -31.86 48.91
N ASP B 2569 6.28 -32.25 48.48
CA ASP B 2569 6.66 -32.25 47.07
C ASP B 2569 7.38 -33.55 46.77
N ALA B 2570 6.83 -34.35 45.86
CA ALA B 2570 7.40 -35.66 45.57
C ALA B 2570 8.79 -35.54 44.96
N SER B 2571 8.96 -34.61 44.02
CA SER B 2571 10.28 -34.42 43.41
C SER B 2571 11.28 -33.89 44.43
N LEU B 2572 10.85 -32.95 45.27
CA LEU B 2572 11.74 -32.41 46.30
C LEU B 2572 11.96 -33.39 47.45
N GLN B 2573 11.05 -34.33 47.64
CA GLN B 2573 11.15 -35.32 48.72
C GLN B 2573 11.33 -34.65 50.08
N ARG B 2574 10.53 -33.61 50.31
CA ARG B 2574 10.60 -32.89 51.57
C ARG B 2574 9.23 -32.32 51.91
N ILE B 2575 9.00 -32.10 53.20
CA ILE B 2575 7.76 -31.55 53.72
C ILE B 2575 8.09 -30.21 54.36
N GLU B 2576 7.41 -29.16 53.91
CA GLU B 2576 7.68 -27.80 54.37
C GLU B 2576 6.41 -27.19 54.94
N ARG B 2577 6.58 -26.37 55.97
CA ARG B 2577 5.48 -25.59 56.53
C ARG B 2577 5.71 -24.11 56.23
N SER B 2578 4.62 -23.35 56.26
CA SER B 2578 4.70 -21.93 55.97
C SER B 2578 3.51 -21.21 56.60
N THR B 2579 3.65 -19.90 56.73
CA THR B 2579 2.53 -19.08 57.17
C THR B 2579 1.47 -19.01 56.08
N LEU B 2580 0.25 -18.65 56.49
CA LEU B 2580 -0.84 -18.56 55.53
C LEU B 2580 -0.51 -17.58 54.41
N THR B 2581 0.21 -16.51 54.74
CA THR B 2581 0.68 -15.58 53.72
C THR B 2581 1.87 -16.14 52.96
N GLY B 2582 2.73 -16.90 53.64
CA GLY B 2582 3.90 -17.48 53.02
C GLY B 2582 5.21 -16.81 53.37
N VAL B 2583 5.21 -15.92 54.37
CA VAL B 2583 6.45 -15.23 54.75
C VAL B 2583 7.48 -16.23 55.27
N ASP B 2584 7.07 -17.08 56.21
CA ASP B 2584 7.95 -18.09 56.76
C ASP B 2584 7.91 -19.35 55.91
N ARG B 2585 8.98 -20.13 55.97
CA ARG B 2585 9.05 -21.39 55.25
C ARG B 2585 10.07 -22.28 55.94
N GLU B 2586 9.57 -23.31 56.63
CA GLU B 2586 10.41 -24.25 57.36
C GLU B 2586 10.18 -25.65 56.81
N VAL B 2587 11.27 -26.34 56.47
CA VAL B 2587 11.20 -27.72 55.99
C VAL B 2587 11.09 -28.63 57.22
N ILE B 2588 9.88 -29.13 57.48
CA ILE B 2588 9.66 -29.99 58.64
C ILE B 2588 10.42 -31.30 58.48
N VAL B 2589 10.29 -31.94 57.32
CA VAL B 2589 10.94 -33.22 57.04
C VAL B 2589 11.88 -33.01 55.86
N ASN B 2590 13.15 -33.31 56.07
CA ASN B 2590 14.16 -33.13 55.03
C ASN B 2590 14.30 -34.36 54.14
N ALA B 2591 14.27 -35.55 54.71
CA ALA B 2591 14.46 -36.79 53.97
C ALA B 2591 13.14 -37.53 53.83
N ALA B 2592 12.77 -37.84 52.60
CA ALA B 2592 11.58 -38.62 52.32
C ALA B 2592 11.76 -39.33 50.99
N VAL B 2593 10.91 -40.31 50.74
CA VAL B 2593 10.96 -41.11 49.52
C VAL B 2593 9.63 -40.97 48.81
N HIS B 2594 9.56 -40.02 47.87
CA HIS B 2594 8.36 -39.81 47.06
C HIS B 2594 7.13 -39.56 47.91
N ALA B 2595 7.28 -38.71 48.93
CA ALA B 2595 6.15 -38.36 49.78
C ALA B 2595 5.10 -37.63 48.96
N PHE B 2596 3.89 -38.18 48.92
CA PHE B 2596 2.82 -37.66 48.08
C PHE B 2596 1.65 -37.12 48.88
N GLY B 2597 1.10 -37.92 49.79
CA GLY B 2597 -0.02 -37.45 50.59
C GLY B 2597 0.43 -36.71 51.84
N LEU B 2598 -0.55 -36.11 52.52
CA LEU B 2598 -0.25 -35.40 53.75
C LEU B 2598 -1.56 -35.11 54.49
N THR B 2599 -1.47 -35.09 55.82
CA THR B 2599 -2.56 -34.63 56.67
C THR B 2599 -1.97 -34.24 58.01
N LEU B 2600 -2.75 -33.48 58.78
CA LEU B 2600 -2.29 -32.96 60.06
C LEU B 2600 -3.39 -33.10 61.09
N TYR B 2601 -2.99 -33.42 62.33
CA TYR B 2601 -3.92 -33.53 63.43
C TYR B 2601 -3.12 -33.56 64.73
N GLY B 2602 -3.69 -32.93 65.76
CA GLY B 2602 -2.99 -32.87 67.04
C GLY B 2602 -1.66 -32.18 66.89
N GLN B 2603 -0.63 -32.78 67.50
CA GLN B 2603 0.74 -32.29 67.39
C GLN B 2603 1.55 -33.10 66.39
N TYR B 2604 0.89 -33.91 65.56
CA TYR B 2604 1.57 -34.80 64.64
C TYR B 2604 1.13 -34.52 63.22
N ILE B 2605 2.04 -34.78 62.27
CA ILE B 2605 1.78 -34.60 60.85
C ILE B 2605 1.97 -35.96 60.18
N TYR B 2606 0.97 -36.38 59.40
CA TYR B 2606 0.95 -37.71 58.79
C TYR B 2606 1.08 -37.56 57.28
N TRP B 2607 1.91 -38.41 56.67
CA TRP B 2607 2.08 -38.43 55.24
C TRP B 2607 2.30 -39.85 54.75
N THR B 2608 2.25 -40.01 53.43
CA THR B 2608 2.41 -41.30 52.78
C THR B 2608 3.56 -41.25 51.79
N ASP B 2609 4.25 -42.37 51.64
CA ASP B 2609 5.38 -42.49 50.71
C ASP B 2609 5.02 -43.48 49.62
N LEU B 2610 5.30 -43.10 48.37
CA LEU B 2610 5.02 -44.00 47.25
C LEU B 2610 6.05 -45.12 47.17
N TYR B 2611 7.28 -44.85 47.59
CA TYR B 2611 8.35 -45.84 47.49
C TYR B 2611 8.18 -46.94 48.54
N THR B 2612 8.21 -46.57 49.82
CA THR B 2612 8.08 -47.55 50.88
C THR B 2612 6.65 -48.07 51.04
N GLN B 2613 5.67 -47.40 50.43
CA GLN B 2613 4.27 -47.82 50.45
C GLN B 2613 3.76 -48.00 51.88
N ARG B 2614 3.99 -46.97 52.70
CA ARG B 2614 3.53 -47.01 54.08
C ARG B 2614 3.27 -45.58 54.56
N ILE B 2615 2.49 -45.49 55.64
CA ILE B 2615 2.12 -44.22 56.23
C ILE B 2615 3.07 -43.92 57.38
N TYR B 2616 3.63 -42.72 57.38
CA TYR B 2616 4.52 -42.27 58.45
C TYR B 2616 3.81 -41.26 59.33
N ARG B 2617 4.53 -40.80 60.35
CA ARG B 2617 4.06 -39.76 61.24
C ARG B 2617 5.26 -39.02 61.80
N ALA B 2618 5.08 -37.71 62.02
CA ALA B 2618 6.15 -36.91 62.59
C ALA B 2618 5.52 -35.79 63.42
N ASN B 2619 6.33 -35.23 64.31
CA ASN B 2619 5.88 -34.08 65.10
C ASN B 2619 5.72 -32.88 64.20
N LYS B 2620 4.55 -32.23 64.27
CA LYS B 2620 4.26 -31.13 63.36
C LYS B 2620 5.18 -29.94 63.62
N TYR B 2621 5.64 -29.78 64.87
CA TYR B 2621 6.50 -28.66 65.20
C TYR B 2621 7.89 -28.83 64.59
N ASP B 2622 8.49 -30.00 64.74
CA ASP B 2622 9.82 -30.24 64.20
C ASP B 2622 9.90 -31.44 63.28
N GLY B 2623 9.24 -32.54 63.62
CA GLY B 2623 9.41 -33.79 62.91
C GLY B 2623 10.36 -34.76 63.58
N SER B 2624 10.55 -34.67 64.89
CA SER B 2624 11.51 -35.53 65.57
C SER B 2624 11.08 -36.99 65.51
N GLY B 2625 9.80 -37.25 65.73
CA GLY B 2625 9.33 -38.62 65.83
C GLY B 2625 8.88 -39.23 64.52
N GLN B 2626 9.78 -39.31 63.54
CA GLN B 2626 9.44 -39.91 62.26
C GLN B 2626 9.39 -41.43 62.38
N ILE B 2627 8.20 -41.97 62.60
CA ILE B 2627 7.99 -43.41 62.71
C ILE B 2627 7.04 -43.84 61.60
N ALA B 2628 6.95 -45.15 61.42
CA ALA B 2628 6.06 -45.74 60.44
C ALA B 2628 4.78 -46.20 61.12
N MET B 2629 3.65 -45.62 60.73
CA MET B 2629 2.37 -45.97 61.31
C MET B 2629 1.82 -47.30 60.82
N THR B 2630 2.25 -47.75 59.64
CA THR B 2630 1.74 -48.98 59.07
C THR B 2630 2.88 -49.77 58.44
N THR B 2631 2.60 -51.04 58.17
CA THR B 2631 3.56 -51.91 57.51
C THR B 2631 3.62 -51.56 56.03
N ASN B 2632 4.39 -52.33 55.26
CA ASN B 2632 4.51 -52.07 53.84
C ASN B 2632 3.23 -52.45 53.13
N LEU B 2633 2.37 -51.47 52.87
CA LEU B 2633 1.09 -51.72 52.22
C LEU B 2633 1.31 -52.31 50.84
N LEU B 2634 0.35 -53.13 50.40
CA LEU B 2634 0.50 -53.85 49.15
C LEU B 2634 0.65 -52.90 47.96
N SER B 2635 -0.15 -51.84 47.93
CA SER B 2635 -0.09 -50.85 46.87
C SER B 2635 0.40 -49.53 47.42
N GLN B 2636 0.38 -48.50 46.58
CA GLN B 2636 0.87 -47.18 46.97
C GLN B 2636 -0.26 -46.36 47.55
N PRO B 2637 -0.12 -45.83 48.76
CA PRO B 2637 -1.16 -44.96 49.34
C PRO B 2637 -1.14 -43.60 48.66
N ARG B 2638 -2.27 -43.20 48.09
CA ARG B 2638 -2.36 -41.97 47.31
C ARG B 2638 -2.58 -40.75 48.20
N GLY B 2639 -3.71 -40.72 48.92
CA GLY B 2639 -4.05 -39.56 49.72
C GLY B 2639 -4.51 -39.89 51.11
N ILE B 2640 -3.98 -39.18 52.11
CA ILE B 2640 -4.31 -39.41 53.51
C ILE B 2640 -5.03 -38.19 54.05
N ASN B 2641 -6.14 -38.41 54.74
CA ASN B 2641 -6.96 -37.35 55.31
C ASN B 2641 -7.37 -37.74 56.72
N THR B 2642 -7.71 -36.73 57.52
CA THR B 2642 -8.13 -36.93 58.90
C THR B 2642 -9.64 -36.87 58.99
N VAL B 2643 -10.23 -37.88 59.63
CA VAL B 2643 -11.67 -37.87 59.83
C VAL B 2643 -11.96 -37.25 61.19
N VAL B 2644 -12.39 -36.00 61.18
CA VAL B 2644 -12.70 -35.32 62.44
C VAL B 2644 -14.14 -35.57 62.82
N LYS B 2645 -14.40 -36.76 63.35
CA LYS B 2645 -15.75 -37.07 63.79
C LYS B 2645 -16.15 -36.08 64.86
N ASN B 2646 -15.17 -35.63 65.63
CA ASN B 2646 -15.44 -34.64 66.66
C ASN B 2646 -15.71 -33.30 66.01
N GLN B 2647 -15.87 -32.27 66.84
CA GLN B 2647 -16.14 -30.95 66.31
C GLN B 2647 -15.04 -30.54 65.34
N LYS B 2648 -15.43 -30.18 64.13
CA LYS B 2648 -14.45 -29.75 63.14
C LYS B 2648 -14.24 -28.25 63.26
N GLN B 2649 -13.87 -27.61 62.16
CA GLN B 2649 -13.67 -26.17 62.20
C GLN B 2649 -15.02 -25.49 62.03
N GLN B 2650 -15.78 -25.40 63.11
CA GLN B 2650 -17.11 -24.80 63.03
C GLN B 2650 -17.05 -23.28 62.97
N CYS B 2651 -17.79 -22.70 62.03
CA CYS B 2651 -17.82 -21.25 61.89
C CYS B 2651 -19.17 -20.85 61.30
N ASN B 2652 -19.93 -20.02 61.99
CA ASN B 2652 -21.26 -19.68 61.51
C ASN B 2652 -21.23 -19.36 60.02
N ASN B 2653 -22.18 -19.94 59.29
CA ASN B 2653 -22.21 -19.80 57.84
C ASN B 2653 -23.03 -18.58 57.46
N PRO B 2654 -22.44 -17.58 56.81
CA PRO B 2654 -23.25 -16.47 56.30
C PRO B 2654 -24.25 -16.91 55.23
N CYS B 2655 -23.94 -17.99 54.51
CA CYS B 2655 -24.82 -18.44 53.43
C CYS B 2655 -26.12 -19.05 53.96
N GLU B 2656 -26.23 -19.27 55.27
CA GLU B 2656 -27.46 -19.86 55.81
C GLU B 2656 -28.65 -18.93 55.63
N GLN B 2657 -28.44 -17.63 55.79
CA GLN B 2657 -29.54 -16.66 55.79
C GLN B 2657 -29.91 -16.33 54.35
N PHE B 2658 -30.97 -16.99 53.86
CA PHE B 2658 -31.49 -16.74 52.51
C PHE B 2658 -30.40 -16.85 51.45
N ASN B 2659 -29.65 -17.95 51.52
CA ASN B 2659 -28.52 -18.15 50.57
C ASN B 2659 -27.53 -17.00 50.73
N GLY B 2660 -27.38 -16.48 51.95
CA GLY B 2660 -26.41 -15.42 52.18
C GLY B 2660 -26.62 -14.20 51.30
N GLY B 2661 -27.87 -13.81 51.10
CA GLY B 2661 -28.17 -12.69 50.23
C GLY B 2661 -27.75 -12.93 48.79
N CYS B 2662 -27.87 -14.17 48.31
CA CYS B 2662 -27.51 -14.54 46.96
C CYS B 2662 -28.71 -15.19 46.27
N SER B 2663 -29.02 -14.73 45.06
CA SER B 2663 -30.05 -15.40 44.27
C SER B 2663 -29.56 -16.76 43.80
N HIS B 2664 -28.25 -16.98 43.82
CA HIS B 2664 -27.64 -18.21 43.33
C HIS B 2664 -26.71 -18.81 44.38
N ILE B 2665 -25.88 -19.77 43.95
CA ILE B 2665 -24.96 -20.46 44.85
C ILE B 2665 -24.17 -19.45 45.68
N CYS B 2666 -23.91 -19.81 46.93
CA CYS B 2666 -23.25 -18.95 47.89
C CYS B 2666 -21.98 -19.60 48.41
N ALA B 2667 -20.91 -18.82 48.54
CA ALA B 2667 -19.64 -19.29 49.05
C ALA B 2667 -19.26 -18.49 50.29
N PRO B 2668 -19.20 -19.10 51.47
CA PRO B 2668 -18.90 -18.33 52.71
C PRO B 2668 -17.44 -17.93 52.83
N GLY B 2669 -17.08 -16.86 52.13
CA GLY B 2669 -15.73 -16.35 52.16
C GLY B 2669 -15.48 -15.46 53.35
N PRO B 2670 -14.29 -14.85 53.41
CA PRO B 2670 -13.97 -13.96 54.53
C PRO B 2670 -14.84 -12.71 54.52
N ASN B 2671 -15.14 -12.23 55.72
CA ASN B 2671 -15.88 -10.99 55.92
C ASN B 2671 -17.20 -11.00 55.14
N GLY B 2672 -18.08 -11.91 55.52
CA GLY B 2672 -19.38 -12.02 54.90
C GLY B 2672 -19.40 -13.03 53.77
N ALA B 2673 -20.61 -13.35 53.32
CA ALA B 2673 -20.79 -14.33 52.26
C ALA B 2673 -20.31 -13.77 50.92
N GLU B 2674 -19.92 -14.70 50.03
CA GLU B 2674 -19.48 -14.37 48.68
C GLU B 2674 -20.34 -15.16 47.70
N CYS B 2675 -21.20 -14.47 46.97
CA CYS B 2675 -22.13 -15.15 46.07
C CYS B 2675 -21.39 -15.75 44.89
N GLN B 2676 -21.92 -16.87 44.40
CA GLN B 2676 -21.38 -17.57 43.25
C GLN B 2676 -22.45 -17.69 42.17
N CYS B 2677 -22.01 -17.93 40.95
CA CYS B 2677 -22.88 -18.03 39.80
C CYS B 2677 -22.56 -19.28 38.99
N PRO B 2678 -23.53 -19.83 38.28
CA PRO B 2678 -23.27 -21.00 37.43
C PRO B 2678 -22.22 -20.70 36.38
N HIS B 2679 -21.36 -21.70 36.13
CA HIS B 2679 -20.28 -21.50 35.15
C HIS B 2679 -20.77 -21.75 33.73
N GLU B 2680 -21.81 -22.58 33.56
CA GLU B 2680 -22.32 -22.87 32.23
C GLU B 2680 -22.88 -21.62 31.57
N GLY B 2681 -23.61 -20.81 32.32
CA GLY B 2681 -24.17 -19.56 31.81
C GLY B 2681 -23.29 -18.38 32.15
N ASN B 2682 -23.47 -17.30 31.39
CA ASN B 2682 -22.74 -16.05 31.65
C ASN B 2682 -23.52 -15.22 32.66
N TRP B 2683 -22.87 -14.87 33.77
CA TRP B 2683 -23.56 -14.21 34.86
C TRP B 2683 -22.72 -13.06 35.41
N TYR B 2684 -23.42 -12.04 35.92
CA TYR B 2684 -22.81 -10.90 36.59
C TYR B 2684 -23.56 -10.64 37.89
N LEU B 2685 -22.82 -10.52 38.99
CA LEU B 2685 -23.45 -10.33 40.29
C LEU B 2685 -23.99 -8.90 40.44
N ALA B 2686 -25.25 -8.79 40.87
CA ALA B 2686 -25.89 -7.50 41.07
C ALA B 2686 -25.74 -7.05 42.52
N ASN B 2687 -26.36 -5.92 42.83
CA ASN B 2687 -26.33 -5.29 44.16
C ASN B 2687 -24.86 -5.11 44.54
N ASN B 2688 -24.48 -5.42 45.78
CA ASN B 2688 -23.07 -5.45 46.18
C ASN B 2688 -22.47 -6.81 45.85
N ARG B 2689 -22.48 -7.13 44.56
CA ARG B 2689 -22.06 -8.45 44.06
C ARG B 2689 -22.88 -9.56 44.71
N LYS B 2690 -24.19 -9.54 44.46
CA LYS B 2690 -25.11 -10.45 45.15
C LYS B 2690 -25.95 -11.31 44.22
N HIS B 2691 -26.45 -10.78 43.11
CA HIS B 2691 -27.41 -11.50 42.30
C HIS B 2691 -26.89 -11.63 40.87
N CYS B 2692 -26.81 -12.87 40.39
CA CYS B 2692 -26.29 -13.16 39.06
C CYS B 2692 -27.30 -12.71 38.01
N ILE B 2693 -26.82 -11.98 37.00
CA ILE B 2693 -27.65 -11.48 35.91
C ILE B 2693 -27.13 -12.08 34.60
N VAL B 2694 -27.84 -11.79 33.51
CA VAL B 2694 -27.49 -12.30 32.19
C VAL B 2694 -26.10 -11.84 31.77
N ASP B 2695 -25.58 -10.81 32.45
CA ASP B 2695 -24.26 -10.25 32.20
C ASP B 2695 -24.11 -9.65 30.81
N ASN B 2696 -25.20 -9.14 30.26
CA ASN B 2696 -25.15 -8.51 28.95
C ASN B 2696 -24.75 -7.04 29.02
N GLY B 2697 -24.70 -6.47 30.21
CA GLY B 2697 -24.35 -5.07 30.38
C GLY B 2697 -25.57 -4.18 30.50
N GLU B 2698 -25.30 -2.87 30.43
CA GLU B 2698 -26.33 -1.85 30.52
C GLU B 2698 -27.15 -1.97 31.80
N ARG B 2699 -26.46 -2.19 32.92
CA ARG B 2699 -27.15 -2.30 34.23
C ARG B 2699 -27.17 -0.92 34.91
N CYS B 2700 -28.36 -0.37 35.12
CA CYS B 2700 -28.48 0.98 35.73
C CYS B 2700 -27.89 0.93 37.15
N GLY B 2701 -27.18 2.00 37.54
CA GLY B 2701 -26.56 2.04 38.88
C GLY B 2701 -27.23 3.04 39.79
N ALA B 2702 -26.45 3.72 40.65
CA ALA B 2702 -27.02 4.75 41.55
C ALA B 2702 -28.23 4.19 42.31
N SER B 2703 -29.32 4.95 42.37
CA SER B 2703 -30.54 4.50 43.09
C SER B 2703 -31.48 3.80 42.10
N SER B 2704 -30.93 2.95 41.23
CA SER B 2704 -31.75 2.17 40.26
C SER B 2704 -31.15 0.78 40.10
N PHE B 2705 -31.04 0.03 41.20
CA PHE B 2705 -30.42 -1.29 41.15
C PHE B 2705 -31.16 -2.19 40.16
N THR B 2706 -30.37 -2.96 39.41
CA THR B 2706 -30.91 -3.84 38.38
C THR B 2706 -31.35 -5.16 38.99
N CYS B 2707 -32.53 -5.63 38.57
CA CYS B 2707 -33.01 -6.92 39.03
C CYS B 2707 -32.23 -8.05 38.35
N SER B 2708 -32.56 -9.29 38.75
CA SER B 2708 -31.86 -10.45 38.22
C SER B 2708 -32.13 -10.65 36.74
N ASN B 2709 -33.22 -10.09 36.22
CA ASN B 2709 -33.53 -10.23 34.80
C ASN B 2709 -32.67 -9.34 33.92
N GLY B 2710 -32.03 -8.33 34.49
CA GLY B 2710 -31.29 -7.34 33.74
C GLY B 2710 -31.95 -5.97 33.69
N ARG B 2711 -33.28 -5.93 33.68
CA ARG B 2711 -33.99 -4.66 33.75
C ARG B 2711 -33.78 -4.03 35.12
N CYS B 2712 -33.59 -2.71 35.13
CA CYS B 2712 -33.32 -1.98 36.36
C CYS B 2712 -34.50 -1.07 36.69
N ILE B 2713 -34.78 -0.93 37.98
CA ILE B 2713 -35.76 0.00 38.50
C ILE B 2713 -35.15 0.72 39.69
N SER B 2714 -35.73 1.86 40.04
CA SER B 2714 -35.20 2.68 41.13
C SER B 2714 -35.18 1.90 42.43
N GLU B 2715 -34.13 2.10 43.23
CA GLU B 2715 -34.02 1.41 44.51
C GLU B 2715 -35.15 1.81 45.45
N GLU B 2716 -35.64 3.05 45.32
CA GLU B 2716 -36.85 3.44 46.04
C GLU B 2716 -38.04 2.61 45.56
N TRP B 2717 -38.13 2.37 44.26
CA TRP B 2717 -39.20 1.52 43.73
C TRP B 2717 -39.05 0.08 44.23
N LYS B 2718 -37.82 -0.35 44.51
CA LYS B 2718 -37.59 -1.69 45.02
C LYS B 2718 -38.25 -1.87 46.38
N CYS B 2719 -38.78 -3.08 46.61
CA CYS B 2719 -39.50 -3.41 47.84
C CYS B 2719 -40.67 -2.46 48.08
N ASP B 2720 -41.44 -2.19 47.02
CA ASP B 2720 -42.65 -1.39 47.10
C ASP B 2720 -43.90 -2.24 47.14
N ASN B 2721 -43.77 -3.52 47.53
CA ASN B 2721 -44.87 -4.47 47.54
C ASN B 2721 -45.47 -4.64 46.14
N ASP B 2722 -44.63 -4.55 45.13
CA ASP B 2722 -45.06 -4.72 43.74
C ASP B 2722 -43.92 -5.36 42.96
N ASN B 2723 -44.12 -5.57 41.66
CA ASN B 2723 -43.13 -6.16 40.77
C ASN B 2723 -42.74 -5.12 39.73
N ASP B 2724 -41.75 -4.30 40.08
CA ASP B 2724 -41.30 -3.25 39.18
C ASP B 2724 -40.62 -3.82 37.95
N CYS B 2725 -39.73 -4.80 38.15
CA CYS B 2725 -39.05 -5.47 37.07
C CYS B 2725 -39.93 -6.60 36.53
N GLY B 2726 -39.43 -7.28 35.50
CA GLY B 2726 -40.17 -8.44 35.02
C GLY B 2726 -39.79 -9.50 36.04
N ASP B 2727 -38.82 -9.18 36.89
CA ASP B 2727 -38.42 -10.10 37.95
C ASP B 2727 -38.74 -9.47 39.30
N GLY B 2728 -39.15 -10.30 40.26
CA GLY B 2728 -39.50 -9.81 41.57
C GLY B 2728 -38.30 -9.31 42.34
N SER B 2729 -37.12 -9.38 41.74
CA SER B 2729 -35.90 -8.97 42.43
C SER B 2729 -36.05 -7.59 43.04
N ASP B 2730 -36.79 -6.71 42.37
CA ASP B 2730 -37.01 -5.38 42.90
C ASP B 2730 -37.55 -5.49 44.32
N GLU B 2731 -38.54 -6.35 44.51
CA GLU B 2731 -39.10 -6.55 45.84
C GLU B 2731 -38.79 -7.95 46.33
N MET B 2732 -37.64 -8.48 45.96
CA MET B 2732 -37.26 -9.83 46.38
C MET B 2732 -37.14 -9.92 47.90
N GLU B 2733 -37.52 -11.06 48.45
CA GLU B 2733 -37.49 -11.21 49.90
C GLU B 2733 -36.11 -10.91 50.46
N SER B 2734 -35.08 -11.50 49.85
CA SER B 2734 -33.73 -11.21 50.28
C SER B 2734 -33.50 -9.72 50.20
N VAL B 2735 -33.93 -9.11 49.10
CA VAL B 2735 -33.77 -7.67 48.93
C VAL B 2735 -34.52 -6.93 50.03
N CYS B 2736 -35.69 -7.45 50.39
CA CYS B 2736 -36.51 -6.78 51.39
C CYS B 2736 -36.41 -7.49 52.74
N ALA B 2737 -35.34 -8.24 52.94
CA ALA B 2737 -35.20 -9.00 54.18
C ALA B 2737 -35.19 -8.11 55.42
N LEU B 2738 -34.51 -6.97 55.35
CA LEU B 2738 -34.44 -6.08 56.50
C LEU B 2738 -35.16 -4.77 56.26
N HIS B 2739 -36.10 -4.43 57.14
CA HIS B 2739 -36.85 -3.19 57.00
C HIS B 2739 -35.90 -2.02 56.96
N THR B 2740 -35.06 -1.89 57.97
CA THR B 2740 -34.06 -0.83 57.97
C THR B 2740 -34.53 0.39 57.21
N CYS B 2741 -35.70 0.92 57.56
CA CYS B 2741 -36.24 2.05 56.82
C CYS B 2741 -35.36 3.28 56.94
N SER B 2742 -35.49 4.19 55.99
CA SER B 2742 -34.72 5.41 56.01
C SER B 2742 -35.35 6.41 56.97
N PRO B 2743 -34.52 7.23 57.61
CA PRO B 2743 -35.05 8.26 58.52
C PRO B 2743 -36.17 9.09 57.93
N THR B 2744 -36.13 9.34 56.63
CA THR B 2744 -37.12 10.23 56.04
C THR B 2744 -38.49 9.58 55.92
N ALA B 2745 -38.55 8.31 55.55
CA ALA B 2745 -39.81 7.62 55.29
C ALA B 2745 -40.33 7.00 56.58
N PHE B 2746 -41.65 6.90 56.70
CA PHE B 2746 -42.27 6.34 57.88
C PHE B 2746 -42.66 4.88 57.65
N THR B 2747 -42.73 4.13 58.74
CA THR B 2747 -43.08 2.73 58.68
C THR B 2747 -44.25 2.41 59.60
N TYR B 2756 -43.71 8.27 54.77
CA TYR B 2756 -44.06 9.44 55.58
C TYR B 2756 -44.95 10.41 54.82
N SER B 2757 -44.72 10.52 53.50
CA SER B 2757 -45.38 11.55 52.71
C SER B 2757 -46.89 11.35 52.66
N TYR B 2758 -47.35 10.16 53.09
CA TYR B 2758 -48.77 9.86 53.19
C TYR B 2758 -49.14 9.31 54.56
N ARG B 2759 -48.26 9.48 55.55
CA ARG B 2759 -48.40 8.92 56.88
C ARG B 2759 -49.71 9.35 57.52
N CYS B 2760 -50.63 8.40 57.72
CA CYS B 2760 -51.94 8.66 58.29
C CYS B 2760 -52.63 9.81 57.57
N ASP B 2761 -52.57 9.77 56.24
CA ASP B 2761 -53.14 10.80 55.40
C ASP B 2761 -54.16 10.24 54.41
N TYR B 2762 -54.84 9.15 54.76
CA TYR B 2762 -55.87 8.53 53.92
C TYR B 2762 -55.31 8.08 52.57
N TYR B 2763 -54.02 7.77 52.53
CA TYR B 2763 -53.36 7.29 51.32
C TYR B 2763 -52.68 5.96 51.61
N ASN B 2764 -52.73 5.06 50.64
CA ASN B 2764 -52.09 3.74 50.78
C ASN B 2764 -50.72 3.67 50.13
N ASP B 2765 -50.02 4.81 50.03
CA ASP B 2765 -48.70 4.85 49.43
C ASP B 2765 -47.57 5.01 50.45
N CYS B 2766 -47.90 5.20 51.73
CA CYS B 2766 -46.90 5.30 52.78
C CYS B 2766 -46.64 3.90 53.37
N GLY B 2767 -45.98 3.83 54.53
CA GLY B 2767 -45.77 2.55 55.18
C GLY B 2767 -47.09 1.87 55.47
N ASP B 2768 -47.07 0.53 55.49
CA ASP B 2768 -48.29 -0.25 55.59
C ASP B 2768 -49.04 0.04 56.89
N GLY B 2769 -48.31 0.22 57.99
CA GLY B 2769 -48.95 0.53 59.25
C GLY B 2769 -49.72 1.84 59.21
N SER B 2770 -49.23 2.82 58.45
CA SER B 2770 -49.85 4.13 58.34
C SER B 2770 -50.69 4.29 57.08
N ASP B 2771 -50.87 3.23 56.30
CA ASP B 2771 -51.61 3.32 55.04
C ASP B 2771 -53.10 3.54 55.32
N GLU B 2772 -53.59 4.74 54.97
CA GLU B 2772 -54.99 5.14 55.06
C GLU B 2772 -55.51 5.18 56.49
N ALA B 2773 -54.66 4.96 57.49
CA ALA B 2773 -55.08 5.04 58.89
C ALA B 2773 -54.96 6.47 59.41
N GLY B 2774 -55.64 7.38 58.72
CA GLY B 2774 -55.56 8.79 59.02
C GLY B 2774 -56.30 9.20 60.28
N CYS B 2775 -55.56 9.65 61.28
CA CYS B 2775 -56.17 10.01 62.56
C CYS B 2775 -56.90 11.34 62.47
N LEU B 2776 -56.57 12.17 61.48
CA LEU B 2776 -57.25 13.46 61.34
C LEU B 2776 -58.57 13.32 60.61
N PHE B 2777 -58.81 12.17 59.99
CA PHE B 2777 -60.05 11.95 59.27
C PHE B 2777 -61.08 11.29 60.18
N CYS B 3018 -56.94 26.08 -7.50
CA CYS B 3018 -58.31 26.04 -7.98
C CYS B 3018 -58.55 24.82 -8.86
N GLY B 3019 -59.65 24.85 -9.62
CA GLY B 3019 -59.95 23.77 -10.53
C GLY B 3019 -59.12 23.83 -11.79
N ASP B 3020 -59.27 22.80 -12.62
CA ASP B 3020 -58.55 22.73 -13.88
C ASP B 3020 -59.04 23.77 -14.88
N TYR B 3021 -60.27 24.26 -14.71
CA TYR B 3021 -60.81 25.26 -15.62
C TYR B 3021 -60.22 26.64 -15.38
N SER B 3022 -59.44 26.81 -14.31
CA SER B 3022 -58.83 28.11 -14.03
C SER B 3022 -57.91 28.53 -15.16
N ASP B 3023 -57.11 27.61 -15.68
CA ASP B 3023 -56.24 27.84 -16.84
C ASP B 3023 -55.26 28.98 -16.60
N GLU B 3024 -54.76 29.10 -15.37
CA GLU B 3024 -53.80 30.14 -15.03
C GLU B 3024 -53.19 29.80 -13.67
N ARG B 3025 -51.89 30.09 -13.53
CA ARG B 3025 -51.18 29.85 -12.29
C ARG B 3025 -50.10 30.92 -12.10
N GLY B 3026 -49.99 31.43 -10.88
CA GLY B 3026 -48.97 32.40 -10.54
C GLY B 3026 -47.68 31.73 -10.11
N CYS B 3027 -46.78 32.56 -9.58
CA CYS B 3027 -45.48 32.08 -9.12
C CYS B 3027 -45.66 31.23 -7.87
N LEU B 3028 -45.50 29.91 -8.02
CA LEU B 3028 -45.60 29.02 -6.87
C LEU B 3028 -44.51 29.31 -5.84
N TYR B 3029 -43.28 29.53 -6.30
CA TYR B 3029 -42.14 29.83 -5.45
C TYR B 3029 -41.96 28.76 -4.36
N GLN B 3030 -41.66 27.55 -4.83
CA GLN B 3030 -41.39 26.45 -3.92
C GLN B 3030 -40.04 26.66 -3.22
N THR B 3031 -40.04 26.53 -1.90
CA THR B 3031 -38.84 26.92 -1.14
C THR B 3031 -38.14 25.77 -0.42
N CYS B 3032 -38.83 25.12 0.52
CA CYS B 3032 -38.14 24.15 1.36
C CYS B 3032 -38.68 22.74 1.18
N GLN B 3033 -39.98 22.57 1.42
CA GLN B 3033 -40.60 21.25 1.25
C GLN B 3033 -41.20 21.12 -0.14
N GLN B 3034 -42.04 22.08 -0.51
CA GLN B 3034 -42.56 22.17 -1.87
C GLN B 3034 -41.39 22.30 -2.84
N ASN B 3035 -41.45 21.56 -3.94
CA ASN B 3035 -40.42 21.61 -4.98
C ASN B 3035 -41.10 21.49 -6.35
N GLN B 3036 -41.40 22.63 -6.95
CA GLN B 3036 -42.02 22.66 -8.27
C GLN B 3036 -41.15 21.95 -9.29
N PHE B 3037 -41.64 20.83 -9.79
CA PHE B 3037 -40.91 20.03 -10.78
C PHE B 3037 -41.11 20.66 -12.15
N THR B 3038 -40.70 19.95 -13.21
CA THR B 3038 -40.84 20.47 -14.56
C THR B 3038 -42.30 20.79 -14.89
N CYS B 3039 -43.23 20.08 -14.24
CA CYS B 3039 -44.66 20.34 -14.41
C CYS B 3039 -45.22 21.24 -13.32
N GLN B 3040 -44.35 21.91 -12.55
CA GLN B 3040 -44.76 22.88 -11.54
C GLN B 3040 -45.69 22.26 -10.50
N ASN B 3041 -45.18 21.26 -9.79
CA ASN B 3041 -45.93 20.55 -8.76
C ASN B 3041 -45.21 20.73 -7.43
N GLY B 3042 -45.86 21.38 -6.48
CA GLY B 3042 -45.28 21.60 -5.18
C GLY B 3042 -45.24 20.36 -4.30
N ARG B 3043 -44.63 19.29 -4.80
CA ARG B 3043 -44.54 18.05 -4.05
C ARG B 3043 -43.57 18.20 -2.88
N CYS B 3044 -43.71 17.33 -1.88
CA CYS B 3044 -42.89 17.41 -0.69
C CYS B 3044 -41.43 17.08 -0.99
N ILE B 3045 -40.52 17.73 -0.27
CA ILE B 3045 -39.10 17.45 -0.43
C ILE B 3045 -38.76 16.03 0.03
N SER B 3046 -39.61 15.44 0.87
CA SER B 3046 -39.42 14.07 1.32
C SER B 3046 -39.61 13.04 0.22
N LYS B 3047 -40.13 13.45 -0.94
CA LYS B 3047 -40.39 12.54 -2.05
C LYS B 3047 -39.19 12.37 -2.97
N THR B 3048 -38.04 12.94 -2.61
CA THR B 3048 -36.84 12.85 -3.44
C THR B 3048 -36.28 11.43 -3.35
N PHE B 3049 -36.92 10.52 -4.08
CA PHE B 3049 -36.48 9.13 -4.22
C PHE B 3049 -36.46 8.37 -2.90
N VAL B 3050 -37.01 8.95 -1.83
CA VAL B 3050 -37.09 8.24 -0.58
C VAL B 3050 -38.41 7.46 -0.56
N CYS B 3051 -38.43 6.32 -1.26
CA CYS B 3051 -39.58 5.42 -1.30
C CYS B 3051 -40.86 6.14 -1.71
N ASP B 3052 -40.74 7.29 -2.36
CA ASP B 3052 -41.87 8.15 -2.66
C ASP B 3052 -41.77 8.64 -4.10
N GLU B 3053 -42.36 7.89 -5.02
CA GLU B 3053 -42.66 8.39 -6.35
C GLU B 3053 -44.04 9.02 -6.43
N ASP B 3054 -44.34 9.95 -5.51
CA ASP B 3054 -45.68 10.52 -5.43
C ASP B 3054 -45.95 11.48 -6.59
N ASN B 3055 -44.95 12.26 -6.97
CA ASN B 3055 -45.11 13.24 -8.04
C ASN B 3055 -44.93 12.54 -9.38
N ASP B 3056 -46.01 11.90 -9.83
CA ASP B 3056 -46.03 11.34 -11.18
C ASP B 3056 -46.06 12.46 -12.22
N CYS B 3057 -46.58 13.62 -11.84
CA CYS B 3057 -46.72 14.76 -12.75
C CYS B 3057 -45.38 15.17 -13.35
N GLY B 3058 -44.45 15.63 -12.50
CA GLY B 3058 -43.16 16.05 -12.99
C GLY B 3058 -42.16 14.91 -13.11
N ASP B 3059 -42.46 13.77 -12.51
CA ASP B 3059 -41.63 12.56 -12.49
C ASP B 3059 -40.26 12.79 -11.88
N GLY B 3060 -40.01 13.95 -11.27
CA GLY B 3060 -38.70 14.21 -10.69
C GLY B 3060 -38.50 13.53 -9.34
N SER B 3061 -39.59 13.10 -8.69
CA SER B 3061 -39.47 12.41 -7.42
C SER B 3061 -38.71 11.10 -7.56
N ASP B 3062 -38.92 10.38 -8.66
CA ASP B 3062 -38.23 9.12 -8.92
C ASP B 3062 -37.46 9.23 -10.22
N GLU B 3063 -36.15 9.03 -10.15
CA GLU B 3063 -35.27 9.04 -11.31
C GLU B 3063 -34.47 7.75 -11.32
N LEU B 3064 -34.43 7.07 -12.46
CA LEU B 3064 -33.78 5.77 -12.54
C LEU B 3064 -32.29 5.88 -12.24
N MET B 3065 -31.60 6.80 -12.93
CA MET B 3065 -30.17 6.99 -12.74
C MET B 3065 -29.79 8.39 -12.29
N HIS B 3066 -30.62 9.39 -12.59
CA HIS B 3066 -30.30 10.76 -12.17
C HIS B 3066 -30.36 10.90 -10.66
N LEU B 3067 -31.17 10.07 -10.00
CA LEU B 3067 -31.29 10.12 -8.55
C LEU B 3067 -30.57 8.98 -7.84
N CYS B 3068 -30.06 8.00 -8.57
CA CYS B 3068 -29.23 6.96 -7.99
C CYS B 3068 -27.77 7.25 -8.28
N HIS B 3069 -27.00 7.50 -7.22
CA HIS B 3069 -25.62 7.94 -7.38
C HIS B 3069 -24.63 6.91 -6.88
N THR B 3070 -24.78 6.50 -5.62
CA THR B 3070 -23.82 5.65 -4.94
C THR B 3070 -22.38 6.13 -5.13
N PRO B 3071 -22.08 7.37 -4.72
CA PRO B 3071 -20.75 7.95 -5.00
C PRO B 3071 -19.68 7.65 -3.94
N GLU B 3072 -19.92 6.70 -3.05
CA GLU B 3072 -18.92 6.36 -2.05
C GLU B 3072 -17.57 5.91 -2.60
N PRO B 3073 -17.49 5.09 -3.67
CA PRO B 3073 -16.18 4.49 -4.01
C PRO B 3073 -15.06 5.48 -4.28
N THR B 3074 -15.36 6.67 -4.80
CA THR B 3074 -14.29 7.59 -5.17
C THR B 3074 -13.53 8.06 -3.94
N CYS B 3075 -12.20 7.94 -4.00
CA CYS B 3075 -11.29 8.34 -2.94
C CYS B 3075 -9.89 8.40 -3.53
N PRO B 3076 -8.98 9.14 -2.88
CA PRO B 3076 -7.61 9.26 -3.41
C PRO B 3076 -6.95 7.90 -3.54
N PRO B 3077 -6.15 7.71 -4.60
CA PRO B 3077 -5.52 6.39 -4.80
C PRO B 3077 -4.59 5.98 -3.66
N HIS B 3078 -4.01 6.94 -2.95
CA HIS B 3078 -3.22 6.62 -1.76
C HIS B 3078 -4.10 6.23 -0.58
N GLU B 3079 -5.41 6.12 -0.79
CA GLU B 3079 -6.34 5.67 0.23
C GLU B 3079 -7.13 4.47 -0.28
N PHE B 3080 -7.20 3.43 0.54
CA PHE B 3080 -7.95 2.22 0.23
C PHE B 3080 -9.31 2.34 0.90
N LYS B 3081 -10.37 2.35 0.09
CA LYS B 3081 -11.71 2.49 0.64
C LYS B 3081 -12.08 1.28 1.48
N CYS B 3082 -12.58 1.54 2.68
CA CYS B 3082 -13.00 0.47 3.57
C CYS B 3082 -14.40 -0.01 3.22
N ASP B 3083 -14.69 -1.26 3.60
CA ASP B 3083 -16.03 -1.80 3.36
C ASP B 3083 -17.09 -1.03 4.14
N ASN B 3084 -16.72 -0.48 5.30
CA ASN B 3084 -17.63 0.38 6.06
C ASN B 3084 -17.87 1.71 5.38
N GLY B 3085 -17.05 2.08 4.40
CA GLY B 3085 -17.13 3.39 3.75
C GLY B 3085 -15.96 4.29 4.02
N ARG B 3086 -15.02 3.89 4.87
CA ARG B 3086 -13.84 4.70 5.14
C ARG B 3086 -12.86 4.57 3.97
N CYS B 3087 -11.74 5.29 4.04
CA CYS B 3087 -10.74 5.32 2.98
C CYS B 3087 -9.35 5.16 3.61
N ILE B 3088 -9.20 4.11 4.43
CA ILE B 3088 -7.94 3.74 5.07
C ILE B 3088 -6.78 3.84 4.09
N GLU B 3089 -5.68 4.44 4.52
CA GLU B 3089 -4.52 4.67 3.65
C GLU B 3089 -3.91 3.37 3.18
N MET B 3090 -3.30 3.41 2.00
CA MET B 3090 -2.57 2.25 1.48
C MET B 3090 -1.45 1.86 2.42
N MET B 3091 -0.73 2.85 2.98
CA MET B 3091 0.26 2.56 4.00
C MET B 3091 -0.40 1.93 5.22
N LYS B 3092 -1.59 2.41 5.58
CA LYS B 3092 -2.33 1.82 6.69
C LYS B 3092 -3.03 0.51 6.31
N LEU B 3093 -3.00 0.14 5.04
CA LEU B 3093 -3.59 -1.13 4.63
C LEU B 3093 -2.75 -2.28 5.18
N CYS B 3094 -3.41 -3.18 5.90
CA CYS B 3094 -2.75 -4.34 6.52
C CYS B 3094 -1.56 -3.90 7.37
N ASN B 3095 -1.75 -2.81 8.11
CA ASN B 3095 -0.73 -2.29 9.02
C ASN B 3095 -0.79 -2.93 10.40
N HIS B 3096 -1.49 -4.06 10.53
CA HIS B 3096 -1.70 -4.75 11.80
C HIS B 3096 -2.39 -3.85 12.83
N LEU B 3097 -3.21 -2.91 12.36
CA LEU B 3097 -3.95 -2.01 13.23
C LEU B 3097 -5.40 -1.95 12.76
N ASP B 3098 -6.31 -1.81 13.73
CA ASP B 3098 -7.75 -1.78 13.44
C ASP B 3098 -8.13 -0.37 13.00
N ASP B 3099 -7.74 -0.03 11.78
CA ASP B 3099 -7.96 1.32 11.27
C ASP B 3099 -9.41 1.59 10.90
N CYS B 3100 -10.18 0.56 10.56
CA CYS B 3100 -11.56 0.75 10.12
C CYS B 3100 -12.49 -0.11 10.97
N LEU B 3101 -13.76 0.27 10.98
CA LEU B 3101 -14.77 -0.52 11.69
C LEU B 3101 -14.86 -1.93 11.11
N ASP B 3102 -14.89 -2.04 9.78
CA ASP B 3102 -14.81 -3.33 9.12
C ASP B 3102 -13.39 -3.87 9.07
N ASN B 3103 -12.40 -3.05 9.43
CA ASN B 3103 -11.00 -3.46 9.43
C ASN B 3103 -10.57 -4.00 8.06
N SER B 3104 -11.06 -3.36 7.00
CA SER B 3104 -10.79 -3.81 5.63
C SER B 3104 -9.30 -3.88 5.35
N ASP B 3105 -8.53 -3.01 6.00
CA ASP B 3105 -7.08 -3.07 5.85
C ASP B 3105 -6.54 -4.42 6.31
N GLU B 3106 -6.98 -4.87 7.48
CA GLU B 3106 -6.53 -6.15 7.99
C GLU B 3106 -7.48 -7.23 7.52
N LYS B 3107 -8.57 -6.82 6.89
CA LYS B 3107 -9.57 -7.78 6.44
C LYS B 3107 -9.11 -8.44 5.16
N GLY B 3108 -8.88 -9.75 5.22
CA GLY B 3108 -8.47 -10.48 4.03
C GLY B 3108 -7.34 -9.79 3.30
N CYS B 3109 -6.25 -9.50 3.99
CA CYS B 3109 -5.11 -8.90 3.33
C CYS B 3109 -4.79 -9.74 2.10
N GLY B 3110 -4.60 -9.09 0.96
CA GLY B 3110 -4.34 -9.82 -0.26
C GLY B 3110 -2.94 -10.38 -0.33
N ILE B 3111 -2.81 -11.68 -0.14
CA ILE B 3111 -1.49 -12.31 -0.21
C ILE B 3111 -1.42 -13.39 -1.29
N ASN B 3112 -0.75 -13.08 -2.39
CA ASN B 3112 -0.53 -14.08 -3.45
C ASN B 3112 -1.82 -14.83 -3.81
N GLU B 3113 -2.93 -14.09 -3.88
CA GLU B 3113 -4.17 -14.71 -4.33
C GLU B 3113 -4.05 -15.19 -5.77
N CYS B 3114 -3.42 -14.37 -6.63
CA CYS B 3114 -3.20 -14.79 -8.00
C CYS B 3114 -2.19 -15.93 -8.07
N HIS B 3115 -1.20 -15.94 -7.18
CA HIS B 3115 -0.25 -17.04 -7.14
C HIS B 3115 -0.96 -18.35 -6.79
N ASP B 3116 -2.02 -18.26 -6.01
CA ASP B 3116 -2.85 -19.44 -5.73
C ASP B 3116 -3.63 -19.81 -6.98
N PRO B 3117 -3.47 -21.02 -7.53
CA PRO B 3117 -4.23 -21.37 -8.74
C PRO B 3117 -5.67 -21.75 -8.43
N SER B 3118 -5.95 -22.22 -7.20
CA SER B 3118 -7.29 -22.66 -6.86
C SER B 3118 -8.28 -21.49 -6.94
N ILE B 3119 -7.89 -20.33 -6.44
CA ILE B 3119 -8.72 -19.14 -6.51
C ILE B 3119 -8.13 -18.18 -7.53
N SER B 3120 -8.86 -17.12 -7.86
CA SER B 3120 -8.36 -16.04 -8.71
C SER B 3120 -7.94 -16.56 -10.08
N GLY B 3121 -8.63 -17.60 -10.56
CA GLY B 3121 -8.36 -18.12 -11.88
C GLY B 3121 -8.90 -17.21 -12.95
N CYS B 3122 -8.00 -16.53 -13.67
CA CYS B 3122 -8.40 -15.57 -14.68
C CYS B 3122 -7.92 -16.03 -16.05
N ASP B 3123 -8.46 -15.39 -17.09
CA ASP B 3123 -8.20 -15.83 -18.45
C ASP B 3123 -6.76 -15.57 -18.87
N HIS B 3124 -6.27 -14.34 -18.67
CA HIS B 3124 -5.00 -13.94 -19.27
C HIS B 3124 -3.97 -13.67 -18.17
N ASN B 3125 -4.24 -12.68 -17.33
CA ASN B 3125 -3.26 -12.29 -16.32
C ASN B 3125 -3.85 -11.77 -15.03
N CYS B 3126 -3.87 -12.61 -13.99
CA CYS B 3126 -4.32 -12.16 -12.68
C CYS B 3126 -3.25 -11.27 -12.06
N THR B 3127 -3.66 -10.19 -11.41
CA THR B 3127 -2.75 -9.26 -10.77
C THR B 3127 -3.13 -9.10 -9.31
N ASP B 3128 -2.20 -9.44 -8.42
CA ASP B 3128 -2.48 -9.41 -6.98
C ASP B 3128 -2.47 -7.97 -6.46
N THR B 3129 -2.99 -7.81 -5.25
CA THR B 3129 -3.03 -6.51 -4.60
C THR B 3129 -2.97 -6.73 -3.08
N LEU B 3130 -2.94 -5.61 -2.35
CA LEU B 3130 -2.84 -5.67 -0.91
C LEU B 3130 -4.09 -6.25 -0.27
N THR B 3131 -5.22 -6.21 -0.96
CA THR B 3131 -6.47 -6.78 -0.48
C THR B 3131 -7.13 -7.57 -1.59
N SER B 3132 -7.28 -8.87 -1.39
CA SER B 3132 -7.89 -9.78 -2.37
C SER B 3132 -7.04 -9.75 -3.64
N PHE B 3133 -7.66 -9.65 -4.81
CA PHE B 3133 -6.93 -9.72 -6.07
C PHE B 3133 -7.74 -9.01 -7.15
N TYR B 3134 -7.18 -8.96 -8.34
CA TYR B 3134 -7.89 -8.52 -9.55
C TYR B 3134 -7.16 -9.10 -10.74
N CYS B 3135 -7.68 -8.83 -11.94
CA CYS B 3135 -7.13 -9.42 -13.14
C CYS B 3135 -6.99 -8.37 -14.24
N SER B 3136 -6.11 -8.68 -15.19
CA SER B 3136 -5.92 -7.86 -16.38
C SER B 3136 -5.93 -8.77 -17.60
N CYS B 3137 -6.42 -8.23 -18.71
CA CYS B 3137 -6.54 -8.97 -19.95
C CYS B 3137 -5.50 -8.48 -20.96
N ARG B 3138 -5.11 -9.37 -21.87
CA ARG B 3138 -4.19 -9.00 -22.92
C ARG B 3138 -4.84 -7.97 -23.84
N PRO B 3139 -4.05 -7.12 -24.50
CA PRO B 3139 -4.64 -6.09 -25.36
C PRO B 3139 -5.50 -6.68 -26.46
N GLY B 3140 -6.59 -6.00 -26.76
CA GLY B 3140 -7.57 -6.49 -27.71
C GLY B 3140 -8.58 -7.44 -27.12
N TYR B 3141 -8.51 -7.73 -25.83
CA TYR B 3141 -9.46 -8.62 -25.15
C TYR B 3141 -10.13 -7.83 -24.03
N LYS B 3142 -11.45 -7.80 -24.04
CA LYS B 3142 -12.20 -7.10 -22.99
C LYS B 3142 -12.54 -8.05 -21.85
N LEU B 3143 -12.32 -7.60 -20.62
CA LEU B 3143 -12.66 -8.40 -19.45
C LEU B 3143 -14.18 -8.50 -19.32
N MET B 3144 -14.65 -9.73 -19.10
CA MET B 3144 -16.06 -9.99 -18.90
C MET B 3144 -16.49 -9.55 -17.51
N SER B 3145 -17.81 -9.48 -17.29
CA SER B 3145 -18.33 -9.09 -15.99
C SER B 3145 -17.91 -10.05 -14.89
N ASP B 3146 -17.55 -11.28 -15.25
CA ASP B 3146 -17.11 -12.25 -14.24
C ASP B 3146 -15.77 -11.88 -13.61
N LYS B 3147 -15.05 -10.91 -14.17
CA LYS B 3147 -13.72 -10.49 -13.74
C LYS B 3147 -12.68 -11.60 -13.88
N ARG B 3148 -13.02 -12.68 -14.57
CA ARG B 3148 -12.09 -13.77 -14.81
C ARG B 3148 -12.02 -14.21 -16.26
N THR B 3149 -12.90 -13.72 -17.12
CA THR B 3149 -12.95 -14.11 -18.52
C THR B 3149 -12.60 -12.92 -19.39
N CYS B 3150 -11.69 -13.12 -20.33
CA CYS B 3150 -11.30 -12.09 -21.29
C CYS B 3150 -11.92 -12.42 -22.64
N VAL B 3151 -12.61 -11.44 -23.22
CA VAL B 3151 -13.31 -11.61 -24.50
C VAL B 3151 -12.72 -10.63 -25.50
N ASP B 3152 -12.41 -11.12 -26.69
CA ASP B 3152 -11.77 -10.30 -27.71
C ASP B 3152 -12.62 -9.08 -28.05
N ILE B 3153 -11.96 -7.94 -28.17
CA ILE B 3153 -12.61 -6.68 -28.52
C ILE B 3153 -12.86 -6.67 -30.02
N ASP B 3154 -14.05 -6.22 -30.42
CA ASP B 3154 -14.34 -5.98 -31.83
C ASP B 3154 -13.95 -4.54 -32.17
N GLU B 3155 -12.65 -4.36 -32.38
CA GLU B 3155 -12.09 -3.02 -32.54
C GLU B 3155 -12.67 -2.32 -33.76
N CYS B 3156 -13.07 -3.08 -34.78
CA CYS B 3156 -13.56 -2.47 -36.01
C CYS B 3156 -14.85 -1.70 -35.75
N THR B 3157 -15.73 -2.24 -34.92
CA THR B 3157 -17.00 -1.56 -34.64
C THR B 3157 -16.97 -0.80 -33.33
N GLU B 3158 -16.40 -1.40 -32.28
CA GLU B 3158 -16.41 -0.75 -30.97
C GLU B 3158 -15.58 0.53 -30.98
N MET B 3159 -14.39 0.49 -31.58
CA MET B 3159 -13.49 1.65 -31.61
C MET B 3159 -12.98 1.84 -33.04
N PRO B 3160 -13.83 2.32 -33.94
CA PRO B 3160 -13.42 2.45 -35.35
C PRO B 3160 -12.24 3.38 -35.56
N PHE B 3161 -11.92 4.24 -34.60
CA PHE B 3161 -10.83 5.18 -34.78
C PHE B 3161 -9.47 4.51 -34.76
N VAL B 3162 -9.40 3.23 -34.40
CA VAL B 3162 -8.10 2.53 -34.40
C VAL B 3162 -7.58 2.39 -35.82
N CYS B 3163 -8.47 2.20 -36.80
CA CYS B 3163 -8.09 1.99 -38.18
C CYS B 3163 -8.51 3.18 -39.02
N SER B 3164 -7.62 3.61 -39.92
CA SER B 3164 -8.03 4.55 -40.95
C SER B 3164 -8.77 3.81 -42.04
N GLN B 3165 -9.88 4.40 -42.49
CA GLN B 3165 -10.74 3.80 -43.52
C GLN B 3165 -11.26 2.46 -42.99
N LYS B 3166 -11.26 1.40 -43.76
CA LYS B 3166 -11.91 0.16 -43.37
C LYS B 3166 -11.08 -0.59 -42.31
N CYS B 3167 -11.72 -1.59 -41.70
CA CYS B 3167 -11.07 -2.44 -40.71
C CYS B 3167 -11.64 -3.84 -40.77
N GLU B 3168 -10.87 -4.80 -40.24
CA GLU B 3168 -11.31 -6.18 -40.09
C GLU B 3168 -11.02 -6.61 -38.66
N ASN B 3169 -12.02 -7.18 -37.99
CA ASN B 3169 -11.84 -7.58 -36.61
C ASN B 3169 -10.93 -8.79 -36.50
N VAL B 3170 -9.99 -8.74 -35.56
CA VAL B 3170 -9.07 -9.83 -35.28
C VAL B 3170 -9.13 -10.13 -33.80
N ILE B 3171 -8.77 -11.35 -33.44
CA ILE B 3171 -8.75 -11.77 -32.04
C ILE B 3171 -7.57 -11.07 -31.36
N GLY B 3172 -7.88 -10.07 -30.54
CA GLY B 3172 -6.87 -9.34 -29.81
C GLY B 3172 -6.21 -8.20 -30.55
N SER B 3173 -6.53 -7.99 -31.83
CA SER B 3173 -5.96 -6.89 -32.60
C SER B 3173 -6.90 -6.57 -33.74
N TYR B 3174 -6.40 -5.78 -34.68
CA TYR B 3174 -7.18 -5.33 -35.83
C TYR B 3174 -6.24 -5.08 -36.99
N ILE B 3175 -6.71 -5.37 -38.19
CA ILE B 3175 -5.93 -5.16 -39.42
C ILE B 3175 -6.63 -4.08 -40.23
N CYS B 3176 -5.91 -3.01 -40.54
CA CYS B 3176 -6.45 -1.89 -41.29
C CYS B 3176 -6.08 -2.02 -42.76
N LYS B 3177 -7.01 -1.60 -43.62
CA LYS B 3177 -6.80 -1.61 -45.06
C LYS B 3177 -7.23 -0.27 -45.64
N CYS B 3178 -6.82 -0.02 -46.88
CA CYS B 3178 -7.15 1.22 -47.58
C CYS B 3178 -7.92 0.89 -48.85
N ALA B 3179 -8.95 1.69 -49.12
CA ALA B 3179 -9.76 1.50 -50.31
C ALA B 3179 -8.92 1.78 -51.56
N PRO B 3180 -9.34 1.27 -52.71
CA PRO B 3180 -8.59 1.53 -53.95
C PRO B 3180 -8.46 3.03 -54.20
N GLY B 3181 -7.29 3.43 -54.70
CA GLY B 3181 -6.94 4.82 -54.80
C GLY B 3181 -6.26 5.38 -53.57
N TYR B 3182 -6.31 4.67 -52.45
CA TYR B 3182 -5.65 5.07 -51.22
C TYR B 3182 -4.48 4.14 -50.99
N LEU B 3183 -3.27 4.68 -51.05
CA LEU B 3183 -2.08 3.89 -50.81
C LEU B 3183 -1.84 3.73 -49.31
N ARG B 3184 -1.77 2.49 -48.85
CA ARG B 3184 -1.52 2.24 -47.44
C ARG B 3184 -0.09 2.63 -47.08
N GLU B 3185 0.05 3.37 -45.98
CA GLU B 3185 1.36 3.81 -45.56
C GLU B 3185 2.11 2.67 -44.86
N PRO B 3186 3.44 2.65 -44.97
CA PRO B 3186 4.21 1.63 -44.26
C PRO B 3186 4.03 1.67 -42.76
N ASP B 3187 3.71 2.85 -42.19
CA ASP B 3187 3.48 2.95 -40.76
C ASP B 3187 2.28 2.11 -40.33
N GLY B 3188 1.32 1.93 -41.22
CA GLY B 3188 0.13 1.19 -40.89
C GLY B 3188 -0.94 2.06 -40.27
N LYS B 3189 -2.19 1.58 -40.35
CA LYS B 3189 -3.34 2.27 -39.77
C LYS B 3189 -3.52 3.67 -40.37
N THR B 3190 -2.95 3.90 -41.54
CA THR B 3190 -3.06 5.17 -42.25
C THR B 3190 -3.15 4.90 -43.75
N CYS B 3191 -3.72 5.86 -44.48
CA CYS B 3191 -3.87 5.75 -45.92
C CYS B 3191 -3.46 7.07 -46.57
N ARG B 3192 -3.04 6.98 -47.82
CA ARG B 3192 -2.61 8.14 -48.59
C ARG B 3192 -3.18 8.06 -49.99
N GLN B 3193 -3.57 9.22 -50.53
CA GLN B 3193 -4.23 9.25 -51.82
C GLN B 3193 -3.27 8.87 -52.94
N ASN B 3194 -3.84 8.46 -54.06
CA ASN B 3194 -3.08 8.12 -55.26
C ASN B 3194 -3.57 8.83 -56.51
N SER B 3195 -4.65 9.60 -56.43
CA SER B 3195 -5.20 10.23 -57.62
C SER B 3195 -4.22 11.25 -58.19
N ASN B 3196 -4.31 11.44 -59.50
CA ASN B 3196 -3.42 12.39 -60.17
C ASN B 3196 -3.67 13.81 -59.67
N ILE B 3197 -4.94 14.17 -59.50
CA ILE B 3197 -5.28 15.53 -59.10
C ILE B 3197 -5.00 15.73 -57.61
N GLU B 3198 -4.72 16.97 -57.23
CA GLU B 3198 -4.59 17.31 -55.83
C GLU B 3198 -5.86 18.00 -55.35
N PRO B 3199 -6.48 17.49 -54.29
CA PRO B 3199 -7.78 18.03 -53.84
C PRO B 3199 -7.63 19.45 -53.30
N TYR B 3200 -8.68 20.25 -53.49
CA TYR B 3200 -8.74 21.62 -52.98
C TYR B 3200 -10.15 21.90 -52.51
N LEU B 3201 -10.27 22.60 -51.38
CA LEU B 3201 -11.58 22.90 -50.83
C LEU B 3201 -12.34 23.87 -51.72
N ILE B 3202 -13.65 23.68 -51.80
CA ILE B 3202 -14.55 24.56 -52.54
C ILE B 3202 -15.67 24.95 -51.59
N PHE B 3203 -15.77 26.24 -51.27
CA PHE B 3203 -16.82 26.74 -50.38
C PHE B 3203 -17.34 28.07 -50.91
N SER B 3204 -18.57 28.38 -50.52
CA SER B 3204 -19.29 29.52 -51.05
C SER B 3204 -19.48 30.58 -49.96
N ASN B 3205 -19.03 31.78 -50.22
CA ASN B 3205 -19.29 32.90 -49.32
C ASN B 3205 -20.68 33.47 -49.62
N ARG B 3206 -20.99 34.63 -49.05
CA ARG B 3206 -22.29 35.25 -49.28
C ARG B 3206 -22.47 35.61 -50.74
N TYR B 3207 -21.43 36.17 -51.37
CA TYR B 3207 -21.50 36.58 -52.76
C TYR B 3207 -20.50 35.87 -53.66
N TYR B 3208 -19.62 35.04 -53.11
CA TYR B 3208 -18.48 34.52 -53.86
C TYR B 3208 -18.36 33.02 -53.67
N LEU B 3209 -17.91 32.33 -54.71
CA LEU B 3209 -17.44 30.96 -54.59
C LEU B 3209 -15.93 30.96 -54.53
N ARG B 3210 -15.36 30.39 -53.48
CA ARG B 3210 -13.93 30.46 -53.23
C ARG B 3210 -13.24 29.17 -53.62
N ASN B 3211 -11.91 29.26 -53.72
CA ASN B 3211 -11.09 28.09 -54.02
C ASN B 3211 -9.94 28.12 -53.04
N LEU B 3212 -9.93 27.23 -52.07
CA LEU B 3212 -8.93 27.16 -51.01
C LEU B 3212 -8.27 25.80 -51.02
N THR B 3213 -6.95 25.78 -51.01
CA THR B 3213 -6.23 24.51 -50.96
C THR B 3213 -6.38 23.89 -49.58
N ILE B 3214 -6.20 22.56 -49.52
CA ILE B 3214 -6.42 21.84 -48.26
C ILE B 3214 -5.48 22.34 -47.18
N ASP B 3215 -4.20 22.52 -47.51
CA ASP B 3215 -3.26 23.03 -46.53
C ASP B 3215 -3.48 24.51 -46.23
N GLY B 3216 -4.31 25.20 -47.01
CA GLY B 3216 -4.58 26.59 -46.77
C GLY B 3216 -3.51 27.55 -47.27
N TYR B 3217 -2.57 27.07 -48.08
CA TYR B 3217 -1.51 27.95 -48.55
C TYR B 3217 -1.99 28.88 -49.65
N PHE B 3218 -2.98 28.46 -50.44
CA PHE B 3218 -3.44 29.24 -51.59
C PHE B 3218 -4.92 29.56 -51.45
N TYR B 3219 -5.27 30.80 -51.78
CA TYR B 3219 -6.64 31.29 -51.71
C TYR B 3219 -7.00 31.90 -53.05
N SER B 3220 -8.27 31.81 -53.41
CA SER B 3220 -8.70 32.26 -54.73
C SER B 3220 -10.17 32.66 -54.67
N LEU B 3221 -10.72 32.96 -55.84
CA LEU B 3221 -12.11 33.34 -56.01
C LEU B 3221 -12.62 32.69 -57.28
N ILE B 3222 -13.43 31.64 -57.15
CA ILE B 3222 -13.91 30.93 -58.34
C ILE B 3222 -14.89 31.80 -59.12
N LEU B 3223 -15.84 32.40 -58.42
CA LEU B 3223 -16.88 33.18 -59.09
C LEU B 3223 -17.49 34.17 -58.11
N GLU B 3224 -17.69 35.40 -58.57
CA GLU B 3224 -18.30 36.45 -57.77
C GLU B 3224 -19.52 37.01 -58.51
N GLY B 3225 -20.36 37.72 -57.78
CA GLY B 3225 -21.55 38.28 -58.36
C GLY B 3225 -22.82 37.50 -58.11
N LEU B 3226 -22.98 36.93 -56.93
CA LEU B 3226 -24.16 36.15 -56.59
C LEU B 3226 -24.82 36.76 -55.35
N ASP B 3227 -26.16 36.75 -55.35
CA ASP B 3227 -26.91 37.37 -54.27
C ASP B 3227 -26.60 36.72 -52.93
N ASN B 3228 -26.89 35.42 -52.80
CA ASN B 3228 -26.68 34.71 -51.53
C ASN B 3228 -26.60 33.21 -51.83
N VAL B 3229 -25.39 32.69 -51.92
CA VAL B 3229 -25.17 31.28 -52.22
C VAL B 3229 -24.88 30.54 -50.92
N VAL B 3230 -25.67 29.52 -50.62
CA VAL B 3230 -25.58 28.78 -49.36
C VAL B 3230 -25.28 27.31 -49.59
N ALA B 3231 -25.30 26.84 -50.83
CA ALA B 3231 -25.08 25.42 -51.09
C ALA B 3231 -24.40 25.26 -52.45
N LEU B 3232 -23.53 24.27 -52.54
CA LEU B 3232 -22.89 23.94 -53.80
C LEU B 3232 -22.55 22.45 -53.82
N ASP B 3233 -22.38 21.91 -55.02
CA ASP B 3233 -21.94 20.53 -55.19
C ASP B 3233 -21.44 20.36 -56.61
N PHE B 3234 -20.26 19.75 -56.75
CA PHE B 3234 -19.61 19.59 -58.04
C PHE B 3234 -20.11 18.33 -58.75
N ASP B 3235 -19.58 18.11 -59.94
CA ASP B 3235 -19.87 16.92 -60.75
C ASP B 3235 -18.56 16.51 -61.41
N ARG B 3236 -17.96 15.42 -60.92
CA ARG B 3236 -16.67 15.00 -61.43
C ARG B 3236 -16.73 14.63 -62.91
N VAL B 3237 -17.85 14.02 -63.33
CA VAL B 3237 -17.93 13.50 -64.70
C VAL B 3237 -17.82 14.63 -65.72
N GLU B 3238 -18.56 15.71 -65.51
CA GLU B 3238 -18.60 16.82 -66.45
C GLU B 3238 -17.82 18.04 -65.97
N LYS B 3239 -17.16 17.94 -64.82
CA LYS B 3239 -16.38 19.05 -64.26
C LYS B 3239 -17.23 20.31 -64.13
N ARG B 3240 -18.44 20.15 -63.64
CA ARG B 3240 -19.35 21.26 -63.39
C ARG B 3240 -19.35 21.61 -61.91
N LEU B 3241 -20.04 22.69 -61.57
CA LEU B 3241 -20.15 23.16 -60.20
C LEU B 3241 -21.53 23.79 -60.01
N TYR B 3242 -22.43 23.04 -59.39
CA TYR B 3242 -23.80 23.52 -59.17
C TYR B 3242 -23.88 24.29 -57.86
N TRP B 3243 -24.84 25.21 -57.78
CA TRP B 3243 -25.07 25.96 -56.55
C TRP B 3243 -26.49 26.46 -56.51
N ILE B 3244 -26.85 27.08 -55.38
CA ILE B 3244 -28.17 27.62 -55.13
C ILE B 3244 -28.01 29.04 -54.62
N ASP B 3245 -28.75 29.98 -55.22
CA ASP B 3245 -28.79 31.36 -54.76
C ASP B 3245 -30.15 31.55 -54.08
N THR B 3246 -30.19 31.38 -52.76
CA THR B 3246 -31.45 31.41 -52.05
C THR B 3246 -32.13 32.77 -52.18
N GLN B 3247 -31.36 33.85 -52.08
CA GLN B 3247 -31.93 35.18 -52.23
C GLN B 3247 -32.52 35.36 -53.62
N ARG B 3248 -31.82 34.89 -54.63
CA ARG B 3248 -32.28 34.97 -56.01
C ARG B 3248 -33.20 33.81 -56.39
N GLN B 3249 -33.23 32.76 -55.58
CA GLN B 3249 -34.11 31.60 -55.81
C GLN B 3249 -33.88 30.98 -57.18
N VAL B 3250 -32.62 30.66 -57.47
CA VAL B 3250 -32.25 29.97 -58.71
C VAL B 3250 -31.17 28.96 -58.41
N ILE B 3251 -31.19 27.86 -59.16
CA ILE B 3251 -30.18 26.82 -59.09
C ILE B 3251 -29.39 26.87 -60.38
N GLU B 3252 -28.11 27.25 -60.29
CA GLU B 3252 -27.28 27.50 -61.45
C GLU B 3252 -26.07 26.58 -61.44
N ARG B 3253 -25.54 26.31 -62.64
CA ARG B 3253 -24.39 25.45 -62.78
C ARG B 3253 -23.37 26.11 -63.68
N MET B 3254 -22.11 25.73 -63.51
CA MET B 3254 -21.01 26.34 -64.23
C MET B 3254 -19.85 25.36 -64.32
N PHE B 3255 -19.15 25.38 -65.45
CA PHE B 3255 -17.95 24.58 -65.60
C PHE B 3255 -16.86 25.08 -64.67
N LEU B 3256 -15.97 24.17 -64.27
CA LEU B 3256 -14.90 24.55 -63.36
C LEU B 3256 -13.95 25.53 -64.01
N ASN B 3257 -13.78 25.44 -65.33
CA ASN B 3257 -12.94 26.40 -66.07
C ASN B 3257 -13.68 27.71 -66.30
N LYS B 3258 -14.88 27.82 -65.75
CA LYS B 3258 -15.69 29.04 -65.86
C LYS B 3258 -16.09 29.36 -67.30
N THR B 3259 -16.14 28.35 -68.16
CA THR B 3259 -16.48 28.62 -69.56
C THR B 3259 -17.94 28.97 -69.73
N ASN B 3260 -18.84 28.21 -69.11
CA ASN B 3260 -20.27 28.40 -69.31
C ASN B 3260 -20.98 28.48 -67.97
N LYS B 3261 -21.96 29.37 -67.89
CA LYS B 3261 -22.81 29.51 -66.73
C LYS B 3261 -24.26 29.63 -67.19
N GLU B 3262 -25.16 28.94 -66.49
CA GLU B 3262 -26.55 28.92 -66.89
C GLU B 3262 -27.42 28.64 -65.68
N THR B 3263 -28.72 28.93 -65.83
CA THR B 3263 -29.70 28.70 -64.78
C THR B 3263 -30.46 27.42 -65.10
N ILE B 3264 -30.35 26.44 -64.20
CA ILE B 3264 -31.04 25.17 -64.41
C ILE B 3264 -32.49 25.26 -63.93
N ILE B 3265 -32.68 25.68 -62.68
CA ILE B 3265 -34.00 25.75 -62.07
C ILE B 3265 -34.23 27.16 -61.55
N ASN B 3266 -35.38 27.73 -61.90
CA ASN B 3266 -35.72 29.09 -61.48
C ASN B 3266 -37.16 29.21 -61.05
N HIS B 3267 -37.91 28.11 -60.98
CA HIS B 3267 -39.32 28.14 -60.66
C HIS B 3267 -39.61 27.24 -59.47
N ARG B 3268 -40.49 27.72 -58.59
CA ARG B 3268 -40.88 27.00 -57.38
C ARG B 3268 -39.65 26.66 -56.53
N LEU B 3269 -38.93 27.70 -56.12
CA LEU B 3269 -37.82 27.57 -55.18
C LEU B 3269 -37.95 28.60 -54.08
N PRO B 3270 -38.96 28.46 -53.21
CA PRO B 3270 -39.11 29.44 -52.12
C PRO B 3270 -37.90 29.53 -51.22
N ALA B 3271 -37.26 28.39 -50.95
CA ALA B 3271 -36.04 28.36 -50.16
C ALA B 3271 -35.39 27.00 -50.36
N ALA B 3272 -34.11 26.98 -50.74
CA ALA B 3272 -33.38 25.75 -51.00
C ALA B 3272 -32.11 25.78 -50.16
N GLU B 3273 -32.15 25.14 -48.99
CA GLU B 3273 -31.04 25.23 -48.05
C GLU B 3273 -29.83 24.46 -48.56
N SER B 3274 -30.02 23.22 -49.01
CA SER B 3274 -28.90 22.36 -49.34
C SER B 3274 -29.16 21.66 -50.66
N LEU B 3275 -28.07 21.27 -51.32
CA LEU B 3275 -28.10 20.60 -52.61
C LEU B 3275 -27.09 19.47 -52.59
N ALA B 3276 -27.36 18.42 -53.35
CA ALA B 3276 -26.45 17.29 -53.49
C ALA B 3276 -26.55 16.76 -54.92
N VAL B 3277 -25.46 16.87 -55.66
CA VAL B 3277 -25.42 16.45 -57.05
C VAL B 3277 -25.12 14.96 -57.09
N ASP B 3278 -25.99 14.19 -57.76
CA ASP B 3278 -25.74 12.78 -57.96
C ASP B 3278 -24.89 12.59 -59.20
N TRP B 3279 -23.79 11.84 -59.06
CA TRP B 3279 -22.85 11.63 -60.15
C TRP B 3279 -22.97 10.23 -60.75
N VAL B 3280 -24.06 9.52 -60.49
CA VAL B 3280 -24.20 8.15 -60.96
C VAL B 3280 -25.43 8.03 -61.85
N SER B 3281 -26.60 8.30 -61.30
CA SER B 3281 -27.83 8.33 -62.07
C SER B 3281 -28.02 9.66 -62.79
N ARG B 3282 -27.09 10.59 -62.60
CA ARG B 3282 -27.13 11.92 -63.21
C ARG B 3282 -28.41 12.65 -62.84
N LYS B 3283 -28.57 12.87 -61.54
CA LYS B 3283 -29.73 13.55 -60.99
C LYS B 3283 -29.28 14.67 -60.07
N LEU B 3284 -30.23 15.53 -59.72
CA LEU B 3284 -30.00 16.66 -58.83
C LEU B 3284 -31.03 16.61 -57.71
N TYR B 3285 -30.57 16.74 -56.47
CA TYR B 3285 -31.43 16.70 -55.30
C TYR B 3285 -31.21 17.97 -54.49
N TRP B 3286 -32.29 18.54 -53.97
CA TRP B 3286 -32.20 19.71 -53.12
C TRP B 3286 -33.35 19.74 -52.14
N LEU B 3287 -33.08 20.22 -50.94
CA LEU B 3287 -34.10 20.34 -49.90
C LEU B 3287 -34.79 21.69 -50.00
N ASP B 3288 -36.06 21.72 -49.64
CA ASP B 3288 -36.85 22.96 -49.61
C ASP B 3288 -37.38 23.15 -48.20
N ALA B 3289 -36.98 24.24 -47.56
CA ALA B 3289 -37.44 24.49 -46.20
C ALA B 3289 -38.88 24.96 -46.18
N ARG B 3290 -39.26 25.83 -47.12
CA ARG B 3290 -40.61 26.37 -47.14
C ARG B 3290 -41.62 25.29 -47.52
N LEU B 3291 -41.34 24.55 -48.59
CA LEU B 3291 -42.23 23.48 -49.02
C LEU B 3291 -42.07 22.21 -48.19
N ASP B 3292 -41.01 22.11 -47.39
CA ASP B 3292 -40.77 20.98 -46.50
C ASP B 3292 -40.83 19.67 -47.28
N GLY B 3293 -39.95 19.56 -48.27
CA GLY B 3293 -39.89 18.37 -49.10
C GLY B 3293 -38.58 18.29 -49.86
N LEU B 3294 -38.19 17.07 -50.19
CA LEU B 3294 -36.96 16.82 -50.93
C LEU B 3294 -37.32 16.51 -52.38
N PHE B 3295 -36.77 17.30 -53.31
CA PHE B 3295 -37.07 17.17 -54.72
C PHE B 3295 -35.95 16.46 -55.47
N VAL B 3296 -36.29 15.98 -56.67
CA VAL B 3296 -35.32 15.32 -57.55
C VAL B 3296 -35.52 15.86 -58.96
N SER B 3297 -34.41 16.05 -59.66
CA SER B 3297 -34.46 16.46 -61.05
C SER B 3297 -33.17 16.04 -61.74
N ASP B 3298 -33.24 15.91 -63.06
CA ASP B 3298 -32.05 15.66 -63.83
C ASP B 3298 -31.13 16.86 -63.80
N LEU B 3299 -29.90 16.67 -64.29
CA LEU B 3299 -28.90 17.74 -64.22
C LEU B 3299 -29.38 18.99 -64.94
N ASN B 3300 -30.22 18.85 -65.94
CA ASN B 3300 -30.81 19.98 -66.63
C ASN B 3300 -32.16 20.39 -66.05
N GLY B 3301 -32.62 19.72 -65.00
CA GLY B 3301 -33.91 20.03 -64.42
C GLY B 3301 -35.10 19.77 -65.32
N GLY B 3302 -35.01 18.77 -66.19
CA GLY B 3302 -36.10 18.49 -67.10
C GLY B 3302 -37.37 18.05 -66.39
N HIS B 3303 -37.24 17.12 -65.44
CA HIS B 3303 -38.38 16.58 -64.73
C HIS B 3303 -38.17 16.74 -63.24
N ARG B 3304 -39.18 17.26 -62.55
CA ARG B 3304 -39.12 17.48 -61.10
C ARG B 3304 -40.17 16.62 -60.41
N ARG B 3305 -39.83 16.13 -59.22
CA ARG B 3305 -40.76 15.30 -58.46
C ARG B 3305 -40.39 15.37 -56.99
N MET B 3306 -41.32 15.77 -56.14
CA MET B 3306 -41.09 15.72 -54.71
C MET B 3306 -40.99 14.27 -54.26
N LEU B 3307 -39.89 13.93 -53.58
CA LEU B 3307 -39.67 12.55 -53.16
C LEU B 3307 -40.16 12.26 -51.76
N ALA B 3308 -40.00 13.20 -50.83
CA ALA B 3308 -40.40 12.95 -49.46
C ALA B 3308 -41.11 14.17 -48.92
N GLN B 3309 -42.05 13.94 -48.01
CA GLN B 3309 -42.81 15.01 -47.37
C GLN B 3309 -43.45 14.44 -46.12
N HIS B 3310 -44.14 15.32 -45.39
CA HIS B 3310 -44.81 14.95 -44.14
C HIS B 3310 -43.73 14.47 -43.16
N CYS B 3311 -44.00 13.44 -42.38
CA CYS B 3311 -43.06 12.98 -41.37
C CYS B 3311 -42.29 11.76 -41.86
N VAL B 3312 -41.24 11.42 -41.11
CA VAL B 3312 -40.32 10.37 -41.52
C VAL B 3312 -40.23 9.23 -40.51
N ASP B 3313 -40.79 9.39 -39.32
CA ASP B 3313 -40.66 8.38 -38.27
C ASP B 3313 -41.82 7.40 -38.24
N ALA B 3314 -42.81 7.56 -39.13
CA ALA B 3314 -43.99 6.71 -39.18
C ALA B 3314 -44.84 6.85 -37.92
N ASN B 3315 -44.44 7.77 -37.04
CA ASN B 3315 -45.22 8.05 -35.81
C ASN B 3315 -45.52 9.54 -35.74
N ASN B 3316 -44.99 10.31 -36.67
CA ASN B 3316 -45.21 11.75 -36.78
C ASN B 3316 -44.41 12.56 -35.77
N THR B 3317 -43.49 11.96 -35.03
CA THR B 3317 -42.66 12.74 -34.11
C THR B 3317 -41.63 13.57 -34.88
N PHE B 3318 -41.10 13.03 -35.97
CA PHE B 3318 -40.05 13.69 -36.74
C PHE B 3318 -40.57 13.96 -38.15
N CYS B 3319 -40.63 15.24 -38.53
CA CYS B 3319 -41.22 15.66 -39.79
C CYS B 3319 -40.35 16.75 -40.39
N PHE B 3320 -40.57 17.01 -41.68
CA PHE B 3320 -39.84 18.06 -42.38
C PHE B 3320 -40.19 19.42 -41.80
N ASP B 3321 -39.27 20.00 -41.04
CA ASP B 3321 -39.50 21.32 -40.46
C ASP B 3321 -38.55 22.33 -41.08
N ASN B 3322 -37.25 22.07 -41.00
CA ASN B 3322 -36.22 22.94 -41.58
C ASN B 3322 -35.06 22.12 -42.12
N PRO B 3323 -35.27 21.33 -43.17
CA PRO B 3323 -34.19 20.48 -43.68
C PRO B 3323 -33.11 21.32 -44.37
N ARG B 3324 -31.87 21.18 -43.89
CA ARG B 3324 -30.79 22.01 -44.44
C ARG B 3324 -29.49 21.23 -44.63
N GLY B 3325 -29.56 19.94 -44.95
CA GLY B 3325 -28.37 19.19 -45.22
C GLY B 3325 -28.60 18.01 -46.14
N LEU B 3326 -27.65 17.73 -47.03
CA LEU B 3326 -27.84 16.65 -47.99
C LEU B 3326 -26.51 15.95 -48.21
N ALA B 3327 -26.55 14.64 -48.41
CA ALA B 3327 -25.36 13.84 -48.64
C ALA B 3327 -25.77 12.56 -49.34
N LEU B 3328 -25.23 12.31 -50.54
CA LEU B 3328 -25.59 11.17 -51.35
C LEU B 3328 -24.57 10.05 -51.19
N HIS B 3329 -25.07 8.82 -51.10
CA HIS B 3329 -24.23 7.62 -51.08
C HIS B 3329 -24.78 6.65 -52.11
N PRO B 3330 -24.44 6.84 -53.39
CA PRO B 3330 -25.04 6.00 -54.44
C PRO B 3330 -24.70 4.53 -54.31
N GLN B 3331 -23.63 4.18 -53.59
CA GLN B 3331 -23.27 2.77 -53.44
C GLN B 3331 -24.42 1.98 -52.81
N TYR B 3332 -25.15 2.61 -51.91
CA TYR B 3332 -26.32 1.99 -51.29
C TYR B 3332 -27.61 2.71 -51.65
N GLY B 3333 -27.53 3.76 -52.47
CA GLY B 3333 -28.70 4.49 -52.90
C GLY B 3333 -29.48 5.12 -51.77
N TYR B 3334 -28.78 5.65 -50.77
CA TYR B 3334 -29.42 6.32 -49.64
C TYR B 3334 -28.98 7.78 -49.61
N LEU B 3335 -29.94 8.69 -49.52
CA LEU B 3335 -29.69 10.12 -49.49
C LEU B 3335 -29.96 10.62 -48.08
N TYR B 3336 -28.90 10.74 -47.29
CA TYR B 3336 -29.05 11.20 -45.90
C TYR B 3336 -29.28 12.70 -45.86
N TRP B 3337 -30.11 13.14 -44.92
CA TRP B 3337 -30.39 14.55 -44.74
C TRP B 3337 -30.66 14.82 -43.26
N ALA B 3338 -30.67 16.10 -42.89
CA ALA B 3338 -30.85 16.50 -41.51
C ALA B 3338 -31.82 17.66 -41.43
N ASP B 3339 -32.45 17.80 -40.27
CA ASP B 3339 -33.44 18.85 -40.01
C ASP B 3339 -33.20 19.41 -38.62
N TRP B 3340 -33.22 20.74 -38.50
CA TRP B 3340 -33.02 21.41 -37.23
C TRP B 3340 -34.29 22.00 -36.66
N GLY B 3341 -35.44 21.35 -36.85
CA GLY B 3341 -36.68 21.80 -36.27
C GLY B 3341 -36.72 21.52 -34.77
N HIS B 3342 -37.95 21.47 -34.25
CA HIS B 3342 -38.13 21.14 -32.84
C HIS B 3342 -37.63 19.73 -32.54
N ARG B 3343 -37.97 18.78 -33.41
CA ARG B 3343 -37.54 17.39 -33.26
C ARG B 3343 -36.44 17.11 -34.29
N ALA B 3344 -35.22 17.43 -33.91
CA ALA B 3344 -34.09 17.28 -34.81
C ALA B 3344 -33.84 15.81 -35.13
N TYR B 3345 -33.59 15.51 -36.40
CA TYR B 3345 -33.34 14.14 -36.85
C TYR B 3345 -32.40 14.18 -38.05
N ILE B 3346 -31.74 13.05 -38.29
CA ILE B 3346 -30.78 12.92 -39.38
C ILE B 3346 -31.24 11.80 -40.29
N GLY B 3347 -32.55 11.63 -40.41
CA GLY B 3347 -33.07 10.49 -41.13
C GLY B 3347 -32.70 10.47 -42.60
N ARG B 3348 -32.70 9.25 -43.16
CA ARG B 3348 -32.27 9.00 -44.52
C ARG B 3348 -33.44 8.49 -45.34
N VAL B 3349 -33.24 8.46 -46.66
CA VAL B 3349 -34.24 7.96 -47.60
C VAL B 3349 -33.50 7.28 -48.75
N GLY B 3350 -34.11 6.22 -49.29
CA GLY B 3350 -33.57 5.63 -50.51
C GLY B 3350 -33.67 6.62 -51.66
N MET B 3351 -32.74 6.49 -52.61
CA MET B 3351 -32.72 7.41 -53.74
C MET B 3351 -33.93 7.25 -54.63
N ASP B 3352 -34.70 6.17 -54.48
CA ASP B 3352 -35.94 6.00 -55.22
C ASP B 3352 -37.14 6.60 -54.50
N GLY B 3353 -36.96 7.15 -53.31
CA GLY B 3353 -38.06 7.70 -52.55
C GLY B 3353 -38.75 6.72 -51.63
N THR B 3354 -38.10 5.61 -51.30
CA THR B 3354 -38.68 4.59 -50.44
C THR B 3354 -37.78 4.36 -49.24
N ASN B 3355 -38.21 3.49 -48.33
CA ASN B 3355 -37.44 3.19 -47.12
C ASN B 3355 -37.11 4.44 -46.32
N LYS B 3356 -38.00 5.41 -46.32
CA LYS B 3356 -37.79 6.61 -45.53
C LYS B 3356 -37.78 6.25 -44.04
N SER B 3357 -36.69 6.57 -43.36
CA SER B 3357 -36.56 6.17 -41.97
C SER B 3357 -35.58 7.09 -41.26
N VAL B 3358 -35.79 7.24 -39.95
CA VAL B 3358 -34.89 8.02 -39.11
C VAL B 3358 -33.61 7.23 -38.88
N ILE B 3359 -32.52 7.95 -38.66
CA ILE B 3359 -31.23 7.34 -38.35
C ILE B 3359 -30.77 7.73 -36.94
N ILE B 3360 -30.56 9.02 -36.70
CA ILE B 3360 -30.14 9.53 -35.40
C ILE B 3360 -31.17 10.57 -34.97
N SER B 3361 -31.68 10.41 -33.74
CA SER B 3361 -32.74 11.29 -33.25
C SER B 3361 -32.54 11.68 -31.79
N THR B 3362 -31.34 11.50 -31.25
CA THR B 3362 -31.07 11.79 -29.85
C THR B 3362 -29.82 12.65 -29.74
N LYS B 3363 -29.80 13.50 -28.71
CA LYS B 3363 -28.68 14.40 -28.46
C LYS B 3363 -28.37 15.22 -29.71
N LEU B 3364 -29.38 15.94 -30.19
CA LEU B 3364 -29.28 16.64 -31.47
C LEU B 3364 -30.23 17.83 -31.45
N GLU B 3365 -29.71 19.02 -31.72
CA GLU B 3365 -30.54 20.22 -31.77
C GLU B 3365 -30.56 20.86 -33.16
N TRP B 3366 -29.40 21.20 -33.69
CA TRP B 3366 -29.30 21.90 -34.98
C TRP B 3366 -28.31 21.17 -35.88
N PRO B 3367 -28.71 20.08 -36.51
CA PRO B 3367 -27.82 19.37 -37.44
C PRO B 3367 -27.71 20.10 -38.78
N ASN B 3368 -26.88 21.16 -38.78
CA ASN B 3368 -26.76 21.98 -39.97
C ASN B 3368 -26.08 21.23 -41.11
N GLY B 3369 -24.96 20.58 -40.84
CA GLY B 3369 -24.16 19.95 -41.87
C GLY B 3369 -24.20 18.45 -41.79
N ILE B 3370 -23.93 17.79 -42.91
CA ILE B 3370 -23.97 16.34 -43.00
C ILE B 3370 -23.10 15.91 -44.16
N THR B 3371 -22.43 14.77 -44.00
CA THR B 3371 -21.59 14.22 -45.06
C THR B 3371 -21.40 12.74 -44.82
N ILE B 3372 -20.93 12.04 -45.85
CA ILE B 3372 -20.71 10.61 -45.81
C ILE B 3372 -19.28 10.34 -46.23
N ASP B 3373 -18.54 9.60 -45.41
CA ASP B 3373 -17.15 9.25 -45.71
C ASP B 3373 -17.16 7.93 -46.47
N TYR B 3374 -16.91 8.01 -47.77
CA TYR B 3374 -17.01 6.82 -48.61
C TYR B 3374 -15.87 5.84 -48.33
N THR B 3375 -14.80 6.31 -47.69
CA THR B 3375 -13.67 5.43 -47.41
C THR B 3375 -14.06 4.31 -46.45
N ASN B 3376 -14.83 4.63 -45.41
CA ASN B 3376 -15.18 3.67 -44.38
C ASN B 3376 -16.69 3.61 -44.11
N ASP B 3377 -17.50 4.28 -44.93
CA ASP B 3377 -18.96 4.25 -44.79
C ASP B 3377 -19.40 4.72 -43.41
N LEU B 3378 -18.91 5.89 -43.01
CA LEU B 3378 -19.28 6.51 -41.75
C LEU B 3378 -19.99 7.83 -42.02
N LEU B 3379 -21.17 8.00 -41.40
CA LEU B 3379 -21.98 9.20 -41.58
C LEU B 3379 -21.55 10.24 -40.58
N TYR B 3380 -21.06 11.37 -41.08
CA TYR B 3380 -20.62 12.49 -40.24
C TYR B 3380 -21.67 13.59 -40.27
N TRP B 3381 -21.99 14.13 -39.11
CA TRP B 3381 -22.91 15.25 -39.00
C TRP B 3381 -22.38 16.24 -37.98
N ALA B 3382 -22.79 17.50 -38.13
CA ALA B 3382 -22.38 18.57 -37.25
C ALA B 3382 -23.60 19.29 -36.70
N ASP B 3383 -23.55 19.60 -35.40
CA ASP B 3383 -24.62 20.30 -34.72
C ASP B 3383 -24.18 21.73 -34.44
N ALA B 3384 -25.09 22.68 -34.62
CA ALA B 3384 -24.74 24.08 -34.42
C ALA B 3384 -24.81 24.48 -32.95
N HIS B 3385 -26.01 24.38 -32.36
CA HIS B 3385 -26.19 24.81 -30.98
C HIS B 3385 -25.34 23.99 -30.02
N LEU B 3386 -25.44 22.65 -30.11
CA LEU B 3386 -24.63 21.80 -29.26
C LEU B 3386 -23.15 21.88 -29.66
N GLY B 3387 -22.87 22.22 -30.90
CA GLY B 3387 -21.52 22.53 -31.30
C GLY B 3387 -20.58 21.35 -31.45
N TYR B 3388 -21.11 20.14 -31.55
CA TYR B 3388 -20.27 18.96 -31.69
C TYR B 3388 -20.25 18.46 -33.14
N ILE B 3389 -19.40 17.48 -33.39
CA ILE B 3389 -19.39 16.73 -34.64
C ILE B 3389 -19.25 15.26 -34.29
N GLU B 3390 -20.16 14.43 -34.80
CA GLU B 3390 -20.16 13.01 -34.51
C GLU B 3390 -20.11 12.21 -35.81
N TYR B 3391 -19.59 10.99 -35.69
CA TYR B 3391 -19.59 10.04 -36.79
C TYR B 3391 -20.15 8.72 -36.30
N SER B 3392 -20.89 8.03 -37.15
CA SER B 3392 -21.49 6.75 -36.80
C SER B 3392 -21.59 5.90 -38.05
N ASP B 3393 -21.95 4.64 -37.85
CA ASP B 3393 -22.22 3.76 -38.98
C ASP B 3393 -23.46 4.23 -39.71
N LEU B 3394 -23.59 3.78 -40.97
CA LEU B 3394 -24.68 4.25 -41.81
C LEU B 3394 -26.04 3.91 -41.25
N GLU B 3395 -26.13 2.95 -40.34
CA GLU B 3395 -27.36 2.67 -39.62
C GLU B 3395 -27.47 3.45 -38.32
N GLY B 3396 -26.48 4.28 -38.01
CA GLY B 3396 -26.54 5.13 -36.83
C GLY B 3396 -26.60 4.36 -35.52
N HIS B 3397 -25.74 3.35 -35.37
CA HIS B 3397 -25.73 2.56 -34.16
C HIS B 3397 -24.71 3.04 -33.13
N HIS B 3398 -23.46 3.21 -33.54
CA HIS B 3398 -22.38 3.58 -32.63
C HIS B 3398 -21.99 5.03 -32.91
N ARG B 3399 -22.44 5.94 -32.05
CA ARG B 3399 -22.15 7.36 -32.18
C ARG B 3399 -20.87 7.69 -31.43
N HIS B 3400 -19.90 8.27 -32.12
CA HIS B 3400 -18.65 8.70 -31.51
C HIS B 3400 -18.45 10.18 -31.83
N THR B 3401 -18.13 10.96 -30.81
CA THR B 3401 -18.01 12.41 -30.95
C THR B 3401 -16.60 12.75 -31.40
N VAL B 3402 -16.48 13.35 -32.60
CA VAL B 3402 -15.20 13.89 -33.03
C VAL B 3402 -14.79 15.04 -32.13
N TYR B 3403 -15.74 15.91 -31.80
CA TYR B 3403 -15.52 17.00 -30.87
C TYR B 3403 -16.61 16.98 -29.81
N ASP B 3404 -16.23 17.30 -28.57
CA ASP B 3404 -17.18 17.25 -27.47
C ASP B 3404 -18.27 18.30 -27.64
N GLY B 3405 -18.00 19.37 -28.37
CA GLY B 3405 -18.94 20.46 -28.51
C GLY B 3405 -18.27 21.81 -28.42
N ALA B 3406 -16.93 21.81 -28.38
CA ALA B 3406 -16.19 23.05 -28.25
C ALA B 3406 -16.32 23.93 -29.48
N LEU B 3407 -16.72 23.36 -30.61
CA LEU B 3407 -16.90 24.15 -31.83
C LEU B 3407 -18.06 25.12 -31.63
N PRO B 3408 -17.87 26.42 -31.87
CA PRO B 3408 -18.92 27.40 -31.57
C PRO B 3408 -20.18 27.19 -32.38
N HIS B 3409 -20.07 27.12 -33.71
CA HIS B 3409 -21.25 27.05 -34.58
C HIS B 3409 -20.83 26.56 -35.96
N PRO B 3410 -20.55 25.26 -36.11
CA PRO B 3410 -20.25 24.72 -37.43
C PRO B 3410 -21.48 24.72 -38.32
N PHE B 3411 -21.25 24.88 -39.62
CA PHE B 3411 -22.36 24.83 -40.57
C PHE B 3411 -22.22 23.70 -41.56
N ALA B 3412 -21.09 23.62 -42.25
CA ALA B 3412 -20.87 22.63 -43.29
C ALA B 3412 -19.64 21.80 -42.97
N ILE B 3413 -19.69 20.52 -43.33
CA ILE B 3413 -18.66 19.57 -42.95
C ILE B 3413 -18.37 18.66 -44.14
N THR B 3414 -17.09 18.42 -44.41
CA THR B 3414 -16.67 17.48 -45.43
C THR B 3414 -15.42 16.76 -44.95
N ILE B 3415 -15.26 15.51 -45.39
CA ILE B 3415 -14.19 14.63 -44.93
C ILE B 3415 -13.42 14.13 -46.14
N PHE B 3416 -12.09 14.21 -46.06
CA PHE B 3416 -11.22 13.65 -47.08
C PHE B 3416 -9.97 13.09 -46.42
N GLU B 3417 -9.54 11.91 -46.89
CA GLU B 3417 -8.40 11.18 -46.32
C GLU B 3417 -8.68 10.95 -44.85
N ASP B 3418 -7.88 11.48 -43.92
CA ASP B 3418 -8.14 11.39 -42.50
C ASP B 3418 -8.46 12.75 -41.89
N THR B 3419 -8.84 13.72 -42.72
CA THR B 3419 -9.04 15.10 -42.28
C THR B 3419 -10.49 15.50 -42.52
N ILE B 3420 -11.06 16.18 -41.54
CA ILE B 3420 -12.43 16.70 -41.62
C ILE B 3420 -12.36 18.22 -41.73
N TYR B 3421 -13.05 18.77 -42.71
CA TYR B 3421 -13.05 20.21 -42.96
C TYR B 3421 -14.43 20.76 -42.66
N TRP B 3422 -14.51 21.68 -41.70
CA TRP B 3422 -15.77 22.27 -41.29
C TRP B 3422 -15.67 23.78 -41.33
N THR B 3423 -16.80 24.41 -41.64
CA THR B 3423 -16.90 25.86 -41.73
C THR B 3423 -17.79 26.35 -40.59
N ASP B 3424 -17.29 27.29 -39.81
CA ASP B 3424 -17.98 27.76 -38.61
C ASP B 3424 -18.44 29.19 -38.82
N TRP B 3425 -19.73 29.44 -38.56
CA TRP B 3425 -20.28 30.77 -38.76
C TRP B 3425 -19.75 31.75 -37.71
N ASN B 3426 -19.78 31.36 -36.44
CA ASN B 3426 -19.45 32.29 -35.37
C ASN B 3426 -18.03 32.83 -35.50
N THR B 3427 -17.09 31.97 -35.87
CA THR B 3427 -15.73 32.41 -36.13
C THR B 3427 -15.51 32.84 -37.57
N ARG B 3428 -16.48 32.60 -38.45
CA ARG B 3428 -16.41 32.99 -39.86
C ARG B 3428 -15.10 32.54 -40.49
N THR B 3429 -14.84 31.25 -40.41
CA THR B 3429 -13.58 30.72 -40.93
C THR B 3429 -13.75 29.26 -41.30
N VAL B 3430 -12.77 28.75 -42.04
CA VAL B 3430 -12.71 27.34 -42.42
C VAL B 3430 -11.68 26.66 -41.54
N GLU B 3431 -12.07 25.58 -40.90
CA GLU B 3431 -11.21 24.87 -39.96
C GLU B 3431 -11.14 23.40 -40.33
N LYS B 3432 -10.00 22.78 -40.03
CA LYS B 3432 -9.78 21.37 -40.34
C LYS B 3432 -9.20 20.66 -39.14
N GLY B 3433 -9.39 19.34 -39.12
CA GLY B 3433 -8.86 18.51 -38.05
C GLY B 3433 -8.93 17.06 -38.45
N ASN B 3434 -8.47 16.20 -37.54
CA ASN B 3434 -8.55 14.77 -37.79
C ASN B 3434 -9.99 14.30 -37.76
N LYS B 3435 -10.34 13.41 -38.68
CA LYS B 3435 -11.73 13.02 -38.84
C LYS B 3435 -12.22 12.12 -37.70
N TYR B 3436 -11.32 11.53 -36.92
CA TYR B 3436 -11.74 10.64 -35.85
C TYR B 3436 -11.71 11.32 -34.49
N ASP B 3437 -10.54 11.76 -34.05
CA ASP B 3437 -10.42 12.34 -32.72
C ASP B 3437 -10.41 13.86 -32.73
N GLY B 3438 -10.52 14.48 -33.90
CA GLY B 3438 -10.49 15.93 -33.98
C GLY B 3438 -9.17 16.53 -33.53
N SER B 3439 -8.07 15.83 -33.79
CA SER B 3439 -6.76 16.34 -33.43
C SER B 3439 -6.23 17.28 -34.53
N ASN B 3440 -5.23 18.07 -34.16
CA ASN B 3440 -4.60 19.02 -35.08
C ASN B 3440 -5.62 19.99 -35.66
N ARG B 3441 -6.46 20.56 -34.81
CA ARG B 3441 -7.44 21.54 -35.25
C ARG B 3441 -6.73 22.81 -35.72
N GLN B 3442 -6.80 23.07 -37.02
CA GLN B 3442 -6.11 24.20 -37.62
C GLN B 3442 -7.11 25.09 -38.33
N THR B 3443 -6.98 26.40 -38.12
CA THR B 3443 -7.82 27.39 -38.80
C THR B 3443 -7.12 27.80 -40.09
N LEU B 3444 -7.74 27.50 -41.23
CA LEU B 3444 -7.10 27.77 -42.51
C LEU B 3444 -7.16 29.25 -42.86
N VAL B 3445 -8.35 29.77 -43.13
CA VAL B 3445 -8.52 31.16 -43.53
C VAL B 3445 -9.81 31.68 -42.91
N ASN B 3446 -9.79 32.97 -42.58
CA ASN B 3446 -10.98 33.59 -42.05
C ASN B 3446 -11.60 34.41 -43.15
N THR B 3447 -12.92 34.47 -43.17
CA THR B 3447 -13.66 35.17 -44.20
C THR B 3447 -14.53 36.24 -43.56
N THR B 3448 -14.70 37.36 -44.28
CA THR B 3448 -15.54 38.44 -43.77
C THR B 3448 -17.00 38.00 -43.67
N HIS B 3449 -17.49 37.28 -44.66
CA HIS B 3449 -18.86 36.80 -44.65
C HIS B 3449 -18.92 35.40 -44.07
N ARG B 3450 -20.14 34.87 -43.96
CA ARG B 3450 -20.31 33.52 -43.44
C ARG B 3450 -19.78 32.50 -44.44
N PRO B 3451 -19.20 31.40 -43.96
CA PRO B 3451 -18.54 30.47 -44.87
C PRO B 3451 -19.48 29.56 -45.64
N PHE B 3452 -20.67 29.29 -45.09
CA PHE B 3452 -21.72 28.51 -45.76
C PHE B 3452 -21.18 27.13 -46.13
N ASP B 3453 -21.67 26.57 -47.24
CA ASP B 3453 -21.37 25.21 -47.62
C ASP B 3453 -19.90 25.06 -48.03
N ILE B 3454 -19.39 23.84 -47.90
CA ILE B 3454 -18.01 23.52 -48.22
C ILE B 3454 -17.95 22.14 -48.85
N HIS B 3455 -16.90 21.89 -49.63
CA HIS B 3455 -16.70 20.60 -50.27
C HIS B 3455 -15.22 20.41 -50.56
N VAL B 3456 -14.83 19.15 -50.76
CA VAL B 3456 -13.49 18.80 -51.22
C VAL B 3456 -13.61 18.26 -52.64
N TYR B 3457 -13.03 18.97 -53.59
CA TYR B 3457 -13.08 18.55 -54.99
C TYR B 3457 -11.93 17.59 -55.24
N HIS B 3458 -12.27 16.35 -55.57
CA HIS B 3458 -11.28 15.31 -55.82
C HIS B 3458 -12.01 14.11 -56.39
N PRO B 3459 -11.40 13.37 -57.31
CA PRO B 3459 -12.11 12.21 -57.88
C PRO B 3459 -12.50 11.16 -56.86
N TYR B 3460 -11.75 11.05 -55.76
CA TYR B 3460 -12.08 10.05 -54.75
C TYR B 3460 -13.34 10.41 -53.99
N ARG B 3461 -13.65 11.70 -53.88
CA ARG B 3461 -14.84 12.12 -53.15
C ARG B 3461 -16.11 11.64 -53.84
N GLN B 3462 -16.03 11.29 -55.12
CA GLN B 3462 -17.15 10.68 -55.85
C GLN B 3462 -16.66 9.37 -56.42
N PRO B 3463 -16.68 8.29 -55.64
CA PRO B 3463 -16.16 7.01 -56.13
C PRO B 3463 -16.98 6.49 -57.30
N ILE B 3464 -16.31 5.75 -58.17
CA ILE B 3464 -16.92 5.26 -59.40
C ILE B 3464 -17.75 4.02 -59.09
N VAL B 3465 -19.03 4.07 -59.44
CA VAL B 3465 -19.95 2.97 -59.23
C VAL B 3465 -20.95 2.94 -60.37
N SER B 3466 -21.24 1.74 -60.86
CA SER B 3466 -22.06 1.55 -62.04
C SER B 3466 -23.49 2.02 -61.80
N ASN B 3467 -24.17 2.37 -62.90
CA ASN B 3467 -25.52 2.89 -62.83
C ASN B 3467 -26.51 1.77 -63.11
N PRO B 3468 -27.37 1.42 -62.14
CA PRO B 3468 -28.40 0.41 -62.42
C PRO B 3468 -29.32 0.81 -63.56
N CYS B 3469 -29.57 2.10 -63.75
CA CYS B 3469 -30.39 2.53 -64.88
C CYS B 3469 -29.74 2.16 -66.21
N GLY B 3470 -28.43 2.37 -66.32
CA GLY B 3470 -27.70 1.93 -67.49
C GLY B 3470 -27.94 2.76 -68.73
N THR B 3471 -29.14 2.65 -69.30
CA THR B 3471 -29.48 3.36 -70.52
C THR B 3471 -30.99 3.57 -70.56
N ASN B 3472 -31.41 4.60 -71.30
CA ASN B 3472 -32.82 4.92 -71.51
C ASN B 3472 -33.54 5.14 -70.19
N ASN B 3473 -32.81 5.67 -69.20
CA ASN B 3473 -33.31 5.79 -67.84
C ASN B 3473 -33.85 4.45 -67.34
N GLY B 3474 -33.13 3.38 -67.66
CA GLY B 3474 -33.61 2.05 -67.30
C GLY B 3474 -34.95 1.73 -67.94
N GLY B 3475 -35.21 2.26 -69.12
CA GLY B 3475 -36.49 2.06 -69.77
C GLY B 3475 -37.65 2.77 -69.07
N CYS B 3476 -37.36 3.82 -68.32
CA CYS B 3476 -38.38 4.63 -67.68
C CYS B 3476 -38.70 5.83 -68.56
N SER B 3477 -39.95 6.30 -68.48
CA SER B 3477 -40.36 7.40 -69.34
C SER B 3477 -39.65 8.70 -68.98
N HIS B 3478 -39.67 9.08 -67.70
CA HIS B 3478 -39.12 10.37 -67.31
C HIS B 3478 -37.93 10.23 -66.36
N LEU B 3479 -38.12 9.54 -65.24
CA LEU B 3479 -37.13 9.50 -64.17
C LEU B 3479 -36.71 8.08 -63.86
N CYS B 3480 -35.43 7.90 -63.56
CA CYS B 3480 -34.88 6.62 -63.12
C CYS B 3480 -34.07 6.87 -61.86
N LEU B 3481 -34.57 6.38 -60.73
CA LEU B 3481 -33.92 6.58 -59.44
C LEU B 3481 -33.44 5.23 -58.91
N ILE B 3482 -32.21 5.21 -58.39
CA ILE B 3482 -31.63 3.97 -57.91
C ILE B 3482 -32.37 3.49 -56.68
N LYS B 3483 -32.69 2.20 -56.65
CA LYS B 3483 -33.31 1.60 -55.48
C LYS B 3483 -32.34 1.57 -54.31
N PRO B 3484 -32.86 1.50 -53.08
CA PRO B 3484 -31.97 1.43 -51.92
C PRO B 3484 -31.12 0.17 -51.96
N GLY B 3485 -29.93 0.27 -51.36
CA GLY B 3485 -28.96 -0.79 -51.42
C GLY B 3485 -28.04 -0.76 -52.62
N GLY B 3486 -28.19 0.23 -53.50
CA GLY B 3486 -27.33 0.33 -54.66
C GLY B 3486 -27.54 -0.78 -55.67
N LYS B 3487 -28.77 -1.20 -55.89
CA LYS B 3487 -29.09 -2.24 -56.86
C LYS B 3487 -30.53 -2.06 -57.32
N GLY B 3488 -30.73 -2.02 -58.64
CA GLY B 3488 -32.05 -1.84 -59.19
C GLY B 3488 -32.47 -0.38 -59.23
N PHE B 3489 -33.64 -0.14 -59.81
CA PHE B 3489 -34.14 1.21 -59.97
C PHE B 3489 -35.65 1.19 -60.03
N THR B 3490 -36.25 2.34 -59.75
CA THR B 3490 -37.69 2.52 -59.78
C THR B 3490 -38.03 3.68 -60.71
N CYS B 3491 -38.91 3.42 -61.68
CA CYS B 3491 -39.37 4.49 -62.55
C CYS B 3491 -40.21 5.50 -61.78
N GLU B 3492 -40.14 6.75 -62.18
CA GLU B 3492 -40.91 7.81 -61.55
C GLU B 3492 -41.49 8.72 -62.62
N CYS B 3493 -42.30 9.68 -62.19
CA CYS B 3493 -42.98 10.61 -63.06
C CYS B 3493 -42.81 12.02 -62.52
N PRO B 3494 -42.92 13.04 -63.37
CA PRO B 3494 -42.86 14.41 -62.89
C PRO B 3494 -44.00 14.72 -61.93
N ASP B 3495 -43.85 15.82 -61.20
CA ASP B 3495 -44.78 16.13 -60.12
C ASP B 3495 -46.22 16.26 -60.60
N ASP B 3496 -46.41 16.77 -61.82
CA ASP B 3496 -47.75 16.93 -62.37
C ASP B 3496 -48.24 15.68 -63.09
N PHE B 3497 -47.71 14.51 -62.75
CA PHE B 3497 -48.10 13.25 -63.37
C PHE B 3497 -48.47 12.25 -62.28
N ARG B 3498 -49.55 11.51 -62.51
CA ARG B 3498 -49.92 10.43 -61.60
C ARG B 3498 -49.21 9.15 -62.03
N THR B 3499 -48.42 8.57 -61.12
CA THR B 3499 -47.57 7.42 -61.43
C THR B 3499 -48.38 6.14 -61.25
N LEU B 3500 -48.87 5.60 -62.37
CA LEU B 3500 -49.53 4.32 -62.35
C LEU B 3500 -48.52 3.20 -62.55
N GLN B 3501 -48.69 2.10 -61.81
CA GLN B 3501 -47.81 0.95 -61.89
C GLN B 3501 -48.43 -0.07 -62.82
N LEU B 3502 -47.92 -0.15 -64.04
CA LEU B 3502 -48.43 -1.11 -65.01
C LEU B 3502 -47.86 -2.50 -64.74
N SER B 3503 -48.18 -3.43 -65.64
CA SER B 3503 -47.68 -4.80 -65.53
C SER B 3503 -46.21 -4.83 -65.96
N GLY B 3504 -45.31 -4.85 -64.97
CA GLY B 3504 -43.89 -4.87 -65.28
C GLY B 3504 -43.37 -3.54 -65.80
N SER B 3505 -44.13 -2.47 -65.60
CA SER B 3505 -43.74 -1.15 -66.07
C SER B 3505 -44.57 -0.08 -65.37
N THR B 3506 -44.41 1.17 -65.78
CA THR B 3506 -45.17 2.26 -65.19
C THR B 3506 -45.67 3.18 -66.29
N TYR B 3507 -46.79 3.83 -66.04
CA TYR B 3507 -47.36 4.81 -66.94
C TYR B 3507 -47.58 6.11 -66.18
N CYS B 3508 -47.11 7.22 -66.76
CA CYS B 3508 -47.26 8.53 -66.14
C CYS B 3508 -48.53 9.17 -66.68
N MET B 3509 -49.55 9.24 -65.83
CA MET B 3509 -50.78 9.91 -66.22
C MET B 3509 -50.51 11.38 -66.45
N PRO B 3510 -50.95 11.96 -67.55
CA PRO B 3510 -50.68 13.37 -67.82
C PRO B 3510 -51.64 14.30 -67.09
N MET B 3511 -52.33 13.78 -66.08
CA MET B 3511 -53.34 14.54 -65.36
C MET B 3511 -52.75 15.82 -64.79
N CYS B 3512 -53.15 16.96 -65.34
CA CYS B 3512 -52.60 18.25 -64.97
C CYS B 3512 -53.72 19.25 -64.74
N SER B 3513 -53.50 20.14 -63.77
CA SER B 3513 -54.49 21.18 -63.51
C SER B 3513 -54.55 22.15 -64.68
N SER B 3514 -55.62 22.94 -64.71
CA SER B 3514 -55.72 24.01 -65.70
C SER B 3514 -54.68 25.09 -65.38
N THR B 3515 -54.62 26.10 -66.23
CA THR B 3515 -53.55 27.10 -66.19
C THR B 3515 -52.19 26.43 -66.26
N GLN B 3516 -52.10 25.36 -67.04
CA GLN B 3516 -50.87 24.57 -67.14
C GLN B 3516 -50.95 23.77 -68.44
N PHE B 3517 -50.09 24.10 -69.40
CA PHE B 3517 -50.08 23.43 -70.68
C PHE B 3517 -49.35 22.09 -70.60
N LEU B 3518 -49.83 21.12 -71.38
CA LEU B 3518 -49.22 19.80 -71.47
C LEU B 3518 -48.61 19.64 -72.86
N CYS B 3519 -47.32 19.33 -72.90
CA CYS B 3519 -46.64 19.16 -74.17
C CYS B 3519 -47.24 17.98 -74.92
N ALA B 3520 -47.17 18.04 -76.26
CA ALA B 3520 -47.66 16.93 -77.08
C ALA B 3520 -46.89 15.65 -76.79
N ASN B 3521 -45.57 15.76 -76.62
CA ASN B 3521 -44.77 14.61 -76.25
C ASN B 3521 -44.95 14.21 -74.80
N ASN B 3522 -45.69 14.99 -74.02
CA ASN B 3522 -45.94 14.73 -72.61
C ASN B 3522 -44.66 14.71 -71.78
N GLU B 3523 -43.63 15.42 -72.24
CA GLU B 3523 -42.38 15.47 -71.48
C GLU B 3523 -42.57 16.20 -70.16
N LYS B 3524 -43.37 17.27 -70.15
CA LYS B 3524 -43.58 18.05 -68.95
C LYS B 3524 -44.89 18.82 -69.09
N CYS B 3525 -45.39 19.31 -67.95
CA CYS B 3525 -46.61 20.11 -67.90
C CYS B 3525 -46.21 21.53 -67.49
N ILE B 3526 -45.89 22.34 -68.49
CA ILE B 3526 -45.46 23.72 -68.24
C ILE B 3526 -46.69 24.58 -67.96
N PRO B 3527 -46.53 25.74 -67.31
CA PRO B 3527 -47.68 26.62 -67.09
C PRO B 3527 -48.24 27.14 -68.40
N ILE B 3528 -49.53 27.48 -68.38
CA ILE B 3528 -50.21 27.91 -69.61
C ILE B 3528 -49.62 29.23 -70.09
N TRP B 3529 -49.18 30.09 -69.18
CA TRP B 3529 -48.59 31.35 -69.61
C TRP B 3529 -47.20 31.16 -70.21
N TRP B 3530 -46.61 29.98 -70.08
CA TRP B 3530 -45.41 29.63 -70.82
C TRP B 3530 -45.72 29.00 -72.17
N LYS B 3531 -46.99 28.80 -72.50
CA LYS B 3531 -47.38 28.33 -73.81
C LYS B 3531 -47.48 29.50 -74.77
N CYS B 3532 -46.78 29.40 -75.89
CA CYS B 3532 -46.67 30.51 -76.85
C CYS B 3532 -46.19 31.78 -76.15
N ASP B 3533 -45.11 31.65 -75.39
CA ASP B 3533 -44.51 32.77 -74.67
C ASP B 3533 -43.29 33.33 -75.38
N GLY B 3534 -43.15 33.07 -76.67
CA GLY B 3534 -41.94 33.41 -77.38
C GLY B 3534 -40.81 32.44 -77.20
N GLN B 3535 -41.02 31.37 -76.43
CA GLN B 3535 -39.99 30.38 -76.16
C GLN B 3535 -40.59 28.99 -76.31
N LYS B 3536 -39.83 28.08 -76.92
CA LYS B 3536 -40.24 26.69 -77.03
C LYS B 3536 -39.85 25.96 -75.74
N ASP B 3537 -40.70 26.16 -74.72
CA ASP B 3537 -40.44 25.55 -73.42
C ASP B 3537 -40.44 24.03 -73.53
N CYS B 3538 -41.42 23.47 -74.23
CA CYS B 3538 -41.40 22.04 -74.50
C CYS B 3538 -40.25 21.68 -75.42
N SER B 3539 -39.61 20.54 -75.15
CA SER B 3539 -38.60 20.03 -76.07
C SER B 3539 -39.21 19.77 -77.44
N ASP B 3540 -40.46 19.30 -77.46
CA ASP B 3540 -41.19 19.19 -78.72
C ASP B 3540 -41.42 20.56 -79.34
N GLY B 3541 -41.74 21.56 -78.53
CA GLY B 3541 -42.09 22.88 -79.03
C GLY B 3541 -43.57 23.10 -79.26
N SER B 3542 -44.43 22.22 -78.75
CA SER B 3542 -45.86 22.39 -78.96
C SER B 3542 -46.39 23.63 -78.24
N ASP B 3543 -45.68 24.08 -77.20
CA ASP B 3543 -46.12 25.27 -76.48
C ASP B 3543 -46.05 26.50 -77.38
N GLU B 3544 -44.99 26.61 -78.17
CA GLU B 3544 -44.80 27.77 -79.05
C GLU B 3544 -45.32 27.45 -80.46
N LEU B 3545 -46.63 27.20 -80.52
CA LEU B 3545 -47.26 26.88 -81.79
C LEU B 3545 -47.21 28.07 -82.74
N ALA B 3546 -47.06 27.78 -84.03
CA ALA B 3546 -47.12 28.84 -85.03
C ALA B 3546 -48.48 29.51 -85.05
N LEU B 3547 -49.55 28.73 -84.96
CA LEU B 3547 -50.91 29.26 -84.93
C LEU B 3547 -51.19 29.74 -83.50
N CYS B 3548 -50.86 31.01 -83.26
CA CYS B 3548 -51.02 31.64 -81.96
C CYS B 3548 -50.95 33.14 -82.13
N PRO B 3549 -51.82 33.90 -81.47
CA PRO B 3549 -51.76 35.37 -81.57
C PRO B 3549 -50.44 35.90 -81.03
N GLN B 3550 -49.98 37.00 -81.62
CA GLN B 3550 -48.77 37.66 -81.14
C GLN B 3550 -48.92 38.07 -79.69
N ARG B 3551 -48.06 37.53 -78.83
CA ARG B 3551 -48.14 37.79 -77.39
C ARG B 3551 -47.31 39.03 -77.10
N PHE B 3552 -47.99 40.17 -77.00
CA PHE B 3552 -47.29 41.42 -76.69
C PHE B 3552 -46.80 41.44 -75.25
N CYS B 3553 -47.45 40.69 -74.36
CA CYS B 3553 -47.06 40.65 -72.96
C CYS B 3553 -45.68 40.03 -72.80
N ARG B 3554 -44.95 40.49 -71.78
CA ARG B 3554 -43.60 39.99 -71.54
C ARG B 3554 -43.65 38.56 -71.01
N LEU B 3555 -42.49 37.92 -71.04
CA LEU B 3555 -42.37 36.55 -70.55
C LEU B 3555 -42.73 36.50 -69.07
N GLY B 3556 -43.43 35.43 -68.67
CA GLY B 3556 -43.88 35.30 -67.31
C GLY B 3556 -45.16 36.03 -67.00
N GLN B 3557 -45.89 36.48 -68.01
CA GLN B 3557 -47.15 37.19 -67.83
C GLN B 3557 -48.24 36.50 -68.63
N PHE B 3558 -49.43 36.43 -68.06
CA PHE B 3558 -50.60 35.86 -68.72
C PHE B 3558 -51.22 36.93 -69.61
N GLN B 3559 -51.44 36.60 -70.88
CA GLN B 3559 -52.05 37.52 -71.83
C GLN B 3559 -53.49 37.13 -72.06
N CYS B 3560 -54.41 38.07 -71.83
CA CYS B 3560 -55.82 37.84 -72.06
C CYS B 3560 -56.15 38.02 -73.54
N SER B 3561 -57.38 37.66 -73.89
CA SER B 3561 -57.81 37.78 -75.29
C SER B 3561 -57.82 39.23 -75.75
N ASP B 3562 -58.21 40.15 -74.86
CA ASP B 3562 -58.18 41.58 -75.19
C ASP B 3562 -56.76 42.06 -75.49
N GLY B 3563 -55.75 41.34 -75.03
CA GLY B 3563 -54.37 41.76 -75.17
C GLY B 3563 -53.77 42.32 -73.90
N ASN B 3564 -54.57 42.48 -72.85
CA ASN B 3564 -54.05 42.96 -71.58
C ASN B 3564 -53.16 41.91 -70.93
N CYS B 3565 -52.31 42.36 -70.01
CA CYS B 3565 -51.37 41.49 -69.33
C CYS B 3565 -51.69 41.49 -67.83
N THR B 3566 -51.77 40.30 -67.25
CA THR B 3566 -52.03 40.15 -65.83
C THR B 3566 -51.07 39.14 -65.22
N SER B 3567 -50.80 39.31 -63.93
CA SER B 3567 -49.87 38.42 -63.24
C SER B 3567 -50.48 37.01 -63.15
N PRO B 3568 -49.70 35.97 -63.42
CA PRO B 3568 -50.24 34.60 -63.29
C PRO B 3568 -50.73 34.28 -61.89
N GLN B 3569 -50.17 34.92 -60.87
CA GLN B 3569 -50.69 34.75 -59.52
C GLN B 3569 -52.11 35.29 -59.41
N THR B 3570 -52.43 36.31 -60.21
CA THR B 3570 -53.78 36.88 -60.19
C THR B 3570 -54.74 36.05 -61.04
N LEU B 3571 -54.23 35.06 -61.77
CA LEU B 3571 -55.10 34.22 -62.57
C LEU B 3571 -55.99 33.35 -61.69
N CYS B 3572 -57.30 33.44 -61.93
CA CYS B 3572 -58.30 32.68 -61.17
C CYS B 3572 -58.19 32.97 -59.67
N ASN B 3573 -57.98 34.24 -59.34
CA ASN B 3573 -57.87 34.66 -57.95
C ASN B 3573 -59.21 35.15 -57.38
N ALA B 3574 -60.33 34.66 -57.93
CA ALA B 3574 -61.67 35.07 -57.54
C ALA B 3574 -61.93 36.56 -57.76
N HIS B 3575 -61.12 37.21 -58.61
CA HIS B 3575 -61.30 38.60 -58.95
C HIS B 3575 -61.05 38.78 -60.44
N GLN B 3576 -61.98 39.43 -61.13
CA GLN B 3576 -61.87 39.61 -62.57
C GLN B 3576 -60.81 40.67 -62.89
N ASN B 3577 -59.54 40.30 -62.74
CA ASN B 3577 -58.46 41.25 -62.97
C ASN B 3577 -58.37 41.64 -64.44
N CYS B 3578 -58.36 40.65 -65.33
CA CYS B 3578 -58.26 40.94 -66.75
C CYS B 3578 -59.61 41.45 -67.27
N PRO B 3579 -59.63 42.59 -67.97
CA PRO B 3579 -60.92 43.10 -68.48
C PRO B 3579 -61.63 42.15 -69.42
N ASP B 3580 -60.89 41.38 -70.22
CA ASP B 3580 -61.52 40.44 -71.13
C ASP B 3580 -62.31 39.37 -70.38
N GLY B 3581 -61.90 39.06 -69.14
CA GLY B 3581 -62.60 38.10 -68.33
C GLY B 3581 -61.99 36.72 -68.26
N SER B 3582 -60.95 36.45 -69.05
CA SER B 3582 -60.31 35.13 -69.00
C SER B 3582 -59.54 34.93 -67.71
N ASP B 3583 -59.35 36.00 -66.92
CA ASP B 3583 -58.69 35.87 -65.63
C ASP B 3583 -59.47 34.91 -64.73
N GLU B 3584 -60.79 35.04 -64.72
CA GLU B 3584 -61.67 34.16 -63.97
C GLU B 3584 -62.51 33.28 -64.89
N ASP B 3585 -61.98 32.91 -66.06
CA ASP B 3585 -62.72 32.07 -67.00
C ASP B 3585 -63.04 30.72 -66.39
N ARG B 3586 -64.26 30.23 -66.65
CA ARG B 3586 -64.70 28.97 -66.07
C ARG B 3586 -63.81 27.82 -66.50
N LEU B 3587 -63.49 27.75 -67.79
CA LEU B 3587 -62.62 26.68 -68.27
C LEU B 3587 -61.21 26.81 -67.70
N LEU B 3588 -60.68 28.03 -67.62
CA LEU B 3588 -59.33 28.22 -67.12
C LEU B 3588 -59.23 27.97 -65.64
N CYS B 3589 -60.30 28.21 -64.89
CA CYS B 3589 -60.30 27.93 -63.45
C CYS B 3589 -60.86 26.56 -63.12
N GLU B 3590 -61.38 25.83 -64.10
CA GLU B 3590 -61.84 24.47 -63.88
C GLU B 3590 -60.66 23.56 -63.61
N ASN B 3591 -60.80 22.69 -62.60
CA ASN B 3591 -59.75 21.76 -62.20
C ASN B 3591 -58.47 22.49 -61.82
N HIS B 3592 -58.60 23.69 -61.26
CA HIS B 3592 -57.44 24.45 -60.80
C HIS B 3592 -56.91 23.87 -59.50
N HIS B 3593 -55.59 23.67 -59.46
CA HIS B 3593 -54.92 23.13 -58.28
C HIS B 3593 -53.95 24.16 -57.75
N CYS B 3594 -54.01 24.42 -56.45
CA CYS B 3594 -53.10 25.35 -55.82
C CYS B 3594 -51.77 24.67 -55.50
N ASP B 3595 -50.89 25.40 -54.81
CA ASP B 3595 -49.60 24.83 -54.43
C ASP B 3595 -49.79 23.80 -53.32
N SER B 3596 -48.72 23.04 -53.07
CA SER B 3596 -48.77 22.01 -52.03
C SER B 3596 -49.03 22.61 -50.67
N ASN B 3597 -48.40 23.75 -50.37
CA ASN B 3597 -48.59 24.43 -49.11
C ASN B 3597 -49.77 25.40 -49.14
N GLU B 3598 -50.43 25.56 -50.29
CA GLU B 3598 -51.53 26.50 -50.45
C GLU B 3598 -52.85 25.72 -50.39
N TRP B 3599 -53.69 26.05 -49.42
CA TRP B 3599 -54.99 25.41 -49.29
C TRP B 3599 -55.99 26.09 -50.22
N GLN B 3600 -56.60 25.31 -51.11
CA GLN B 3600 -57.53 25.87 -52.08
C GLN B 3600 -58.89 26.16 -51.42
N CYS B 3601 -59.52 27.24 -51.87
CA CYS B 3601 -60.84 27.62 -51.44
C CYS B 3601 -61.85 27.27 -52.53
N ALA B 3602 -63.13 27.36 -52.18
CA ALA B 3602 -64.18 26.98 -53.12
C ALA B 3602 -64.18 27.86 -54.35
N ASN B 3603 -63.89 29.15 -54.17
CA ASN B 3603 -63.83 30.10 -55.28
C ASN B 3603 -62.55 29.99 -56.08
N LYS B 3604 -61.77 28.91 -55.89
CA LYS B 3604 -60.50 28.63 -56.55
C LYS B 3604 -59.38 29.53 -56.05
N ARG B 3605 -59.64 30.47 -55.15
CA ARG B 3605 -58.58 31.28 -54.58
C ARG B 3605 -57.70 30.42 -53.68
N CYS B 3606 -56.39 30.68 -53.75
CA CYS B 3606 -55.40 29.90 -53.00
C CYS B 3606 -54.93 30.69 -51.79
N ILE B 3607 -54.92 30.03 -50.64
CA ILE B 3607 -54.36 30.61 -49.41
C ILE B 3607 -53.46 29.57 -48.77
N PRO B 3608 -52.47 29.97 -47.98
CA PRO B 3608 -51.58 28.99 -47.33
C PRO B 3608 -52.34 28.01 -46.45
N GLU B 3609 -51.86 26.77 -46.39
CA GLU B 3609 -52.54 25.72 -45.65
C GLU B 3609 -52.71 26.09 -44.18
N SER B 3610 -51.83 26.93 -43.64
CA SER B 3610 -51.99 27.38 -42.26
C SER B 3610 -53.26 28.19 -42.08
N TRP B 3611 -53.80 28.74 -43.17
CA TRP B 3611 -55.03 29.53 -43.12
C TRP B 3611 -56.27 28.69 -43.40
N GLN B 3612 -56.12 27.37 -43.52
CA GLN B 3612 -57.26 26.53 -43.87
C GLN B 3612 -58.39 26.81 -42.91
N CYS B 3613 -58.09 26.76 -41.62
CA CYS B 3613 -59.09 27.10 -40.62
C CYS B 3613 -58.40 28.12 -39.74
N ASP B 3614 -57.84 29.16 -40.37
CA ASP B 3614 -57.09 30.16 -39.62
C ASP B 3614 -57.94 30.92 -38.61
N THR B 3615 -59.24 30.61 -38.57
CA THR B 3615 -60.15 31.32 -37.67
C THR B 3615 -60.30 32.74 -38.20
N PHE B 3616 -59.82 32.97 -39.41
CA PHE B 3616 -59.94 34.30 -40.01
C PHE B 3616 -60.59 34.18 -41.37
N ASN B 3617 -61.48 35.11 -41.69
CA ASN B 3617 -62.15 35.10 -42.99
C ASN B 3617 -61.21 35.66 -44.06
N ASP B 3618 -60.10 34.95 -44.26
CA ASP B 3618 -59.10 35.40 -45.22
C ASP B 3618 -59.58 35.19 -46.65
N CYS B 3619 -60.16 34.02 -46.94
CA CYS B 3619 -60.66 33.76 -48.27
C CYS B 3619 -62.00 34.46 -48.49
N GLU B 3620 -62.22 34.95 -49.70
CA GLU B 3620 -63.43 35.70 -50.01
C GLU B 3620 -64.68 34.84 -49.83
N ASP B 3621 -64.62 33.59 -50.28
CA ASP B 3621 -65.76 32.69 -50.13
C ASP B 3621 -65.98 32.26 -48.68
N ASN B 3622 -65.05 32.59 -47.79
CA ASN B 3622 -65.13 32.24 -46.37
C ASN B 3622 -65.09 30.73 -46.14
N SER B 3623 -64.64 29.96 -47.13
CA SER B 3623 -64.49 28.53 -46.92
C SER B 3623 -63.42 28.21 -45.89
N ASP B 3624 -62.49 29.15 -45.67
CA ASP B 3624 -61.49 28.97 -44.62
C ASP B 3624 -62.11 28.95 -43.24
N GLU B 3625 -63.37 29.38 -43.10
CA GLU B 3625 -64.08 29.33 -41.84
C GLU B 3625 -65.36 28.52 -41.94
N ASP B 3626 -65.44 27.59 -42.88
CA ASP B 3626 -66.57 26.67 -42.96
C ASP B 3626 -66.52 25.75 -41.74
N SER B 3627 -67.57 25.76 -40.94
CA SER B 3627 -67.62 24.91 -39.75
C SER B 3627 -67.58 23.44 -40.14
N SER B 3628 -68.29 23.07 -41.19
CA SER B 3628 -68.34 21.66 -41.60
C SER B 3628 -66.97 21.16 -42.03
N HIS B 3629 -66.29 21.93 -42.89
CA HIS B 3629 -64.98 21.49 -43.39
C HIS B 3629 -63.94 21.48 -42.27
N CYS B 3630 -64.00 22.47 -41.37
CA CYS B 3630 -63.04 22.52 -40.27
C CYS B 3630 -63.27 21.39 -39.28
N ALA B 3631 -64.54 21.03 -39.06
CA ALA B 3631 -64.82 19.83 -38.27
C ALA B 3631 -64.30 18.58 -38.96
N SER B 3632 -64.46 18.51 -40.27
CA SER B 3632 -64.01 17.37 -41.06
C SER B 3632 -62.63 17.60 -41.68
N ARG B 3633 -61.81 18.44 -41.07
CA ARG B 3633 -60.51 18.80 -41.63
C ARG B 3633 -59.49 17.72 -41.28
N THR B 3634 -58.97 17.04 -42.30
CA THR B 3634 -57.84 16.14 -42.12
C THR B 3634 -56.54 16.93 -42.27
N CYS B 3635 -55.68 16.85 -41.26
CA CYS B 3635 -54.47 17.64 -41.21
C CYS B 3635 -53.25 16.78 -41.50
N ARG B 3636 -52.23 17.42 -42.08
CA ARG B 3636 -51.01 16.71 -42.41
C ARG B 3636 -50.31 16.25 -41.14
N PRO B 3637 -49.58 15.13 -41.19
CA PRO B 3637 -48.87 14.66 -40.00
C PRO B 3637 -47.86 15.70 -39.53
N GLY B 3638 -47.69 15.78 -38.21
CA GLY B 3638 -46.73 16.67 -37.59
C GLY B 3638 -47.33 17.88 -36.93
N GLN B 3639 -48.62 18.13 -37.11
CA GLN B 3639 -49.29 19.28 -36.51
C GLN B 3639 -50.45 18.78 -35.64
N PHE B 3640 -50.61 19.42 -34.48
CA PHE B 3640 -51.65 19.01 -33.55
C PHE B 3640 -52.97 19.69 -33.88
N ARG B 3641 -54.07 18.94 -33.76
CA ARG B 3641 -55.40 19.47 -34.01
C ARG B 3641 -56.12 19.77 -32.70
N CYS B 3642 -56.72 20.95 -32.62
CA CYS B 3642 -57.44 21.39 -31.44
C CYS B 3642 -58.94 21.45 -31.72
N ALA B 3643 -59.69 21.95 -30.74
CA ALA B 3643 -61.15 21.92 -30.82
C ALA B 3643 -61.65 22.75 -32.00
N ASN B 3644 -61.03 23.91 -32.25
CA ASN B 3644 -61.49 24.79 -33.32
C ASN B 3644 -61.32 24.17 -34.71
N GLY B 3645 -60.55 23.10 -34.82
CA GLY B 3645 -60.19 22.55 -36.11
C GLY B 3645 -58.90 23.10 -36.68
N ARG B 3646 -58.43 24.23 -36.16
CA ARG B 3646 -57.13 24.76 -36.54
C ARG B 3646 -56.04 23.77 -36.14
N CYS B 3647 -55.03 23.63 -36.98
CA CYS B 3647 -53.97 22.64 -36.77
C CYS B 3647 -52.65 23.38 -36.59
N ILE B 3648 -52.33 23.70 -35.34
CA ILE B 3648 -51.05 24.27 -34.97
C ILE B 3648 -50.00 23.15 -35.03
N PRO B 3649 -48.71 23.46 -35.16
CA PRO B 3649 -47.70 22.41 -35.17
C PRO B 3649 -47.70 21.64 -33.85
N GLN B 3650 -47.30 20.36 -33.94
CA GLN B 3650 -47.28 19.51 -32.75
C GLN B 3650 -46.43 20.12 -31.65
N ALA B 3651 -45.39 20.88 -32.01
CA ALA B 3651 -44.58 21.56 -31.00
C ALA B 3651 -45.39 22.59 -30.24
N TRP B 3652 -46.51 23.05 -30.81
CA TRP B 3652 -47.37 24.01 -30.12
C TRP B 3652 -48.41 23.34 -29.25
N LYS B 3653 -48.38 22.02 -29.11
CA LYS B 3653 -49.30 21.31 -28.24
C LYS B 3653 -48.68 21.16 -26.85
N CYS B 3654 -49.53 21.31 -25.82
CA CYS B 3654 -49.10 21.29 -24.43
C CYS B 3654 -48.03 22.35 -24.17
N ASP B 3655 -48.29 23.56 -24.64
CA ASP B 3655 -47.48 24.72 -24.34
C ASP B 3655 -48.25 25.65 -23.40
N VAL B 3656 -47.51 26.46 -22.64
CA VAL B 3656 -48.14 27.36 -21.69
C VAL B 3656 -49.03 28.37 -22.40
N ASP B 3657 -48.71 28.70 -23.65
CA ASP B 3657 -49.49 29.64 -24.43
C ASP B 3657 -50.50 28.88 -25.28
N ASN B 3658 -51.78 29.25 -25.15
CA ASN B 3658 -52.84 28.62 -25.94
C ASN B 3658 -52.78 29.19 -27.36
N ASP B 3659 -51.89 28.60 -28.16
CA ASP B 3659 -51.70 29.07 -29.53
C ASP B 3659 -52.97 28.92 -30.35
N CYS B 3660 -53.68 27.80 -30.18
CA CYS B 3660 -54.97 27.62 -30.83
C CYS B 3660 -56.05 28.53 -30.27
N GLY B 3661 -55.81 29.16 -29.11
CA GLY B 3661 -56.81 30.01 -28.49
C GLY B 3661 -57.62 29.27 -27.46
N ASP B 3662 -58.37 28.26 -27.90
CA ASP B 3662 -59.03 27.37 -26.95
C ASP B 3662 -57.98 26.59 -26.18
N HIS B 3663 -58.29 26.29 -24.92
CA HIS B 3663 -57.37 25.49 -24.13
C HIS B 3663 -57.33 24.02 -24.55
N SER B 3664 -58.01 23.67 -25.64
CA SER B 3664 -57.92 22.31 -26.17
C SER B 3664 -56.51 21.99 -26.61
N ASP B 3665 -55.76 22.99 -27.06
CA ASP B 3665 -54.36 22.76 -27.42
C ASP B 3665 -53.50 22.53 -26.20
N GLU B 3666 -54.06 22.70 -24.99
CA GLU B 3666 -53.34 22.51 -23.74
C GLU B 3666 -54.05 21.46 -22.90
N PRO B 3667 -53.83 20.17 -23.16
CA PRO B 3667 -54.37 19.14 -22.27
C PRO B 3667 -53.68 19.16 -20.91
N ILE B 3668 -54.05 20.12 -20.07
CA ILE B 3668 -53.30 20.39 -18.84
C ILE B 3668 -53.11 19.13 -18.00
N GLU B 3669 -54.05 18.19 -18.10
CA GLU B 3669 -53.86 16.89 -17.46
C GLU B 3669 -52.64 16.18 -18.05
N GLU B 3670 -52.55 16.14 -19.38
CA GLU B 3670 -51.38 15.53 -20.01
C GLU B 3670 -50.17 16.46 -19.95
N CYS B 3671 -50.40 17.77 -20.07
CA CYS B 3671 -49.28 18.72 -20.06
C CYS B 3671 -48.55 18.69 -18.73
N MET B 3672 -49.29 18.60 -17.63
CA MET B 3672 -48.67 18.43 -16.32
C MET B 3672 -48.28 16.98 -16.03
N SER B 3673 -48.64 16.05 -16.90
CA SER B 3673 -48.30 14.66 -16.67
C SER B 3673 -46.84 14.39 -17.02
N SER B 3674 -46.43 13.14 -16.83
CA SER B 3674 -45.06 12.75 -17.13
C SER B 3674 -44.81 12.56 -18.63
N ALA B 3675 -45.85 12.60 -19.46
CA ALA B 3675 -45.65 12.44 -20.89
C ALA B 3675 -44.85 13.62 -21.47
N HIS B 3676 -45.15 14.83 -21.02
CA HIS B 3676 -44.49 16.03 -21.51
C HIS B 3676 -43.42 16.46 -20.51
N LEU B 3677 -42.21 15.95 -20.69
CA LEU B 3677 -41.06 16.35 -19.90
C LEU B 3677 -40.02 16.98 -20.81
N CYS B 3678 -39.48 18.12 -20.39
CA CYS B 3678 -38.51 18.82 -21.21
C CYS B 3678 -37.25 17.98 -21.40
N ASP B 3679 -36.75 17.94 -22.63
CA ASP B 3679 -35.55 17.18 -22.93
C ASP B 3679 -34.36 17.74 -22.18
N ASN B 3680 -33.60 16.87 -21.52
CA ASN B 3680 -32.48 17.34 -20.71
C ASN B 3680 -31.39 18.01 -21.55
N PHE B 3681 -31.19 17.52 -22.77
CA PHE B 3681 -30.11 18.08 -23.59
C PHE B 3681 -30.39 19.54 -23.94
N THR B 3682 -31.59 19.83 -24.45
CA THR B 3682 -31.85 21.16 -24.99
C THR B 3682 -32.97 21.87 -24.25
N GLU B 3683 -34.12 21.23 -24.11
CA GLU B 3683 -35.30 21.90 -23.57
C GLU B 3683 -35.12 22.25 -22.10
N PHE B 3684 -35.23 23.54 -21.79
CA PHE B 3684 -35.07 24.04 -20.44
C PHE B 3684 -36.44 24.20 -19.80
N SER B 3685 -36.65 23.53 -18.67
CA SER B 3685 -37.90 23.66 -17.93
C SER B 3685 -37.90 24.93 -17.10
N CYS B 3686 -39.03 25.63 -17.09
CA CYS B 3686 -39.21 26.82 -16.28
C CYS B 3686 -40.12 26.45 -15.11
N LYS B 3687 -39.73 26.85 -13.90
CA LYS B 3687 -40.33 26.29 -12.69
C LYS B 3687 -41.81 26.59 -12.57
N THR B 3688 -42.21 27.85 -12.84
CA THR B 3688 -43.59 28.25 -12.58
C THR B 3688 -44.58 27.51 -13.48
N ASN B 3689 -44.21 27.29 -14.74
CA ASN B 3689 -45.12 26.68 -15.70
C ASN B 3689 -44.58 25.35 -16.22
N TYR B 3690 -45.22 24.79 -17.24
CA TYR B 3690 -44.76 23.54 -17.85
C TYR B 3690 -44.07 23.79 -19.18
N ARG B 3691 -43.40 24.93 -19.31
CA ARG B 3691 -42.74 25.30 -20.55
C ARG B 3691 -41.43 24.53 -20.71
N CYS B 3692 -41.06 24.28 -21.97
CA CYS B 3692 -39.89 23.49 -22.32
C CYS B 3692 -39.05 24.25 -23.37
N ILE B 3693 -38.78 25.52 -23.10
CA ILE B 3693 -38.02 26.32 -24.07
C ILE B 3693 -36.63 25.74 -24.25
N PRO B 3694 -36.02 25.87 -25.42
CA PRO B 3694 -34.70 25.26 -25.65
C PRO B 3694 -33.61 25.95 -24.85
N LYS B 3695 -32.44 25.31 -24.82
CA LYS B 3695 -31.32 25.82 -24.05
C LYS B 3695 -30.86 27.17 -24.58
N TRP B 3696 -30.77 27.30 -25.91
CA TRP B 3696 -30.35 28.57 -26.50
C TRP B 3696 -31.41 29.65 -26.31
N ALA B 3697 -32.63 29.26 -25.96
CA ALA B 3697 -33.66 30.25 -25.65
C ALA B 3697 -33.41 30.90 -24.29
N VAL B 3698 -32.57 30.27 -23.46
CA VAL B 3698 -32.29 30.83 -22.14
C VAL B 3698 -31.33 32.01 -22.28
N CYS B 3699 -31.66 33.11 -21.58
CA CYS B 3699 -30.86 34.33 -21.60
C CYS B 3699 -30.70 34.87 -23.01
N ASN B 3700 -31.78 34.79 -23.79
CA ASN B 3700 -31.83 35.37 -25.12
C ASN B 3700 -32.31 36.82 -25.09
N GLY B 3701 -32.50 37.38 -23.89
CA GLY B 3701 -33.04 38.71 -23.78
C GLY B 3701 -34.54 38.78 -23.99
N VAL B 3702 -35.20 37.63 -24.10
CA VAL B 3702 -36.64 37.57 -24.37
C VAL B 3702 -37.28 36.64 -23.34
N ASP B 3703 -38.45 37.04 -22.85
CA ASP B 3703 -39.22 36.23 -21.90
C ASP B 3703 -39.81 35.03 -22.66
N ASP B 3704 -38.93 34.08 -22.96
CA ASP B 3704 -39.35 32.92 -23.74
C ASP B 3704 -40.37 32.09 -22.98
N CYS B 3705 -40.17 31.93 -21.67
CA CYS B 3705 -41.17 31.35 -20.80
C CYS B 3705 -41.62 32.38 -19.79
N ARG B 3706 -42.89 32.28 -19.38
CA ARG B 3706 -43.57 33.38 -18.72
C ARG B 3706 -42.90 33.79 -17.40
N ASP B 3707 -42.38 32.81 -16.66
CA ASP B 3707 -41.81 33.13 -15.36
C ASP B 3707 -40.51 33.90 -15.45
N ASN B 3708 -39.97 34.07 -16.65
CA ASN B 3708 -38.71 34.78 -16.90
C ASN B 3708 -37.53 34.08 -16.25
N SER B 3709 -37.70 32.80 -15.89
CA SER B 3709 -36.60 32.04 -15.31
C SER B 3709 -35.44 31.91 -16.27
N ASP B 3710 -35.71 31.98 -17.58
CA ASP B 3710 -34.64 31.98 -18.57
C ASP B 3710 -33.73 33.18 -18.39
N GLU B 3711 -34.31 34.35 -18.12
CA GLU B 3711 -33.54 35.58 -18.02
C GLU B 3711 -33.08 35.89 -16.59
N GLN B 3712 -33.37 35.01 -15.63
CA GLN B 3712 -33.01 35.31 -14.24
C GLN B 3712 -31.51 35.19 -14.00
N GLY B 3713 -30.87 34.15 -14.50
CA GLY B 3713 -29.50 33.86 -14.15
C GLY B 3713 -28.47 34.25 -15.19
N CYS B 3714 -28.78 35.26 -16.01
CA CYS B 3714 -27.87 35.65 -17.07
C CYS B 3714 -26.58 36.25 -16.51
N GLU B 3715 -26.66 36.89 -15.35
CA GLU B 3715 -25.45 37.37 -14.70
C GLU B 3715 -24.52 36.21 -14.37
N GLU B 3716 -25.08 35.12 -13.83
CA GLU B 3716 -24.27 33.93 -13.57
C GLU B 3716 -24.01 33.15 -14.85
N ARG B 3717 -24.83 33.34 -15.88
CA ARG B 3717 -24.64 32.61 -17.13
C ARG B 3717 -23.36 33.05 -17.83
N THR B 3718 -22.65 32.08 -18.39
CA THR B 3718 -21.39 32.32 -19.07
C THR B 3718 -21.60 32.31 -20.59
N CYS B 3719 -20.55 32.64 -21.32
CA CYS B 3719 -20.57 32.65 -22.78
C CYS B 3719 -19.55 31.65 -23.30
N HIS B 3720 -19.67 31.35 -24.60
CA HIS B 3720 -18.71 30.47 -25.23
C HIS B 3720 -17.33 31.14 -25.28
N PRO B 3721 -16.26 30.41 -24.98
CA PRO B 3721 -14.93 31.05 -24.97
C PRO B 3721 -14.54 31.67 -26.30
N VAL B 3722 -14.89 31.03 -27.41
CA VAL B 3722 -14.53 31.52 -28.74
C VAL B 3722 -15.81 31.63 -29.56
N GLY B 3723 -15.80 32.59 -30.50
CA GLY B 3723 -16.96 32.79 -31.35
C GLY B 3723 -18.16 33.35 -30.62
N ASP B 3724 -17.95 34.02 -29.49
CA ASP B 3724 -19.05 34.60 -28.72
C ASP B 3724 -18.60 35.93 -28.15
N PHE B 3725 -19.49 36.91 -28.16
CA PHE B 3725 -19.23 38.22 -27.61
C PHE B 3725 -20.15 38.45 -26.42
N ARG B 3726 -19.56 38.87 -25.29
CA ARG B 3726 -20.35 39.18 -24.11
C ARG B 3726 -20.60 40.68 -24.01
N CYS B 3727 -21.86 41.04 -23.80
CA CYS B 3727 -22.27 42.43 -23.70
C CYS B 3727 -22.43 42.82 -22.25
N LYS B 3728 -22.61 44.12 -22.02
CA LYS B 3728 -22.79 44.64 -20.66
C LYS B 3728 -24.03 44.07 -19.99
N ASN B 3729 -25.01 43.63 -20.78
CA ASN B 3729 -26.21 43.00 -20.25
C ASN B 3729 -26.02 41.52 -19.97
N HIS B 3730 -24.77 41.07 -19.86
CA HIS B 3730 -24.45 39.65 -19.69
C HIS B 3730 -24.98 38.82 -20.85
N HIS B 3731 -25.12 39.45 -22.02
CA HIS B 3731 -25.71 38.82 -23.20
C HIS B 3731 -24.59 38.20 -24.03
N CYS B 3732 -24.73 36.91 -24.33
CA CYS B 3732 -23.81 36.21 -25.21
C CYS B 3732 -24.37 36.22 -26.62
N ILE B 3733 -23.59 36.72 -27.57
CA ILE B 3733 -24.00 36.78 -28.97
C ILE B 3733 -22.87 36.23 -29.82
N PRO B 3734 -23.18 35.70 -31.00
CA PRO B 3734 -22.13 35.19 -31.89
C PRO B 3734 -21.14 36.27 -32.25
N LEU B 3735 -19.86 35.89 -32.35
CA LEU B 3735 -18.81 36.85 -32.64
C LEU B 3735 -19.02 37.51 -33.99
N ARG B 3736 -19.64 36.80 -34.93
CA ARG B 3736 -19.92 37.38 -36.24
C ARG B 3736 -20.90 38.55 -36.13
N TRP B 3737 -21.89 38.43 -35.24
CA TRP B 3737 -22.87 39.49 -35.09
C TRP B 3737 -22.26 40.74 -34.47
N GLN B 3738 -21.13 40.59 -33.78
CA GLN B 3738 -20.46 41.75 -33.22
C GLN B 3738 -20.00 42.68 -34.33
N CYS B 3739 -20.25 43.98 -34.15
CA CYS B 3739 -19.85 45.01 -35.12
C CYS B 3739 -20.47 44.75 -36.49
N ASP B 3740 -21.70 44.27 -36.51
CA ASP B 3740 -22.44 44.07 -37.75
C ASP B 3740 -23.29 45.28 -38.11
N GLY B 3741 -23.21 46.35 -37.32
CA GLY B 3741 -24.10 47.47 -37.49
C GLY B 3741 -25.47 47.28 -36.86
N GLN B 3742 -25.67 46.20 -36.12
CA GLN B 3742 -26.95 45.91 -35.48
C GLN B 3742 -26.73 45.66 -33.99
N ASN B 3743 -27.64 46.19 -33.17
CA ASN B 3743 -27.60 45.99 -31.73
C ASN B 3743 -28.21 44.63 -31.42
N ASP B 3744 -27.38 43.60 -31.57
CA ASP B 3744 -27.80 42.25 -31.18
C ASP B 3744 -28.16 42.20 -29.71
N CYS B 3745 -27.42 42.93 -28.89
CA CYS B 3745 -27.73 43.10 -27.47
C CYS B 3745 -28.13 44.55 -27.24
N GLY B 3746 -29.18 44.76 -26.44
CA GLY B 3746 -29.79 46.08 -26.35
C GLY B 3746 -28.84 47.15 -25.83
N ASP B 3747 -27.80 46.74 -25.10
CA ASP B 3747 -26.89 47.71 -24.50
C ASP B 3747 -25.92 48.32 -25.50
N ASN B 3748 -25.97 47.89 -26.77
CA ASN B 3748 -25.09 48.39 -27.83
C ASN B 3748 -23.62 48.10 -27.55
N SER B 3749 -23.34 47.18 -26.63
CA SER B 3749 -21.96 46.80 -26.38
C SER B 3749 -21.33 46.16 -27.61
N ASP B 3750 -22.14 45.47 -28.42
CA ASP B 3750 -21.63 44.91 -29.67
C ASP B 3750 -21.16 46.01 -30.62
N GLU B 3751 -21.91 47.11 -30.70
CA GLU B 3751 -21.58 48.20 -31.60
C GLU B 3751 -20.93 49.38 -30.88
N GLU B 3752 -20.52 49.20 -29.63
CA GLU B 3752 -19.92 50.29 -28.87
C GLU B 3752 -18.61 50.75 -29.50
N ASN B 3753 -17.69 49.82 -29.74
CA ASN B 3753 -16.41 50.12 -30.37
C ASN B 3753 -16.25 49.19 -31.57
N CYS B 3754 -16.29 49.75 -32.78
CA CYS B 3754 -16.27 48.94 -33.99
C CYS B 3754 -15.46 49.67 -35.07
N ALA B 3755 -14.22 49.23 -35.26
CA ALA B 3755 -13.46 49.68 -36.42
C ALA B 3755 -14.10 49.14 -37.68
N PRO B 3756 -14.27 49.98 -38.71
CA PRO B 3756 -14.91 49.50 -39.95
C PRO B 3756 -14.14 48.35 -40.58
N ARG B 3757 -14.87 47.39 -41.12
CA ARG B 3757 -14.26 46.20 -41.68
C ARG B 3757 -13.78 46.46 -43.10
N GLU B 3758 -12.87 45.60 -43.56
CA GLU B 3758 -12.37 45.67 -44.92
C GLU B 3758 -13.42 45.20 -45.90
N CYS B 3759 -13.49 45.86 -47.05
CA CYS B 3759 -14.42 45.45 -48.09
C CYS B 3759 -13.82 44.36 -48.97
N THR B 3760 -14.67 43.44 -49.41
CA THR B 3760 -14.23 42.32 -50.21
C THR B 3760 -14.07 42.74 -51.67
N GLU B 3761 -13.90 41.74 -52.54
CA GLU B 3761 -13.58 42.01 -53.94
C GLU B 3761 -14.73 42.73 -54.64
N SER B 3762 -15.97 42.28 -54.42
CA SER B 3762 -17.13 42.88 -55.06
C SER B 3762 -17.87 43.84 -54.12
N GLU B 3763 -17.15 44.51 -53.23
CA GLU B 3763 -17.74 45.47 -52.31
C GLU B 3763 -17.08 46.83 -52.53
N PHE B 3764 -17.89 47.84 -52.77
CA PHE B 3764 -17.38 49.20 -52.89
C PHE B 3764 -17.27 49.85 -51.52
N ARG B 3765 -16.17 50.54 -51.29
CA ARG B 3765 -15.93 51.21 -50.02
C ARG B 3765 -16.38 52.66 -50.11
N CYS B 3766 -17.41 53.00 -49.34
CA CYS B 3766 -17.87 54.38 -49.30
C CYS B 3766 -16.91 55.24 -48.48
N VAL B 3767 -17.06 56.56 -48.62
CA VAL B 3767 -16.26 57.48 -47.82
C VAL B 3767 -16.61 57.37 -46.35
N ASN B 3768 -17.79 56.83 -46.04
CA ASN B 3768 -18.18 56.53 -44.67
C ASN B 3768 -17.48 55.29 -44.13
N GLN B 3769 -16.52 54.74 -44.88
CA GLN B 3769 -15.81 53.52 -44.50
C GLN B 3769 -16.78 52.34 -44.32
N GLN B 3770 -17.90 52.37 -45.05
CA GLN B 3770 -18.89 51.32 -45.02
C GLN B 3770 -18.90 50.59 -46.37
N CYS B 3771 -18.89 49.26 -46.32
CA CYS B 3771 -18.83 48.46 -47.52
C CYS B 3771 -20.23 48.16 -48.02
N ILE B 3772 -20.45 48.32 -49.33
CA ILE B 3772 -21.72 48.00 -49.96
C ILE B 3772 -21.43 47.16 -51.20
N PRO B 3773 -22.41 46.39 -51.66
CA PRO B 3773 -22.21 45.60 -52.87
C PRO B 3773 -21.80 46.46 -54.05
N SER B 3774 -20.88 45.92 -54.86
CA SER B 3774 -20.35 46.68 -55.99
C SER B 3774 -21.45 47.02 -56.98
N ARG B 3775 -22.50 46.21 -57.04
CA ARG B 3775 -23.61 46.52 -57.93
C ARG B 3775 -24.36 47.77 -57.49
N TRP B 3776 -24.15 48.21 -56.25
CA TRP B 3776 -24.90 49.35 -55.74
C TRP B 3776 -24.27 50.68 -56.10
N ILE B 3777 -23.11 50.69 -56.77
CA ILE B 3777 -22.55 51.97 -57.18
C ILE B 3777 -23.43 52.56 -58.28
N CYS B 3778 -23.80 53.83 -58.11
CA CYS B 3778 -24.77 54.49 -58.98
C CYS B 3778 -26.08 53.71 -59.00
N ASP B 3779 -26.49 53.20 -57.83
CA ASP B 3779 -27.72 52.43 -57.71
C ASP B 3779 -28.97 53.27 -57.94
N HIS B 3780 -28.84 54.59 -57.99
CA HIS B 3780 -29.96 55.52 -58.08
C HIS B 3780 -30.84 55.47 -56.83
N TYR B 3781 -30.28 55.04 -55.69
CA TYR B 3781 -31.00 55.08 -54.42
C TYR B 3781 -30.12 55.52 -53.27
N ASN B 3782 -28.88 55.92 -53.52
CA ASN B 3782 -27.91 56.35 -52.51
C ASN B 3782 -27.93 55.43 -51.29
N ASP B 3783 -27.62 54.15 -51.53
CA ASP B 3783 -27.69 53.16 -50.46
C ASP B 3783 -26.76 53.50 -49.31
N CYS B 3784 -25.56 53.98 -49.61
CA CYS B 3784 -24.68 54.48 -48.58
C CYS B 3784 -25.19 55.83 -48.09
N GLY B 3785 -25.09 56.05 -46.77
CA GLY B 3785 -25.62 57.27 -46.19
C GLY B 3785 -24.94 58.51 -46.72
N ASP B 3786 -23.62 58.45 -46.89
CA ASP B 3786 -22.86 59.61 -47.35
C ASP B 3786 -23.11 59.93 -48.82
N ASN B 3787 -23.85 59.08 -49.54
CA ASN B 3787 -24.15 59.26 -50.96
C ASN B 3787 -22.90 59.23 -51.81
N SER B 3788 -21.80 58.68 -51.30
CA SER B 3788 -20.58 58.58 -52.09
C SER B 3788 -20.70 57.53 -53.18
N ASP B 3789 -21.66 56.61 -53.05
CA ASP B 3789 -21.85 55.60 -54.08
C ASP B 3789 -22.29 56.22 -55.40
N GLU B 3790 -23.19 57.20 -55.34
CA GLU B 3790 -23.77 57.79 -56.54
C GLU B 3790 -22.96 59.01 -56.97
N ARG B 3791 -21.80 58.72 -57.57
CA ARG B 3791 -20.95 59.79 -58.08
C ARG B 3791 -20.22 59.30 -59.33
N ASP B 3792 -19.90 60.25 -60.21
CA ASP B 3792 -19.10 59.98 -61.40
C ASP B 3792 -19.72 58.86 -62.25
N CYS B 3793 -21.05 58.86 -62.32
CA CYS B 3793 -21.73 57.75 -62.98
C CYS B 3793 -21.54 57.77 -64.49
N GLU B 3794 -21.21 58.94 -65.05
CA GLU B 3794 -20.95 58.99 -66.48
C GLU B 3794 -19.62 58.35 -66.83
N MET B 3795 -18.67 58.33 -65.90
CA MET B 3795 -17.35 57.75 -66.12
C MET B 3795 -17.24 56.33 -65.59
N ARG B 3796 -18.33 55.77 -65.06
CA ARG B 3796 -18.30 54.48 -64.41
C ARG B 3796 -18.60 53.32 -65.35
N THR B 3797 -18.99 53.59 -66.59
CA THR B 3797 -19.54 52.58 -67.51
C THR B 3797 -20.65 51.87 -66.73
N CYS B 3798 -20.72 50.55 -66.74
CA CYS B 3798 -21.60 49.81 -65.84
C CYS B 3798 -21.22 48.35 -65.86
N HIS B 3799 -21.86 47.58 -64.98
CA HIS B 3799 -21.65 46.15 -64.93
C HIS B 3799 -22.23 45.48 -66.17
N PRO B 3800 -21.69 44.32 -66.56
CA PRO B 3800 -22.15 43.68 -67.80
C PRO B 3800 -23.63 43.29 -67.79
N GLU B 3801 -24.21 43.04 -66.62
CA GLU B 3801 -25.58 42.57 -66.53
C GLU B 3801 -26.58 43.69 -66.28
N TYR B 3802 -26.15 44.95 -66.38
CA TYR B 3802 -27.03 46.09 -66.15
C TYR B 3802 -26.96 47.03 -67.34
N PHE B 3803 -28.04 47.77 -67.56
CA PHE B 3803 -28.09 48.79 -68.59
C PHE B 3803 -27.88 50.16 -67.95
N GLN B 3804 -27.11 51.01 -68.63
CA GLN B 3804 -26.74 52.31 -68.08
C GLN B 3804 -27.67 53.38 -68.63
N CYS B 3805 -28.31 54.14 -67.75
CA CYS B 3805 -29.15 55.25 -68.17
C CYS B 3805 -28.29 56.34 -68.81
N THR B 3806 -28.96 57.24 -69.53
CA THR B 3806 -28.26 58.38 -70.10
C THR B 3806 -27.66 59.27 -69.02
N SER B 3807 -28.29 59.31 -67.85
CA SER B 3807 -27.73 60.06 -66.74
C SER B 3807 -26.45 59.44 -66.22
N GLY B 3808 -26.17 58.20 -66.62
CA GLY B 3808 -24.98 57.49 -66.20
C GLY B 3808 -25.24 56.43 -65.14
N HIS B 3809 -26.43 56.42 -64.55
CA HIS B 3809 -26.75 55.42 -63.54
C HIS B 3809 -27.05 54.08 -64.19
N CYS B 3810 -26.83 53.01 -63.42
CA CYS B 3810 -27.08 51.64 -63.85
C CYS B 3810 -28.51 51.25 -63.56
N VAL B 3811 -29.04 50.31 -64.34
CA VAL B 3811 -30.33 49.71 -64.07
C VAL B 3811 -30.32 48.30 -64.66
N HIS B 3812 -31.13 47.42 -64.05
CA HIS B 3812 -31.23 46.04 -64.52
C HIS B 3812 -31.63 46.00 -65.98
N SER B 3813 -30.93 45.19 -66.77
CA SER B 3813 -31.30 45.01 -68.16
C SER B 3813 -32.67 44.38 -68.29
N GLU B 3814 -33.08 43.59 -67.30
CA GLU B 3814 -34.43 43.04 -67.29
C GLU B 3814 -35.47 44.14 -67.22
N LEU B 3815 -35.23 45.16 -66.40
CA LEU B 3815 -36.15 46.27 -66.25
C LEU B 3815 -36.12 47.24 -67.43
N LYS B 3816 -35.39 46.91 -68.49
CA LYS B 3816 -35.38 47.76 -69.67
C LYS B 3816 -36.58 47.47 -70.55
N CYS B 3817 -37.24 48.54 -71.01
CA CYS B 3817 -38.39 48.43 -71.92
C CYS B 3817 -39.51 47.62 -71.29
N ASP B 3818 -39.64 47.69 -69.97
CA ASP B 3818 -40.69 46.97 -69.24
C ASP B 3818 -41.91 47.84 -68.97
N GLY B 3819 -41.92 49.05 -69.52
CA GLY B 3819 -43.02 49.97 -69.27
C GLY B 3819 -42.68 50.76 -68.03
N SER B 3820 -41.69 50.30 -67.28
CA SER B 3820 -41.30 50.99 -66.06
C SER B 3820 -40.04 51.77 -66.30
N ALA B 3821 -40.15 53.09 -66.29
CA ALA B 3821 -38.98 53.93 -66.52
C ALA B 3821 -38.15 53.97 -65.26
N ASP B 3822 -37.53 52.85 -64.93
CA ASP B 3822 -36.70 52.79 -63.73
C ASP B 3822 -35.66 53.88 -63.83
N CYS B 3823 -35.06 54.01 -65.01
CA CYS B 3823 -34.11 55.10 -65.19
C CYS B 3823 -34.85 56.40 -65.01
N LEU B 3824 -34.29 57.30 -64.21
CA LEU B 3824 -34.95 58.57 -63.97
C LEU B 3824 -35.15 59.28 -65.30
N ASP B 3825 -34.16 59.20 -66.18
CA ASP B 3825 -34.27 59.81 -67.49
C ASP B 3825 -35.24 59.05 -68.37
N ALA B 3826 -35.69 57.89 -67.90
CA ALA B 3826 -36.65 57.08 -68.65
C ALA B 3826 -36.03 56.55 -69.93
N SER B 3827 -34.72 56.69 -70.07
CA SER B 3827 -34.05 56.20 -71.26
C SER B 3827 -34.31 54.71 -71.38
N ASP B 3828 -34.32 54.01 -70.26
CA ASP B 3828 -34.51 52.57 -70.28
C ASP B 3828 -35.75 52.16 -71.06
N GLU B 3829 -36.76 53.01 -71.06
CA GLU B 3829 -38.01 52.66 -71.73
C GLU B 3829 -38.20 53.45 -73.01
N ALA B 3830 -37.49 54.56 -73.14
CA ALA B 3830 -37.68 55.42 -74.31
C ALA B 3830 -36.79 55.03 -75.47
N ASP B 3831 -36.00 53.98 -75.30
CA ASP B 3831 -35.07 53.59 -76.36
C ASP B 3831 -35.52 52.33 -77.10
N CYS B 3832 -36.79 51.99 -77.00
CA CYS B 3832 -37.27 50.76 -77.64
C CYS B 3832 -38.59 50.96 -78.37
N PRO B 3833 -38.90 50.04 -79.31
CA PRO B 3833 -40.12 50.18 -80.11
C PRO B 3833 -41.39 50.00 -79.30
N THR B 3834 -42.54 50.34 -79.89
CA THR B 3834 -43.81 50.19 -79.20
C THR B 3834 -43.92 48.81 -78.60
N ARG B 3835 -44.36 48.73 -77.35
CA ARG B 3835 -44.49 47.44 -76.70
C ARG B 3835 -45.25 46.53 -77.63
N PHE B 3836 -46.32 47.04 -78.23
CA PHE B 3836 -47.03 46.24 -79.22
C PHE B 3836 -46.90 46.94 -80.57
N PRO B 3837 -46.37 46.24 -81.58
CA PRO B 3837 -46.16 46.84 -82.90
C PRO B 3837 -47.47 47.30 -83.51
N ASP B 3838 -48.58 46.95 -82.90
CA ASP B 3838 -49.89 47.35 -83.43
C ASP B 3838 -49.99 48.86 -83.52
N GLY B 3839 -49.18 49.58 -82.74
CA GLY B 3839 -49.19 51.03 -82.84
C GLY B 3839 -48.78 51.80 -81.60
N ALA B 3840 -48.66 51.13 -80.47
CA ALA B 3840 -48.35 51.84 -79.22
C ALA B 3840 -47.68 50.96 -78.17
N TYR B 3841 -47.52 51.50 -76.97
CA TYR B 3841 -46.86 50.75 -75.91
C TYR B 3841 -47.84 50.20 -74.88
N CYS B 3842 -48.98 50.86 -74.73
CA CYS B 3842 -49.94 50.43 -73.71
C CYS B 3842 -50.79 49.26 -74.17
N GLN B 3843 -50.18 48.10 -74.34
CA GLN B 3843 -50.93 46.90 -74.73
C GLN B 3843 -51.92 46.56 -73.63
N ALA B 3844 -51.66 47.05 -72.43
CA ALA B 3844 -52.55 46.80 -71.31
C ALA B 3844 -53.63 47.86 -71.26
N THR B 3845 -53.77 48.63 -72.33
CA THR B 3845 -54.79 49.67 -72.38
C THR B 3845 -54.68 50.59 -71.17
N MET B 3846 -53.49 51.14 -70.96
CA MET B 3846 -53.30 52.07 -69.84
C MET B 3846 -52.98 53.45 -70.37
N PHE B 3847 -52.55 54.34 -69.49
CA PHE B 3847 -52.18 55.68 -69.93
C PHE B 3847 -50.70 55.72 -70.31
N GLU B 3848 -50.41 55.97 -71.57
CA GLU B 3848 -49.03 56.00 -72.03
C GLU B 3848 -48.58 57.41 -72.39
N CYS B 3849 -47.52 57.87 -71.74
CA CYS B 3849 -46.98 59.18 -72.04
C CYS B 3849 -46.01 59.09 -73.21
N LYS B 3850 -45.62 60.24 -73.75
CA LYS B 3850 -44.70 60.25 -74.87
C LYS B 3850 -43.40 59.58 -74.47
N ASN B 3851 -43.14 59.52 -73.16
CA ASN B 3851 -41.95 58.85 -72.67
C ASN B 3851 -42.07 57.36 -72.85
N HIS B 3852 -43.13 56.92 -73.53
CA HIS B 3852 -43.34 55.50 -73.76
C HIS B 3852 -43.51 54.77 -72.45
N VAL B 3853 -44.04 55.47 -71.45
CA VAL B 3853 -44.28 54.85 -70.16
C VAL B 3853 -45.76 54.56 -70.00
N CYS B 3854 -46.10 53.31 -69.68
CA CYS B 3854 -47.50 52.93 -69.54
C CYS B 3854 -48.02 53.24 -68.15
N ILE B 3855 -48.11 54.52 -67.81
CA ILE B 3855 -48.62 54.91 -66.51
C ILE B 3855 -50.02 54.36 -66.30
N PRO B 3856 -50.34 53.96 -65.07
CA PRO B 3856 -51.70 53.50 -64.82
C PRO B 3856 -52.70 54.49 -65.41
N PRO B 3857 -53.73 53.97 -66.09
CA PRO B 3857 -54.73 54.85 -66.69
C PRO B 3857 -55.33 55.74 -65.62
N TYR B 3858 -55.51 55.20 -64.42
CA TYR B 3858 -56.03 56.01 -63.32
C TYR B 3858 -55.06 57.15 -63.05
N TRP B 3859 -53.77 56.87 -63.16
CA TRP B 3859 -52.76 57.91 -62.92
C TRP B 3859 -52.81 59.02 -63.95
N LYS B 3860 -53.46 58.75 -65.09
CA LYS B 3860 -53.57 59.77 -66.12
C LYS B 3860 -54.21 61.01 -65.52
N CYS B 3861 -53.51 62.14 -65.59
CA CYS B 3861 -54.04 63.39 -65.04
C CYS B 3861 -54.42 63.19 -63.58
N ASP B 3862 -53.78 62.24 -62.91
CA ASP B 3862 -54.08 61.98 -61.51
C ASP B 3862 -53.14 62.78 -60.63
N GLY B 3863 -53.65 63.84 -60.02
CA GLY B 3863 -52.80 64.66 -59.18
C GLY B 3863 -51.49 64.84 -59.89
N ASP B 3864 -50.41 64.38 -59.27
CA ASP B 3864 -49.11 64.46 -59.93
C ASP B 3864 -48.93 63.25 -60.83
N ASP B 3865 -49.21 63.41 -62.11
CA ASP B 3865 -49.04 62.32 -63.05
C ASP B 3865 -47.62 61.79 -62.88
N ASP B 3866 -47.49 60.48 -62.74
CA ASP B 3866 -46.18 59.89 -62.52
C ASP B 3866 -45.22 60.29 -63.62
N CYS B 3867 -45.65 60.16 -64.87
CA CYS B 3867 -44.81 60.53 -65.98
C CYS B 3867 -44.83 62.03 -66.17
N GLY B 3868 -43.68 62.67 -66.07
CA GLY B 3868 -43.62 64.11 -66.31
C GLY B 3868 -44.07 64.34 -67.73
N ASP B 3869 -43.60 63.48 -68.63
CA ASP B 3869 -44.03 63.58 -70.02
C ASP B 3869 -45.52 63.30 -70.08
N GLY B 3870 -46.01 62.51 -69.13
CA GLY B 3870 -47.42 62.16 -69.11
C GLY B 3870 -48.27 63.16 -68.35
N SER B 3871 -47.67 64.26 -67.93
CA SER B 3871 -48.45 65.29 -67.27
C SER B 3871 -49.62 65.59 -68.17
N ASP B 3872 -50.84 65.56 -67.63
CA ASP B 3872 -52.02 65.75 -68.46
C ASP B 3872 -52.71 67.06 -68.20
N GLU B 3873 -53.00 67.81 -69.26
CA GLU B 3873 -53.73 69.05 -69.12
C GLU B 3873 -55.21 68.75 -69.19
N GLU B 3874 -55.55 67.47 -69.22
CA GLU B 3874 -56.95 67.08 -69.32
C GLU B 3874 -57.65 67.25 -67.99
N LEU B 3875 -57.61 68.45 -67.44
CA LEU B 3875 -58.27 68.71 -66.17
C LEU B 3875 -59.77 68.61 -66.36
N HIS B 3876 -60.21 68.58 -67.62
CA HIS B 3876 -61.62 68.43 -67.89
C HIS B 3876 -62.10 67.16 -67.20
N LEU B 3877 -61.35 66.08 -67.37
CA LEU B 3877 -61.70 64.84 -66.69
C LEU B 3877 -61.55 65.03 -65.20
N CYS B 3878 -60.45 65.64 -64.79
CA CYS B 3878 -60.23 65.89 -63.36
C CYS B 3878 -59.24 67.03 -63.16
N LEU B 3879 -59.73 68.17 -62.69
CA LEU B 3879 -58.86 69.31 -62.43
C LEU B 3879 -57.87 68.96 -61.33
N ASP B 3880 -56.62 69.36 -61.50
CA ASP B 3880 -55.61 69.06 -60.49
C ASP B 3880 -55.96 69.70 -59.16
N VAL B 3881 -56.37 70.97 -59.20
CA VAL B 3881 -56.77 71.65 -57.98
C VAL B 3881 -57.97 70.97 -57.35
N PRO B 3882 -58.97 70.64 -58.18
CA PRO B 3882 -60.16 69.94 -57.66
C PRO B 3882 -59.93 68.43 -57.66
N CYS B 3883 -58.92 67.98 -56.93
CA CYS B 3883 -58.62 66.55 -56.88
C CYS B 3883 -58.62 66.05 -55.45
N ASN B 3884 -59.26 64.91 -55.23
CA ASN B 3884 -59.29 64.33 -53.89
C ASN B 3884 -57.86 64.02 -53.45
N SER B 3885 -57.05 63.52 -54.37
CA SER B 3885 -55.65 63.24 -54.04
C SER B 3885 -54.95 64.50 -53.59
N PRO B 3886 -55.28 65.63 -54.22
CA PRO B 3886 -54.68 66.90 -53.82
C PRO B 3886 -55.32 67.45 -52.56
N ASN B 3887 -55.38 66.63 -51.51
CA ASN B 3887 -55.98 67.07 -50.26
C ASN B 3887 -55.20 68.24 -49.68
N ARG B 3888 -53.88 68.13 -49.67
CA ARG B 3888 -53.06 69.22 -49.16
C ARG B 3888 -52.81 70.26 -50.24
N PHE B 3889 -53.86 70.98 -50.62
CA PHE B 3889 -53.72 71.99 -51.67
C PHE B 3889 -52.93 71.45 -52.85
N PHE B 3995 -78.01 62.61 -26.94
CA PHE B 3995 -78.05 61.41 -26.11
C PHE B 3995 -79.38 61.30 -25.40
N GLU B 3996 -79.99 62.43 -25.06
CA GLU B 3996 -81.26 62.42 -24.35
C GLU B 3996 -82.00 63.74 -24.55
N THR B 3997 -83.30 63.74 -24.32
CA THR B 3997 -84.09 64.96 -24.49
C THR B 3997 -84.05 65.78 -23.22
N ASN B 3998 -83.14 65.45 -22.31
CA ASN B 3998 -83.03 66.18 -21.06
C ASN B 3998 -82.39 67.55 -21.28
N VAL B 3999 -83.15 68.46 -21.87
CA VAL B 3999 -82.61 69.79 -22.15
C VAL B 3999 -82.15 70.49 -20.89
N PHE B 4000 -82.73 70.12 -19.75
CA PHE B 4000 -82.35 70.72 -18.49
C PHE B 4000 -82.09 69.67 -17.43
N ASP B 4001 -81.18 68.75 -17.74
CA ASP B 4001 -80.83 67.71 -16.78
C ASP B 4001 -79.82 68.26 -15.80
N ARG B 4002 -80.30 69.00 -14.80
CA ARG B 4002 -79.40 69.62 -13.82
C ARG B 4002 -78.58 70.71 -14.49
N THR B 4003 -77.78 70.33 -15.48
CA THR B 4003 -77.00 71.33 -16.22
C THR B 4003 -77.61 71.50 -17.59
N SER B 4004 -77.79 72.74 -18.02
CA SER B 4004 -78.42 72.99 -19.31
C SER B 4004 -77.67 74.03 -20.13
N CYS B 4005 -78.23 74.39 -21.27
CA CYS B 4005 -77.60 75.39 -22.12
C CYS B 4005 -77.86 76.78 -21.57
N LEU B 4006 -76.79 77.47 -21.16
CA LEU B 4006 -76.93 78.74 -20.48
C LEU B 4006 -75.66 79.57 -20.63
N ASP B 4007 -75.51 80.60 -19.79
CA ASP B 4007 -74.30 81.42 -19.78
C ASP B 4007 -73.06 80.55 -19.68
N ILE B 4008 -72.25 80.57 -20.73
CA ILE B 4008 -71.04 79.76 -20.83
C ILE B 4008 -69.84 80.68 -20.84
N ASN B 4009 -68.93 80.49 -19.90
CA ASN B 4009 -67.72 81.30 -19.80
C ASN B 4009 -66.70 80.74 -20.78
N GLU B 4010 -66.84 81.18 -22.04
CA GLU B 4010 -65.93 80.70 -23.08
C GLU B 4010 -64.50 81.17 -22.84
N CYS B 4011 -64.31 82.18 -21.99
CA CYS B 4011 -62.97 82.61 -21.64
C CYS B 4011 -62.19 81.50 -20.95
N GLU B 4012 -62.89 80.57 -20.29
CA GLU B 4012 -62.22 79.43 -19.69
C GLU B 4012 -61.56 78.56 -20.74
N GLN B 4013 -62.18 78.44 -21.91
CA GLN B 4013 -61.58 77.67 -22.99
C GLN B 4013 -60.27 78.32 -23.44
N PHE B 4014 -59.27 77.48 -23.68
CA PHE B 4014 -57.95 77.98 -24.03
C PHE B 4014 -57.96 78.60 -25.42
N GLY B 4015 -57.29 79.75 -25.55
CA GLY B 4015 -57.14 80.39 -26.85
C GLY B 4015 -58.42 80.91 -27.43
N THR B 4016 -59.43 81.18 -26.60
CA THR B 4016 -60.69 81.73 -27.11
C THR B 4016 -60.47 83.12 -27.69
N CYS B 4017 -59.71 83.96 -27.01
CA CYS B 4017 -59.44 85.30 -27.45
C CYS B 4017 -57.96 85.62 -27.26
N PRO B 4018 -57.35 86.38 -28.17
CA PRO B 4018 -55.92 86.69 -28.02
C PRO B 4018 -55.57 87.44 -26.75
N GLN B 4019 -56.31 88.50 -26.41
CA GLN B 4019 -55.93 89.33 -25.28
C GLN B 4019 -56.96 89.31 -24.16
N HIS B 4020 -58.20 89.71 -24.41
CA HIS B 4020 -59.20 89.82 -23.35
C HIS B 4020 -60.53 89.26 -23.84
N CYS B 4021 -61.01 88.23 -23.16
CA CYS B 4021 -62.29 87.61 -23.45
C CYS B 4021 -63.23 87.86 -22.29
N ARG B 4022 -64.47 88.23 -22.59
CA ARG B 4022 -65.47 88.53 -21.57
C ARG B 4022 -66.59 87.51 -21.67
N ASN B 4023 -67.01 86.98 -20.52
CA ASN B 4023 -68.06 85.99 -20.49
C ASN B 4023 -69.37 86.58 -20.98
N THR B 4024 -70.06 85.84 -21.85
CA THR B 4024 -71.37 86.23 -22.35
C THR B 4024 -72.28 85.01 -22.30
N LYS B 4025 -73.58 85.27 -22.16
CA LYS B 4025 -74.54 84.19 -22.02
C LYS B 4025 -74.52 83.30 -23.26
N GLY B 4026 -74.02 82.07 -23.09
CA GLY B 4026 -73.87 81.16 -24.21
C GLY B 4026 -73.00 81.72 -25.30
N SER B 4027 -72.10 82.64 -24.96
CA SER B 4027 -71.28 83.33 -25.95
C SER B 4027 -70.03 83.87 -25.26
N TYR B 4028 -69.34 84.78 -25.94
CA TYR B 4028 -68.14 85.42 -25.41
C TYR B 4028 -67.97 86.78 -26.10
N GLU B 4029 -67.12 87.61 -25.49
CA GLU B 4029 -66.81 88.95 -25.99
C GLU B 4029 -65.30 89.11 -26.07
N CYS B 4030 -64.75 88.89 -27.26
CA CYS B 4030 -63.31 89.00 -27.46
C CYS B 4030 -62.93 90.45 -27.77
N VAL B 4031 -61.97 90.98 -27.02
CA VAL B 4031 -61.56 92.38 -27.14
C VAL B 4031 -60.06 92.49 -26.85
N CYS B 4032 -59.42 93.44 -27.53
CA CYS B 4032 -58.01 93.72 -27.29
C CYS B 4032 -57.88 94.65 -26.08
N ALA B 4033 -56.69 95.19 -25.87
CA ALA B 4033 -56.40 96.07 -24.74
C ALA B 4033 -55.96 97.43 -25.27
N ASP B 4034 -55.55 98.30 -24.34
CA ASP B 4034 -55.08 99.62 -24.70
C ASP B 4034 -53.85 99.53 -25.59
N GLY B 4035 -53.81 100.37 -26.62
CA GLY B 4035 -52.72 100.35 -27.56
C GLY B 4035 -52.75 99.20 -28.54
N PHE B 4036 -53.82 98.41 -28.54
CA PHE B 4036 -53.96 97.29 -29.46
C PHE B 4036 -55.25 97.45 -30.24
N THR B 4037 -55.14 97.39 -31.57
CA THR B 4037 -56.28 97.58 -32.46
C THR B 4037 -56.62 96.26 -33.13
N SER B 4038 -57.88 96.10 -33.52
CA SER B 4038 -58.34 94.85 -34.10
C SER B 4038 -58.01 94.79 -35.58
N MET B 4039 -57.36 93.70 -36.00
CA MET B 4039 -57.16 93.46 -37.43
C MET B 4039 -58.44 92.96 -38.07
N SER B 4040 -59.29 92.26 -37.31
CA SER B 4040 -60.45 91.59 -37.89
C SER B 4040 -61.68 91.74 -37.01
N ASP B 4041 -62.70 90.92 -37.28
CA ASP B 4041 -63.96 91.00 -36.55
C ASP B 4041 -63.74 90.78 -35.05
N ARG B 4042 -64.71 91.22 -34.27
CA ARG B 4042 -64.60 91.13 -32.81
C ARG B 4042 -64.32 89.73 -32.29
N PRO B 4043 -65.00 88.67 -32.73
CA PRO B 4043 -64.65 87.34 -32.22
C PRO B 4043 -63.27 86.90 -32.68
N GLY B 4044 -62.41 86.60 -31.71
CA GLY B 4044 -61.04 86.22 -32.05
C GLY B 4044 -60.27 87.31 -32.75
N LYS B 4045 -60.50 88.57 -32.36
CA LYS B 4045 -59.86 89.68 -33.03
C LYS B 4045 -58.37 89.70 -32.78
N ARG B 4046 -57.58 89.69 -33.86
CA ARG B 4046 -56.15 89.89 -33.73
C ARG B 4046 -55.86 91.31 -33.28
N CYS B 4047 -54.80 91.47 -32.49
CA CYS B 4047 -54.45 92.75 -31.90
C CYS B 4047 -53.09 93.20 -32.43
N ALA B 4048 -53.03 94.44 -32.91
CA ALA B 4048 -51.82 95.02 -33.46
C ALA B 4048 -51.34 96.14 -32.56
N ALA B 4049 -50.04 96.15 -32.29
CA ALA B 4049 -49.46 97.19 -31.43
C ALA B 4049 -49.55 98.54 -32.11
N GLU B 4050 -50.14 99.51 -31.41
CA GLU B 4050 -50.28 100.87 -31.93
C GLU B 4050 -49.00 101.67 -31.61
N GLY B 4051 -47.94 101.33 -32.34
CA GLY B 4051 -46.65 102.01 -32.11
C GLY B 4051 -45.60 101.59 -33.12
N SER B 4052 -44.32 101.82 -32.81
CA SER B 4052 -43.22 101.47 -33.76
C SER B 4052 -43.09 99.95 -33.90
N SER B 4053 -42.48 99.50 -35.00
CA SER B 4053 -42.35 98.04 -35.25
C SER B 4053 -41.55 97.40 -34.11
N PRO B 4054 -41.94 96.22 -33.62
CA PRO B 4054 -41.19 95.52 -32.57
C PRO B 4054 -39.83 95.03 -33.07
N LEU B 4055 -38.84 95.01 -32.17
CA LEU B 4055 -37.48 94.52 -32.54
C LEU B 4055 -37.17 93.29 -31.69
N LEU B 4056 -36.21 92.47 -32.13
CA LEU B 4056 -35.82 91.26 -31.35
C LEU B 4056 -34.37 91.41 -30.88
N LEU B 4057 -34.14 91.73 -29.61
CA LEU B 4057 -32.79 91.80 -29.09
C LEU B 4057 -32.18 90.40 -29.12
N LEU B 4058 -31.04 90.27 -29.78
CA LEU B 4058 -30.41 88.97 -29.94
C LEU B 4058 -29.03 88.96 -29.30
N PRO B 4059 -28.89 88.53 -28.07
CA PRO B 4059 -27.60 88.55 -27.41
C PRO B 4059 -26.66 87.46 -27.87
N ASP B 4060 -25.95 87.68 -28.97
CA ASP B 4060 -24.90 86.77 -29.38
C ASP B 4060 -23.79 86.77 -28.34
N ASN B 4061 -22.78 85.92 -28.56
CA ASN B 4061 -21.73 85.77 -27.56
C ASN B 4061 -20.96 87.07 -27.35
N VAL B 4062 -20.70 87.80 -28.42
CA VAL B 4062 -19.87 89.01 -28.37
C VAL B 4062 -20.62 90.25 -28.80
N ARG B 4063 -21.86 90.14 -29.25
CA ARG B 4063 -22.62 91.29 -29.70
C ARG B 4063 -24.06 91.19 -29.20
N ILE B 4064 -24.69 92.34 -29.06
CA ILE B 4064 -26.12 92.41 -28.75
C ILE B 4064 -26.79 93.24 -29.83
N ARG B 4065 -27.25 92.58 -30.89
CA ARG B 4065 -27.84 93.31 -32.00
C ARG B 4065 -29.35 93.26 -31.93
N LYS B 4066 -29.98 94.33 -32.43
CA LYS B 4066 -31.43 94.43 -32.45
C LYS B 4066 -31.90 94.32 -33.88
N TYR B 4067 -32.92 93.48 -34.11
CA TYR B 4067 -33.43 93.26 -35.48
C TYR B 4067 -34.87 93.77 -35.58
N ASN B 4068 -35.13 94.77 -36.44
CA ASN B 4068 -36.49 95.34 -36.65
C ASN B 4068 -37.32 94.32 -37.44
N LEU B 4069 -38.36 93.74 -36.83
CA LEU B 4069 -39.13 92.67 -37.52
C LEU B 4069 -39.69 93.22 -38.84
N SER B 4070 -40.29 94.40 -38.81
CA SER B 4070 -40.93 94.95 -40.05
C SER B 4070 -39.87 95.27 -41.09
N SER B 4071 -38.80 95.97 -40.70
CA SER B 4071 -37.76 96.39 -41.68
C SER B 4071 -36.93 95.18 -42.11
N GLU B 4072 -37.04 94.07 -41.38
CA GLU B 4072 -36.29 92.83 -41.73
C GLU B 4072 -34.80 93.18 -41.93
N ARG B 4073 -34.19 93.85 -40.95
CA ARG B 4073 -32.77 94.19 -41.04
C ARG B 4073 -32.15 94.15 -39.66
N PHE B 4074 -30.84 93.97 -39.62
CA PHE B 4074 -30.09 93.96 -38.38
C PHE B 4074 -29.41 95.31 -38.19
N SER B 4075 -29.61 95.88 -36.99
CA SER B 4075 -28.93 97.15 -36.62
C SER B 4075 -28.08 96.86 -35.39
N GLU B 4076 -26.77 97.09 -35.46
CA GLU B 4076 -25.87 96.74 -34.37
C GLU B 4076 -26.02 97.73 -33.23
N TYR B 4077 -26.04 97.21 -32.01
CA TYR B 4077 -26.12 98.05 -30.83
C TYR B 4077 -24.84 97.95 -30.00
N LEU B 4078 -24.43 96.75 -29.61
CA LEU B 4078 -23.29 96.56 -28.73
C LEU B 4078 -22.29 95.60 -29.37
N GLN B 4079 -21.02 95.79 -29.03
CA GLN B 4079 -19.96 94.91 -29.52
C GLN B 4079 -18.77 95.02 -28.60
N ASP B 4080 -17.72 94.28 -28.93
CA ASP B 4080 -16.43 94.23 -28.26
C ASP B 4080 -16.51 93.57 -26.89
N GLU B 4081 -17.68 93.13 -26.44
CA GLU B 4081 -17.81 92.41 -25.19
C GLU B 4081 -17.73 90.91 -25.46
N GLU B 4082 -17.76 90.12 -24.39
CA GLU B 4082 -17.67 88.67 -24.51
C GLU B 4082 -18.55 88.02 -23.46
N TYR B 4083 -18.95 86.78 -23.76
CA TYR B 4083 -19.69 85.92 -22.82
C TYR B 4083 -21.00 86.58 -22.36
N ILE B 4084 -21.78 87.06 -23.31
CA ILE B 4084 -23.09 87.63 -23.00
C ILE B 4084 -24.12 86.53 -23.02
N GLN B 4085 -24.91 86.42 -21.94
CA GLN B 4085 -25.81 85.29 -21.78
C GLN B 4085 -27.28 85.65 -21.88
N ALA B 4086 -27.76 86.58 -21.06
CA ALA B 4086 -29.18 86.92 -21.02
C ALA B 4086 -29.35 88.42 -21.04
N VAL B 4087 -30.49 88.87 -21.59
CA VAL B 4087 -30.77 90.29 -21.73
C VAL B 4087 -32.20 90.58 -21.28
N ASP B 4088 -32.43 91.82 -20.88
CA ASP B 4088 -33.76 92.34 -20.58
C ASP B 4088 -33.68 93.86 -20.50
N TYR B 4089 -34.82 94.51 -20.68
CA TYR B 4089 -34.87 95.96 -20.76
C TYR B 4089 -35.99 96.51 -19.88
N ASP B 4090 -35.85 97.79 -19.52
CA ASP B 4090 -36.76 98.48 -18.63
C ASP B 4090 -37.61 99.51 -19.36
N TRP B 4091 -37.58 99.50 -20.69
CA TRP B 4091 -38.19 100.51 -21.55
C TRP B 4091 -37.67 101.88 -21.10
N ASP B 4092 -38.51 102.91 -21.01
CA ASP B 4092 -38.04 104.26 -20.74
C ASP B 4092 -37.99 104.50 -19.24
N PRO B 4093 -36.84 104.44 -18.60
CA PRO B 4093 -36.78 104.72 -17.16
C PRO B 4093 -36.89 106.20 -16.86
N LYS B 4094 -36.22 107.03 -17.66
CA LYS B 4094 -36.13 108.45 -17.41
C LYS B 4094 -36.91 109.30 -18.41
N ASP B 4095 -37.86 108.70 -19.14
CA ASP B 4095 -38.77 109.32 -20.09
C ASP B 4095 -38.06 109.83 -21.35
N ILE B 4096 -36.74 109.69 -21.44
CA ILE B 4096 -36.02 110.10 -22.63
C ILE B 4096 -36.28 109.09 -23.75
N GLY B 4097 -35.77 109.38 -24.94
CA GLY B 4097 -35.98 108.47 -26.06
C GLY B 4097 -35.35 107.10 -25.85
N LEU B 4098 -34.17 107.08 -25.25
CA LEU B 4098 -33.45 105.83 -25.09
C LEU B 4098 -34.08 104.96 -24.01
N SER B 4099 -33.64 103.70 -23.97
CA SER B 4099 -34.10 102.74 -22.98
C SER B 4099 -32.88 101.99 -22.42
N VAL B 4100 -32.97 101.62 -21.15
CA VAL B 4100 -31.88 100.91 -20.50
C VAL B 4100 -32.07 99.41 -20.72
N VAL B 4101 -31.00 98.73 -21.14
CA VAL B 4101 -31.01 97.30 -21.37
C VAL B 4101 -30.03 96.65 -20.39
N TYR B 4102 -30.52 95.67 -19.65
CA TYR B 4102 -29.71 94.94 -18.67
C TYR B 4102 -29.34 93.59 -19.24
N TYR B 4103 -28.06 93.37 -19.47
CA TYR B 4103 -27.56 92.10 -19.94
C TYR B 4103 -26.66 91.48 -18.89
N THR B 4104 -26.23 90.26 -19.16
CA THR B 4104 -25.45 89.46 -18.23
C THR B 4104 -24.16 89.00 -18.91
N VAL B 4105 -23.07 88.98 -18.15
CA VAL B 4105 -21.79 88.49 -18.65
C VAL B 4105 -21.32 87.38 -17.72
N ARG B 4106 -21.07 86.20 -18.28
CA ARG B 4106 -20.64 85.06 -17.49
C ARG B 4106 -19.12 84.97 -17.47
N GLY B 4107 -18.55 84.76 -16.29
CA GLY B 4107 -17.12 84.67 -16.16
C GLY B 4107 -16.58 83.32 -16.57
N GLU B 4108 -15.30 83.30 -16.94
CA GLU B 4108 -14.59 82.08 -17.30
C GLU B 4108 -13.32 81.99 -16.48
N GLY B 4109 -13.09 80.83 -15.86
CA GLY B 4109 -11.91 80.64 -15.05
C GLY B 4109 -11.85 81.61 -13.90
N SER B 4110 -10.68 82.22 -13.70
CA SER B 4110 -10.50 83.15 -12.59
C SER B 4110 -11.37 84.40 -12.75
N ARG B 4111 -11.49 84.89 -13.98
CA ARG B 4111 -12.24 86.11 -14.22
C ARG B 4111 -13.71 85.93 -13.89
N PHE B 4112 -14.19 86.66 -12.90
CA PHE B 4112 -15.59 86.61 -12.53
C PHE B 4112 -16.45 87.30 -13.58
N GLY B 4113 -17.71 86.88 -13.66
CA GLY B 4113 -18.68 87.54 -14.50
C GLY B 4113 -19.23 88.78 -13.83
N ALA B 4114 -20.09 89.47 -14.58
CA ALA B 4114 -20.69 90.70 -14.07
C ALA B 4114 -22.00 90.97 -14.81
N ILE B 4115 -22.82 91.80 -14.21
CA ILE B 4115 -24.08 92.24 -14.80
C ILE B 4115 -23.95 93.71 -15.16
N LYS B 4116 -24.24 94.05 -16.41
CA LYS B 4116 -24.02 95.39 -16.91
C LYS B 4116 -25.28 95.92 -17.59
N ARG B 4117 -25.41 97.24 -17.58
CA ARG B 4117 -26.54 97.92 -18.20
C ARG B 4117 -26.02 99.05 -19.08
N ALA B 4118 -26.83 99.41 -20.08
CA ALA B 4118 -26.50 100.51 -20.99
C ALA B 4118 -27.78 100.94 -21.70
N TYR B 4119 -27.70 102.08 -22.37
CA TYR B 4119 -28.84 102.71 -22.99
C TYR B 4119 -29.02 102.20 -24.42
N ILE B 4120 -30.12 101.52 -24.68
CA ILE B 4120 -30.54 101.17 -26.04
C ILE B 4120 -31.46 102.28 -26.54
N PRO B 4121 -31.21 102.90 -27.72
CA PRO B 4121 -32.11 103.90 -28.28
C PRO B 4121 -33.34 103.23 -28.89
N ASN B 4122 -34.54 103.65 -28.47
CA ASN B 4122 -35.79 103.11 -29.07
C ASN B 4122 -35.87 103.56 -30.52
N PHE B 4123 -35.22 104.68 -30.86
CA PHE B 4123 -35.19 105.19 -32.25
C PHE B 4123 -34.12 104.43 -33.04
N GLU B 4124 -34.33 104.29 -34.36
CA GLU B 4124 -33.36 103.51 -35.18
C GLU B 4124 -31.99 104.21 -35.14
N SER B 4125 -30.95 103.49 -34.69
CA SER B 4125 -29.58 104.04 -34.63
C SER B 4125 -28.57 102.91 -34.47
N GLY B 4126 -27.66 102.76 -35.43
CA GLY B 4126 -26.66 101.72 -35.36
C GLY B 4126 -25.45 102.12 -34.52
N ARG B 4127 -24.26 101.97 -35.08
CA ARG B 4127 -23.04 102.38 -34.37
C ARG B 4127 -22.85 103.89 -34.38
N ASN B 4128 -23.75 104.64 -35.00
CA ASN B 4128 -23.62 106.10 -35.03
C ASN B 4128 -23.59 106.67 -33.62
N ASN B 4129 -24.33 106.07 -32.71
CA ASN B 4129 -24.34 106.49 -31.31
C ASN B 4129 -23.45 105.55 -30.51
N LEU B 4130 -22.39 106.10 -29.92
CA LEU B 4130 -21.53 105.31 -29.06
C LEU B 4130 -22.31 104.83 -27.84
N VAL B 4131 -22.05 103.60 -27.43
CA VAL B 4131 -22.75 102.99 -26.31
C VAL B 4131 -21.75 102.77 -25.18
N GLN B 4132 -22.11 103.21 -23.98
CA GLN B 4132 -21.23 103.11 -22.82
C GLN B 4132 -21.82 102.07 -21.87
N GLU B 4133 -21.22 100.88 -21.86
CA GLU B 4133 -21.61 99.87 -20.90
C GLU B 4133 -21.23 100.33 -19.50
N VAL B 4134 -22.09 100.02 -18.54
CA VAL B 4134 -21.84 100.36 -17.14
C VAL B 4134 -22.03 99.10 -16.31
N ASP B 4135 -20.96 98.66 -15.67
CA ASP B 4135 -21.03 97.51 -14.79
C ASP B 4135 -21.80 97.87 -13.53
N LEU B 4136 -22.73 97.00 -13.15
CA LEU B 4136 -23.42 97.19 -11.88
C LEU B 4136 -22.51 96.94 -10.68
N LYS B 4137 -21.29 96.48 -10.92
CA LYS B 4137 -20.30 96.21 -9.89
C LYS B 4137 -20.77 95.17 -8.89
N LEU B 4138 -21.62 94.24 -9.33
CA LEU B 4138 -21.99 93.13 -8.48
C LEU B 4138 -20.86 92.11 -8.45
N LYS B 4139 -20.38 91.81 -7.25
CA LYS B 4139 -19.28 90.88 -7.07
C LYS B 4139 -19.81 89.45 -7.02
N TYR B 4140 -18.89 88.50 -7.17
CA TYR B 4140 -19.18 87.08 -7.02
C TYR B 4140 -20.25 86.62 -8.01
N VAL B 4141 -20.21 87.17 -9.22
CA VAL B 4141 -21.13 86.76 -10.28
C VAL B 4141 -20.44 85.68 -11.10
N MET B 4142 -20.95 84.45 -11.01
CA MET B 4142 -20.30 83.32 -11.65
C MET B 4142 -20.88 83.02 -13.03
N GLN B 4143 -22.18 82.77 -13.10
CA GLN B 4143 -22.85 82.43 -14.35
C GLN B 4143 -24.25 83.01 -14.34
N PRO B 4144 -24.41 84.26 -14.72
CA PRO B 4144 -25.75 84.89 -14.75
C PRO B 4144 -26.57 84.39 -15.93
N ASP B 4145 -27.14 83.19 -15.77
CA ASP B 4145 -27.85 82.53 -16.86
C ASP B 4145 -29.08 83.32 -17.29
N GLY B 4146 -29.87 83.82 -16.34
CA GLY B 4146 -31.09 84.50 -16.66
C GLY B 4146 -31.19 85.83 -15.94
N ILE B 4147 -32.09 86.68 -16.44
CA ILE B 4147 -32.27 88.01 -15.88
C ILE B 4147 -33.67 88.48 -16.20
N ALA B 4148 -34.24 89.29 -15.32
CA ALA B 4148 -35.54 89.89 -15.51
C ALA B 4148 -35.55 91.25 -14.84
N VAL B 4149 -36.47 92.11 -15.29
CA VAL B 4149 -36.54 93.49 -14.82
C VAL B 4149 -37.91 93.72 -14.19
N ASP B 4150 -37.92 94.23 -12.96
CA ASP B 4150 -39.16 94.62 -12.28
C ASP B 4150 -39.32 96.12 -12.47
N TRP B 4151 -40.03 96.50 -13.53
CA TRP B 4151 -40.20 97.91 -13.84
C TRP B 4151 -41.03 98.62 -12.77
N VAL B 4152 -42.01 97.93 -12.19
CA VAL B 4152 -42.83 98.55 -11.16
C VAL B 4152 -42.02 98.80 -9.90
N GLY B 4153 -41.28 97.79 -9.45
CA GLY B 4153 -40.49 97.92 -8.24
C GLY B 4153 -39.11 98.49 -8.42
N ARG B 4154 -38.69 98.75 -9.65
CA ARG B 4154 -37.34 99.23 -9.95
C ARG B 4154 -36.29 98.26 -9.41
N HIS B 4155 -36.51 96.97 -9.62
CA HIS B 4155 -35.60 95.93 -9.16
C HIS B 4155 -35.23 95.03 -10.33
N ILE B 4156 -34.02 94.47 -10.28
CA ILE B 4156 -33.52 93.56 -11.29
C ILE B 4156 -33.36 92.19 -10.67
N TYR B 4157 -34.04 91.19 -11.23
CA TYR B 4157 -33.99 89.82 -10.75
C TYR B 4157 -33.12 89.00 -11.69
N TRP B 4158 -32.11 88.34 -11.16
CA TRP B 4158 -31.24 87.49 -11.96
C TRP B 4158 -30.97 86.18 -11.25
N SER B 4159 -30.50 85.21 -12.01
CA SER B 4159 -30.22 83.88 -11.50
C SER B 4159 -28.79 83.49 -11.85
N ASP B 4160 -28.17 82.68 -10.99
CA ASP B 4160 -26.83 82.19 -11.23
C ASP B 4160 -26.84 80.68 -11.06
N VAL B 4161 -26.35 79.97 -12.08
CA VAL B 4161 -26.28 78.51 -12.01
C VAL B 4161 -25.30 78.06 -10.93
N LYS B 4162 -24.10 78.63 -10.95
CA LYS B 4162 -23.09 78.21 -10.00
C LYS B 4162 -23.46 78.60 -8.57
N ASN B 4163 -23.92 79.84 -8.38
CA ASN B 4163 -24.34 80.26 -7.06
C ASN B 4163 -25.61 79.56 -6.59
N LYS B 4164 -26.43 79.10 -7.52
CA LYS B 4164 -27.72 78.48 -7.20
C LYS B 4164 -28.59 79.43 -6.36
N ARG B 4165 -28.43 80.73 -6.60
CA ARG B 4165 -29.15 81.74 -5.86
C ARG B 4165 -29.84 82.69 -6.83
N ILE B 4166 -31.11 82.95 -6.60
CA ILE B 4166 -31.86 83.94 -7.36
C ILE B 4166 -31.76 85.28 -6.65
N GLU B 4167 -30.67 85.99 -6.87
CA GLU B 4167 -30.44 87.21 -6.12
C GLU B 4167 -31.14 88.38 -6.78
N VAL B 4168 -31.72 89.26 -5.95
CA VAL B 4168 -32.36 90.47 -6.42
C VAL B 4168 -31.56 91.66 -5.89
N ALA B 4169 -31.63 92.77 -6.62
CA ALA B 4169 -30.90 93.96 -6.23
C ALA B 4169 -31.59 95.18 -6.84
N LYS B 4170 -31.17 96.36 -6.41
CA LYS B 4170 -31.70 97.57 -6.98
C LYS B 4170 -31.20 97.74 -8.41
N LEU B 4171 -31.83 98.64 -9.14
CA LEU B 4171 -31.51 98.80 -10.57
C LEU B 4171 -30.05 99.15 -10.77
N ASP B 4172 -29.48 99.97 -9.89
CA ASP B 4172 -28.06 100.24 -9.94
C ASP B 4172 -27.25 99.27 -9.08
N GLY B 4173 -27.90 98.31 -8.43
CA GLY B 4173 -27.18 97.35 -7.62
C GLY B 4173 -26.74 97.84 -6.26
N ARG B 4174 -27.47 98.81 -5.70
CA ARG B 4174 -27.09 99.35 -4.39
C ARG B 4174 -27.21 98.30 -3.30
N TYR B 4175 -28.34 97.59 -3.26
CA TYR B 4175 -28.62 96.65 -2.18
C TYR B 4175 -29.05 95.33 -2.79
N ARG B 4176 -28.27 94.29 -2.55
CA ARG B 4176 -28.46 92.98 -3.17
C ARG B 4176 -28.91 91.97 -2.12
N LYS B 4177 -29.97 91.22 -2.43
CA LYS B 4177 -30.57 90.29 -1.48
C LYS B 4177 -30.74 88.92 -2.12
N TRP B 4178 -30.56 87.88 -1.31
CA TRP B 4178 -30.73 86.50 -1.71
C TRP B 4178 -32.14 86.09 -1.28
N LEU B 4179 -33.13 86.29 -2.16
CA LEU B 4179 -34.50 86.06 -1.74
C LEU B 4179 -34.84 84.57 -1.68
N ILE B 4180 -34.16 83.74 -2.47
CA ILE B 4180 -34.40 82.31 -2.37
C ILE B 4180 -33.16 81.60 -1.86
N SER B 4181 -32.11 81.57 -2.67
CA SER B 4181 -30.78 81.06 -2.28
C SER B 4181 -30.85 79.71 -1.59
N THR B 4182 -31.90 78.93 -1.86
CA THR B 4182 -32.04 77.64 -1.19
C THR B 4182 -32.87 76.70 -2.06
N ASP B 4183 -32.59 75.41 -1.90
CA ASP B 4183 -33.35 74.35 -2.57
C ASP B 4183 -33.37 74.57 -4.09
N LEU B 4184 -32.23 74.98 -4.63
CA LEU B 4184 -32.09 75.22 -6.06
C LEU B 4184 -30.94 74.40 -6.60
N ASP B 4185 -31.16 73.75 -7.75
CA ASP B 4185 -30.11 73.00 -8.39
C ASP B 4185 -30.09 73.43 -9.84
N GLN B 4186 -29.12 74.27 -10.20
CA GLN B 4186 -29.06 74.78 -11.57
C GLN B 4186 -30.30 75.56 -11.95
N PRO B 4187 -30.47 76.76 -11.39
CA PRO B 4187 -31.59 77.59 -11.82
C PRO B 4187 -31.39 78.11 -13.22
N ALA B 4188 -32.45 78.70 -13.77
CA ALA B 4188 -32.48 79.10 -15.17
C ALA B 4188 -33.33 80.35 -15.33
N ALA B 4189 -33.73 80.66 -16.57
CA ALA B 4189 -34.34 81.93 -16.89
C ALA B 4189 -35.53 82.24 -15.99
N ILE B 4190 -35.62 83.49 -15.56
CA ILE B 4190 -36.58 83.93 -14.56
C ILE B 4190 -37.41 85.08 -15.12
N ALA B 4191 -38.69 85.09 -14.77
CA ALA B 4191 -39.59 86.17 -15.15
C ALA B 4191 -40.34 86.65 -13.92
N VAL B 4192 -40.72 87.92 -13.93
CA VAL B 4192 -41.39 88.56 -12.81
C VAL B 4192 -42.68 89.20 -13.32
N ASN B 4193 -43.74 89.08 -12.51
CA ASN B 4193 -45.06 89.63 -12.85
C ASN B 4193 -45.45 90.60 -11.74
N PRO B 4194 -45.18 91.89 -11.90
CA PRO B 4194 -45.59 92.85 -10.87
C PRO B 4194 -47.09 92.89 -10.61
N LYS B 4195 -47.91 92.67 -11.64
CA LYS B 4195 -49.35 92.72 -11.46
C LYS B 4195 -49.82 91.66 -10.46
N LEU B 4196 -49.29 90.45 -10.59
CA LEU B 4196 -49.60 89.38 -9.64
C LEU B 4196 -48.61 89.31 -8.49
N GLY B 4197 -47.55 90.10 -8.53
CA GLY B 4197 -46.55 90.04 -7.46
C GLY B 4197 -45.89 88.69 -7.34
N LEU B 4198 -45.67 88.02 -8.46
CA LEU B 4198 -45.11 86.69 -8.47
C LEU B 4198 -43.92 86.61 -9.41
N MET B 4199 -42.86 85.96 -8.96
CA MET B 4199 -41.69 85.68 -9.78
C MET B 4199 -41.69 84.20 -10.16
N PHE B 4200 -41.28 83.92 -11.39
CA PHE B 4200 -41.31 82.57 -11.91
C PHE B 4200 -39.93 82.22 -12.46
N TRP B 4201 -39.38 81.10 -12.03
CA TRP B 4201 -38.10 80.63 -12.52
C TRP B 4201 -38.17 79.13 -12.78
N THR B 4202 -37.12 78.61 -13.41
CA THR B 4202 -37.01 77.19 -13.72
C THR B 4202 -35.64 76.69 -13.31
N ASP B 4203 -35.55 75.43 -12.91
CA ASP B 4203 -34.26 74.84 -12.59
C ASP B 4203 -34.10 73.62 -13.47
N TRP B 4204 -33.32 73.75 -14.53
CA TRP B 4204 -33.16 72.63 -15.46
C TRP B 4204 -32.24 71.59 -14.86
N GLY B 4205 -31.92 71.73 -13.57
CA GLY B 4205 -31.05 70.79 -12.91
C GLY B 4205 -31.68 69.42 -12.71
N LYS B 4206 -31.07 68.60 -11.85
CA LYS B 4206 -31.57 67.25 -11.63
C LYS B 4206 -33.07 67.23 -11.38
N GLU B 4207 -33.58 68.24 -10.71
CA GLU B 4207 -35.01 68.32 -10.44
C GLU B 4207 -35.67 69.39 -11.30
N PRO B 4208 -36.09 69.02 -12.51
CA PRO B 4208 -36.73 70.00 -13.40
C PRO B 4208 -38.00 70.52 -12.77
N LYS B 4209 -37.99 71.76 -12.31
CA LYS B 4209 -39.16 72.35 -11.67
C LYS B 4209 -39.34 73.78 -12.15
N ILE B 4210 -40.57 74.28 -12.02
CA ILE B 4210 -40.91 75.66 -12.37
C ILE B 4210 -41.67 76.22 -11.17
N GLU B 4211 -41.08 77.22 -10.51
CA GLU B 4211 -41.68 77.74 -9.29
C GLU B 4211 -42.36 79.08 -9.54
N SER B 4212 -43.24 79.45 -8.60
CA SER B 4212 -44.06 80.66 -8.71
C SER B 4212 -44.02 81.43 -7.38
N ALA B 4213 -42.84 81.62 -6.83
CA ALA B 4213 -42.72 82.23 -5.52
C ALA B 4213 -43.10 83.72 -5.59
N TRP B 4214 -43.39 84.28 -4.41
CA TRP B 4214 -43.69 85.70 -4.31
C TRP B 4214 -42.48 86.53 -4.71
N MET B 4215 -42.74 87.74 -5.19
CA MET B 4215 -41.65 88.60 -5.64
C MET B 4215 -40.75 89.00 -4.48
N ASN B 4216 -41.24 88.95 -3.24
CA ASN B 4216 -40.36 89.11 -2.10
C ASN B 4216 -39.82 87.78 -1.59
N GLY B 4217 -40.31 86.66 -2.12
CA GLY B 4217 -39.83 85.36 -1.71
C GLY B 4217 -40.45 84.78 -0.46
N GLU B 4218 -41.46 85.44 0.11
CA GLU B 4218 -42.06 84.95 1.35
C GLU B 4218 -42.69 83.57 1.15
N ASP B 4219 -43.43 83.40 0.05
CA ASP B 4219 -44.10 82.15 -0.26
C ASP B 4219 -43.47 81.52 -1.48
N ARG B 4220 -43.24 80.21 -1.42
CA ARG B 4220 -42.62 79.46 -2.49
C ARG B 4220 -43.38 78.17 -2.74
N ASN B 4221 -43.58 77.85 -4.01
CA ASN B 4221 -44.25 76.60 -4.39
C ASN B 4221 -43.84 76.22 -5.80
N ILE B 4222 -44.02 74.95 -6.13
CA ILE B 4222 -43.61 74.40 -7.41
C ILE B 4222 -44.86 74.22 -8.28
N LEU B 4223 -44.90 74.91 -9.42
CA LEU B 4223 -46.03 74.80 -10.31
C LEU B 4223 -46.09 73.43 -10.99
N VAL B 4224 -44.96 73.01 -11.56
CA VAL B 4224 -44.89 71.72 -12.26
C VAL B 4224 -43.55 71.07 -11.95
N PHE B 4225 -43.58 69.75 -11.81
CA PHE B 4225 -42.35 69.00 -11.59
C PHE B 4225 -42.32 67.69 -12.38
N GLU B 4226 -43.20 67.51 -13.35
CA GLU B 4226 -43.36 66.25 -14.06
C GLU B 4226 -43.04 66.43 -15.53
N ASP B 4227 -42.14 65.60 -16.05
CA ASP B 4227 -41.79 65.57 -17.47
C ASP B 4227 -41.33 66.94 -17.96
N LEU B 4228 -40.39 67.53 -17.23
CA LEU B 4228 -39.91 68.86 -17.54
C LEU B 4228 -38.54 68.88 -18.20
N GLY B 4229 -37.81 67.76 -18.18
CA GLY B 4229 -36.51 67.68 -18.83
C GLY B 4229 -35.57 68.81 -18.46
N TRP B 4230 -35.27 69.67 -19.43
CA TRP B 4230 -34.48 70.88 -19.19
C TRP B 4230 -35.35 72.09 -19.51
N PRO B 4231 -36.09 72.63 -18.57
CA PRO B 4231 -37.00 73.75 -18.86
C PRO B 4231 -36.30 75.12 -18.87
N THR B 4232 -35.37 75.27 -19.80
CA THR B 4232 -34.64 76.53 -19.97
C THR B 4232 -35.47 77.46 -20.83
N GLY B 4233 -35.66 78.68 -20.36
CA GLY B 4233 -36.46 79.65 -21.08
C GLY B 4233 -37.86 79.79 -20.52
N LEU B 4234 -38.32 81.02 -20.34
CA LEU B 4234 -39.62 81.26 -19.72
C LEU B 4234 -40.17 82.57 -20.24
N SER B 4235 -41.49 82.71 -20.19
CA SER B 4235 -42.16 83.92 -20.66
C SER B 4235 -43.53 84.00 -20.04
N ILE B 4236 -43.95 85.23 -19.73
CA ILE B 4236 -45.24 85.50 -19.11
C ILE B 4236 -46.07 86.28 -20.11
N ASP B 4237 -47.26 85.76 -20.43
CA ASP B 4237 -48.19 86.46 -21.32
C ASP B 4237 -49.07 87.39 -20.48
N TYR B 4238 -48.50 88.53 -20.10
CA TYR B 4238 -49.18 89.47 -19.22
C TYR B 4238 -50.51 89.93 -19.82
N LEU B 4239 -50.58 90.02 -21.14
CA LEU B 4239 -51.80 90.51 -21.78
C LEU B 4239 -52.94 89.51 -21.64
N ASN B 4240 -52.63 88.22 -21.72
CA ASN B 4240 -53.64 87.16 -21.74
C ASN B 4240 -53.50 86.32 -20.48
N ASN B 4241 -54.24 86.70 -19.44
CA ASN B 4241 -54.42 85.94 -18.21
C ASN B 4241 -53.11 85.68 -17.47
N ASP B 4242 -52.02 86.35 -17.84
CA ASP B 4242 -50.72 86.15 -17.21
C ASP B 4242 -50.31 84.67 -17.25
N ARG B 4243 -50.58 84.03 -18.39
CA ARG B 4243 -50.24 82.63 -18.54
C ARG B 4243 -48.73 82.45 -18.70
N ILE B 4244 -48.23 81.33 -18.20
CA ILE B 4244 -46.79 81.04 -18.18
C ILE B 4244 -46.48 80.05 -19.29
N TYR B 4245 -45.39 80.32 -20.03
CA TYR B 4245 -44.92 79.46 -21.11
C TYR B 4245 -43.47 79.10 -20.86
N TRP B 4246 -43.11 77.84 -21.11
CA TRP B 4246 -41.75 77.37 -20.92
C TRP B 4246 -41.37 76.44 -22.06
N SER B 4247 -40.06 76.30 -22.27
CA SER B 4247 -39.51 75.48 -23.33
C SER B 4247 -38.63 74.40 -22.73
N ASP B 4248 -38.76 73.18 -23.22
CA ASP B 4248 -38.00 72.04 -22.73
C ASP B 4248 -36.87 71.76 -23.72
N PHE B 4249 -35.67 72.18 -23.36
CA PHE B 4249 -34.51 71.95 -24.22
C PHE B 4249 -34.24 70.46 -24.38
N LYS B 4250 -34.31 69.71 -23.29
CA LYS B 4250 -33.93 68.30 -23.33
C LYS B 4250 -34.96 67.48 -24.11
N GLU B 4251 -36.24 67.67 -23.80
CA GLU B 4251 -37.30 66.89 -24.44
C GLU B 4251 -37.78 67.49 -25.75
N ASP B 4252 -37.27 68.67 -26.12
CA ASP B 4252 -37.61 69.31 -27.39
C ASP B 4252 -39.12 69.51 -27.52
N VAL B 4253 -39.67 70.29 -26.60
CA VAL B 4253 -41.10 70.58 -26.59
C VAL B 4253 -41.32 71.89 -25.84
N ILE B 4254 -42.30 72.67 -26.29
CA ILE B 4254 -42.65 73.93 -25.68
C ILE B 4254 -44.09 73.85 -25.22
N GLU B 4255 -44.33 74.14 -23.94
CA GLU B 4255 -45.64 73.98 -23.31
C GLU B 4255 -46.03 75.25 -22.58
N THR B 4256 -47.11 75.17 -21.82
CA THR B 4256 -47.61 76.32 -21.07
C THR B 4256 -48.47 75.85 -19.90
N ILE B 4257 -48.58 76.71 -18.88
CA ILE B 4257 -49.40 76.46 -17.71
C ILE B 4257 -50.01 77.77 -17.25
N LYS B 4258 -51.06 77.66 -16.43
CA LYS B 4258 -51.65 78.84 -15.81
C LYS B 4258 -50.74 79.38 -14.70
N TYR B 4259 -51.14 80.51 -14.12
CA TYR B 4259 -50.35 81.13 -13.07
C TYR B 4259 -50.22 80.21 -11.86
N ASP B 4260 -51.27 79.43 -11.60
CA ASP B 4260 -51.20 78.42 -10.55
C ASP B 4260 -50.76 77.05 -11.06
N GLY B 4261 -50.48 76.93 -12.35
CA GLY B 4261 -49.99 75.67 -12.89
C GLY B 4261 -51.03 74.60 -13.03
N THR B 4262 -52.31 74.96 -13.08
CA THR B 4262 -53.36 73.96 -13.19
C THR B 4262 -53.47 73.42 -14.61
N ASP B 4263 -53.84 74.28 -15.56
CA ASP B 4263 -54.07 73.86 -16.93
C ASP B 4263 -52.73 73.79 -17.67
N ARG B 4264 -52.28 72.57 -17.95
CA ARG B 4264 -51.02 72.34 -18.66
C ARG B 4264 -51.33 71.88 -20.07
N ARG B 4265 -50.80 72.59 -21.06
CA ARG B 4265 -51.02 72.29 -22.46
C ARG B 4265 -49.71 72.38 -23.22
N VAL B 4266 -49.65 71.71 -24.37
CA VAL B 4266 -48.47 71.71 -25.22
C VAL B 4266 -48.76 72.62 -26.41
N ILE B 4267 -48.07 73.76 -26.48
CA ILE B 4267 -48.26 74.68 -27.59
C ILE B 4267 -47.71 74.08 -28.88
N ALA B 4268 -46.49 73.54 -28.82
CA ALA B 4268 -45.87 72.97 -30.00
C ALA B 4268 -44.86 71.92 -29.57
N LYS B 4269 -44.51 71.04 -30.51
CA LYS B 4269 -43.58 69.96 -30.24
C LYS B 4269 -42.54 69.91 -31.35
N GLU B 4270 -41.37 69.37 -31.01
CA GLU B 4270 -40.25 69.23 -31.95
C GLU B 4270 -39.81 70.59 -32.46
N ALA B 4271 -39.37 71.43 -31.54
CA ALA B 4271 -38.84 72.75 -31.85
C ALA B 4271 -37.32 72.73 -32.03
N MET B 4272 -36.72 71.55 -32.11
CA MET B 4272 -35.28 71.39 -32.26
C MET B 4272 -34.52 72.07 -31.12
N ASN B 4273 -34.82 71.66 -29.91
CA ASN B 4273 -34.14 72.12 -28.69
C ASN B 4273 -34.25 73.63 -28.53
N PRO B 4274 -35.43 74.16 -28.24
CA PRO B 4274 -35.54 75.60 -27.97
C PRO B 4274 -34.80 75.96 -26.68
N TYR B 4275 -34.26 77.18 -26.65
CA TYR B 4275 -33.50 77.65 -25.51
C TYR B 4275 -34.10 78.87 -24.82
N SER B 4276 -34.90 79.66 -25.52
CA SER B 4276 -35.52 80.84 -24.92
C SER B 4276 -36.82 81.12 -25.64
N LEU B 4277 -37.70 81.87 -24.98
CA LEU B 4277 -39.01 82.18 -25.51
C LEU B 4277 -39.33 83.65 -25.28
N ASP B 4278 -40.33 84.13 -26.03
CA ASP B 4278 -40.91 85.45 -25.79
C ASP B 4278 -42.18 85.55 -26.63
N ILE B 4279 -43.21 86.18 -26.05
CA ILE B 4279 -44.53 86.24 -26.65
C ILE B 4279 -44.89 87.70 -26.88
N PHE B 4280 -45.27 88.03 -28.11
CA PHE B 4280 -45.77 89.35 -28.46
C PHE B 4280 -46.98 89.20 -29.35
N GLU B 4281 -48.05 89.93 -29.02
CA GLU B 4281 -49.31 89.87 -29.75
C GLU B 4281 -49.80 88.43 -29.74
N ASP B 4282 -49.83 87.73 -30.87
CA ASP B 4282 -50.34 86.37 -30.95
C ASP B 4282 -49.26 85.37 -31.34
N GLN B 4283 -47.99 85.73 -31.19
CA GLN B 4283 -46.90 84.90 -31.68
C GLN B 4283 -45.89 84.62 -30.59
N LEU B 4284 -45.23 83.47 -30.68
CA LEU B 4284 -44.19 83.06 -29.75
C LEU B 4284 -42.93 82.74 -30.54
N TYR B 4285 -41.80 83.31 -30.13
CA TYR B 4285 -40.53 83.12 -30.80
C TYR B 4285 -39.59 82.32 -29.91
N TRP B 4286 -38.81 81.42 -30.52
CA TRP B 4286 -37.83 80.64 -29.78
C TRP B 4286 -36.59 80.43 -30.63
N ILE B 4287 -35.48 80.14 -29.95
CA ILE B 4287 -34.17 79.98 -30.57
C ILE B 4287 -33.78 78.51 -30.47
N SER B 4288 -33.48 77.90 -31.61
CA SER B 4288 -32.97 76.54 -31.58
C SER B 4288 -31.50 76.76 -31.49
N LYS B 4289 -30.97 76.85 -30.28
CA LYS B 4289 -29.56 77.19 -30.11
C LYS B 4289 -28.62 76.42 -31.03
N GLU B 4290 -28.96 75.18 -31.35
CA GLU B 4290 -28.08 74.38 -32.18
C GLU B 4290 -27.76 75.07 -33.49
N LYS B 4291 -28.78 75.62 -34.13
CA LYS B 4291 -28.59 76.26 -35.42
C LYS B 4291 -28.80 77.76 -35.33
N GLY B 4292 -28.95 78.26 -34.12
CA GLY B 4292 -29.15 79.69 -33.94
C GLY B 4292 -30.21 80.22 -34.88
N GLU B 4293 -31.40 79.63 -34.85
CA GLU B 4293 -32.47 80.07 -35.73
C GLU B 4293 -33.69 80.52 -34.95
N VAL B 4294 -34.40 81.51 -35.48
CA VAL B 4294 -35.60 82.00 -34.82
C VAL B 4294 -36.83 81.37 -35.44
N TRP B 4295 -37.74 80.90 -34.61
CA TRP B 4295 -38.97 80.27 -35.10
C TRP B 4295 -40.18 80.91 -34.45
N LYS B 4296 -41.22 81.13 -35.24
CA LYS B 4296 -42.44 81.77 -34.75
C LYS B 4296 -43.64 80.88 -35.04
N GLN B 4297 -44.63 80.96 -34.15
CA GLN B 4297 -45.86 80.20 -34.27
C GLN B 4297 -46.92 80.89 -33.45
N ASN B 4298 -48.19 80.56 -33.72
CA ASN B 4298 -49.29 81.12 -32.97
C ASN B 4298 -49.17 80.76 -31.49
N LYS B 4299 -49.41 81.75 -30.63
CA LYS B 4299 -49.17 81.57 -29.21
C LYS B 4299 -50.13 80.56 -28.58
N PHE B 4300 -51.25 80.29 -29.24
CA PHE B 4300 -52.23 79.34 -28.75
C PHE B 4300 -51.99 77.92 -29.25
N GLY B 4301 -50.89 77.69 -29.96
CA GLY B 4301 -50.59 76.38 -30.50
C GLY B 4301 -51.12 76.11 -31.89
N GLN B 4302 -51.88 77.04 -32.46
CA GLN B 4302 -52.41 76.86 -33.80
C GLN B 4302 -51.34 77.16 -34.84
N GLY B 4303 -51.65 76.88 -36.10
CA GLY B 4303 -50.72 77.17 -37.17
C GLY B 4303 -49.53 76.22 -37.17
N LYS B 4304 -48.43 76.71 -37.77
CA LYS B 4304 -47.21 75.94 -37.89
C LYS B 4304 -46.01 76.81 -37.56
N LYS B 4305 -44.93 76.18 -37.12
CA LYS B 4305 -43.70 76.90 -36.85
C LYS B 4305 -43.11 77.45 -38.15
N GLU B 4306 -42.63 78.69 -38.09
CA GLU B 4306 -42.09 79.37 -39.26
C GLU B 4306 -40.71 79.91 -38.93
N LYS B 4307 -39.72 79.53 -39.73
CA LYS B 4307 -38.39 80.10 -39.57
C LYS B 4307 -38.38 81.56 -40.02
N THR B 4308 -37.68 82.40 -39.27
CA THR B 4308 -37.59 83.82 -39.59
C THR B 4308 -36.16 84.30 -39.75
N LEU B 4309 -35.27 83.90 -38.85
CA LEU B 4309 -33.90 84.39 -38.90
C LEU B 4309 -32.90 83.31 -38.53
N VAL B 4310 -31.67 83.45 -38.99
CA VAL B 4310 -30.64 82.50 -38.63
C VAL B 4310 -29.40 83.24 -38.17
N VAL B 4311 -29.26 83.40 -36.86
CA VAL B 4311 -28.11 84.10 -36.33
C VAL B 4311 -27.01 83.11 -36.02
N ASN B 4312 -25.86 83.60 -35.58
CA ASN B 4312 -24.76 82.73 -35.25
C ASN B 4312 -25.18 81.71 -34.21
N PRO B 4313 -24.51 80.56 -34.19
CA PRO B 4313 -24.83 79.55 -33.19
C PRO B 4313 -24.73 80.13 -31.78
N TRP B 4314 -23.88 81.13 -31.60
CA TRP B 4314 -23.69 81.72 -30.28
C TRP B 4314 -24.97 82.25 -29.67
N LEU B 4315 -25.97 82.57 -30.48
CA LEU B 4315 -27.18 83.17 -29.96
C LEU B 4315 -27.68 82.41 -28.74
N THR B 4316 -28.06 83.14 -27.70
CA THR B 4316 -28.46 82.53 -26.43
C THR B 4316 -29.87 82.88 -25.99
N GLN B 4317 -30.44 83.99 -26.45
CA GLN B 4317 -31.77 84.38 -25.99
C GLN B 4317 -32.44 85.18 -27.08
N VAL B 4318 -33.77 85.25 -27.01
CA VAL B 4318 -34.55 86.14 -27.86
C VAL B 4318 -35.48 86.92 -26.95
N ARG B 4319 -35.41 88.24 -27.02
CA ARG B 4319 -36.26 89.11 -26.24
C ARG B 4319 -36.95 90.11 -27.17
N ILE B 4320 -38.26 90.20 -27.05
CA ILE B 4320 -39.06 91.05 -27.93
C ILE B 4320 -39.04 92.46 -27.36
N PHE B 4321 -38.37 93.37 -28.06
CA PHE B 4321 -38.14 94.73 -27.59
C PHE B 4321 -39.28 95.61 -28.10
N HIS B 4322 -40.24 95.91 -27.22
CA HIS B 4322 -41.37 96.74 -27.59
C HIS B 4322 -41.94 97.36 -26.34
N GLN B 4323 -42.65 98.48 -26.52
CA GLN B 4323 -43.25 99.18 -25.39
C GLN B 4323 -44.33 98.33 -24.73
N LEU B 4324 -45.24 97.79 -25.52
CA LEU B 4324 -46.39 97.10 -24.97
C LEU B 4324 -46.04 95.71 -24.45
N ARG B 4325 -44.82 95.22 -24.71
CA ARG B 4325 -44.43 93.92 -24.17
C ARG B 4325 -44.43 93.93 -22.65
N TYR B 4326 -43.90 95.00 -22.07
CA TYR B 4326 -43.90 95.13 -20.61
C TYR B 4326 -44.79 96.30 -20.23
N ASN B 4327 -46.07 95.97 -19.93
CA ASN B 4327 -47.07 97.00 -19.58
C ASN B 4327 -46.59 97.82 -18.38
N LYS B 4328 -46.44 99.13 -18.55
CA LYS B 4328 -45.88 99.98 -17.45
C LYS B 4328 -47.01 100.63 -16.65
N SER B 4329 -48.26 100.26 -16.92
CA SER B 4329 -49.42 100.87 -16.22
C SER B 4329 -49.45 100.44 -14.75
N VAL B 4330 -49.03 99.20 -14.46
CA VAL B 4330 -49.11 98.67 -13.06
C VAL B 4330 -48.48 99.70 -12.11
N PRO B 4331 -49.18 100.10 -11.02
CA PRO B 4331 -48.66 101.11 -10.09
C PRO B 4331 -47.72 100.53 -9.02
N ASN B 4332 -47.01 101.40 -8.29
CA ASN B 4332 -46.06 100.94 -7.29
C ASN B 4332 -46.69 101.07 -5.91
N LEU B 4333 -46.80 99.94 -5.20
CA LEU B 4333 -47.41 99.97 -3.87
C LEU B 4333 -46.42 100.43 -2.82
N CYS B 4334 -45.13 100.44 -3.14
CA CYS B 4334 -44.13 100.94 -2.21
C CYS B 4334 -44.34 102.43 -1.97
N LYS B 4335 -44.23 102.83 -0.69
CA LYS B 4335 -44.49 104.20 -0.27
C LYS B 4335 -43.25 104.72 0.47
N GLN B 4336 -42.08 104.45 -0.11
CA GLN B 4336 -40.78 104.86 0.43
C GLN B 4336 -40.71 104.71 1.94
N ILE B 4337 -41.24 103.58 2.42
CA ILE B 4337 -41.21 103.24 3.83
C ILE B 4337 -39.96 102.45 4.19
N CYS B 4338 -39.57 101.52 3.34
CA CYS B 4338 -38.40 100.69 3.60
C CYS B 4338 -37.13 101.52 3.45
N SER B 4339 -36.14 101.21 4.30
CA SER B 4339 -34.90 101.98 4.30
C SER B 4339 -34.09 101.73 3.04
N HIS B 4340 -33.91 100.47 2.64
CA HIS B 4340 -33.04 100.18 1.52
C HIS B 4340 -33.78 99.54 0.35
N LEU B 4341 -34.51 98.46 0.61
CA LEU B 4341 -35.18 97.71 -0.45
C LEU B 4341 -36.65 97.53 -0.12
N CYS B 4342 -37.50 97.69 -1.14
CA CYS B 4342 -38.94 97.47 -1.02
C CYS B 4342 -39.37 96.47 -2.08
N LEU B 4343 -39.29 95.18 -1.75
CA LEU B 4343 -39.70 94.14 -2.67
C LEU B 4343 -41.21 94.09 -2.76
N LEU B 4344 -41.72 93.50 -3.84
CA LEU B 4344 -43.16 93.40 -4.03
C LEU B 4344 -43.66 92.03 -3.60
N ARG B 4345 -44.98 91.96 -3.35
CA ARG B 4345 -45.65 90.74 -2.96
C ARG B 4345 -47.07 90.81 -3.49
N PRO B 4346 -47.75 89.65 -3.62
CA PRO B 4346 -49.11 89.66 -4.18
C PRO B 4346 -50.06 90.58 -3.44
N GLY B 4347 -50.53 91.61 -4.12
CA GLY B 4347 -51.47 92.55 -3.51
C GLY B 4347 -50.90 93.29 -2.33
N GLY B 4348 -49.65 93.73 -2.43
CA GLY B 4348 -49.04 94.46 -1.34
C GLY B 4348 -47.56 94.66 -1.60
N TYR B 4349 -46.90 95.23 -0.58
CA TYR B 4349 -45.46 95.45 -0.62
C TYR B 4349 -44.89 95.12 0.75
N SER B 4350 -43.73 94.49 0.77
CA SER B 4350 -43.04 94.16 2.02
C SER B 4350 -41.62 94.68 1.97
N CYS B 4351 -41.15 95.15 3.11
CA CYS B 4351 -39.79 95.65 3.23
C CYS B 4351 -38.81 94.51 3.40
N ALA B 4352 -37.61 94.71 2.87
CA ALA B 4352 -36.54 93.73 2.98
C ALA B 4352 -35.24 94.46 3.30
N CYS B 4353 -34.20 93.68 3.55
CA CYS B 4353 -32.90 94.26 3.85
C CYS B 4353 -31.84 93.66 2.95
N PRO B 4354 -30.77 94.41 2.66
CA PRO B 4354 -29.68 93.84 1.86
C PRO B 4354 -29.02 92.69 2.60
N GLN B 4355 -28.49 91.75 1.82
CA GLN B 4355 -27.87 90.56 2.39
C GLN B 4355 -26.74 90.95 3.32
N GLY B 4356 -26.65 90.25 4.45
CA GLY B 4356 -25.71 90.59 5.49
C GLY B 4356 -26.18 91.66 6.45
N SER B 4357 -27.42 92.12 6.33
CA SER B 4357 -27.98 93.11 7.22
C SER B 4357 -29.34 92.65 7.70
N SER B 4358 -29.80 93.26 8.78
CA SER B 4358 -31.09 92.92 9.37
C SER B 4358 -31.81 94.20 9.79
N PHE B 4359 -33.11 94.08 9.99
CA PHE B 4359 -33.90 95.20 10.47
C PHE B 4359 -33.45 95.61 11.86
N ILE B 4360 -33.49 96.93 12.13
CA ILE B 4360 -33.21 97.41 13.46
C ILE B 4360 -34.26 96.88 14.41
N GLU B 4361 -33.86 96.62 15.65
CA GLU B 4361 -34.73 95.98 16.63
C GLU B 4361 -36.00 96.78 16.85
N GLY B 4362 -37.13 96.11 16.79
CA GLY B 4362 -38.42 96.72 17.03
C GLY B 4362 -39.06 97.39 15.84
N SER B 4363 -38.37 97.47 14.71
CA SER B 4363 -38.89 98.13 13.53
C SER B 4363 -38.76 97.20 12.32
N THR B 4364 -39.77 97.22 11.45
CA THR B 4364 -39.76 96.43 10.23
C THR B 4364 -39.54 97.28 8.99
N THR B 4365 -39.10 98.53 9.15
CA THR B 4365 -38.90 99.43 8.03
C THR B 4365 -37.45 99.84 7.83
N GLU B 4366 -36.67 99.90 8.91
CA GLU B 4366 -35.28 100.32 8.85
C GLU B 4366 -34.37 99.13 9.10
N CYS B 4367 -33.37 98.98 8.25
CA CYS B 4367 -32.38 97.92 8.38
C CYS B 4367 -31.15 98.45 9.12
N ASP B 4368 -30.14 97.60 9.31
CA ASP B 4368 -28.92 98.01 9.98
C ASP B 4368 -27.84 98.53 9.04
N ALA B 4369 -27.90 98.18 7.76
CA ALA B 4369 -26.88 98.61 6.83
C ALA B 4369 -27.01 100.10 6.52
N ALA B 4370 -25.94 100.67 5.97
CA ALA B 4370 -25.94 102.06 5.59
C ALA B 4370 -26.70 102.25 4.28
N ILE B 4371 -27.11 103.49 4.03
CA ILE B 4371 -27.87 103.83 2.84
C ILE B 4371 -26.87 104.25 1.75
N GLU B 4372 -26.78 103.44 0.70
CA GLU B 4372 -25.89 103.76 -0.40
C GLU B 4372 -26.51 104.82 -1.31
N LEU B 4373 -25.67 105.76 -1.76
CA LEU B 4373 -26.15 106.83 -2.62
C LEU B 4373 -26.59 106.26 -3.96
N PRO B 4374 -27.65 106.81 -4.56
CA PRO B 4374 -28.06 106.35 -5.89
C PRO B 4374 -26.98 106.60 -6.93
N ILE B 4375 -26.87 105.68 -7.88
CA ILE B 4375 -25.93 105.79 -8.99
C ILE B 4375 -26.73 105.75 -10.29
N ASN B 4376 -26.50 106.74 -11.15
CA ASN B 4376 -27.20 106.85 -12.42
C ASN B 4376 -26.22 106.77 -13.58
N LEU B 4377 -26.75 106.42 -14.75
CA LEU B 4377 -25.92 106.29 -15.93
C LEU B 4377 -25.48 107.65 -16.45
N PRO B 4378 -24.33 107.71 -17.12
CA PRO B 4378 -23.91 108.95 -17.76
C PRO B 4378 -24.86 109.32 -18.88
N PRO B 4379 -24.90 110.59 -19.29
CA PRO B 4379 -25.82 111.00 -20.36
C PRO B 4379 -25.55 110.23 -21.64
N PRO B 4380 -26.58 109.63 -22.23
CA PRO B 4380 -26.36 108.76 -23.39
C PRO B 4380 -26.44 109.51 -24.72
N CYS B 4381 -25.81 108.93 -25.75
CA CYS B 4381 -25.94 109.48 -27.09
C CYS B 4381 -27.37 109.36 -27.59
N ARG B 4382 -27.94 110.47 -28.05
CA ARG B 4382 -29.34 110.51 -28.43
C ARG B 4382 -29.56 110.91 -29.88
N CYS B 4383 -28.50 110.95 -30.70
CA CYS B 4383 -28.66 111.39 -32.08
C CYS B 4383 -29.64 110.47 -32.80
N MET B 4384 -30.80 111.01 -33.17
CA MET B 4384 -31.90 110.14 -33.67
C MET B 4384 -31.72 109.57 -35.07
N HIS B 4385 -31.57 110.41 -36.08
CA HIS B 4385 -31.60 109.89 -37.46
C HIS B 4385 -30.19 109.80 -38.02
N GLY B 4386 -29.46 108.79 -37.58
CA GLY B 4386 -28.15 108.54 -38.14
C GLY B 4386 -27.07 109.50 -37.71
N GLY B 4387 -27.37 110.43 -36.82
CA GLY B 4387 -26.35 111.36 -36.37
C GLY B 4387 -25.27 110.65 -35.56
N ASN B 4388 -24.04 111.10 -35.73
CA ASN B 4388 -22.91 110.54 -35.01
C ASN B 4388 -22.63 111.38 -33.78
N CYS B 4389 -22.52 110.74 -32.63
CA CYS B 4389 -22.30 111.46 -31.38
C CYS B 4389 -20.81 111.55 -31.08
N TYR B 4390 -20.39 112.72 -30.60
CA TYR B 4390 -19.00 112.97 -30.24
C TYR B 4390 -18.98 113.66 -28.88
N PHE B 4391 -18.02 113.29 -28.05
CA PHE B 4391 -17.91 113.87 -26.72
C PHE B 4391 -17.10 115.16 -26.78
N ASP B 4392 -17.60 116.19 -26.10
CA ASP B 4392 -16.98 117.49 -26.08
C ASP B 4392 -15.80 117.49 -25.11
N GLU B 4393 -15.20 118.67 -24.92
CA GLU B 4393 -14.14 118.81 -23.92
C GLU B 4393 -14.65 118.51 -22.53
N THR B 4394 -15.93 118.75 -22.28
CA THR B 4394 -16.56 118.41 -21.01
C THR B 4394 -17.01 116.96 -20.96
N ASP B 4395 -16.61 116.13 -21.93
CA ASP B 4395 -17.02 114.74 -22.03
C ASP B 4395 -18.55 114.61 -22.12
N LEU B 4396 -19.20 115.63 -22.69
CA LEU B 4396 -20.64 115.61 -22.87
C LEU B 4396 -20.98 115.15 -24.26
N PRO B 4397 -21.89 114.19 -24.42
CA PRO B 4397 -22.21 113.69 -25.77
C PRO B 4397 -22.92 114.75 -26.60
N LYS B 4398 -22.29 115.12 -27.71
CA LYS B 4398 -22.87 116.03 -28.68
C LYS B 4398 -23.02 115.31 -30.02
N CYS B 4399 -23.93 115.80 -30.85
CA CYS B 4399 -24.33 115.11 -32.07
C CYS B 4399 -23.86 115.86 -33.29
N LYS B 4400 -23.21 115.15 -34.22
CA LYS B 4400 -22.92 115.65 -35.56
C LYS B 4400 -24.16 115.43 -36.43
N CYS B 4401 -25.14 116.29 -36.24
CA CYS B 4401 -26.44 116.09 -36.87
C CYS B 4401 -26.31 116.14 -38.40
N PRO B 4402 -26.99 115.26 -39.12
CA PRO B 4402 -26.89 115.26 -40.57
C PRO B 4402 -27.78 116.33 -41.19
N SER B 4403 -27.63 116.49 -42.51
CA SER B 4403 -28.43 117.48 -43.24
C SER B 4403 -29.90 117.12 -43.26
N GLY B 4404 -30.23 115.85 -43.05
CA GLY B 4404 -31.61 115.43 -43.15
C GLY B 4404 -32.50 115.97 -42.05
N TYR B 4405 -31.92 116.30 -40.91
CA TYR B 4405 -32.69 116.76 -39.75
C TYR B 4405 -31.93 117.89 -39.07
N THR B 4406 -32.40 118.24 -37.87
CA THR B 4406 -31.84 119.36 -37.13
C THR B 4406 -32.19 119.20 -35.65
N GLY B 4407 -31.61 120.08 -34.83
CA GLY B 4407 -31.85 120.08 -33.40
C GLY B 4407 -30.65 119.58 -32.62
N LYS B 4408 -30.79 119.63 -31.29
CA LYS B 4408 -29.74 119.13 -30.42
C LYS B 4408 -29.51 117.64 -30.63
N TYR B 4409 -30.58 116.88 -30.79
CA TYR B 4409 -30.51 115.43 -31.01
C TYR B 4409 -30.91 115.06 -32.43
N CYS B 4410 -30.77 115.99 -33.38
CA CYS B 4410 -31.08 115.75 -34.79
C CYS B 4410 -32.51 115.25 -34.97
N GLU B 4411 -33.43 115.88 -34.24
CA GLU B 4411 -34.84 115.50 -34.28
C GLU B 4411 -35.45 115.76 -35.65
#